data_8BKY
#
_entry.id   8BKY
#
_cell.length_a   1.00
_cell.length_b   1.00
_cell.length_c   1.00
_cell.angle_alpha   90.00
_cell.angle_beta   90.00
_cell.angle_gamma   90.00
#
_symmetry.space_group_name_H-M   'P 1'
#
_entity_poly.entity_id   1
_entity_poly.type   'polypeptide(L)'
_entity_poly.pdbx_seq_one_letter_code
;MPSYLSPGVYVEEVASGSRPIEGVGTSVAAFVGLAPTGPLNEPTLVTNWTQYVAAFGDFTGGYYLAHSVYGFFNNGGSAA
YVVRVGGSAEDAAADGSVNGAAAPAAVTGSTAKALPAAEPKQLGTFAVTATAAGQSGPLTVEVADPEGEGPAERFKLIVK
DGDKPVETFDVSAKKGNRSYVVTQVKERSKLITVTEAAPSAQLVRPENQSLTLPAPPSAAPAVPAGQAESAHPGPAQYLG
DSSDRTGFGGLEAIDEISMVAVPDLMAAYQRGAIDLEAVKAVQLGLIAHCELMGDRVAIIDPPPNQNARQIRVWRQETAG
YDSKYAALYYPWIKSFDPATGQSRLVPPSGHVAGIWARNDSERGVHKAPANEVVRGAVDLELQITRGEQDLLNPIGVNCI
RSFPGRGIRVWGARTLSSDPAWRYLNIRRYFNYLEESILIGTQWVVFEPNDHNLWARIRRNVSAFLVNEWRNGALFGQSP
DQAYYVKCDEETNPPESVDLGRVVCEIGIAPVKPAEFVIFRLAQFSSGGGELDE
;
_entity_poly.pdbx_strand_id   A,B,C,D,E,F,G,H,I,J,K,L,M,N,O,P,Q,R,S,T,U,V,W,X
#
# COMPACT_ATOMS: atom_id res chain seq x y z
N PRO A 2 26.53 43.43 53.95
CA PRO A 2 27.35 44.42 54.66
C PRO A 2 27.71 45.63 53.81
N SER A 3 28.28 46.65 54.44
CA SER A 3 28.67 47.87 53.75
C SER A 3 30.18 47.91 53.58
N TYR A 4 30.64 48.15 52.35
CA TYR A 4 32.05 48.24 52.03
C TYR A 4 32.34 49.65 51.54
N LEU A 5 33.15 50.40 52.30
CA LEU A 5 33.45 51.78 51.96
C LEU A 5 34.93 52.13 51.99
N SER A 6 35.76 51.37 52.69
CA SER A 6 37.19 51.64 52.76
C SER A 6 37.98 50.37 52.49
N PRO A 7 39.16 50.49 51.87
CA PRO A 7 39.97 49.31 51.62
C PRO A 7 40.43 48.65 52.92
N GLY A 8 40.58 47.34 52.88
CA GLY A 8 41.02 46.59 54.04
C GLY A 8 40.59 45.14 53.94
N VAL A 9 40.71 44.45 55.06
CA VAL A 9 40.34 43.05 55.18
C VAL A 9 39.19 42.93 56.17
N TYR A 10 38.11 42.28 55.74
CA TYR A 10 36.91 42.12 56.56
C TYR A 10 36.66 40.64 56.81
N VAL A 11 36.39 40.29 58.05
CA VAL A 11 36.10 38.91 58.45
C VAL A 11 34.67 38.86 58.97
N GLU A 12 33.83 38.04 58.33
CA GLU A 12 32.44 37.89 58.73
C GLU A 12 32.10 36.41 58.82
N GLU A 13 31.12 36.09 59.66
CA GLU A 13 30.69 34.71 59.90
C GLU A 13 29.30 34.52 59.31
N VAL A 14 29.16 33.50 58.46
CA VAL A 14 27.85 33.18 57.91
C VAL A 14 27.07 32.33 58.90
N ALA A 15 25.81 32.73 59.12
CA ALA A 15 24.96 32.08 60.11
C ALA A 15 24.59 30.64 59.74
N SER A 16 24.84 30.24 58.49
CA SER A 16 24.54 28.89 58.04
C SER A 16 25.33 27.86 58.83
N GLY A 17 24.62 26.99 59.54
CA GLY A 17 25.26 25.98 60.35
C GLY A 17 24.23 25.09 61.02
N SER A 18 24.56 24.62 62.21
CA SER A 18 23.69 23.75 62.99
C SER A 18 23.37 24.40 64.33
N ARG A 19 22.10 24.34 64.73
CA ARG A 19 21.63 24.88 66.00
C ARG A 19 20.82 23.81 66.70
N PRO A 20 21.48 22.91 67.44
CA PRO A 20 20.77 21.80 68.07
C PRO A 20 19.79 22.26 69.13
N ILE A 21 18.73 21.49 69.31
CA ILE A 21 17.68 21.75 70.29
C ILE A 21 17.77 20.69 71.38
N GLU A 22 17.82 21.12 72.63
CA GLU A 22 17.94 20.22 73.77
C GLU A 22 16.60 20.05 74.47
N GLY A 23 16.50 18.96 75.25
CA GLY A 23 15.31 18.68 76.01
C GLY A 23 15.26 19.43 77.32
N VAL A 24 14.23 19.12 78.11
CA VAL A 24 14.00 19.76 79.39
C VAL A 24 13.78 18.68 80.45
N GLY A 25 14.03 19.05 81.71
CA GLY A 25 13.85 18.12 82.80
C GLY A 25 12.41 18.09 83.26
N THR A 26 11.86 16.88 83.37
CA THR A 26 10.46 16.71 83.77
C THR A 26 10.35 15.89 85.04
N SER A 27 11.17 16.19 86.03
CA SER A 27 11.19 15.46 87.29
C SER A 27 11.14 16.41 88.48
N VAL A 28 10.27 17.42 88.41
CA VAL A 28 10.08 18.38 89.49
C VAL A 28 8.61 18.40 89.86
N ALA A 29 8.33 18.32 91.16
CA ALA A 29 6.96 18.32 91.67
C ALA A 29 6.83 19.36 92.76
N ALA A 30 5.64 19.95 92.86
CA ALA A 30 5.36 21.00 93.84
C ALA A 30 4.21 20.54 94.74
N PHE A 31 4.49 20.48 96.04
CA PHE A 31 3.52 20.04 97.04
C PHE A 31 3.05 21.23 97.86
N VAL A 32 1.74 21.37 97.99
CA VAL A 32 1.13 22.44 98.79
C VAL A 32 0.45 21.78 99.99
N GLY A 33 0.79 22.24 101.18
CA GLY A 33 0.23 21.65 102.37
C GLY A 33 0.48 22.50 103.60
N LEU A 34 0.18 21.93 104.76
CA LEU A 34 0.37 22.60 106.04
C LEU A 34 1.48 21.91 106.83
N ALA A 35 2.30 22.71 107.50
CA ALA A 35 3.44 22.25 108.26
C ALA A 35 3.44 22.95 109.62
N PRO A 36 4.04 22.33 110.64
CA PRO A 36 4.04 22.98 111.97
C PRO A 36 4.78 24.31 111.99
N THR A 37 6.04 24.34 111.56
CA THR A 37 6.83 25.56 111.57
C THR A 37 7.64 25.64 110.28
N GLY A 38 7.95 26.87 109.87
CA GLY A 38 8.73 27.09 108.68
C GLY A 38 8.33 28.37 107.95
N PRO A 39 8.94 28.61 106.80
CA PRO A 39 8.57 29.80 106.01
C PRO A 39 7.11 29.72 105.57
N LEU A 40 6.48 30.88 105.49
CA LEU A 40 5.06 31.00 105.18
C LEU A 40 4.88 31.61 103.80
N ASN A 41 4.08 30.94 102.96
CA ASN A 41 3.73 31.42 101.62
C ASN A 41 4.98 31.67 100.77
N GLU A 42 5.96 30.80 100.90
CA GLU A 42 7.18 30.87 100.10
C GLU A 42 7.46 29.51 99.48
N PRO A 43 7.62 29.44 98.15
CA PRO A 43 7.88 28.13 97.52
C PRO A 43 9.31 27.67 97.73
N THR A 44 9.58 27.04 98.87
CA THR A 44 10.94 26.61 99.17
C THR A 44 11.33 25.43 98.28
N LEU A 45 12.64 25.29 98.06
CA LEU A 45 13.18 24.21 97.24
C LEU A 45 13.90 23.21 98.13
N VAL A 46 13.55 21.94 97.99
CA VAL A 46 14.13 20.86 98.77
C VAL A 46 14.67 19.80 97.83
N THR A 47 15.81 19.20 98.20
CA THR A 47 16.40 18.14 97.39
C THR A 47 16.85 16.95 98.22
N ASN A 48 16.62 16.95 99.53
CA ASN A 48 17.00 15.86 100.40
C ASN A 48 16.25 16.04 101.71
N TRP A 49 15.97 14.93 102.39
CA TRP A 49 15.15 14.99 103.63
C TRP A 49 15.81 15.91 104.67
N THR A 50 17.14 15.90 104.76
CA THR A 50 17.78 16.70 105.81
C THR A 50 17.37 18.17 105.69
N GLN A 51 17.28 18.69 104.47
CA GLN A 51 16.82 20.06 104.27
C GLN A 51 15.39 20.24 104.76
N TYR A 52 14.52 19.27 104.45
CA TYR A 52 13.13 19.36 104.91
C TYR A 52 13.06 19.30 106.43
N VAL A 53 13.87 18.44 107.05
CA VAL A 53 13.88 18.36 108.51
C VAL A 53 14.33 19.68 109.12
N ALA A 54 15.40 20.26 108.56
CA ALA A 54 15.92 21.52 109.07
C ALA A 54 14.97 22.68 108.84
N ALA A 55 14.14 22.64 107.80
CA ALA A 55 13.27 23.77 107.47
C ALA A 55 11.89 23.64 108.09
N PHE A 56 11.15 22.59 107.75
CA PHE A 56 9.75 22.47 108.09
C PHE A 56 9.47 21.46 109.21
N GLY A 57 10.49 20.98 109.89
CA GLY A 57 10.29 19.98 110.92
C GLY A 57 10.05 18.60 110.33
N ASP A 58 9.66 17.67 111.21
CA ASP A 58 9.46 16.28 110.79
C ASP A 58 8.56 15.58 111.79
N PHE A 59 7.37 15.17 111.33
CA PHE A 59 6.50 14.25 112.06
C PHE A 59 6.19 14.71 113.48
N THR A 60 5.52 15.84 113.64
CA THR A 60 5.13 16.32 114.95
C THR A 60 3.68 16.81 115.05
N GLY A 61 3.03 17.11 113.94
CA GLY A 61 1.67 17.64 113.99
C GLY A 61 0.63 16.70 113.43
N GLY A 62 1.06 15.53 112.96
CA GLY A 62 0.13 14.58 112.36
C GLY A 62 -0.48 15.06 111.06
N TYR A 63 0.31 15.67 110.19
CA TYR A 63 -0.16 16.17 108.90
C TYR A 63 0.30 15.26 107.78
N TYR A 64 -0.32 15.43 106.61
CA TYR A 64 -0.05 14.57 105.47
C TYR A 64 1.07 15.10 104.57
N LEU A 65 1.63 16.27 104.87
CA LEU A 65 2.71 16.80 104.03
C LEU A 65 4.00 16.03 104.24
N ALA A 66 4.34 15.74 105.51
CA ALA A 66 5.57 15.03 105.80
C ALA A 66 5.55 13.61 105.21
N HIS A 67 4.42 12.92 105.36
CA HIS A 67 4.30 11.57 104.80
C HIS A 67 4.45 11.60 103.28
N SER A 68 3.81 12.57 102.62
CA SER A 68 3.89 12.65 101.16
C SER A 68 5.30 12.96 100.71
N VAL A 69 5.99 13.87 101.40
CA VAL A 69 7.37 14.20 101.03
C VAL A 69 8.28 12.99 101.24
N TYR A 70 8.11 12.28 102.35
CA TYR A 70 8.93 11.09 102.60
C TYR A 70 8.68 10.02 101.55
N GLY A 71 7.42 9.82 101.17
CA GLY A 71 7.13 8.87 100.11
C GLY A 71 7.70 9.28 98.76
N PHE A 72 7.64 10.58 98.46
CA PHE A 72 8.21 11.06 97.20
C PHE A 72 9.72 10.84 97.15
N PHE A 73 10.41 11.11 98.25
CA PHE A 73 11.85 10.87 98.29
C PHE A 73 12.20 9.40 98.41
N ASN A 74 11.25 8.56 98.84
CA ASN A 74 11.50 7.13 98.93
C ASN A 74 11.45 6.45 97.56
N ASN A 75 10.69 7.01 96.61
CA ASN A 75 10.51 6.40 95.30
C ASN A 75 11.46 6.96 94.25
N GLY A 76 12.53 7.63 94.68
CA GLY A 76 13.53 8.13 93.75
C GLY A 76 13.33 9.54 93.26
N GLY A 77 12.76 10.42 94.09
CA GLY A 77 12.61 11.79 93.69
C GLY A 77 13.94 12.52 93.63
N SER A 78 13.95 13.61 92.86
CA SER A 78 15.16 14.38 92.62
C SER A 78 15.11 15.76 93.27
N ALA A 79 14.08 16.56 92.95
CA ALA A 79 13.95 17.90 93.50
C ALA A 79 12.48 18.23 93.65
N ALA A 80 12.14 18.94 94.71
CA ALA A 80 10.75 19.26 95.00
C ALA A 80 10.62 20.71 95.45
N TYR A 81 9.41 21.24 95.27
CA TYR A 81 9.03 22.55 95.78
C TYR A 81 7.97 22.36 96.86
N VAL A 82 8.05 23.15 97.92
CA VAL A 82 7.17 23.03 99.06
C VAL A 82 6.51 24.38 99.32
N VAL A 83 5.20 24.37 99.47
CA VAL A 83 4.42 25.55 99.85
C VAL A 83 3.66 25.22 101.13
N ARG A 84 3.80 26.08 102.14
CA ARG A 84 3.17 25.89 103.44
C ARG A 84 2.09 26.96 103.62
N VAL A 85 0.82 26.55 103.49
CA VAL A 85 -0.28 27.48 103.63
C VAL A 85 -0.43 27.93 105.08
N GLY A 86 -0.35 26.99 106.01
CA GLY A 86 -0.51 27.29 107.41
C GLY A 86 -0.05 26.17 108.29
N GLY A 87 -0.46 26.22 109.55
CA GLY A 87 -0.10 25.18 110.49
C GLY A 87 -0.23 25.70 111.92
N SER A 88 0.27 24.89 112.85
CA SER A 88 0.23 25.22 114.27
C SER A 88 1.35 24.47 114.97
N ALA A 89 1.70 24.95 116.16
CA ALA A 89 2.74 24.35 116.99
C ALA A 89 2.22 24.10 118.39
N GLU A 90 0.96 23.71 118.51
CA GLU A 90 0.34 23.45 119.81
C GLU A 90 -0.05 21.99 119.96
N GLY A 249 -1.02 29.35 96.70
CA GLY A 249 0.40 29.59 96.56
C GLY A 249 0.76 30.22 95.22
N GLY A 250 1.94 30.84 95.16
CA GLY A 250 2.39 31.49 93.95
C GLY A 250 3.22 30.58 93.06
N LEU A 251 2.60 29.51 92.56
CA LEU A 251 3.29 28.56 91.70
C LEU A 251 3.36 29.01 90.25
N GLU A 252 2.72 30.12 89.90
CA GLU A 252 2.75 30.60 88.53
C GLU A 252 4.07 31.25 88.16
N ALA A 253 4.89 31.64 89.14
CA ALA A 253 6.17 32.26 88.86
C ALA A 253 7.27 31.25 88.60
N ILE A 254 7.03 29.96 88.81
CA ILE A 254 8.02 28.92 88.61
C ILE A 254 7.80 28.31 87.23
N ASP A 255 8.90 27.87 86.62
CA ASP A 255 8.86 27.32 85.26
C ASP A 255 9.17 25.83 85.21
N GLU A 256 10.09 25.34 86.04
CA GLU A 256 10.53 23.96 85.96
C GLU A 256 9.53 22.96 86.55
N ILE A 257 8.47 23.44 87.21
CA ILE A 257 7.51 22.53 87.82
C ILE A 257 6.79 21.73 86.74
N SER A 258 6.73 20.41 86.93
CA SER A 258 6.06 19.52 85.98
C SER A 258 4.79 18.90 86.53
N MET A 259 4.59 18.90 87.84
CA MET A 259 3.38 18.35 88.44
C MET A 259 3.14 19.03 89.77
N VAL A 260 1.87 19.13 90.15
CA VAL A 260 1.47 19.81 91.38
C VAL A 260 0.54 18.89 92.16
N ALA A 261 0.69 18.90 93.49
CA ALA A 261 -0.13 18.08 94.36
C ALA A 261 -0.47 18.85 95.63
N VAL A 262 -1.62 18.49 96.21
CA VAL A 262 -2.07 19.07 97.48
C VAL A 262 -2.32 17.90 98.43
N PRO A 263 -1.27 17.28 98.96
CA PRO A 263 -1.47 16.04 99.74
C PRO A 263 -2.36 16.21 100.96
N ASP A 264 -2.26 17.34 101.64
CA ASP A 264 -3.00 17.54 102.89
C ASP A 264 -4.17 18.46 102.56
N LEU A 265 -5.24 17.86 102.07
CA LEU A 265 -6.53 18.50 101.85
C LEU A 265 -7.67 17.72 102.50
N MET A 266 -7.59 16.38 102.51
CA MET A 266 -8.61 15.57 103.15
C MET A 266 -8.56 15.68 104.67
N ALA A 267 -7.44 16.15 105.23
CA ALA A 267 -7.34 16.32 106.67
C ALA A 267 -8.36 17.34 107.18
N ALA A 268 -8.48 18.48 106.49
CA ALA A 268 -9.47 19.48 106.87
C ALA A 268 -10.88 18.93 106.70
N TYR A 269 -11.09 18.09 105.68
CA TYR A 269 -12.40 17.48 105.49
C TYR A 269 -12.72 16.49 106.60
N GLN A 270 -11.71 15.80 107.13
CA GLN A 270 -11.95 14.77 108.13
C GLN A 270 -12.33 15.36 109.48
N ARG A 271 -11.61 16.39 109.93
CA ARG A 271 -11.83 16.98 111.25
C ARG A 271 -12.49 18.34 111.21
N GLY A 272 -12.09 19.22 110.28
CA GLY A 272 -12.63 20.56 110.23
C GLY A 272 -14.04 20.67 109.68
N ALA A 273 -14.53 19.62 109.03
CA ALA A 273 -15.86 19.61 108.41
C ALA A 273 -16.03 20.78 107.44
N ILE A 274 -15.20 20.77 106.40
CA ILE A 274 -15.19 21.82 105.40
C ILE A 274 -16.14 21.49 104.24
N ASP A 275 -16.99 20.48 104.41
CA ASP A 275 -17.98 20.08 103.42
C ASP A 275 -17.30 19.61 102.12
N LEU A 276 -18.10 19.23 101.12
CA LEU A 276 -17.57 18.78 99.86
C LEU A 276 -17.47 19.88 98.81
N GLU A 277 -18.27 20.95 98.95
CA GLU A 277 -18.24 22.03 97.98
C GLU A 277 -16.89 22.73 97.97
N ALA A 278 -16.31 22.97 99.14
CA ALA A 278 -15.00 23.61 99.20
C ALA A 278 -13.93 22.75 98.54
N VAL A 279 -13.95 21.44 98.81
CA VAL A 279 -12.97 20.53 98.20
C VAL A 279 -13.14 20.52 96.68
N LYS A 280 -14.39 20.46 96.22
CA LYS A 280 -14.64 20.47 94.77
C LYS A 280 -14.16 21.77 94.14
N ALA A 281 -14.40 22.90 94.79
CA ALA A 281 -13.96 24.18 94.26
C ALA A 281 -12.43 24.27 94.22
N VAL A 282 -11.76 23.78 95.27
CA VAL A 282 -10.30 23.80 95.28
C VAL A 282 -9.73 22.94 94.17
N GLN A 283 -10.27 21.73 94.00
CA GLN A 283 -9.80 20.85 92.94
C GLN A 283 -10.08 21.42 91.55
N LEU A 284 -11.25 22.05 91.37
CA LEU A 284 -11.54 22.68 90.08
C LEU A 284 -10.60 23.85 89.81
N GLY A 285 -10.27 24.63 90.84
CA GLY A 285 -9.31 25.70 90.66
C GLY A 285 -7.93 25.19 90.28
N LEU A 286 -7.50 24.10 90.93
CA LEU A 286 -6.22 23.50 90.56
C LEU A 286 -6.24 22.99 89.13
N ILE A 287 -7.34 22.37 88.72
CA ILE A 287 -7.48 21.89 87.34
C ILE A 287 -7.41 23.06 86.36
N ALA A 288 -8.10 24.15 86.68
CA ALA A 288 -8.08 25.32 85.79
C ALA A 288 -6.69 25.93 85.71
N HIS A 289 -5.97 25.97 86.83
CA HIS A 289 -4.59 26.49 86.80
C HIS A 289 -3.70 25.60 85.94
N CYS A 290 -3.84 24.28 86.07
CA CYS A 290 -3.06 23.36 85.26
C CYS A 290 -3.37 23.54 83.77
N GLU A 291 -4.65 23.72 83.46
CA GLU A 291 -5.08 23.89 82.04
C GLU A 291 -4.51 25.22 81.51
N LEU A 292 -4.54 26.28 82.32
CA LEU A 292 -4.03 27.58 81.88
C LEU A 292 -2.52 27.54 81.64
N MET A 293 -1.78 26.88 82.54
CA MET A 293 -0.33 26.80 82.37
C MET A 293 0.04 26.02 81.12
N GLY A 294 -0.65 24.91 80.86
CA GLY A 294 -0.38 24.12 79.68
C GLY A 294 0.89 23.32 79.73
N ASP A 295 1.47 23.14 80.92
CA ASP A 295 2.72 22.39 81.06
C ASP A 295 2.69 21.37 82.17
N ARG A 296 1.75 21.45 83.11
CA ARG A 296 1.75 20.61 84.30
C ARG A 296 0.56 19.65 84.29
N VAL A 297 0.68 18.60 85.10
CA VAL A 297 -0.34 17.55 85.18
C VAL A 297 -0.73 17.38 86.64
N ALA A 298 -2.03 17.27 86.90
CA ALA A 298 -2.56 17.21 88.25
C ALA A 298 -2.81 15.77 88.68
N ILE A 299 -2.62 15.50 89.96
CA ILE A 299 -2.87 14.21 90.57
C ILE A 299 -4.00 14.37 91.58
N ILE A 300 -5.03 13.52 91.47
CA ILE A 300 -6.23 13.65 92.27
C ILE A 300 -6.46 12.36 93.03
N ASP A 301 -7.06 12.49 94.21
CA ASP A 301 -7.44 11.39 95.09
C ASP A 301 -8.88 11.55 95.52
N PRO A 302 -9.58 10.44 95.79
CA PRO A 302 -10.99 10.53 96.19
C PRO A 302 -11.12 10.63 97.70
N PRO A 303 -12.33 10.87 98.22
CA PRO A 303 -12.54 10.84 99.66
C PRO A 303 -12.22 9.47 100.24
N PRO A 304 -11.81 9.40 101.51
CA PRO A 304 -11.25 8.16 102.05
C PRO A 304 -12.17 6.94 102.01
N ASN A 305 -13.36 7.05 102.62
CA ASN A 305 -14.18 5.87 102.85
C ASN A 305 -15.21 5.67 101.76
N GLN A 306 -14.83 4.95 100.71
CA GLN A 306 -15.75 4.57 99.64
C GLN A 306 -15.40 3.18 99.14
N ASN A 307 -16.34 2.58 98.43
CA ASN A 307 -16.14 1.28 97.79
C ASN A 307 -16.75 1.34 96.39
N ALA A 308 -16.89 0.17 95.77
CA ALA A 308 -17.47 0.11 94.43
C ALA A 308 -18.93 0.56 94.47
N ARG A 309 -19.43 1.02 93.31
CA ARG A 309 -20.80 1.51 93.15
C ARG A 309 -21.00 2.85 93.86
N GLN A 310 -19.97 3.33 94.55
CA GLN A 310 -19.97 4.67 95.11
C GLN A 310 -19.01 5.61 94.38
N ILE A 311 -17.75 5.20 94.22
CA ILE A 311 -16.80 6.01 93.48
C ILE A 311 -17.28 6.21 92.04
N ARG A 312 -17.80 5.14 91.42
CA ARG A 312 -18.36 5.25 90.08
C ARG A 312 -19.50 6.26 90.03
N VAL A 313 -20.18 6.50 91.15
CA VAL A 313 -21.14 7.60 91.22
C VAL A 313 -20.42 8.91 91.44
N TRP A 314 -19.49 8.94 92.40
CA TRP A 314 -18.81 10.18 92.77
C TRP A 314 -18.06 10.78 91.59
N ARG A 315 -17.58 9.94 90.67
CA ARG A 315 -16.88 10.41 89.49
C ARG A 315 -17.81 11.00 88.44
N GLN A 316 -19.07 10.59 88.39
CA GLN A 316 -19.94 10.95 87.28
C GLN A 316 -21.00 11.97 87.64
N GLU A 317 -21.62 11.86 88.83
CA GLU A 317 -22.66 12.80 89.22
C GLU A 317 -22.13 13.99 90.02
N THR A 318 -20.89 13.94 90.50
CA THR A 318 -20.39 15.00 91.36
C THR A 318 -19.06 15.58 90.89
N ALA A 319 -18.19 14.77 90.32
CA ALA A 319 -16.81 15.17 90.03
C ALA A 319 -16.41 14.79 88.62
N GLY A 320 -17.23 15.19 87.64
CA GLY A 320 -16.94 14.84 86.26
C GLY A 320 -15.57 15.28 85.82
N TYR A 321 -15.18 16.51 86.14
CA TYR A 321 -13.80 16.97 86.02
C TYR A 321 -13.31 16.99 84.57
N ASP A 322 -13.12 15.80 83.99
CA ASP A 322 -12.47 15.60 82.69
C ASP A 322 -11.26 16.52 82.54
N SER A 323 -11.26 17.36 81.50
CA SER A 323 -10.27 18.39 81.18
C SER A 323 -8.95 17.82 80.68
N LYS A 324 -8.79 16.51 80.63
CA LYS A 324 -7.64 15.82 80.02
C LYS A 324 -6.31 16.13 80.69
N TYR A 325 -6.32 16.92 81.76
CA TYR A 325 -5.09 17.35 82.43
C TYR A 325 -5.03 16.86 83.88
N ALA A 326 -5.43 15.61 84.10
CA ALA A 326 -5.44 15.08 85.46
C ALA A 326 -5.34 13.57 85.43
N ALA A 327 -4.99 13.01 86.58
CA ALA A 327 -4.98 11.56 86.78
C ALA A 327 -5.43 11.27 88.20
N LEU A 328 -6.44 10.41 88.33
CA LEU A 328 -7.06 10.10 89.62
C LEU A 328 -6.63 8.72 90.07
N TYR A 329 -6.22 8.59 91.33
CA TYR A 329 -5.80 7.33 91.91
C TYR A 329 -6.71 6.98 93.07
N TYR A 330 -7.46 5.88 92.93
CA TYR A 330 -8.57 5.54 93.81
C TYR A 330 -8.13 5.11 95.21
N PRO A 331 -7.44 3.99 95.38
CA PRO A 331 -7.30 3.43 96.74
C PRO A 331 -6.23 4.12 97.56
N TRP A 332 -6.49 4.22 98.86
CA TRP A 332 -5.55 4.82 99.79
C TRP A 332 -4.52 3.80 100.24
N ILE A 333 -3.41 4.29 100.79
CA ILE A 333 -2.27 3.46 101.16
C ILE A 333 -2.05 3.56 102.66
N LYS A 334 -1.95 2.42 103.32
CA LYS A 334 -1.64 2.39 104.75
C LYS A 334 -0.12 2.36 104.92
N SER A 335 0.41 3.32 105.68
CA SER A 335 1.85 3.49 105.84
C SER A 335 2.19 3.65 107.31
N PHE A 336 3.47 3.48 107.61
CA PHE A 336 3.99 3.55 108.97
C PHE A 336 4.32 4.97 109.38
N ASP A 337 4.22 5.25 110.67
CA ASP A 337 4.56 6.55 111.23
C ASP A 337 5.51 6.31 112.40
N PRO A 338 6.74 6.82 112.34
CA PRO A 338 7.68 6.60 113.45
C PRO A 338 7.45 7.50 114.65
N ALA A 339 6.72 8.61 114.49
CA ALA A 339 6.44 9.48 115.62
C ALA A 339 5.66 8.73 116.69
N THR A 340 4.64 7.97 116.29
CA THR A 340 3.95 7.05 117.17
C THR A 340 4.27 5.59 116.87
N GLY A 341 5.00 5.32 115.79
CA GLY A 341 5.29 3.95 115.42
C GLY A 341 4.06 3.14 115.11
N GLN A 342 3.11 3.71 114.37
CA GLN A 342 1.84 3.06 114.13
C GLN A 342 1.46 3.20 112.66
N SER A 343 0.60 2.29 112.20
CA SER A 343 0.14 2.30 110.81
C SER A 343 -1.13 3.13 110.68
N ARG A 344 -1.18 3.95 109.63
CA ARG A 344 -2.34 4.79 109.38
C ARG A 344 -2.47 5.05 107.89
N LEU A 345 -3.67 5.43 107.48
CA LEU A 345 -4.00 5.58 106.07
C LEU A 345 -3.64 6.98 105.56
N VAL A 346 -3.04 7.03 104.37
CA VAL A 346 -2.73 8.30 103.70
C VAL A 346 -3.09 8.19 102.23
N PRO A 347 -3.43 9.32 101.62
CA PRO A 347 -3.75 9.31 100.19
C PRO A 347 -2.50 9.03 99.37
N PRO A 348 -2.66 8.47 98.16
CA PRO A 348 -1.51 8.21 97.27
C PRO A 348 -1.18 9.40 96.39
N SER A 349 -0.55 10.42 97.00
CA SER A 349 -0.23 11.66 96.30
C SER A 349 1.25 11.74 95.92
N GLY A 350 2.14 11.58 96.91
CA GLY A 350 3.56 11.66 96.62
C GLY A 350 4.15 10.41 95.99
N HIS A 351 3.57 9.25 96.30
CA HIS A 351 4.11 8.00 95.78
C HIS A 351 4.00 7.92 94.27
N VAL A 352 2.87 8.37 93.71
CA VAL A 352 2.71 8.33 92.26
C VAL A 352 3.66 9.32 91.59
N ALA A 353 3.89 10.48 92.21
CA ALA A 353 4.86 11.42 91.67
C ALA A 353 6.26 10.84 91.68
N GLY A 354 6.63 10.15 92.77
CA GLY A 354 7.92 9.50 92.82
C GLY A 354 8.06 8.41 91.78
N ILE A 355 6.98 7.65 91.55
CA ILE A 355 7.00 6.62 90.51
C ILE A 355 7.18 7.24 89.14
N TRP A 356 6.50 8.36 88.89
CA TRP A 356 6.66 9.06 87.62
C TRP A 356 8.09 9.54 87.43
N ALA A 357 8.69 10.10 88.48
CA ALA A 357 10.07 10.56 88.38
C ALA A 357 11.02 9.39 88.14
N ARG A 358 10.80 8.27 88.82
CA ARG A 358 11.64 7.09 88.62
C ARG A 358 11.53 6.57 87.20
N ASN A 359 10.31 6.53 86.65
CA ASN A 359 10.12 6.07 85.28
C ASN A 359 10.78 7.03 84.29
N ASP A 360 10.68 8.33 84.54
CA ASP A 360 11.31 9.30 83.66
C ASP A 360 12.83 9.28 83.75
N SER A 361 13.37 8.84 84.89
CA SER A 361 14.82 8.78 85.04
C SER A 361 15.40 7.51 84.45
N GLU A 362 14.86 6.35 84.86
CA GLU A 362 15.40 5.08 84.37
C GLU A 362 15.19 4.91 82.89
N ARG A 363 13.96 5.11 82.42
CA ARG A 363 13.61 4.99 81.00
C ARG A 363 13.16 6.35 80.48
N GLY A 364 12.79 6.38 79.21
CA GLY A 364 12.30 7.60 78.60
C GLY A 364 10.92 7.98 79.10
N VAL A 365 10.55 9.23 78.83
CA VAL A 365 9.24 9.73 79.23
C VAL A 365 8.10 9.09 78.44
N HIS A 366 8.42 8.39 77.35
CA HIS A 366 7.40 7.74 76.53
C HIS A 366 6.89 6.43 77.13
N LYS A 367 7.53 5.93 78.19
CA LYS A 367 7.10 4.70 78.83
C LYS A 367 6.00 5.00 79.85
N ALA A 368 4.88 4.31 79.70
CA ALA A 368 3.74 4.54 80.60
C ALA A 368 4.02 3.92 81.96
N PRO A 369 3.90 4.67 83.05
CA PRO A 369 4.09 4.09 84.38
C PRO A 369 2.93 3.19 84.79
N ALA A 370 2.80 2.05 84.12
CA ALA A 370 1.67 1.15 84.34
C ALA A 370 1.97 0.03 85.32
N ASN A 371 3.21 -0.47 85.36
CA ASN A 371 3.58 -1.59 86.23
C ASN A 371 4.77 -1.17 87.07
N GLU A 372 4.49 -0.54 88.21
CA GLU A 372 5.52 -0.13 89.14
C GLU A 372 5.09 -0.47 90.57
N VAL A 373 6.08 -0.83 91.38
CA VAL A 373 5.80 -1.26 92.78
C VAL A 373 5.77 -0.04 93.69
N VAL A 374 4.69 0.15 94.44
CA VAL A 374 4.58 1.29 95.38
C VAL A 374 5.45 0.98 96.60
N ARG A 375 6.75 1.22 96.49
CA ARG A 375 7.71 0.93 97.57
C ARG A 375 7.36 1.75 98.81
N GLY A 376 7.27 1.12 99.98
CA GLY A 376 7.03 1.89 101.22
C GLY A 376 5.71 1.59 101.90
N ALA A 377 4.74 1.02 101.18
CA ALA A 377 3.39 0.77 101.75
C ALA A 377 3.36 -0.59 102.45
N VAL A 378 2.26 -0.88 103.13
CA VAL A 378 2.12 -2.20 103.84
C VAL A 378 0.78 -2.83 103.45
N ASP A 379 -0.32 -2.07 103.40
CA ASP A 379 -1.64 -2.65 103.14
C ASP A 379 -2.43 -1.70 102.25
N LEU A 380 -3.68 -2.06 101.97
CA LEU A 380 -4.58 -1.25 101.18
C LEU A 380 -5.97 -1.07 101.78
N GLU A 381 -6.39 -1.93 102.70
CA GLU A 381 -7.70 -1.88 103.33
C GLU A 381 -8.84 -2.02 102.33
N LEU A 382 -8.57 -2.62 101.17
CA LEU A 382 -9.57 -2.85 100.15
C LEU A 382 -8.99 -3.78 99.10
N GLN A 383 -9.84 -4.63 98.52
CA GLN A 383 -9.43 -5.58 97.50
C GLN A 383 -10.33 -5.45 96.29
N ILE A 384 -9.74 -5.53 95.11
CA ILE A 384 -10.45 -5.38 93.83
C ILE A 384 -10.30 -6.68 93.05
N THR A 385 -11.42 -7.21 92.57
CA THR A 385 -11.42 -8.40 91.74
C THR A 385 -11.29 -7.98 90.28
N ARG A 386 -11.44 -8.96 89.37
CA ARG A 386 -11.33 -8.66 87.92
C ARG A 386 -12.58 -7.87 87.47
N GLY A 387 -13.77 -8.30 87.93
CA GLY A 387 -14.99 -7.65 87.49
C GLY A 387 -15.07 -6.20 87.92
N GLU A 388 -14.69 -5.90 89.16
CA GLU A 388 -14.72 -4.51 89.63
C GLU A 388 -13.74 -3.65 88.84
N GLN A 389 -12.55 -4.18 88.54
CA GLN A 389 -11.61 -3.45 87.71
C GLN A 389 -12.17 -3.25 86.30
N ASP A 390 -12.82 -4.28 85.74
CA ASP A 390 -13.47 -4.14 84.44
C ASP A 390 -14.61 -3.14 84.45
N LEU A 391 -15.18 -2.85 85.62
CA LEU A 391 -16.18 -1.79 85.74
C LEU A 391 -15.56 -0.40 85.90
N LEU A 392 -14.33 -0.32 86.42
CA LEU A 392 -13.66 0.95 86.62
C LEU A 392 -12.73 1.31 85.48
N ASN A 393 -12.27 0.33 84.71
CA ASN A 393 -11.37 0.63 83.59
C ASN A 393 -11.98 1.52 82.52
N PRO A 394 -13.22 1.34 82.07
CA PRO A 394 -13.75 2.23 81.01
C PRO A 394 -13.74 3.70 81.39
N ILE A 395 -13.88 4.02 82.67
CA ILE A 395 -13.78 5.39 83.13
C ILE A 395 -12.34 5.64 83.58
N GLY A 396 -11.97 6.92 83.69
CA GLY A 396 -10.60 7.27 83.98
C GLY A 396 -10.20 7.06 85.43
N VAL A 397 -10.42 5.86 85.96
CA VAL A 397 -10.06 5.52 87.32
C VAL A 397 -8.99 4.45 87.27
N ASN A 398 -7.79 4.78 87.75
CA ASN A 398 -6.71 3.81 87.85
C ASN A 398 -6.89 2.98 89.12
N CYS A 399 -5.95 2.06 89.35
CA CYS A 399 -6.07 1.16 90.50
C CYS A 399 -4.68 0.83 91.04
N ILE A 400 -4.66 0.40 92.30
CA ILE A 400 -3.48 -0.13 92.96
C ILE A 400 -3.83 -1.53 93.42
N ARG A 401 -3.24 -2.54 92.77
CA ARG A 401 -3.67 -3.91 92.91
C ARG A 401 -2.61 -4.74 93.64
N SER A 402 -3.07 -5.68 94.45
CA SER A 402 -2.21 -6.62 95.15
C SER A 402 -2.22 -7.96 94.42
N PHE A 403 -1.03 -8.42 94.02
CA PHE A 403 -0.88 -9.65 93.28
C PHE A 403 -0.18 -10.69 94.15
N PRO A 404 -0.69 -11.93 94.19
CA PRO A 404 -0.10 -12.96 95.07
C PRO A 404 1.22 -13.48 94.57
N GLY A 405 2.30 -12.78 94.88
CA GLY A 405 3.62 -13.17 94.44
C GLY A 405 4.41 -12.00 93.89
N ARG A 406 3.72 -10.89 93.67
CA ARG A 406 4.34 -9.66 93.18
C ARG A 406 4.05 -8.44 94.03
N GLY A 407 3.10 -8.51 94.97
CA GLY A 407 2.89 -7.42 95.90
C GLY A 407 2.00 -6.32 95.37
N ILE A 408 2.21 -5.09 95.84
CA ILE A 408 1.36 -3.96 95.50
C ILE A 408 1.95 -3.27 94.27
N ARG A 409 1.13 -3.11 93.23
CA ARG A 409 1.57 -2.52 91.98
C ARG A 409 0.52 -1.58 91.43
N VAL A 410 0.97 -0.57 90.68
CA VAL A 410 0.04 0.30 89.97
C VAL A 410 -0.61 -0.47 88.82
N TRP A 411 -1.76 0.02 88.37
CA TRP A 411 -2.50 -0.70 87.33
C TRP A 411 -3.44 0.28 86.62
N GLY A 412 -3.28 0.41 85.31
CA GLY A 412 -4.26 1.07 84.47
C GLY A 412 -3.75 2.23 83.64
N ALA A 413 -2.95 3.11 84.24
CA ALA A 413 -2.27 4.21 83.55
C ALA A 413 -3.18 4.93 82.56
N ARG A 414 -4.23 5.56 83.10
CA ARG A 414 -5.18 6.32 82.29
C ARG A 414 -5.40 7.69 82.90
N THR A 415 -6.21 8.50 82.22
CA THR A 415 -6.47 9.88 82.62
C THR A 415 -7.96 10.19 82.51
N LEU A 416 -8.33 11.38 82.94
CA LEU A 416 -9.72 11.85 82.90
C LEU A 416 -9.92 12.65 81.62
N SER A 417 -10.42 12.00 80.58
CA SER A 417 -10.67 12.68 79.31
C SER A 417 -11.70 11.89 78.52
N SER A 418 -12.83 12.52 78.20
CA SER A 418 -13.84 11.87 77.38
C SER A 418 -13.37 11.72 75.94
N ASP A 419 -12.61 12.68 75.44
CA ASP A 419 -12.11 12.65 74.07
C ASP A 419 -11.16 11.48 73.90
N PRO A 420 -11.41 10.58 72.94
CA PRO A 420 -10.50 9.44 72.74
C PRO A 420 -9.12 9.80 72.24
N ALA A 421 -8.86 11.07 71.93
CA ALA A 421 -7.55 11.47 71.42
C ALA A 421 -6.47 11.45 72.50
N TRP A 422 -6.84 11.75 73.74
CA TRP A 422 -5.87 11.84 74.83
C TRP A 422 -6.20 10.84 75.93
N ARG A 423 -6.49 9.59 75.56
CA ARG A 423 -6.84 8.58 76.56
C ARG A 423 -5.68 8.28 77.49
N TYR A 424 -4.46 8.21 76.95
CA TYR A 424 -3.31 7.73 77.70
C TYR A 424 -2.46 8.89 78.21
N LEU A 425 -1.78 8.65 79.35
CA LEU A 425 -0.98 9.68 79.98
C LEU A 425 0.35 9.91 79.24
N ASN A 426 0.96 8.84 78.73
CA ASN A 426 2.28 8.96 78.13
C ASN A 426 2.25 9.85 76.88
N ILE A 427 1.16 9.78 76.11
CA ILE A 427 1.03 10.63 74.94
C ILE A 427 1.02 12.10 75.35
N ARG A 428 0.26 12.43 76.39
CA ARG A 428 0.20 13.80 76.88
C ARG A 428 1.55 14.27 77.39
N ARG A 429 2.25 13.41 78.14
CA ARG A 429 3.56 13.79 78.66
C ARG A 429 4.56 14.03 77.54
N TYR A 430 4.58 13.15 76.54
CA TYR A 430 5.50 13.31 75.42
C TYR A 430 5.17 14.56 74.62
N PHE A 431 3.89 14.84 74.40
CA PHE A 431 3.51 16.05 73.68
C PHE A 431 3.91 17.30 74.45
N ASN A 432 3.73 17.29 75.78
CA ASN A 432 4.16 18.43 76.58
C ASN A 432 5.67 18.62 76.48
N TYR A 433 6.43 17.53 76.55
CA TYR A 433 7.89 17.63 76.44
C TYR A 433 8.30 18.21 75.08
N LEU A 434 7.71 17.71 74.01
CA LEU A 434 8.05 18.20 72.67
C LEU A 434 7.69 19.67 72.52
N GLU A 435 6.50 20.06 72.99
CA GLU A 435 6.08 21.46 72.87
C GLU A 435 7.01 22.38 73.66
N GLU A 436 7.38 21.98 74.88
CA GLU A 436 8.28 22.80 75.66
C GLU A 436 9.64 22.93 74.99
N SER A 437 10.18 21.82 74.49
CA SER A 437 11.49 21.88 73.83
C SER A 437 11.44 22.78 72.60
N ILE A 438 10.39 22.64 71.78
CA ILE A 438 10.29 23.44 70.57
C ILE A 438 10.14 24.92 70.92
N LEU A 439 9.31 25.24 71.91
CA LEU A 439 9.12 26.63 72.29
C LEU A 439 10.41 27.25 72.83
N ILE A 440 11.16 26.50 73.63
CA ILE A 440 12.39 27.05 74.19
C ILE A 440 13.47 27.22 73.12
N GLY A 441 13.65 26.24 72.24
CA GLY A 441 14.78 26.28 71.32
C GLY A 441 14.47 26.74 69.90
N THR A 442 13.65 27.76 69.74
CA THR A 442 13.29 28.24 68.41
C THR A 442 13.27 29.76 68.31
N GLN A 443 13.48 30.48 69.40
CA GLN A 443 13.23 31.92 69.44
C GLN A 443 14.10 32.72 68.46
N TRP A 444 15.18 32.13 67.95
CA TRP A 444 16.07 32.87 67.06
C TRP A 444 15.48 33.09 65.67
N VAL A 445 14.35 32.45 65.35
CA VAL A 445 13.81 32.53 63.99
C VAL A 445 13.02 33.80 63.73
N VAL A 446 12.61 34.51 64.77
CA VAL A 446 11.79 35.70 64.60
C VAL A 446 12.63 36.82 63.99
N PHE A 447 11.98 37.64 63.15
CA PHE A 447 12.60 38.79 62.48
C PHE A 447 13.78 38.35 61.62
N GLU A 448 13.45 37.56 60.59
CA GLU A 448 14.40 37.04 59.62
C GLU A 448 13.98 37.44 58.21
N PRO A 449 14.91 37.43 57.25
CA PRO A 449 14.57 37.86 55.89
C PRO A 449 13.46 37.06 55.23
N ASN A 450 13.17 35.86 55.73
CA ASN A 450 12.05 35.04 55.26
C ASN A 450 12.21 34.67 53.78
N ASP A 451 13.30 33.96 53.52
CA ASP A 451 13.55 33.40 52.19
C ASP A 451 13.62 31.89 52.30
N HIS A 452 13.82 31.19 51.17
CA HIS A 452 13.87 29.74 51.18
C HIS A 452 15.05 29.17 51.97
N ASN A 453 16.11 29.95 52.18
CA ASN A 453 17.20 29.51 53.04
C ASN A 453 16.72 29.28 54.47
N LEU A 454 15.87 30.19 54.97
CA LEU A 454 15.30 30.02 56.31
C LEU A 454 14.47 28.75 56.39
N TRP A 455 13.67 28.48 55.35
CA TRP A 455 12.86 27.27 55.32
C TRP A 455 13.75 26.03 55.34
N ALA A 456 14.84 26.04 54.56
CA ALA A 456 15.76 24.91 54.55
C ALA A 456 16.39 24.70 55.92
N ARG A 457 16.81 25.79 56.57
CA ARG A 457 17.42 25.67 57.90
C ARG A 457 16.44 25.11 58.92
N ILE A 458 15.20 25.62 58.91
CA ILE A 458 14.20 25.14 59.85
C ILE A 458 13.91 23.65 59.61
N ARG A 459 13.76 23.27 58.34
CA ARG A 459 13.51 21.87 58.04
C ARG A 459 14.66 20.98 58.50
N ARG A 460 15.90 21.42 58.27
CA ARG A 460 17.05 20.63 58.69
C ARG A 460 17.06 20.45 60.20
N ASN A 461 16.82 21.53 60.95
CA ASN A 461 16.86 21.45 62.40
C ASN A 461 15.77 20.52 62.93
N VAL A 462 14.54 20.69 62.43
CA VAL A 462 13.44 19.86 62.90
C VAL A 462 13.68 18.39 62.54
N SER A 463 14.18 18.13 61.33
CA SER A 463 14.45 16.76 60.92
C SER A 463 15.52 16.13 61.77
N ALA A 464 16.58 16.87 62.11
CA ALA A 464 17.62 16.34 62.97
C ALA A 464 17.08 16.01 64.36
N PHE A 465 16.27 16.91 64.92
CA PHE A 465 15.69 16.64 66.24
C PHE A 465 14.79 15.41 66.20
N LEU A 466 13.96 15.29 65.17
CA LEU A 466 13.05 14.16 65.09
C LEU A 466 13.79 12.85 64.86
N VAL A 467 14.87 12.88 64.08
CA VAL A 467 15.67 11.67 63.87
C VAL A 467 16.33 11.24 65.17
N ASN A 468 16.86 12.21 65.93
CA ASN A 468 17.47 11.88 67.22
C ASN A 468 16.44 11.31 68.18
N GLU A 469 15.22 11.85 68.17
CA GLU A 469 14.17 11.30 69.03
C GLU A 469 13.76 9.89 68.58
N TRP A 470 13.69 9.66 67.27
CA TRP A 470 13.24 8.37 66.76
C TRP A 470 14.26 7.26 66.99
N ARG A 471 15.55 7.59 66.93
CA ARG A 471 16.57 6.55 67.06
C ARG A 471 16.59 5.90 68.44
N ASN A 472 15.92 6.49 69.43
CA ASN A 472 15.81 5.89 70.75
C ASN A 472 14.61 4.97 70.89
N GLY A 473 13.84 4.78 69.82
CA GLY A 473 12.69 3.89 69.87
C GLY A 473 11.44 4.51 70.44
N ALA A 474 11.31 5.83 70.41
CA ALA A 474 10.13 6.51 70.93
C ALA A 474 9.06 6.77 69.88
N LEU A 475 9.28 6.34 68.63
CA LEU A 475 8.31 6.53 67.56
C LEU A 475 8.09 5.20 66.84
N PHE A 476 6.87 5.00 66.37
CA PHE A 476 6.46 3.74 65.75
C PHE A 476 6.75 3.81 64.26
N GLY A 477 7.74 3.04 63.80
CA GLY A 477 8.07 2.97 62.40
C GLY A 477 9.38 2.26 62.12
N GLN A 478 9.41 1.44 61.06
CA GLN A 478 10.65 0.69 60.72
C GLN A 478 11.66 1.64 60.05
N SER A 479 11.16 2.67 59.37
CA SER A 479 12.01 3.62 58.67
C SER A 479 11.65 5.05 59.09
N PRO A 480 12.60 5.98 59.00
CA PRO A 480 12.31 7.38 59.35
C PRO A 480 11.20 7.98 58.51
N ASP A 481 11.02 7.48 57.29
CA ASP A 481 9.98 7.99 56.42
C ASP A 481 8.58 7.66 56.96
N GLN A 482 8.45 6.56 57.68
CA GLN A 482 7.16 6.14 58.24
C GLN A 482 6.93 6.64 59.65
N ALA A 483 7.87 7.39 60.23
CA ALA A 483 7.76 7.83 61.61
C ALA A 483 7.36 9.30 61.76
N TYR A 484 7.74 10.15 60.82
CA TYR A 484 7.46 11.58 60.93
C TYR A 484 7.45 12.19 59.54
N TYR A 485 6.91 13.40 59.45
CA TYR A 485 6.95 14.16 58.20
C TYR A 485 6.92 15.65 58.53
N VAL A 486 7.84 16.39 57.91
CA VAL A 486 7.96 17.84 58.11
C VAL A 486 7.86 18.50 56.74
N LYS A 487 6.95 19.48 56.62
CA LYS A 487 6.69 20.16 55.36
C LYS A 487 6.88 21.66 55.55
N CYS A 488 7.79 22.23 54.76
CA CYS A 488 7.99 23.68 54.75
C CYS A 488 8.57 24.03 53.38
N ASP A 489 7.72 24.52 52.49
CA ASP A 489 8.11 24.82 51.12
C ASP A 489 7.13 25.83 50.54
N GLU A 490 7.19 26.01 49.22
CA GLU A 490 6.31 26.96 48.56
C GLU A 490 4.87 26.45 48.44
N GLU A 491 4.65 25.15 48.68
CA GLU A 491 3.29 24.63 48.62
C GLU A 491 2.47 25.05 49.82
N THR A 492 3.08 25.10 51.00
CA THR A 492 2.40 25.52 52.22
C THR A 492 2.65 26.98 52.58
N ASN A 493 3.42 27.70 51.77
CA ASN A 493 3.72 29.11 52.00
C ASN A 493 3.45 29.90 50.72
N PRO A 494 2.17 30.17 50.43
CA PRO A 494 1.84 30.95 49.23
C PRO A 494 2.29 32.39 49.38
N PRO A 495 2.46 33.12 48.27
CA PRO A 495 2.90 34.52 48.37
C PRO A 495 1.97 35.39 49.20
N GLU A 496 0.66 35.12 49.18
CA GLU A 496 -0.26 35.89 50.01
C GLU A 496 0.04 35.70 51.49
N SER A 497 0.35 34.46 51.89
CA SER A 497 0.70 34.21 53.29
C SER A 497 2.02 34.85 53.67
N VAL A 498 3.01 34.79 52.79
CA VAL A 498 4.32 35.35 53.12
C VAL A 498 4.30 36.86 53.05
N ASP A 499 3.27 37.44 52.43
CA ASP A 499 3.13 38.90 52.42
C ASP A 499 2.97 39.44 53.85
N LEU A 500 2.18 38.75 54.67
CA LEU A 500 1.96 39.18 56.04
C LEU A 500 3.10 38.77 56.97
N GLY A 501 4.08 38.01 56.48
CA GLY A 501 5.17 37.58 57.33
C GLY A 501 4.81 36.42 58.24
N ARG A 502 4.48 35.28 57.65
CA ARG A 502 4.07 34.10 58.40
C ARG A 502 4.86 32.88 57.94
N VAL A 503 5.18 32.01 58.90
CA VAL A 503 5.83 30.74 58.64
C VAL A 503 5.00 29.64 59.31
N VAL A 504 4.80 28.53 58.60
CA VAL A 504 3.92 27.45 59.05
C VAL A 504 4.71 26.24 59.55
N CYS A 505 5.50 25.61 58.68
CA CYS A 505 6.35 24.48 59.03
C CYS A 505 5.53 23.34 59.65
N GLU A 506 4.66 22.77 58.83
CA GLU A 506 3.78 21.69 59.29
C GLU A 506 4.60 20.49 59.75
N ILE A 507 4.24 19.94 60.90
CA ILE A 507 4.96 18.82 61.51
C ILE A 507 3.94 17.74 61.88
N GLY A 508 4.26 16.49 61.55
CA GLY A 508 3.42 15.38 61.94
C GLY A 508 4.24 14.19 62.43
N ILE A 509 3.85 13.61 63.56
CA ILE A 509 4.57 12.51 64.17
C ILE A 509 3.61 11.36 64.45
N ALA A 510 4.18 10.18 64.63
CA ALA A 510 3.41 8.97 64.95
C ALA A 510 3.87 8.43 66.30
N PRO A 511 3.10 8.61 67.37
CA PRO A 511 3.52 8.16 68.69
C PRO A 511 3.33 6.66 68.87
N VAL A 512 3.74 6.17 70.04
CA VAL A 512 3.62 4.76 70.40
C VAL A 512 2.65 4.67 71.58
N LYS A 513 1.88 3.59 71.62
CA LYS A 513 0.92 3.40 72.68
C LYS A 513 1.23 2.12 73.45
N PRO A 514 0.94 2.10 74.75
CA PRO A 514 1.25 0.91 75.56
C PRO A 514 0.35 -0.27 75.20
N ALA A 515 0.88 -1.46 75.41
CA ALA A 515 0.13 -2.70 75.18
C ALA A 515 -0.56 -3.10 76.47
N GLU A 516 -1.89 -3.09 76.46
CA GLU A 516 -2.68 -3.37 77.65
C GLU A 516 -3.19 -4.80 77.69
N PHE A 517 -3.78 -5.28 76.60
CA PHE A 517 -4.33 -6.63 76.52
C PHE A 517 -3.43 -7.49 75.66
N VAL A 518 -2.93 -8.58 76.22
CA VAL A 518 -2.10 -9.55 75.50
C VAL A 518 -2.92 -10.83 75.32
N ILE A 519 -3.06 -11.26 74.07
CA ILE A 519 -3.92 -12.39 73.72
C ILE A 519 -3.08 -13.45 73.01
N PHE A 520 -3.19 -14.69 73.47
CA PHE A 520 -2.64 -15.85 72.77
C PHE A 520 -3.78 -16.68 72.20
N ARG A 521 -3.43 -17.63 71.34
CA ARG A 521 -4.41 -18.48 70.67
C ARG A 521 -4.33 -19.93 71.11
N LEU A 522 -3.16 -20.56 71.01
CA LEU A 522 -2.95 -21.95 71.38
C LEU A 522 -3.89 -22.87 70.61
N ALA A 523 -3.75 -22.85 69.29
CA ALA A 523 -4.55 -23.68 68.41
C ALA A 523 -3.82 -24.98 68.07
N GLN A 524 -4.59 -25.96 67.64
CA GLN A 524 -4.07 -27.28 67.27
C GLN A 524 -4.21 -27.43 65.76
N PHE A 525 -3.10 -27.75 65.10
CA PHE A 525 -3.07 -27.85 63.64
C PHE A 525 -2.32 -29.09 63.22
N SER A 526 -2.60 -29.53 61.99
CA SER A 526 -1.95 -30.72 61.43
C SER A 526 -0.59 -30.37 60.85
N PRO B 2 57.00 46.26 -10.53
CA PRO B 2 58.19 46.89 -11.11
C PRO B 2 58.16 46.93 -12.62
N SER B 3 59.10 47.65 -13.23
CA SER B 3 59.19 47.78 -14.68
C SER B 3 60.35 46.95 -15.20
N TYR B 4 60.07 46.12 -16.20
CA TYR B 4 61.07 45.27 -16.83
C TYR B 4 61.20 45.69 -18.28
N LEU B 5 62.38 46.21 -18.65
CA LEU B 5 62.61 46.69 -20.01
C LEU B 5 63.89 46.18 -20.65
N SER B 6 64.86 45.72 -19.88
CA SER B 6 66.11 45.21 -20.44
C SER B 6 66.46 43.88 -19.80
N PRO B 7 67.10 42.99 -20.55
CA PRO B 7 67.50 41.69 -20.00
C PRO B 7 68.51 41.86 -18.87
N GLY B 8 68.45 40.95 -17.91
CA GLY B 8 69.36 40.98 -16.79
C GLY B 8 68.78 40.25 -15.59
N VAL B 9 69.41 40.46 -14.45
CA VAL B 9 69.01 39.86 -13.19
C VAL B 9 68.60 40.96 -12.23
N TYR B 10 67.39 40.86 -11.68
CA TYR B 10 66.84 41.85 -10.77
C TYR B 10 66.59 41.22 -9.41
N VAL B 11 67.01 41.91 -8.36
CA VAL B 11 66.82 41.45 -6.99
C VAL B 11 65.93 42.46 -6.27
N GLU B 12 64.79 41.99 -5.77
CA GLU B 12 63.84 42.83 -5.06
C GLU B 12 63.43 42.15 -3.75
N GLU B 13 63.05 42.97 -2.77
CA GLU B 13 62.67 42.49 -1.45
C GLU B 13 61.17 42.71 -1.26
N VAL B 14 60.46 41.63 -0.91
CA VAL B 14 59.04 41.76 -0.62
C VAL B 14 58.84 42.23 0.81
N ALA B 15 57.97 43.24 0.96
CA ALA B 15 57.75 43.88 2.25
C ALA B 15 57.06 42.95 3.26
N SER B 16 56.53 41.82 2.80
CA SER B 16 55.86 40.87 3.68
C SER B 16 56.83 40.33 4.73
N GLY B 17 56.54 40.58 5.99
CA GLY B 17 57.39 40.14 7.07
C GLY B 17 56.80 40.52 8.42
N SER B 18 57.68 40.81 9.37
CA SER B 18 57.29 41.18 10.73
C SER B 18 57.85 42.55 11.05
N ARG B 19 57.01 43.40 11.66
CA ARG B 19 57.40 44.75 12.08
C ARG B 19 56.99 44.92 13.53
N PRO B 20 57.83 44.50 14.47
CA PRO B 20 57.46 44.55 15.89
C PRO B 20 57.30 45.98 16.38
N ILE B 21 56.43 46.15 17.37
CA ILE B 21 56.15 47.44 18.00
C ILE B 21 56.68 47.40 19.42
N GLU B 22 57.48 48.41 19.78
CA GLU B 22 58.10 48.50 21.08
C GLU B 22 57.37 49.49 21.98
N GLY B 23 57.58 49.35 23.29
CA GLY B 23 56.99 50.24 24.25
C GLY B 23 57.76 51.53 24.42
N VAL B 24 57.31 52.35 25.38
CA VAL B 24 57.92 53.63 25.67
C VAL B 24 58.19 53.73 27.16
N GLY B 25 59.14 54.60 27.52
CA GLY B 25 59.48 54.79 28.91
C GLY B 25 58.55 55.77 29.58
N THR B 26 58.01 55.38 30.74
CA THR B 26 57.05 56.21 31.47
C THR B 26 57.57 56.55 32.85
N SER B 27 58.84 56.93 32.96
CA SER B 27 59.46 57.25 34.24
C SER B 27 60.19 58.57 34.18
N VAL B 28 59.56 59.58 33.58
CA VAL B 28 60.12 60.92 33.48
C VAL B 28 59.11 61.90 34.08
N ALA B 29 59.59 62.79 34.94
CA ALA B 29 58.74 63.78 35.59
C ALA B 29 59.37 65.16 35.42
N ALA B 30 58.51 66.18 35.34
CA ALA B 30 58.95 67.56 35.15
C ALA B 30 58.46 68.41 36.31
N PHE B 31 59.39 69.03 37.03
CA PHE B 31 59.10 69.85 38.19
C PHE B 31 59.31 71.31 37.84
N VAL B 32 58.32 72.14 38.16
CA VAL B 32 58.38 73.59 37.94
C VAL B 32 58.41 74.27 39.31
N GLY B 33 59.41 75.11 39.53
CA GLY B 33 59.54 75.75 40.82
C GLY B 33 60.53 76.89 40.78
N LEU B 34 60.85 77.41 41.95
CA LEU B 34 61.80 78.50 42.11
C LEU B 34 63.07 78.01 42.79
N ALA B 35 64.21 78.50 42.32
CA ALA B 35 65.52 78.11 42.82
C ALA B 35 66.35 79.36 43.04
N PRO B 36 67.34 79.32 43.94
CA PRO B 36 68.15 80.52 44.18
C PRO B 36 68.93 80.98 42.95
N THR B 37 69.74 80.11 42.36
CA THR B 37 70.54 80.45 41.20
C THR B 37 70.50 79.31 40.20
N GLY B 38 70.68 79.65 38.93
CA GLY B 38 70.69 78.67 37.87
C GLY B 38 70.11 79.21 36.57
N PRO B 39 70.00 78.35 35.56
CA PRO B 39 69.40 78.77 34.30
C PRO B 39 67.95 79.19 34.48
N LEU B 40 67.53 80.17 33.70
CA LEU B 40 66.20 80.77 33.82
C LEU B 40 65.36 80.38 32.61
N ASN B 41 64.16 79.87 32.87
CA ASN B 41 63.19 79.52 31.82
C ASN B 41 63.77 78.52 30.82
N GLU B 42 64.54 77.56 31.32
CA GLU B 42 65.12 76.52 30.48
C GLU B 42 64.85 75.17 31.12
N PRO B 43 64.22 74.23 30.39
CA PRO B 43 63.93 72.91 30.98
C PRO B 43 65.17 72.03 31.08
N THR B 44 65.95 72.21 32.14
CA THR B 44 67.19 71.46 32.30
C THR B 44 66.87 69.99 32.61
N LEU B 45 67.81 69.11 32.25
CA LEU B 45 67.67 67.68 32.48
C LEU B 45 68.63 67.26 33.58
N VAL B 46 68.11 66.56 34.58
CA VAL B 46 68.90 66.09 35.71
C VAL B 46 68.69 64.59 35.88
N THR B 47 69.76 63.88 36.25
CA THR B 47 69.66 62.44 36.46
C THR B 47 70.36 62.00 37.74
N ASN B 48 70.89 62.91 38.53
CA ASN B 48 71.55 62.58 39.78
C ASN B 48 71.68 63.87 40.58
N TRP B 49 71.69 63.75 41.91
CA TRP B 49 71.72 64.97 42.77
C TRP B 49 72.95 65.83 42.46
N THR B 50 74.09 65.21 42.18
CA THR B 50 75.29 66.02 41.97
C THR B 50 75.06 67.05 40.87
N GLN B 51 74.38 66.66 39.80
CA GLN B 51 74.06 67.61 38.73
C GLN B 51 73.18 68.75 39.25
N TYR B 52 72.17 68.40 40.06
CA TYR B 52 71.29 69.43 40.61
C TYR B 52 72.07 70.36 41.55
N VAL B 53 72.97 69.81 42.35
CA VAL B 53 73.78 70.64 43.24
C VAL B 53 74.65 71.59 42.42
N ALA B 54 75.29 71.07 41.37
CA ALA B 54 76.16 71.90 40.54
C ALA B 54 75.39 72.95 39.75
N ALA B 55 74.12 72.70 39.42
CA ALA B 55 73.36 73.62 38.58
C ALA B 55 72.55 74.63 39.39
N PHE B 56 71.62 74.13 40.22
CA PHE B 56 70.64 74.98 40.88
C PHE B 56 70.91 75.18 42.36
N GLY B 57 72.07 74.79 42.86
CA GLY B 57 72.36 74.91 44.27
C GLY B 57 71.67 73.83 45.09
N ASP B 58 71.72 73.99 46.41
CA ASP B 58 71.15 72.98 47.31
C ASP B 58 70.88 73.63 48.67
N PHE B 59 69.60 73.69 49.05
CA PHE B 59 69.17 74.00 50.40
C PHE B 59 69.76 75.31 50.93
N THR B 60 69.44 76.43 50.31
CA THR B 60 69.90 77.73 50.79
C THR B 60 68.82 78.81 50.84
N GLY B 61 67.70 78.64 50.16
CA GLY B 61 66.67 79.68 50.14
C GLY B 61 65.39 79.28 50.82
N GLY B 62 65.34 78.06 51.35
CA GLY B 62 64.13 77.58 52.00
C GLY B 62 62.97 77.39 51.05
N TYR B 63 63.21 76.84 49.88
CA TYR B 63 62.17 76.59 48.89
C TYR B 63 61.82 75.11 48.84
N TYR B 64 60.68 74.82 48.22
CA TYR B 64 60.17 73.45 48.16
C TYR B 64 60.65 72.67 46.95
N LEU B 65 61.42 73.29 46.05
CA LEU B 65 61.91 72.56 44.88
C LEU B 65 63.00 71.57 45.27
N ALA B 66 63.94 72.00 46.11
CA ALA B 66 65.03 71.11 46.51
C ALA B 66 64.53 69.91 47.28
N HIS B 67 63.58 70.13 48.21
CA HIS B 67 63.01 69.03 48.98
C HIS B 67 62.29 68.04 48.07
N SER B 68 61.52 68.55 47.12
CA SER B 68 60.79 67.67 46.20
C SER B 68 61.74 66.87 45.33
N VAL B 69 62.80 67.51 44.82
CA VAL B 69 63.77 66.79 43.99
C VAL B 69 64.49 65.72 44.81
N TYR B 70 64.88 66.05 46.04
CA TYR B 70 65.55 65.07 46.89
C TYR B 70 64.63 63.89 47.20
N GLY B 71 63.36 64.17 47.47
CA GLY B 71 62.42 63.08 47.70
C GLY B 71 62.19 62.23 46.47
N PHE B 72 62.13 62.86 45.30
CA PHE B 72 61.96 62.11 44.06
C PHE B 72 63.15 61.19 43.80
N PHE B 73 64.36 61.68 44.03
CA PHE B 73 65.54 60.84 43.85
C PHE B 73 65.71 59.83 44.98
N ASN B 74 65.07 60.05 46.12
CA ASN B 74 65.15 59.10 47.23
C ASN B 74 64.27 57.88 47.01
N ASN B 75 63.19 58.02 46.23
CA ASN B 75 62.24 56.94 46.02
C ASN B 75 62.51 56.16 44.73
N GLY B 76 63.71 56.29 44.16
CA GLY B 76 64.07 55.53 42.99
C GLY B 76 63.81 56.19 41.67
N GLY B 77 63.90 57.52 41.60
CA GLY B 77 63.73 58.20 40.34
C GLY B 77 64.88 57.94 39.38
N SER B 78 64.59 58.13 38.09
CA SER B 78 65.55 57.85 37.03
C SER B 78 66.04 59.12 36.33
N ALA B 79 65.10 59.93 35.81
CA ALA B 79 65.46 61.15 35.11
C ALA B 79 64.37 62.17 35.32
N ALA B 80 64.77 63.44 35.45
CA ALA B 80 63.82 64.50 35.74
C ALA B 80 64.14 65.74 34.90
N TYR B 81 63.11 66.55 34.69
CA TYR B 81 63.24 67.85 34.06
C TYR B 81 62.93 68.93 35.09
N VAL B 82 63.69 70.02 35.05
CA VAL B 82 63.59 71.09 36.04
C VAL B 82 63.34 72.40 35.29
N VAL B 83 62.35 73.15 35.73
CA VAL B 83 62.07 74.49 35.23
C VAL B 83 62.10 75.45 36.41
N ARG B 84 62.88 76.52 36.27
CA ARG B 84 63.06 77.52 37.32
C ARG B 84 62.40 78.82 36.87
N VAL B 85 61.24 79.13 37.46
CA VAL B 85 60.52 80.34 37.09
C VAL B 85 61.26 81.58 37.60
N GLY B 86 61.72 81.53 38.85
CA GLY B 86 62.40 82.66 39.43
C GLY B 86 63.13 82.27 40.69
N GLY B 87 63.50 83.28 41.48
CA GLY B 87 64.19 83.04 42.73
C GLY B 87 64.93 84.30 43.17
N SER B 88 65.76 84.12 44.18
CA SER B 88 66.56 85.21 44.73
C SER B 88 67.78 84.62 45.42
N ALA B 89 68.78 85.47 45.63
CA ALA B 89 70.03 85.09 46.30
C ALA B 89 70.35 86.05 47.43
N GLU B 90 69.33 86.52 48.12
CA GLU B 90 69.51 87.46 49.22
C GLU B 90 69.09 86.85 50.54
N GLY B 249 56.29 77.61 31.93
CA GLY B 249 57.42 76.96 31.28
C GLY B 249 57.05 76.35 29.93
N GLY B 250 58.06 76.11 29.11
CA GLY B 250 57.84 75.53 27.79
C GLY B 250 57.92 74.02 27.79
N LEU B 251 57.00 73.37 28.51
CA LEU B 251 56.98 71.91 28.58
C LEU B 251 56.29 71.27 27.39
N GLU B 252 55.70 72.06 26.49
CA GLU B 252 55.02 71.50 25.33
C GLU B 252 55.98 70.99 24.26
N ALA B 253 57.24 71.43 24.30
CA ALA B 253 58.23 71.00 23.31
C ALA B 253 58.86 69.67 23.67
N ILE B 254 58.63 69.13 24.86
CA ILE B 254 59.21 67.87 25.30
C ILE B 254 58.19 66.77 25.06
N ASP B 255 58.70 65.57 24.76
CA ASP B 255 57.86 64.43 24.43
C ASP B 255 57.90 63.33 25.48
N GLU B 256 59.05 63.08 26.10
CA GLU B 256 59.20 61.95 27.02
C GLU B 256 58.58 62.21 28.40
N ILE B 257 58.14 63.44 28.67
CA ILE B 257 57.57 63.73 29.99
C ILE B 257 56.29 62.94 30.18
N SER B 258 56.18 62.28 31.34
CA SER B 258 54.99 61.50 31.68
C SER B 258 54.17 62.08 32.81
N MET B 259 54.74 62.99 33.61
CA MET B 259 54.01 63.63 34.69
C MET B 259 54.64 64.98 34.98
N VAL B 260 53.81 65.91 35.45
CA VAL B 260 54.24 67.28 35.72
C VAL B 260 53.80 67.66 37.13
N ALA B 261 54.65 68.40 37.83
CA ALA B 261 54.37 68.84 39.18
C ALA B 261 54.88 70.26 39.38
N VAL B 262 54.22 70.98 40.29
CA VAL B 262 54.62 72.33 40.68
C VAL B 262 54.79 72.32 42.19
N PRO B 263 55.88 71.74 42.70
CA PRO B 263 55.99 71.56 44.16
C PRO B 263 55.97 72.85 44.95
N ASP B 264 56.56 73.92 44.43
CA ASP B 264 56.67 75.18 45.17
C ASP B 264 55.63 76.12 44.57
N LEU B 265 54.41 75.99 45.05
CA LEU B 265 53.30 76.90 44.77
C LEU B 265 52.63 77.38 46.05
N MET B 266 52.54 76.53 47.08
CA MET B 266 51.96 76.95 48.35
C MET B 266 52.84 77.91 49.11
N ALA B 267 54.14 77.98 48.75
CA ALA B 267 55.04 78.92 49.41
C ALA B 267 54.60 80.36 49.17
N ALA B 268 54.27 80.70 47.92
CA ALA B 268 53.78 82.03 47.62
C ALA B 268 52.46 82.31 48.33
N TYR B 269 51.62 81.27 48.46
CA TYR B 269 50.36 81.43 49.18
C TYR B 269 50.59 81.67 50.66
N GLN B 270 51.64 81.07 51.23
CA GLN B 270 51.86 81.17 52.67
C GLN B 270 52.37 82.55 53.07
N ARG B 271 53.33 83.09 52.32
CA ARG B 271 53.95 84.37 52.68
C ARG B 271 53.55 85.51 51.76
N GLY B 272 53.48 85.28 50.44
CA GLY B 272 53.17 86.34 49.51
C GLY B 272 51.72 86.77 49.49
N ALA B 273 50.81 85.97 50.07
CA ALA B 273 49.39 86.27 50.09
C ALA B 273 48.85 86.47 48.67
N ILE B 274 48.95 85.41 47.88
CA ILE B 274 48.53 85.44 46.48
C ILE B 274 47.07 85.01 46.33
N ASP B 275 46.34 84.92 47.44
CA ASP B 275 44.93 84.55 47.45
C ASP B 275 44.71 83.13 46.92
N LEU B 276 43.45 82.70 46.86
CA LEU B 276 43.13 81.38 46.35
C LEU B 276 42.77 81.37 44.88
N GLU B 277 42.32 82.50 44.34
CA GLU B 277 41.94 82.56 42.93
C GLU B 277 43.13 82.30 42.02
N ALA B 278 44.29 82.87 42.34
CA ALA B 278 45.47 82.64 41.53
C ALA B 278 45.89 81.18 41.54
N VAL B 279 45.86 80.55 42.72
CA VAL B 279 46.21 79.13 42.83
C VAL B 279 45.23 78.28 42.03
N LYS B 280 43.94 78.59 42.14
CA LYS B 280 42.94 77.84 41.39
C LYS B 280 43.14 78.00 39.89
N ALA B 281 43.44 79.22 39.44
CA ALA B 281 43.66 79.45 38.01
C ALA B 281 44.90 78.71 37.53
N VAL B 282 45.98 78.72 38.31
CA VAL B 282 47.20 78.01 37.91
C VAL B 282 46.94 76.51 37.82
N GLN B 283 46.25 75.94 38.81
CA GLN B 283 45.96 74.52 38.77
C GLN B 283 45.03 74.17 37.61
N LEU B 284 44.03 75.01 37.33
CA LEU B 284 43.16 74.77 36.19
C LEU B 284 43.92 74.84 34.87
N GLY B 285 44.86 75.78 34.76
CA GLY B 285 45.68 75.84 33.56
C GLY B 285 46.55 74.62 33.38
N LEU B 286 47.13 74.12 34.48
CA LEU B 286 47.91 72.89 34.41
C LEU B 286 47.04 71.71 34.00
N ILE B 287 45.82 71.63 34.55
CA ILE B 287 44.89 70.57 34.18
C ILE B 287 44.54 70.64 32.70
N ALA B 288 44.28 71.86 32.20
CA ALA B 288 43.95 72.02 30.79
C ALA B 288 45.12 71.64 29.89
N HIS B 289 46.35 72.00 30.29
CA HIS B 289 47.52 71.60 29.52
C HIS B 289 47.67 70.08 29.49
N CYS B 290 47.47 69.43 30.64
CA CYS B 290 47.55 67.97 30.68
C CYS B 290 46.49 67.34 29.79
N GLU B 291 45.28 67.89 29.82
CA GLU B 291 44.18 67.35 28.98
C GLU B 291 44.57 67.52 27.50
N LEU B 292 45.05 68.70 27.13
CA LEU B 292 45.39 68.98 25.74
C LEU B 292 46.49 68.05 25.24
N MET B 293 47.53 67.83 26.06
CA MET B 293 48.62 66.95 25.64
C MET B 293 48.13 65.52 25.45
N GLY B 294 47.29 65.03 26.36
CA GLY B 294 46.75 63.68 26.23
C GLY B 294 47.73 62.59 26.55
N ASP B 295 48.85 62.91 27.21
CA ASP B 295 49.87 61.91 27.54
C ASP B 295 50.33 61.99 28.98
N ARG B 296 50.08 63.08 29.70
CA ARG B 296 50.65 63.30 31.03
C ARG B 296 49.56 63.31 32.07
N VAL B 297 49.96 63.09 33.33
CA VAL B 297 49.05 63.01 34.46
C VAL B 297 49.51 63.99 35.52
N ALA B 298 48.57 64.73 36.10
CA ALA B 298 48.88 65.78 37.05
C ALA B 298 48.73 65.30 38.49
N ILE B 299 49.57 65.83 39.37
CA ILE B 299 49.54 65.53 40.79
C ILE B 299 49.19 66.81 41.54
N ILE B 300 48.18 66.74 42.40
CA ILE B 300 47.64 67.91 43.08
C ILE B 300 47.72 67.70 44.58
N ASP B 301 47.90 68.81 45.30
CA ASP B 301 47.94 68.86 46.76
C ASP B 301 47.01 69.95 47.26
N PRO B 302 46.46 69.79 48.46
CA PRO B 302 45.53 70.79 48.99
C PRO B 302 46.27 71.85 49.81
N PRO B 303 45.59 72.91 50.22
CA PRO B 303 46.21 73.88 51.12
C PRO B 303 46.62 73.24 52.43
N PRO B 304 47.66 73.77 53.09
CA PRO B 304 48.27 73.05 54.23
C PRO B 304 47.34 72.75 55.39
N ASN B 305 46.72 73.78 55.96
CA ASN B 305 46.02 73.61 57.24
C ASN B 305 44.54 73.34 57.05
N GLN B 306 44.19 72.07 56.92
CA GLN B 306 42.79 71.64 56.86
C GLN B 306 42.64 70.31 57.57
N ASN B 307 41.40 69.98 57.89
CA ASN B 307 41.05 68.69 58.48
C ASN B 307 39.78 68.18 57.81
N ALA B 308 39.18 67.15 58.41
CA ALA B 308 37.95 66.60 57.87
C ALA B 308 36.83 67.62 57.92
N ARG B 309 35.83 67.45 57.04
CA ARG B 309 34.67 68.33 56.92
C ARG B 309 35.06 69.68 56.32
N GLN B 310 36.35 69.89 56.07
CA GLN B 310 36.82 71.05 55.34
C GLN B 310 37.31 70.69 53.95
N ILE B 311 38.22 69.72 53.83
CA ILE B 311 38.69 69.29 52.52
C ILE B 311 37.52 68.76 51.70
N ARG B 312 36.61 67.99 52.32
CA ARG B 312 35.43 67.52 51.62
C ARG B 312 34.59 68.68 51.10
N VAL B 313 34.67 69.85 51.73
CA VAL B 313 34.05 71.04 51.17
C VAL B 313 34.93 71.63 50.07
N TRP B 314 36.23 71.76 50.34
CA TRP B 314 37.14 72.40 49.40
C TRP B 314 37.18 71.67 48.07
N ARG B 315 36.97 70.36 48.08
CA ARG B 315 36.94 69.56 46.86
C ARG B 315 35.67 69.76 46.05
N GLN B 316 34.55 70.10 46.69
CA GLN B 316 33.27 70.08 46.01
C GLN B 316 32.71 71.46 45.70
N GLU B 317 32.86 72.43 46.59
CA GLU B 317 32.33 73.77 46.37
C GLU B 317 33.34 74.73 45.77
N THR B 318 34.62 74.36 45.73
CA THR B 318 35.65 75.29 45.25
C THR B 318 36.55 74.69 44.19
N ALA B 319 36.86 73.41 44.26
CA ALA B 319 37.88 72.79 43.44
C ALA B 319 37.38 71.48 42.82
N GLY B 320 36.21 71.54 42.17
CA GLY B 320 35.64 70.34 41.59
C GLY B 320 36.58 69.64 40.63
N TYR B 321 37.23 70.41 39.76
CA TYR B 321 38.35 69.92 38.96
C TYR B 321 37.96 68.80 37.99
N ASP B 322 37.64 67.62 38.54
CA ASP B 322 37.45 66.38 37.80
C ASP B 322 38.46 66.24 36.67
N SER B 323 37.98 66.11 35.43
CA SER B 323 38.75 66.07 34.18
C SER B 323 39.50 64.74 33.99
N LYS B 324 39.43 63.82 34.95
CA LYS B 324 39.96 62.45 34.84
C LYS B 324 41.46 62.39 34.62
N TYR B 325 42.15 63.53 34.61
CA TYR B 325 43.58 63.59 34.32
C TYR B 325 44.37 64.14 35.51
N ALA B 326 44.02 63.72 36.72
CA ALA B 326 44.70 64.23 37.90
C ALA B 326 44.59 63.23 39.04
N ALA B 327 45.44 63.42 40.04
CA ALA B 327 45.39 62.65 41.27
C ALA B 327 45.76 63.56 42.43
N LEU B 328 44.90 63.63 43.45
CA LEU B 328 45.07 64.54 44.57
C LEU B 328 45.50 63.75 45.79
N TYR B 329 46.52 64.24 46.49
CA TYR B 329 47.04 63.60 47.69
C TYR B 329 46.89 64.56 48.87
N TYR B 330 46.06 64.17 49.84
CA TYR B 330 45.60 65.07 50.90
C TYR B 330 46.68 65.45 51.92
N PRO B 331 47.21 64.51 52.71
CA PRO B 331 48.00 64.93 53.87
C PRO B 331 49.43 65.32 53.51
N TRP B 332 49.95 66.32 54.23
CA TRP B 332 51.31 66.77 54.04
C TRP B 332 52.28 65.91 54.82
N ILE B 333 53.56 65.98 54.45
CA ILE B 333 54.60 65.13 55.02
C ILE B 333 55.63 66.00 55.72
N LYS B 334 55.94 65.66 56.96
CA LYS B 334 56.98 66.35 57.71
C LYS B 334 58.32 65.67 57.42
N SER B 335 59.30 66.46 56.96
CA SER B 335 60.58 65.95 56.54
C SER B 335 61.71 66.78 57.15
N PHE B 336 62.91 66.21 57.11
CA PHE B 336 64.09 66.83 57.69
C PHE B 336 64.76 67.77 56.72
N ASP B 337 65.43 68.79 57.26
CA ASP B 337 66.19 69.76 56.48
C ASP B 337 67.58 69.86 57.07
N PRO B 338 68.63 69.51 56.31
CA PRO B 338 69.99 69.58 56.86
C PRO B 338 70.58 70.98 56.89
N ALA B 339 70.01 71.92 56.13
CA ALA B 339 70.52 73.30 56.17
C ALA B 339 70.38 73.89 57.56
N THR B 340 69.22 73.68 58.19
CA THR B 340 69.03 74.01 59.60
C THR B 340 68.95 72.77 60.48
N GLY B 341 68.92 71.57 59.89
CA GLY B 341 68.79 70.36 60.68
C GLY B 341 67.50 70.28 61.46
N GLN B 342 66.38 70.66 60.84
CA GLN B 342 65.13 70.76 61.56
C GLN B 342 64.02 70.13 60.72
N SER B 343 62.94 69.73 61.39
CA SER B 343 61.80 69.12 60.73
C SER B 343 60.78 70.18 60.34
N ARG B 344 60.25 70.07 59.12
CA ARG B 344 59.26 71.01 58.64
C ARG B 344 58.36 70.32 57.62
N LEU B 345 57.19 70.90 57.41
CA LEU B 345 56.15 70.30 56.58
C LEU B 345 56.35 70.67 55.11
N VAL B 346 56.19 69.67 54.24
CA VAL B 346 56.22 69.88 52.79
C VAL B 346 55.10 69.10 52.14
N PRO B 347 54.61 69.58 51.00
CA PRO B 347 53.56 68.86 50.29
C PRO B 347 54.09 67.56 49.71
N PRO B 348 53.23 66.56 49.51
CA PRO B 348 53.65 65.28 48.91
C PRO B 348 53.58 65.30 47.38
N SER B 349 54.56 65.98 46.77
CA SER B 349 54.58 66.14 45.31
C SER B 349 55.60 65.23 44.66
N GLY B 350 56.86 65.28 45.10
CA GLY B 350 57.88 64.45 44.48
C GLY B 350 57.87 63.01 44.96
N HIS B 351 57.42 62.78 46.19
CA HIS B 351 57.43 61.42 46.73
C HIS B 351 56.49 60.50 45.97
N VAL B 352 55.31 61.00 45.60
CA VAL B 352 54.37 60.17 44.86
C VAL B 352 54.89 59.88 43.45
N ALA B 353 55.57 60.86 42.84
CA ALA B 353 56.18 60.62 41.54
C ALA B 353 57.27 59.57 41.63
N GLY B 354 58.09 59.64 42.69
CA GLY B 354 59.11 58.62 42.88
C GLY B 354 58.51 57.24 43.11
N ILE B 355 57.40 57.18 43.86
CA ILE B 355 56.72 55.90 44.07
C ILE B 355 56.18 55.35 42.77
N TRP B 356 55.62 56.23 41.94
CA TRP B 356 55.13 55.79 40.62
C TRP B 356 56.27 55.25 39.76
N ALA B 357 57.40 55.94 39.75
CA ALA B 357 58.55 55.47 38.98
C ALA B 357 59.06 54.13 39.49
N ARG B 358 59.11 53.97 40.83
CA ARG B 358 59.56 52.71 41.41
C ARG B 358 58.61 51.58 41.04
N ASN B 359 57.30 51.83 41.09
CA ASN B 359 56.33 50.80 40.72
C ASN B 359 56.44 50.45 39.23
N ASP B 360 56.65 51.45 38.39
CA ASP B 360 56.80 51.18 36.96
C ASP B 360 58.09 50.47 36.64
N SER B 361 59.12 50.63 37.47
CA SER B 361 60.39 49.96 37.22
C SER B 361 60.39 48.53 37.74
N GLU B 362 60.03 48.34 39.01
CA GLU B 362 60.05 46.99 39.59
C GLU B 362 59.03 46.08 38.93
N ARG B 363 57.78 46.54 38.84
CA ARG B 363 56.70 45.78 38.23
C ARG B 363 56.20 46.52 36.98
N GLY B 364 55.19 45.94 36.35
CA GLY B 364 54.61 46.56 35.18
C GLY B 364 53.79 47.80 35.53
N VAL B 365 53.49 48.58 34.50
CA VAL B 365 52.68 49.78 34.68
C VAL B 365 51.24 49.47 35.04
N HIS B 366 50.80 48.22 34.88
CA HIS B 366 49.43 47.84 35.20
C HIS B 366 49.19 47.66 36.69
N LYS B 367 50.25 47.68 37.51
CA LYS B 367 50.10 47.53 38.96
C LYS B 367 49.80 48.88 39.58
N ALA B 368 48.71 48.95 40.33
CA ALA B 368 48.29 50.19 40.96
C ALA B 368 49.19 50.51 42.15
N PRO B 369 49.79 51.70 42.20
CA PRO B 369 50.62 52.07 43.36
C PRO B 369 49.78 52.34 44.59
N ALA B 370 49.17 51.31 45.15
CA ALA B 370 48.25 51.45 46.27
C ALA B 370 48.90 51.22 47.63
N ASN B 371 49.89 50.32 47.72
CA ASN B 371 50.53 49.97 48.98
C ASN B 371 52.03 50.15 48.81
N GLU B 372 52.52 51.38 49.03
CA GLU B 372 53.93 51.68 48.96
C GLU B 372 54.32 52.56 50.15
N VAL B 373 55.54 52.35 50.63
CA VAL B 373 56.04 53.10 51.82
C VAL B 373 56.68 54.41 51.37
N VAL B 374 56.26 55.54 51.96
CA VAL B 374 56.84 56.87 51.61
C VAL B 374 58.19 56.98 52.32
N ARG B 375 59.23 56.37 51.74
CA ARG B 375 60.58 56.37 52.33
C ARG B 375 61.08 57.80 52.45
N GLY B 376 61.49 58.22 53.65
CA GLY B 376 62.08 59.57 53.81
C GLY B 376 61.35 60.44 54.81
N ALA B 377 60.06 60.19 55.07
CA ALA B 377 59.27 61.06 55.97
C ALA B 377 59.53 60.70 57.43
N VAL B 378 58.87 61.42 58.34
CA VAL B 378 59.02 61.13 59.79
C VAL B 378 57.63 61.18 60.44
N ASP B 379 56.78 62.14 60.08
CA ASP B 379 55.48 62.29 60.73
C ASP B 379 54.45 62.72 59.69
N LEU B 380 53.22 62.96 60.17
CA LEU B 380 52.15 63.42 59.31
C LEU B 380 51.35 64.59 59.88
N GLU B 381 51.41 64.84 61.18
CA GLU B 381 50.69 65.92 61.85
C GLU B 381 49.18 65.79 61.70
N LEU B 382 48.69 64.58 61.43
CA LEU B 382 47.27 64.32 61.31
C LEU B 382 47.05 62.81 61.29
N GLN B 383 45.93 62.37 61.85
CA GLN B 383 45.58 60.96 61.92
C GLN B 383 44.18 60.74 61.37
N ILE B 384 44.01 59.67 60.59
CA ILE B 384 42.74 59.35 59.96
C ILE B 384 42.27 58.00 60.48
N THR B 385 41.01 57.94 60.93
CA THR B 385 40.41 56.70 61.39
C THR B 385 39.76 55.99 60.20
N ARG B 386 39.01 54.92 60.49
CA ARG B 386 38.33 54.16 59.41
C ARG B 386 37.15 54.99 58.88
N GLY B 387 36.38 55.61 59.77
CA GLY B 387 35.21 56.35 59.35
C GLY B 387 35.55 57.54 58.47
N GLU B 388 36.59 58.29 58.84
CA GLU B 388 36.99 59.44 58.03
C GLU B 388 37.47 59.00 56.66
N GLN B 389 38.22 57.90 56.59
CA GLN B 389 38.61 57.36 55.30
C GLN B 389 37.41 56.91 54.49
N ASP B 390 36.43 56.26 55.14
CA ASP B 390 35.20 55.87 54.47
C ASP B 390 34.38 57.06 54.00
N LEU B 391 34.60 58.24 54.58
CA LEU B 391 33.97 59.46 54.09
C LEU B 391 34.73 60.10 52.93
N LEU B 392 36.04 59.85 52.85
CA LEU B 392 36.86 60.41 51.78
C LEU B 392 37.05 59.47 50.60
N ASN B 393 36.87 58.17 50.81
CA ASN B 393 37.03 57.21 49.72
C ASN B 393 36.05 57.41 48.57
N PRO B 394 34.74 57.65 48.79
CA PRO B 394 33.84 57.81 47.64
C PRO B 394 34.23 58.93 46.70
N ILE B 395 34.86 59.98 47.21
CA ILE B 395 35.37 61.06 46.37
C ILE B 395 36.83 60.77 46.05
N GLY B 396 37.34 61.42 45.02
CA GLY B 396 38.68 61.14 44.54
C GLY B 396 39.80 61.69 45.41
N VAL B 397 39.76 61.38 46.71
CA VAL B 397 40.77 61.84 47.66
C VAL B 397 41.49 60.61 48.18
N ASN B 398 42.79 60.51 47.88
CA ASN B 398 43.61 59.43 48.41
C ASN B 398 44.07 59.79 49.81
N CYS B 399 44.86 58.90 50.42
CA CYS B 399 45.29 59.11 51.79
C CYS B 399 46.69 58.55 52.00
N ILE B 400 47.36 59.04 53.03
CA ILE B 400 48.63 58.52 53.50
C ILE B 400 48.42 58.12 54.95
N ARG B 401 48.43 56.82 55.21
CA ARG B 401 47.99 56.28 56.49
C ARG B 401 49.16 55.69 57.26
N SER B 402 49.12 55.83 58.58
CA SER B 402 50.10 55.25 59.48
C SER B 402 49.53 54.00 60.12
N PHE B 403 50.23 52.88 59.94
CA PHE B 403 49.80 51.59 60.45
C PHE B 403 50.73 51.14 61.57
N PRO B 404 50.18 50.66 62.69
CA PRO B 404 51.03 50.29 63.83
C PRO B 404 51.77 48.98 63.60
N GLY B 405 52.92 49.06 62.95
CA GLY B 405 53.72 47.89 62.66
C GLY B 405 54.20 47.87 61.22
N ARG B 406 53.65 48.76 60.40
CA ARG B 406 54.04 48.91 59.01
C ARG B 406 54.41 50.32 58.61
N GLY B 407 54.15 51.33 59.45
CA GLY B 407 54.62 52.67 59.18
C GLY B 407 53.72 53.47 58.27
N ILE B 408 54.31 54.39 57.51
CA ILE B 408 53.56 55.30 56.66
C ILE B 408 53.44 54.68 55.26
N ARG B 409 52.21 54.56 54.77
CA ARG B 409 51.95 53.93 53.48
C ARG B 409 50.90 54.70 52.72
N VAL B 410 50.98 54.63 51.38
CA VAL B 410 49.92 55.19 50.54
C VAL B 410 48.66 54.35 50.67
N TRP B 411 47.52 54.95 50.35
CA TRP B 411 46.25 54.25 50.51
C TRP B 411 45.20 54.88 49.61
N GLY B 412 44.62 54.09 48.71
CA GLY B 412 43.42 54.45 47.98
C GLY B 412 43.53 54.40 46.47
N ALA B 413 44.63 54.91 45.91
CA ALA B 413 44.94 54.82 44.48
C ALA B 413 43.73 55.12 43.60
N ARG B 414 43.23 56.35 43.69
CA ARG B 414 42.10 56.79 42.90
C ARG B 414 42.42 58.12 42.22
N THR B 415 41.47 58.61 41.42
CA THR B 415 41.64 59.82 40.64
C THR B 415 40.39 60.69 40.73
N LEU B 416 40.47 61.87 40.14
CA LEU B 416 39.36 62.83 40.12
C LEU B 416 38.59 62.64 38.82
N SER B 417 37.52 61.85 38.88
CA SER B 417 36.69 61.62 37.70
C SER B 417 35.31 61.17 38.14
N SER B 418 34.28 61.93 37.76
CA SER B 418 32.91 61.53 38.08
C SER B 418 32.48 60.32 37.25
N ASP B 419 32.96 60.23 36.02
CA ASP B 419 32.60 59.13 35.14
C ASP B 419 33.15 57.82 35.71
N PRO B 420 32.30 56.81 35.94
CA PRO B 420 32.80 55.54 36.48
C PRO B 420 33.71 54.75 35.54
N ALA B 421 33.91 55.22 34.31
CA ALA B 421 34.75 54.49 33.36
C ALA B 421 36.23 54.60 33.70
N TRP B 422 36.65 55.73 34.26
CA TRP B 422 38.06 55.96 34.55
C TRP B 422 38.28 56.19 36.04
N ARG B 423 37.69 55.34 36.88
CA ARG B 423 37.82 55.50 38.33
C ARG B 423 39.26 55.31 38.78
N TYR B 424 39.96 54.33 38.21
CA TYR B 424 41.27 53.93 38.70
C TYR B 424 42.39 54.52 37.86
N LEU B 425 43.55 54.72 38.51
CA LEU B 425 44.69 55.33 37.85
C LEU B 425 45.39 54.36 36.91
N ASN B 426 45.48 53.09 37.29
CA ASN B 426 46.25 52.13 36.50
C ASN B 426 45.64 51.92 35.12
N ILE B 427 44.31 51.95 35.02
CA ILE B 427 43.66 51.82 33.72
C ILE B 427 44.06 52.98 32.81
N ARG B 428 44.04 54.20 33.35
CA ARG B 428 44.43 55.36 32.57
C ARG B 428 45.88 55.29 32.13
N ARG B 429 46.78 54.87 33.04
CA ARG B 429 48.19 54.77 32.69
C ARG B 429 48.42 53.73 31.61
N TYR B 430 47.77 52.56 31.72
CA TYR B 430 47.93 51.52 30.72
C TYR B 430 47.37 51.96 29.37
N PHE B 431 46.23 52.64 29.38
CA PHE B 431 45.66 53.13 28.12
C PHE B 431 46.57 54.16 27.47
N ASN B 432 47.15 55.06 28.27
CA ASN B 432 48.09 56.03 27.72
C ASN B 432 49.31 55.33 27.11
N TYR B 433 49.83 54.32 27.81
CA TYR B 433 50.98 53.58 27.29
C TYR B 433 50.65 52.91 25.96
N LEU B 434 49.49 52.24 25.91
CA LEU B 434 49.09 51.55 24.67
C LEU B 434 48.89 52.54 23.53
N GLU B 435 48.23 53.67 23.81
CA GLU B 435 47.99 54.66 22.76
C GLU B 435 49.29 55.24 22.24
N GLU B 436 50.23 55.54 23.14
CA GLU B 436 51.51 56.08 22.70
C GLU B 436 52.27 55.07 21.86
N SER B 437 52.31 53.81 22.29
CA SER B 437 53.02 52.78 21.54
C SER B 437 52.41 52.60 20.15
N ILE B 438 51.08 52.55 20.08
CA ILE B 438 50.41 52.35 18.80
C ILE B 438 50.67 53.54 17.87
N LEU B 439 50.57 54.76 18.41
CA LEU B 439 50.79 55.94 17.58
C LEU B 439 52.22 56.00 17.07
N ILE B 440 53.20 55.65 17.90
CA ILE B 440 54.59 55.71 17.46
C ILE B 440 54.91 54.62 16.44
N GLY B 441 54.45 53.40 16.65
CA GLY B 441 54.87 52.29 15.81
C GLY B 441 53.89 51.85 14.73
N THR B 442 53.25 52.80 14.05
CA THR B 442 52.27 52.46 13.03
C THR B 442 52.38 53.33 11.79
N GLN B 443 53.25 54.34 11.78
CA GLN B 443 53.23 55.36 10.75
C GLN B 443 53.50 54.82 9.35
N TRP B 444 54.05 53.60 9.22
CA TRP B 444 54.37 53.07 7.90
C TRP B 444 53.15 52.66 7.10
N VAL B 445 51.95 52.62 7.72
CA VAL B 445 50.76 52.11 7.05
C VAL B 445 50.13 53.13 6.11
N VAL B 446 50.45 54.41 6.25
CA VAL B 446 49.83 55.45 5.43
C VAL B 446 50.32 55.33 3.99
N PHE B 447 49.41 55.64 3.06
CA PHE B 447 49.68 55.63 1.62
C PHE B 447 50.13 54.24 1.16
N GLU B 448 49.20 53.30 1.27
CA GLU B 448 49.38 51.92 0.89
C GLU B 448 48.30 51.50 -0.10
N PRO B 449 48.54 50.44 -0.88
CA PRO B 449 47.55 50.04 -1.91
C PRO B 449 46.18 49.71 -1.35
N ASN B 450 46.06 49.42 -0.05
CA ASN B 450 44.78 49.19 0.62
C ASN B 450 44.05 47.98 0.03
N ASP B 451 44.71 46.83 0.14
CA ASP B 451 44.12 45.56 -0.24
C ASP B 451 44.05 44.67 1.00
N HIS B 452 43.52 43.46 0.85
CA HIS B 452 43.39 42.55 1.98
C HIS B 452 44.72 42.09 2.56
N ASN B 453 45.80 42.17 1.78
CA ASN B 453 47.13 41.87 2.32
C ASN B 453 47.49 42.85 3.43
N LEU B 454 47.18 44.13 3.23
CA LEU B 454 47.43 45.13 4.27
C LEU B 454 46.63 44.83 5.53
N TRP B 455 45.37 44.42 5.36
CA TRP B 455 44.55 44.06 6.50
C TRP B 455 45.14 42.88 7.25
N ALA B 456 45.61 41.86 6.52
CA ALA B 456 46.22 40.71 7.16
C ALA B 456 47.48 41.10 7.92
N ARG B 457 48.32 41.95 7.33
CA ARG B 457 49.54 42.38 8.00
C ARG B 457 49.22 43.16 9.28
N ILE B 458 48.26 44.08 9.21
CA ILE B 458 47.90 44.87 10.39
C ILE B 458 47.35 43.96 11.48
N ARG B 459 46.48 43.03 11.11
CA ARG B 459 45.93 42.10 12.10
C ARG B 459 47.02 41.27 12.74
N ARG B 460 47.97 40.77 11.95
CA ARG B 460 49.06 39.97 12.49
C ARG B 460 49.89 40.77 13.48
N ASN B 461 50.23 42.01 13.12
CA ASN B 461 51.06 42.84 13.99
C ASN B 461 50.35 43.14 15.31
N VAL B 462 49.07 43.55 15.22
CA VAL B 462 48.33 43.88 16.43
C VAL B 462 48.15 42.65 17.31
N SER B 463 47.86 41.49 16.69
CA SER B 463 47.69 40.27 17.46
C SER B 463 48.97 39.87 18.16
N ALA B 464 50.12 40.00 17.48
CA ALA B 464 51.39 39.68 18.11
C ALA B 464 51.66 40.60 19.30
N PHE B 465 51.42 41.90 19.12
CA PHE B 465 51.64 42.83 20.22
C PHE B 465 50.73 42.51 21.41
N LEU B 466 49.46 42.21 21.15
CA LEU B 466 48.53 41.93 22.22
C LEU B 466 48.85 40.62 22.92
N VAL B 467 49.31 39.61 22.17
CA VAL B 467 49.71 38.35 22.78
C VAL B 467 50.92 38.55 23.68
N ASN B 468 51.89 39.34 23.21
CA ASN B 468 53.07 39.62 24.03
C ASN B 468 52.68 40.37 25.30
N GLU B 469 51.74 41.31 25.20
CA GLU B 469 51.28 42.02 26.38
C GLU B 469 50.54 41.10 27.34
N TRP B 470 49.72 40.19 26.80
CA TRP B 470 48.91 39.32 27.64
C TRP B 470 49.74 38.27 28.37
N ARG B 471 50.81 37.78 27.73
CA ARG B 471 51.60 36.72 28.35
C ARG B 471 52.30 37.15 29.63
N ASN B 472 52.37 38.45 29.90
CA ASN B 472 52.94 38.95 31.16
C ASN B 472 51.91 39.07 32.27
N GLY B 473 50.66 38.69 32.02
CA GLY B 473 49.64 38.75 33.04
C GLY B 473 48.99 40.10 33.22
N ALA B 474 49.03 40.96 32.20
CA ALA B 474 48.43 42.29 32.28
C ALA B 474 47.00 42.33 31.76
N LEU B 475 46.44 41.21 31.34
CA LEU B 475 45.07 41.15 30.83
C LEU B 475 44.33 40.00 31.52
N PHE B 476 43.04 40.21 31.74
CA PHE B 476 42.21 39.26 32.49
C PHE B 476 41.62 38.24 31.51
N GLY B 477 42.10 37.01 31.60
CA GLY B 477 41.58 35.93 30.77
C GLY B 477 42.42 34.68 30.82
N GLN B 478 41.76 33.51 30.86
CA GLN B 478 42.50 32.22 30.92
C GLN B 478 43.07 31.88 29.54
N SER B 479 42.42 32.36 28.47
CA SER B 479 42.84 32.08 27.11
C SER B 479 42.95 33.39 26.33
N PRO B 480 43.79 33.42 25.29
CA PRO B 480 43.92 34.64 24.48
C PRO B 480 42.61 35.06 23.83
N ASP B 481 41.73 34.09 23.58
CA ASP B 481 40.45 34.40 22.96
C ASP B 481 39.56 35.22 23.89
N GLN B 482 39.71 35.06 25.20
CA GLN B 482 38.91 35.79 26.17
C GLN B 482 39.57 37.08 26.65
N ALA B 483 40.75 37.41 26.14
CA ALA B 483 41.48 38.59 26.61
C ALA B 483 41.41 39.77 25.65
N TYR B 484 41.30 39.53 24.35
CA TYR B 484 41.30 40.60 23.37
C TYR B 484 40.60 40.13 22.11
N TYR B 485 40.25 41.10 21.26
CA TYR B 485 39.69 40.79 19.95
C TYR B 485 40.03 41.91 18.98
N VAL B 486 40.54 41.52 17.80
CA VAL B 486 40.91 42.46 16.75
C VAL B 486 40.15 42.09 15.49
N LYS B 487 39.46 43.06 14.91
CA LYS B 487 38.62 42.85 13.73
C LYS B 487 39.06 43.78 12.62
N CYS B 488 39.45 43.20 11.47
CA CYS B 488 39.78 43.97 10.28
C CYS B 488 39.55 43.06 9.08
N ASP B 489 38.41 43.24 8.42
CA ASP B 489 38.02 42.39 7.31
C ASP B 489 37.00 43.14 6.45
N GLU B 490 36.34 42.42 5.55
CA GLU B 490 35.36 43.02 4.67
C GLU B 490 34.06 43.37 5.39
N GLU B 491 33.84 42.82 6.59
CA GLU B 491 32.63 43.15 7.32
C GLU B 491 32.68 44.57 7.89
N THR B 492 33.84 45.01 8.37
CA THR B 492 34.00 46.35 8.90
C THR B 492 34.59 47.34 7.89
N ASN B 493 34.85 46.89 6.66
CA ASN B 493 35.40 47.76 5.62
C ASN B 493 34.56 47.59 4.35
N PRO B 494 33.39 48.22 4.30
CA PRO B 494 32.54 48.13 3.11
C PRO B 494 33.17 48.87 1.95
N PRO B 495 32.78 48.55 0.71
CA PRO B 495 33.37 49.25 -0.43
C PRO B 495 33.17 50.75 -0.41
N GLU B 496 32.04 51.24 0.13
CA GLU B 496 31.84 52.67 0.25
C GLU B 496 32.88 53.31 1.16
N SER B 497 33.22 52.65 2.27
CA SER B 497 34.24 53.18 3.16
C SER B 497 35.62 53.14 2.53
N VAL B 498 35.94 52.07 1.81
CA VAL B 498 37.27 51.95 1.22
C VAL B 498 37.40 52.85 0.00
N ASP B 499 36.27 53.34 -0.54
CA ASP B 499 36.33 54.29 -1.64
C ASP B 499 37.05 55.57 -1.21
N LEU B 500 36.78 56.05 -0.01
CA LEU B 500 37.41 57.27 0.50
C LEU B 500 38.81 57.01 1.04
N GLY B 501 39.26 55.77 1.10
CA GLY B 501 40.57 55.45 1.62
C GLY B 501 40.64 55.49 3.13
N ARG B 502 39.91 54.59 3.78
CA ARG B 502 39.84 54.54 5.23
C ARG B 502 40.09 53.13 5.73
N VAL B 503 40.77 53.02 6.86
CA VAL B 503 41.02 51.75 7.54
C VAL B 503 40.57 51.90 8.99
N VAL B 504 39.88 50.89 9.52
CA VAL B 504 39.27 50.95 10.84
C VAL B 504 40.05 50.12 11.87
N CYS B 505 40.15 48.80 11.65
CA CYS B 505 40.91 47.89 12.51
C CYS B 505 40.43 48.00 13.97
N GLU B 506 39.19 47.57 14.18
CA GLU B 506 38.60 47.64 15.51
C GLU B 506 39.38 46.77 16.49
N ILE B 507 39.65 47.32 17.68
CA ILE B 507 40.44 46.65 18.70
C ILE B 507 39.68 46.72 20.03
N GLY B 508 39.61 45.60 20.73
CA GLY B 508 39.00 45.58 22.04
C GLY B 508 39.80 44.74 23.03
N ILE B 509 40.03 45.27 24.23
CA ILE B 509 40.83 44.61 25.24
C ILE B 509 40.06 44.57 26.55
N ALA B 510 40.48 43.66 27.42
CA ALA B 510 39.88 43.51 28.76
C ALA B 510 40.94 43.77 29.82
N PRO B 511 40.92 44.92 30.48
CA PRO B 511 41.95 45.24 31.47
C PRO B 511 41.71 44.53 32.79
N VAL B 512 42.63 44.73 33.72
CA VAL B 512 42.57 44.16 35.07
C VAL B 512 42.41 45.31 36.06
N LYS B 513 41.67 45.06 37.12
CA LYS B 513 41.44 46.07 38.14
C LYS B 513 41.97 45.61 39.49
N PRO B 514 42.45 46.54 40.32
CA PRO B 514 43.01 46.15 41.62
C PRO B 514 41.93 45.66 42.56
N ALA B 515 42.33 44.78 43.49
CA ALA B 515 41.44 44.27 44.51
C ALA B 515 41.54 45.16 45.75
N GLU B 516 40.44 45.82 46.08
CA GLU B 516 40.41 46.78 47.18
C GLU B 516 39.84 46.19 48.46
N PHE B 517 38.69 45.52 48.37
CA PHE B 517 38.03 44.92 49.53
C PHE B 517 38.19 43.41 49.48
N VAL B 518 38.78 42.84 50.52
CA VAL B 518 38.95 41.40 50.66
C VAL B 518 38.02 40.91 51.76
N ILE B 519 37.16 39.96 51.44
CA ILE B 519 36.12 39.48 52.35
C ILE B 519 36.29 37.97 52.54
N PHE B 520 36.30 37.55 53.81
CA PHE B 520 36.23 36.14 54.17
C PHE B 520 34.87 35.86 54.80
N ARG B 521 34.58 34.57 54.97
CA ARG B 521 33.30 34.14 55.52
C ARG B 521 33.42 33.47 56.88
N LEU B 522 34.26 32.44 56.99
CA LEU B 522 34.47 31.71 58.24
C LEU B 522 33.15 31.15 58.78
N ALA B 523 32.54 30.28 57.97
CA ALA B 523 31.29 29.64 58.34
C ALA B 523 31.55 28.27 58.96
N GLN B 524 30.55 27.79 59.70
CA GLN B 524 30.62 26.50 60.38
C GLN B 524 29.65 25.54 59.69
N PHE B 525 30.15 24.39 59.27
CA PHE B 525 29.37 23.43 58.51
C PHE B 525 29.60 22.03 59.05
N SER B 526 28.63 21.15 58.77
CA SER B 526 28.71 19.76 59.21
C SER B 526 29.55 18.94 58.25
N PRO C 2 46.71 -6.72 -57.21
CA PRO C 2 47.45 -7.29 -58.35
C PRO C 2 46.58 -8.18 -59.22
N SER C 3 47.11 -8.58 -60.38
CA SER C 3 46.40 -9.43 -61.32
C SER C 3 46.96 -10.83 -61.27
N TYR C 4 46.08 -11.82 -61.11
CA TYR C 4 46.45 -13.22 -61.07
C TYR C 4 45.80 -13.92 -62.26
N LEU C 5 46.63 -14.42 -63.18
CA LEU C 5 46.13 -15.07 -64.38
C LEU C 5 46.76 -16.42 -64.68
N SER C 6 47.94 -16.72 -64.15
CA SER C 6 48.59 -17.99 -64.40
C SER C 6 49.07 -18.60 -63.09
N PRO C 7 49.08 -19.93 -62.99
CA PRO C 7 49.55 -20.57 -61.76
C PRO C 7 51.03 -20.29 -61.53
N GLY C 8 51.41 -20.23 -60.26
CA GLY C 8 52.78 -19.98 -59.89
C GLY C 8 52.87 -19.41 -58.49
N VAL C 9 54.06 -18.90 -58.18
CA VAL C 9 54.35 -18.29 -56.89
C VAL C 9 54.68 -16.82 -57.11
N TYR C 10 53.98 -15.94 -56.40
CA TYR C 10 54.14 -14.51 -56.51
C TYR C 10 54.61 -13.94 -55.18
N VAL C 11 55.63 -13.07 -55.24
CA VAL C 11 56.18 -12.43 -54.06
C VAL C 11 55.96 -10.93 -54.21
N GLU C 12 55.25 -10.33 -53.24
CA GLU C 12 54.96 -8.91 -53.25
C GLU C 12 55.26 -8.32 -51.88
N GLU C 13 55.59 -7.03 -51.86
CA GLU C 13 55.96 -6.32 -50.63
C GLU C 13 54.85 -5.32 -50.30
N VAL C 14 54.33 -5.41 -49.08
CA VAL C 14 53.33 -4.45 -48.64
C VAL C 14 54.02 -3.18 -48.14
N ALA C 15 53.51 -2.03 -48.62
CA ALA C 15 54.12 -0.73 -48.33
C ALA C 15 54.00 -0.35 -46.86
N SER C 16 53.16 -1.06 -46.09
CA SER C 16 52.99 -0.76 -44.67
C SER C 16 54.30 -0.93 -43.91
N GLY C 17 54.79 0.14 -43.32
CA GLY C 17 56.04 0.11 -42.59
C GLY C 17 56.35 1.46 -41.97
N SER C 18 57.63 1.77 -41.89
CA SER C 18 58.10 3.03 -41.31
C SER C 18 58.92 3.78 -42.35
N ARG C 19 58.67 5.09 -42.44
CA ARG C 19 59.38 5.98 -43.37
C ARG C 19 59.87 7.18 -42.58
N PRO C 20 61.03 7.07 -41.94
CA PRO C 20 61.52 8.16 -41.08
C PRO C 20 61.83 9.42 -41.88
N ILE C 21 61.69 10.57 -41.21
CA ILE C 21 61.96 11.87 -41.80
C ILE C 21 63.18 12.45 -41.12
N GLU C 22 64.16 12.89 -41.90
CA GLU C 22 65.41 13.43 -41.40
C GLU C 22 65.42 14.95 -41.49
N GLY C 23 66.30 15.56 -40.69
CA GLY C 23 66.46 16.99 -40.68
C GLY C 23 67.34 17.50 -41.81
N VAL C 24 67.60 18.80 -41.77
CA VAL C 24 68.42 19.47 -42.79
C VAL C 24 69.47 20.30 -42.09
N GLY C 25 70.56 20.57 -42.81
CA GLY C 25 71.64 21.37 -42.27
C GLY C 25 71.36 22.86 -42.41
N THR C 26 71.51 23.59 -41.31
CA THR C 26 71.22 25.02 -41.29
C THR C 26 72.46 25.83 -40.91
N SER C 27 73.60 25.48 -41.48
CA SER C 27 74.86 26.15 -41.17
C SER C 27 75.60 26.55 -42.45
N VAL C 28 74.87 27.13 -43.39
CA VAL C 28 75.44 27.61 -44.65
C VAL C 28 75.05 29.07 -44.81
N ALA C 29 76.04 29.91 -45.14
CA ALA C 29 75.82 31.33 -45.34
C ALA C 29 76.41 31.77 -46.67
N ALA C 30 75.78 32.76 -47.28
CA ALA C 30 76.20 33.27 -48.58
C ALA C 30 76.54 34.75 -48.46
N PHE C 31 77.79 35.09 -48.79
CA PHE C 31 78.28 36.46 -48.69
C PHE C 31 78.44 37.03 -50.10
N VAL C 32 77.91 38.24 -50.30
CA VAL C 32 78.01 38.95 -51.57
C VAL C 32 78.88 40.19 -51.34
N GLY C 33 79.93 40.33 -52.14
CA GLY C 33 80.82 41.45 -51.94
C GLY C 33 81.75 41.62 -53.13
N LEU C 34 82.73 42.51 -52.95
CA LEU C 34 83.73 42.79 -53.96
C LEU C 34 85.09 42.27 -53.53
N ALA C 35 85.83 41.71 -54.48
CA ALA C 35 87.14 41.13 -54.25
C ALA C 35 88.10 41.60 -55.32
N PRO C 36 89.41 41.63 -55.04
CA PRO C 36 90.36 42.12 -56.06
C PRO C 36 90.38 41.26 -57.32
N THR C 37 90.61 39.95 -57.19
CA THR C 37 90.66 39.05 -58.32
C THR C 37 89.93 37.75 -57.98
N GLY C 38 89.42 37.10 -59.02
CA GLY C 38 88.72 35.84 -58.85
C GLY C 38 87.59 35.67 -59.85
N PRO C 39 86.84 34.58 -59.72
CA PRO C 39 85.69 34.36 -60.61
C PRO C 39 84.65 35.47 -60.44
N LEU C 40 84.00 35.80 -61.54
CA LEU C 40 83.04 36.90 -61.59
C LEU C 40 81.62 36.35 -61.74
N ASN C 41 80.71 36.79 -60.87
CA ASN C 41 79.30 36.43 -60.93
C ASN C 41 79.10 34.91 -60.88
N GLU C 42 79.89 34.24 -60.05
CA GLU C 42 79.78 32.80 -59.86
C GLU C 42 79.74 32.50 -58.37
N PRO C 43 78.72 31.80 -57.89
CA PRO C 43 78.65 31.50 -56.45
C PRO C 43 79.62 30.40 -56.03
N THR C 44 80.87 30.77 -55.79
CA THR C 44 81.88 29.78 -55.43
C THR C 44 81.61 29.22 -54.03
N LEU C 45 82.08 28.01 -53.79
CA LEU C 45 81.92 27.34 -52.50
C LEU C 45 83.27 27.27 -51.80
N VAL C 46 83.31 27.72 -50.55
CA VAL C 46 84.53 27.74 -49.76
C VAL C 46 84.27 27.01 -48.44
N THR C 47 85.27 26.28 -47.96
CA THR C 47 85.13 25.57 -46.68
C THR C 47 86.35 25.73 -45.79
N ASN C 48 87.35 26.51 -46.21
CA ASN C 48 88.55 26.74 -45.42
C ASN C 48 89.25 27.95 -46.01
N TRP C 49 89.98 28.69 -45.17
CA TRP C 49 90.63 29.95 -45.64
C TRP C 49 91.57 29.66 -46.81
N THR C 50 92.28 28.54 -46.80
CA THR C 50 93.25 28.30 -47.86
C THR C 50 92.58 28.38 -49.23
N GLN C 51 91.38 27.83 -49.35
CA GLN C 51 90.64 27.92 -50.60
C GLN C 51 90.34 29.37 -50.97
N TYR C 52 89.91 30.16 -49.97
CA TYR C 52 89.62 31.57 -50.23
C TYR C 52 90.89 32.31 -50.64
N VAL C 53 92.02 32.02 -49.99
CA VAL C 53 93.27 32.67 -50.36
C VAL C 53 93.65 32.31 -51.78
N ALA C 54 93.53 31.03 -52.15
CA ALA C 54 93.89 30.59 -53.49
C ALA C 54 92.95 31.14 -54.56
N ALA C 55 91.68 31.42 -54.21
CA ALA C 55 90.71 31.85 -55.21
C ALA C 55 90.61 33.36 -55.32
N PHE C 56 90.24 34.04 -54.22
CA PHE C 56 89.91 35.45 -54.25
C PHE C 56 90.97 36.35 -53.64
N GLY C 57 92.16 35.83 -53.37
CA GLY C 57 93.19 36.63 -52.73
C GLY C 57 92.95 36.81 -51.25
N ASP C 58 93.74 37.69 -50.64
CA ASP C 58 93.64 37.91 -49.19
C ASP C 58 94.26 39.27 -48.86
N PHE C 59 93.42 40.18 -48.36
CA PHE C 59 93.86 41.42 -47.72
C PHE C 59 94.80 42.25 -48.60
N THR C 60 94.32 42.72 -49.74
CA THR C 60 95.12 43.58 -50.60
C THR C 60 94.39 44.81 -51.13
N GLY C 61 93.07 44.84 -51.10
CA GLY C 61 92.33 45.98 -51.64
C GLY C 61 91.61 46.80 -50.61
N GLY C 62 91.72 46.41 -49.35
CA GLY C 62 91.02 47.11 -48.28
C GLY C 62 89.52 47.00 -48.36
N TYR C 63 89.00 45.82 -48.65
CA TYR C 63 87.56 45.58 -48.75
C TYR C 63 87.07 44.83 -47.52
N TYR C 64 85.75 44.83 -47.34
CA TYR C 64 85.13 44.22 -46.17
C TYR C 64 84.76 42.76 -46.36
N LEU C 65 84.97 42.21 -47.56
CA LEU C 65 84.64 40.80 -47.78
C LEU C 65 85.63 39.88 -47.08
N ALA C 66 86.93 40.18 -47.19
CA ALA C 66 87.94 39.35 -46.56
C ALA C 66 87.80 39.34 -45.04
N HIS C 67 87.57 40.51 -44.45
CA HIS C 67 87.39 40.59 -43.01
C HIS C 67 86.17 39.79 -42.55
N SER C 68 85.07 39.90 -43.29
CA SER C 68 83.86 39.18 -42.92
C SER C 68 84.05 37.67 -43.04
N VAL C 69 84.73 37.22 -44.10
CA VAL C 69 84.98 35.79 -44.27
C VAL C 69 85.89 35.27 -43.16
N TYR C 70 86.94 36.03 -42.83
CA TYR C 70 87.84 35.62 -41.76
C TYR C 70 87.12 35.55 -40.43
N GLY C 71 86.25 36.52 -40.14
CA GLY C 71 85.47 36.47 -38.92
C GLY C 71 84.50 35.31 -38.89
N PHE C 72 83.88 35.01 -40.03
CA PHE C 72 82.95 33.87 -40.10
C PHE C 72 83.68 32.56 -39.83
N PHE C 73 84.87 32.39 -40.41
CA PHE C 73 85.64 31.18 -40.16
C PHE C 73 86.28 31.17 -38.78
N ASN C 74 86.42 32.33 -38.14
CA ASN C 74 86.98 32.39 -36.79
C ASN C 74 85.99 31.94 -35.74
N ASN C 75 84.69 32.09 -35.99
CA ASN C 75 83.65 31.77 -35.02
C ASN C 75 83.07 30.38 -35.22
N GLY C 76 83.76 29.51 -35.95
CA GLY C 76 83.31 28.15 -36.11
C GLY C 76 82.44 27.86 -37.31
N GLY C 77 82.64 28.60 -38.41
CA GLY C 77 81.89 28.33 -39.61
C GLY C 77 82.26 27.00 -40.25
N SER C 78 81.34 26.47 -41.05
CA SER C 78 81.51 25.17 -41.68
C SER C 78 81.68 25.28 -43.19
N ALA C 79 80.72 25.92 -43.89
CA ALA C 79 80.77 26.05 -45.32
C ALA C 79 80.11 27.36 -45.72
N ALA C 80 80.66 28.01 -46.74
CA ALA C 80 80.17 29.31 -47.16
C ALA C 80 80.12 29.40 -48.68
N TYR C 81 79.25 30.28 -49.16
CA TYR C 81 79.17 30.64 -50.56
C TYR C 81 79.62 32.07 -50.74
N VAL C 82 80.36 32.34 -51.82
CA VAL C 82 80.94 33.64 -52.08
C VAL C 82 80.49 34.11 -53.46
N VAL C 83 80.00 35.35 -53.52
CA VAL C 83 79.66 36.00 -54.79
C VAL C 83 80.45 37.28 -54.88
N ARG C 84 81.15 37.47 -56.00
CA ARG C 84 82.00 38.64 -56.23
C ARG C 84 81.36 39.49 -57.33
N VAL C 85 80.77 40.61 -56.94
CA VAL C 85 80.12 41.49 -57.90
C VAL C 85 81.16 42.19 -58.77
N GLY C 86 82.22 42.69 -58.16
CA GLY C 86 83.25 43.40 -58.88
C GLY C 86 84.50 43.57 -58.06
N GLY C 87 85.36 44.48 -58.51
CA GLY C 87 86.59 44.75 -57.80
C GLY C 87 87.60 45.42 -58.73
N SER C 88 88.83 45.51 -58.24
CA SER C 88 89.92 46.12 -58.99
C SER C 88 91.23 45.56 -58.47
N ALA C 89 92.28 45.71 -59.27
CA ALA C 89 93.62 45.26 -58.93
C ALA C 89 94.63 46.37 -59.13
N GLU C 90 94.23 47.60 -58.83
CA GLU C 90 95.11 48.76 -59.00
C GLU C 90 95.42 49.40 -57.66
N GLY C 249 73.44 38.78 -57.56
CA GLY C 249 73.93 37.42 -57.71
C GLY C 249 72.81 36.41 -57.89
N GLY C 250 73.15 35.25 -58.44
CA GLY C 250 72.17 34.21 -58.67
C GLY C 250 72.05 33.24 -57.52
N LEU C 251 71.62 33.74 -56.36
CA LEU C 251 71.47 32.90 -55.17
C LEU C 251 70.16 32.13 -55.16
N GLU C 252 69.27 32.35 -56.13
CA GLU C 252 68.00 31.64 -56.16
C GLU C 252 68.14 30.20 -56.63
N ALA C 253 69.25 29.85 -57.29
CA ALA C 253 69.46 28.50 -57.76
C ALA C 253 70.02 27.58 -56.69
N ILE C 254 70.43 28.11 -55.54
CA ILE C 254 71.00 27.31 -54.46
C ILE C 254 69.89 26.98 -53.46
N ASP C 255 70.00 25.82 -52.83
CA ASP C 255 68.98 25.35 -51.89
C ASP C 255 69.47 25.30 -50.46
N GLU C 256 70.73 24.95 -50.22
CA GLU C 256 71.22 24.74 -48.86
C GLU C 256 71.51 26.05 -48.13
N ILE C 257 71.45 27.20 -48.80
CA ILE C 257 71.75 28.46 -48.15
C ILE C 257 70.70 28.74 -47.08
N SER C 258 71.17 29.10 -45.87
CA SER C 258 70.29 29.42 -44.76
C SER C 258 70.31 30.89 -44.36
N MET C 259 71.33 31.64 -44.78
CA MET C 259 71.40 33.06 -44.46
C MET C 259 72.25 33.76 -45.53
N VAL C 260 71.93 35.03 -45.77
CA VAL C 260 72.61 35.81 -46.80
C VAL C 260 73.07 37.13 -46.18
N ALA C 261 74.25 37.58 -46.60
CA ALA C 261 74.82 38.82 -46.10
C ALA C 261 75.52 39.55 -47.23
N VAL C 262 75.57 40.87 -47.11
CA VAL C 262 76.28 41.74 -48.04
C VAL C 262 77.26 42.57 -47.23
N PRO C 263 78.37 41.99 -46.78
CA PRO C 263 79.24 42.71 -45.84
C PRO C 263 79.82 44.00 -46.40
N ASP C 264 80.15 44.04 -47.69
CA ASP C 264 80.80 45.20 -48.28
C ASP C 264 79.73 45.94 -49.07
N LEU C 265 78.97 46.77 -48.37
CA LEU C 265 78.01 47.70 -48.95
C LEU C 265 78.23 49.12 -48.43
N MET C 266 78.62 49.27 -47.17
CA MET C 266 78.89 50.59 -46.62
C MET C 266 80.16 51.20 -47.18
N ALA C 267 81.04 50.39 -47.77
CA ALA C 267 82.26 50.90 -48.38
C ALA C 267 81.94 51.86 -49.52
N ALA C 268 81.01 51.46 -50.40
CA ALA C 268 80.61 52.34 -51.49
C ALA C 268 79.94 53.60 -50.95
N TYR C 269 79.20 53.48 -49.85
CA TYR C 269 78.58 54.65 -49.24
C TYR C 269 79.63 55.59 -48.64
N GLN C 270 80.73 55.04 -48.13
CA GLN C 270 81.72 55.87 -47.46
C GLN C 270 82.53 56.70 -48.45
N ARG C 271 82.97 56.09 -49.54
CA ARG C 271 83.83 56.78 -50.51
C ARG C 271 83.13 57.12 -51.81
N GLY C 272 82.32 56.21 -52.35
CA GLY C 272 81.67 56.45 -53.62
C GLY C 272 80.51 57.42 -53.59
N ALA C 273 80.00 57.74 -52.41
CA ALA C 273 78.87 58.65 -52.24
C ALA C 273 77.66 58.18 -53.06
N ILE C 274 77.18 56.99 -52.71
CA ILE C 274 76.07 56.36 -53.41
C ILE C 274 74.72 56.74 -52.76
N ASP C 275 74.73 57.73 -51.87
CA ASP C 275 73.53 58.22 -51.21
C ASP C 275 72.89 57.14 -50.35
N LEU C 276 71.76 57.47 -49.70
CA LEU C 276 71.06 56.51 -48.87
C LEU C 276 69.94 55.78 -49.60
N GLU C 277 69.41 56.37 -50.67
CA GLU C 277 68.32 55.74 -51.41
C GLU C 277 68.76 54.42 -52.04
N ALA C 278 69.97 54.39 -52.61
CA ALA C 278 70.47 53.16 -53.21
C ALA C 278 70.64 52.07 -52.17
N VAL C 279 71.19 52.42 -51.00
CA VAL C 279 71.37 51.44 -49.93
C VAL C 279 70.02 50.91 -49.45
N LYS C 280 69.05 51.83 -49.28
CA LYS C 280 67.72 51.41 -48.86
C LYS C 280 67.07 50.49 -49.88
N ALA C 281 67.22 50.81 -51.17
CA ALA C 281 66.64 49.97 -52.22
C ALA C 281 67.30 48.59 -52.24
N VAL C 282 68.63 48.54 -52.08
CA VAL C 282 69.32 47.25 -52.08
C VAL C 282 68.88 46.40 -50.89
N GLN C 283 68.79 47.01 -49.71
CA GLN C 283 68.35 46.25 -48.54
C GLN C 283 66.90 45.80 -48.67
N LEU C 284 66.03 46.65 -49.23
CA LEU C 284 64.65 46.24 -49.45
C LEU C 284 64.55 45.09 -50.45
N GLY C 285 65.38 45.13 -51.50
CA GLY C 285 65.40 44.02 -52.44
C GLY C 285 65.86 42.73 -51.81
N LEU C 286 66.89 42.80 -50.96
CA LEU C 286 67.34 41.62 -50.25
C LEU C 286 66.25 41.08 -49.32
N ILE C 287 65.55 41.98 -48.63
CA ILE C 287 64.45 41.57 -47.75
C ILE C 287 63.35 40.89 -48.56
N ALA C 288 63.01 41.45 -49.72
CA ALA C 288 61.98 40.86 -50.56
C ALA C 288 62.40 39.48 -51.08
N HIS C 289 63.67 39.33 -51.46
CA HIS C 289 64.16 38.03 -51.89
C HIS C 289 64.08 37.01 -50.76
N CYS C 290 64.47 37.41 -49.55
CA CYS C 290 64.39 36.51 -48.41
C CYS C 290 62.95 36.10 -48.13
N GLU C 291 62.02 37.07 -48.22
CA GLU C 291 60.59 36.78 -47.99
C GLU C 291 60.12 35.79 -49.06
N LEU C 292 60.46 36.04 -50.32
CA LEU C 292 59.99 35.18 -51.41
C LEU C 292 60.51 33.75 -51.26
N MET C 293 61.79 33.60 -50.90
CA MET C 293 62.35 32.27 -50.74
C MET C 293 61.67 31.51 -49.60
N GLY C 294 61.42 32.20 -48.48
CA GLY C 294 60.75 31.56 -47.36
C GLY C 294 61.60 30.60 -46.58
N ASP C 295 62.92 30.63 -46.76
CA ASP C 295 63.82 29.71 -46.06
C ASP C 295 65.02 30.41 -45.43
N ARG C 296 65.33 31.64 -45.81
CA ARG C 296 66.57 32.30 -45.39
C ARG C 296 66.25 33.50 -44.51
N VAL C 297 67.25 33.93 -43.74
CA VAL C 297 67.11 35.03 -42.79
C VAL C 297 68.20 36.05 -43.09
N ALA C 298 67.84 37.33 -43.09
CA ALA C 298 68.75 38.40 -43.46
C ALA C 298 69.36 39.05 -42.22
N ILE C 299 70.61 39.50 -42.37
CA ILE C 299 71.33 40.20 -41.32
C ILE C 299 71.62 41.62 -41.81
N ILE C 300 71.25 42.60 -41.00
CA ILE C 300 71.33 44.01 -41.39
C ILE C 300 72.20 44.76 -40.40
N ASP C 301 72.88 45.79 -40.90
CA ASP C 301 73.72 46.69 -40.13
C ASP C 301 73.37 48.13 -40.45
N PRO C 302 73.56 49.04 -39.51
CA PRO C 302 73.21 50.45 -39.74
C PRO C 302 74.40 51.22 -40.30
N PRO C 303 74.19 52.46 -40.72
CA PRO C 303 75.33 53.30 -41.14
C PRO C 303 76.31 53.49 -40.00
N PRO C 304 77.59 53.71 -40.31
CA PRO C 304 78.64 53.65 -39.28
C PRO C 304 78.49 54.65 -38.14
N ASN C 305 78.41 55.95 -38.45
CA ASN C 305 78.53 56.97 -37.42
C ASN C 305 77.17 57.43 -36.92
N GLN C 306 76.65 56.75 -35.89
CA GLN C 306 75.42 57.15 -35.25
C GLN C 306 75.52 56.84 -33.75
N ASN C 307 74.64 57.47 -32.98
CA ASN C 307 74.52 57.21 -31.55
C ASN C 307 73.04 57.12 -31.20
N ALA C 308 72.76 57.17 -29.90
CA ALA C 308 71.38 57.11 -29.44
C ALA C 308 70.61 58.33 -29.92
N ARG C 309 69.28 58.19 -30.01
CA ARG C 309 68.37 59.24 -30.46
C ARG C 309 68.52 59.50 -31.96
N GLN C 310 69.46 58.82 -32.61
CA GLN C 310 69.59 58.85 -34.05
C GLN C 310 69.18 57.54 -34.69
N ILE C 311 69.74 56.42 -34.23
CA ILE C 311 69.35 55.12 -34.75
C ILE C 311 67.87 54.87 -34.51
N ARG C 312 67.37 55.23 -33.32
CA ARG C 312 65.95 55.12 -33.02
C ARG C 312 65.11 55.93 -33.99
N VAL C 313 65.67 56.99 -34.58
CA VAL C 313 64.99 57.69 -35.67
C VAL C 313 65.18 56.93 -36.98
N TRP C 314 66.42 56.53 -37.27
CA TRP C 314 66.73 55.89 -38.55
C TRP C 314 65.93 54.60 -38.74
N ARG C 315 65.60 53.92 -37.65
CA ARG C 315 64.81 52.70 -37.71
C ARG C 315 63.33 52.96 -37.99
N GLN C 316 62.81 54.12 -37.60
CA GLN C 316 61.37 54.33 -37.63
C GLN C 316 60.91 55.27 -38.73
N GLU C 317 61.65 56.35 -39.01
CA GLU C 317 61.25 57.29 -40.05
C GLU C 317 61.86 56.98 -41.41
N THR C 318 62.85 56.10 -41.48
CA THR C 318 63.54 55.87 -42.75
C THR C 318 63.63 54.40 -43.12
N ALA C 319 63.77 53.50 -42.16
CA ALA C 319 64.08 52.10 -42.41
C ALA C 319 63.16 51.18 -41.61
N GLY C 320 61.85 51.41 -41.71
CA GLY C 320 60.91 50.61 -40.94
C GLY C 320 61.07 49.12 -41.19
N TYR C 321 61.21 48.72 -42.45
CA TYR C 321 61.63 47.37 -42.82
C TYR C 321 60.64 46.30 -42.39
N ASP C 322 60.54 46.08 -41.07
CA ASP C 322 59.81 44.95 -40.47
C ASP C 322 60.01 43.66 -41.27
N SER C 323 58.91 43.07 -41.74
CA SER C 323 58.85 41.89 -42.61
C SER C 323 59.20 40.59 -41.89
N LYS C 324 59.57 40.64 -40.61
CA LYS C 324 59.77 39.48 -39.74
C LYS C 324 60.88 38.55 -40.21
N TYR C 325 61.58 38.90 -41.29
CA TYR C 325 62.61 38.05 -41.88
C TYR C 325 63.98 38.71 -41.84
N ALA C 326 64.31 39.37 -40.74
CA ALA C 326 65.59 40.07 -40.65
C ALA C 326 66.00 40.20 -39.20
N ALA C 327 67.29 40.50 -39.02
CA ALA C 327 67.83 40.82 -37.70
C ALA C 327 68.90 41.89 -37.86
N LEU C 328 68.75 42.99 -37.11
CA LEU C 328 69.62 44.14 -37.23
C LEU C 328 70.56 44.20 -36.03
N TYR C 329 71.85 44.41 -36.29
CA TYR C 329 72.87 44.50 -35.25
C TYR C 329 73.51 45.87 -35.30
N TYR C 330 73.32 46.65 -34.24
CA TYR C 330 73.64 48.08 -34.21
C TYR C 330 75.14 48.39 -34.21
N PRO C 331 75.90 48.04 -33.18
CA PRO C 331 77.25 48.60 -33.06
C PRO C 331 78.26 47.91 -33.94
N TRP C 332 79.21 48.69 -34.45
CA TRP C 332 80.29 48.18 -35.28
C TRP C 332 81.41 47.64 -34.42
N ILE C 333 82.27 46.81 -35.03
CA ILE C 333 83.33 46.12 -34.32
C ILE C 333 84.67 46.56 -34.87
N LYS C 334 85.58 46.96 -33.98
CA LYS C 334 86.94 47.32 -34.38
C LYS C 334 87.80 46.06 -34.37
N SER C 335 88.44 45.77 -35.50
CA SER C 335 89.21 44.55 -35.68
C SER C 335 90.57 44.87 -36.28
N PHE C 336 91.48 43.90 -36.19
CA PHE C 336 92.84 44.03 -36.64
C PHE C 336 92.97 43.67 -38.12
N ASP C 337 93.94 44.30 -38.78
CA ASP C 337 94.25 44.03 -40.18
C ASP C 337 95.74 43.76 -40.29
N PRO C 338 96.13 42.55 -40.73
CA PRO C 338 97.57 42.25 -40.83
C PRO C 338 98.24 42.83 -42.07
N ALA C 339 97.47 43.23 -43.08
CA ALA C 339 98.07 43.83 -44.27
C ALA C 339 98.80 45.12 -43.90
N THR C 340 98.17 45.96 -43.09
CA THR C 340 98.83 47.11 -42.49
C THR C 340 99.11 46.93 -41.01
N GLY C 341 98.61 45.86 -40.40
CA GLY C 341 98.79 45.66 -38.97
C GLY C 341 98.16 46.75 -38.13
N GLN C 342 96.95 47.16 -38.48
CA GLN C 342 96.31 48.28 -37.80
C GLN C 342 94.86 47.95 -37.50
N SER C 343 94.30 48.65 -36.52
CA SER C 343 92.91 48.44 -36.12
C SER C 343 91.99 49.37 -36.90
N ARG C 344 90.87 48.82 -37.36
CA ARG C 344 89.89 49.60 -38.10
C ARG C 344 88.51 49.00 -37.91
N LEU C 345 87.49 49.82 -38.17
CA LEU C 345 86.11 49.46 -37.89
C LEU C 345 85.49 48.69 -39.05
N VAL C 346 84.76 47.63 -38.73
CA VAL C 346 84.01 46.85 -39.72
C VAL C 346 82.63 46.54 -39.18
N PRO C 347 81.66 46.38 -40.07
CA PRO C 347 80.31 46.03 -39.63
C PRO C 347 80.28 44.61 -39.08
N PRO C 348 79.32 44.31 -38.18
CA PRO C 348 79.18 42.95 -37.63
C PRO C 348 78.29 42.06 -38.49
N SER C 349 78.83 41.61 -39.63
CA SER C 349 78.06 40.81 -40.58
C SER C 349 78.43 39.33 -40.51
N GLY C 350 79.71 39.01 -40.64
CA GLY C 350 80.12 37.61 -40.60
C GLY C 350 80.20 37.03 -39.21
N HIS C 351 80.48 37.86 -38.20
CA HIS C 351 80.63 37.36 -36.84
C HIS C 351 79.32 36.81 -36.31
N VAL C 352 78.20 37.47 -36.59
CA VAL C 352 76.91 36.98 -36.12
C VAL C 352 76.53 35.69 -36.83
N ALA C 353 76.86 35.57 -38.11
CA ALA C 353 76.62 34.32 -38.83
C ALA C 353 77.45 33.19 -38.24
N GLY C 354 78.72 33.46 -37.92
CA GLY C 354 79.53 32.45 -37.26
C GLY C 354 79.00 32.04 -35.90
N ILE C 355 78.50 33.02 -35.14
CA ILE C 355 77.91 32.72 -33.85
C ILE C 355 76.67 31.85 -34.01
N TRP C 356 75.84 32.16 -35.01
CA TRP C 356 74.67 31.34 -35.29
C TRP C 356 75.06 29.91 -35.65
N ALA C 357 76.08 29.75 -36.50
CA ALA C 357 76.53 28.42 -36.87
C ALA C 357 77.07 27.66 -35.66
N ARG C 358 77.84 28.35 -34.81
CA ARG C 358 78.37 27.71 -33.60
C ARG C 358 77.24 27.26 -32.67
N ASN C 359 76.23 28.11 -32.50
CA ASN C 359 75.10 27.74 -31.64
C ASN C 359 74.33 26.57 -32.24
N ASP C 360 74.15 26.55 -33.56
CA ASP C 360 73.46 25.44 -34.19
C ASP C 360 74.25 24.15 -34.16
N SER C 361 75.58 24.25 -34.09
CA SER C 361 76.41 23.05 -34.05
C SER C 361 76.52 22.49 -32.63
N GLU C 362 76.90 23.33 -31.66
CA GLU C 362 77.08 22.85 -30.29
C GLU C 362 75.76 22.41 -29.68
N ARG C 363 74.74 23.25 -29.76
CA ARG C 363 73.42 22.95 -29.22
C ARG C 363 72.41 22.89 -30.37
N GLY C 364 71.15 22.66 -30.02
CA GLY C 364 70.10 22.62 -31.01
C GLY C 364 69.77 23.99 -31.55
N VAL C 365 69.05 24.00 -32.67
CA VAL C 365 68.63 25.25 -33.30
C VAL C 365 67.60 26.00 -32.47
N HIS C 366 67.01 25.36 -31.46
CA HIS C 366 66.01 26.01 -30.62
C HIS C 366 66.61 26.93 -29.57
N LYS C 367 67.94 26.92 -29.40
CA LYS C 367 68.60 27.79 -28.44
C LYS C 367 68.86 29.14 -29.06
N ALA C 368 68.39 30.19 -28.39
CA ALA C 368 68.54 31.55 -28.90
C ALA C 368 69.98 32.01 -28.73
N PRO C 369 70.65 32.48 -29.79
CA PRO C 369 72.02 32.99 -29.64
C PRO C 369 72.05 34.34 -28.93
N ALA C 370 71.72 34.34 -27.64
CA ALA C 370 71.61 35.59 -26.88
C ALA C 370 72.87 35.95 -26.11
N ASN C 371 73.62 34.96 -25.62
CA ASN C 371 74.81 35.19 -24.80
C ASN C 371 75.97 34.45 -25.43
N GLU C 372 76.70 35.03 -26.37
CA GLU C 372 77.88 34.28 -26.89
C GLU C 372 79.02 35.25 -27.11
N VAL C 373 80.27 34.83 -26.89
CA VAL C 373 81.41 35.79 -26.95
C VAL C 373 81.79 36.10 -28.41
N VAL C 374 81.84 37.37 -28.79
CA VAL C 374 82.24 37.78 -30.17
C VAL C 374 83.76 37.64 -30.25
N ARG C 375 84.24 36.41 -30.50
CA ARG C 375 85.69 36.13 -30.56
C ARG C 375 86.32 36.86 -31.74
N GLY C 376 87.42 37.58 -31.51
CA GLY C 376 88.14 38.22 -32.63
C GLY C 376 88.20 39.75 -32.55
N ALA C 377 87.23 40.37 -31.88
CA ALA C 377 87.17 41.85 -31.82
C ALA C 377 88.16 42.39 -30.80
N VAL C 378 88.20 43.71 -30.65
CA VAL C 378 89.11 44.35 -29.66
C VAL C 378 88.33 45.48 -28.96
N ASP C 379 87.57 46.29 -29.70
CA ASP C 379 86.88 47.43 -29.11
C ASP C 379 85.51 47.58 -29.75
N LEU C 380 84.79 48.63 -29.35
CA LEU C 380 83.49 48.93 -29.91
C LEU C 380 83.29 50.39 -30.30
N GLU C 381 84.09 51.32 -29.76
CA GLU C 381 84.00 52.75 -30.04
C GLU C 381 82.66 53.34 -29.62
N LEU C 382 81.95 52.67 -28.70
CA LEU C 382 80.69 53.15 -28.18
C LEU C 382 80.31 52.32 -26.97
N GLN C 383 79.65 52.96 -26.00
CA GLN C 383 79.22 52.30 -24.77
C GLN C 383 77.74 52.54 -24.54
N ILE C 384 77.04 51.50 -24.09
CA ILE C 384 75.61 51.55 -23.86
C ILE C 384 75.34 51.28 -22.39
N THR C 385 74.55 52.15 -21.76
CA THR C 385 74.16 51.97 -20.38
C THR C 385 72.88 51.14 -20.31
N ARG C 386 72.29 51.05 -19.12
CA ARG C 386 71.05 50.26 -18.95
C ARG C 386 69.87 51.03 -19.57
N GLY C 387 69.82 52.34 -19.36
CA GLY C 387 68.70 53.12 -19.87
C GLY C 387 68.64 53.14 -21.39
N GLU C 388 69.80 53.31 -22.04
CA GLU C 388 69.81 53.31 -23.50
C GLU C 388 69.40 51.96 -24.06
N GLN C 389 69.84 50.87 -23.44
CA GLN C 389 69.38 49.55 -23.85
C GLN C 389 67.88 49.39 -23.63
N ASP C 390 67.37 49.88 -22.50
CA ASP C 390 65.94 49.85 -22.24
C ASP C 390 65.15 50.70 -23.23
N LEU C 391 65.79 51.67 -23.88
CA LEU C 391 65.14 52.43 -24.94
C LEU C 391 65.21 51.72 -26.30
N LEU C 392 66.21 50.87 -26.50
CA LEU C 392 66.36 50.15 -27.76
C LEU C 392 65.75 48.76 -27.73
N ASN C 393 65.57 48.18 -26.55
CA ASN C 393 64.97 46.84 -26.46
C ASN C 393 63.55 46.76 -27.01
N PRO C 394 62.63 47.69 -26.73
CA PRO C 394 61.26 47.54 -27.26
C PRO C 394 61.21 47.46 -28.78
N ILE C 395 62.14 48.10 -29.48
CA ILE C 395 62.21 47.98 -30.92
C ILE C 395 63.21 46.87 -31.26
N GLY C 396 63.14 46.39 -32.50
CA GLY C 396 63.94 45.25 -32.90
C GLY C 396 65.40 45.56 -33.12
N VAL C 397 66.05 46.18 -32.15
CA VAL C 397 67.47 46.53 -32.24
C VAL C 397 68.20 45.74 -31.16
N ASN C 398 69.09 44.85 -31.60
CA ASN C 398 69.93 44.10 -30.69
C ASN C 398 71.14 44.95 -30.29
N CYS C 399 72.01 44.38 -29.46
CA CYS C 399 73.15 45.13 -28.96
C CYS C 399 74.35 44.20 -28.77
N ILE C 400 75.53 44.81 -28.76
CA ILE C 400 76.78 44.14 -28.43
C ILE C 400 77.36 44.90 -27.24
N ARG C 401 77.36 44.25 -26.07
CA ARG C 401 77.64 44.92 -24.82
C ARG C 401 78.96 44.44 -24.23
N SER C 402 79.68 45.37 -23.59
CA SER C 402 80.91 45.06 -22.89
C SER C 402 80.64 44.97 -21.40
N PHE C 403 80.98 43.82 -20.80
CA PHE C 403 80.75 43.58 -19.39
C PHE C 403 82.08 43.50 -18.65
N PRO C 404 82.19 44.17 -17.50
CA PRO C 404 83.48 44.22 -16.79
C PRO C 404 83.81 42.91 -16.10
N GLY C 405 84.40 41.98 -16.84
CA GLY C 405 84.75 40.69 -16.29
C GLY C 405 84.35 39.56 -17.22
N ARG C 406 83.55 39.88 -18.23
CA ARG C 406 83.12 38.92 -19.23
C ARG C 406 83.38 39.34 -20.67
N GLY C 407 83.74 40.61 -20.90
CA GLY C 407 84.15 41.02 -22.23
C GLY C 407 83.00 41.41 -23.14
N ILE C 408 83.18 41.22 -24.44
CA ILE C 408 82.20 41.63 -25.43
C ILE C 408 81.25 40.46 -25.70
N ARG C 409 79.95 40.70 -25.56
CA ARG C 409 78.95 39.65 -25.74
C ARG C 409 77.75 40.19 -26.48
N VAL C 410 77.07 39.29 -27.20
CA VAL C 410 75.81 39.65 -27.84
C VAL C 410 74.73 39.84 -26.77
N TRP C 411 73.69 40.59 -27.12
CA TRP C 411 72.64 40.89 -26.14
C TRP C 411 71.35 41.25 -26.87
N GLY C 412 70.28 40.50 -26.59
CA GLY C 412 68.94 40.89 -26.99
C GLY C 412 68.19 39.88 -27.82
N ALA C 413 68.84 39.30 -28.83
CA ALA C 413 68.29 38.21 -29.64
C ALA C 413 66.85 38.46 -30.06
N ARG C 414 66.64 39.52 -30.84
CA ARG C 414 65.31 39.87 -31.33
C ARG C 414 65.37 40.11 -32.84
N THR C 415 64.20 40.39 -33.42
CA THR C 415 64.06 40.57 -34.86
C THR C 415 63.18 41.78 -35.14
N LEU C 416 63.06 42.11 -36.43
CA LEU C 416 62.26 43.24 -36.90
C LEU C 416 60.88 42.72 -37.27
N SER C 417 59.93 42.80 -36.34
CA SER C 417 58.56 42.35 -36.61
C SER C 417 57.61 43.04 -35.64
N SER C 418 56.66 43.79 -36.18
CA SER C 418 55.66 44.43 -35.33
C SER C 418 54.70 43.41 -34.73
N ASP C 419 54.39 42.36 -35.48
CA ASP C 419 53.48 41.33 -35.02
C ASP C 419 54.08 40.59 -33.82
N PRO C 420 53.39 40.54 -32.68
CA PRO C 420 53.95 39.85 -31.51
C PRO C 420 54.07 38.33 -31.67
N ALA C 421 53.61 37.75 -32.78
CA ALA C 421 53.69 36.31 -32.96
C ALA C 421 55.12 35.85 -33.25
N TRP C 422 55.91 36.67 -33.93
CA TRP C 422 57.27 36.29 -34.32
C TRP C 422 58.30 37.22 -33.72
N ARG C 423 58.17 37.51 -32.42
CA ARG C 423 59.11 38.43 -31.77
C ARG C 423 60.52 37.87 -31.74
N TYR C 424 60.66 36.57 -31.48
CA TYR C 424 61.95 35.97 -31.23
C TYR C 424 62.49 35.26 -32.47
N LEU C 425 63.82 35.19 -32.57
CA LEU C 425 64.47 34.59 -33.72
C LEU C 425 64.41 33.07 -33.68
N ASN C 426 64.54 32.48 -32.50
CA ASN C 426 64.63 31.02 -32.40
C ASN C 426 63.33 30.35 -32.86
N ILE C 427 62.18 30.98 -32.57
CA ILE C 427 60.92 30.44 -33.04
C ILE C 427 60.88 30.39 -34.56
N ARG C 428 61.31 31.47 -35.21
CA ARG C 428 61.34 31.51 -36.67
C ARG C 428 62.28 30.47 -37.23
N ARG C 429 63.47 30.33 -36.63
CA ARG C 429 64.43 29.34 -37.12
C ARG C 429 63.89 27.92 -36.98
N TYR C 430 63.29 27.61 -35.84
CA TYR C 430 62.73 26.28 -35.63
C TYR C 430 61.58 26.00 -36.58
N PHE C 431 60.73 26.99 -36.82
CA PHE C 431 59.62 26.81 -37.75
C PHE C 431 60.13 26.59 -39.16
N ASN C 432 61.16 27.33 -39.58
CA ASN C 432 61.75 27.12 -40.89
C ASN C 432 62.33 25.72 -41.01
N TYR C 433 63.03 25.26 -39.97
CA TYR C 433 63.60 23.90 -39.99
C TYR C 433 62.50 22.85 -40.12
N LEU C 434 61.44 22.98 -39.32
CA LEU C 434 60.35 22.02 -39.38
C LEU C 434 59.67 22.02 -40.74
N GLU C 435 59.41 23.21 -41.29
CA GLU C 435 58.74 23.29 -42.59
C GLU C 435 59.60 22.68 -43.69
N GLU C 436 60.91 22.94 -43.67
CA GLU C 436 61.79 22.36 -44.67
C GLU C 436 61.83 20.85 -44.56
N SER C 437 61.94 20.32 -43.33
CA SER C 437 61.99 18.87 -43.15
C SER C 437 60.69 18.22 -43.63
N ILE C 438 59.55 18.81 -43.28
CA ILE C 438 58.27 18.24 -43.67
C ILE C 438 58.11 18.28 -45.19
N LEU C 439 58.48 19.40 -45.81
CA LEU C 439 58.35 19.52 -47.26
C LEU C 439 59.24 18.51 -47.97
N ILE C 440 60.47 18.31 -47.49
CA ILE C 440 61.38 17.39 -48.16
C ILE C 440 60.93 15.93 -47.97
N GLY C 441 60.53 15.55 -46.76
CA GLY C 441 60.28 14.14 -46.49
C GLY C 441 58.82 13.71 -46.50
N THR C 442 58.03 14.20 -47.44
CA THR C 442 56.61 13.85 -47.50
C THR C 442 56.13 13.57 -48.91
N GLN C 443 56.96 13.75 -49.93
CA GLN C 443 56.50 13.75 -51.32
C GLN C 443 55.87 12.42 -51.75
N TRP C 444 56.11 11.33 -51.02
CA TRP C 444 55.58 10.04 -51.43
C TRP C 444 54.08 9.91 -51.23
N VAL C 445 53.44 10.86 -50.55
CA VAL C 445 52.02 10.73 -50.21
C VAL C 445 51.09 11.10 -51.36
N VAL C 446 51.60 11.81 -52.37
CA VAL C 446 50.75 12.26 -53.47
C VAL C 446 50.35 11.07 -54.33
N PHE C 447 49.12 11.13 -54.86
CA PHE C 447 48.55 10.10 -55.73
C PHE C 447 48.49 8.74 -55.03
N GLU C 448 47.68 8.72 -53.98
CA GLU C 448 47.45 7.54 -53.16
C GLU C 448 45.95 7.22 -53.11
N PRO C 449 45.58 5.97 -52.79
CA PRO C 449 44.16 5.60 -52.79
C PRO C 449 43.30 6.43 -51.86
N ASN C 450 43.89 7.11 -50.86
CA ASN C 450 43.18 8.02 -49.97
C ASN C 450 42.10 7.28 -49.17
N ASP C 451 42.57 6.32 -48.38
CA ASP C 451 41.72 5.60 -47.44
C ASP C 451 42.24 5.84 -46.03
N HIS C 452 41.57 5.28 -45.02
CA HIS C 452 41.98 5.48 -43.63
C HIS C 452 43.34 4.89 -43.30
N ASN C 453 43.81 3.91 -44.10
CA ASN C 453 45.16 3.40 -43.91
C ASN C 453 46.20 4.50 -44.14
N LEU C 454 45.99 5.32 -45.18
CA LEU C 454 46.90 6.43 -45.44
C LEU C 454 46.90 7.42 -44.28
N TRP C 455 45.71 7.71 -43.73
CA TRP C 455 45.62 8.60 -42.57
C TRP C 455 46.38 8.02 -41.39
N ALA C 456 46.24 6.72 -41.13
CA ALA C 456 46.96 6.10 -40.03
C ALA C 456 48.46 6.18 -40.23
N ARG C 457 48.93 5.91 -41.46
CA ARG C 457 50.36 5.98 -41.73
C ARG C 457 50.90 7.39 -41.54
N ILE C 458 50.18 8.40 -42.05
CA ILE C 458 50.63 9.79 -41.90
C ILE C 458 50.68 10.17 -40.43
N ARG C 459 49.64 9.81 -39.68
CA ARG C 459 49.62 10.12 -38.25
C ARG C 459 50.78 9.46 -37.52
N ARG C 460 51.06 8.19 -37.83
CA ARG C 460 52.16 7.49 -37.19
C ARG C 460 53.49 8.17 -37.49
N ASN C 461 53.72 8.54 -38.75
CA ASN C 461 54.99 9.16 -39.12
C ASN C 461 55.17 10.50 -38.42
N VAL C 462 54.12 11.34 -38.45
CA VAL C 462 54.22 12.66 -37.84
C VAL C 462 54.40 12.54 -36.32
N SER C 463 53.69 11.60 -35.70
CA SER C 463 53.82 11.40 -34.26
C SER C 463 55.22 10.94 -33.89
N ALA C 464 55.80 10.03 -34.68
CA ALA C 464 57.16 9.59 -34.40
C ALA C 464 58.15 10.73 -34.53
N PHE C 465 58.02 11.54 -35.58
CA PHE C 465 58.92 12.68 -35.75
C PHE C 465 58.79 13.66 -34.58
N LEU C 466 57.56 13.95 -34.17
CA LEU C 466 57.36 14.91 -33.09
C LEU C 466 57.85 14.38 -31.76
N VAL C 467 57.69 13.07 -31.51
CA VAL C 467 58.21 12.47 -30.28
C VAL C 467 59.73 12.54 -30.26
N ASN C 468 60.36 12.24 -31.40
CA ASN C 468 61.82 12.33 -31.46
C ASN C 468 62.29 13.75 -31.23
N GLU C 469 61.57 14.73 -31.78
CA GLU C 469 61.94 16.13 -31.55
C GLU C 469 61.74 16.52 -30.08
N TRP C 470 60.66 16.04 -29.46
CA TRP C 470 60.36 16.44 -28.09
C TRP C 470 61.32 15.82 -27.09
N ARG C 471 61.79 14.60 -27.34
CA ARG C 471 62.65 13.92 -26.37
C ARG C 471 63.99 14.62 -26.17
N ASN C 472 64.36 15.56 -27.06
CA ASN C 472 65.58 16.34 -26.89
C ASN C 472 65.36 17.61 -26.07
N GLY C 473 64.14 17.85 -25.59
CA GLY C 473 63.88 19.03 -24.79
C GLY C 473 63.61 20.28 -25.58
N ALA C 474 63.18 20.17 -26.83
CA ALA C 474 62.89 21.32 -27.67
C ALA C 474 61.43 21.76 -27.62
N LEU C 475 60.60 21.09 -26.83
CA LEU C 475 59.19 21.43 -26.70
C LEU C 475 58.82 21.52 -25.23
N PHE C 476 57.90 22.43 -24.92
CA PHE C 476 57.52 22.73 -23.54
C PHE C 476 56.37 21.80 -23.14
N GLY C 477 56.66 20.85 -22.24
CA GLY C 477 55.65 19.96 -21.74
C GLY C 477 56.21 18.80 -20.94
N GLN C 478 55.55 18.44 -19.84
CA GLN C 478 56.03 17.31 -18.99
C GLN C 478 55.70 15.98 -19.66
N SER C 479 54.62 15.94 -20.46
CA SER C 479 54.19 14.73 -21.13
C SER C 479 54.00 14.99 -22.62
N PRO C 480 54.13 13.96 -23.45
CA PRO C 480 53.93 14.15 -24.90
C PRO C 480 52.54 14.66 -25.24
N ASP C 481 51.56 14.34 -24.40
CA ASP C 481 50.20 14.81 -24.64
C ASP C 481 50.08 16.32 -24.53
N GLN C 482 50.92 16.95 -23.70
CA GLN C 482 50.88 18.39 -23.51
C GLN C 482 51.84 19.15 -24.42
N ALA C 483 52.58 18.45 -25.29
CA ALA C 483 53.58 19.08 -26.13
C ALA C 483 53.13 19.26 -27.58
N TYR C 484 52.29 18.36 -28.09
CA TYR C 484 51.88 18.42 -29.50
C TYR C 484 50.55 17.73 -29.65
N TYR C 485 49.90 17.96 -30.79
CA TYR C 485 48.68 17.25 -31.14
C TYR C 485 48.55 17.16 -32.65
N VAL C 486 48.28 15.97 -33.14
CA VAL C 486 48.11 15.70 -34.57
C VAL C 486 46.74 15.08 -34.79
N LYS C 487 45.97 15.67 -35.71
CA LYS C 487 44.60 15.24 -35.97
C LYS C 487 44.46 14.91 -37.45
N CYS C 488 44.08 13.67 -37.74
CA CYS C 488 43.79 13.24 -39.11
C CYS C 488 42.81 12.06 -39.01
N ASP C 489 41.53 12.35 -39.22
CA ASP C 489 40.49 11.34 -39.07
C ASP C 489 39.27 11.78 -39.88
N GLU C 490 38.14 11.12 -39.65
CA GLU C 490 36.91 11.45 -40.37
C GLU C 490 36.28 12.75 -39.88
N GLU C 491 36.71 13.26 -38.72
CA GLU C 491 36.15 14.52 -38.24
C GLU C 491 36.67 15.70 -39.04
N THR C 492 37.95 15.68 -39.43
CA THR C 492 38.55 16.75 -40.21
C THR C 492 38.58 16.44 -41.71
N ASN C 493 38.07 15.29 -42.13
CA ASN C 493 38.05 14.90 -43.54
C ASN C 493 36.64 14.45 -43.90
N PRO C 494 35.72 15.39 -44.11
CA PRO C 494 34.34 15.03 -44.49
C PRO C 494 34.32 14.46 -45.89
N PRO C 495 33.26 13.70 -46.23
CA PRO C 495 33.20 13.13 -47.59
C PRO C 495 33.24 14.17 -48.70
N GLU C 496 32.66 15.35 -48.46
CA GLU C 496 32.74 16.41 -49.47
C GLU C 496 34.17 16.83 -49.73
N SER C 497 34.98 16.93 -48.68
CA SER C 497 36.39 17.30 -48.86
C SER C 497 37.17 16.19 -49.55
N VAL C 498 36.90 14.93 -49.20
CA VAL C 498 37.65 13.83 -49.79
C VAL C 498 37.19 13.57 -51.22
N ASP C 499 36.03 14.11 -51.61
CA ASP C 499 35.59 14.00 -52.99
C ASP C 499 36.57 14.68 -53.94
N LEU C 500 37.07 15.85 -53.56
CA LEU C 500 38.02 16.58 -54.39
C LEU C 500 39.44 16.05 -54.27
N GLY C 501 39.69 15.10 -53.37
CA GLY C 501 41.02 14.57 -53.19
C GLY C 501 41.92 15.49 -52.37
N ARG C 502 41.57 15.70 -51.11
CA ARG C 502 42.31 16.59 -50.24
C ARG C 502 42.62 15.90 -48.92
N VAL C 503 43.80 16.19 -48.38
CA VAL C 503 44.22 15.70 -47.06
C VAL C 503 44.67 16.90 -46.24
N VAL C 504 44.27 16.95 -44.97
CA VAL C 504 44.51 18.11 -44.11
C VAL C 504 45.62 17.82 -43.09
N CYS C 505 45.43 16.85 -42.21
CA CYS C 505 46.42 16.44 -41.22
C CYS C 505 46.85 17.64 -40.35
N GLU C 506 45.89 18.12 -39.57
CA GLU C 506 46.15 19.28 -38.71
C GLU C 506 47.23 18.96 -37.69
N ILE C 507 48.18 19.88 -37.52
CA ILE C 507 49.32 19.70 -36.62
C ILE C 507 49.43 20.94 -35.73
N GLY C 508 49.63 20.71 -34.44
CA GLY C 508 49.85 21.81 -33.52
C GLY C 508 50.95 21.50 -32.52
N ILE C 509 51.88 22.44 -32.32
CA ILE C 509 53.01 22.25 -31.44
C ILE C 509 53.10 23.41 -30.46
N ALA C 510 53.82 23.19 -29.37
CA ALA C 510 54.05 24.21 -28.34
C ALA C 510 55.54 24.48 -28.23
N PRO C 511 56.03 25.60 -28.75
CA PRO C 511 57.46 25.88 -28.72
C PRO C 511 57.91 26.38 -27.34
N VAL C 512 59.22 26.62 -27.23
CA VAL C 512 59.83 27.12 -26.00
C VAL C 512 60.39 28.50 -26.29
N LYS C 513 60.34 29.38 -25.30
CA LYS C 513 60.84 30.74 -25.46
C LYS C 513 61.97 31.02 -24.48
N PRO C 514 62.93 31.84 -24.86
CA PRO C 514 64.06 32.12 -23.97
C PRO C 514 63.64 32.95 -22.77
N ALA C 515 64.38 32.77 -21.68
CA ALA C 515 64.16 33.53 -20.45
C ALA C 515 65.02 34.77 -20.48
N GLU C 516 64.39 35.94 -20.52
CA GLU C 516 65.09 37.22 -20.63
C GLU C 516 65.26 37.92 -19.30
N PHE C 517 64.18 38.04 -18.52
CA PHE C 517 64.21 38.71 -17.23
C PHE C 517 64.12 37.67 -16.12
N VAL C 518 65.11 37.67 -15.23
CA VAL C 518 65.15 36.77 -14.08
C VAL C 518 64.95 37.62 -12.83
N ILE C 519 63.94 37.27 -12.03
CA ILE C 519 63.53 38.05 -10.88
C ILE C 519 63.60 37.17 -9.64
N PHE C 520 64.25 37.68 -8.59
CA PHE C 520 64.23 37.08 -7.27
C PHE C 520 63.43 37.97 -6.33
N ARG C 521 63.12 37.44 -5.15
CA ARG C 521 62.31 38.14 -4.16
C ARG C 521 63.10 38.50 -2.91
N LEU C 522 63.72 37.53 -2.26
CA LEU C 522 64.50 37.74 -1.04
C LEU C 522 63.64 38.38 0.06
N ALA C 523 62.59 37.67 0.44
CA ALA C 523 61.68 38.12 1.48
C ALA C 523 62.08 37.54 2.83
N GLN C 524 61.61 38.20 3.89
CA GLN C 524 61.88 37.79 5.26
C GLN C 524 60.58 37.27 5.88
N PHE C 525 60.62 36.05 6.41
CA PHE C 525 59.44 35.39 6.93
C PHE C 525 59.76 34.75 8.28
N SER C 526 58.71 34.53 9.06
CA SER C 526 58.85 33.91 10.37
C SER C 526 58.90 32.39 10.25
N PRO D 2 5.95 -62.54 -39.42
CA PRO D 2 5.86 -63.94 -39.82
C PRO D 2 4.55 -64.60 -39.39
N SER D 3 4.30 -65.81 -39.87
CA SER D 3 3.09 -66.55 -39.55
C SER D 3 3.41 -67.66 -38.56
N TYR D 4 2.66 -67.72 -37.47
CA TYR D 4 2.81 -68.75 -36.45
C TYR D 4 1.54 -69.57 -36.41
N LEU D 5 1.65 -70.85 -36.75
CA LEU D 5 0.49 -71.74 -36.79
C LEU D 5 0.68 -73.06 -36.07
N SER D 6 1.91 -73.51 -35.85
CA SER D 6 2.15 -74.77 -35.17
C SER D 6 3.20 -74.58 -34.09
N PRO D 7 3.10 -75.34 -32.99
CA PRO D 7 4.10 -75.22 -31.92
C PRO D 7 5.47 -75.65 -32.40
N GLY D 8 6.50 -75.02 -31.83
CA GLY D 8 7.86 -75.33 -32.19
C GLY D 8 8.78 -74.18 -31.86
N VAL D 9 9.99 -74.26 -32.40
CA VAL D 9 11.02 -73.25 -32.22
C VAL D 9 11.34 -72.65 -33.59
N TYR D 10 11.27 -71.32 -33.67
CA TYR D 10 11.52 -70.60 -34.92
C TYR D 10 12.71 -69.67 -34.73
N VAL D 11 13.62 -69.69 -35.70
CA VAL D 11 14.81 -68.84 -35.69
C VAL D 11 14.73 -67.91 -36.89
N GLU D 12 14.75 -66.60 -36.62
CA GLU D 12 14.67 -65.59 -37.67
C GLU D 12 15.75 -64.54 -37.43
N GLU D 13 16.19 -63.91 -38.51
CA GLU D 13 17.26 -62.91 -38.48
C GLU D 13 16.66 -61.53 -38.78
N VAL D 14 16.89 -60.58 -37.88
CA VAL D 14 16.43 -59.22 -38.11
C VAL D 14 17.43 -58.48 -39.02
N ALA D 15 16.88 -57.82 -40.05
CA ALA D 15 17.70 -57.16 -41.05
C ALA D 15 18.47 -55.95 -40.49
N SER D 16 18.12 -55.51 -39.28
CA SER D 16 18.79 -54.37 -38.67
C SER D 16 20.28 -54.66 -38.45
N GLY D 17 21.14 -53.89 -39.08
CA GLY D 17 22.56 -54.09 -38.98
C GLY D 17 23.32 -53.05 -39.77
N SER D 18 24.47 -53.45 -40.31
CA SER D 18 25.32 -52.57 -41.08
C SER D 18 25.51 -53.14 -42.48
N ARG D 19 25.41 -52.27 -43.49
CA ARG D 19 25.60 -52.65 -44.90
C ARG D 19 26.58 -51.68 -45.52
N PRO D 20 27.88 -51.94 -45.38
CA PRO D 20 28.89 -50.99 -45.88
C PRO D 20 28.85 -50.87 -47.39
N ILE D 21 29.24 -49.68 -47.88
CA ILE D 21 29.30 -49.38 -49.30
C ILE D 21 30.76 -49.22 -49.69
N GLU D 22 31.17 -49.93 -50.73
CA GLU D 22 32.55 -49.90 -51.20
C GLU D 22 32.70 -49.04 -52.45
N GLY D 23 33.94 -48.62 -52.70
CA GLY D 23 34.25 -47.82 -53.86
C GLY D 23 34.41 -48.64 -55.12
N VAL D 24 34.80 -47.95 -56.20
CA VAL D 24 34.99 -48.57 -57.49
C VAL D 24 36.35 -48.17 -58.05
N GLY D 25 36.88 -48.99 -58.96
CA GLY D 25 38.17 -48.70 -59.56
C GLY D 25 38.04 -47.74 -60.72
N THR D 26 38.86 -46.69 -60.71
CA THR D 26 38.80 -45.67 -61.75
C THR D 26 40.13 -45.56 -62.49
N SER D 27 40.72 -46.70 -62.84
CA SER D 27 42.01 -46.73 -63.52
C SER D 27 41.95 -47.63 -64.75
N VAL D 28 40.90 -47.49 -65.54
CA VAL D 28 40.73 -48.26 -66.78
C VAL D 28 40.50 -47.26 -67.91
N ALA D 29 41.23 -47.45 -69.02
CA ALA D 29 41.12 -46.59 -70.18
C ALA D 29 40.91 -47.44 -71.43
N ALA D 30 40.17 -46.89 -72.38
CA ALA D 30 39.86 -47.58 -73.63
C ALA D 30 40.39 -46.77 -74.81
N PHE D 31 41.27 -47.39 -75.59
CA PHE D 31 41.90 -46.75 -76.74
C PHE D 31 41.33 -47.32 -78.02
N VAL D 32 40.92 -46.45 -78.93
CA VAL D 32 40.38 -46.85 -80.23
C VAL D 32 41.37 -46.37 -81.29
N GLY D 33 41.82 -47.29 -82.14
CA GLY D 33 42.80 -46.95 -83.15
C GLY D 33 42.93 -48.02 -84.20
N LEU D 34 43.94 -47.87 -85.04
CA LEU D 34 44.23 -48.82 -86.10
C LEU D 34 45.54 -49.55 -85.82
N ALA D 35 45.55 -50.85 -86.11
CA ALA D 35 46.69 -51.72 -85.87
C ALA D 35 46.94 -52.57 -87.10
N PRO D 36 48.18 -53.03 -87.32
CA PRO D 36 48.45 -53.84 -88.51
C PRO D 36 47.66 -55.15 -88.56
N THR D 37 47.77 -55.98 -87.52
CA THR D 37 47.08 -57.25 -87.48
C THR D 37 46.51 -57.47 -86.08
N GLY D 38 45.43 -58.26 -86.01
CA GLY D 38 44.80 -58.57 -84.76
C GLY D 38 43.29 -58.71 -84.88
N PRO D 39 42.61 -58.93 -83.76
CA PRO D 39 41.15 -59.03 -83.79
C PRO D 39 40.52 -57.72 -84.28
N LEU D 40 39.41 -57.87 -84.98
CA LEU D 40 38.72 -56.74 -85.61
C LEU D 40 37.41 -56.47 -84.91
N ASN D 41 37.20 -55.21 -84.52
CA ASN D 41 35.95 -54.75 -83.89
C ASN D 41 35.63 -55.55 -82.62
N GLU D 42 36.67 -55.85 -81.85
CA GLU D 42 36.51 -56.56 -80.58
C GLU D 42 37.27 -55.81 -79.49
N PRO D 43 36.60 -55.43 -78.39
CA PRO D 43 37.30 -54.70 -77.33
C PRO D 43 38.20 -55.60 -76.49
N THR D 44 39.41 -55.85 -76.97
CA THR D 44 40.33 -56.75 -76.27
C THR D 44 40.81 -56.10 -74.98
N LEU D 45 41.19 -56.92 -74.01
CA LEU D 45 41.68 -56.47 -72.72
C LEU D 45 43.17 -56.77 -72.63
N VAL D 46 43.96 -55.75 -72.29
CA VAL D 46 45.40 -55.86 -72.17
C VAL D 46 45.82 -55.37 -70.79
N THR D 47 46.83 -56.03 -70.21
CA THR D 47 47.34 -55.61 -68.91
C THR D 47 48.86 -55.58 -68.85
N ASN D 48 49.54 -55.85 -69.96
CA ASN D 48 51.00 -55.83 -70.01
C ASN D 48 51.39 -55.81 -71.48
N TRP D 49 52.55 -55.20 -71.77
CA TRP D 49 52.97 -55.05 -73.19
C TRP D 49 53.07 -56.41 -73.89
N THR D 50 53.53 -57.45 -73.19
CA THR D 50 53.71 -58.73 -73.86
C THR D 50 52.40 -59.18 -74.52
N GLN D 51 51.28 -58.99 -73.83
CA GLN D 51 49.99 -59.33 -74.42
C GLN D 51 49.71 -58.50 -75.67
N TYR D 52 50.01 -57.21 -75.62
CA TYR D 52 49.79 -56.36 -76.78
C TYR D 52 50.71 -56.78 -77.94
N VAL D 53 51.96 -57.14 -77.64
CA VAL D 53 52.87 -57.59 -78.69
C VAL D 53 52.34 -58.88 -79.32
N ALA D 54 51.89 -59.82 -78.49
CA ALA D 54 51.38 -61.09 -79.00
C ALA D 54 50.08 -60.94 -79.78
N ALA D 55 49.27 -59.92 -79.46
CA ALA D 55 47.96 -59.77 -80.10
C ALA D 55 48.01 -58.86 -81.32
N PHE D 56 48.40 -57.60 -81.14
CA PHE D 56 48.27 -56.58 -82.16
C PHE D 56 49.60 -56.19 -82.81
N GLY D 57 50.66 -56.94 -82.56
CA GLY D 57 51.97 -56.58 -83.10
C GLY D 57 52.61 -55.44 -82.34
N ASP D 58 53.70 -54.92 -82.89
CA ASP D 58 54.45 -53.86 -82.22
C ASP D 58 55.31 -53.12 -83.26
N PHE D 59 55.01 -51.85 -83.46
CA PHE D 59 55.86 -50.92 -84.19
C PHE D 59 56.26 -51.41 -85.58
N THR D 60 55.29 -51.59 -86.47
CA THR D 60 55.57 -51.99 -87.83
C THR D 60 54.82 -51.20 -88.91
N GLY D 61 53.76 -50.50 -88.57
CA GLY D 61 52.99 -49.77 -89.56
C GLY D 61 53.06 -48.27 -89.43
N GLY D 62 53.81 -47.79 -88.43
CA GLY D 62 53.91 -46.36 -88.20
C GLY D 62 52.62 -45.71 -87.76
N TYR D 63 51.88 -46.36 -86.86
CA TYR D 63 50.62 -45.85 -86.36
C TYR D 63 50.80 -45.30 -84.94
N TYR D 64 49.81 -44.53 -84.49
CA TYR D 64 49.88 -43.87 -83.20
C TYR D 64 49.29 -44.71 -82.06
N LEU D 65 48.73 -45.88 -82.36
CA LEU D 65 48.17 -46.71 -81.29
C LEU D 65 49.26 -47.34 -80.45
N ALA D 66 50.31 -47.87 -81.09
CA ALA D 66 51.39 -48.52 -80.35
C ALA D 66 52.11 -47.53 -79.45
N HIS D 67 52.39 -46.33 -79.97
CA HIS D 67 53.06 -45.30 -79.16
C HIS D 67 52.20 -44.91 -77.96
N SER D 68 50.90 -44.73 -78.18
CA SER D 68 50.01 -44.35 -77.08
C SER D 68 49.93 -45.44 -76.02
N VAL D 69 49.84 -46.70 -76.45
CA VAL D 69 49.78 -47.80 -75.49
C VAL D 69 51.09 -47.90 -74.70
N TYR D 70 52.23 -47.76 -75.39
CA TYR D 70 53.51 -47.81 -74.70
C TYR D 70 53.65 -46.67 -73.70
N GLY D 71 53.21 -45.47 -74.07
CA GLY D 71 53.24 -44.36 -73.13
C GLY D 71 52.32 -44.56 -71.95
N PHE D 72 51.13 -45.13 -72.19
CA PHE D 72 50.20 -45.40 -71.09
C PHE D 72 50.79 -46.41 -70.11
N PHE D 73 51.42 -47.47 -70.62
CA PHE D 73 52.05 -48.44 -69.73
C PHE D 73 53.34 -47.93 -69.12
N ASN D 74 53.94 -46.90 -69.70
CA ASN D 74 55.17 -46.32 -69.14
C ASN D 74 54.88 -45.44 -67.92
N ASN D 75 53.68 -44.86 -67.84
CA ASN D 75 53.34 -43.93 -66.78
C ASN D 75 52.57 -44.61 -65.63
N GLY D 76 52.63 -45.94 -65.56
CA GLY D 76 52.01 -46.65 -64.46
C GLY D 76 50.60 -47.12 -64.70
N GLY D 77 50.24 -47.45 -65.94
CA GLY D 77 48.92 -47.97 -66.20
C GLY D 77 48.71 -49.36 -65.63
N SER D 78 47.45 -49.71 -65.42
CA SER D 78 47.08 -50.98 -64.82
C SER D 78 46.39 -51.91 -65.79
N ALA D 79 45.30 -51.47 -66.42
CA ALA D 79 44.55 -52.30 -67.36
C ALA D 79 43.95 -51.41 -68.43
N ALA D 80 43.92 -51.91 -69.66
CA ALA D 80 43.45 -51.11 -70.78
C ALA D 80 42.57 -51.97 -71.69
N TYR D 81 41.70 -51.28 -72.43
CA TYR D 81 40.88 -51.90 -73.47
C TYR D 81 41.33 -51.35 -74.82
N VAL D 82 41.38 -52.21 -75.82
CA VAL D 82 41.88 -51.86 -77.15
C VAL D 82 40.79 -52.20 -78.18
N VAL D 83 40.51 -51.23 -79.05
CA VAL D 83 39.60 -51.44 -80.18
C VAL D 83 40.36 -51.11 -81.45
N ARG D 84 40.34 -52.03 -82.41
CA ARG D 84 41.05 -51.89 -83.68
C ARG D 84 40.02 -51.72 -84.79
N VAL D 85 39.88 -50.48 -85.30
CA VAL D 85 38.93 -50.21 -86.36
C VAL D 85 39.38 -50.84 -87.67
N GLY D 86 40.66 -50.69 -88.00
CA GLY D 86 41.19 -51.22 -89.24
C GLY D 86 42.69 -51.25 -89.23
N GLY D 87 43.26 -51.39 -90.42
CA GLY D 87 44.70 -51.41 -90.56
C GLY D 87 45.10 -52.07 -91.87
N SER D 88 46.39 -52.33 -91.99
CA SER D 88 46.95 -52.96 -93.19
C SER D 88 48.25 -53.64 -92.80
N ALA D 89 48.69 -54.57 -93.65
CA ALA D 89 49.93 -55.31 -93.46
C ALA D 89 50.78 -55.26 -94.72
N GLU D 90 50.77 -54.12 -95.39
CA GLU D 90 51.53 -53.96 -96.62
C GLU D 90 52.62 -52.90 -96.46
N GLY D 249 33.28 -48.32 -82.28
CA GLY D 249 33.44 -49.49 -81.43
C GLY D 249 32.29 -49.65 -80.45
N GLY D 250 32.13 -50.87 -79.93
CA GLY D 250 31.06 -51.16 -78.99
C GLY D 250 31.49 -50.98 -77.55
N LEU D 251 31.84 -49.75 -77.17
CA LEU D 251 32.26 -49.47 -75.80
C LEU D 251 31.10 -49.28 -74.84
N GLU D 252 29.86 -49.28 -75.33
CA GLU D 252 28.71 -49.10 -74.46
C GLU D 252 28.40 -50.34 -73.64
N ALA D 253 28.91 -51.51 -74.04
CA ALA D 253 28.65 -52.74 -73.30
C ALA D 253 29.59 -52.93 -72.12
N ILE D 254 30.63 -52.10 -71.99
CA ILE D 254 31.59 -52.21 -70.90
C ILE D 254 31.20 -51.24 -69.80
N ASP D 255 31.50 -51.62 -68.56
CA ASP D 255 31.12 -50.84 -67.39
C ASP D 255 32.31 -50.22 -66.67
N GLU D 256 33.44 -50.93 -66.59
CA GLU D 256 34.58 -50.47 -65.80
C GLU D 256 35.38 -49.37 -66.48
N ILE D 257 35.09 -49.05 -67.74
CA ILE D 257 35.86 -48.02 -68.44
C ILE D 257 35.62 -46.67 -67.78
N SER D 258 36.72 -45.95 -67.51
CA SER D 258 36.64 -44.64 -66.90
C SER D 258 37.06 -43.50 -67.82
N MET D 259 37.76 -43.80 -68.91
CA MET D 259 38.17 -42.78 -69.87
C MET D 259 38.35 -43.43 -71.23
N VAL D 260 38.12 -42.64 -72.28
CA VAL D 260 38.20 -43.12 -73.65
C VAL D 260 39.08 -42.18 -74.46
N ALA D 261 39.88 -42.75 -75.36
CA ALA D 261 40.77 -41.97 -76.20
C ALA D 261 40.81 -42.57 -77.60
N VAL D 262 41.08 -41.71 -78.58
CA VAL D 262 41.25 -42.10 -79.97
C VAL D 262 42.61 -41.59 -80.42
N PRO D 263 43.70 -42.23 -80.00
CA PRO D 263 45.03 -41.65 -80.27
C PRO D 263 45.35 -41.49 -81.74
N ASP D 264 44.91 -42.43 -82.59
CA ASP D 264 45.27 -42.39 -84.00
C ASP D 264 44.02 -41.90 -84.74
N LEU D 265 43.89 -40.59 -84.80
CA LEU D 265 42.90 -39.87 -85.60
C LEU D 265 43.53 -38.81 -86.47
N MET D 266 44.58 -38.14 -85.98
CA MET D 266 45.26 -37.13 -86.78
C MET D 266 46.07 -37.74 -87.90
N ALA D 267 46.37 -39.04 -87.84
CA ALA D 267 47.10 -39.70 -88.90
C ALA D 267 46.32 -39.66 -90.21
N ALA D 268 45.02 -39.97 -90.16
CA ALA D 268 44.19 -39.89 -91.35
C ALA D 268 44.09 -38.46 -91.86
N TYR D 269 44.08 -37.49 -90.94
CA TYR D 269 44.05 -36.09 -91.35
C TYR D 269 45.35 -35.67 -92.02
N GLN D 270 46.48 -36.25 -91.59
CA GLN D 270 47.77 -35.82 -92.12
C GLN D 270 47.99 -36.33 -93.54
N ARG D 271 47.67 -37.60 -93.81
CA ARG D 271 47.92 -38.20 -95.11
C ARG D 271 46.67 -38.44 -95.93
N GLY D 272 45.59 -38.92 -95.31
CA GLY D 272 44.38 -39.22 -96.04
C GLY D 272 43.56 -38.03 -96.48
N ALA D 273 43.83 -36.85 -95.93
CA ALA D 273 43.10 -35.62 -96.24
C ALA D 273 41.60 -35.81 -96.02
N ILE D 274 41.26 -36.08 -94.76
CA ILE D 274 39.88 -36.34 -94.38
C ILE D 274 39.17 -35.04 -93.94
N ASP D 275 39.79 -33.89 -94.21
CA ASP D 275 39.23 -32.58 -93.91
C ASP D 275 39.04 -32.39 -92.40
N LEU D 276 38.51 -31.23 -92.00
CA LEU D 276 38.28 -30.96 -90.59
C LEU D 276 36.86 -31.29 -90.14
N GLU D 277 35.91 -31.31 -91.07
CA GLU D 277 34.52 -31.61 -90.70
C GLU D 277 34.38 -33.01 -90.14
N ALA D 278 35.06 -33.99 -90.76
CA ALA D 278 34.98 -35.36 -90.27
C ALA D 278 35.57 -35.49 -88.87
N VAL D 279 36.72 -34.83 -88.63
CA VAL D 279 37.34 -34.87 -87.31
C VAL D 279 36.43 -34.21 -86.27
N LYS D 280 35.83 -33.07 -86.63
CA LYS D 280 34.92 -32.39 -85.71
C LYS D 280 33.71 -33.26 -85.40
N ALA D 281 33.15 -33.93 -86.42
CA ALA D 281 31.99 -34.79 -86.19
C ALA D 281 32.36 -35.98 -85.31
N VAL D 282 33.53 -36.58 -85.53
CA VAL D 282 33.95 -37.72 -84.71
C VAL D 282 34.14 -37.29 -83.26
N GLN D 283 34.80 -36.14 -83.04
CA GLN D 283 34.99 -35.67 -81.68
C GLN D 283 33.67 -35.30 -81.00
N LEU D 284 32.74 -34.69 -81.75
CA LEU D 284 31.43 -34.38 -81.18
C LEU D 284 30.67 -35.65 -80.84
N GLY D 285 30.77 -36.68 -81.67
CA GLY D 285 30.13 -37.94 -81.35
C GLY D 285 30.70 -38.58 -80.11
N LEU D 286 32.03 -38.53 -79.96
CA LEU D 286 32.65 -39.05 -78.74
C LEU D 286 32.20 -38.27 -77.52
N ILE D 287 32.12 -36.94 -77.64
CA ILE D 287 31.64 -36.10 -76.53
C ILE D 287 30.21 -36.47 -76.17
N ALA D 288 29.35 -36.66 -77.17
CA ALA D 288 27.97 -37.01 -76.90
C ALA D 288 27.87 -38.38 -76.24
N HIS D 289 28.68 -39.34 -76.67
CA HIS D 289 28.69 -40.65 -76.03
C HIS D 289 29.13 -40.54 -74.57
N CYS D 290 30.17 -39.75 -74.31
CA CYS D 290 30.62 -39.57 -72.93
C CYS D 290 29.54 -38.92 -72.07
N GLU D 291 28.84 -37.93 -72.64
CA GLU D 291 27.75 -37.24 -71.92
C GLU D 291 26.64 -38.24 -71.62
N LEU D 292 26.26 -39.06 -72.60
CA LEU D 292 25.17 -40.01 -72.42
C LEU D 292 25.52 -41.05 -71.37
N MET D 293 26.75 -41.56 -71.38
CA MET D 293 27.14 -42.57 -70.38
C MET D 293 27.12 -41.99 -68.98
N GLY D 294 27.62 -40.76 -68.81
CA GLY D 294 27.60 -40.13 -67.51
C GLY D 294 28.62 -40.67 -66.53
N ASP D 295 29.61 -41.42 -67.02
CA ASP D 295 30.63 -42.00 -66.15
C ASP D 295 32.05 -41.79 -66.65
N ARG D 296 32.26 -41.43 -67.91
CA ARG D 296 33.58 -41.39 -68.51
C ARG D 296 33.95 -39.95 -68.87
N VAL D 297 35.25 -39.72 -69.03
CA VAL D 297 35.80 -38.41 -69.33
C VAL D 297 36.66 -38.51 -70.58
N ALA D 298 36.51 -37.54 -71.48
CA ALA D 298 37.18 -37.57 -72.77
C ALA D 298 38.45 -36.72 -72.75
N ILE D 299 39.45 -37.16 -73.50
CA ILE D 299 40.72 -36.46 -73.65
C ILE D 299 40.85 -36.03 -75.11
N ILE D 300 41.12 -34.75 -75.33
CA ILE D 300 41.13 -34.17 -76.67
C ILE D 300 42.50 -33.53 -76.93
N ASP D 301 42.90 -33.56 -78.20
CA ASP D 301 44.13 -32.96 -78.69
C ASP D 301 43.84 -32.10 -79.91
N PRO D 302 44.62 -31.06 -80.14
CA PRO D 302 44.38 -30.16 -81.27
C PRO D 302 45.14 -30.62 -82.50
N PRO D 303 44.89 -30.02 -83.66
CA PRO D 303 45.69 -30.33 -84.85
C PRO D 303 47.16 -30.01 -84.62
N PRO D 304 48.06 -30.72 -85.30
CA PRO D 304 49.49 -30.65 -84.96
C PRO D 304 50.12 -29.25 -85.06
N ASN D 305 50.04 -28.62 -86.22
CA ASN D 305 50.83 -27.42 -86.46
C ASN D 305 50.05 -26.15 -86.18
N GLN D 306 50.11 -25.68 -84.95
CA GLN D 306 49.49 -24.42 -84.56
C GLN D 306 50.37 -23.75 -83.50
N ASN D 307 50.15 -22.45 -83.32
CA ASN D 307 50.82 -21.67 -82.29
C ASN D 307 49.78 -20.77 -81.62
N ALA D 308 50.27 -19.81 -80.85
CA ALA D 308 49.38 -18.86 -80.17
C ALA D 308 48.63 -18.03 -81.19
N ARG D 309 47.47 -17.50 -80.80
CA ARG D 309 46.59 -16.67 -81.62
C ARG D 309 45.92 -17.51 -82.71
N GLN D 310 46.26 -18.79 -82.80
CA GLN D 310 45.57 -19.73 -83.67
C GLN D 310 44.72 -20.71 -82.90
N ILE D 311 45.30 -21.39 -81.90
CA ILE D 311 44.53 -22.32 -81.08
C ILE D 311 43.41 -21.57 -80.36
N ARG D 312 43.71 -20.38 -79.84
CA ARG D 312 42.69 -19.56 -79.21
C ARG D 312 41.56 -19.23 -80.16
N VAL D 313 41.82 -19.23 -81.48
CA VAL D 313 40.74 -19.12 -82.45
C VAL D 313 40.08 -20.48 -82.65
N TRP D 314 40.89 -21.53 -82.83
CA TRP D 314 40.36 -22.85 -83.13
C TRP D 314 39.44 -23.36 -82.02
N ARG D 315 39.69 -22.94 -80.78
CA ARG D 315 38.86 -23.34 -79.66
C ARG D 315 37.52 -22.59 -79.62
N GLN D 316 37.45 -21.39 -80.18
CA GLN D 316 36.27 -20.56 -79.98
C GLN D 316 35.39 -20.42 -81.21
N GLU D 317 35.97 -20.31 -82.40
CA GLU D 317 35.18 -20.17 -83.62
C GLU D 317 34.90 -21.49 -84.32
N THR D 318 35.57 -22.58 -83.93
CA THR D 318 35.41 -23.83 -84.64
C THR D 318 35.09 -25.02 -83.73
N ALA D 319 35.63 -25.03 -82.52
CA ALA D 319 35.58 -26.20 -81.66
C ALA D 319 35.16 -25.81 -80.24
N GLY D 320 34.05 -25.07 -80.12
CA GLY D 320 33.60 -24.63 -78.81
C GLY D 320 33.41 -25.77 -77.83
N TYR D 321 32.79 -26.85 -78.27
CA TYR D 321 32.76 -28.12 -77.54
C TYR D 321 32.06 -28.02 -76.20
N ASP D 322 32.67 -27.30 -75.24
CA ASP D 322 32.27 -27.26 -73.84
C ASP D 322 31.84 -28.63 -73.33
N SER D 323 30.60 -28.73 -72.85
CA SER D 323 29.92 -29.95 -72.40
C SER D 323 30.46 -30.48 -71.07
N LYS D 324 31.47 -29.85 -70.48
CA LYS D 324 31.99 -30.13 -69.13
C LYS D 324 32.52 -31.55 -68.98
N TYR D 325 32.54 -32.35 -70.04
CA TYR D 325 32.96 -33.75 -69.98
C TYR D 325 34.19 -34.00 -70.84
N ALA D 326 35.15 -33.08 -70.81
CA ALA D 326 36.34 -33.25 -71.65
C ALA D 326 37.50 -32.49 -71.05
N ALA D 327 38.70 -32.83 -71.52
CA ALA D 327 39.91 -32.11 -71.17
C ALA D 327 40.83 -32.08 -72.37
N LEU D 328 41.26 -30.88 -72.77
CA LEU D 328 42.05 -30.68 -73.97
C LEU D 328 43.50 -30.39 -73.59
N TYR D 329 44.44 -31.07 -74.25
CA TYR D 329 45.86 -30.88 -74.00
C TYR D 329 46.53 -30.39 -75.27
N TYR D 330 47.06 -29.17 -75.22
CA TYR D 330 47.51 -28.43 -76.41
C TYR D 330 48.78 -29.00 -77.05
N PRO D 331 49.93 -28.98 -76.40
CA PRO D 331 51.18 -29.23 -77.13
C PRO D 331 51.44 -30.71 -77.35
N TRP D 332 52.04 -31.01 -78.50
CA TRP D 332 52.40 -32.38 -78.86
C TRP D 332 53.74 -32.74 -78.24
N ILE D 333 54.01 -34.05 -78.17
CA ILE D 333 55.20 -34.57 -77.51
C ILE D 333 56.04 -35.31 -78.52
N LYS D 334 57.33 -34.98 -78.57
CA LYS D 334 58.27 -35.69 -79.44
C LYS D 334 58.83 -36.88 -78.68
N SER D 335 58.70 -38.07 -79.26
CA SER D 335 59.09 -39.31 -78.61
C SER D 335 59.92 -40.17 -79.56
N PHE D 336 60.60 -41.15 -78.98
CA PHE D 336 61.49 -42.04 -79.71
C PHE D 336 60.73 -43.22 -80.30
N ASP D 337 61.24 -43.73 -81.42
CA ASP D 337 60.68 -44.91 -82.07
C ASP D 337 61.82 -45.89 -82.32
N PRO D 338 61.75 -47.09 -81.73
CA PRO D 338 62.84 -48.06 -81.94
C PRO D 338 62.78 -48.79 -83.26
N ALA D 339 61.63 -48.79 -83.94
CA ALA D 339 61.54 -49.45 -85.24
C ALA D 339 62.50 -48.81 -86.24
N THR D 340 62.54 -47.47 -86.27
CA THR D 340 63.55 -46.74 -87.01
C THR D 340 64.58 -46.07 -86.11
N GLY D 341 64.38 -46.11 -84.80
CA GLY D 341 65.29 -45.45 -83.87
C GLY D 341 65.37 -43.96 -84.08
N GLN D 342 64.22 -43.30 -84.28
CA GLN D 342 64.21 -41.89 -84.61
C GLN D 342 63.14 -41.18 -83.79
N SER D 343 63.31 -39.86 -83.64
CA SER D 343 62.37 -39.05 -82.88
C SER D 343 61.29 -38.50 -83.81
N ARG D 344 60.04 -38.55 -83.33
CA ARG D 344 58.92 -38.04 -84.10
C ARG D 344 57.82 -37.59 -83.15
N LEU D 345 56.93 -36.75 -83.67
CA LEU D 345 55.90 -36.10 -82.87
C LEU D 345 54.66 -36.97 -82.76
N VAL D 346 54.11 -37.05 -81.55
CA VAL D 346 52.85 -37.77 -81.30
C VAL D 346 51.98 -36.92 -80.39
N PRO D 347 50.66 -37.09 -80.51
CA PRO D 347 49.75 -36.35 -79.63
C PRO D 347 49.86 -36.87 -78.21
N PRO D 348 49.54 -36.02 -77.22
CA PRO D 348 49.56 -36.46 -75.81
C PRO D 348 48.24 -37.08 -75.37
N SER D 349 48.00 -38.32 -75.79
CA SER D 349 46.74 -39.01 -75.50
C SER D 349 46.90 -40.05 -74.40
N GLY D 350 47.85 -40.97 -74.56
CA GLY D 350 48.04 -42.00 -73.55
C GLY D 350 48.80 -41.55 -72.33
N HIS D 351 49.69 -40.57 -72.49
CA HIS D 351 50.51 -40.12 -71.37
C HIS D 351 49.66 -39.47 -70.29
N VAL D 352 48.66 -38.67 -70.67
CA VAL D 352 47.81 -38.03 -69.68
C VAL D 352 46.95 -39.07 -68.97
N ALA D 353 46.49 -40.10 -69.69
CA ALA D 353 45.74 -41.18 -69.05
C ALA D 353 46.61 -41.93 -68.06
N GLY D 354 47.87 -42.19 -68.41
CA GLY D 354 48.78 -42.83 -67.48
C GLY D 354 49.04 -41.98 -66.25
N ILE D 355 49.17 -40.67 -66.45
CA ILE D 355 49.37 -39.75 -65.33
C ILE D 355 48.15 -39.78 -64.41
N TRP D 356 46.95 -39.78 -65.00
CA TRP D 356 45.73 -39.86 -64.20
C TRP D 356 45.68 -41.15 -63.40
N ALA D 357 46.03 -42.27 -64.02
CA ALA D 357 46.04 -43.54 -63.31
C ALA D 357 47.06 -43.55 -62.18
N ARG D 358 48.25 -42.98 -62.44
CA ARG D 358 49.27 -42.91 -61.40
C ARG D 358 48.81 -42.05 -60.23
N ASN D 359 48.18 -40.91 -60.52
CA ASN D 359 47.67 -40.05 -59.45
C ASN D 359 46.57 -40.74 -58.67
N ASP D 360 45.68 -41.47 -59.35
CA ASP D 360 44.63 -42.19 -58.66
C ASP D 360 45.14 -43.36 -57.84
N SER D 361 46.29 -43.92 -58.22
CA SER D 361 46.85 -45.05 -57.48
C SER D 361 47.65 -44.58 -56.27
N GLU D 362 48.61 -43.67 -56.49
CA GLU D 362 49.46 -43.20 -55.39
C GLU D 362 48.66 -42.45 -54.35
N ARG D 363 47.88 -41.46 -54.78
CA ARG D 363 47.04 -40.66 -53.89
C ARG D 363 45.57 -40.88 -54.23
N GLY D 364 44.70 -40.19 -53.51
CA GLY D 364 43.29 -40.28 -53.76
C GLY D 364 42.88 -39.62 -55.06
N VAL D 365 41.67 -39.93 -55.50
CA VAL D 365 41.13 -39.34 -56.72
C VAL D 365 40.83 -37.85 -56.57
N HIS D 366 40.82 -37.33 -55.35
CA HIS D 366 40.54 -35.92 -55.11
C HIS D 366 41.73 -35.02 -55.40
N LYS D 367 42.91 -35.59 -55.64
CA LYS D 367 44.10 -34.80 -55.95
C LYS D 367 44.13 -34.48 -57.44
N ALA D 368 44.25 -33.20 -57.76
CA ALA D 368 44.25 -32.76 -59.15
C ALA D 368 45.59 -33.09 -59.80
N PRO D 369 45.61 -33.78 -60.92
CA PRO D 369 46.88 -34.06 -61.60
C PRO D 369 47.46 -32.82 -62.26
N ALA D 370 47.91 -31.87 -61.46
CA ALA D 370 48.38 -30.58 -61.96
C ALA D 370 49.89 -30.52 -62.15
N ASN D 371 50.67 -31.20 -61.30
CA ASN D 371 52.13 -31.15 -61.34
C ASN D 371 52.64 -32.58 -61.41
N GLU D 372 52.74 -33.11 -62.64
CA GLU D 372 53.27 -34.44 -62.87
C GLU D 372 54.22 -34.40 -64.06
N VAL D 373 55.22 -35.28 -64.02
CA VAL D 373 56.27 -35.31 -65.03
C VAL D 373 55.92 -36.35 -66.09
N VAL D 374 55.95 -35.91 -67.35
CA VAL D 374 55.59 -36.79 -68.48
C VAL D 374 56.80 -37.68 -68.77
N ARG D 375 56.93 -38.77 -68.02
CA ARG D 375 58.07 -39.70 -68.20
C ARG D 375 58.02 -40.26 -69.62
N GLY D 376 59.13 -40.18 -70.36
CA GLY D 376 59.18 -40.82 -71.69
C GLY D 376 59.41 -39.86 -72.85
N ALA D 377 59.10 -38.57 -72.68
CA ALA D 377 59.24 -37.58 -73.77
C ALA D 377 60.67 -37.06 -73.83
N VAL D 378 60.98 -36.29 -74.88
CA VAL D 378 62.34 -35.70 -75.03
C VAL D 378 62.20 -34.19 -75.31
N ASP D 379 61.27 -33.76 -76.16
CA ASP D 379 61.17 -32.35 -76.53
C ASP D 379 59.70 -31.97 -76.65
N LEU D 380 59.46 -30.72 -77.06
CA LEU D 380 58.11 -30.23 -77.25
C LEU D 380 57.91 -29.47 -78.57
N GLU D 381 58.97 -28.99 -79.20
CA GLU D 381 58.92 -28.22 -80.45
C GLU D 381 58.11 -26.94 -80.31
N LEU D 382 57.96 -26.43 -79.10
CA LEU D 382 57.26 -25.19 -78.83
C LEU D 382 57.53 -24.76 -77.40
N GLN D 383 57.60 -23.45 -77.18
CA GLN D 383 57.85 -22.89 -75.87
C GLN D 383 56.79 -21.86 -75.53
N ILE D 384 56.33 -21.87 -74.28
CA ILE D 384 55.28 -20.97 -73.81
C ILE D 384 55.85 -20.11 -72.69
N THR D 385 55.66 -18.80 -72.81
CA THR D 385 56.07 -17.85 -71.78
C THR D 385 54.95 -17.69 -70.76
N ARG D 386 55.13 -16.73 -69.85
CA ARG D 386 54.09 -16.48 -68.81
C ARG D 386 52.87 -15.81 -69.46
N GLY D 387 53.11 -14.84 -70.35
CA GLY D 387 52.00 -14.11 -70.95
C GLY D 387 51.11 -15.00 -71.80
N GLU D 388 51.72 -15.87 -72.61
CA GLU D 388 50.93 -16.77 -73.45
C GLU D 388 50.10 -17.73 -72.59
N GLN D 389 50.69 -18.24 -71.50
CA GLN D 389 49.92 -19.08 -70.58
C GLN D 389 48.79 -18.28 -69.93
N ASP D 390 49.06 -17.03 -69.54
CA ASP D 390 48.01 -16.18 -69.00
C ASP D 390 46.92 -15.87 -70.02
N LEU D 391 47.20 -15.99 -71.31
CA LEU D 391 46.17 -15.85 -72.33
C LEU D 391 45.39 -17.14 -72.56
N LEU D 392 46.00 -18.29 -72.27
CA LEU D 392 45.34 -19.58 -72.46
C LEU D 392 44.68 -20.11 -71.20
N ASN D 393 45.11 -19.64 -70.02
CA ASN D 393 44.52 -20.11 -68.78
C ASN D 393 43.03 -19.78 -68.64
N PRO D 394 42.54 -18.58 -68.96
CA PRO D 394 41.10 -18.32 -68.78
C PRO D 394 40.21 -19.26 -69.56
N ILE D 395 40.66 -19.77 -70.70
CA ILE D 395 39.91 -20.76 -71.45
C ILE D 395 40.41 -22.14 -71.04
N GLY D 396 39.61 -23.16 -71.34
CA GLY D 396 39.91 -24.50 -70.89
C GLY D 396 41.02 -25.19 -71.65
N VAL D 397 42.18 -24.53 -71.75
CA VAL D 397 43.34 -25.08 -72.45
C VAL D 397 44.44 -25.28 -71.43
N ASN D 398 44.82 -26.54 -71.21
CA ASN D 398 45.93 -26.86 -70.33
C ASN D 398 47.24 -26.70 -71.09
N CYS D 399 48.35 -26.98 -70.41
CA CYS D 399 49.66 -26.80 -71.02
C CYS D 399 50.64 -27.84 -70.51
N ILE D 400 51.69 -28.06 -71.29
CA ILE D 400 52.82 -28.89 -70.90
C ILE D 400 54.05 -28.00 -70.97
N ARG D 401 54.62 -27.67 -69.80
CA ARG D 401 55.63 -26.63 -69.70
C ARG D 401 56.98 -27.23 -69.34
N SER D 402 58.04 -26.63 -69.89
CA SER D 402 59.40 -27.01 -69.58
C SER D 402 60.00 -26.01 -68.59
N PHE D 403 60.47 -26.53 -67.47
CA PHE D 403 61.03 -25.70 -66.41
C PHE D 403 62.53 -25.96 -66.29
N PRO D 404 63.34 -24.91 -66.19
CA PRO D 404 64.80 -25.09 -66.17
C PRO D 404 65.30 -25.62 -64.84
N GLY D 405 65.26 -26.95 -64.69
CA GLY D 405 65.69 -27.58 -63.46
C GLY D 405 64.72 -28.64 -63.00
N ARG D 406 63.54 -28.66 -63.62
CA ARG D 406 62.51 -29.64 -63.30
C ARG D 406 61.99 -30.38 -64.52
N GLY D 407 62.30 -29.94 -65.73
CA GLY D 407 61.95 -30.70 -66.92
C GLY D 407 60.55 -30.45 -67.43
N ILE D 408 59.95 -31.44 -68.06
CA ILE D 408 58.63 -31.31 -68.68
C ILE D 408 57.57 -31.72 -67.67
N ARG D 409 56.61 -30.83 -67.43
CA ARG D 409 55.56 -31.07 -66.44
C ARG D 409 54.22 -30.61 -66.97
N VAL D 410 53.15 -31.26 -66.49
CA VAL D 410 51.80 -30.79 -66.80
C VAL D 410 51.53 -29.48 -66.06
N TRP D 411 50.57 -28.71 -66.56
CA TRP D 411 50.29 -27.41 -65.98
C TRP D 411 48.87 -26.98 -66.33
N GLY D 412 48.05 -26.74 -65.31
CA GLY D 412 46.77 -26.07 -65.47
C GLY D 412 45.56 -26.82 -64.95
N ALA D 413 45.48 -28.11 -65.23
CA ALA D 413 44.44 -29.01 -64.70
C ALA D 413 43.06 -28.37 -64.74
N ARG D 414 42.57 -28.11 -65.97
CA ARG D 414 41.26 -27.52 -66.16
C ARG D 414 40.49 -28.33 -67.21
N THR D 415 39.24 -27.93 -67.45
CA THR D 415 38.35 -28.62 -68.37
C THR D 415 37.62 -27.62 -69.25
N LEU D 416 36.85 -28.15 -70.20
CA LEU D 416 36.06 -27.34 -71.12
C LEU D 416 34.66 -27.19 -70.58
N SER D 417 34.40 -26.10 -69.86
CA SER D 417 33.07 -25.85 -69.29
C SER D 417 32.91 -24.36 -69.03
N SER D 418 31.91 -23.75 -69.67
CA SER D 418 31.64 -22.34 -69.42
C SER D 418 31.06 -22.12 -68.04
N ASP D 419 30.26 -23.07 -67.55
CA ASP D 419 29.64 -22.96 -66.23
C ASP D 419 30.71 -22.97 -65.15
N PRO D 420 30.77 -21.96 -64.29
CA PRO D 420 31.79 -21.95 -63.23
C PRO D 420 31.63 -23.04 -62.17
N ALA D 421 30.56 -23.84 -62.22
CA ALA D 421 30.35 -24.88 -61.22
C ALA D 421 31.31 -26.05 -61.40
N TRP D 422 31.69 -26.36 -62.64
CA TRP D 422 32.54 -27.51 -62.91
C TRP D 422 33.83 -27.09 -63.59
N ARG D 423 34.48 -26.06 -63.05
CA ARG D 423 35.72 -25.56 -63.64
C ARG D 423 36.83 -26.60 -63.56
N TYR D 424 36.94 -27.31 -62.44
CA TYR D 424 38.07 -28.18 -62.17
C TYR D 424 37.74 -29.63 -62.45
N LEU D 425 38.77 -30.40 -62.81
CA LEU D 425 38.59 -31.80 -63.17
C LEU D 425 38.39 -32.68 -61.94
N ASN D 426 39.08 -32.37 -60.83
CA ASN D 426 39.03 -33.25 -59.67
C ASN D 426 37.63 -33.28 -59.06
N ILE D 427 36.91 -32.16 -59.09
CA ILE D 427 35.54 -32.14 -58.59
C ILE D 427 34.67 -33.09 -59.40
N ARG D 428 34.79 -33.03 -60.73
CA ARG D 428 34.01 -33.92 -61.59
C ARG D 428 34.35 -35.38 -61.34
N ARG D 429 35.64 -35.69 -61.21
CA ARG D 429 36.04 -37.08 -60.97
C ARG D 429 35.50 -37.59 -59.63
N TYR D 430 35.61 -36.76 -58.58
CA TYR D 430 35.10 -37.18 -57.28
C TYR D 430 33.59 -37.35 -57.29
N PHE D 431 32.87 -36.46 -57.98
CA PHE D 431 31.42 -36.59 -58.07
C PHE D 431 31.04 -37.85 -58.83
N ASN D 432 31.75 -38.16 -59.91
CA ASN D 432 31.48 -39.39 -60.65
C ASN D 432 31.72 -40.62 -59.77
N TYR D 433 32.81 -40.61 -59.01
CA TYR D 433 33.11 -41.73 -58.12
C TYR D 433 32.01 -41.91 -57.08
N LEU D 434 31.59 -40.80 -56.45
CA LEU D 434 30.54 -40.88 -55.43
C LEU D 434 29.23 -41.37 -56.02
N GLU D 435 28.85 -40.85 -57.19
CA GLU D 435 27.60 -41.26 -57.82
C GLU D 435 27.63 -42.74 -58.18
N GLU D 436 28.75 -43.22 -58.73
CA GLU D 436 28.84 -44.63 -59.07
C GLU D 436 28.75 -45.51 -57.84
N SER D 437 29.46 -45.14 -56.76
CA SER D 437 29.43 -45.93 -55.54
C SER D 437 28.01 -45.98 -54.96
N ILE D 438 27.34 -44.83 -54.91
CA ILE D 438 26.00 -44.78 -54.36
C ILE D 438 25.03 -45.60 -55.20
N LEU D 439 25.12 -45.48 -56.52
CA LEU D 439 24.22 -46.24 -57.40
C LEU D 439 24.44 -47.74 -57.25
N ILE D 440 25.70 -48.17 -57.15
CA ILE D 440 25.96 -49.60 -57.04
C ILE D 440 25.53 -50.15 -55.68
N GLY D 441 25.82 -49.45 -54.60
CA GLY D 441 25.59 -50.01 -53.28
C GLY D 441 24.34 -49.55 -52.56
N THR D 442 23.21 -49.44 -53.26
CA THR D 442 21.98 -48.97 -52.64
C THR D 442 20.76 -49.77 -53.09
N GLN D 443 20.90 -50.71 -54.04
CA GLN D 443 19.76 -51.31 -54.69
C GLN D 443 18.84 -52.08 -53.73
N TRP D 444 19.31 -52.42 -52.53
CA TRP D 444 18.49 -53.19 -51.61
C TRP D 444 17.35 -52.40 -51.00
N VAL D 445 17.32 -51.07 -51.19
CA VAL D 445 16.31 -50.24 -50.52
C VAL D 445 14.96 -50.26 -51.22
N VAL D 446 14.90 -50.69 -52.46
CA VAL D 446 13.65 -50.66 -53.22
C VAL D 446 12.70 -51.71 -52.66
N PHE D 447 11.40 -51.39 -52.69
CA PHE D 447 10.32 -52.26 -52.23
C PHE D 447 10.50 -52.63 -50.76
N GLU D 448 10.41 -51.60 -49.93
CA GLU D 448 10.53 -51.70 -48.48
C GLU D 448 9.29 -51.12 -47.81
N PRO D 449 9.01 -51.50 -46.55
CA PRO D 449 7.80 -51.01 -45.89
C PRO D 449 7.70 -49.50 -45.77
N ASN D 450 8.82 -48.78 -45.91
CA ASN D 450 8.84 -47.31 -45.93
C ASN D 450 8.31 -46.73 -44.60
N ASP D 451 9.01 -47.09 -43.53
CA ASP D 451 8.75 -46.52 -42.22
C ASP D 451 9.99 -45.77 -41.74
N HIS D 452 9.93 -45.16 -40.56
CA HIS D 452 11.05 -44.39 -40.04
C HIS D 452 12.29 -45.24 -39.75
N ASN D 453 12.12 -46.55 -39.57
CA ASN D 453 13.28 -47.43 -39.42
C ASN D 453 14.13 -47.42 -40.68
N LEU D 454 13.48 -47.45 -41.85
CA LEU D 454 14.22 -47.38 -43.11
C LEU D 454 14.99 -46.06 -43.23
N TRP D 455 14.35 -44.96 -42.82
CA TRP D 455 15.02 -43.66 -42.85
C TRP D 455 16.24 -43.67 -41.93
N ALA D 456 16.10 -44.23 -40.73
CA ALA D 456 17.23 -44.30 -39.81
C ALA D 456 18.37 -45.13 -40.39
N ARG D 457 18.04 -46.28 -41.00
CA ARG D 457 19.07 -47.13 -41.59
C ARG D 457 19.80 -46.41 -42.72
N ILE D 458 19.04 -45.75 -43.60
CA ILE D 458 19.66 -45.04 -44.72
C ILE D 458 20.57 -43.93 -44.21
N ARG D 459 20.08 -43.16 -43.23
CA ARG D 459 20.90 -42.09 -42.66
C ARG D 459 22.17 -42.64 -42.03
N ARG D 460 22.07 -43.74 -41.29
CA ARG D 460 23.26 -44.33 -40.67
C ARG D 460 24.27 -44.76 -41.73
N ASN D 461 23.80 -45.42 -42.78
CA ASN D 461 24.72 -45.90 -43.82
C ASN D 461 25.42 -44.74 -44.52
N VAL D 462 24.64 -43.72 -44.92
CA VAL D 462 25.22 -42.59 -45.62
C VAL D 462 26.20 -41.83 -44.72
N SER D 463 25.84 -41.66 -43.44
CA SER D 463 26.72 -40.97 -42.51
C SER D 463 28.02 -41.73 -42.32
N ALA D 464 27.95 -43.06 -42.20
CA ALA D 464 29.17 -43.85 -42.07
C ALA D 464 30.06 -43.72 -43.29
N PHE D 465 29.46 -43.80 -44.48
CA PHE D 465 30.25 -43.66 -45.71
C PHE D 465 30.90 -42.29 -45.78
N LEU D 466 30.16 -41.23 -45.45
CA LEU D 466 30.71 -39.88 -45.54
C LEU D 466 31.78 -39.65 -44.50
N VAL D 467 31.63 -40.21 -43.30
CA VAL D 467 32.66 -40.09 -42.27
C VAL D 467 33.94 -40.80 -42.72
N ASN D 468 33.79 -41.99 -43.29
CA ASN D 468 34.97 -42.71 -43.78
C ASN D 468 35.66 -41.93 -44.89
N GLU D 469 34.89 -41.30 -45.78
CA GLU D 469 35.48 -40.50 -46.83
C GLU D 469 36.18 -39.26 -46.27
N TRP D 470 35.57 -38.63 -45.24
CA TRP D 470 36.13 -37.39 -44.70
C TRP D 470 37.41 -37.65 -43.91
N ARG D 471 37.50 -38.78 -43.22
CA ARG D 471 38.67 -39.03 -42.37
C ARG D 471 39.97 -39.16 -43.17
N ASN D 472 39.89 -39.31 -44.48
CA ASN D 472 41.08 -39.34 -45.32
C ASN D 472 41.51 -37.96 -45.81
N GLY D 473 40.81 -36.90 -45.40
CA GLY D 473 41.18 -35.57 -45.80
C GLY D 473 40.67 -35.13 -47.15
N ALA D 474 39.60 -35.76 -47.65
CA ALA D 474 39.04 -35.42 -48.96
C ALA D 474 37.93 -34.39 -48.88
N LEU D 475 37.59 -33.90 -47.68
CA LEU D 475 36.54 -32.90 -47.51
C LEU D 475 37.07 -31.76 -46.65
N PHE D 476 36.60 -30.55 -46.95
CA PHE D 476 37.07 -29.34 -46.29
C PHE D 476 36.24 -29.09 -45.04
N GLY D 477 36.86 -29.26 -43.88
CA GLY D 477 36.20 -29.00 -42.62
C GLY D 477 36.96 -29.50 -41.41
N GLN D 478 36.98 -28.72 -40.34
CA GLN D 478 37.72 -29.13 -39.10
C GLN D 478 36.91 -30.19 -38.35
N SER D 479 35.58 -30.16 -38.48
CA SER D 479 34.70 -31.09 -37.80
C SER D 479 33.76 -31.74 -38.81
N PRO D 480 33.27 -32.95 -38.49
CA PRO D 480 32.33 -33.63 -39.40
C PRO D 480 31.06 -32.82 -39.63
N ASP D 481 30.68 -32.00 -38.65
CA ASP D 481 29.48 -31.19 -38.79
C ASP D 481 29.63 -30.13 -39.88
N GLN D 482 30.84 -29.67 -40.13
CA GLN D 482 31.10 -28.64 -41.13
C GLN D 482 31.48 -29.23 -42.49
N ALA D 483 31.52 -30.55 -42.62
CA ALA D 483 31.95 -31.18 -43.86
C ALA D 483 30.81 -31.73 -44.70
N TYR D 484 29.72 -32.17 -44.07
CA TYR D 484 28.61 -32.79 -44.80
C TYR D 484 27.34 -32.64 -43.98
N TYR D 485 26.21 -32.87 -44.65
CA TYR D 485 24.92 -32.91 -43.96
C TYR D 485 23.97 -33.82 -44.71
N VAL D 486 23.32 -34.72 -43.98
CA VAL D 486 22.37 -35.67 -44.55
C VAL D 486 21.04 -35.49 -43.82
N LYS D 487 19.97 -35.31 -44.59
CA LYS D 487 18.64 -35.05 -44.05
C LYS D 487 17.67 -36.08 -44.58
N CYS D 488 17.04 -36.83 -43.67
CA CYS D 488 15.99 -37.78 -44.03
C CYS D 488 15.10 -37.95 -42.80
N ASP D 489 13.96 -37.27 -42.81
CA ASP D 489 13.06 -37.27 -41.65
C ASP D 489 11.66 -36.89 -42.13
N GLU D 490 10.78 -36.58 -41.18
CA GLU D 490 9.42 -36.21 -41.52
C GLU D 490 9.32 -34.80 -42.10
N GLU D 491 10.38 -33.99 -41.95
CA GLU D 491 10.34 -32.64 -42.52
C GLU D 491 10.47 -32.67 -44.04
N THR D 492 11.30 -33.57 -44.57
CA THR D 492 11.49 -33.68 -46.01
C THR D 492 10.66 -34.80 -46.62
N ASN D 493 9.86 -35.51 -45.83
CA ASN D 493 9.01 -36.60 -46.31
C ASN D 493 7.60 -36.39 -45.79
N PRO D 494 6.84 -35.48 -46.40
CA PRO D 494 5.45 -35.24 -45.97
C PRO D 494 4.58 -36.44 -46.30
N PRO D 495 3.43 -36.59 -45.63
CA PRO D 495 2.56 -37.73 -45.93
C PRO D 495 2.10 -37.79 -47.37
N GLU D 496 1.90 -36.63 -48.02
CA GLU D 496 1.53 -36.64 -49.43
C GLU D 496 2.62 -37.26 -50.30
N SER D 497 3.88 -36.96 -49.99
CA SER D 497 4.99 -37.55 -50.75
C SER D 497 5.11 -39.04 -50.48
N VAL D 498 4.94 -39.47 -49.23
CA VAL D 498 5.09 -40.89 -48.90
C VAL D 498 3.89 -41.69 -49.39
N ASP D 499 2.78 -41.01 -49.71
CA ASP D 499 1.64 -41.70 -50.29
C ASP D 499 2.00 -42.36 -51.61
N LEU D 500 2.76 -41.66 -52.45
CA LEU D 500 3.18 -42.19 -53.75
C LEU D 500 4.35 -43.16 -53.64
N GLY D 501 4.94 -43.31 -52.46
CA GLY D 501 6.07 -44.20 -52.29
C GLY D 501 7.37 -43.59 -52.78
N ARG D 502 7.81 -42.51 -52.14
CA ARG D 502 9.02 -41.80 -52.54
C ARG D 502 9.91 -41.57 -51.33
N VAL D 503 11.23 -41.65 -51.57
CA VAL D 503 12.24 -41.36 -50.56
C VAL D 503 13.21 -40.35 -51.16
N VAL D 504 13.59 -39.34 -50.38
CA VAL D 504 14.41 -38.23 -50.85
C VAL D 504 15.86 -38.33 -50.36
N CYS D 505 16.06 -38.29 -49.03
CA CYS D 505 17.38 -38.43 -48.43
C CYS D 505 18.36 -37.38 -48.98
N GLU D 506 18.07 -36.12 -48.67
CA GLU D 506 18.89 -35.03 -49.16
C GLU D 506 20.31 -35.14 -48.61
N ILE D 507 21.29 -34.96 -49.49
CA ILE D 507 22.71 -35.08 -49.15
C ILE D 507 23.44 -33.84 -49.63
N GLY D 508 24.30 -33.28 -48.78
CA GLY D 508 25.12 -32.16 -49.18
C GLY D 508 26.54 -32.29 -48.66
N ILE D 509 27.53 -32.06 -49.53
CA ILE D 509 28.93 -32.20 -49.20
C ILE D 509 29.68 -30.94 -49.58
N ALA D 510 30.86 -30.77 -48.97
CA ALA D 510 31.73 -29.64 -49.25
C ALA D 510 33.06 -30.14 -49.79
N PRO D 511 33.31 -30.02 -51.09
CA PRO D 511 34.54 -30.55 -51.67
C PRO D 511 35.73 -29.63 -51.40
N VAL D 512 36.90 -30.07 -51.87
CA VAL D 512 38.15 -29.32 -51.73
C VAL D 512 38.62 -28.93 -53.13
N LYS D 513 39.23 -27.77 -53.24
CA LYS D 513 39.71 -27.29 -54.52
C LYS D 513 41.22 -27.08 -54.49
N PRO D 514 41.91 -27.30 -55.61
CA PRO D 514 43.37 -27.14 -55.62
C PRO D 514 43.78 -25.69 -55.48
N ALA D 515 44.98 -25.50 -54.91
CA ALA D 515 45.56 -24.17 -54.75
C ALA D 515 46.41 -23.86 -55.98
N GLU D 516 46.01 -22.85 -56.74
CA GLU D 516 46.67 -22.50 -57.98
C GLU D 516 47.63 -21.33 -57.83
N PHE D 517 47.20 -20.24 -57.20
CA PHE D 517 48.02 -19.06 -57.00
C PHE D 517 48.43 -18.97 -55.54
N VAL D 518 49.74 -18.93 -55.30
CA VAL D 518 50.31 -18.79 -53.97
C VAL D 518 50.93 -17.41 -53.86
N ILE D 519 50.50 -16.63 -52.87
CA ILE D 519 50.90 -15.24 -52.72
C ILE D 519 51.54 -15.05 -51.35
N PHE D 520 52.72 -14.43 -51.33
CA PHE D 520 53.36 -13.97 -50.11
C PHE D 520 53.32 -12.45 -50.06
N ARG D 521 53.66 -11.90 -48.90
CA ARG D 521 53.63 -10.46 -48.67
C ARG D 521 55.02 -9.86 -48.46
N LEU D 522 55.77 -10.38 -47.50
CA LEU D 522 57.11 -9.89 -47.18
C LEU D 522 57.08 -8.40 -46.83
N ALA D 523 56.35 -8.07 -45.78
CA ALA D 523 56.23 -6.71 -45.31
C ALA D 523 57.24 -6.43 -44.20
N GLN D 524 57.52 -5.15 -43.99
CA GLN D 524 58.45 -4.70 -42.96
C GLN D 524 57.66 -3.99 -41.88
N PHE D 525 57.84 -4.43 -40.63
CA PHE D 525 57.08 -3.91 -39.50
C PHE D 525 58.01 -3.65 -38.33
N SER D 526 57.55 -2.77 -37.44
CA SER D 526 58.31 -2.43 -36.24
C SER D 526 58.11 -3.45 -35.14
N PRO E 2 -24.51 -65.36 25.05
CA PRO E 2 -24.98 -66.43 25.95
C PRO E 2 -25.90 -65.90 27.05
N SER E 3 -26.51 -66.81 27.79
CA SER E 3 -27.42 -66.46 28.87
C SER E 3 -26.75 -66.70 30.21
N TYR E 4 -26.78 -65.69 31.08
CA TYR E 4 -26.20 -65.77 32.42
C TYR E 4 -27.33 -65.61 33.42
N LEU E 5 -27.58 -66.66 34.20
CA LEU E 5 -28.67 -66.65 35.18
C LEU E 5 -28.28 -67.11 36.57
N SER E 6 -27.20 -67.87 36.72
CA SER E 6 -26.77 -68.35 38.02
C SER E 6 -25.28 -68.09 38.21
N PRO E 7 -24.85 -67.83 39.44
CA PRO E 7 -23.42 -67.61 39.68
C PRO E 7 -22.60 -68.86 39.39
N GLY E 8 -21.37 -68.63 38.95
CA GLY E 8 -20.48 -69.73 38.63
C GLY E 8 -19.40 -69.28 37.67
N VAL E 9 -18.71 -70.27 37.11
CA VAL E 9 -17.64 -70.05 36.14
C VAL E 9 -18.06 -70.68 34.82
N TYR E 10 -18.01 -69.90 33.75
CA TYR E 10 -18.41 -70.33 32.42
C TYR E 10 -17.21 -70.25 31.49
N VAL E 11 -17.00 -71.31 30.70
CA VAL E 11 -15.91 -71.39 29.73
C VAL E 11 -16.53 -71.50 28.35
N GLU E 12 -16.22 -70.55 27.48
CA GLU E 12 -16.72 -70.53 26.11
C GLU E 12 -15.58 -70.29 25.14
N GLU E 13 -15.74 -70.78 23.92
CA GLU E 13 -14.72 -70.68 22.88
C GLU E 13 -15.22 -69.73 21.80
N VAL E 14 -14.41 -68.70 21.49
CA VAL E 14 -14.76 -67.79 20.41
C VAL E 14 -14.35 -68.39 19.07
N ALA E 15 -15.29 -68.34 18.11
CA ALA E 15 -15.09 -68.95 16.81
C ALA E 15 -14.01 -68.27 15.99
N SER E 16 -13.57 -67.08 16.40
CA SER E 16 -12.53 -66.35 15.69
C SER E 16 -11.23 -67.14 15.65
N GLY E 17 -10.77 -67.48 14.46
CA GLY E 17 -9.56 -68.25 14.30
C GLY E 17 -9.25 -68.48 12.83
N SER E 18 -8.65 -69.63 12.53
CA SER E 18 -8.28 -70.00 11.18
C SER E 18 -8.96 -71.29 10.79
N ARG E 19 -9.50 -71.34 9.57
CA ARG E 19 -10.17 -72.51 9.02
C ARG E 19 -9.59 -72.79 7.65
N PRO E 20 -8.46 -73.51 7.59
CA PRO E 20 -7.80 -73.75 6.30
C PRO E 20 -8.65 -74.58 5.35
N ILE E 21 -8.46 -74.35 4.07
CA ILE E 21 -9.17 -75.07 3.00
C ILE E 21 -8.16 -75.93 2.27
N GLU E 22 -8.48 -77.22 2.12
CA GLU E 22 -7.61 -78.18 1.48
C GLU E 22 -8.07 -78.48 0.05
N GLY E 23 -7.14 -79.01 -0.74
CA GLY E 23 -7.43 -79.37 -2.11
C GLY E 23 -8.09 -80.74 -2.22
N VAL E 24 -8.28 -81.17 -3.47
CA VAL E 24 -8.92 -82.44 -3.77
C VAL E 24 -8.05 -83.21 -4.75
N GLY E 25 -8.23 -84.53 -4.76
CA GLY E 25 -7.46 -85.38 -5.67
C GLY E 25 -8.10 -85.43 -7.05
N THR E 26 -7.29 -85.20 -8.07
CA THR E 26 -7.79 -85.18 -9.45
C THR E 26 -7.09 -86.23 -10.29
N SER E 27 -6.94 -87.44 -9.77
CA SER E 27 -6.26 -88.52 -10.47
C SER E 27 -7.09 -89.79 -10.45
N VAL E 28 -8.39 -89.66 -10.71
CA VAL E 28 -9.30 -90.80 -10.78
C VAL E 28 -10.00 -90.77 -12.13
N ALA E 29 -10.03 -91.93 -12.79
CA ALA E 29 -10.67 -92.05 -14.10
C ALA E 29 -11.63 -93.24 -14.09
N ALA E 30 -12.70 -93.12 -14.87
CA ALA E 30 -13.73 -94.14 -14.94
C ALA E 30 -13.85 -94.63 -16.38
N PHE E 31 -13.63 -95.93 -16.57
CA PHE E 31 -13.68 -96.56 -17.89
C PHE E 31 -14.93 -97.41 -18.01
N VAL E 32 -15.66 -97.23 -19.10
CA VAL E 32 -16.87 -98.00 -19.38
C VAL E 32 -16.59 -98.86 -20.61
N GLY E 33 -16.80 -100.15 -20.49
CA GLY E 33 -16.51 -101.05 -21.59
C GLY E 33 -17.12 -102.42 -21.37
N LEU E 34 -16.73 -103.35 -22.23
CA LEU E 34 -17.20 -104.72 -22.17
C LEU E 34 -16.05 -105.65 -21.78
N ALA E 35 -16.35 -106.63 -20.94
CA ALA E 35 -15.40 -107.58 -20.42
C ALA E 35 -15.98 -108.98 -20.52
N PRO E 36 -15.13 -110.02 -20.61
CA PRO E 36 -15.67 -111.38 -20.72
C PRO E 36 -16.50 -111.82 -19.52
N THR E 37 -15.93 -111.74 -18.32
CA THR E 37 -16.64 -112.15 -17.11
C THR E 37 -16.36 -111.14 -16.00
N GLY E 38 -17.30 -111.04 -15.07
CA GLY E 38 -17.16 -110.14 -13.94
C GLY E 38 -18.49 -109.56 -13.50
N PRO E 39 -18.45 -108.66 -12.52
CA PRO E 39 -19.68 -108.00 -12.07
C PRO E 39 -20.32 -107.20 -13.19
N LEU E 40 -21.64 -107.16 -13.19
CA LEU E 40 -22.42 -106.51 -14.25
C LEU E 40 -23.07 -105.25 -13.71
N ASN E 41 -22.89 -104.13 -14.42
CA ASN E 41 -23.50 -102.85 -14.10
C ASN E 41 -23.16 -102.40 -12.67
N GLU E 42 -21.92 -102.63 -12.27
CA GLU E 42 -21.43 -102.20 -10.96
C GLU E 42 -20.11 -101.46 -11.13
N PRO E 43 -20.01 -100.23 -10.64
CA PRO E 43 -18.75 -99.48 -10.79
C PRO E 43 -17.66 -99.97 -9.84
N THR E 44 -16.96 -101.03 -10.25
CA THR E 44 -15.92 -101.59 -9.39
C THR E 44 -14.73 -100.65 -9.30
N LEU E 45 -13.99 -100.76 -8.20
CA LEU E 45 -12.80 -99.94 -7.96
C LEU E 45 -11.56 -100.81 -8.07
N VAL E 46 -10.61 -100.37 -8.88
CA VAL E 46 -9.36 -101.09 -9.11
C VAL E 46 -8.19 -100.16 -8.84
N THR E 47 -7.11 -100.71 -8.26
CA THR E 47 -5.93 -99.92 -7.98
C THR E 47 -4.65 -100.63 -8.37
N ASN E 48 -4.73 -101.81 -8.96
CA ASN E 48 -3.56 -102.56 -9.40
C ASN E 48 -4.04 -103.64 -10.35
N TRP E 49 -3.18 -104.04 -11.30
CA TRP E 49 -3.59 -105.02 -12.33
C TRP E 49 -4.07 -106.32 -11.68
N THR E 50 -3.43 -106.76 -10.60
CA THR E 50 -3.81 -108.05 -10.02
C THR E 50 -5.30 -108.07 -9.69
N GLN E 51 -5.82 -106.97 -9.16
CA GLN E 51 -7.25 -106.89 -8.88
C GLN E 51 -8.07 -107.01 -10.16
N TYR E 52 -7.65 -106.34 -11.23
CA TYR E 52 -8.36 -106.42 -12.49
C TYR E 52 -8.30 -107.85 -13.05
N VAL E 53 -7.15 -108.50 -12.94
CA VAL E 53 -7.04 -109.89 -13.42
C VAL E 53 -7.97 -110.79 -12.63
N ALA E 54 -8.00 -110.63 -11.30
CA ALA E 54 -8.85 -111.47 -10.47
C ALA E 54 -10.34 -111.20 -10.68
N ALA E 55 -10.71 -109.98 -11.08
CA ALA E 55 -12.12 -109.62 -11.21
C ALA E 55 -12.65 -109.84 -12.63
N PHE E 56 -12.07 -109.14 -13.61
CA PHE E 56 -12.62 -109.09 -14.95
C PHE E 56 -11.84 -109.91 -15.98
N GLY E 57 -10.92 -110.75 -15.53
CA GLY E 57 -10.10 -111.51 -16.46
C GLY E 57 -9.01 -110.66 -17.09
N ASP E 58 -8.35 -111.24 -18.10
CA ASP E 58 -7.24 -110.56 -18.75
C ASP E 58 -7.02 -111.17 -20.13
N PHE E 59 -7.22 -110.36 -21.17
CA PHE E 59 -6.81 -110.67 -22.53
C PHE E 59 -7.31 -112.02 -23.04
N THR E 60 -8.63 -112.18 -23.14
CA THR E 60 -9.21 -113.41 -23.67
C THR E 60 -10.31 -113.21 -24.70
N GLY E 61 -10.92 -112.03 -24.78
CA GLY E 61 -12.02 -111.82 -25.71
C GLY E 61 -11.70 -110.85 -26.82
N GLY E 62 -10.47 -110.33 -26.84
CA GLY E 62 -10.09 -109.36 -27.85
C GLY E 62 -10.83 -108.04 -27.76
N TYR E 63 -11.02 -107.53 -26.55
CA TYR E 63 -11.71 -106.26 -26.33
C TYR E 63 -10.71 -105.15 -26.00
N TYR E 64 -11.19 -103.92 -26.09
CA TYR E 64 -10.34 -102.75 -25.89
C TYR E 64 -10.29 -102.28 -24.44
N LEU E 65 -11.05 -102.89 -23.55
CA LEU E 65 -11.04 -102.48 -22.15
C LEU E 65 -9.74 -102.88 -21.46
N ALA E 66 -9.30 -104.12 -21.69
CA ALA E 66 -8.08 -104.60 -21.05
C ALA E 66 -6.86 -103.80 -21.52
N HIS E 67 -6.77 -103.54 -22.83
CA HIS E 67 -5.66 -102.75 -23.34
C HIS E 67 -5.64 -101.35 -22.75
N SER E 68 -6.81 -100.72 -22.66
CA SER E 68 -6.89 -99.36 -22.10
C SER E 68 -6.50 -99.35 -20.64
N VAL E 69 -6.96 -100.33 -19.87
CA VAL E 69 -6.61 -100.39 -18.45
C VAL E 69 -5.12 -100.63 -18.27
N TYR E 70 -4.54 -101.52 -19.07
CA TYR E 70 -3.10 -101.78 -18.98
C TYR E 70 -2.30 -100.54 -19.34
N GLY E 71 -2.73 -99.82 -20.38
CA GLY E 71 -2.05 -98.58 -20.72
C GLY E 71 -2.17 -97.51 -19.65
N PHE E 72 -3.36 -97.42 -19.03
CA PHE E 72 -3.55 -96.45 -17.96
C PHE E 72 -2.64 -96.75 -16.76
N PHE E 73 -2.53 -98.03 -16.39
CA PHE E 73 -1.64 -98.40 -15.30
C PHE E 73 -0.17 -98.35 -15.70
N ASN E 74 0.13 -98.39 -16.99
CA ASN E 74 1.52 -98.30 -17.45
C ASN E 74 2.05 -96.88 -17.37
N ASN E 75 1.19 -95.87 -17.47
CA ASN E 75 1.60 -94.47 -17.49
C ASN E 75 1.53 -93.82 -16.12
N GLY E 76 1.46 -94.61 -15.05
CA GLY E 76 1.46 -94.06 -13.71
C GLY E 76 0.12 -93.78 -13.11
N GLY E 77 -0.91 -94.56 -13.46
CA GLY E 77 -2.21 -94.38 -12.84
C GLY E 77 -2.22 -94.78 -11.38
N SER E 78 -3.19 -94.23 -10.65
CA SER E 78 -3.32 -94.45 -9.22
C SER E 78 -4.53 -95.27 -8.86
N ALA E 79 -5.73 -94.83 -9.27
CA ALA E 79 -6.96 -95.55 -8.96
C ALA E 79 -7.94 -95.35 -10.10
N ALA E 80 -8.71 -96.40 -10.40
CA ALA E 80 -9.63 -96.37 -11.52
C ALA E 80 -10.96 -97.00 -11.14
N TYR E 81 -12.01 -96.60 -11.85
CA TYR E 81 -13.33 -97.20 -11.75
C TYR E 81 -13.64 -97.91 -13.05
N VAL E 82 -14.26 -99.08 -12.96
CA VAL E 82 -14.54 -99.93 -14.11
C VAL E 82 -16.04 -100.21 -14.15
N VAL E 83 -16.65 -100.02 -15.31
CA VAL E 83 -18.04 -100.37 -15.55
C VAL E 83 -18.08 -101.34 -16.74
N ARG E 84 -18.75 -102.48 -16.54
CA ARG E 84 -18.85 -103.52 -17.56
C ARG E 84 -20.29 -103.59 -18.06
N VAL E 85 -20.53 -103.07 -19.26
CA VAL E 85 -21.87 -103.07 -19.82
C VAL E 85 -22.30 -104.49 -20.19
N GLY E 86 -21.41 -105.23 -20.83
CA GLY E 86 -21.72 -106.57 -21.26
C GLY E 86 -20.49 -107.35 -21.64
N GLY E 87 -20.70 -108.44 -22.34
CA GLY E 87 -19.59 -109.27 -22.79
C GLY E 87 -20.07 -110.68 -23.12
N SER E 88 -19.10 -111.55 -23.33
CA SER E 88 -19.38 -112.95 -23.65
C SER E 88 -18.18 -113.79 -23.25
N ALA E 89 -18.40 -115.09 -23.12
CA ALA E 89 -17.36 -116.05 -22.76
C ALA E 89 -17.35 -117.22 -23.74
N GLU E 90 -17.60 -116.93 -25.01
CA GLU E 90 -17.63 -117.97 -26.04
C GLU E 90 -16.52 -117.76 -27.06
N GLY E 249 -24.03 -96.58 -17.50
CA GLY E 249 -23.58 -96.86 -16.15
C GLY E 249 -24.00 -95.79 -15.16
N GLY E 250 -23.99 -96.14 -13.88
CA GLY E 250 -24.38 -95.20 -12.84
C GLY E 250 -23.20 -94.42 -12.27
N LEU E 251 -22.57 -93.62 -13.12
CA LEU E 251 -21.42 -92.82 -12.69
C LEU E 251 -21.83 -91.53 -11.98
N GLU E 252 -23.11 -91.21 -11.93
CA GLU E 252 -23.56 -89.99 -11.27
C GLU E 252 -23.52 -90.09 -9.75
N ALA E 253 -23.45 -91.30 -9.19
CA ALA E 253 -23.40 -91.47 -7.75
C ALA E 253 -22.00 -91.34 -7.19
N ILE E 254 -20.98 -91.27 -8.03
CA ILE E 254 -19.59 -91.17 -7.60
C ILE E 254 -19.19 -89.70 -7.62
N ASP E 255 -18.29 -89.32 -6.71
CA ASP E 255 -17.87 -87.93 -6.56
C ASP E 255 -16.41 -87.72 -6.95
N GLU E 256 -15.53 -88.67 -6.64
CA GLU E 256 -14.10 -88.47 -6.86
C GLU E 256 -13.68 -88.62 -8.32
N ILE E 257 -14.58 -89.05 -9.21
CA ILE E 257 -14.21 -89.22 -10.61
C ILE E 257 -13.88 -87.88 -11.22
N SER E 258 -12.73 -87.83 -11.93
CA SER E 258 -12.29 -86.61 -12.59
C SER E 258 -12.32 -86.70 -14.11
N MET E 259 -12.39 -87.89 -14.68
CA MET E 259 -12.46 -88.05 -16.12
C MET E 259 -13.14 -89.38 -16.43
N VAL E 260 -13.82 -89.42 -17.57
CA VAL E 260 -14.58 -90.61 -17.99
C VAL E 260 -14.19 -90.95 -19.42
N ALA E 261 -14.09 -92.25 -19.69
CA ALA E 261 -13.72 -92.74 -21.02
C ALA E 261 -14.54 -93.98 -21.35
N VAL E 262 -14.76 -94.19 -22.65
CA VAL E 262 -15.44 -95.37 -23.17
C VAL E 262 -14.51 -96.01 -24.18
N PRO E 263 -13.45 -96.69 -23.74
CA PRO E 263 -12.43 -97.17 -24.70
C PRO E 263 -12.97 -98.13 -25.74
N ASP E 264 -13.91 -99.00 -25.36
CA ASP E 264 -14.40 -100.03 -26.28
C ASP E 264 -15.78 -99.55 -26.76
N LEU E 265 -15.75 -98.71 -27.78
CA LEU E 265 -16.93 -98.27 -28.52
C LEU E 265 -16.76 -98.47 -30.02
N MET E 266 -15.54 -98.28 -30.55
CA MET E 266 -15.30 -98.50 -31.96
C MET E 266 -15.34 -99.97 -32.34
N ALA E 267 -15.21 -100.87 -31.36
CA ALA E 267 -15.28 -102.30 -31.65
C ALA E 267 -16.64 -102.68 -32.21
N ALA E 268 -17.72 -102.18 -31.58
CA ALA E 268 -19.05 -102.45 -32.11
C ALA E 268 -19.25 -101.83 -33.48
N TYR E 269 -18.63 -100.67 -33.72
CA TYR E 269 -18.71 -100.05 -35.04
C TYR E 269 -17.95 -100.86 -36.09
N GLN E 270 -16.86 -101.51 -35.69
CA GLN E 270 -16.04 -102.23 -36.66
C GLN E 270 -16.71 -103.52 -37.13
N ARG E 271 -17.27 -104.30 -36.21
CA ARG E 271 -17.86 -105.59 -36.54
C ARG E 271 -19.37 -105.60 -36.48
N GLY E 272 -19.98 -104.97 -35.47
CA GLY E 272 -21.42 -105.01 -35.33
C GLY E 272 -22.19 -104.14 -36.28
N ALA E 273 -21.51 -103.20 -36.97
CA ALA E 273 -22.15 -102.29 -37.91
C ALA E 273 -23.28 -101.51 -37.24
N ILE E 274 -22.90 -100.73 -36.23
CA ILE E 274 -23.85 -99.95 -35.44
C ILE E 274 -24.04 -98.55 -36.03
N ASP E 275 -23.54 -98.32 -37.25
CA ASP E 275 -23.67 -97.05 -37.95
C ASP E 275 -22.97 -95.93 -37.20
N LEU E 276 -23.05 -94.70 -37.73
CA LEU E 276 -22.42 -93.55 -37.10
C LEU E 276 -23.38 -92.77 -36.21
N GLU E 277 -24.69 -92.88 -36.45
CA GLU E 277 -25.65 -92.14 -35.65
C GLU E 277 -25.64 -92.59 -34.20
N ALA E 278 -25.54 -93.90 -33.96
CA ALA E 278 -25.49 -94.40 -32.59
C ALA E 278 -24.24 -93.91 -31.87
N VAL E 279 -23.09 -93.94 -32.55
CA VAL E 279 -21.85 -93.46 -31.93
C VAL E 279 -21.95 -91.98 -31.62
N LYS E 280 -22.50 -91.19 -32.56
CA LYS E 280 -22.66 -89.76 -32.33
C LYS E 280 -23.59 -89.50 -31.15
N ALA E 281 -24.69 -90.24 -31.05
CA ALA E 281 -25.63 -90.06 -29.94
C ALA E 281 -24.98 -90.43 -28.62
N VAL E 282 -24.21 -91.52 -28.58
CA VAL E 282 -23.54 -91.92 -27.34
C VAL E 282 -22.53 -90.87 -26.91
N GLN E 283 -21.73 -90.36 -27.84
CA GLN E 283 -20.76 -89.34 -27.51
C GLN E 283 -21.43 -88.04 -27.07
N LEU E 284 -22.54 -87.66 -27.71
CA LEU E 284 -23.26 -86.46 -27.30
C LEU E 284 -23.86 -86.65 -25.91
N GLY E 285 -24.36 -87.84 -25.59
CA GLY E 285 -24.86 -88.09 -24.26
C GLY E 285 -23.77 -88.00 -23.20
N LEU E 286 -22.59 -88.55 -23.51
CA LEU E 286 -21.47 -88.44 -22.59
C LEU E 286 -21.06 -86.98 -22.39
N ILE E 287 -21.04 -86.20 -23.47
CA ILE E 287 -20.72 -84.77 -23.38
C ILE E 287 -21.74 -84.06 -22.51
N ALA E 288 -23.02 -84.35 -22.70
CA ALA E 288 -24.06 -83.71 -21.89
C ALA E 288 -23.94 -84.09 -20.42
N HIS E 289 -23.62 -85.35 -20.14
CA HIS E 289 -23.43 -85.77 -18.75
C HIS E 289 -22.24 -85.03 -18.12
N CYS E 290 -21.14 -84.91 -18.87
CA CYS E 290 -19.98 -84.17 -18.36
C CYS E 290 -20.32 -82.72 -18.09
N GLU E 291 -21.09 -82.12 -19.01
CA GLU E 291 -21.50 -80.70 -18.85
C GLU E 291 -22.36 -80.56 -17.60
N LEU E 292 -23.33 -81.48 -17.42
CA LEU E 292 -24.24 -81.41 -16.29
C LEU E 292 -23.50 -81.57 -14.96
N MET E 293 -22.55 -82.51 -14.90
CA MET E 293 -21.80 -82.71 -13.66
C MET E 293 -20.97 -81.48 -13.31
N GLY E 294 -20.32 -80.88 -14.31
CA GLY E 294 -19.53 -79.70 -14.06
C GLY E 294 -18.22 -79.94 -13.36
N ASP E 295 -17.76 -81.19 -13.31
CA ASP E 295 -16.51 -81.53 -12.63
C ASP E 295 -15.59 -82.41 -13.45
N ARG E 296 -16.08 -83.07 -14.50
CA ARG E 296 -15.32 -84.08 -15.23
C ARG E 296 -15.04 -83.60 -16.65
N VAL E 297 -14.03 -84.22 -17.26
CA VAL E 297 -13.58 -83.86 -18.60
C VAL E 297 -13.58 -85.12 -19.46
N ALA E 298 -14.09 -85.00 -20.69
CA ALA E 298 -14.25 -86.15 -21.58
C ALA E 298 -13.09 -86.25 -22.55
N ILE E 299 -12.74 -87.49 -22.90
CA ILE E 299 -11.69 -87.78 -23.88
C ILE E 299 -12.35 -88.48 -25.07
N ILE E 300 -12.09 -87.96 -26.26
CA ILE E 300 -12.74 -88.43 -27.48
C ILE E 300 -11.69 -88.89 -28.48
N ASP E 301 -12.06 -89.88 -29.29
CA ASP E 301 -11.25 -90.43 -30.36
C ASP E 301 -12.06 -90.50 -31.64
N PRO E 302 -11.41 -90.40 -32.79
CA PRO E 302 -12.14 -90.43 -34.06
C PRO E 302 -12.25 -91.84 -34.60
N PRO E 303 -13.01 -92.05 -35.67
CA PRO E 303 -13.06 -93.37 -36.30
C PRO E 303 -11.69 -93.77 -36.82
N PRO E 304 -11.41 -95.08 -36.88
CA PRO E 304 -10.02 -95.54 -37.13
C PRO E 304 -9.40 -95.06 -38.43
N ASN E 305 -10.03 -95.35 -39.57
CA ASN E 305 -9.37 -95.17 -40.85
C ASN E 305 -9.71 -93.82 -41.48
N GLN E 306 -8.91 -92.80 -41.16
CA GLN E 306 -9.05 -91.49 -41.77
C GLN E 306 -7.66 -90.88 -41.93
N ASN E 307 -7.58 -89.85 -42.78
CA ASN E 307 -6.37 -89.07 -42.98
C ASN E 307 -6.75 -87.60 -43.04
N ALA E 308 -5.79 -86.78 -43.48
CA ALA E 308 -6.04 -85.35 -43.61
C ALA E 308 -7.12 -85.09 -44.64
N ARG E 309 -7.79 -83.93 -44.51
CA ARG E 309 -8.87 -83.50 -45.40
C ARG E 309 -10.13 -84.34 -45.19
N GLN E 310 -10.05 -85.35 -44.32
CA GLN E 310 -11.23 -86.11 -43.90
C GLN E 310 -11.62 -85.81 -42.46
N ILE E 311 -10.67 -85.91 -41.52
CA ILE E 311 -10.96 -85.58 -40.13
C ILE E 311 -11.39 -84.13 -40.01
N ARG E 312 -10.71 -83.23 -40.73
CA ARG E 312 -11.10 -81.83 -40.75
C ARG E 312 -12.53 -81.65 -41.24
N VAL E 313 -13.03 -82.57 -42.05
CA VAL E 313 -14.45 -82.57 -42.40
C VAL E 313 -15.27 -83.19 -41.28
N TRP E 314 -14.83 -84.34 -40.77
CA TRP E 314 -15.60 -85.07 -39.77
C TRP E 314 -15.80 -84.25 -38.50
N ARG E 315 -14.86 -83.36 -38.20
CA ARG E 315 -14.96 -82.50 -37.04
C ARG E 315 -15.95 -81.35 -37.24
N GLN E 316 -16.18 -80.91 -38.47
CA GLN E 316 -16.94 -79.69 -38.70
C GLN E 316 -18.33 -79.92 -39.26
N GLU E 317 -18.50 -80.87 -40.18
CA GLU E 317 -19.81 -81.14 -40.77
C GLU E 317 -20.58 -82.23 -40.06
N THR E 318 -19.95 -82.99 -39.17
CA THR E 318 -20.63 -84.11 -38.54
C THR E 318 -20.53 -84.12 -37.02
N ALA E 319 -19.41 -83.66 -36.46
CA ALA E 319 -19.12 -83.82 -35.05
C ALA E 319 -18.63 -82.51 -34.44
N GLY E 320 -19.39 -81.43 -34.66
CA GLY E 320 -18.98 -80.14 -34.14
C GLY E 320 -18.73 -80.13 -32.66
N TYR E 321 -19.63 -80.76 -31.88
CA TYR E 321 -19.39 -81.07 -30.48
C TYR E 321 -19.21 -79.82 -29.61
N ASP E 322 -18.09 -79.12 -29.80
CA ASP E 322 -17.64 -78.03 -28.94
C ASP E 322 -17.88 -78.34 -27.46
N SER E 323 -18.64 -77.49 -26.78
CA SER E 323 -19.10 -77.62 -25.40
C SER E 323 -17.98 -77.39 -24.37
N LYS E 324 -16.75 -77.16 -24.80
CA LYS E 324 -15.61 -76.77 -23.96
C LYS E 324 -15.25 -77.80 -22.90
N TYR E 325 -15.92 -78.96 -22.89
CA TYR E 325 -15.72 -79.99 -21.87
C TYR E 325 -15.21 -81.29 -22.48
N ALA E 326 -14.29 -81.19 -23.43
CA ALA E 326 -13.80 -82.40 -24.10
C ALA E 326 -12.42 -82.14 -24.67
N ALA E 327 -11.73 -83.25 -24.97
CA ALA E 327 -10.45 -83.20 -25.66
C ALA E 327 -10.37 -84.38 -26.61
N LEU E 328 -10.08 -84.10 -27.88
CA LEU E 328 -10.07 -85.12 -28.93
C LEU E 328 -8.63 -85.43 -29.33
N TYR E 329 -8.31 -86.72 -29.41
CA TYR E 329 -6.97 -87.16 -29.79
C TYR E 329 -7.07 -87.98 -31.07
N TYR E 330 -6.46 -87.46 -32.15
CA TYR E 330 -6.66 -87.97 -33.50
C TYR E 330 -6.03 -89.34 -33.75
N PRO E 331 -4.72 -89.50 -33.72
CA PRO E 331 -4.13 -90.73 -34.26
C PRO E 331 -4.21 -91.90 -33.31
N TRP E 332 -4.39 -93.09 -33.88
CA TRP E 332 -4.46 -94.32 -33.10
C TRP E 332 -3.06 -94.85 -32.82
N ILE E 333 -2.96 -95.73 -31.83
CA ILE E 333 -1.68 -96.25 -31.36
C ILE E 333 -1.63 -97.75 -31.59
N LYS E 334 -0.56 -98.22 -32.21
CA LYS E 334 -0.35 -99.65 -32.40
C LYS E 334 0.39 -100.20 -31.19
N SER E 335 -0.18 -101.23 -30.55
CA SER E 335 0.35 -101.77 -29.31
C SER E 335 0.40 -103.29 -29.40
N PHE E 336 1.16 -103.88 -28.48
CA PHE E 336 1.38 -105.31 -28.44
C PHE E 336 0.29 -106.02 -27.64
N ASP E 337 0.03 -107.26 -28.01
CA ASP E 337 -0.94 -108.12 -27.32
C ASP E 337 -0.26 -109.44 -26.99
N PRO E 338 -0.13 -109.78 -25.70
CA PRO E 338 0.53 -111.04 -25.34
C PRO E 338 -0.34 -112.27 -25.51
N ALA E 339 -1.67 -112.11 -25.58
CA ALA E 339 -2.53 -113.26 -25.79
C ALA E 339 -2.22 -113.95 -27.10
N THR E 340 -2.04 -113.17 -28.17
CA THR E 340 -1.53 -113.69 -29.44
C THR E 340 -0.11 -113.25 -29.71
N GLY E 341 0.46 -112.37 -28.90
CA GLY E 341 1.80 -111.86 -29.13
C GLY E 341 1.93 -111.11 -30.44
N GLN E 342 0.95 -110.25 -30.75
CA GLN E 342 0.93 -109.58 -32.04
C GLN E 342 0.58 -108.12 -31.85
N SER E 343 0.97 -107.30 -32.84
CA SER E 343 0.71 -105.87 -32.80
C SER E 343 -0.62 -105.55 -33.46
N ARG E 344 -1.39 -104.67 -32.82
CA ARG E 344 -2.69 -104.27 -33.35
C ARG E 344 -3.01 -102.87 -32.88
N LEU E 345 -3.93 -102.22 -33.60
CA LEU E 345 -4.25 -100.82 -33.38
C LEU E 345 -5.32 -100.66 -32.31
N VAL E 346 -5.11 -99.69 -31.42
CA VAL E 346 -6.10 -99.35 -30.39
C VAL E 346 -6.21 -97.84 -30.30
N PRO E 347 -7.39 -97.35 -29.89
CA PRO E 347 -7.56 -95.91 -29.73
C PRO E 347 -6.74 -95.40 -28.55
N PRO E 348 -6.36 -94.12 -28.56
CA PRO E 348 -5.60 -93.53 -27.44
C PRO E 348 -6.52 -92.98 -26.35
N SER E 349 -7.11 -93.88 -25.56
CA SER E 349 -8.06 -93.49 -24.52
C SER E 349 -7.45 -93.54 -23.13
N GLY E 350 -6.87 -94.68 -22.75
CA GLY E 350 -6.28 -94.79 -21.43
C GLY E 350 -4.92 -94.15 -21.29
N HIS E 351 -4.16 -94.09 -22.39
CA HIS E 351 -2.80 -93.54 -22.33
C HIS E 351 -2.83 -92.05 -21.99
N VAL E 352 -3.77 -91.30 -22.57
CA VAL E 352 -3.85 -89.88 -22.28
C VAL E 352 -4.29 -89.64 -20.84
N ALA E 353 -5.19 -90.48 -20.32
CA ALA E 353 -5.58 -90.37 -18.92
C ALA E 353 -4.40 -90.65 -18.00
N GLY E 354 -3.60 -91.68 -18.33
CA GLY E 354 -2.41 -91.95 -17.54
C GLY E 354 -1.40 -90.81 -17.59
N ILE E 355 -1.25 -90.19 -18.76
CA ILE E 355 -0.35 -89.04 -18.90
C ILE E 355 -0.85 -87.89 -18.04
N TRP E 356 -2.17 -87.66 -18.05
CA TRP E 356 -2.74 -86.60 -17.21
C TRP E 356 -2.49 -86.86 -15.73
N ALA E 357 -2.68 -88.11 -15.30
CA ALA E 357 -2.44 -88.46 -13.90
C ALA E 357 -0.97 -88.28 -13.55
N ARG E 358 -0.06 -88.69 -14.43
CA ARG E 358 1.37 -88.52 -14.19
C ARG E 358 1.73 -87.05 -14.07
N ASN E 359 1.19 -86.22 -14.95
CA ASN E 359 1.47 -84.78 -14.89
C ASN E 359 0.91 -84.17 -13.61
N ASP E 360 -0.29 -84.59 -13.19
CA ASP E 360 -0.85 -84.07 -11.96
C ASP E 360 -0.12 -84.55 -10.73
N SER E 361 0.54 -85.70 -10.81
CA SER E 361 1.28 -86.22 -9.65
C SER E 361 2.67 -85.60 -9.56
N GLU E 362 3.45 -85.65 -10.64
CA GLU E 362 4.81 -85.13 -10.61
C GLU E 362 4.82 -83.62 -10.39
N ARG E 363 4.06 -82.89 -11.21
CA ARG E 363 3.96 -81.44 -11.12
C ARG E 363 2.53 -81.05 -10.75
N GLY E 364 2.30 -79.74 -10.65
CA GLY E 364 0.99 -79.24 -10.33
C GLY E 364 0.02 -79.42 -11.49
N VAL E 365 -1.27 -79.27 -11.16
CA VAL E 365 -2.32 -79.39 -12.17
C VAL E 365 -2.31 -78.25 -13.17
N HIS E 366 -1.57 -77.17 -12.88
CA HIS E 366 -1.50 -76.02 -13.78
C HIS E 366 -0.57 -76.25 -14.96
N LYS E 367 0.20 -77.33 -14.97
CA LYS E 367 1.10 -77.63 -16.07
C LYS E 367 0.34 -78.36 -17.17
N ALA E 368 0.41 -77.84 -18.39
CA ALA E 368 -0.30 -78.42 -19.51
C ALA E 368 0.41 -79.68 -19.98
N PRO E 369 -0.29 -80.81 -20.07
CA PRO E 369 0.35 -82.04 -20.58
C PRO E 369 0.61 -81.97 -22.07
N ALA E 370 1.55 -81.12 -22.49
CA ALA E 370 1.80 -80.89 -23.90
C ALA E 370 2.96 -81.71 -24.45
N ASN E 371 3.99 -81.99 -23.65
CA ASN E 371 5.17 -82.72 -24.09
C ASN E 371 5.38 -83.91 -23.16
N GLU E 372 4.72 -85.02 -23.46
CA GLU E 372 4.87 -86.24 -22.69
C GLU E 372 4.99 -87.43 -23.65
N VAL E 373 5.73 -88.44 -23.21
CA VAL E 373 6.03 -89.61 -24.03
C VAL E 373 5.04 -90.71 -23.72
N VAL E 374 4.41 -91.25 -24.78
CA VAL E 374 3.38 -92.30 -24.62
C VAL E 374 4.11 -93.62 -24.42
N ARG E 375 4.53 -93.90 -23.19
CA ARG E 375 5.26 -95.13 -22.86
C ARG E 375 4.36 -96.33 -23.16
N GLY E 376 4.83 -97.25 -24.01
CA GLY E 376 4.05 -98.49 -24.26
C GLY E 376 3.75 -98.74 -25.73
N ALA E 377 3.72 -97.70 -26.57
CA ALA E 377 3.35 -97.87 -27.99
C ALA E 377 4.54 -98.36 -28.80
N VAL E 378 4.33 -98.59 -30.09
CA VAL E 378 5.43 -99.03 -30.99
C VAL E 378 5.36 -98.21 -32.29
N ASP E 379 4.17 -97.98 -32.85
CA ASP E 379 4.05 -97.29 -34.13
C ASP E 379 2.82 -96.39 -34.11
N LEU E 380 2.55 -95.75 -35.24
CA LEU E 380 1.38 -94.90 -35.39
C LEU E 380 0.59 -95.13 -36.67
N GLU E 381 1.17 -95.76 -37.69
CA GLU E 381 0.52 -96.03 -38.96
C GLU E 381 0.09 -94.76 -39.68
N LEU E 382 0.71 -93.63 -39.35
CA LEU E 382 0.42 -92.36 -39.99
C LEU E 382 1.49 -91.35 -39.59
N GLN E 383 1.82 -90.45 -40.50
CA GLN E 383 2.83 -89.42 -40.27
C GLN E 383 2.27 -88.05 -40.61
N ILE E 384 2.59 -87.07 -39.78
CA ILE E 384 2.09 -85.71 -39.93
C ILE E 384 3.29 -84.78 -40.13
N THR E 385 3.22 -83.95 -41.16
CA THR E 385 4.24 -82.96 -41.43
C THR E 385 3.91 -81.67 -40.69
N ARG E 386 4.66 -80.61 -40.98
CA ARG E 386 4.42 -79.30 -40.31
C ARG E 386 3.15 -78.68 -40.87
N GLY E 387 2.96 -78.75 -42.20
CA GLY E 387 1.80 -78.11 -42.81
C GLY E 387 0.49 -78.74 -42.36
N GLU E 388 0.44 -80.06 -42.29
CA GLU E 388 -0.79 -80.73 -41.85
C GLU E 388 -1.11 -80.38 -40.40
N GLN E 389 -0.09 -80.32 -39.54
CA GLN E 389 -0.30 -79.88 -38.17
C GLN E 389 -0.78 -78.43 -38.12
N ASP E 390 -0.20 -77.57 -38.95
CA ASP E 390 -0.65 -76.18 -39.03
C ASP E 390 -2.08 -76.07 -39.56
N LEU E 391 -2.58 -77.08 -40.27
CA LEU E 391 -3.97 -77.10 -40.68
C LEU E 391 -4.90 -77.63 -39.60
N LEU E 392 -4.37 -78.47 -38.69
CA LEU E 392 -5.18 -79.04 -37.62
C LEU E 392 -5.09 -78.26 -36.32
N ASN E 393 -4.02 -77.48 -36.14
CA ASN E 393 -3.89 -76.70 -34.90
C ASN E 393 -4.99 -75.68 -34.69
N PRO E 394 -5.43 -74.89 -35.68
CA PRO E 394 -6.49 -73.90 -35.41
C PRO E 394 -7.77 -74.50 -34.87
N ILE E 395 -8.09 -75.74 -35.24
CA ILE E 395 -9.24 -76.43 -34.68
C ILE E 395 -8.77 -77.26 -33.51
N GLY E 396 -9.72 -77.67 -32.67
CA GLY E 396 -9.38 -78.37 -31.44
C GLY E 396 -8.97 -79.82 -31.63
N VAL E 397 -8.00 -80.06 -32.51
CA VAL E 397 -7.50 -81.40 -32.78
C VAL E 397 -6.05 -81.45 -32.34
N ASN E 398 -5.76 -82.28 -31.33
CA ASN E 398 -4.40 -82.49 -30.88
C ASN E 398 -3.71 -83.51 -31.78
N CYS E 399 -2.46 -83.83 -31.47
CA CYS E 399 -1.70 -84.74 -32.31
C CYS E 399 -0.73 -85.56 -31.46
N ILE E 400 -0.33 -86.70 -32.01
CA ILE E 400 0.72 -87.54 -31.45
C ILE E 400 1.80 -87.64 -32.51
N ARG E 401 2.95 -87.02 -32.26
CA ARG E 401 3.96 -86.83 -33.28
C ARG E 401 5.21 -87.65 -32.97
N SER E 402 5.84 -88.15 -34.02
CA SER E 402 7.10 -88.89 -33.92
C SER E 402 8.25 -87.97 -34.29
N PHE E 403 9.21 -87.83 -33.38
CA PHE E 403 10.35 -86.96 -33.58
C PHE E 403 11.62 -87.79 -33.70
N PRO E 404 12.47 -87.49 -34.68
CA PRO E 404 13.67 -88.32 -34.92
C PRO E 404 14.74 -88.09 -33.88
N GLY E 405 14.64 -88.78 -32.75
CA GLY E 405 15.60 -88.64 -31.68
C GLY E 405 14.92 -88.51 -30.33
N ARG E 406 13.61 -88.31 -30.35
CA ARG E 406 12.81 -88.21 -29.14
C ARG E 406 11.62 -89.15 -29.11
N GLY E 407 11.26 -89.78 -30.22
CA GLY E 407 10.22 -90.78 -30.20
C GLY E 407 8.82 -90.24 -30.32
N ILE E 408 7.85 -90.93 -29.73
CA ILE E 408 6.44 -90.58 -29.84
C ILE E 408 6.08 -89.68 -28.67
N ARG E 409 5.52 -88.50 -28.97
CA ARG E 409 5.18 -87.53 -27.95
C ARG E 409 3.84 -86.89 -28.25
N VAL E 410 3.15 -86.45 -27.19
CA VAL E 410 1.92 -85.68 -27.38
C VAL E 410 2.27 -84.29 -27.91
N TRP E 411 1.29 -83.64 -28.54
CA TRP E 411 1.54 -82.35 -29.15
C TRP E 411 0.23 -81.59 -29.31
N GLY E 412 0.15 -80.40 -28.71
CA GLY E 412 -0.91 -79.45 -28.98
C GLY E 412 -1.71 -78.99 -27.78
N ALA E 413 -2.10 -79.91 -26.90
CA ALA E 413 -2.76 -79.61 -25.63
C ALA E 413 -3.85 -78.55 -25.78
N ARG E 414 -4.89 -78.90 -26.56
CA ARG E 414 -6.02 -78.00 -26.77
C ARG E 414 -7.32 -78.75 -26.53
N THR E 415 -8.44 -78.03 -26.65
CA THR E 415 -9.77 -78.57 -26.39
C THR E 415 -10.74 -78.12 -27.48
N LEU E 416 -11.96 -78.64 -27.40
CA LEU E 416 -13.03 -78.32 -28.34
C LEU E 416 -13.86 -77.19 -27.77
N SER E 417 -13.54 -75.95 -28.16
CA SER E 417 -14.29 -74.79 -27.68
C SER E 417 -14.10 -73.64 -28.65
N SER E 418 -15.20 -73.15 -29.23
CA SER E 418 -15.12 -72.01 -30.12
C SER E 418 -14.80 -70.73 -29.35
N ASP E 419 -15.30 -70.62 -28.13
CA ASP E 419 -15.08 -69.43 -27.30
C ASP E 419 -13.59 -69.32 -26.97
N PRO E 420 -12.94 -68.19 -27.28
CA PRO E 420 -11.51 -68.05 -26.96
C PRO E 420 -11.20 -67.99 -25.47
N ALA E 421 -12.20 -67.98 -24.60
CA ALA E 421 -11.94 -67.89 -23.17
C ALA E 421 -11.40 -69.20 -22.59
N TRP E 422 -11.80 -70.33 -23.16
CA TRP E 422 -11.40 -71.63 -22.63
C TRP E 422 -10.65 -72.43 -23.69
N ARG E 423 -9.69 -71.81 -24.37
CA ARG E 423 -8.94 -72.49 -25.41
C ARG E 423 -8.11 -73.63 -24.85
N TYR E 424 -7.49 -73.43 -23.70
CA TYR E 424 -6.51 -74.36 -23.17
C TYR E 424 -7.12 -75.26 -22.09
N LEU E 425 -6.55 -76.47 -21.98
CA LEU E 425 -7.06 -77.45 -21.04
C LEU E 425 -6.66 -77.13 -19.60
N ASN E 426 -5.44 -76.62 -19.40
CA ASN E 426 -4.95 -76.41 -18.04
C ASN E 426 -5.77 -75.37 -17.30
N ILE E 427 -6.24 -74.34 -18.00
CA ILE E 427 -7.09 -73.33 -17.37
C ILE E 427 -8.37 -73.96 -16.86
N ARG E 428 -9.00 -74.81 -17.69
CA ARG E 428 -10.22 -75.48 -17.27
C ARG E 428 -9.99 -76.39 -16.09
N ARG E 429 -8.88 -77.15 -16.11
CA ARG E 429 -8.59 -78.05 -15.00
C ARG E 429 -8.36 -77.28 -13.70
N TYR E 430 -7.59 -76.18 -13.77
CA TYR E 430 -7.33 -75.38 -12.58
C TYR E 430 -8.61 -74.75 -12.05
N PHE E 431 -9.46 -74.26 -12.94
CA PHE E 431 -10.72 -73.67 -12.51
C PHE E 431 -11.62 -74.71 -11.85
N ASN E 432 -11.67 -75.93 -12.41
CA ASN E 432 -12.45 -76.99 -11.79
C ASN E 432 -11.91 -77.32 -10.40
N TYR E 433 -10.59 -77.40 -10.27
CA TYR E 433 -9.99 -77.69 -8.97
C TYR E 433 -10.34 -76.61 -7.95
N LEU E 434 -10.20 -75.34 -8.34
CA LEU E 434 -10.51 -74.24 -7.43
C LEU E 434 -11.98 -74.24 -7.03
N GLU E 435 -12.88 -74.45 -8.00
CA GLU E 435 -14.30 -74.46 -7.71
C GLU E 435 -14.66 -75.59 -6.76
N GLU E 436 -14.10 -76.79 -7.00
CA GLU E 436 -14.39 -77.91 -6.11
C GLU E 436 -13.88 -77.64 -4.70
N SER E 437 -12.65 -77.11 -4.57
CA SER E 437 -12.10 -76.84 -3.25
C SER E 437 -12.95 -75.80 -2.51
N ILE E 438 -13.35 -74.74 -3.21
CA ILE E 438 -14.13 -73.69 -2.58
C ILE E 438 -15.49 -74.22 -2.15
N LEU E 439 -16.14 -75.01 -3.01
CA LEU E 439 -17.45 -75.55 -2.68
C LEU E 439 -17.37 -76.49 -1.49
N ILE E 440 -16.34 -77.33 -1.42
CA ILE E 440 -16.23 -78.26 -0.31
C ILE E 440 -15.90 -77.56 1.00
N GLY E 441 -14.97 -76.60 0.99
CA GLY E 441 -14.50 -76.03 2.23
C GLY E 441 -15.08 -74.67 2.62
N THR E 442 -16.38 -74.48 2.42
CA THR E 442 -17.00 -73.19 2.73
C THR E 442 -18.35 -73.34 3.42
N GLN E 443 -18.86 -74.56 3.58
CA GLN E 443 -20.25 -74.76 4.00
C GLN E 443 -20.56 -74.19 5.38
N TRP E 444 -19.55 -73.89 6.20
CA TRP E 444 -19.80 -73.39 7.54
C TRP E 444 -20.32 -71.96 7.57
N VAL E 445 -20.29 -71.24 6.43
CA VAL E 445 -20.64 -69.83 6.42
C VAL E 445 -22.15 -69.58 6.40
N VAL E 446 -22.94 -70.59 6.05
CA VAL E 446 -24.38 -70.40 5.94
C VAL E 446 -24.98 -70.22 7.33
N PHE E 447 -26.03 -69.39 7.40
CA PHE E 447 -26.77 -69.10 8.62
C PHE E 447 -25.85 -68.51 9.70
N GLU E 448 -25.34 -67.33 9.39
CA GLU E 448 -24.45 -66.57 10.25
C GLU E 448 -25.03 -65.18 10.51
N PRO E 449 -24.61 -64.51 11.58
CA PRO E 449 -25.18 -63.19 11.90
C PRO E 449 -25.01 -62.14 10.81
N ASN E 450 -24.08 -62.35 9.87
CA ASN E 450 -23.89 -61.48 8.72
C ASN E 450 -23.53 -60.05 9.14
N ASP E 451 -22.40 -59.96 9.84
CA ASP E 451 -21.82 -58.67 10.21
C ASP E 451 -20.44 -58.54 9.56
N HIS E 452 -19.76 -57.42 9.77
CA HIS E 452 -18.46 -57.20 9.17
C HIS E 452 -17.39 -58.16 9.67
N ASN E 453 -17.58 -58.76 10.84
CA ASN E 453 -16.65 -59.79 11.30
C ASN E 453 -16.65 -60.99 10.36
N LEU E 454 -17.83 -61.40 9.89
CA LEU E 454 -17.91 -62.49 8.93
C LEU E 454 -17.18 -62.14 7.63
N TRP E 455 -17.36 -60.90 7.17
CA TRP E 455 -16.66 -60.46 5.96
C TRP E 455 -15.15 -60.52 6.16
N ALA E 456 -14.66 -60.06 7.32
CA ALA E 456 -13.23 -60.10 7.59
C ALA E 456 -12.72 -61.53 7.61
N ARG E 457 -13.47 -62.45 8.25
CA ARG E 457 -13.04 -63.83 8.31
C ARG E 457 -12.99 -64.46 6.92
N ILE E 458 -14.02 -64.22 6.10
CA ILE E 458 -14.04 -64.78 4.75
C ILE E 458 -12.87 -64.24 3.93
N ARG E 459 -12.64 -62.92 4.01
CA ARG E 459 -11.53 -62.33 3.28
C ARG E 459 -10.19 -62.92 3.72
N ARG E 460 -10.00 -63.09 5.03
CA ARG E 460 -8.75 -63.67 5.52
C ARG E 460 -8.55 -65.08 5.00
N ASN E 461 -9.60 -65.90 5.04
CA ASN E 461 -9.48 -67.28 4.59
C ASN E 461 -9.15 -67.36 3.10
N VAL E 462 -9.89 -66.58 2.29
CA VAL E 462 -9.67 -66.62 0.85
C VAL E 462 -8.27 -66.09 0.51
N SER E 463 -7.83 -65.02 1.19
CA SER E 463 -6.51 -64.48 0.94
C SER E 463 -5.42 -65.47 1.30
N ALA E 464 -5.58 -66.18 2.43
CA ALA E 464 -4.60 -67.19 2.80
C ALA E 464 -4.53 -68.31 1.77
N PHE E 465 -5.69 -68.78 1.32
CA PHE E 465 -5.70 -69.84 0.31
C PHE E 465 -5.04 -69.38 -0.98
N LEU E 466 -5.34 -68.15 -1.42
CA LEU E 466 -4.78 -67.66 -2.67
C LEU E 466 -3.28 -67.42 -2.55
N VAL E 467 -2.81 -66.96 -1.39
CA VAL E 467 -1.38 -66.77 -1.18
C VAL E 467 -0.66 -68.12 -1.22
N ASN E 468 -1.24 -69.12 -0.57
CA ASN E 468 -0.63 -70.45 -0.60
C ASN E 468 -0.58 -71.00 -2.02
N GLU E 469 -1.64 -70.77 -2.80
CA GLU E 469 -1.63 -71.22 -4.19
C GLU E 469 -0.59 -70.47 -5.02
N TRP E 470 -0.45 -69.15 -4.78
CA TRP E 470 0.46 -68.35 -5.59
C TRP E 470 1.92 -68.65 -5.28
N ARG E 471 2.24 -68.97 -4.02
CA ARG E 471 3.64 -69.20 -3.66
C ARG E 471 4.25 -70.40 -4.35
N ASN E 472 3.44 -71.27 -4.96
CA ASN E 472 3.95 -72.40 -5.73
C ASN E 472 4.21 -72.07 -7.19
N GLY E 473 3.98 -70.82 -7.60
CA GLY E 473 4.23 -70.42 -8.97
C GLY E 473 3.11 -70.74 -9.94
N ALA E 474 1.88 -70.89 -9.45
CA ALA E 474 0.74 -71.20 -10.30
C ALA E 474 -0.01 -69.96 -10.77
N LEU E 475 0.43 -68.77 -10.38
CA LEU E 475 -0.22 -67.52 -10.78
C LEU E 475 0.83 -66.56 -11.33
N PHE E 476 0.42 -65.77 -12.32
CA PHE E 476 1.33 -64.86 -13.02
C PHE E 476 1.37 -63.52 -12.29
N GLY E 477 2.50 -63.23 -11.67
CA GLY E 477 2.68 -61.97 -10.99
C GLY E 477 3.92 -61.92 -10.12
N GLN E 478 4.63 -60.79 -10.13
CA GLN E 478 5.87 -60.65 -9.30
C GLN E 478 5.49 -60.44 -7.84
N SER E 479 4.33 -59.84 -7.59
CA SER E 479 3.87 -59.55 -6.23
C SER E 479 2.46 -60.08 -6.04
N PRO E 480 2.08 -60.40 -4.79
CA PRO E 480 0.72 -60.89 -4.53
C PRO E 480 -0.36 -59.90 -4.95
N ASP E 481 -0.02 -58.61 -4.94
CA ASP E 481 -0.99 -57.59 -5.33
C ASP E 481 -1.35 -57.69 -6.81
N GLN E 482 -0.42 -58.17 -7.64
CA GLN E 482 -0.65 -58.28 -9.07
C GLN E 482 -1.16 -59.66 -9.49
N ALA E 483 -1.36 -60.57 -8.53
CA ALA E 483 -1.77 -61.94 -8.85
C ALA E 483 -3.24 -62.21 -8.59
N TYR E 484 -3.84 -61.55 -7.61
CA TYR E 484 -5.23 -61.82 -7.24
C TYR E 484 -5.81 -60.59 -6.56
N TYR E 485 -7.13 -60.57 -6.46
CA TYR E 485 -7.81 -59.52 -5.70
C TYR E 485 -9.13 -60.07 -5.17
N VAL E 486 -9.37 -59.85 -3.87
CA VAL E 486 -10.58 -60.30 -3.19
C VAL E 486 -11.25 -59.07 -2.58
N LYS E 487 -12.54 -58.89 -2.87
CA LYS E 487 -13.29 -57.73 -2.41
C LYS E 487 -14.53 -58.21 -1.64
N CYS E 488 -14.62 -57.80 -0.38
CA CYS E 488 -15.81 -58.07 0.44
C CYS E 488 -15.87 -56.97 1.50
N ASP E 489 -16.73 -55.99 1.27
CA ASP E 489 -16.84 -54.84 2.16
C ASP E 489 -18.21 -54.20 1.96
N GLU E 490 -18.37 -52.98 2.48
CA GLU E 490 -19.64 -52.27 2.37
C GLU E 490 -19.86 -51.71 0.96
N GLU E 491 -18.82 -51.67 0.13
CA GLU E 491 -18.99 -51.17 -1.23
C GLU E 491 -19.73 -52.17 -2.10
N THR E 492 -19.46 -53.47 -1.93
CA THR E 492 -20.11 -54.52 -2.69
C THR E 492 -21.27 -55.16 -1.94
N ASN E 493 -21.57 -54.71 -0.73
CA ASN E 493 -22.67 -55.24 0.07
C ASN E 493 -23.52 -54.09 0.58
N PRO E 494 -24.37 -53.52 -0.28
CA PRO E 494 -25.25 -52.42 0.15
C PRO E 494 -26.30 -52.91 1.13
N PRO E 495 -26.88 -52.02 1.92
CA PRO E 495 -27.91 -52.47 2.88
C PRO E 495 -29.10 -53.16 2.23
N GLU E 496 -29.48 -52.75 1.02
CA GLU E 496 -30.57 -53.43 0.32
C GLU E 496 -30.22 -54.88 0.04
N SER E 497 -28.98 -55.15 -0.36
CA SER E 497 -28.56 -56.52 -0.62
C SER E 497 -28.49 -57.34 0.67
N VAL E 498 -27.99 -56.74 1.75
CA VAL E 498 -27.85 -57.49 2.99
C VAL E 498 -29.20 -57.66 3.67
N ASP E 499 -30.22 -56.90 3.24
CA ASP E 499 -31.57 -57.10 3.77
C ASP E 499 -32.08 -58.50 3.44
N LEU E 500 -31.83 -58.97 2.22
CA LEU E 500 -32.27 -60.28 1.80
C LEU E 500 -31.36 -61.40 2.30
N GLY E 501 -30.24 -61.06 2.93
CA GLY E 501 -29.32 -62.08 3.41
C GLY E 501 -28.45 -62.66 2.31
N ARG E 502 -27.61 -61.82 1.72
CA ARG E 502 -26.75 -62.24 0.61
C ARG E 502 -25.31 -61.81 0.88
N VAL E 503 -24.38 -62.66 0.47
CA VAL E 503 -22.95 -62.38 0.54
C VAL E 503 -22.35 -62.61 -0.84
N VAL E 504 -21.49 -61.71 -1.29
CA VAL E 504 -20.94 -61.73 -2.64
C VAL E 504 -19.49 -62.21 -2.67
N CYS E 505 -18.59 -61.49 -2.01
CA CYS E 505 -17.17 -61.85 -1.90
C CYS E 505 -16.55 -62.04 -3.29
N GLU E 506 -16.47 -60.94 -4.03
CA GLU E 506 -15.92 -60.98 -5.38
C GLU E 506 -14.46 -61.42 -5.36
N ILE E 507 -14.12 -62.34 -6.26
CA ILE E 507 -12.78 -62.91 -6.33
C ILE E 507 -12.29 -62.83 -7.78
N GLY E 508 -11.05 -62.40 -7.96
CA GLY E 508 -10.46 -62.36 -9.28
C GLY E 508 -9.02 -62.84 -9.26
N ILE E 509 -8.66 -63.72 -10.20
CA ILE E 509 -7.33 -64.31 -10.26
C ILE E 509 -6.77 -64.14 -11.67
N ALA E 510 -5.45 -64.25 -11.77
CA ALA E 510 -4.74 -64.17 -13.05
C ALA E 510 -4.02 -65.48 -13.31
N PRO E 511 -4.51 -66.33 -14.20
CA PRO E 511 -3.89 -67.63 -14.45
C PRO E 511 -2.64 -67.49 -15.33
N VAL E 512 -1.99 -68.63 -15.55
CA VAL E 512 -0.80 -68.72 -16.40
C VAL E 512 -1.14 -69.57 -17.61
N LYS E 513 -0.55 -69.23 -18.75
CA LYS E 513 -0.81 -69.96 -19.98
C LYS E 513 0.48 -70.58 -20.52
N PRO E 514 0.39 -71.74 -21.17
CA PRO E 514 1.61 -72.38 -21.67
C PRO E 514 2.21 -71.60 -22.84
N ALA E 515 3.53 -71.74 -22.99
CA ALA E 515 4.26 -71.13 -24.09
C ALA E 515 4.32 -72.12 -25.25
N GLU E 516 3.68 -71.76 -26.36
CA GLU E 516 3.58 -72.64 -27.52
C GLU E 516 4.61 -72.31 -28.60
N PHE E 517 4.73 -71.04 -28.98
CA PHE E 517 5.66 -70.60 -30.01
C PHE E 517 6.82 -69.87 -29.36
N VAL E 518 8.03 -70.35 -29.61
CA VAL E 518 9.26 -69.74 -29.11
C VAL E 518 9.99 -69.14 -30.30
N ILE E 519 10.28 -67.84 -30.24
CA ILE E 519 10.86 -67.10 -31.35
C ILE E 519 12.17 -66.47 -30.89
N PHE E 520 13.22 -66.67 -31.67
CA PHE E 520 14.49 -65.96 -31.50
C PHE E 520 14.67 -64.98 -32.66
N ARG E 521 15.66 -64.11 -32.52
CA ARG E 521 15.93 -63.07 -33.52
C ARG E 521 17.26 -63.27 -34.23
N LEU E 522 18.36 -63.37 -33.48
CA LEU E 522 19.69 -63.55 -34.03
C LEU E 522 20.05 -62.42 -35.01
N ALA E 523 20.06 -61.21 -34.47
CA ALA E 523 20.39 -60.02 -35.24
C ALA E 523 21.87 -59.68 -35.10
N GLN E 524 22.37 -58.91 -36.06
CA GLN E 524 23.76 -58.47 -36.08
C GLN E 524 23.80 -56.98 -35.81
N PHE E 525 24.58 -56.58 -34.80
CA PHE E 525 24.65 -55.19 -34.37
C PHE E 525 26.09 -54.77 -34.16
N SER E 526 26.31 -53.46 -34.21
CA SER E 526 27.65 -52.90 -34.02
C SER E 526 27.97 -52.75 -32.55
N PRO F 2 -14.22 -12.38 71.74
CA PRO F 2 -14.24 -12.25 73.19
C PRO F 2 -14.32 -10.79 73.65
N SER F 3 -14.53 -10.59 74.94
CA SER F 3 -14.64 -9.25 75.52
C SER F 3 -13.37 -8.92 76.29
N TYR F 4 -12.79 -7.75 75.99
CA TYR F 4 -11.58 -7.27 76.65
C TYR F 4 -11.93 -6.00 77.39
N LEU F 5 -11.84 -6.03 78.73
CA LEU F 5 -12.19 -4.88 79.55
C LEU F 5 -11.15 -4.52 80.60
N SER F 6 -10.27 -5.43 80.99
CA SER F 6 -9.25 -5.14 81.98
C SER F 6 -7.89 -5.61 81.49
N PRO F 7 -6.82 -4.91 81.87
CA PRO F 7 -5.48 -5.35 81.46
C PRO F 7 -5.12 -6.70 82.05
N GLY F 8 -4.33 -7.45 81.31
CA GLY F 8 -3.90 -8.76 81.74
C GLY F 8 -3.50 -9.62 80.56
N VAL F 9 -3.36 -10.91 80.84
CA VAL F 9 -2.99 -11.91 79.84
C VAL F 9 -4.14 -12.89 79.70
N TYR F 10 -4.59 -13.09 78.45
CA TYR F 10 -5.71 -13.97 78.16
C TYR F 10 -5.23 -15.09 77.25
N VAL F 11 -5.62 -16.32 77.58
CA VAL F 11 -5.27 -17.51 76.80
C VAL F 11 -6.56 -18.11 76.28
N GLU F 12 -6.67 -18.23 74.96
CA GLU F 12 -7.85 -18.79 74.31
C GLU F 12 -7.41 -19.82 73.27
N GLU F 13 -8.28 -20.78 73.00
CA GLU F 13 -8.00 -21.87 72.06
C GLU F 13 -8.90 -21.70 70.84
N VAL F 14 -8.28 -21.67 69.66
CA VAL F 14 -9.05 -21.59 68.43
C VAL F 14 -9.53 -22.98 68.03
N ALA F 15 -10.82 -23.07 67.70
CA ALA F 15 -11.46 -24.34 67.39
C ALA F 15 -10.94 -24.97 66.10
N SER F 16 -10.20 -24.21 65.29
CA SER F 16 -9.66 -24.72 64.04
C SER F 16 -8.70 -25.87 64.29
N GLY F 17 -9.03 -27.04 63.77
CA GLY F 17 -8.21 -28.22 63.96
C GLY F 17 -8.80 -29.41 63.22
N SER F 18 -8.61 -30.59 63.80
CA SER F 18 -9.10 -31.84 63.22
C SER F 18 -10.03 -32.53 64.20
N ARG F 19 -11.15 -33.03 63.68
CA ARG F 19 -12.16 -33.75 64.48
C ARG F 19 -12.47 -35.06 63.76
N PRO F 20 -11.67 -36.09 64.00
CA PRO F 20 -11.86 -37.36 63.27
C PRO F 20 -13.19 -38.02 63.62
N ILE F 21 -13.72 -38.77 62.65
CA ILE F 21 -14.97 -39.49 62.80
C ILE F 21 -14.66 -40.99 62.80
N GLU F 22 -15.16 -41.70 63.80
CA GLU F 22 -14.91 -43.11 63.96
C GLU F 22 -16.12 -43.94 63.52
N GLY F 23 -15.86 -45.22 63.23
CA GLY F 23 -16.90 -46.14 62.83
C GLY F 23 -17.67 -46.70 64.00
N VAL F 24 -18.57 -47.63 63.68
CA VAL F 24 -19.42 -48.27 64.67
C VAL F 24 -19.34 -49.78 64.49
N GLY F 25 -19.65 -50.51 65.56
CA GLY F 25 -19.62 -51.97 65.51
C GLY F 25 -20.91 -52.51 64.95
N THR F 26 -20.79 -53.41 63.97
CA THR F 26 -21.96 -53.99 63.31
C THR F 26 -21.98 -55.50 63.47
N SER F 27 -21.72 -55.99 64.67
CA SER F 27 -21.67 -57.43 64.94
C SER F 27 -22.50 -57.77 66.17
N VAL F 28 -23.70 -57.21 66.26
CA VAL F 28 -24.62 -57.48 67.36
C VAL F 28 -25.95 -57.95 66.76
N ALA F 29 -26.48 -59.04 67.29
CA ALA F 29 -27.74 -59.60 66.82
C ALA F 29 -28.67 -59.83 68.00
N ALA F 30 -29.97 -59.70 67.76
CA ALA F 30 -30.99 -59.86 68.79
C ALA F 30 -31.94 -60.98 68.39
N PHE F 31 -32.03 -62.00 69.24
CA PHE F 31 -32.86 -63.17 69.00
C PHE F 31 -34.07 -63.13 69.93
N VAL F 32 -35.25 -63.31 69.37
CA VAL F 32 -36.50 -63.36 70.13
C VAL F 32 -37.05 -64.77 70.03
N GLY F 33 -37.31 -65.39 71.17
CA GLY F 33 -37.80 -66.75 71.18
C GLY F 33 -38.34 -67.16 72.52
N LEU F 34 -38.61 -68.44 72.66
CA LEU F 34 -39.13 -69.02 73.90
C LEU F 34 -38.08 -69.92 74.54
N ALA F 35 -37.98 -69.85 75.87
CA ALA F 35 -37.01 -70.59 76.64
C ALA F 35 -37.72 -71.23 77.84
N PRO F 36 -37.19 -72.33 78.37
CA PRO F 36 -37.87 -72.97 79.52
C PRO F 36 -37.94 -72.08 80.75
N THR F 37 -36.80 -71.59 81.22
CA THR F 37 -36.76 -70.74 82.41
C THR F 37 -35.79 -69.59 82.18
N GLY F 38 -36.04 -68.49 82.88
CA GLY F 38 -35.19 -67.32 82.77
C GLY F 38 -35.98 -66.02 82.92
N PRO F 39 -35.29 -64.88 82.76
CA PRO F 39 -35.98 -63.60 82.83
C PRO F 39 -37.03 -63.47 81.73
N LEU F 40 -38.10 -62.77 82.05
CA LEU F 40 -39.25 -62.64 81.15
C LEU F 40 -39.34 -61.21 80.64
N ASN F 41 -39.44 -61.06 79.32
CA ASN F 41 -39.62 -59.76 78.67
C ASN F 41 -38.49 -58.79 79.03
N GLU F 42 -37.27 -59.30 79.11
CA GLU F 42 -36.10 -58.49 79.38
C GLU F 42 -35.01 -58.80 78.36
N PRO F 43 -34.50 -57.79 77.64
CA PRO F 43 -33.46 -58.06 76.64
C PRO F 43 -32.10 -58.33 77.27
N THR F 44 -31.87 -59.57 77.68
CA THR F 44 -30.61 -59.91 78.33
C THR F 44 -29.46 -59.89 77.33
N LEU F 45 -28.25 -59.65 77.84
CA LEU F 45 -27.05 -59.60 77.02
C LEU F 45 -26.20 -60.82 77.31
N VAL F 46 -25.81 -61.53 76.25
CA VAL F 46 -25.00 -62.73 76.36
C VAL F 46 -23.77 -62.58 75.48
N THR F 47 -22.63 -63.10 75.94
CA THR F 47 -21.40 -63.04 75.17
C THR F 47 -20.64 -64.36 75.16
N ASN F 48 -21.18 -65.41 75.77
CA ASN F 48 -20.55 -66.72 75.80
C ASN F 48 -21.61 -67.72 76.24
N TRP F 49 -21.47 -68.97 75.79
CA TRP F 49 -22.51 -70.00 76.08
C TRP F 49 -22.69 -70.16 77.59
N THR F 50 -21.62 -70.09 78.38
CA THR F 50 -21.77 -70.33 79.81
C THR F 50 -22.82 -69.39 80.41
N GLN F 51 -22.82 -68.14 79.98
CA GLN F 51 -23.83 -67.20 80.46
C GLN F 51 -25.23 -67.64 80.06
N TYR F 52 -25.39 -68.09 78.81
CA TYR F 52 -26.69 -68.57 78.35
C TYR F 52 -27.12 -69.81 79.13
N VAL F 53 -26.19 -70.72 79.41
CA VAL F 53 -26.53 -71.91 80.18
C VAL F 53 -26.97 -71.51 81.58
N ALA F 54 -26.24 -70.59 82.22
CA ALA F 54 -26.58 -70.16 83.57
C ALA F 54 -27.89 -69.38 83.63
N ALA F 55 -28.27 -68.70 82.55
CA ALA F 55 -29.46 -67.85 82.57
C ALA F 55 -30.71 -68.59 82.08
N PHE F 56 -30.70 -69.05 80.84
CA PHE F 56 -31.89 -69.57 80.18
C PHE F 56 -31.91 -71.09 80.03
N GLY F 57 -31.00 -71.78 80.70
CA GLY F 57 -30.94 -73.23 80.55
C GLY F 57 -30.29 -73.64 79.24
N ASP F 58 -30.38 -74.95 78.95
CA ASP F 58 -29.74 -75.49 77.76
C ASP F 58 -30.40 -76.82 77.39
N PHE F 59 -31.04 -76.85 76.22
CA PHE F 59 -31.49 -78.08 75.59
C PHE F 59 -32.35 -78.96 76.50
N THR F 60 -33.51 -78.46 76.91
CA THR F 60 -34.43 -79.26 77.73
C THR F 60 -35.88 -79.20 77.27
N GLY F 61 -36.28 -78.22 76.48
CA GLY F 61 -37.68 -78.12 76.07
C GLY F 61 -37.91 -78.36 74.60
N GLY F 62 -36.85 -78.66 73.86
CA GLY F 62 -36.97 -78.88 72.43
C GLY F 62 -37.38 -77.65 71.65
N TYR F 63 -36.81 -76.51 71.98
CA TYR F 63 -37.11 -75.25 71.30
C TYR F 63 -35.97 -74.87 70.36
N TYR F 64 -36.25 -73.93 69.46
CA TYR F 64 -35.30 -73.52 68.44
C TYR F 64 -34.40 -72.37 68.87
N LEU F 65 -34.61 -71.82 70.07
CA LEU F 65 -33.76 -70.71 70.52
C LEU F 65 -32.37 -71.19 70.88
N ALA F 66 -32.28 -72.31 71.60
CA ALA F 66 -30.98 -72.83 72.01
C ALA F 66 -30.14 -73.24 70.81
N HIS F 67 -30.75 -73.91 69.84
CA HIS F 67 -30.03 -74.31 68.64
C HIS F 67 -29.52 -73.10 67.87
N SER F 68 -30.36 -72.07 67.74
CA SER F 68 -29.96 -70.87 67.02
C SER F 68 -28.82 -70.15 67.72
N VAL F 69 -28.89 -70.05 69.05
CA VAL F 69 -27.82 -69.39 69.81
C VAL F 69 -26.52 -70.18 69.70
N TYR F 70 -26.60 -71.51 69.79
CA TYR F 70 -25.40 -72.33 69.67
C TYR F 70 -24.79 -72.20 68.28
N GLY F 71 -25.62 -72.17 67.24
CA GLY F 71 -25.10 -71.97 65.90
C GLY F 71 -24.48 -70.59 65.71
N PHE F 72 -25.10 -69.56 66.29
CA PHE F 72 -24.55 -68.21 66.20
C PHE F 72 -23.18 -68.13 66.87
N PHE F 73 -23.04 -68.74 68.04
CA PHE F 73 -21.74 -68.74 68.71
C PHE F 73 -20.75 -69.70 68.07
N ASN F 74 -21.22 -70.65 67.27
CA ASN F 74 -20.32 -71.57 66.58
C ASN F 74 -19.66 -70.93 65.37
N ASN F 75 -20.30 -69.94 64.76
CA ASN F 75 -19.81 -69.31 63.55
C ASN F 75 -19.03 -68.02 63.83
N GLY F 76 -18.59 -67.82 65.07
CA GLY F 76 -17.78 -66.68 65.39
C GLY F 76 -18.52 -65.46 65.87
N GLY F 77 -19.65 -65.63 66.56
CA GLY F 77 -20.36 -64.50 67.11
C GLY F 77 -19.61 -63.83 68.25
N SER F 78 -19.94 -62.57 68.49
CA SER F 78 -19.27 -61.76 69.50
C SER F 78 -20.18 -61.44 70.67
N ALA F 79 -21.34 -60.82 70.42
CA ALA F 79 -22.27 -60.45 71.47
C ALA F 79 -23.68 -60.54 70.94
N ALA F 80 -24.61 -60.97 71.80
CA ALA F 80 -25.98 -61.18 71.38
C ALA F 80 -26.94 -60.66 72.45
N TYR F 81 -28.15 -60.33 72.00
CA TYR F 81 -29.25 -59.98 72.87
C TYR F 81 -30.32 -61.06 72.77
N VAL F 82 -30.92 -61.40 73.91
CA VAL F 82 -31.90 -62.48 74.00
C VAL F 82 -33.18 -61.93 74.60
N VAL F 83 -34.31 -62.22 73.95
CA VAL F 83 -35.63 -61.88 74.47
C VAL F 83 -36.43 -63.17 74.55
N ARG F 84 -37.01 -63.42 75.73
CA ARG F 84 -37.79 -64.63 76.00
C ARG F 84 -39.25 -64.24 76.15
N VAL F 85 -40.06 -64.55 75.13
CA VAL F 85 -41.48 -64.23 75.17
C VAL F 85 -42.20 -65.10 76.18
N GLY F 86 -41.92 -66.39 76.17
CA GLY F 86 -42.58 -67.32 77.06
C GLY F 86 -41.86 -68.64 77.12
N GLY F 87 -42.56 -69.65 77.64
CA GLY F 87 -41.99 -70.98 77.74
C GLY F 87 -42.74 -71.79 78.78
N SER F 88 -42.16 -72.94 79.09
CA SER F 88 -42.74 -73.86 80.08
C SER F 88 -41.62 -74.73 80.63
N ALA F 89 -41.90 -75.33 81.78
CA ALA F 89 -40.96 -76.22 82.47
C ALA F 89 -41.63 -77.54 82.82
N GLU F 90 -42.51 -78.02 81.94
CA GLU F 90 -43.23 -79.26 82.19
C GLU F 90 -42.85 -80.31 81.16
N GLY F 249 -41.18 -57.75 71.99
CA GLY F 249 -40.09 -57.32 72.84
C GLY F 249 -39.76 -55.85 72.67
N GLY F 250 -39.09 -55.27 73.67
CA GLY F 250 -38.72 -53.88 73.62
C GLY F 250 -37.34 -53.64 73.02
N LEU F 251 -37.19 -53.98 71.75
CA LEU F 251 -35.91 -53.81 71.07
C LEU F 251 -35.69 -52.39 70.57
N GLU F 252 -36.69 -51.51 70.69
CA GLU F 252 -36.54 -50.14 70.23
C GLU F 252 -35.67 -49.29 71.15
N ALA F 253 -35.46 -49.73 72.39
CA ALA F 253 -34.65 -48.97 73.33
C ALA F 253 -33.16 -49.25 73.17
N ILE F 254 -32.78 -50.25 72.37
CA ILE F 254 -31.38 -50.60 72.17
C ILE F 254 -30.88 -49.92 70.90
N ASP F 255 -29.60 -49.58 70.88
CA ASP F 255 -29.00 -48.86 69.77
C ASP F 255 -27.99 -49.69 69.00
N GLU F 256 -27.20 -50.53 69.67
CA GLU F 256 -26.12 -51.27 69.02
C GLU F 256 -26.61 -52.45 68.20
N ILE F 257 -27.89 -52.80 68.27
CA ILE F 257 -28.38 -53.96 67.52
C ILE F 257 -28.28 -53.68 66.03
N SER F 258 -27.73 -54.65 65.29
CA SER F 258 -27.58 -54.53 63.84
C SER F 258 -28.46 -55.49 63.07
N MET F 259 -28.97 -56.54 63.70
CA MET F 259 -29.86 -57.49 63.03
C MET F 259 -30.75 -58.15 64.07
N VAL F 260 -31.95 -58.54 63.64
CA VAL F 260 -32.94 -59.14 64.52
C VAL F 260 -33.46 -60.42 63.89
N ALA F 261 -33.69 -61.43 64.73
CA ALA F 261 -34.18 -62.71 64.27
C ALA F 261 -35.18 -63.27 65.26
N VAL F 262 -36.10 -64.09 64.74
CA VAL F 262 -37.10 -64.78 65.56
C VAL F 262 -36.97 -66.26 65.24
N PRO F 263 -35.94 -66.94 65.74
CA PRO F 263 -35.69 -68.32 65.31
C PRO F 263 -36.82 -69.28 65.62
N ASP F 264 -37.50 -69.12 66.75
CA ASP F 264 -38.53 -70.06 67.16
C ASP F 264 -39.87 -69.37 66.89
N LEU F 265 -40.32 -69.49 65.65
CA LEU F 265 -41.65 -69.09 65.20
C LEU F 265 -42.36 -70.20 64.46
N MET F 266 -41.63 -71.02 63.70
CA MET F 266 -42.24 -72.14 63.00
C MET F 266 -42.65 -73.26 63.95
N ALA F 267 -42.12 -73.27 65.17
CA ALA F 267 -42.50 -74.28 66.15
C ALA F 267 -43.98 -74.18 66.49
N ALA F 268 -44.47 -72.95 66.74
CA ALA F 268 -45.88 -72.77 67.01
C ALA F 268 -46.73 -73.14 65.79
N TYR F 269 -46.21 -72.88 64.59
CA TYR F 269 -46.93 -73.26 63.38
C TYR F 269 -46.99 -74.78 63.22
N GLN F 270 -45.96 -75.49 63.67
CA GLN F 270 -45.90 -76.93 63.46
C GLN F 270 -46.87 -77.67 64.39
N ARG F 271 -46.91 -77.29 65.66
CA ARG F 271 -47.74 -78.00 66.64
C ARG F 271 -48.95 -77.21 67.09
N GLY F 272 -48.81 -75.90 67.32
CA GLY F 272 -49.92 -75.11 67.81
C GLY F 272 -50.99 -74.78 66.79
N ALA F 273 -50.70 -74.97 65.50
CA ALA F 273 -51.63 -74.67 64.42
C ALA F 273 -52.09 -73.21 64.49
N ILE F 274 -51.13 -72.31 64.35
CA ILE F 274 -51.39 -70.88 64.44
C ILE F 274 -51.69 -70.28 63.06
N ASP F 275 -51.93 -71.14 62.06
CA ASP F 275 -52.28 -70.73 60.71
C ASP F 275 -51.14 -69.92 60.07
N LEU F 276 -51.36 -69.47 58.83
CA LEU F 276 -50.35 -68.69 58.13
C LEU F 276 -50.55 -67.19 58.27
N GLU F 277 -51.77 -66.75 58.56
CA GLU F 277 -52.03 -65.32 58.69
C GLU F 277 -51.27 -64.71 59.86
N ALA F 278 -51.22 -65.42 60.99
CA ALA F 278 -50.48 -64.92 62.15
C ALA F 278 -48.99 -64.79 61.84
N VAL F 279 -48.42 -65.81 61.18
CA VAL F 279 -47.00 -65.76 60.81
C VAL F 279 -46.73 -64.61 59.86
N LYS F 280 -47.61 -64.43 58.87
CA LYS F 280 -47.44 -63.33 57.92
C LYS F 280 -47.52 -61.99 58.62
N ALA F 281 -48.47 -61.83 59.55
CA ALA F 281 -48.60 -60.57 60.28
C ALA F 281 -47.38 -60.30 61.15
N VAL F 282 -46.86 -61.34 61.82
CA VAL F 282 -45.67 -61.16 62.65
C VAL F 282 -44.47 -60.76 61.81
N GLN F 283 -44.27 -61.43 60.67
CA GLN F 283 -43.15 -61.07 59.81
C GLN F 283 -43.31 -59.67 59.22
N LEU F 284 -44.53 -59.28 58.84
CA LEU F 284 -44.75 -57.93 58.34
C LEU F 284 -44.49 -56.90 59.42
N GLY F 285 -44.88 -57.18 60.67
CA GLY F 285 -44.58 -56.27 61.76
C GLY F 285 -43.09 -56.12 61.99
N LEU F 286 -42.36 -57.23 61.93
CA LEU F 286 -40.90 -57.16 62.06
C LEU F 286 -40.28 -56.35 60.94
N ILE F 287 -40.77 -56.55 59.71
CA ILE F 287 -40.28 -55.78 58.56
C ILE F 287 -40.55 -54.29 58.76
N ALA F 288 -41.75 -53.95 59.23
CA ALA F 288 -42.08 -52.55 59.45
C ALA F 288 -41.22 -51.94 60.54
N HIS F 289 -40.95 -52.70 61.61
CA HIS F 289 -40.07 -52.20 62.66
C HIS F 289 -38.66 -51.96 62.13
N CYS F 290 -38.15 -52.89 61.32
CA CYS F 290 -36.82 -52.72 60.73
C CYS F 290 -36.78 -51.49 59.83
N GLU F 291 -37.85 -51.29 59.06
CA GLU F 291 -37.91 -50.12 58.14
C GLU F 291 -37.95 -48.82 58.95
N LEU F 292 -38.73 -48.81 60.04
CA LEU F 292 -38.85 -47.62 60.86
C LEU F 292 -37.52 -47.28 61.54
N MET F 293 -36.82 -48.29 62.06
CA MET F 293 -35.54 -48.03 62.72
C MET F 293 -34.51 -47.48 61.74
N GLY F 294 -34.45 -48.05 60.53
CA GLY F 294 -33.52 -47.57 59.53
C GLY F 294 -32.08 -47.94 59.77
N ASP F 295 -31.83 -48.91 60.66
CA ASP F 295 -30.47 -49.33 60.98
C ASP F 295 -30.27 -50.83 60.96
N ARG F 296 -31.34 -51.63 61.01
CA ARG F 296 -31.23 -53.07 61.18
C ARG F 296 -31.73 -53.80 59.93
N VAL F 297 -31.32 -55.05 59.80
CA VAL F 297 -31.65 -55.88 58.64
C VAL F 297 -32.28 -57.18 59.15
N ALA F 298 -33.35 -57.60 58.50
CA ALA F 298 -34.12 -58.76 58.94
C ALA F 298 -33.72 -60.01 58.16
N ILE F 299 -33.77 -61.15 58.83
CA ILE F 299 -33.49 -62.45 58.24
C ILE F 299 -34.76 -63.28 58.28
N ILE F 300 -35.16 -63.82 57.13
CA ILE F 300 -36.43 -64.53 56.99
C ILE F 300 -36.17 -65.95 56.50
N ASP F 301 -37.05 -66.86 56.92
CA ASP F 301 -37.03 -68.25 56.53
C ASP F 301 -38.42 -68.68 56.07
N PRO F 302 -38.51 -69.64 55.17
CA PRO F 302 -39.82 -70.08 54.67
C PRO F 302 -40.38 -71.22 55.50
N PRO F 303 -41.63 -71.62 55.27
CA PRO F 303 -42.18 -72.79 55.95
C PRO F 303 -41.38 -74.04 55.61
N PRO F 304 -41.34 -75.02 56.52
CA PRO F 304 -40.39 -76.14 56.38
C PRO F 304 -40.55 -76.97 55.10
N ASN F 305 -41.73 -77.52 54.85
CA ASN F 305 -41.87 -78.52 53.80
C ASN F 305 -42.33 -77.91 52.49
N GLN F 306 -41.38 -77.49 51.66
CA GLN F 306 -41.67 -76.99 50.33
C GLN F 306 -40.54 -77.41 49.39
N ASN F 307 -40.84 -77.35 48.09
CA ASN F 307 -39.85 -77.60 47.06
C ASN F 307 -40.01 -76.55 45.96
N ALA F 308 -39.37 -76.79 44.82
CA ALA F 308 -39.47 -75.87 43.70
C ALA F 308 -40.90 -75.79 43.19
N ARG F 309 -41.24 -74.67 42.54
CA ARG F 309 -42.57 -74.41 41.99
C ARG F 309 -43.60 -74.17 43.10
N GLN F 310 -43.17 -74.29 44.35
CA GLN F 310 -43.99 -73.91 45.50
C GLN F 310 -43.48 -72.65 46.18
N ILE F 311 -42.20 -72.62 46.54
CA ILE F 311 -41.62 -71.41 47.15
C ILE F 311 -41.74 -70.24 46.19
N ARG F 312 -41.47 -70.47 44.90
CA ARG F 312 -41.63 -69.43 43.90
C ARG F 312 -43.05 -68.90 43.86
N VAL F 313 -44.03 -69.72 44.26
CA VAL F 313 -45.39 -69.21 44.43
C VAL F 313 -45.52 -68.49 45.77
N TRP F 314 -45.02 -69.11 46.84
CA TRP F 314 -45.18 -68.55 48.18
C TRP F 314 -44.54 -67.17 48.30
N ARG F 315 -43.49 -66.92 47.53
CA ARG F 315 -42.83 -65.62 47.53
C ARG F 315 -43.62 -64.55 46.79
N GLN F 316 -44.43 -64.92 45.82
CA GLN F 316 -45.04 -63.94 44.93
C GLN F 316 -46.53 -63.73 45.17
N GLU F 317 -47.29 -64.78 45.43
CA GLU F 317 -48.72 -64.64 45.65
C GLU F 317 -49.10 -64.49 47.12
N THR F 318 -48.18 -64.73 48.05
CA THR F 318 -48.53 -64.70 49.47
C THR F 318 -47.60 -63.82 50.29
N ALA F 319 -46.32 -63.76 49.96
CA ALA F 319 -45.31 -63.13 50.80
C ALA F 319 -44.42 -62.21 49.98
N GLY F 320 -45.03 -61.30 49.22
CA GLY F 320 -44.26 -60.40 48.39
C GLY F 320 -43.22 -59.61 49.17
N TYR F 321 -43.61 -59.07 50.32
CA TYR F 321 -42.67 -58.52 51.30
C TYR F 321 -41.90 -57.32 50.77
N ASP F 322 -40.99 -57.57 49.81
CA ASP F 322 -40.01 -56.60 49.33
C ASP F 322 -39.43 -55.77 50.47
N SER F 323 -39.57 -54.44 50.39
CA SER F 323 -39.20 -53.45 51.40
C SER F 323 -37.69 -53.25 51.50
N LYS F 324 -36.88 -53.99 50.75
CA LYS F 324 -35.43 -53.80 50.62
C LYS F 324 -34.67 -53.97 51.93
N TYR F 325 -35.35 -54.32 53.02
CA TYR F 325 -34.74 -54.43 54.34
C TYR F 325 -34.82 -55.85 54.88
N ALA F 326 -34.59 -56.84 54.02
CA ALA F 326 -34.69 -58.23 54.46
C ALA F 326 -33.84 -59.12 53.58
N ALA F 327 -33.58 -60.33 54.08
CA ALA F 327 -32.90 -61.36 53.31
C ALA F 327 -33.49 -62.70 53.68
N LEU F 328 -33.94 -63.46 52.67
CA LEU F 328 -34.63 -64.72 52.87
C LEU F 328 -33.70 -65.88 52.51
N TYR F 329 -33.64 -66.88 53.38
CA TYR F 329 -32.80 -68.05 53.16
C TYR F 329 -33.69 -69.29 53.09
N TYR F 330 -33.72 -69.94 51.93
CA TYR F 330 -34.69 -70.97 51.61
C TYR F 330 -34.49 -72.29 52.38
N PRO F 331 -33.40 -73.02 52.18
CA PRO F 331 -33.36 -74.40 52.66
C PRO F 331 -33.05 -74.49 54.15
N TRP F 332 -33.66 -75.47 54.81
CA TRP F 332 -33.43 -75.72 56.22
C TRP F 332 -32.19 -76.58 56.42
N ILE F 333 -31.67 -76.56 57.65
CA ILE F 333 -30.41 -77.23 57.97
C ILE F 333 -30.68 -78.31 59.00
N LYS F 334 -30.20 -79.52 58.74
CA LYS F 334 -30.30 -80.62 59.70
C LYS F 334 -29.08 -80.58 60.61
N SER F 335 -29.33 -80.53 61.92
CA SER F 335 -28.28 -80.37 62.91
C SER F 335 -28.47 -81.38 64.04
N PHE F 336 -27.40 -81.56 64.82
CA PHE F 336 -27.37 -82.53 65.90
C PHE F 336 -27.92 -81.93 67.19
N ASP F 337 -28.48 -82.78 68.02
CA ASP F 337 -29.00 -82.39 69.34
C ASP F 337 -28.42 -83.34 70.38
N PRO F 338 -27.64 -82.83 71.34
CA PRO F 338 -27.04 -83.71 72.35
C PRO F 338 -28.01 -84.13 73.45
N ALA F 339 -29.12 -83.41 73.62
CA ALA F 339 -30.09 -83.80 74.65
C ALA F 339 -30.64 -85.19 74.36
N THR F 340 -31.00 -85.46 73.10
CA THR F 340 -31.33 -86.80 72.66
C THR F 340 -30.26 -87.42 71.77
N GLY F 341 -29.24 -86.65 71.40
CA GLY F 341 -28.21 -87.16 70.52
C GLY F 341 -28.73 -87.57 69.15
N GLN F 342 -29.60 -86.75 68.56
CA GLN F 342 -30.26 -87.12 67.32
C GLN F 342 -30.25 -85.93 66.37
N SER F 343 -30.39 -86.23 65.08
CA SER F 343 -30.41 -85.20 64.05
C SER F 343 -31.83 -84.74 63.78
N ARG F 344 -32.00 -83.42 63.66
CA ARG F 344 -33.32 -82.86 63.39
C ARG F 344 -33.15 -81.54 62.63
N LEU F 345 -34.23 -81.12 61.97
CA LEU F 345 -34.20 -79.98 61.09
C LEU F 345 -34.47 -78.68 61.85
N VAL F 346 -33.69 -77.65 61.55
CA VAL F 346 -33.89 -76.32 62.11
C VAL F 346 -33.75 -75.28 61.02
N PRO F 347 -34.43 -74.14 61.18
CA PRO F 347 -34.30 -73.08 60.18
C PRO F 347 -32.92 -72.45 60.24
N PRO F 348 -32.45 -71.87 59.13
CA PRO F 348 -31.14 -71.20 59.11
C PRO F 348 -31.23 -69.74 59.53
N SER F 349 -31.38 -69.51 60.83
CA SER F 349 -31.55 -68.17 61.37
C SER F 349 -30.27 -67.65 62.04
N GLY F 350 -29.72 -68.40 62.98
CA GLY F 350 -28.52 -67.95 63.66
C GLY F 350 -27.25 -68.17 62.87
N HIS F 351 -27.22 -69.18 62.01
CA HIS F 351 -26.00 -69.48 61.25
C HIS F 351 -25.65 -68.35 60.29
N VAL F 352 -26.66 -67.78 59.62
CA VAL F 352 -26.39 -66.69 58.69
C VAL F 352 -25.93 -65.44 59.44
N ALA F 353 -26.49 -65.19 60.63
CA ALA F 353 -26.02 -64.08 61.44
C ALA F 353 -24.57 -64.27 61.86
N GLY F 354 -24.22 -65.51 62.26
CA GLY F 354 -22.83 -65.79 62.61
C GLY F 354 -21.90 -65.62 61.43
N ILE F 355 -22.34 -66.03 60.23
CA ILE F 355 -21.54 -65.85 59.03
C ILE F 355 -21.34 -64.38 58.74
N TRP F 356 -22.39 -63.58 58.90
CA TRP F 356 -22.28 -62.14 58.70
C TRP F 356 -21.29 -61.53 59.68
N ALA F 357 -21.36 -61.93 60.95
CA ALA F 357 -20.42 -61.41 61.94
C ALA F 357 -18.99 -61.82 61.62
N ARG F 358 -18.79 -63.06 61.19
CA ARG F 358 -17.45 -63.53 60.83
C ARG F 358 -16.91 -62.74 59.64
N ASN F 359 -17.75 -62.50 58.63
CA ASN F 359 -17.31 -61.72 57.48
C ASN F 359 -16.99 -60.29 57.87
N ASP F 360 -17.79 -59.69 58.75
CA ASP F 360 -17.51 -58.34 59.19
C ASP F 360 -16.28 -58.23 60.07
N SER F 361 -15.92 -59.32 60.75
CA SER F 361 -14.73 -59.30 61.60
C SER F 361 -13.46 -59.56 60.81
N GLU F 362 -13.43 -60.65 60.03
CA GLU F 362 -12.22 -60.98 59.28
C GLU F 362 -11.91 -59.94 58.21
N ARG F 363 -12.91 -59.60 57.39
CA ARG F 363 -12.76 -58.62 56.33
C ARG F 363 -13.68 -57.42 56.62
N GLY F 364 -13.66 -56.46 55.71
CA GLY F 364 -14.51 -55.30 55.85
C GLY F 364 -15.97 -55.63 55.60
N VAL F 365 -16.83 -54.70 55.99
CA VAL F 365 -18.26 -54.85 55.80
C VAL F 365 -18.67 -54.78 54.33
N HIS F 366 -17.77 -54.31 53.46
CA HIS F 366 -18.07 -54.19 52.05
C HIS F 366 -17.99 -55.52 51.30
N LYS F 367 -17.49 -56.58 51.95
CA LYS F 367 -17.39 -57.88 51.32
C LYS F 367 -18.72 -58.62 51.47
N ALA F 368 -19.27 -59.08 50.35
CA ALA F 368 -20.55 -59.77 50.36
C ALA F 368 -20.38 -61.18 50.89
N PRO F 369 -21.14 -61.58 51.91
CA PRO F 369 -21.04 -62.96 52.41
C PRO F 369 -21.65 -63.96 51.45
N ALA F 370 -21.01 -64.17 50.30
CA ALA F 370 -21.55 -65.02 49.25
C ALA F 370 -21.00 -66.44 49.28
N ASN F 371 -19.74 -66.62 49.69
CA ASN F 371 -19.10 -67.94 49.69
C ASN F 371 -18.56 -68.20 51.09
N GLU F 372 -19.41 -68.74 51.96
CA GLU F 372 -19.01 -69.09 53.32
C GLU F 372 -19.58 -70.47 53.67
N VAL F 373 -18.85 -71.19 54.51
CA VAL F 373 -19.19 -72.55 54.88
C VAL F 373 -19.98 -72.54 56.18
N VAL F 374 -21.14 -73.20 56.14
CA VAL F 374 -22.04 -73.24 57.31
C VAL F 374 -21.49 -74.30 58.27
N ARG F 375 -20.52 -73.91 59.08
CA ARG F 375 -19.89 -74.83 60.06
C ARG F 375 -20.95 -75.32 61.03
N GLY F 376 -21.10 -76.62 61.19
CA GLY F 376 -22.03 -77.16 62.21
C GLY F 376 -23.13 -78.04 61.64
N ALA F 377 -23.50 -77.87 60.37
CA ALA F 377 -24.61 -78.64 59.76
C ALA F 377 -24.14 -80.04 59.39
N VAL F 378 -25.04 -80.87 58.89
CA VAL F 378 -24.67 -82.24 58.46
C VAL F 378 -25.36 -82.51 57.11
N ASP F 379 -26.63 -82.13 56.94
CA ASP F 379 -27.35 -82.44 55.71
C ASP F 379 -28.25 -81.25 55.34
N LEU F 380 -29.02 -81.42 54.27
CA LEU F 380 -29.95 -80.40 53.83
C LEU F 380 -31.35 -80.94 53.51
N GLU F 381 -31.51 -82.23 53.26
CA GLU F 381 -32.78 -82.86 52.92
C GLU F 381 -33.38 -82.30 51.64
N LEU F 382 -32.56 -81.71 50.78
CA LEU F 382 -32.99 -81.18 49.50
C LEU F 382 -31.76 -80.86 48.66
N GLN F 383 -31.89 -81.04 47.34
CA GLN F 383 -30.81 -80.77 46.41
C GLN F 383 -31.29 -79.85 45.30
N ILE F 384 -30.45 -78.90 44.92
CA ILE F 384 -30.78 -77.91 43.90
C ILE F 384 -29.79 -78.06 42.75
N THR F 385 -30.32 -78.16 41.53
CA THR F 385 -29.51 -78.23 40.34
C THR F 385 -29.21 -76.82 39.83
N ARG F 386 -28.62 -76.73 38.64
CA ARG F 386 -28.30 -75.39 38.07
C ARG F 386 -29.59 -74.72 37.60
N GLY F 387 -30.48 -75.48 36.94
CA GLY F 387 -31.70 -74.88 36.42
C GLY F 387 -32.60 -74.33 37.50
N GLU F 388 -32.77 -75.07 38.59
CA GLU F 388 -33.61 -74.60 39.69
C GLU F 388 -33.03 -73.34 40.31
N GLN F 389 -31.71 -73.29 40.49
CA GLN F 389 -31.07 -72.07 40.98
C GLN F 389 -31.26 -70.92 40.00
N ASP F 390 -31.14 -71.18 38.70
CA ASP F 390 -31.39 -70.17 37.68
C ASP F 390 -32.84 -69.70 37.67
N LEU F 391 -33.77 -70.50 38.19
CA LEU F 391 -35.15 -70.07 38.35
C LEU F 391 -35.38 -69.27 39.63
N LEU F 392 -34.54 -69.48 40.65
CA LEU F 392 -34.68 -68.78 41.92
C LEU F 392 -33.79 -67.55 42.02
N ASN F 393 -32.72 -67.49 41.22
CA ASN F 393 -31.83 -66.34 41.28
C ASN F 393 -32.50 -65.02 40.89
N PRO F 394 -33.31 -64.93 39.83
CA PRO F 394 -33.91 -63.62 39.49
C PRO F 394 -34.73 -63.02 40.61
N ILE F 395 -35.36 -63.83 41.45
CA ILE F 395 -36.08 -63.35 42.60
C ILE F 395 -35.14 -63.37 43.80
N GLY F 396 -35.51 -62.63 44.84
CA GLY F 396 -34.64 -62.48 45.99
C GLY F 396 -34.58 -63.69 46.91
N VAL F 397 -34.29 -64.86 46.35
CA VAL F 397 -34.19 -66.10 47.11
C VAL F 397 -32.76 -66.58 47.01
N ASN F 398 -32.07 -66.62 48.15
CA ASN F 398 -30.72 -67.15 48.21
C ASN F 398 -30.78 -68.68 48.32
N CYS F 399 -29.61 -69.31 48.41
CA CYS F 399 -29.56 -70.76 48.45
C CYS F 399 -28.39 -71.22 49.31
N ILE F 400 -28.50 -72.47 49.78
CA ILE F 400 -27.43 -73.15 50.48
C ILE F 400 -27.14 -74.42 49.68
N ARG F 401 -25.98 -74.46 49.03
CA ARG F 401 -25.68 -75.47 48.04
C ARG F 401 -24.59 -76.41 48.52
N SER F 402 -24.71 -77.68 48.15
CA SER F 402 -23.71 -78.69 48.45
C SER F 402 -22.86 -78.94 47.22
N PHE F 403 -21.54 -78.77 47.36
CA PHE F 403 -20.60 -78.93 46.27
C PHE F 403 -19.74 -80.16 46.52
N PRO F 404 -19.54 -81.00 45.50
CA PRO F 404 -18.78 -82.25 45.70
C PRO F 404 -17.29 -82.02 45.82
N GLY F 405 -16.84 -81.70 47.03
CA GLY F 405 -15.44 -81.44 47.27
C GLY F 405 -15.23 -80.20 48.11
N ARG F 406 -16.30 -79.42 48.29
CA ARG F 406 -16.27 -78.23 49.10
C ARG F 406 -17.35 -78.17 50.17
N GLY F 407 -18.34 -79.06 50.13
CA GLY F 407 -19.31 -79.15 51.21
C GLY F 407 -20.46 -78.18 51.09
N ILE F 408 -21.02 -77.76 52.22
CA ILE F 408 -22.19 -76.90 52.25
C ILE F 408 -21.74 -75.45 52.30
N ARG F 409 -22.22 -74.64 51.36
CA ARG F 409 -21.81 -73.25 51.26
C ARG F 409 -23.01 -72.37 50.95
N VAL F 410 -22.94 -71.11 51.39
CA VAL F 410 -23.96 -70.13 51.01
C VAL F 410 -23.81 -69.79 49.53
N TRP F 411 -24.88 -69.28 48.93
CA TRP F 411 -24.85 -68.99 47.50
C TRP F 411 -25.93 -67.96 47.17
N GLY F 412 -25.52 -66.82 46.60
CA GLY F 412 -26.43 -65.88 45.99
C GLY F 412 -26.37 -64.47 46.52
N ALA F 413 -26.31 -64.30 47.83
CA ALA F 413 -26.12 -63.01 48.49
C ALA F 413 -26.97 -61.90 47.87
N ARG F 414 -28.29 -62.06 47.98
CA ARG F 414 -29.24 -61.09 47.45
C ARG F 414 -30.27 -60.75 48.52
N THR F 415 -31.16 -59.81 48.18
CA THR F 415 -32.17 -59.31 49.10
C THR F 415 -33.53 -59.22 48.40
N LEU F 416 -34.55 -58.87 49.17
CA LEU F 416 -35.92 -58.73 48.67
C LEU F 416 -36.14 -57.26 48.33
N SER F 417 -35.95 -56.91 47.05
CA SER F 417 -36.16 -55.53 46.62
C SER F 417 -36.40 -55.51 45.12
N SER F 418 -37.57 -55.02 44.70
CA SER F 418 -37.86 -54.91 43.28
C SER F 418 -37.02 -53.81 42.64
N ASP F 419 -36.74 -52.74 43.38
CA ASP F 419 -35.95 -51.63 42.85
C ASP F 419 -34.53 -52.09 42.56
N PRO F 420 -34.03 -51.92 41.33
CA PRO F 420 -32.66 -52.36 41.02
C PRO F 420 -31.56 -51.57 41.73
N ALA F 421 -31.91 -50.52 42.49
CA ALA F 421 -30.89 -49.72 43.16
C ALA F 421 -30.28 -50.44 44.35
N TRP F 422 -31.07 -51.28 45.04
CA TRP F 422 -30.60 -51.96 46.23
C TRP F 422 -30.67 -53.47 46.08
N ARG F 423 -30.17 -53.98 44.94
CA ARG F 423 -30.22 -55.41 44.68
C ARG F 423 -29.36 -56.18 45.67
N TYR F 424 -28.19 -55.67 46.00
CA TYR F 424 -27.20 -56.40 46.77
C TYR F 424 -27.22 -56.00 48.24
N LEU F 425 -26.83 -56.95 49.10
CA LEU F 425 -26.85 -56.71 50.54
C LEU F 425 -25.68 -55.84 50.99
N ASN F 426 -24.51 -56.02 50.39
CA ASN F 426 -23.32 -55.31 50.86
C ASN F 426 -23.46 -53.80 50.67
N ILE F 427 -24.11 -53.37 49.59
CA ILE F 427 -24.34 -51.94 49.38
C ILE F 427 -25.19 -51.37 50.51
N ARG F 428 -26.27 -52.08 50.87
CA ARG F 428 -27.13 -51.62 51.96
C ARG F 428 -26.39 -51.58 53.28
N ARG F 429 -25.58 -52.60 53.57
CA ARG F 429 -24.83 -52.62 54.82
C ARG F 429 -23.83 -51.48 54.89
N TYR F 430 -23.10 -51.23 53.79
CA TYR F 430 -22.13 -50.14 53.77
C TYR F 430 -22.82 -48.79 53.91
N PHE F 431 -23.95 -48.61 53.25
CA PHE F 431 -24.69 -47.35 53.36
C PHE F 431 -25.18 -47.14 54.79
N ASN F 432 -25.68 -48.20 55.43
CA ASN F 432 -26.11 -48.07 56.82
C ASN F 432 -24.93 -47.70 57.72
N TYR F 433 -23.78 -48.32 57.51
CA TYR F 433 -22.60 -48.01 58.31
C TYR F 433 -22.19 -46.55 58.13
N LEU F 434 -22.14 -46.08 56.88
CA LEU F 434 -21.76 -44.70 56.62
C LEU F 434 -22.76 -43.72 57.24
N GLU F 435 -24.05 -43.99 57.09
CA GLU F 435 -25.07 -43.10 57.64
C GLU F 435 -24.97 -43.03 59.16
N GLU F 436 -24.79 -44.19 59.81
CA GLU F 436 -24.67 -44.19 61.27
C GLU F 436 -23.43 -43.42 61.71
N SER F 437 -22.30 -43.64 61.06
CA SER F 437 -21.07 -42.93 61.44
C SER F 437 -21.24 -41.42 61.26
N ILE F 438 -21.81 -40.99 60.14
CA ILE F 438 -21.98 -39.57 59.89
C ILE F 438 -22.94 -38.96 60.91
N LEU F 439 -24.04 -39.64 61.20
CA LEU F 439 -25.01 -39.11 62.16
C LEU F 439 -24.39 -39.00 63.55
N ILE F 440 -23.60 -39.99 63.97
CA ILE F 440 -23.02 -39.94 65.31
C ILE F 440 -21.93 -38.87 65.41
N GLY F 441 -21.06 -38.75 64.41
CA GLY F 441 -19.91 -37.88 64.53
C GLY F 441 -20.01 -36.53 63.84
N THR F 442 -21.16 -35.87 63.92
CA THR F 442 -21.34 -34.59 63.26
C THR F 442 -22.10 -33.58 64.12
N GLN F 443 -22.58 -33.97 65.31
CA GLN F 443 -23.51 -33.14 66.06
C GLN F 443 -22.94 -31.79 66.47
N TRP F 444 -21.62 -31.62 66.44
CA TRP F 444 -21.02 -30.36 66.88
C TRP F 444 -21.25 -29.21 65.90
N VAL F 445 -21.77 -29.48 64.69
CA VAL F 445 -21.89 -28.44 63.67
C VAL F 445 -23.11 -27.55 63.87
N VAL F 446 -24.08 -27.98 64.66
CA VAL F 446 -25.32 -27.22 64.85
C VAL F 446 -25.02 -25.96 65.66
N PHE F 447 -25.74 -24.88 65.32
CA PHE F 447 -25.63 -23.58 65.98
C PHE F 447 -24.21 -23.03 65.88
N GLU F 448 -23.81 -22.75 64.64
CA GLU F 448 -22.52 -22.19 64.30
C GLU F 448 -22.69 -20.90 63.52
N PRO F 449 -21.66 -20.04 63.49
CA PRO F 449 -21.80 -18.76 62.79
C PRO F 449 -22.13 -18.87 61.31
N ASN F 450 -21.91 -20.03 60.69
CA ASN F 450 -22.29 -20.30 59.31
C ASN F 450 -21.59 -19.35 58.34
N ASP F 451 -20.26 -19.44 58.36
CA ASP F 451 -19.42 -18.72 57.41
C ASP F 451 -18.63 -19.72 56.58
N HIS F 452 -17.82 -19.24 55.64
CA HIS F 452 -17.05 -20.14 54.78
C HIS F 452 -16.00 -20.96 55.52
N ASN F 453 -15.59 -20.51 56.72
CA ASN F 453 -14.69 -21.32 57.53
C ASN F 453 -15.35 -22.63 57.93
N LEU F 454 -16.64 -22.57 58.29
CA LEU F 454 -17.37 -23.79 58.64
C LEU F 454 -17.45 -24.73 57.44
N TRP F 455 -17.69 -24.17 56.25
CA TRP F 455 -17.73 -24.99 55.03
C TRP F 455 -16.39 -25.66 54.80
N ALA F 456 -15.29 -24.92 54.96
CA ALA F 456 -13.97 -25.49 54.77
C ALA F 456 -13.71 -26.62 55.77
N ARG F 457 -14.08 -26.41 57.04
CA ARG F 457 -13.87 -27.44 58.04
C ARG F 457 -14.67 -28.70 57.73
N ILE F 458 -15.94 -28.54 57.35
CA ILE F 458 -16.78 -29.69 57.04
C ILE F 458 -16.20 -30.44 55.84
N ARG F 459 -15.80 -29.70 54.80
CA ARG F 459 -15.22 -30.35 53.63
C ARG F 459 -13.95 -31.11 53.98
N ARG F 460 -13.09 -30.52 54.81
CA ARG F 460 -11.85 -31.19 55.20
C ARG F 460 -12.15 -32.47 55.96
N ASN F 461 -13.09 -32.42 56.91
CA ASN F 461 -13.41 -33.60 57.70
C ASN F 461 -13.98 -34.73 56.83
N VAL F 462 -14.94 -34.38 55.96
CA VAL F 462 -15.55 -35.39 55.11
C VAL F 462 -14.53 -35.98 54.14
N SER F 463 -13.67 -35.12 53.58
CA SER F 463 -12.65 -35.62 52.65
C SER F 463 -11.67 -36.54 53.35
N ALA F 464 -11.26 -36.21 54.59
CA ALA F 464 -10.37 -37.10 55.32
C ALA F 464 -11.02 -38.44 55.59
N PHE F 465 -12.29 -38.43 56.02
CA PHE F 465 -12.98 -39.69 56.28
C PHE F 465 -13.09 -40.53 55.00
N LEU F 466 -13.44 -39.89 53.89
CA LEU F 466 -13.61 -40.64 52.65
C LEU F 466 -12.28 -41.16 52.13
N VAL F 467 -11.19 -40.41 52.29
CA VAL F 467 -9.87 -40.89 51.89
C VAL F 467 -9.47 -42.09 52.73
N ASN F 468 -9.71 -42.02 54.03
CA ASN F 468 -9.38 -43.16 54.90
C ASN F 468 -10.19 -44.39 54.52
N GLU F 469 -11.47 -44.19 54.17
CA GLU F 469 -12.28 -45.32 53.73
C GLU F 469 -11.80 -45.89 52.40
N TRP F 470 -11.39 -45.01 51.48
CA TRP F 470 -10.99 -45.47 50.15
C TRP F 470 -9.65 -46.19 50.17
N ARG F 471 -8.74 -45.79 51.05
CA ARG F 471 -7.41 -46.40 51.06
C ARG F 471 -7.43 -47.87 51.45
N ASN F 472 -8.54 -48.37 52.00
CA ASN F 472 -8.68 -49.78 52.32
C ASN F 472 -9.24 -50.60 51.16
N GLY F 473 -9.50 -49.98 50.01
CA GLY F 473 -10.01 -50.70 48.86
C GLY F 473 -11.51 -50.92 48.87
N ALA F 474 -12.27 -50.10 49.59
CA ALA F 474 -13.72 -50.24 49.64
C ALA F 474 -14.45 -49.38 48.61
N LEU F 475 -13.72 -48.64 47.77
CA LEU F 475 -14.33 -47.81 46.74
C LEU F 475 -13.65 -48.07 45.41
N PHE F 476 -14.44 -47.99 44.34
CA PHE F 476 -13.97 -48.32 42.99
C PHE F 476 -13.37 -47.07 42.35
N GLY F 477 -12.06 -47.08 42.18
CA GLY F 477 -11.38 -45.98 41.52
C GLY F 477 -9.87 -46.04 41.65
N GLN F 478 -9.16 -45.72 40.58
CA GLN F 478 -7.67 -45.75 40.60
C GLN F 478 -7.14 -44.53 41.36
N SER F 479 -7.88 -43.43 41.34
CA SER F 479 -7.48 -42.20 42.00
C SER F 479 -8.60 -41.70 42.91
N PRO F 480 -8.25 -40.93 43.96
CA PRO F 480 -9.29 -40.39 44.84
C PRO F 480 -10.29 -39.50 44.13
N ASP F 481 -9.85 -38.87 43.03
CA ASP F 481 -10.74 -38.00 42.27
C ASP F 481 -11.87 -38.79 41.61
N GLN F 482 -11.62 -40.05 41.26
CA GLN F 482 -12.62 -40.89 40.61
C GLN F 482 -13.44 -41.73 41.59
N ALA F 483 -13.18 -41.60 42.89
CA ALA F 483 -13.87 -42.43 43.88
C ALA F 483 -14.97 -41.70 44.64
N TYR F 484 -14.83 -40.39 44.83
CA TYR F 484 -15.81 -39.64 45.61
C TYR F 484 -15.75 -38.18 45.19
N TYR F 485 -16.78 -37.43 45.59
CA TYR F 485 -16.80 -35.99 45.38
C TYR F 485 -17.66 -35.34 46.45
N VAL F 486 -17.11 -34.29 47.08
CA VAL F 486 -17.78 -33.54 48.13
C VAL F 486 -17.84 -32.08 47.71
N LYS F 487 -19.05 -31.51 47.74
CA LYS F 487 -19.28 -30.14 47.30
C LYS F 487 -19.92 -29.34 48.42
N CYS F 488 -19.25 -28.26 48.84
CA CYS F 488 -19.81 -27.34 49.83
C CYS F 488 -19.14 -25.98 49.60
N ASP F 489 -19.85 -25.09 48.91
CA ASP F 489 -19.31 -23.79 48.54
C ASP F 489 -20.47 -22.83 48.29
N GLU F 490 -20.16 -21.68 47.68
CA GLU F 490 -21.19 -20.70 47.40
C GLU F 490 -22.09 -21.10 46.23
N GLU F 491 -21.68 -22.09 45.44
CA GLU F 491 -22.52 -22.54 44.33
C GLU F 491 -23.74 -23.32 44.82
N THR F 492 -23.57 -24.14 45.87
CA THR F 492 -24.66 -24.92 46.43
C THR F 492 -25.28 -24.27 47.66
N ASN F 493 -24.79 -23.10 48.06
CA ASN F 493 -25.32 -22.38 49.23
C ASN F 493 -25.60 -20.94 48.84
N PRO F 494 -26.71 -20.70 48.14
CA PRO F 494 -27.05 -19.32 47.75
C PRO F 494 -27.44 -18.49 48.97
N PRO F 495 -27.37 -17.17 48.88
CA PRO F 495 -27.74 -16.34 50.04
C PRO F 495 -29.16 -16.56 50.52
N GLU F 496 -30.10 -16.87 49.61
CA GLU F 496 -31.46 -17.17 50.05
C GLU F 496 -31.51 -18.40 50.93
N SER F 497 -30.75 -19.43 50.57
CA SER F 497 -30.70 -20.64 51.40
C SER F 497 -30.04 -20.39 52.74
N VAL F 498 -28.95 -19.61 52.76
CA VAL F 498 -28.24 -19.37 54.01
C VAL F 498 -29.00 -18.39 54.89
N ASP F 499 -29.98 -17.68 54.32
CA ASP F 499 -30.82 -16.80 55.13
C ASP F 499 -31.59 -17.60 56.17
N LEU F 500 -32.13 -18.76 55.78
CA LEU F 500 -32.88 -19.60 56.69
C LEU F 500 -31.99 -20.44 57.60
N GLY F 501 -30.67 -20.41 57.40
CA GLY F 501 -29.77 -21.19 58.22
C GLY F 501 -29.74 -22.65 57.83
N ARG F 502 -29.27 -22.93 56.61
CA ARG F 502 -29.23 -24.29 56.08
C ARG F 502 -27.84 -24.59 55.52
N VAL F 503 -27.40 -25.84 55.70
CA VAL F 503 -26.15 -26.33 55.15
C VAL F 503 -26.46 -27.62 54.38
N VAL F 504 -25.88 -27.77 53.20
CA VAL F 504 -26.19 -28.88 52.31
C VAL F 504 -25.06 -29.93 52.28
N CYS F 505 -23.86 -29.53 51.85
CA CYS F 505 -22.69 -30.41 51.82
C CYS F 505 -22.96 -31.68 51.02
N GLU F 506 -23.17 -31.49 49.72
CA GLU F 506 -23.48 -32.61 48.85
C GLU F 506 -22.32 -33.61 48.82
N ILE F 507 -22.64 -34.89 48.94
CA ILE F 507 -21.66 -35.97 48.99
C ILE F 507 -22.05 -37.04 47.98
N GLY F 508 -21.07 -37.51 47.21
CA GLY F 508 -21.31 -38.60 46.27
C GLY F 508 -20.17 -39.60 46.28
N ILE F 509 -20.50 -40.89 46.34
CA ILE F 509 -19.51 -41.95 46.42
C ILE F 509 -19.81 -42.99 45.35
N ALA F 510 -18.79 -43.78 45.02
CA ALA F 510 -18.91 -44.87 44.05
C ALA F 510 -18.61 -46.20 44.74
N PRO F 511 -19.62 -47.01 45.02
CA PRO F 511 -19.39 -48.27 45.73
C PRO F 511 -18.84 -49.35 44.81
N VAL F 512 -18.57 -50.51 45.39
CA VAL F 512 -18.06 -51.68 44.67
C VAL F 512 -19.12 -52.77 44.74
N LYS F 513 -19.23 -53.55 43.68
CA LYS F 513 -20.20 -54.62 43.62
C LYS F 513 -19.52 -55.97 43.45
N PRO F 514 -20.09 -57.03 44.02
CA PRO F 514 -19.45 -58.35 43.91
C PRO F 514 -19.50 -58.89 42.49
N ALA F 515 -18.52 -59.73 42.17
CA ALA F 515 -18.45 -60.39 40.87
C ALA F 515 -19.17 -61.74 40.97
N GLU F 516 -20.26 -61.88 40.23
CA GLU F 516 -21.10 -63.08 40.29
C GLU F 516 -20.81 -64.05 39.16
N PHE F 517 -20.76 -63.56 37.92
CA PHE F 517 -20.52 -64.40 36.75
C PHE F 517 -19.11 -64.13 36.23
N VAL F 518 -18.31 -65.19 36.16
CA VAL F 518 -16.95 -65.12 35.62
C VAL F 518 -16.94 -65.85 34.29
N ILE F 519 -16.50 -65.16 33.24
CA ILE F 519 -16.55 -65.68 31.88
C ILE F 519 -15.14 -65.67 31.29
N PHE F 520 -14.73 -66.80 30.73
CA PHE F 520 -13.51 -66.90 29.93
C PHE F 520 -13.89 -67.10 28.47
N ARG F 521 -12.89 -66.97 27.60
CA ARG F 521 -13.09 -67.08 26.15
C ARG F 521 -12.41 -68.30 25.56
N LEU F 522 -11.11 -68.46 25.78
CA LEU F 522 -10.34 -69.59 25.24
C LEU F 522 -10.44 -69.66 23.71
N ALA F 523 -9.99 -68.59 23.07
CA ALA F 523 -10.00 -68.51 21.62
C ALA F 523 -8.66 -68.95 21.04
N GLN F 524 -8.69 -69.32 19.76
CA GLN F 524 -7.49 -69.76 19.04
C GLN F 524 -7.13 -68.70 18.01
N PHE F 525 -5.89 -68.23 18.06
CA PHE F 525 -5.43 -67.15 17.21
C PHE F 525 -4.07 -67.49 16.61
N SER F 526 -3.76 -66.84 15.49
CA SER F 526 -2.48 -67.04 14.81
C SER F 526 -1.38 -66.21 15.45
N PRO G 2 -6.79 30.83 64.07
CA PRO G 2 -6.32 31.56 65.25
C PRO G 2 -6.07 33.03 64.98
N SER G 3 -5.83 33.81 66.03
CA SER G 3 -5.59 35.24 65.93
C SER G 3 -4.10 35.51 66.16
N TYR G 4 -3.49 36.25 65.23
CA TYR G 4 -2.09 36.63 65.32
C TYR G 4 -2.01 38.15 65.42
N LEU G 5 -1.53 38.65 66.56
CA LEU G 5 -1.45 40.08 66.80
C LEU G 5 -0.10 40.56 67.30
N SER G 6 0.73 39.70 67.88
CA SER G 6 2.04 40.09 68.38
C SER G 6 3.10 39.13 67.90
N PRO G 7 4.32 39.61 67.66
CA PRO G 7 5.40 38.72 67.23
C PRO G 7 5.73 37.68 68.29
N GLY G 8 6.15 36.51 67.84
CA GLY G 8 6.51 35.44 68.74
C GLY G 8 6.40 34.10 68.05
N VAL G 9 6.45 33.05 68.87
CA VAL G 9 6.36 31.67 68.40
C VAL G 9 5.09 31.06 68.99
N TYR G 10 4.27 30.49 68.12
CA TYR G 10 3.00 29.89 68.51
C TYR G 10 3.01 28.41 68.16
N VAL G 11 2.59 27.57 69.11
CA VAL G 11 2.51 26.13 68.93
C VAL G 11 1.06 25.72 69.04
N GLU G 12 0.53 25.10 67.99
CA GLU G 12 -0.85 24.65 67.94
C GLU G 12 -0.90 23.21 67.44
N GLU G 13 -1.93 22.48 67.86
CA GLU G 13 -2.11 21.08 67.51
C GLU G 13 -3.30 20.95 66.57
N VAL G 14 -3.08 20.32 65.42
CA VAL G 14 -4.18 20.09 64.49
C VAL G 14 -4.94 18.83 64.90
N ALA G 15 -6.27 18.95 64.94
CA ALA G 15 -7.14 17.88 65.40
C ALA G 15 -7.13 16.66 64.48
N SER G 16 -6.58 16.80 63.28
CA SER G 16 -6.53 15.70 62.34
C SER G 16 -5.71 14.54 62.88
N GLY G 17 -6.34 13.39 63.06
CA GLY G 17 -5.66 12.23 63.61
C GLY G 17 -6.60 11.04 63.66
N SER G 18 -6.40 10.20 64.67
CA SER G 18 -7.20 9.00 64.87
C SER G 18 -7.88 9.05 66.23
N ARG G 19 -9.16 8.69 66.26
CA ARG G 19 -9.95 8.65 67.49
C ARG G 19 -10.65 7.30 67.56
N PRO G 20 -9.97 6.28 68.09
CA PRO G 20 -10.54 4.93 68.11
C PRO G 20 -11.78 4.85 68.99
N ILE G 21 -12.68 3.94 68.63
CA ILE G 21 -13.90 3.68 69.37
C ILE G 21 -13.81 2.30 70.01
N GLU G 22 -14.07 2.23 71.30
CA GLU G 22 -13.98 0.99 72.06
C GLU G 22 -15.36 0.41 72.32
N GLY G 23 -15.38 -0.89 72.62
CA GLY G 23 -16.61 -1.58 72.92
C GLY G 23 -17.05 -1.39 74.36
N VAL G 24 -18.11 -2.10 74.72
CA VAL G 24 -18.69 -2.03 76.05
C VAL G 24 -18.88 -3.44 76.59
N GLY G 25 -18.94 -3.55 77.91
CA GLY G 25 -19.13 -4.84 78.56
C GLY G 25 -20.60 -5.23 78.61
N THR G 26 -20.91 -6.43 78.16
CA THR G 26 -22.29 -6.91 78.12
C THR G 26 -22.46 -8.16 78.97
N SER G 27 -21.91 -8.16 80.18
CA SER G 27 -21.97 -9.31 81.08
C SER G 27 -22.42 -8.88 82.47
N VAL G 28 -23.45 -8.05 82.53
CA VAL G 28 -24.02 -7.58 83.79
C VAL G 28 -25.51 -7.89 83.79
N ALA G 29 -26.01 -8.48 84.87
CA ALA G 29 -27.40 -8.84 85.00
C ALA G 29 -27.94 -8.30 86.32
N ALA G 30 -29.23 -7.95 86.32
CA ALA G 30 -29.89 -7.39 87.50
C ALA G 30 -31.05 -8.29 87.89
N PHE G 31 -31.02 -8.80 89.11
CA PHE G 31 -32.05 -9.71 89.63
C PHE G 31 -32.88 -8.97 90.67
N VAL G 32 -34.20 -9.05 90.53
CA VAL G 32 -35.14 -8.46 91.46
C VAL G 32 -35.88 -9.59 92.16
N GLY G 33 -35.86 -9.57 93.49
CA GLY G 33 -36.50 -10.64 94.24
C GLY G 33 -36.64 -10.29 95.70
N LEU G 34 -37.03 -11.29 96.48
CA LEU G 34 -37.21 -11.14 97.91
C LEU G 34 -36.15 -11.93 98.67
N ALA G 35 -35.64 -11.35 99.74
CA ALA G 35 -34.59 -11.93 100.56
C ALA G 35 -34.98 -11.79 102.03
N PRO G 36 -34.47 -12.67 102.90
CA PRO G 36 -34.84 -12.57 104.32
C PRO G 36 -34.40 -11.27 104.98
N THR G 37 -33.12 -10.94 104.90
CA THR G 37 -32.60 -9.71 105.51
C THR G 37 -31.61 -9.06 104.57
N GLY G 38 -31.47 -7.75 104.69
CA GLY G 38 -30.55 -6.99 103.87
C GLY G 38 -31.06 -5.61 103.56
N PRO G 39 -30.31 -4.86 102.74
CA PRO G 39 -30.77 -3.53 102.33
C PRO G 39 -32.07 -3.60 101.56
N LEU G 40 -32.90 -2.58 101.73
CA LEU G 40 -34.23 -2.53 101.15
C LEU G 40 -34.28 -1.47 100.05
N ASN G 41 -34.77 -1.87 98.87
CA ASN G 41 -34.95 -0.96 97.74
C ASN G 41 -33.66 -0.26 97.35
N GLU G 42 -32.55 -1.00 97.40
CA GLU G 42 -31.25 -0.47 97.00
C GLU G 42 -30.59 -1.45 96.04
N PRO G 43 -30.18 -1.01 94.85
CA PRO G 43 -29.55 -1.93 93.89
C PRO G 43 -28.12 -2.26 94.26
N THR G 44 -27.94 -3.23 95.15
CA THR G 44 -26.61 -3.59 95.61
C THR G 44 -25.82 -4.27 94.50
N LEU G 45 -24.50 -4.17 94.56
CA LEU G 45 -23.61 -4.79 93.58
C LEU G 45 -22.88 -5.95 94.22
N VAL G 46 -22.93 -7.11 93.57
CA VAL G 46 -22.30 -8.33 94.06
C VAL G 46 -21.39 -8.88 92.97
N THR G 47 -20.26 -9.44 93.37
CA THR G 47 -19.32 -10.03 92.42
C THR G 47 -18.79 -11.38 92.87
N ASN G 48 -19.26 -11.90 94.01
CA ASN G 48 -18.82 -13.19 94.51
C ASN G 48 -19.82 -13.61 95.59
N TRP G 49 -20.00 -14.92 95.76
CA TRP G 49 -21.03 -15.41 96.71
C TRP G 49 -20.76 -14.88 98.12
N THR G 50 -19.49 -14.78 98.53
CA THR G 50 -19.23 -14.35 99.90
C THR G 50 -19.90 -13.02 100.20
N GLN G 51 -19.87 -12.09 99.24
CA GLN G 51 -20.54 -10.81 99.43
C GLN G 51 -22.05 -11.01 99.58
N TYR G 52 -22.64 -11.88 98.77
CA TYR G 52 -24.07 -12.14 98.88
C TYR G 52 -24.41 -12.78 100.22
N VAL G 53 -23.57 -13.71 100.68
CA VAL G 53 -23.80 -14.34 101.98
C VAL G 53 -23.74 -13.30 103.09
N ALA G 54 -22.73 -12.42 103.04
CA ALA G 54 -22.58 -11.39 104.07
C ALA G 54 -23.69 -10.35 104.02
N ALA G 55 -24.28 -10.10 102.86
CA ALA G 55 -25.28 -9.04 102.74
C ALA G 55 -26.71 -9.55 102.93
N PHE G 56 -27.14 -10.49 102.08
CA PHE G 56 -28.54 -10.89 102.01
C PHE G 56 -28.80 -12.28 102.61
N GLY G 57 -27.84 -12.85 103.32
CA GLY G 57 -28.02 -14.19 103.86
C GLY G 57 -27.88 -15.25 102.79
N ASP G 58 -28.22 -16.49 103.18
CA ASP G 58 -28.06 -17.63 102.27
C ASP G 58 -28.96 -18.76 102.73
N PHE G 59 -29.94 -19.11 101.88
CA PHE G 59 -30.72 -20.33 102.02
C PHE G 59 -31.37 -20.50 103.39
N THR G 60 -32.28 -19.58 103.75
CA THR G 60 -32.99 -19.70 105.03
C THR G 60 -34.49 -19.46 104.92
N GLY G 61 -34.99 -18.84 103.85
CA GLY G 61 -36.40 -18.54 103.76
C GLY G 61 -37.12 -19.30 102.67
N GLY G 62 -36.39 -20.16 101.95
CA GLY G 62 -36.98 -20.91 100.85
C GLY G 62 -37.43 -20.06 99.69
N TYR G 63 -36.64 -19.06 99.30
CA TYR G 63 -36.95 -18.17 98.20
C TYR G 63 -36.12 -18.54 96.98
N TYR G 64 -36.54 -18.02 95.82
CA TYR G 64 -35.90 -18.33 94.55
C TYR G 64 -34.77 -17.38 94.19
N LEU G 65 -34.52 -16.34 95.00
CA LEU G 65 -33.44 -15.42 94.68
C LEU G 65 -32.08 -16.06 94.92
N ALA G 66 -31.92 -16.74 96.05
CA ALA G 66 -30.64 -17.37 96.38
C ALA G 66 -30.28 -18.44 95.36
N HIS G 67 -31.25 -19.27 94.97
CA HIS G 67 -30.98 -20.31 93.97
C HIS G 67 -30.58 -19.70 92.64
N SER G 68 -31.28 -18.64 92.21
CA SER G 68 -30.95 -18.00 90.95
C SER G 68 -29.56 -17.37 90.98
N VAL G 69 -29.21 -16.71 92.09
CA VAL G 69 -27.88 -16.11 92.19
C VAL G 69 -26.80 -17.19 92.18
N TYR G 70 -27.02 -18.28 92.91
CA TYR G 70 -26.05 -19.36 92.94
C TYR G 70 -25.87 -19.99 91.56
N GLY G 71 -26.98 -20.16 90.82
CA GLY G 71 -26.88 -20.68 89.48
C GLY G 71 -26.17 -19.73 88.54
N PHE G 72 -26.42 -18.43 88.68
CA PHE G 72 -25.75 -17.44 87.84
C PHE G 72 -24.25 -17.44 88.09
N PHE G 73 -23.84 -17.52 89.35
CA PHE G 73 -22.40 -17.58 89.65
C PHE G 73 -21.80 -18.94 89.34
N ASN G 74 -22.62 -19.99 89.21
CA ASN G 74 -22.11 -21.30 88.86
C ASN G 74 -21.77 -21.43 87.38
N ASN G 75 -22.44 -20.64 86.53
CA ASN G 75 -22.25 -20.73 85.08
C ASN G 75 -21.26 -19.70 84.55
N GLY G 76 -20.44 -19.12 85.42
CA GLY G 76 -19.42 -18.20 84.99
C GLY G 76 -19.81 -16.73 84.99
N GLY G 77 -20.68 -16.32 85.90
CA GLY G 77 -21.03 -14.91 85.98
C GLY G 77 -19.88 -14.06 86.49
N SER G 78 -19.94 -12.77 86.17
CA SER G 78 -18.89 -11.82 86.51
C SER G 78 -19.35 -10.81 87.56
N ALA G 79 -20.43 -10.08 87.29
CA ALA G 79 -20.93 -9.07 88.22
C ALA G 79 -22.44 -9.01 88.10
N ALA G 80 -23.11 -8.78 89.22
CA ALA G 80 -24.56 -8.78 89.26
C ALA G 80 -25.06 -7.64 90.14
N TYR G 81 -26.29 -7.22 89.87
CA TYR G 81 -27.02 -6.26 90.68
C TYR G 81 -28.19 -6.96 91.34
N VAL G 82 -28.46 -6.64 92.59
CA VAL G 82 -29.50 -7.28 93.38
C VAL G 82 -30.44 -6.22 93.91
N VAL G 83 -31.75 -6.44 93.72
CA VAL G 83 -32.78 -5.60 94.29
C VAL G 83 -33.69 -6.48 95.16
N ARG G 84 -33.91 -6.05 96.40
CA ARG G 84 -34.72 -6.79 97.36
C ARG G 84 -35.99 -6.01 97.63
N VAL G 85 -37.11 -6.50 97.06
CA VAL G 85 -38.39 -5.82 97.24
C VAL G 85 -38.88 -5.97 98.68
N GLY G 86 -38.78 -7.18 99.22
CA GLY G 86 -39.26 -7.44 100.55
C GLY G 86 -38.74 -8.76 101.08
N GLY G 87 -39.37 -9.23 102.14
CA GLY G 87 -38.99 -10.51 102.74
C GLY G 87 -39.48 -10.59 104.17
N SER G 88 -39.00 -11.61 104.86
CA SER G 88 -39.37 -11.85 106.25
C SER G 88 -38.26 -12.67 106.91
N ALA G 89 -38.24 -12.64 108.24
CA ALA G 89 -37.27 -13.38 109.03
C ALA G 89 -37.97 -14.20 110.10
N GLU G 90 -39.14 -14.75 109.76
CA GLU G 90 -39.91 -15.56 110.71
C GLU G 90 -40.01 -17.00 110.24
N GLY G 249 -38.22 -1.58 91.41
CA GLY G 249 -36.88 -1.13 91.70
C GLY G 249 -36.41 0.00 90.79
N GLY G 250 -35.40 0.74 91.23
CA GLY G 250 -34.87 1.84 90.46
C GLY G 250 -33.74 1.44 89.55
N LEU G 251 -34.02 0.56 88.59
CA LEU G 251 -33.00 0.10 87.64
C LEU G 251 -32.76 1.08 86.50
N GLU G 252 -33.54 2.15 86.40
CA GLU G 252 -33.37 3.12 85.33
C GLU G 252 -32.16 4.01 85.53
N ALA G 253 -31.63 4.10 86.76
CA ALA G 253 -30.46 4.93 87.03
C ALA G 253 -29.15 4.23 86.71
N ILE G 254 -29.17 2.94 86.40
CA ILE G 254 -27.97 2.17 86.11
C ILE G 254 -27.80 2.11 84.60
N ASP G 255 -26.55 2.07 84.15
CA ASP G 255 -26.22 2.08 82.72
C ASP G 255 -25.62 0.77 82.24
N GLU G 256 -24.79 0.11 83.05
CA GLU G 256 -24.08 -1.08 82.61
C GLU G 256 -24.94 -2.33 82.57
N ILE G 257 -26.19 -2.27 83.07
CA ILE G 257 -27.04 -3.46 83.08
C ILE G 257 -27.36 -3.87 81.65
N SER G 258 -27.20 -5.16 81.35
CA SER G 258 -27.49 -5.69 80.03
C SER G 258 -28.68 -6.63 80.00
N MET G 259 -29.11 -7.15 81.15
CA MET G 259 -30.27 -8.02 81.21
C MET G 259 -30.89 -7.94 82.60
N VAL G 260 -32.20 -8.13 82.67
CA VAL G 260 -32.95 -8.02 83.91
C VAL G 260 -33.80 -9.28 84.09
N ALA G 261 -33.90 -9.75 85.33
CA ALA G 261 -34.67 -10.94 85.65
C ALA G 261 -35.40 -10.74 86.97
N VAL G 262 -36.53 -11.42 87.11
CA VAL G 262 -37.30 -11.44 88.35
C VAL G 262 -37.48 -12.90 88.75
N PRO G 263 -36.44 -13.54 89.27
CA PRO G 263 -36.53 -15.00 89.50
C PRO G 263 -37.64 -15.40 90.46
N ASP G 264 -37.89 -14.61 91.50
CA ASP G 264 -38.87 -14.99 92.51
C ASP G 264 -40.12 -14.16 92.25
N LEU G 265 -40.94 -14.66 91.33
CA LEU G 265 -42.28 -14.15 91.04
C LEU G 265 -43.33 -15.25 91.09
N MET G 266 -42.99 -16.46 90.66
CA MET G 266 -43.94 -17.58 90.72
C MET G 266 -44.18 -18.05 92.15
N ALA G 267 -43.29 -17.68 93.09
CA ALA G 267 -43.50 -18.06 94.48
C ALA G 267 -44.78 -17.44 95.04
N ALA G 268 -44.98 -16.14 94.78
CA ALA G 268 -46.22 -15.50 95.22
C ALA G 268 -47.43 -16.11 94.55
N TYR G 269 -47.28 -16.52 93.28
CA TYR G 269 -48.37 -17.17 92.57
C TYR G 269 -48.69 -18.54 93.17
N GLN G 270 -47.67 -19.25 93.66
CA GLN G 270 -47.88 -20.60 94.16
C GLN G 270 -48.61 -20.61 95.49
N ARG G 271 -48.20 -19.74 96.42
CA ARG G 271 -48.78 -19.74 97.77
C ARG G 271 -49.68 -18.54 98.03
N GLY G 272 -49.29 -17.34 97.59
CA GLY G 272 -50.08 -16.16 97.88
C GLY G 272 -51.35 -16.02 97.08
N ALA G 273 -51.50 -16.79 96.00
CA ALA G 273 -52.67 -16.74 95.12
C ALA G 273 -52.89 -15.31 94.60
N ILE G 274 -51.91 -14.84 93.85
CA ILE G 274 -51.93 -13.48 93.31
C ILE G 274 -52.56 -13.45 91.91
N ASP G 275 -53.21 -14.56 91.51
CA ASP G 275 -53.90 -14.67 90.22
C ASP G 275 -52.93 -14.54 89.06
N LEU G 276 -53.43 -14.59 87.84
CA LEU G 276 -52.60 -14.47 86.65
C LEU G 276 -52.55 -13.05 86.10
N GLU G 277 -53.55 -12.22 86.41
CA GLU G 277 -53.56 -10.85 85.90
C GLU G 277 -52.40 -10.04 86.45
N ALA G 278 -52.10 -10.20 87.74
CA ALA G 278 -50.98 -9.48 88.33
C ALA G 278 -49.65 -9.89 87.70
N VAL G 279 -49.47 -11.19 87.49
CA VAL G 279 -48.24 -11.67 86.86
C VAL G 279 -48.12 -11.13 85.44
N LYS G 280 -49.22 -11.16 84.69
CA LYS G 280 -49.21 -10.64 83.33
C LYS G 280 -48.89 -9.16 83.31
N ALA G 281 -49.47 -8.39 84.23
CA ALA G 281 -49.20 -6.96 84.30
C ALA G 281 -47.74 -6.68 84.65
N VAL G 282 -47.17 -7.44 85.60
CA VAL G 282 -45.78 -7.25 85.98
C VAL G 282 -44.86 -7.55 84.81
N GLN G 283 -45.12 -8.67 84.11
CA GLN G 283 -44.28 -9.02 82.97
C GLN G 283 -44.42 -8.00 81.84
N LEU G 284 -45.63 -7.50 81.59
CA LEU G 284 -45.81 -6.47 80.57
C LEU G 284 -45.09 -5.18 80.95
N GLY G 285 -45.12 -4.81 82.23
CA GLY G 285 -44.37 -3.64 82.67
C GLY G 285 -42.88 -3.80 82.49
N LEU G 286 -42.35 -4.99 82.81
CA LEU G 286 -40.94 -5.26 82.58
C LEU G 286 -40.59 -5.18 81.10
N ILE G 287 -41.46 -5.73 80.24
CA ILE G 287 -41.24 -5.67 78.80
C ILE G 287 -41.23 -4.22 78.32
N ALA G 288 -42.17 -3.41 78.81
CA ALA G 288 -42.24 -2.01 78.41
C ALA G 288 -40.99 -1.25 78.88
N HIS G 289 -40.52 -1.53 80.09
CA HIS G 289 -39.29 -0.89 80.57
C HIS G 289 -38.10 -1.28 79.71
N CYS G 290 -37.99 -2.56 79.34
CA CYS G 290 -36.90 -2.99 78.48
C CYS G 290 -36.97 -2.31 77.11
N GLU G 291 -38.19 -2.19 76.58
CA GLU G 291 -38.38 -1.53 75.26
C GLU G 291 -37.97 -0.06 75.37
N LEU G 292 -38.38 0.62 76.45
CA LEU G 292 -38.08 2.03 76.62
C LEU G 292 -36.58 2.26 76.75
N MET G 293 -35.90 1.41 77.52
CA MET G 293 -34.45 1.59 77.69
C MET G 293 -33.71 1.38 76.37
N GLY G 294 -34.11 0.37 75.60
CA GLY G 294 -33.47 0.13 74.32
C GLY G 294 -32.09 -0.47 74.40
N ASP G 295 -31.71 -1.02 75.56
CA ASP G 295 -30.40 -1.60 75.73
C ASP G 295 -30.41 -2.97 76.39
N ARG G 296 -31.51 -3.37 77.03
CA ARG G 296 -31.56 -4.58 77.84
C ARG G 296 -32.51 -5.59 77.21
N VAL G 297 -32.33 -6.86 77.60
CA VAL G 297 -33.10 -7.97 77.08
C VAL G 297 -33.71 -8.73 78.25
N ALA G 298 -34.98 -9.09 78.13
CA ALA G 298 -35.74 -9.71 79.21
C ALA G 298 -35.77 -11.22 79.05
N ILE G 299 -35.76 -11.93 80.18
CA ILE G 299 -35.85 -13.38 80.21
C ILE G 299 -37.16 -13.76 80.91
N ILE G 300 -37.95 -14.61 80.28
CA ILE G 300 -39.28 -14.95 80.75
C ILE G 300 -39.38 -16.45 80.95
N ASP G 301 -40.21 -16.84 81.92
CA ASP G 301 -40.50 -18.22 82.24
C ASP G 301 -42.01 -18.42 82.34
N PRO G 302 -42.50 -19.62 82.06
CA PRO G 302 -43.94 -19.87 82.10
C PRO G 302 -44.36 -20.37 83.47
N PRO G 303 -45.66 -20.48 83.73
CA PRO G 303 -46.13 -21.08 84.98
C PRO G 303 -45.66 -22.51 85.11
N PRO G 304 -45.47 -23.01 86.34
CA PRO G 304 -44.77 -24.29 86.55
C PRO G 304 -45.42 -25.50 85.87
N ASN G 305 -46.68 -25.77 86.17
CA ASN G 305 -47.28 -27.04 85.78
C ASN G 305 -48.04 -26.93 84.47
N GLN G 306 -47.34 -27.17 83.36
CA GLN G 306 -47.96 -27.21 82.04
C GLN G 306 -47.24 -28.25 81.20
N ASN G 307 -47.90 -28.66 80.12
CA ASN G 307 -47.33 -29.58 79.13
C ASN G 307 -47.68 -29.06 77.75
N ALA G 308 -47.46 -29.92 76.74
CA ALA G 308 -47.77 -29.55 75.37
C ALA G 308 -49.27 -29.32 75.21
N ARG G 309 -49.64 -28.53 74.20
CA ARG G 309 -51.02 -28.18 73.88
C ARG G 309 -51.61 -27.24 74.93
N GLN G 310 -50.84 -26.94 75.97
CA GLN G 310 -51.21 -25.91 76.95
C GLN G 310 -50.35 -24.67 76.84
N ILE G 311 -49.02 -24.82 76.85
CA ILE G 311 -48.15 -23.68 76.68
C ILE G 311 -48.38 -23.01 75.32
N ARG G 312 -48.55 -23.83 74.27
CA ARG G 312 -48.88 -23.29 72.96
C ARG G 312 -50.17 -22.48 72.99
N VAL G 313 -51.07 -22.77 73.92
CA VAL G 313 -52.23 -21.91 74.12
C VAL G 313 -51.84 -20.68 74.95
N TRP G 314 -51.12 -20.91 76.06
CA TRP G 314 -50.78 -19.83 76.97
C TRP G 314 -49.96 -18.75 76.29
N ARG G 315 -49.17 -19.12 75.29
CA ARG G 315 -48.37 -18.15 74.55
C ARG G 315 -49.20 -17.32 73.57
N GLN G 316 -50.32 -17.84 73.08
CA GLN G 316 -51.03 -17.19 71.99
C GLN G 316 -52.33 -16.52 72.40
N GLU G 317 -53.10 -17.13 73.30
CA GLU G 317 -54.37 -16.54 73.73
C GLU G 317 -54.25 -15.70 74.98
N THR G 318 -53.14 -15.77 75.69
CA THR G 318 -53.02 -15.06 76.96
C THR G 318 -51.78 -14.19 77.06
N ALA G 319 -50.66 -14.61 76.48
CA ALA G 319 -49.36 -13.98 76.69
C ALA G 319 -48.65 -13.75 75.37
N GLY G 320 -49.34 -13.12 74.42
CA GLY G 320 -48.75 -12.87 73.11
C GLY G 320 -47.42 -12.14 73.19
N TYR G 321 -47.36 -11.08 74.01
CA TYR G 321 -46.11 -10.45 74.39
C TYR G 321 -45.37 -9.82 73.20
N ASP G 322 -44.85 -10.67 72.30
CA ASP G 322 -43.94 -10.28 71.22
C ASP G 322 -42.93 -9.23 71.68
N SER G 323 -42.92 -8.07 71.02
CA SER G 323 -42.12 -6.89 71.34
C SER G 323 -40.64 -7.06 71.00
N LYS G 324 -40.20 -8.23 70.54
CA LYS G 324 -38.86 -8.50 70.03
C LYS G 324 -37.76 -8.30 71.08
N TYR G 325 -38.12 -7.98 72.32
CA TYR G 325 -37.15 -7.68 73.37
C TYR G 325 -37.25 -8.67 74.52
N ALA G 326 -37.42 -9.96 74.21
CA ALA G 326 -37.58 -10.96 75.25
C ALA G 326 -37.16 -12.33 74.73
N ALA G 327 -36.93 -13.24 75.68
CA ALA G 327 -36.66 -14.63 75.36
C ALA G 327 -37.30 -15.49 76.44
N LEU G 328 -38.11 -16.45 76.03
CA LEU G 328 -38.88 -17.30 76.94
C LEU G 328 -38.29 -18.69 76.98
N TYR G 329 -38.09 -19.23 78.18
CA TYR G 329 -37.52 -20.56 78.37
C TYR G 329 -38.54 -21.43 79.09
N TYR G 330 -39.03 -22.46 78.40
CA TYR G 330 -40.18 -23.26 78.82
C TYR G 330 -39.93 -24.12 80.05
N PRO G 331 -39.06 -25.13 80.00
CA PRO G 331 -39.06 -26.15 81.06
C PRO G 331 -38.32 -25.69 82.31
N TRP G 332 -38.83 -26.11 83.46
CA TRP G 332 -38.21 -25.80 84.73
C TRP G 332 -37.09 -26.79 85.04
N ILE G 333 -36.21 -26.40 85.98
CA ILE G 333 -35.03 -27.18 86.29
C ILE G 333 -35.10 -27.62 87.76
N LYS G 334 -34.90 -28.92 87.99
CA LYS G 334 -34.85 -29.45 89.35
C LYS G 334 -33.41 -29.35 89.86
N SER G 335 -33.23 -28.69 91.01
CA SER G 335 -31.92 -28.43 91.55
C SER G 335 -31.88 -28.79 93.03
N PHE G 336 -30.67 -28.90 93.57
CA PHE G 336 -30.43 -29.29 94.94
C PHE G 336 -30.48 -28.09 95.87
N ASP G 337 -30.86 -28.35 97.11
CA ASP G 337 -30.90 -27.33 98.16
C ASP G 337 -30.15 -27.87 99.37
N PRO G 338 -29.05 -27.23 99.78
CA PRO G 338 -28.30 -27.74 100.94
C PRO G 338 -28.93 -27.39 102.28
N ALA G 339 -29.82 -26.40 102.33
CA ALA G 339 -30.47 -26.07 103.61
C ALA G 339 -31.27 -27.25 104.13
N THR G 340 -32.02 -27.92 103.25
CA THR G 340 -32.66 -29.19 103.58
C THR G 340 -32.00 -30.37 102.89
N GLY G 341 -31.05 -30.13 101.99
CA GLY G 341 -30.42 -31.21 101.25
C GLY G 341 -31.39 -31.98 100.39
N GLN G 342 -32.29 -31.29 99.69
CA GLN G 342 -33.34 -31.95 98.93
C GLN G 342 -33.46 -31.32 97.55
N SER G 343 -34.03 -32.08 96.62
CA SER G 343 -34.22 -31.60 95.27
C SER G 343 -35.58 -30.94 95.12
N ARG G 344 -35.61 -29.81 94.42
CA ARG G 344 -36.85 -29.08 94.21
C ARG G 344 -36.75 -28.28 92.91
N LEU G 345 -37.92 -27.92 92.37
CA LEU G 345 -38.01 -27.29 91.07
C LEU G 345 -37.86 -25.77 91.18
N VAL G 346 -37.07 -25.21 90.26
CA VAL G 346 -36.90 -23.75 90.16
C VAL G 346 -36.97 -23.35 88.70
N PRO G 347 -37.41 -22.11 88.45
CA PRO G 347 -37.45 -21.62 87.07
C PRO G 347 -36.05 -21.41 86.52
N PRO G 348 -35.87 -21.50 85.21
CA PRO G 348 -34.55 -21.26 84.58
C PRO G 348 -34.30 -19.79 84.28
N SER G 349 -34.02 -19.01 85.31
CA SER G 349 -33.82 -17.57 85.18
C SER G 349 -32.36 -17.18 85.23
N GLY G 350 -31.64 -17.59 86.28
CA GLY G 350 -30.24 -17.22 86.40
C GLY G 350 -29.31 -18.07 85.55
N HIS G 351 -29.69 -19.32 85.29
CA HIS G 351 -28.82 -20.21 84.52
C HIS G 351 -28.64 -19.73 83.09
N VAL G 352 -29.71 -19.23 82.46
CA VAL G 352 -29.60 -18.74 81.09
C VAL G 352 -28.76 -17.47 81.05
N ALA G 353 -28.90 -16.61 82.06
CA ALA G 353 -28.04 -15.42 82.13
C ALA G 353 -26.58 -15.80 82.29
N GLY G 354 -26.29 -16.79 83.13
CA GLY G 354 -24.92 -17.25 83.26
C GLY G 354 -24.38 -17.84 81.97
N ILE G 355 -25.22 -18.59 81.25
CA ILE G 355 -24.81 -19.14 79.96
C ILE G 355 -24.52 -18.03 78.97
N TRP G 356 -25.35 -16.98 78.96
CA TRP G 356 -25.11 -15.84 78.08
C TRP G 356 -23.80 -15.17 78.42
N ALA G 357 -23.51 -14.97 79.71
CA ALA G 357 -22.26 -14.35 80.11
C ALA G 357 -21.06 -15.21 79.73
N ARG G 358 -21.18 -16.52 79.91
CA ARG G 358 -20.10 -17.43 79.53
C ARG G 358 -19.84 -17.38 78.03
N ASN G 359 -20.92 -17.37 77.23
CA ASN G 359 -20.74 -17.29 75.78
C ASN G 359 -20.13 -15.96 75.37
N ASP G 360 -20.53 -14.86 76.01
CA ASP G 360 -19.95 -13.57 75.70
C ASP G 360 -18.51 -13.44 76.14
N SER G 361 -18.10 -14.20 77.16
CA SER G 361 -16.72 -14.14 77.63
C SER G 361 -15.80 -15.02 76.79
N GLU G 362 -16.16 -16.30 76.63
CA GLU G 362 -15.30 -17.23 75.90
C GLU G 362 -15.21 -16.83 74.43
N ARG G 363 -16.34 -16.63 73.78
CA ARG G 363 -16.40 -16.23 72.37
C ARG G 363 -17.01 -14.85 72.25
N GLY G 364 -17.14 -14.39 71.01
CA GLY G 364 -17.74 -13.10 70.77
C GLY G 364 -19.24 -13.11 71.02
N VAL G 365 -19.80 -11.90 71.10
CA VAL G 365 -21.24 -11.75 71.32
C VAL G 365 -22.05 -12.18 70.11
N HIS G 366 -21.42 -12.37 68.95
CA HIS G 366 -22.13 -12.78 67.75
C HIS G 366 -22.45 -14.26 67.72
N LYS G 367 -21.93 -15.05 68.66
CA LYS G 367 -22.21 -16.48 68.72
C LYS G 367 -23.52 -16.71 69.47
N ALA G 368 -24.43 -17.43 68.85
CA ALA G 368 -25.73 -17.69 69.45
C ALA G 368 -25.59 -18.75 70.55
N PRO G 369 -26.05 -18.48 71.77
CA PRO G 369 -25.99 -19.50 72.83
C PRO G 369 -27.00 -20.61 72.60
N ALA G 370 -26.78 -21.42 71.58
CA ALA G 370 -27.72 -22.47 71.19
C ALA G 370 -27.39 -23.83 71.78
N ASN G 371 -26.11 -24.16 71.95
CA ASN G 371 -25.69 -25.47 72.43
C ASN G 371 -24.77 -25.27 73.63
N GLU G 372 -25.37 -25.14 74.82
CA GLU G 372 -24.63 -25.00 76.05
C GLU G 372 -25.25 -25.89 77.12
N VAL G 373 -24.39 -26.37 78.03
CA VAL G 373 -24.78 -27.31 79.06
C VAL G 373 -25.12 -26.56 80.34
N VAL G 374 -26.31 -26.84 80.89
CA VAL G 374 -26.77 -26.14 82.12
C VAL G 374 -26.12 -26.83 83.31
N ARG G 375 -24.89 -26.41 83.64
CA ARG G 375 -24.16 -26.96 84.80
C ARG G 375 -24.93 -26.63 86.08
N GLY G 376 -25.08 -27.59 86.99
CA GLY G 376 -25.75 -27.34 88.28
C GLY G 376 -27.13 -27.97 88.41
N ALA G 377 -27.67 -28.55 87.33
CA ALA G 377 -29.03 -29.14 87.35
C ALA G 377 -28.97 -30.66 87.60
N VAL G 378 -30.12 -31.32 87.68
CA VAL G 378 -30.16 -32.79 87.90
C VAL G 378 -31.24 -33.43 86.99
N ASP G 379 -32.45 -32.87 86.92
CA ASP G 379 -33.55 -33.46 86.16
C ASP G 379 -34.34 -32.34 85.49
N LEU G 380 -35.43 -32.73 84.82
CA LEU G 380 -36.31 -31.78 84.16
C LEU G 380 -37.79 -32.01 84.42
N GLU G 381 -38.19 -33.21 84.86
CA GLU G 381 -39.58 -33.56 85.14
C GLU G 381 -40.46 -33.45 83.90
N LEU G 382 -39.87 -33.51 82.72
CA LEU G 382 -40.61 -33.47 81.46
C LEU G 382 -39.67 -33.86 80.33
N GLN G 383 -40.21 -34.52 79.31
CA GLN G 383 -39.45 -34.96 78.16
C GLN G 383 -40.12 -34.49 76.88
N ILE G 384 -39.32 -34.04 75.92
CA ILE G 384 -39.80 -33.52 74.65
C ILE G 384 -39.26 -34.38 73.53
N THR G 385 -40.15 -34.83 72.65
CA THR G 385 -39.75 -35.61 71.48
C THR G 385 -39.43 -34.66 70.33
N ARG G 386 -39.24 -35.23 69.14
CA ARG G 386 -38.92 -34.39 67.94
C ARG G 386 -40.19 -33.67 67.49
N GLY G 387 -41.33 -34.36 67.49
CA GLY G 387 -42.56 -33.74 67.02
C GLY G 387 -43.01 -32.57 67.87
N GLU G 388 -42.93 -32.73 69.20
CA GLU G 388 -43.32 -31.65 70.09
C GLU G 388 -42.41 -30.43 69.91
N GLN G 389 -41.11 -30.67 69.75
CA GLN G 389 -40.20 -29.56 69.46
C GLN G 389 -40.52 -28.92 68.12
N ASP G 390 -40.85 -29.72 67.10
CA ASP G 390 -41.25 -29.19 65.82
C ASP G 390 -42.56 -28.41 65.90
N LEU G 391 -43.38 -28.65 66.91
CA LEU G 391 -44.57 -27.85 67.14
C LEU G 391 -44.28 -26.57 67.90
N LEU G 392 -43.21 -26.54 68.71
CA LEU G 392 -42.87 -25.36 69.49
C LEU G 392 -41.82 -24.48 68.81
N ASN G 393 -41.05 -25.04 67.87
CA ASN G 393 -40.04 -24.24 67.18
C ASN G 393 -40.61 -23.08 66.37
N PRO G 394 -41.69 -23.24 65.59
CA PRO G 394 -42.18 -22.08 64.81
C PRO G 394 -42.54 -20.87 65.65
N ILE G 395 -42.98 -21.07 66.90
CA ILE G 395 -43.23 -19.97 67.81
C ILE G 395 -41.98 -19.75 68.65
N GLY G 396 -41.90 -18.58 69.27
CA GLY G 396 -40.71 -18.19 69.99
C GLY G 396 -40.53 -18.89 71.34
N VAL G 397 -40.61 -20.21 71.34
CA VAL G 397 -40.44 -21.00 72.55
C VAL G 397 -39.18 -21.84 72.41
N ASN G 398 -38.18 -21.58 73.24
CA ASN G 398 -36.96 -22.37 73.27
C ASN G 398 -37.19 -23.63 74.09
N CYS G 399 -36.15 -24.45 74.22
CA CYS G 399 -36.29 -25.72 74.92
C CYS G 399 -34.99 -26.06 75.63
N ILE G 400 -35.12 -26.92 76.64
CA ILE G 400 -33.98 -27.52 77.33
C ILE G 400 -34.12 -29.02 77.18
N ARG G 401 -33.24 -29.63 76.39
CA ARG G 401 -33.40 -31.01 75.96
C ARG G 401 -32.34 -31.90 76.59
N SER G 402 -32.75 -33.13 76.90
CA SER G 402 -31.85 -34.16 77.42
C SER G 402 -31.46 -35.10 76.29
N PHE G 403 -30.17 -35.24 76.06
CA PHE G 403 -29.63 -36.08 75.00
C PHE G 403 -28.91 -37.27 75.61
N PRO G 404 -29.15 -38.49 75.10
CA PRO G 404 -28.55 -39.68 75.69
C PRO G 404 -27.07 -39.82 75.37
N GLY G 405 -26.23 -39.16 76.16
CA GLY G 405 -24.80 -39.20 75.94
C GLY G 405 -24.17 -37.82 76.03
N ARG G 406 -25.03 -36.79 76.04
CA ARG G 406 -24.59 -35.41 76.17
C ARG G 406 -25.26 -34.65 77.29
N GLY G 407 -26.33 -35.19 77.89
CA GLY G 407 -26.92 -34.55 79.05
C GLY G 407 -27.91 -33.46 78.73
N ILE G 408 -28.03 -32.48 79.63
CA ILE G 408 -29.01 -31.41 79.50
C ILE G 408 -28.36 -30.25 78.76
N ARG G 409 -29.01 -29.80 77.67
CA ARG G 409 -28.46 -28.73 76.85
C ARG G 409 -29.58 -27.79 76.42
N VAL G 410 -29.20 -26.53 76.20
CA VAL G 410 -30.14 -25.57 75.62
C VAL G 410 -30.40 -25.92 74.16
N TRP G 411 -31.54 -25.45 73.64
CA TRP G 411 -31.91 -25.80 72.27
C TRP G 411 -32.89 -24.76 71.74
N GLY G 412 -32.52 -24.11 70.63
CA GLY G 412 -33.44 -23.31 69.85
C GLY G 412 -33.03 -21.86 69.62
N ALA G 413 -32.56 -21.19 70.65
CA ALA G 413 -31.99 -19.84 70.57
C ALA G 413 -32.84 -18.91 69.70
N ARG G 414 -34.06 -18.66 70.15
CA ARG G 414 -34.98 -17.78 69.44
C ARG G 414 -35.58 -16.77 70.41
N THR G 415 -36.40 -15.86 69.88
CA THR G 415 -37.00 -14.79 70.64
C THR G 415 -38.48 -14.65 70.29
N LEU G 416 -39.15 -13.75 71.00
CA LEU G 416 -40.58 -13.48 70.79
C LEU G 416 -40.71 -12.28 69.85
N SER G 417 -40.87 -12.54 68.56
CA SER G 417 -41.01 -11.47 67.58
C SER G 417 -41.70 -12.02 66.34
N SER G 418 -42.86 -11.46 66.00
CA SER G 418 -43.55 -11.87 64.79
C SER G 418 -42.82 -11.40 63.53
N ASP G 419 -42.19 -10.24 63.60
CA ASP G 419 -41.45 -9.69 62.47
C ASP G 419 -40.27 -10.59 62.14
N PRO G 420 -40.15 -11.09 60.90
CA PRO G 420 -39.01 -11.95 60.55
C PRO G 420 -37.66 -11.25 60.55
N ALA G 421 -37.61 -9.94 60.77
CA ALA G 421 -36.33 -9.23 60.75
C ALA G 421 -35.49 -9.52 62.00
N TRP G 422 -36.13 -9.76 63.14
CA TRP G 422 -35.41 -9.98 64.39
C TRP G 422 -35.73 -11.34 64.97
N ARG G 423 -35.69 -12.38 64.14
CA ARG G 423 -36.01 -13.73 64.61
C ARG G 423 -34.99 -14.22 65.63
N TYR G 424 -33.71 -13.94 65.42
CA TYR G 424 -32.65 -14.52 66.22
C TYR G 424 -32.15 -13.55 67.28
N LEU G 425 -31.66 -14.11 68.39
CA LEU G 425 -31.20 -13.31 69.51
C LEU G 425 -29.84 -12.66 69.24
N ASN G 426 -28.94 -13.38 68.55
CA ASN G 426 -27.59 -12.88 68.38
C ASN G 426 -27.57 -11.61 67.53
N ILE G 427 -28.46 -11.50 66.55
CA ILE G 427 -28.55 -10.28 65.74
C ILE G 427 -28.92 -9.10 66.62
N ARG G 428 -29.92 -9.29 67.49
CA ARG G 428 -30.34 -8.21 68.38
C ARG G 428 -29.22 -7.82 69.34
N ARG G 429 -28.52 -8.80 69.90
CA ARG G 429 -27.42 -8.50 70.82
C ARG G 429 -26.31 -7.73 70.12
N TYR G 430 -25.92 -8.16 68.91
CA TYR G 430 -24.87 -7.47 68.18
C TYR G 430 -25.28 -6.06 67.80
N PHE G 431 -26.55 -5.88 67.39
CA PHE G 431 -27.02 -4.54 67.06
C PHE G 431 -27.03 -3.63 68.28
N ASN G 432 -27.45 -4.16 69.44
CA ASN G 432 -27.39 -3.37 70.66
C ASN G 432 -25.96 -2.97 71.00
N TYR G 433 -25.02 -3.91 70.87
CA TYR G 433 -23.63 -3.61 71.15
C TYR G 433 -23.10 -2.52 70.23
N LEU G 434 -23.38 -2.64 68.93
CA LEU G 434 -22.91 -1.64 67.97
C LEU G 434 -23.52 -0.27 68.25
N GLU G 435 -24.83 -0.23 68.53
CA GLU G 435 -25.48 1.04 68.80
C GLU G 435 -24.92 1.70 70.05
N GLU G 436 -24.70 0.91 71.11
CA GLU G 436 -24.14 1.48 72.32
C GLU G 436 -22.73 2.03 72.09
N SER G 437 -21.90 1.26 71.38
CA SER G 437 -20.54 1.71 71.11
C SER G 437 -20.53 3.01 70.30
N ILE G 438 -21.37 3.05 69.26
CA ILE G 438 -21.42 4.24 68.40
C ILE G 438 -21.93 5.44 69.19
N LEU G 439 -22.96 5.27 70.00
CA LEU G 439 -23.50 6.37 70.78
C LEU G 439 -22.47 6.89 71.78
N ILE G 440 -21.74 5.99 72.44
CA ILE G 440 -20.78 6.44 73.43
C ILE G 440 -19.57 7.12 72.78
N GLY G 441 -19.04 6.58 71.69
CA GLY G 441 -17.80 7.10 71.13
C GLY G 441 -17.92 8.02 69.93
N THR G 442 -18.90 8.92 69.94
CA THR G 442 -19.10 9.82 68.80
C THR G 442 -19.41 11.25 69.22
N GLN G 443 -19.54 11.52 70.52
CA GLN G 443 -20.09 12.81 70.98
C GLN G 443 -19.23 14.01 70.57
N TRP G 444 -17.97 13.79 70.18
CA TRP G 444 -17.11 14.92 69.83
C TRP G 444 -17.48 15.58 68.51
N VAL G 445 -18.37 14.97 67.72
CA VAL G 445 -18.66 15.48 66.38
C VAL G 445 -19.63 16.66 66.39
N VAL G 446 -20.35 16.86 67.48
CA VAL G 446 -21.35 17.93 67.53
C VAL G 446 -20.67 19.29 67.56
N PHE G 447 -21.30 20.28 66.92
CA PHE G 447 -20.81 21.66 66.86
C PHE G 447 -19.43 21.73 66.21
N GLU G 448 -19.41 21.36 64.94
CA GLU G 448 -18.21 21.35 64.11
C GLU G 448 -18.43 22.20 62.86
N PRO G 449 -17.36 22.66 62.21
CA PRO G 449 -17.53 23.54 61.04
C PRO G 449 -18.32 22.91 59.89
N ASN G 450 -18.46 21.58 59.87
CA ASN G 450 -19.28 20.87 58.89
C ASN G 450 -18.79 21.12 57.46
N ASP G 451 -17.54 20.70 57.23
CA ASP G 451 -16.95 20.72 55.91
C ASP G 451 -16.60 19.29 55.51
N HIS G 452 -16.06 19.11 54.30
CA HIS G 452 -15.72 17.77 53.82
C HIS G 452 -14.62 17.09 54.62
N ASN G 453 -13.80 17.86 55.34
CA ASN G 453 -12.81 17.26 56.23
C ASN G 453 -13.49 16.46 57.34
N LEU G 454 -14.58 16.99 57.89
CA LEU G 454 -15.32 16.26 58.91
C LEU G 454 -15.90 14.98 58.34
N TRP G 455 -16.43 15.03 57.11
CA TRP G 455 -16.94 13.82 56.48
C TRP G 455 -15.84 12.79 56.30
N ALA G 456 -14.67 13.22 55.85
CA ALA G 456 -13.54 12.29 55.68
C ALA G 456 -13.14 11.66 57.01
N ARG G 457 -13.08 12.47 58.08
CA ARG G 457 -12.70 11.93 59.38
C ARG G 457 -13.72 10.91 59.88
N ILE G 458 -15.01 11.23 59.74
CA ILE G 458 -16.06 10.31 60.20
C ILE G 458 -15.99 9.01 59.41
N ARG G 459 -15.83 9.12 58.08
CA ARG G 459 -15.74 7.91 57.26
C ARG G 459 -14.54 7.07 57.65
N ARG G 460 -13.39 7.71 57.89
CA ARG G 460 -12.19 6.96 58.29
C ARG G 460 -12.41 6.23 59.61
N ASN G 461 -13.01 6.91 60.59
CA ASN G 461 -13.21 6.29 61.89
C ASN G 461 -14.17 5.11 61.79
N VAL G 462 -15.29 5.30 61.09
CA VAL G 462 -16.27 4.22 60.98
C VAL G 462 -15.69 3.05 60.20
N SER G 463 -14.93 3.33 59.13
CA SER G 463 -14.32 2.26 58.36
C SER G 463 -13.31 1.48 59.18
N ALA G 464 -12.51 2.17 59.99
CA ALA G 464 -11.55 1.47 60.85
C ALA G 464 -12.26 0.58 61.86
N PHE G 465 -13.32 1.10 62.49
CA PHE G 465 -14.06 0.29 63.45
C PHE G 465 -14.68 -0.94 62.79
N LEU G 466 -15.26 -0.76 61.60
CA LEU G 466 -15.91 -1.88 60.92
C LEU G 466 -14.89 -2.91 60.44
N VAL G 467 -13.71 -2.45 60.00
CA VAL G 467 -12.66 -3.39 59.59
C VAL G 467 -12.18 -4.19 60.80
N ASN G 468 -11.99 -3.53 61.94
CA ASN G 468 -11.58 -4.24 63.14
C ASN G 468 -12.62 -5.26 63.56
N GLU G 469 -13.90 -4.91 63.45
CA GLU G 469 -14.96 -5.86 63.78
C GLU G 469 -14.98 -7.03 62.80
N TRP G 470 -14.77 -6.76 61.52
CA TRP G 470 -14.86 -7.81 60.50
C TRP G 470 -13.70 -8.78 60.58
N ARG G 471 -12.50 -8.30 60.95
CA ARG G 471 -11.33 -9.18 60.96
C ARG G 471 -11.44 -10.30 61.99
N ASN G 472 -12.37 -10.21 62.93
CA ASN G 472 -12.61 -11.27 63.90
C ASN G 472 -13.59 -12.32 63.42
N GLY G 473 -14.11 -12.18 62.20
CA GLY G 473 -15.05 -13.15 61.67
C GLY G 473 -16.49 -12.96 62.08
N ALA G 474 -16.87 -11.74 62.47
CA ALA G 474 -18.23 -11.46 62.90
C ALA G 474 -19.12 -10.96 61.77
N LEU G 475 -18.60 -10.85 60.56
CA LEU G 475 -19.37 -10.39 59.41
C LEU G 475 -19.19 -11.36 58.25
N PHE G 476 -20.24 -11.52 57.46
CA PHE G 476 -20.27 -12.48 56.36
C PHE G 476 -19.73 -11.82 55.10
N GLY G 477 -18.55 -12.25 54.67
CA GLY G 477 -17.96 -11.73 53.44
C GLY G 477 -16.52 -12.13 53.27
N GLN G 478 -16.12 -12.48 52.03
CA GLN G 478 -14.71 -12.89 51.76
C GLN G 478 -13.82 -11.64 51.72
N SER G 479 -14.38 -10.49 51.34
CA SER G 479 -13.63 -9.25 51.24
C SER G 479 -14.33 -8.15 52.02
N PRO G 480 -13.58 -7.14 52.48
CA PRO G 480 -14.21 -6.03 53.21
C PRO G 480 -15.25 -5.30 52.39
N ASP G 481 -15.09 -5.31 51.06
CA ASP G 481 -16.05 -4.63 50.19
C ASP G 481 -17.43 -5.31 50.23
N GLN G 482 -17.46 -6.62 50.49
CA GLN G 482 -18.71 -7.35 50.53
C GLN G 482 -19.29 -7.46 51.93
N ALA G 483 -18.65 -6.88 52.94
CA ALA G 483 -19.10 -7.01 54.32
C ALA G 483 -19.80 -5.78 54.85
N TYR G 484 -19.44 -4.59 54.38
CA TYR G 484 -20.01 -3.35 54.90
C TYR G 484 -19.89 -2.27 53.84
N TYR G 485 -20.64 -1.19 54.05
CA TYR G 485 -20.52 -0.01 53.19
C TYR G 485 -20.91 1.23 53.99
N VAL G 486 -20.07 2.25 53.91
CA VAL G 486 -20.27 3.52 54.60
C VAL G 486 -20.27 4.64 53.56
N LYS G 487 -21.30 5.46 53.57
CA LYS G 487 -21.47 6.53 52.60
C LYS G 487 -21.63 7.85 53.33
N CYS G 488 -20.73 8.80 53.03
CA CYS G 488 -20.81 10.16 53.56
C CYS G 488 -20.08 11.07 52.58
N ASP G 489 -20.84 11.75 51.73
CA ASP G 489 -20.27 12.58 50.69
C ASP G 489 -21.31 13.62 50.27
N GLU G 490 -21.05 14.29 49.14
CA GLU G 490 -21.97 15.30 48.65
C GLU G 490 -23.23 14.70 48.03
N GLU G 491 -23.23 13.40 47.73
CA GLU G 491 -24.42 12.77 47.18
C GLU G 491 -25.51 12.61 48.22
N THR G 492 -25.14 12.28 49.46
CA THR G 492 -26.11 12.12 50.54
C THR G 492 -26.22 13.36 51.43
N ASN G 493 -25.49 14.43 51.12
CA ASN G 493 -25.53 15.67 51.89
C ASN G 493 -25.72 16.83 50.93
N PRO G 494 -26.93 17.05 50.45
CA PRO G 494 -27.20 18.18 49.55
C PRO G 494 -27.07 19.50 50.28
N PRO G 495 -26.86 20.60 49.56
CA PRO G 495 -26.73 21.90 50.25
C PRO G 495 -27.96 22.28 51.07
N GLU G 496 -29.16 21.88 50.63
CA GLU G 496 -30.35 22.16 51.43
C GLU G 496 -30.29 21.46 52.78
N SER G 497 -29.82 20.21 52.80
CA SER G 497 -29.70 19.49 54.07
C SER G 497 -28.62 20.10 54.96
N VAL G 498 -27.48 20.50 54.37
CA VAL G 498 -26.39 21.04 55.18
C VAL G 498 -26.71 22.46 55.63
N ASP G 499 -27.71 23.09 55.02
CA ASP G 499 -28.13 24.41 55.48
C ASP G 499 -28.65 24.36 56.91
N LEU G 500 -29.43 23.32 57.22
CA LEU G 500 -29.96 23.16 58.58
C LEU G 500 -28.96 22.58 59.56
N GLY G 501 -27.77 22.18 59.09
CA GLY G 501 -26.78 21.60 59.97
C GLY G 501 -27.06 20.16 60.31
N ARG G 502 -27.04 19.28 59.30
CA ARG G 502 -27.34 17.87 59.49
C ARG G 502 -26.25 17.01 58.85
N VAL G 503 -25.95 15.90 59.50
CA VAL G 503 -25.01 14.90 58.99
C VAL G 503 -25.72 13.54 59.01
N VAL G 504 -25.55 12.77 57.94
CA VAL G 504 -26.27 11.51 57.77
C VAL G 504 -25.36 10.30 58.00
N CYS G 505 -24.31 10.15 57.19
CA CYS G 505 -23.32 9.06 57.32
C CYS G 505 -24.00 7.70 57.30
N GLU G 506 -24.57 7.37 56.14
CA GLU G 506 -25.29 6.10 55.99
C GLU G 506 -24.34 4.93 56.19
N ILE G 507 -24.79 3.95 56.96
CA ILE G 507 -23.99 2.77 57.30
C ILE G 507 -24.81 1.53 57.02
N GLY G 508 -24.19 0.54 56.38
CA GLY G 508 -24.84 -0.74 56.14
C GLY G 508 -23.90 -1.91 56.38
N ILE G 509 -24.38 -2.91 57.11
CA ILE G 509 -23.56 -4.08 57.46
C ILE G 509 -24.31 -5.35 57.10
N ALA G 510 -23.56 -6.44 56.98
CA ALA G 510 -24.12 -7.75 56.69
C ALA G 510 -23.81 -8.70 57.83
N PRO G 511 -24.78 -9.04 58.68
CA PRO G 511 -24.51 -9.89 59.84
C PRO G 511 -24.43 -11.36 59.42
N VAL G 512 -24.14 -12.20 60.42
CA VAL G 512 -24.06 -13.65 60.24
C VAL G 512 -25.17 -14.30 61.05
N LYS G 513 -25.71 -15.40 60.53
CA LYS G 513 -26.79 -16.10 61.19
C LYS G 513 -26.38 -17.52 61.54
N PRO G 514 -26.88 -18.07 62.64
CA PRO G 514 -26.49 -19.42 63.04
C PRO G 514 -27.05 -20.47 62.09
N ALA G 515 -26.34 -21.59 62.00
CA ALA G 515 -26.77 -22.72 61.18
C ALA G 515 -27.59 -23.67 62.06
N GLU G 516 -28.87 -23.81 61.72
CA GLU G 516 -29.79 -24.62 62.52
C GLU G 516 -30.01 -26.00 61.94
N PHE G 517 -30.28 -26.10 60.64
CA PHE G 517 -30.53 -27.38 59.99
C PHE G 517 -29.33 -27.74 59.12
N VAL G 518 -28.73 -28.90 59.38
CA VAL G 518 -27.61 -29.41 58.60
C VAL G 518 -28.11 -30.60 57.79
N ILE G 519 -27.93 -30.55 56.48
CA ILE G 519 -28.46 -31.56 55.57
C ILE G 519 -27.32 -32.16 54.76
N PHE G 520 -27.26 -33.48 54.72
CA PHE G 520 -26.38 -34.22 53.84
C PHE G 520 -27.19 -34.91 52.75
N ARG G 521 -26.51 -35.42 51.74
CA ARG G 521 -27.16 -36.06 50.60
C ARG G 521 -26.87 -37.54 50.52
N LEU G 522 -25.59 -37.94 50.50
CA LEU G 522 -25.19 -39.34 50.41
C LEU G 522 -25.78 -40.00 49.17
N ALA G 523 -25.39 -39.47 48.01
CA ALA G 523 -25.84 -39.99 46.73
C ALA G 523 -24.81 -40.97 46.16
N GLN G 524 -25.28 -41.81 45.24
CA GLN G 524 -24.45 -42.80 44.58
C GLN G 524 -24.28 -42.40 43.13
N PHE G 525 -23.03 -42.30 42.67
CA PHE G 525 -22.72 -41.83 41.34
C PHE G 525 -21.67 -42.73 40.70
N SER G 526 -21.62 -42.70 39.38
CA SER G 526 -20.67 -43.50 38.62
C SER G 526 -19.31 -42.80 38.54
N PRO H 2 33.65 61.47 13.87
CA PRO H 2 34.77 62.40 13.86
C PRO H 2 35.01 63.00 12.48
N SER H 3 35.88 64.00 12.40
CA SER H 3 36.19 64.69 11.15
C SER H 3 37.58 64.26 10.68
N TYR H 4 37.66 63.84 9.42
CA TYR H 4 38.91 63.42 8.80
C TYR H 4 39.22 64.37 7.65
N LEU H 5 40.30 65.13 7.78
CA LEU H 5 40.67 66.11 6.77
C LEU H 5 42.12 66.04 6.32
N SER H 6 43.03 65.44 7.10
CA SER H 6 44.42 65.34 6.72
C SER H 6 44.92 63.92 6.93
N PRO H 7 45.85 63.46 6.09
CA PRO H 7 46.38 62.10 6.26
C PRO H 7 47.12 61.96 7.58
N GLY H 8 47.08 60.75 8.13
CA GLY H 8 47.75 60.47 9.38
C GLY H 8 47.11 59.28 10.07
N VAL H 9 47.48 59.11 11.34
CA VAL H 9 46.97 58.03 12.18
C VAL H 9 46.18 58.64 13.32
N TYR H 10 44.95 58.19 13.49
CA TYR H 10 44.06 58.70 14.53
C TYR H 10 43.69 57.57 15.48
N VAL H 11 43.77 57.85 16.78
CA VAL H 11 43.42 56.89 17.82
C VAL H 11 42.24 57.44 18.59
N GLU H 12 41.15 56.67 18.62
CA GLU H 12 39.94 57.06 19.32
C GLU H 12 39.44 55.90 20.17
N GLU H 13 38.73 56.23 21.25
CA GLU H 13 38.22 55.25 22.20
C GLU H 13 36.71 55.20 22.08
N VAL H 14 36.17 53.99 21.86
CA VAL H 14 34.72 53.83 21.81
C VAL H 14 34.17 53.70 23.23
N ALA H 15 33.12 54.46 23.51
CA ALA H 15 32.53 54.53 24.84
C ALA H 15 31.88 53.22 25.27
N SER H 16 31.68 52.29 24.34
CA SER H 16 31.06 51.01 24.66
C SER H 16 31.91 50.23 25.65
N GLY H 17 31.35 49.95 26.81
CA GLY H 17 32.06 49.23 27.86
C GLY H 17 31.19 49.01 29.06
N SER H 18 31.80 49.01 30.24
CA SER H 18 31.10 48.79 31.50
C SER H 18 31.31 50.00 32.41
N ARG H 19 30.22 50.44 33.05
CA ARG H 19 30.25 51.57 33.97
C ARG H 19 29.55 51.13 35.26
N PRO H 20 30.28 50.49 36.17
CA PRO H 20 29.65 49.96 37.39
C PRO H 20 29.11 51.08 38.28
N ILE H 21 28.07 50.75 39.02
CA ILE H 21 27.43 51.66 39.97
C ILE H 21 27.70 51.15 41.38
N GLU H 22 28.20 52.04 42.24
CA GLU H 22 28.54 51.69 43.61
C GLU H 22 27.47 52.19 44.59
N GLY H 23 27.47 51.59 45.77
CA GLY H 23 26.54 51.98 46.81
C GLY H 23 26.99 53.19 47.59
N VAL H 24 26.23 53.51 48.62
CA VAL H 24 26.50 54.66 49.48
C VAL H 24 26.47 54.21 50.93
N GLY H 25 27.14 54.99 51.78
CA GLY H 25 27.19 54.69 53.21
C GLY H 25 25.97 55.22 53.92
N THR H 26 25.31 54.36 54.70
CA THR H 26 24.10 54.74 55.41
C THR H 26 24.27 54.58 56.92
N SER H 27 25.40 55.04 57.45
CA SER H 27 25.70 54.92 58.87
C SER H 27 26.16 56.26 59.45
N VAL H 28 25.45 57.33 59.10
CA VAL H 28 25.73 58.67 59.60
C VAL H 28 24.46 59.22 60.23
N ALA H 29 24.59 59.77 61.44
CA ALA H 29 23.46 60.33 62.16
C ALA H 29 23.82 61.74 62.64
N ALA H 30 22.80 62.59 62.70
CA ALA H 30 22.97 63.99 63.09
C ALA H 30 22.12 64.26 64.33
N PHE H 31 22.76 64.68 65.41
CA PHE H 31 22.10 64.96 66.68
C PHE H 31 22.08 66.46 66.92
N VAL H 32 20.90 66.99 67.26
CA VAL H 32 20.72 68.40 67.56
C VAL H 32 20.36 68.51 69.04
N GLY H 33 21.11 69.31 69.78
CA GLY H 33 20.87 69.43 71.19
C GLY H 33 21.61 70.62 71.78
N LEU H 34 21.60 70.69 73.11
CA LEU H 34 22.26 71.74 73.85
C LEU H 34 23.46 71.18 74.61
N ALA H 35 24.54 71.95 74.64
CA ALA H 35 25.79 71.56 75.27
C ALA H 35 26.30 72.74 76.09
N PRO H 36 27.09 72.47 77.13
CA PRO H 36 27.59 73.59 77.96
C PRO H 36 28.47 74.57 77.19
N THR H 37 29.53 74.09 76.55
CA THR H 37 30.44 74.94 75.80
C THR H 37 30.82 74.26 74.49
N GLY H 38 31.16 75.08 73.50
CA GLY H 38 31.55 74.58 72.21
C GLY H 38 31.13 75.49 71.07
N PRO H 39 31.38 75.07 69.84
CA PRO H 39 30.94 75.87 68.68
C PRO H 39 29.43 76.00 68.66
N LEU H 40 28.96 77.16 68.18
CA LEU H 40 27.55 77.49 68.16
C LEU H 40 27.03 77.50 66.72
N ASN H 41 25.93 76.77 66.49
CA ASN H 41 25.26 76.73 65.20
C ASN H 41 26.19 76.27 64.09
N GLU H 42 27.05 75.30 64.40
CA GLU H 42 27.95 74.72 63.42
C GLU H 42 27.85 73.20 63.47
N PRO H 43 27.57 72.54 62.34
CA PRO H 43 27.46 71.08 62.35
C PRO H 43 28.80 70.38 62.44
N THR H 44 29.33 70.25 63.66
CA THR H 44 30.64 69.64 63.83
C THR H 44 30.58 68.14 63.54
N LEU H 45 31.71 67.58 63.15
CA LEU H 45 31.83 66.16 62.84
C LEU H 45 32.65 65.46 63.91
N VAL H 46 32.10 64.39 64.46
CA VAL H 46 32.75 63.63 65.53
C VAL H 46 32.82 62.16 65.10
N THR H 47 33.91 61.50 65.46
CA THR H 47 34.08 60.09 65.14
C THR H 47 34.61 59.27 66.32
N ASN H 48 34.79 59.88 67.48
CA ASN H 48 35.27 59.18 68.66
C ASN H 48 34.99 60.08 69.86
N TRP H 49 34.78 59.47 71.02
CA TRP H 49 34.40 60.27 72.23
C TRP H 49 35.47 61.33 72.54
N THR H 50 36.76 61.00 72.35
CA THR H 50 37.78 61.97 72.72
C THR H 50 37.56 63.30 72.02
N GLN H 51 37.17 63.27 70.75
CA GLN H 51 36.87 64.50 70.03
C GLN H 51 35.69 65.24 70.67
N TYR H 52 34.64 64.50 71.05
CA TYR H 52 33.49 65.12 71.70
C TYR H 52 33.88 65.72 73.04
N VAL H 53 34.72 65.02 73.80
CA VAL H 53 35.17 65.54 75.09
C VAL H 53 35.97 66.83 74.88
N ALA H 54 36.88 66.83 73.91
CA ALA H 54 37.69 68.01 73.65
C ALA H 54 36.88 69.18 73.10
N ALA H 55 35.78 68.92 72.40
CA ALA H 55 35.01 70.00 71.78
C ALA H 55 33.88 70.51 72.66
N PHE H 56 32.94 69.64 73.02
CA PHE H 56 31.70 70.05 73.67
C PHE H 56 31.65 69.70 75.16
N GLY H 57 32.76 69.29 75.75
CA GLY H 57 32.76 68.91 77.15
C GLY H 57 32.16 67.53 77.34
N ASP H 58 31.94 67.17 78.62
CA ASP H 58 31.43 65.84 78.95
C ASP H 58 30.80 65.88 80.34
N PHE H 59 29.48 65.65 80.40
CA PHE H 59 28.77 65.37 81.63
C PHE H 59 28.97 66.43 82.70
N THR H 60 28.54 67.67 82.44
CA THR H 60 28.64 68.73 83.44
C THR H 60 27.37 69.57 83.59
N GLY H 61 26.45 69.55 82.64
CA GLY H 61 25.27 70.38 82.72
C GLY H 61 23.98 69.60 82.89
N GLY H 62 24.09 68.28 82.96
CA GLY H 62 22.90 67.45 83.08
C GLY H 62 21.99 67.49 81.88
N TYR H 63 22.55 67.46 80.68
CA TYR H 63 21.78 67.48 79.45
C TYR H 63 21.74 66.09 78.81
N TYR H 64 20.82 65.92 77.86
CA TYR H 64 20.61 64.62 77.23
C TYR H 64 21.46 64.42 75.98
N LEU H 65 22.23 65.42 75.56
CA LEU H 65 23.07 65.25 74.36
C LEU H 65 24.24 64.33 74.64
N ALA H 66 24.91 64.51 75.78
CA ALA H 66 26.07 63.69 76.10
C ALA H 66 25.67 62.23 76.27
N HIS H 67 24.56 61.97 76.97
CA HIS H 67 24.10 60.60 77.15
C HIS H 67 23.77 59.95 75.80
N SER H 68 23.08 60.69 74.92
CA SER H 68 22.73 60.14 73.62
C SER H 68 23.96 59.85 72.78
N VAL H 69 24.95 60.74 72.79
CA VAL H 69 26.18 60.52 72.03
C VAL H 69 26.94 59.31 72.58
N TYR H 70 27.02 59.20 73.91
CA TYR H 70 27.70 58.06 74.51
C TYR H 70 27.00 56.75 74.17
N GLY H 71 25.67 56.76 74.20
CA GLY H 71 24.94 55.56 73.80
C GLY H 71 25.12 55.20 72.34
N PHE H 72 25.15 56.22 71.48
CA PHE H 72 25.36 55.98 70.05
C PHE H 72 26.73 55.37 69.79
N PHE H 73 27.76 55.89 70.46
CA PHE H 73 29.10 55.32 70.30
C PHE H 73 29.26 53.99 71.02
N ASN H 74 28.38 53.68 71.98
CA ASN H 74 28.45 52.41 72.68
C ASN H 74 27.90 51.26 71.85
N ASN H 75 26.97 51.55 70.94
CA ASN H 75 26.31 50.52 70.14
C ASN H 75 26.96 50.33 68.77
N GLY H 76 28.19 50.81 68.60
CA GLY H 76 28.90 50.59 67.35
C GLY H 76 28.76 51.68 66.31
N GLY H 77 28.60 52.94 66.73
CA GLY H 77 28.52 54.02 65.77
C GLY H 77 29.86 54.27 65.09
N SER H 78 29.78 54.90 63.91
CA SER H 78 30.95 55.16 63.09
C SER H 78 31.27 56.65 63.01
N ALA H 79 30.32 57.48 62.58
CA ALA H 79 30.55 58.90 62.44
C ALA H 79 29.25 59.63 62.72
N ALA H 80 29.35 60.80 63.36
CA ALA H 80 28.17 61.55 63.77
C ALA H 80 28.39 63.04 63.50
N TYR H 81 27.27 63.74 63.35
CA TYR H 81 27.24 65.19 63.25
C TYR H 81 26.55 65.75 64.48
N VAL H 82 27.07 66.85 65.00
CA VAL H 82 26.56 67.45 66.23
C VAL H 82 26.22 68.91 65.95
N VAL H 83 25.01 69.31 66.37
CA VAL H 83 24.57 70.70 66.30
C VAL H 83 24.20 71.14 67.71
N ARG H 84 24.76 72.27 68.13
CA ARG H 84 24.54 72.81 69.48
C ARG H 84 23.72 74.09 69.35
N VAL H 85 22.44 74.02 69.71
CA VAL H 85 21.56 75.18 69.62
C VAL H 85 21.94 76.20 70.68
N GLY H 86 22.17 75.75 71.91
CA GLY H 86 22.48 76.64 72.99
C GLY H 86 23.04 75.90 74.19
N GLY H 87 23.06 76.58 75.32
CA GLY H 87 23.54 75.97 76.55
C GLY H 87 23.92 77.04 77.55
N SER H 88 24.58 76.60 78.62
CA SER H 88 25.02 77.48 79.69
C SER H 88 26.19 76.83 80.40
N ALA H 89 26.95 77.65 81.12
CA ALA H 89 28.11 77.20 81.89
C ALA H 89 28.02 77.70 83.33
N GLU H 90 26.81 77.75 83.87
CA GLU H 90 26.60 78.22 85.24
C GLU H 90 26.08 77.10 86.14
N GLY H 249 18.98 74.11 62.97
CA GLY H 249 20.31 73.90 62.43
C GLY H 249 20.32 73.80 60.91
N GLY H 250 21.49 74.01 60.31
CA GLY H 250 21.63 73.94 58.88
C GLY H 250 22.01 72.57 58.37
N LEU H 251 21.14 71.59 58.59
CA LEU H 251 21.40 70.23 58.15
C LEU H 251 21.08 70.00 56.68
N GLU H 252 20.51 70.99 55.99
CA GLU H 252 20.17 70.84 54.57
C GLU H 252 21.40 70.90 53.67
N ALA H 253 22.52 71.43 54.16
CA ALA H 253 23.73 71.52 53.36
C ALA H 253 24.56 70.25 53.37
N ILE H 254 24.20 69.28 54.22
CA ILE H 254 24.95 68.03 54.32
C ILE H 254 24.24 66.98 53.48
N ASP H 255 25.01 66.05 52.93
CA ASP H 255 24.49 65.02 52.03
C ASP H 255 24.56 63.62 52.62
N GLU H 256 25.62 63.30 53.38
CA GLU H 256 25.82 61.94 53.86
C GLU H 256 24.93 61.58 55.05
N ILE H 257 24.18 62.55 55.62
CA ILE H 257 23.35 62.26 56.77
C ILE H 257 22.24 61.30 56.37
N SER H 258 22.05 60.25 57.17
CA SER H 258 21.02 59.26 56.92
C SER H 258 19.91 59.27 57.95
N MET H 259 20.13 59.87 59.12
CA MET H 259 19.10 59.95 60.14
C MET H 259 19.38 61.17 61.02
N VAL H 260 18.30 61.74 61.57
CA VAL H 260 18.39 62.95 62.38
C VAL H 260 17.64 62.71 63.69
N ALA H 261 18.19 63.23 64.78
CA ALA H 261 17.58 63.09 66.09
C ALA H 261 17.75 64.39 66.88
N VAL H 262 16.81 64.62 67.79
CA VAL H 262 16.85 65.75 68.70
C VAL H 262 16.75 65.20 70.12
N PRO H 263 17.82 64.61 70.65
CA PRO H 263 17.70 63.90 71.93
C PRO H 263 17.26 64.79 73.09
N ASP H 264 17.72 66.03 73.13
CA ASP H 264 17.43 66.92 74.26
C ASP H 264 16.36 67.88 73.79
N LEU H 265 15.12 67.43 73.88
CA LEU H 265 13.92 68.24 73.67
C LEU H 265 12.95 68.12 74.83
N MET H 266 12.84 66.95 75.45
CA MET H 266 11.96 66.78 76.60
C MET H 266 12.49 67.48 77.84
N ALA H 267 13.79 67.83 77.86
CA ALA H 267 14.34 68.56 78.99
C ALA H 267 13.68 69.92 79.15
N ALA H 268 13.52 70.65 78.05
CA ALA H 268 12.83 71.94 78.12
C ALA H 268 11.38 71.76 78.54
N TYR H 269 10.75 70.66 78.10
CA TYR H 269 9.38 70.39 78.51
C TYR H 269 9.29 70.07 79.99
N GLN H 270 10.31 69.43 80.56
CA GLN H 270 10.25 69.00 81.95
C GLN H 270 10.39 70.18 82.91
N ARG H 271 11.34 71.08 82.64
CA ARG H 271 11.62 72.19 83.55
C ARG H 271 11.16 73.54 83.01
N GLY H 272 11.38 73.81 81.72
CA GLY H 272 11.03 75.10 81.17
C GLY H 272 9.56 75.33 80.93
N ALA H 273 8.75 74.28 80.97
CA ALA H 273 7.31 74.36 80.75
C ALA H 273 7.01 75.02 79.40
N ILE H 274 7.46 74.36 78.34
CA ILE H 274 7.31 74.87 76.98
C ILE H 274 6.01 74.35 76.34
N ASP H 275 5.13 73.75 77.15
CA ASP H 275 3.83 73.25 76.69
C ASP H 275 4.01 72.14 75.67
N LEU H 276 2.90 71.60 75.16
CA LEU H 276 2.95 70.53 74.17
C LEU H 276 2.85 71.04 72.74
N GLU H 277 2.29 72.23 72.53
CA GLU H 277 2.17 72.76 71.17
C GLU H 277 3.53 73.02 70.54
N ALA H 278 4.47 73.56 71.32
CA ALA H 278 5.81 73.80 70.78
C ALA H 278 6.51 72.50 70.40
N VAL H 279 6.39 71.48 71.25
CA VAL H 279 7.00 70.18 70.94
C VAL H 279 6.37 69.58 69.69
N LYS H 280 5.04 69.66 69.59
CA LYS H 280 4.36 69.14 68.40
C LYS H 280 4.80 69.88 67.14
N ALA H 281 4.92 71.21 67.23
CA ALA H 281 5.35 71.98 66.07
C ALA H 281 6.78 71.63 65.67
N VAL H 282 7.68 71.46 66.65
CA VAL H 282 9.07 71.12 66.34
C VAL H 282 9.13 69.75 65.67
N GLN H 283 8.40 68.77 66.22
CA GLN H 283 8.42 67.44 65.62
C GLN H 283 7.80 67.44 64.23
N LEU H 284 6.72 68.21 64.02
CA LEU H 284 6.13 68.30 62.69
C LEU H 284 7.10 68.96 61.70
N GLY H 285 7.83 69.99 62.15
CA GLY H 285 8.83 70.59 61.28
C GLY H 285 9.93 69.63 60.92
N LEU H 286 10.40 68.84 61.88
CA LEU H 286 11.41 67.83 61.58
C LEU H 286 10.88 66.79 60.59
N ILE H 287 9.62 66.37 60.77
CA ILE H 287 9.01 65.41 59.85
C ILE H 287 8.93 66.01 58.44
N ALA H 288 8.53 67.27 58.34
CA ALA H 288 8.42 67.93 57.04
C ALA H 288 9.80 68.05 56.38
N HIS H 289 10.82 68.38 57.15
CA HIS H 289 12.18 68.44 56.60
C HIS H 289 12.64 67.08 56.10
N CYS H 290 12.36 66.02 56.87
CA CYS H 290 12.73 64.68 56.43
C CYS H 290 12.00 64.30 55.14
N GLU H 291 10.71 64.65 55.07
CA GLU H 291 9.91 64.36 53.86
C GLU H 291 10.49 65.11 52.66
N LEU H 292 10.82 66.39 52.85
CA LEU H 292 11.34 67.21 51.76
C LEU H 292 12.68 66.69 51.26
N MET H 293 13.56 66.29 52.17
CA MET H 293 14.87 65.78 51.76
C MET H 293 14.72 64.47 50.97
N GLY H 294 13.84 63.58 51.43
CA GLY H 294 13.63 62.33 50.73
C GLY H 294 14.73 61.32 50.88
N ASP H 295 15.62 61.50 51.86
CA ASP H 295 16.74 60.59 52.06
C ASP H 295 16.92 60.16 53.51
N ARG H 296 16.33 60.86 54.47
CA ARG H 296 16.59 60.64 55.89
C ARG H 296 15.34 60.11 56.58
N VAL H 297 15.55 59.49 57.74
CA VAL H 297 14.48 58.87 58.52
C VAL H 297 14.54 59.44 59.94
N ALA H 298 13.38 59.78 60.48
CA ALA H 298 13.28 60.43 61.78
C ALA H 298 12.98 59.42 62.89
N ILE H 299 13.53 59.67 64.07
CA ILE H 299 13.30 58.86 65.25
C ILE H 299 12.57 59.72 66.28
N ILE H 300 11.47 59.20 66.80
CA ILE H 300 10.59 59.95 67.68
C ILE H 300 10.43 59.20 69.00
N ASP H 301 10.24 59.97 70.07
CA ASP H 301 10.01 59.47 71.41
C ASP H 301 8.81 60.17 72.03
N PRO H 302 8.09 59.50 72.93
CA PRO H 302 6.90 60.11 73.52
C PRO H 302 7.26 60.86 74.80
N PRO H 303 6.31 61.59 75.39
CA PRO H 303 6.55 62.22 76.69
C PRO H 303 6.83 61.19 77.75
N PRO H 304 7.61 61.55 78.78
CA PRO H 304 8.14 60.54 79.72
C PRO H 304 7.09 59.70 80.45
N ASN H 305 6.18 60.35 81.17
CA ASN H 305 5.32 59.63 82.10
C ASN H 305 3.98 59.28 81.47
N GLN H 306 3.92 58.12 80.84
CA GLN H 306 2.67 57.59 80.29
C GLN H 306 2.67 56.08 80.45
N ASN H 307 1.47 55.49 80.33
CA ASN H 307 1.29 54.05 80.35
C ASN H 307 0.30 53.68 79.25
N ALA H 308 -0.18 52.44 79.29
CA ALA H 308 -1.15 51.99 78.31
C ALA H 308 -2.45 52.77 78.44
N ARG H 309 -3.22 52.83 77.35
CA ARG H 309 -4.50 53.54 77.27
C ARG H 309 -4.28 55.05 77.27
N GLN H 310 -3.03 55.50 77.42
CA GLN H 310 -2.67 56.90 77.27
C GLN H 310 -1.88 57.16 76.01
N ILE H 311 -0.80 56.40 75.78
CA ILE H 311 -0.03 56.56 74.56
C ILE H 311 -0.89 56.26 73.34
N ARG H 312 -1.71 55.20 73.43
CA ARG H 312 -2.65 54.89 72.35
C ARG H 312 -3.60 56.05 72.07
N VAL H 313 -3.85 56.89 73.06
CA VAL H 313 -4.59 58.13 72.81
C VAL H 313 -3.67 59.19 72.23
N TRP H 314 -2.49 59.36 72.83
CA TRP H 314 -1.57 60.42 72.42
C TRP H 314 -1.14 60.25 70.97
N ARG H 315 -1.09 59.02 70.48
CA ARG H 315 -0.73 58.75 69.10
C ARG H 315 -1.85 59.08 68.12
N GLN H 316 -3.11 59.02 68.54
CA GLN H 316 -4.21 59.11 67.60
C GLN H 316 -4.98 60.43 67.66
N GLU H 317 -5.20 60.98 68.85
CA GLU H 317 -5.93 62.24 68.97
C GLU H 317 -5.03 63.47 68.99
N THR H 318 -3.73 63.30 69.14
CA THR H 318 -2.85 64.46 69.27
C THR H 318 -1.66 64.43 68.32
N ALA H 319 -1.11 63.25 68.03
CA ALA H 319 0.15 63.11 67.31
C ALA H 319 0.03 62.08 66.19
N GLY H 320 -0.99 62.24 65.34
CA GLY H 320 -1.20 61.30 64.26
C GLY H 320 0.03 61.12 63.37
N TYR H 321 0.67 62.24 62.99
CA TYR H 321 1.98 62.23 62.38
C TYR H 321 2.01 61.52 61.03
N ASP H 322 1.84 60.19 61.05
CA ASP H 322 2.03 59.31 59.90
C ASP H 322 3.25 59.73 59.07
N SER H 323 3.03 60.03 57.78
CA SER H 323 4.01 60.54 56.83
C SER H 323 5.02 59.50 56.38
N LYS H 324 4.98 58.28 56.92
CA LYS H 324 5.77 57.13 56.47
C LYS H 324 7.28 57.34 56.63
N TYR H 325 7.72 58.47 57.17
CA TYR H 325 9.12 58.81 57.27
C TYR H 325 9.56 58.96 58.73
N ALA H 326 9.09 58.07 59.60
CA ALA H 326 9.42 58.18 61.01
C ALA H 326 9.32 56.82 61.68
N ALA H 327 9.93 56.71 62.86
CA ALA H 327 9.80 55.54 63.70
C ALA H 327 9.76 55.98 65.15
N LEU H 328 8.74 55.55 65.89
CA LEU H 328 8.52 55.99 67.26
C LEU H 328 8.86 54.85 68.22
N TYR H 329 9.62 55.17 69.26
CA TYR H 329 10.03 54.17 70.26
C TYR H 329 9.49 54.59 71.61
N TYR H 330 8.58 53.78 72.16
CA TYR H 330 7.78 54.14 73.32
C TYR H 330 8.55 54.23 74.64
N PRO H 331 9.11 53.15 75.17
CA PRO H 331 9.58 53.18 76.56
C PRO H 331 10.93 53.84 76.71
N TRP H 332 11.10 54.55 77.83
CA TRP H 332 12.36 55.22 78.14
C TRP H 332 13.33 54.23 78.78
N ILE H 333 14.62 54.59 78.78
CA ILE H 333 15.68 53.72 79.25
C ILE H 333 16.37 54.38 80.44
N LYS H 334 16.52 53.64 81.53
CA LYS H 334 17.24 54.12 82.70
C LYS H 334 18.72 53.77 82.53
N SER H 335 19.59 54.78 82.62
CA SER H 335 21.01 54.62 82.37
C SER H 335 21.81 55.29 83.48
N PHE H 336 23.09 54.93 83.54
CA PHE H 336 23.99 55.41 84.57
C PHE H 336 24.62 56.74 84.16
N ASP H 337 24.97 57.54 85.17
CA ASP H 337 25.64 58.82 84.97
C ASP H 337 26.86 58.85 85.88
N PRO H 338 28.08 58.95 85.32
CA PRO H 338 29.27 58.97 86.18
C PRO H 338 29.54 60.32 86.82
N ALA H 339 28.95 61.41 86.32
CA ALA H 339 29.16 62.70 86.94
C ALA H 339 28.65 62.71 88.38
N THR H 340 27.46 62.14 88.61
CA THR H 340 26.96 61.88 89.95
C THR H 340 26.98 60.41 90.31
N GLY H 341 27.29 59.53 89.36
CA GLY H 341 27.27 58.10 89.62
C GLY H 341 25.90 57.58 90.00
N GLN H 342 24.86 58.03 89.29
CA GLN H 342 23.49 57.69 89.66
C GLN H 342 22.71 57.30 88.42
N SER H 343 21.64 56.55 88.64
CA SER H 343 20.78 56.09 87.55
C SER H 343 19.66 57.10 87.32
N ARG H 344 19.39 57.39 86.05
CA ARG H 344 18.33 58.32 85.68
C ARG H 344 17.79 57.96 84.31
N LEU H 345 16.58 58.44 84.03
CA LEU H 345 15.86 58.07 82.82
C LEU H 345 16.22 58.98 81.65
N VAL H 346 16.43 58.39 80.48
CA VAL H 346 16.69 59.12 79.25
C VAL H 346 15.88 58.52 78.12
N PRO H 347 15.53 59.33 77.13
CA PRO H 347 14.79 58.81 75.99
C PRO H 347 15.66 57.90 75.15
N PRO H 348 15.07 56.96 74.41
CA PRO H 348 15.84 56.06 73.53
C PRO H 348 16.05 56.64 72.14
N SER H 349 16.96 57.62 72.04
CA SER H 349 17.22 58.32 70.80
C SER H 349 18.50 57.86 70.12
N GLY H 350 19.63 57.89 70.85
CA GLY H 350 20.89 57.47 70.26
C GLY H 350 21.08 55.98 70.19
N HIS H 351 20.47 55.24 71.13
CA HIS H 351 20.65 53.79 71.16
C HIS H 351 20.07 53.12 69.92
N VAL H 352 18.90 53.57 69.46
CA VAL H 352 18.29 52.99 68.28
C VAL H 352 19.11 53.31 67.04
N ALA H 353 19.67 54.53 66.97
CA ALA H 353 20.55 54.87 65.86
C ALA H 353 21.80 54.00 65.85
N GLY H 354 22.38 53.76 67.02
CA GLY H 354 23.52 52.87 67.10
C GLY H 354 23.18 51.46 66.69
N ILE H 355 22.00 50.98 67.08
CA ILE H 355 21.56 49.65 66.69
C ILE H 355 21.38 49.57 65.17
N TRP H 356 20.82 50.62 64.58
CA TRP H 356 20.67 50.66 63.12
C TRP H 356 22.03 50.63 62.43
N ALA H 357 23.00 51.40 62.94
CA ALA H 357 24.33 51.39 62.35
C ALA H 357 24.99 50.03 62.49
N ARG H 358 24.84 49.40 63.65
CA ARG H 358 25.40 48.06 63.85
C ARG H 358 24.79 47.04 62.90
N ASN H 359 23.47 47.10 62.72
CA ASN H 359 22.81 46.18 61.80
C ASN H 359 23.26 46.44 60.36
N ASP H 360 23.41 47.70 59.98
CA ASP H 360 23.87 48.01 58.63
C ASP H 360 25.32 47.63 58.39
N SER H 361 26.13 47.59 59.46
CA SER H 361 27.53 47.22 59.31
C SER H 361 27.72 45.71 59.29
N GLU H 362 27.19 45.01 60.29
CA GLU H 362 27.37 43.57 60.37
C GLU H 362 26.68 42.85 59.20
N ARG H 363 25.41 43.16 58.98
CA ARG H 363 24.63 42.56 57.90
C ARG H 363 24.22 43.64 56.91
N GLY H 364 23.49 43.24 55.88
CA GLY H 364 23.01 44.17 54.89
C GLY H 364 21.92 45.07 55.44
N VAL H 365 21.65 46.14 54.70
CA VAL H 365 20.60 47.08 55.08
C VAL H 365 19.21 46.49 54.95
N HIS H 366 19.07 45.36 54.28
CA HIS H 366 17.77 44.72 54.10
C HIS H 366 17.31 43.96 55.34
N LYS H 367 18.16 43.79 56.35
CA LYS H 367 17.79 43.09 57.57
C LYS H 367 17.11 44.07 58.52
N ALA H 368 15.92 43.70 58.97
CA ALA H 368 15.16 44.57 59.86
C ALA H 368 15.75 44.52 61.27
N PRO H 369 16.08 45.66 61.86
CA PRO H 369 16.59 45.66 63.24
C PRO H 369 15.50 45.35 64.25
N ALA H 370 15.02 44.11 64.26
CA ALA H 370 13.90 43.71 65.11
C ALA H 370 14.33 43.06 66.41
N ASN H 371 15.44 42.32 66.42
CA ASN H 371 15.90 41.61 67.61
C ASN H 371 17.35 42.01 67.88
N GLU H 372 17.52 43.11 68.62
CA GLU H 372 18.84 43.58 69.01
C GLU H 372 18.81 43.99 70.47
N VAL H 373 19.96 43.83 71.13
CA VAL H 373 20.09 44.08 72.55
C VAL H 373 20.61 45.49 72.78
N VAL H 374 19.92 46.23 73.65
CA VAL H 374 20.29 47.64 73.93
C VAL H 374 21.42 47.66 74.95
N ARG H 375 22.67 47.54 74.48
CA ARG H 375 23.86 47.58 75.35
C ARG H 375 23.90 48.92 76.07
N GLY H 376 24.25 48.94 77.36
CA GLY H 376 24.40 50.22 78.08
C GLY H 376 23.27 50.52 79.06
N ALA H 377 22.08 49.92 78.89
CA ALA H 377 20.91 50.22 79.75
C ALA H 377 20.97 49.44 81.06
N VAL H 378 19.93 49.56 81.90
CA VAL H 378 19.88 48.83 83.19
C VAL H 378 18.43 48.43 83.50
N ASP H 379 17.46 49.33 83.36
CA ASP H 379 16.07 49.06 83.69
C ASP H 379 15.17 49.73 82.65
N LEU H 380 13.86 49.62 82.86
CA LEU H 380 12.88 50.24 81.98
C LEU H 380 11.79 51.01 82.70
N GLU H 381 11.55 50.74 83.99
CA GLU H 381 10.52 51.40 84.79
C GLU H 381 9.12 51.15 84.24
N LEU H 382 8.94 50.09 83.46
CA LEU H 382 7.64 49.72 82.92
C LEU H 382 7.75 48.32 82.33
N GLN H 383 6.65 47.56 82.42
CA GLN H 383 6.59 46.20 81.91
C GLN H 383 5.38 46.05 81.00
N ILE H 384 5.57 45.33 79.89
CA ILE H 384 4.53 45.12 78.90
C ILE H 384 4.25 43.63 78.80
N THR H 385 2.97 43.26 78.88
CA THR H 385 2.56 41.87 78.73
C THR H 385 2.30 41.59 77.25
N ARG H 386 1.73 40.42 76.96
CA ARG H 386 1.43 40.04 75.56
C ARG H 386 0.22 40.85 75.07
N GLY H 387 -0.80 40.99 75.92
CA GLY H 387 -2.00 41.69 75.50
C GLY H 387 -1.76 43.16 75.19
N GLU H 388 -0.98 43.83 76.04
CA GLU H 388 -0.67 45.24 75.79
C GLU H 388 0.13 45.41 74.50
N GLN H 389 1.09 44.52 74.25
CA GLN H 389 1.80 44.56 72.98
C GLN H 389 0.88 44.30 71.80
N ASP H 390 -0.05 43.35 71.95
CA ASP H 390 -1.03 43.09 70.91
C ASP H 390 -1.97 44.27 70.68
N LEU H 391 -2.11 45.16 71.67
CA LEU H 391 -2.87 46.38 71.48
C LEU H 391 -2.06 47.50 70.84
N LEU H 392 -0.73 47.46 70.99
CA LEU H 392 0.13 48.48 70.41
C LEU H 392 0.72 48.08 69.07
N ASN H 393 0.77 46.78 68.77
CA ASN H 393 1.32 46.34 67.49
C ASN H 393 0.54 46.83 66.28
N PRO H 394 -0.80 46.82 66.25
CA PRO H 394 -1.50 47.28 65.03
C PRO H 394 -1.18 48.73 64.66
N ILE H 395 -0.88 49.58 65.62
CA ILE H 395 -0.44 50.94 65.36
C ILE H 395 1.08 50.96 65.32
N GLY H 396 1.63 52.02 64.74
CA GLY H 396 3.06 52.10 64.53
C GLY H 396 3.86 52.40 65.78
N VAL H 397 3.64 51.64 66.84
CA VAL H 397 4.36 51.82 68.09
C VAL H 397 5.21 50.58 68.33
N ASN H 398 6.53 50.75 68.34
CA ASN H 398 7.45 49.67 68.65
C ASN H 398 7.56 49.51 70.16
N CYS H 399 8.39 48.56 70.60
CA CYS H 399 8.51 48.30 72.02
C CYS H 399 9.94 47.86 72.34
N ILE H 400 10.28 48.01 73.62
CA ILE H 400 11.54 47.51 74.18
C ILE H 400 11.15 46.57 75.31
N ARG H 401 11.37 45.28 75.10
CA ARG H 401 10.83 44.24 75.97
C ARG H 401 11.94 43.55 76.76
N SER H 402 11.63 43.18 77.99
CA SER H 402 12.53 42.43 78.85
C SER H 402 12.12 40.97 78.85
N PHE H 403 13.04 40.09 78.48
CA PHE H 403 12.79 38.66 78.40
C PHE H 403 13.58 37.94 79.48
N PRO H 404 12.95 37.01 80.20
CA PRO H 404 13.63 36.34 81.32
C PRO H 404 14.65 35.31 80.86
N GLY H 405 15.86 35.77 80.56
CA GLY H 405 16.91 34.90 80.08
C GLY H 405 17.64 35.49 78.90
N ARG H 406 17.07 36.56 78.33
CA ARG H 406 17.67 37.25 77.20
C ARG H 406 17.83 38.75 77.42
N GLY H 407 17.22 39.32 78.45
CA GLY H 407 17.45 40.72 78.78
C GLY H 407 16.59 41.69 78.01
N ILE H 408 17.11 42.89 77.78
CA ILE H 408 16.36 43.96 77.13
C ILE H 408 16.62 43.90 75.63
N ARG H 409 15.54 43.83 74.84
CA ARG H 409 15.67 43.70 73.40
C ARG H 409 14.63 44.58 72.71
N VAL H 410 14.97 45.02 71.49
CA VAL H 410 13.99 45.73 70.67
C VAL H 410 12.92 44.76 70.19
N TRP H 411 11.75 45.28 69.83
CA TRP H 411 10.64 44.43 69.42
C TRP H 411 9.67 45.23 68.57
N GLY H 412 9.44 44.76 67.34
CA GLY H 412 8.34 45.24 66.52
C GLY H 412 8.72 45.78 65.15
N ALA H 413 9.77 46.58 65.08
CA ALA H 413 10.36 47.07 63.83
C ALA H 413 9.29 47.54 62.84
N ARG H 414 8.55 48.57 63.22
CA ARG H 414 7.52 49.14 62.37
C ARG H 414 7.68 50.65 62.29
N THR H 415 6.82 51.29 61.50
CA THR H 415 6.88 52.72 61.25
C THR H 415 5.49 53.33 61.33
N LEU H 416 5.43 54.66 61.22
CA LEU H 416 4.18 55.41 61.26
C LEU H 416 3.69 55.63 59.83
N SER H 417 2.81 54.76 59.35
CA SER H 417 2.28 54.88 57.99
C SER H 417 0.97 54.14 57.90
N SER H 418 -0.11 54.86 57.58
CA SER H 418 -1.40 54.21 57.40
C SER H 418 -1.44 53.36 56.13
N ASP H 419 -0.74 53.80 55.09
CA ASP H 419 -0.70 53.08 53.83
C ASP H 419 -0.01 51.73 54.03
N PRO H 420 -0.66 50.60 53.69
CA PRO H 420 -0.02 49.29 53.87
C PRO H 420 1.17 49.04 52.96
N ALA H 421 1.49 49.95 52.05
CA ALA H 421 2.62 49.74 51.15
C ALA H 421 3.97 49.90 51.85
N TRP H 422 4.05 50.76 52.86
CA TRP H 422 5.31 51.04 53.53
C TRP H 422 5.20 50.72 55.02
N ARG H 423 4.65 49.56 55.35
CA ARG H 423 4.48 49.18 56.74
C ARG H 423 5.83 49.00 57.44
N TYR H 424 6.80 48.40 56.76
CA TYR H 424 8.05 48.00 57.39
C TYR H 424 9.16 48.99 57.10
N LEU H 425 10.11 49.08 58.03
CA LEU H 425 11.22 50.02 57.92
C LEU H 425 12.26 49.57 56.90
N ASN H 426 12.53 48.26 56.83
CA ASN H 426 13.61 47.78 55.98
C ASN H 426 13.31 48.04 54.51
N ILE H 427 12.05 47.94 54.11
CA ILE H 427 11.67 48.24 52.72
C ILE H 427 12.00 49.69 52.39
N ARG H 428 11.64 50.61 53.30
CA ARG H 428 11.91 52.02 53.07
C ARG H 428 13.42 52.29 53.00
N ARG H 429 14.18 51.68 53.90
CA ARG H 429 15.63 51.88 53.90
C ARG H 429 16.26 51.36 52.60
N TYR H 430 15.85 50.16 52.16
CA TYR H 430 16.39 49.61 50.93
C TYR H 430 16.01 50.45 49.72
N PHE H 431 14.77 50.95 49.68
CA PHE H 431 14.36 51.79 48.57
C PHE H 431 15.14 53.10 48.56
N ASN H 432 15.37 53.69 49.73
CA ASN H 432 16.19 54.90 49.79
C ASN H 432 17.60 54.63 49.29
N TYR H 433 18.19 53.51 49.71
CA TYR H 433 19.54 53.17 49.26
C TYR H 433 19.59 53.00 47.75
N LEU H 434 18.62 52.28 47.17
CA LEU H 434 18.60 52.07 45.73
C LEU H 434 18.41 53.38 44.98
N GLU H 435 17.50 54.23 45.45
CA GLU H 435 17.26 55.50 44.79
C GLU H 435 18.49 56.38 44.82
N GLU H 436 19.17 56.44 45.98
CA GLU H 436 20.38 57.26 46.08
C GLU H 436 21.47 56.73 45.14
N SER H 437 21.68 55.42 45.12
CA SER H 437 22.70 54.85 44.25
C SER H 437 22.40 55.14 42.78
N ILE H 438 21.15 54.95 42.38
CA ILE H 438 20.77 55.18 40.98
C ILE H 438 20.94 56.65 40.62
N LEU H 439 20.51 57.55 41.50
CA LEU H 439 20.64 58.98 41.21
C LEU H 439 22.10 59.39 41.09
N ILE H 440 22.96 58.87 41.98
CA ILE H 440 24.36 59.27 41.93
C ILE H 440 25.07 58.70 40.71
N GLY H 441 24.84 57.43 40.37
CA GLY H 441 25.61 56.79 39.33
C GLY H 441 24.95 56.67 37.97
N THR H 442 24.27 57.72 37.52
CA THR H 442 23.59 57.67 36.23
C THR H 442 23.74 58.96 35.43
N GLN H 443 24.38 59.99 35.99
CA GLN H 443 24.33 61.33 35.39
C GLN H 443 24.97 61.39 34.00
N TRP H 444 25.76 60.38 33.61
CA TRP H 444 26.41 60.42 32.31
C TRP H 444 25.45 60.21 31.14
N VAL H 445 24.21 59.79 31.40
CA VAL H 445 23.29 59.43 30.32
C VAL H 445 22.64 60.64 29.66
N VAL H 446 22.67 61.81 30.31
CA VAL H 446 22.01 62.99 29.77
C VAL H 446 22.76 63.50 28.54
N PHE H 447 21.99 64.03 27.58
CA PHE H 447 22.52 64.58 26.33
C PHE H 447 23.32 63.53 25.55
N GLU H 448 22.58 62.52 25.10
CA GLU H 448 23.12 61.42 24.33
C GLU H 448 22.34 61.28 23.02
N PRO H 449 22.91 60.63 22.01
CA PRO H 449 22.23 60.53 20.71
C PRO H 449 20.87 59.84 20.76
N ASN H 450 20.59 59.08 21.82
CA ASN H 450 19.28 58.46 22.04
C ASN H 450 18.92 57.49 20.91
N ASP H 451 19.78 56.47 20.79
CA ASP H 451 19.52 55.38 19.86
C ASP H 451 19.42 54.08 20.66
N HIS H 452 19.18 52.95 19.98
CA HIS H 452 19.03 51.68 20.66
C HIS H 452 20.30 51.21 21.35
N ASN H 453 21.47 51.70 20.94
CA ASN H 453 22.70 51.38 21.65
C ASN H 453 22.65 51.90 23.08
N LEU H 454 22.13 53.12 23.26
CA LEU H 454 21.99 53.67 24.60
C LEU H 454 21.04 52.83 25.45
N TRP H 455 19.94 52.37 24.85
CA TRP H 455 19.01 51.50 25.57
C TRP H 455 19.70 50.20 25.99
N ALA H 456 20.47 49.61 25.08
CA ALA H 456 21.19 48.38 25.42
C ALA H 456 22.18 48.60 26.55
N ARG H 457 22.92 49.72 26.51
CA ARG H 457 23.89 49.99 27.57
C ARG H 457 23.20 50.19 28.92
N ILE H 458 22.10 50.95 28.93
CA ILE H 458 21.38 51.18 30.18
C ILE H 458 20.84 49.87 30.73
N ARG H 459 20.25 49.04 29.87
CA ARG H 459 19.72 47.76 30.31
C ARG H 459 20.83 46.88 30.88
N ARG H 460 21.98 46.83 30.21
CA ARG H 460 23.10 46.02 30.70
C ARG H 460 23.56 46.49 32.07
N ASN H 461 23.70 47.81 32.25
CA ASN H 461 24.18 48.33 33.52
C ASN H 461 23.19 48.03 34.65
N VAL H 462 21.90 48.28 34.41
CA VAL H 462 20.90 48.04 35.44
C VAL H 462 20.80 46.55 35.77
N SER H 463 20.87 45.70 34.75
CA SER H 463 20.81 44.26 34.98
C SER H 463 22.01 43.79 35.79
N ALA H 464 23.20 44.29 35.49
CA ALA H 464 24.38 43.91 36.27
C ALA H 464 24.25 44.34 37.72
N PHE H 465 23.79 45.58 37.95
CA PHE H 465 23.61 46.04 39.33
C PHE H 465 22.59 45.19 40.07
N LEU H 466 21.48 44.87 39.42
CA LEU H 466 20.43 44.10 40.08
C LEU H 466 20.88 42.66 40.34
N VAL H 467 21.66 42.08 39.43
CA VAL H 467 22.19 40.73 39.65
C VAL H 467 23.15 40.73 40.83
N ASN H 468 24.02 41.74 40.90
CA ASN H 468 24.94 41.84 42.03
C ASN H 468 24.19 41.99 43.34
N GLU H 469 23.12 42.78 43.35
CA GLU H 469 22.31 42.93 44.56
C GLU H 469 21.61 41.64 44.93
N TRP H 470 21.10 40.90 43.93
CA TRP H 470 20.35 39.69 44.20
C TRP H 470 21.22 38.55 44.70
N ARG H 471 22.47 38.47 44.22
CA ARG H 471 23.34 37.36 44.60
C ARG H 471 23.68 37.36 46.08
N ASN H 472 23.45 38.46 46.80
CA ASN H 472 23.66 38.52 48.23
C ASN H 472 22.45 38.07 49.04
N GLY H 473 21.36 37.67 48.39
CA GLY H 473 20.18 37.22 49.09
C GLY H 473 19.25 38.32 49.55
N ALA H 474 19.30 39.48 48.92
CA ALA H 474 18.45 40.60 49.30
C ALA H 474 17.16 40.67 48.51
N LEU H 475 16.92 39.73 47.60
CA LEU H 475 15.71 39.70 46.79
C LEU H 475 15.10 38.30 46.85
N PHE H 476 13.78 38.25 46.81
CA PHE H 476 13.03 37.01 46.95
C PHE H 476 12.85 36.36 45.58
N GLY H 477 13.54 35.24 45.35
CA GLY H 477 13.40 34.52 44.10
C GLY H 477 14.44 33.44 43.93
N GLN H 478 14.04 32.28 43.41
CA GLN H 478 15.01 31.16 43.20
C GLN H 478 15.87 31.45 41.96
N SER H 479 15.34 32.21 41.00
CA SER H 479 16.05 32.52 39.77
C SER H 479 16.03 34.02 39.54
N PRO H 480 17.03 34.54 38.81
CA PRO H 480 17.05 35.99 38.52
C PRO H 480 15.82 36.45 37.76
N ASP H 481 15.22 35.56 36.98
CA ASP H 481 14.03 35.92 36.22
C ASP H 481 12.84 36.23 37.13
N GLN H 482 12.79 35.59 38.30
CA GLN H 482 11.70 35.80 39.24
C GLN H 482 11.98 36.88 40.27
N ALA H 483 13.13 37.52 40.21
CA ALA H 483 13.52 38.52 41.21
C ALA H 483 13.39 39.94 40.73
N TYR H 484 13.57 40.20 39.44
CA TYR H 484 13.54 41.56 38.92
C TYR H 484 13.18 41.53 37.45
N TYR H 485 12.81 42.68 36.91
CA TYR H 485 12.57 42.83 35.48
C TYR H 485 12.85 44.26 35.06
N VAL H 486 13.61 44.41 33.99
CA VAL H 486 13.99 45.72 33.45
C VAL H 486 13.55 45.76 31.99
N LYS H 487 12.80 46.80 31.62
CA LYS H 487 12.25 46.94 30.29
C LYS H 487 12.69 48.27 29.70
N CYS H 488 13.38 48.21 28.56
CA CYS H 488 13.77 49.42 27.82
C CYS H 488 13.94 49.00 26.36
N ASP H 489 12.93 49.28 25.54
CA ASP H 489 12.92 48.87 24.15
C ASP H 489 11.95 49.77 23.38
N GLU H 490 11.63 49.36 22.15
CA GLU H 490 10.72 50.14 21.33
C GLU H 490 9.27 50.02 21.78
N GLU H 491 8.94 49.04 22.63
CA GLU H 491 7.58 48.91 23.12
C GLU H 491 7.24 50.01 24.13
N THR H 492 8.18 50.37 24.99
CA THR H 492 7.98 51.42 25.98
C THR H 492 8.52 52.78 25.54
N ASN H 493 9.08 52.87 24.34
CA ASN H 493 9.63 54.13 23.81
C ASN H 493 9.08 54.35 22.41
N PRO H 494 7.84 54.80 22.30
CA PRO H 494 7.26 55.07 20.97
C PRO H 494 7.93 56.26 20.32
N PRO H 495 7.83 56.39 19.00
CA PRO H 495 8.47 57.54 18.34
C PRO H 495 7.97 58.89 18.83
N GLU H 496 6.69 58.99 19.21
CA GLU H 496 6.18 60.24 19.76
C GLU H 496 6.90 60.61 21.06
N SER H 497 7.15 59.62 21.91
CA SER H 497 7.86 59.90 23.16
C SER H 497 9.32 60.27 22.90
N VAL H 498 9.98 59.58 21.96
CA VAL H 498 11.38 59.86 21.71
C VAL H 498 11.54 61.16 20.93
N ASP H 499 10.46 61.68 20.35
CA ASP H 499 10.53 62.98 19.69
C ASP H 499 10.88 64.08 20.68
N LEU H 500 10.30 64.03 21.88
CA LEU H 500 10.58 65.03 22.91
C LEU H 500 11.89 64.77 23.65
N GLY H 501 12.55 63.64 23.38
CA GLY H 501 13.79 63.33 24.07
C GLY H 501 13.57 62.79 25.47
N ARG H 502 12.93 61.63 25.58
CA ARG H 502 12.61 61.03 26.86
C ARG H 502 13.04 59.57 26.88
N VAL H 503 13.52 59.13 28.04
CA VAL H 503 13.89 57.73 28.29
C VAL H 503 13.16 57.28 29.55
N VAL H 504 12.61 56.07 29.51
CA VAL H 504 11.76 55.55 30.58
C VAL H 504 12.50 54.50 31.41
N CYS H 505 12.89 53.38 30.79
CA CYS H 505 13.66 52.31 31.46
C CYS H 505 12.91 51.80 32.70
N GLU H 506 11.77 51.18 32.45
CA GLU H 506 10.94 50.67 33.54
C GLU H 506 11.69 49.59 34.32
N ILE H 507 11.63 49.69 35.64
CA ILE H 507 12.33 48.77 36.54
C ILE H 507 11.35 48.25 37.58
N GLY H 508 11.39 46.94 37.83
CA GLY H 508 10.56 46.35 38.86
C GLY H 508 11.32 45.31 39.66
N ILE H 509 11.21 45.37 40.99
CA ILE H 509 11.94 44.48 41.87
C ILE H 509 10.97 43.85 42.86
N ALA H 510 11.40 42.73 43.45
CA ALA H 510 10.61 42.04 44.46
C ALA H 510 11.38 42.00 45.76
N PRO H 511 11.02 42.79 46.75
CA PRO H 511 11.77 42.84 48.01
C PRO H 511 11.43 41.66 48.91
N VAL H 512 12.12 41.60 50.05
CA VAL H 512 11.92 40.57 51.06
C VAL H 512 11.37 41.22 52.32
N LYS H 513 10.51 40.50 53.02
CA LYS H 513 9.90 41.02 54.23
C LYS H 513 10.26 40.15 55.43
N PRO H 514 10.39 40.75 56.61
CA PRO H 514 10.77 39.96 57.79
C PRO H 514 9.65 39.03 58.23
N ALA H 515 10.05 37.92 58.86
CA ALA H 515 9.11 36.96 59.40
C ALA H 515 8.81 37.32 60.85
N GLU H 516 7.55 37.67 61.12
CA GLU H 516 7.13 38.12 62.44
C GLU H 516 6.46 37.03 63.25
N PHE H 517 5.51 36.31 62.67
CA PHE H 517 4.78 35.25 63.36
C PHE H 517 5.25 33.90 62.83
N VAL H 518 5.74 33.04 63.72
CA VAL H 518 6.17 31.70 63.39
C VAL H 518 5.17 30.73 64.00
N ILE H 519 4.60 29.86 63.17
CA ILE H 519 3.53 28.96 63.59
C ILE H 519 3.96 27.52 63.29
N PHE H 520 3.82 26.66 64.29
CA PHE H 520 3.97 25.22 64.13
C PHE H 520 2.61 24.55 64.28
N ARG H 521 2.55 23.27 63.92
CA ARG H 521 1.31 22.52 63.95
C ARG H 521 1.31 21.40 65.00
N LEU H 522 2.31 20.52 64.96
CA LEU H 522 2.43 19.39 65.89
C LEU H 522 1.17 18.52 65.86
N ALA H 523 0.92 17.96 64.69
CA ALA H 523 -0.23 17.07 64.50
C ALA H 523 0.18 15.62 64.67
N GLN H 524 -0.81 14.77 64.93
CA GLN H 524 -0.61 13.35 65.11
C GLN H 524 -1.23 12.61 63.93
N PHE H 525 -0.44 11.77 63.26
CA PHE H 525 -0.87 11.08 62.06
C PHE H 525 -0.47 9.62 62.13
N SER H 526 -1.16 8.80 61.35
CA SER H 526 -0.89 7.37 61.29
C SER H 526 0.27 7.08 60.34
N PRO I 2 42.83 29.21 -49.13
CA PRO I 2 43.87 29.21 -50.17
C PRO I 2 43.37 28.62 -51.48
N SER I 3 44.17 28.75 -52.53
CA SER I 3 43.82 28.25 -53.86
C SER I 3 44.65 27.00 -54.15
N TYR I 4 43.96 25.93 -54.56
CA TYR I 4 44.60 24.67 -54.91
C TYR I 4 44.33 24.40 -56.38
N LEU I 5 45.38 24.39 -57.20
CA LEU I 5 45.25 24.19 -58.63
C LEU I 5 46.18 23.14 -59.22
N SER I 6 47.28 22.80 -58.54
CA SER I 6 48.22 21.82 -59.04
C SER I 6 48.56 20.82 -57.95
N PRO I 7 48.81 19.56 -58.31
CA PRO I 7 49.19 18.57 -57.30
C PRO I 7 50.51 18.92 -56.63
N GLY I 8 50.63 18.53 -55.37
CA GLY I 8 51.84 18.79 -54.62
C GLY I 8 51.55 18.80 -53.13
N VAL I 9 52.54 19.29 -52.39
CA VAL I 9 52.46 19.39 -50.93
C VAL I 9 52.51 20.87 -50.56
N TYR I 10 51.54 21.32 -49.77
CA TYR I 10 51.43 22.70 -49.35
C TYR I 10 51.53 22.78 -47.84
N VAL I 11 52.35 23.71 -47.34
CA VAL I 11 52.53 23.94 -45.91
C VAL I 11 52.05 25.33 -45.59
N GLU I 12 51.07 25.43 -44.69
CA GLU I 12 50.50 26.71 -44.28
C GLU I 12 50.43 26.77 -42.76
N GLU I 13 50.48 27.98 -42.22
CA GLU I 13 50.46 28.22 -40.79
C GLU I 13 49.15 28.87 -40.40
N VAL I 14 48.44 28.27 -39.44
CA VAL I 14 47.20 28.87 -38.96
C VAL I 14 47.52 29.93 -37.92
N ALA I 15 46.89 31.09 -38.07
CA ALA I 15 47.15 32.25 -37.22
C ALA I 15 46.70 32.04 -35.78
N SER I 16 45.90 30.99 -35.52
CA SER I 16 45.42 30.72 -34.18
C SER I 16 46.57 30.42 -33.23
N GLY I 17 46.72 31.24 -32.21
CA GLY I 17 47.80 31.08 -31.26
C GLY I 17 47.72 32.13 -30.16
N SER I 18 48.88 32.53 -29.66
CA SER I 18 48.97 33.53 -28.60
C SER I 18 49.79 34.72 -29.08
N ARG I 19 49.31 35.92 -28.78
CA ARG I 19 49.98 37.17 -29.14
C ARG I 19 50.07 38.04 -27.89
N PRO I 20 51.09 37.83 -27.07
CA PRO I 20 51.19 38.57 -25.80
C PRO I 20 51.37 40.06 -26.03
N ILE I 21 50.88 40.85 -25.07
CA ILE I 21 50.99 42.30 -25.08
C ILE I 21 51.93 42.72 -23.96
N GLU I 22 52.93 43.54 -24.30
CA GLU I 22 53.92 43.99 -23.34
C GLU I 22 53.65 45.42 -22.91
N GLY I 23 54.23 45.79 -21.76
CA GLY I 23 54.08 47.12 -21.23
C GLY I 23 55.04 48.12 -21.87
N VAL I 24 55.03 49.33 -21.32
CA VAL I 24 55.86 50.42 -21.81
C VAL I 24 56.59 51.05 -20.64
N GLY I 25 57.71 51.71 -20.94
CA GLY I 25 58.50 52.37 -19.91
C GLY I 25 57.95 53.74 -19.60
N THR I 26 57.73 54.03 -18.31
CA THR I 26 57.17 55.30 -17.88
C THR I 26 58.14 56.04 -16.96
N SER I 27 59.42 56.08 -17.32
CA SER I 27 60.44 56.72 -16.50
C SER I 27 61.29 57.67 -17.34
N VAL I 28 60.65 58.46 -18.19
CA VAL I 28 61.32 59.45 -19.02
C VAL I 28 60.69 60.80 -18.77
N ALA I 29 61.53 61.82 -18.55
CA ALA I 29 61.07 63.17 -18.28
C ALA I 29 61.79 64.14 -19.20
N ALA I 30 61.10 65.22 -19.57
CA ALA I 30 61.62 66.23 -20.48
C ALA I 30 61.64 67.57 -19.77
N PHE I 31 62.82 68.17 -19.66
CA PHE I 31 63.01 69.45 -18.99
C PHE I 31 63.31 70.52 -20.02
N VAL I 32 62.58 71.64 -19.92
CA VAL I 32 62.78 72.79 -20.81
C VAL I 32 63.32 73.94 -19.97
N GLY I 33 64.44 74.50 -20.38
CA GLY I 33 65.05 75.57 -19.61
C GLY I 33 66.12 76.28 -20.40
N LEU I 34 66.86 77.14 -19.70
CA LEU I 34 67.94 77.91 -20.28
C LEU I 34 69.28 77.43 -19.73
N ALA I 35 70.28 77.36 -20.61
CA ALA I 35 71.61 76.90 -20.28
C ALA I 35 72.63 77.86 -20.87
N PRO I 36 73.83 77.94 -20.28
CA PRO I 36 74.83 78.88 -20.82
C PRO I 36 75.25 78.56 -22.25
N THR I 37 75.71 77.35 -22.51
CA THR I 37 76.15 76.95 -23.85
C THR I 37 75.65 75.56 -24.16
N GLY I 38 75.47 75.27 -25.44
CA GLY I 38 75.02 73.98 -25.89
C GLY I 38 74.16 74.06 -27.13
N PRO I 39 73.63 72.92 -27.56
CA PRO I 39 72.72 72.92 -28.72
C PRO I 39 71.48 73.74 -28.45
N LEU I 40 70.97 74.38 -29.49
CA LEU I 40 69.84 75.29 -29.39
C LEU I 40 68.61 74.68 -30.07
N ASN I 41 67.50 74.65 -29.34
CA ASN I 41 66.22 74.16 -29.86
C ASN I 41 66.31 72.72 -30.38
N GLU I 42 67.07 71.89 -29.67
CA GLU I 42 67.21 70.49 -30.01
C GLU I 42 66.96 69.64 -28.77
N PRO I 43 66.04 68.69 -28.81
CA PRO I 43 65.77 67.86 -27.63
C PRO I 43 66.84 66.82 -27.40
N THR I 44 67.93 67.21 -26.74
CA THR I 44 69.03 66.29 -26.51
C THR I 44 68.64 65.22 -25.49
N LEU I 45 69.28 64.07 -25.58
CA LEU I 45 69.04 62.95 -24.68
C LEU I 45 70.23 62.78 -23.74
N VAL I 46 69.95 62.73 -22.44
CA VAL I 46 70.98 62.59 -21.42
C VAL I 46 70.63 61.40 -20.54
N THR I 47 71.65 60.66 -20.10
CA THR I 47 71.44 59.52 -19.22
C THR I 47 72.42 59.47 -18.07
N ASN I 48 73.30 60.47 -17.93
CA ASN I 48 74.26 60.52 -16.85
C ASN I 48 74.81 61.94 -16.81
N TRP I 49 75.20 62.39 -15.61
CA TRP I 49 75.65 63.80 -15.45
C TRP I 49 76.83 64.10 -16.38
N THR I 50 77.74 63.14 -16.57
CA THR I 50 78.92 63.45 -17.40
C THR I 50 78.51 63.95 -18.77
N GLN I 51 77.47 63.35 -19.36
CA GLN I 51 76.98 63.82 -20.64
C GLN I 51 76.46 65.24 -20.55
N TYR I 52 75.71 65.55 -19.48
CA TYR I 52 75.19 66.90 -19.30
C TYR I 52 76.33 67.90 -19.12
N VAL I 53 77.36 67.52 -18.35
CA VAL I 53 78.51 68.40 -18.16
C VAL I 53 79.21 68.66 -19.49
N ALA I 54 79.41 67.60 -20.29
CA ALA I 54 80.08 67.76 -21.58
C ALA I 54 79.26 68.55 -22.58
N ALA I 55 77.93 68.52 -22.47
CA ALA I 55 77.09 69.18 -23.47
C ALA I 55 76.70 70.60 -23.07
N PHE I 56 76.02 70.75 -21.93
CA PHE I 56 75.41 72.02 -21.56
C PHE I 56 76.15 72.75 -20.44
N GLY I 57 77.35 72.31 -20.07
CA GLY I 57 78.07 72.92 -18.98
C GLY I 57 77.52 72.50 -17.64
N ASP I 58 78.00 73.18 -16.59
CA ASP I 58 77.61 72.82 -15.22
C ASP I 58 77.86 74.01 -14.30
N PHE I 59 76.78 74.56 -13.74
CA PHE I 59 76.84 75.51 -12.63
C PHE I 59 77.73 76.71 -12.91
N THR I 60 77.37 77.52 -13.91
CA THR I 60 78.14 78.73 -14.21
C THR I 60 77.29 79.97 -14.45
N GLY I 61 75.99 79.83 -14.73
CA GLY I 61 75.16 80.99 -15.01
C GLY I 61 74.10 81.27 -13.96
N GLY I 62 74.07 80.43 -12.92
CA GLY I 62 73.06 80.60 -11.87
C GLY I 62 71.65 80.35 -12.35
N TYR I 63 71.44 79.31 -13.16
CA TYR I 63 70.13 78.95 -13.67
C TYR I 63 69.58 77.74 -12.93
N TYR I 64 68.28 77.52 -13.08
CA TYR I 64 67.59 76.45 -12.37
C TYR I 64 67.57 75.13 -13.14
N LEU I 65 68.10 75.09 -14.37
CA LEU I 65 68.11 73.85 -15.13
C LEU I 65 69.11 72.86 -14.56
N ALA I 66 70.32 73.34 -14.25
CA ALA I 66 71.35 72.44 -13.72
C ALA I 66 70.94 71.86 -12.39
N HIS I 67 70.38 72.68 -11.49
CA HIS I 67 69.93 72.18 -10.20
C HIS I 67 68.84 71.13 -10.36
N SER I 68 67.87 71.39 -11.26
CA SER I 68 66.79 70.43 -11.47
C SER I 68 67.31 69.12 -12.03
N VAL I 69 68.24 69.19 -12.99
CA VAL I 69 68.80 67.97 -13.57
C VAL I 69 69.58 67.19 -12.52
N TYR I 70 70.38 67.88 -11.71
CA TYR I 70 71.13 67.21 -10.66
C TYR I 70 70.21 66.55 -9.64
N GLY I 71 69.12 67.24 -9.28
CA GLY I 71 68.16 66.64 -8.37
C GLY I 71 67.46 65.43 -8.97
N PHE I 72 67.13 65.51 -10.26
CA PHE I 72 66.48 64.38 -10.93
C PHE I 72 67.39 63.16 -10.96
N PHE I 73 68.67 63.37 -11.26
CA PHE I 73 69.62 62.25 -11.26
C PHE I 73 69.99 61.80 -9.86
N ASN I 74 69.76 62.65 -8.85
CA ASN I 74 70.05 62.26 -7.47
C ASN I 74 69.00 61.33 -6.90
N ASN I 75 67.76 61.40 -7.39
CA ASN I 75 66.66 60.62 -6.87
C ASN I 75 66.40 59.34 -7.65
N GLY I 76 67.37 58.90 -8.46
CA GLY I 76 67.25 57.66 -9.18
C GLY I 76 66.68 57.76 -10.58
N GLY I 77 66.94 58.87 -11.28
CA GLY I 77 66.47 58.98 -12.64
C GLY I 77 67.23 58.05 -13.58
N SER I 78 66.59 57.76 -14.71
CA SER I 78 67.12 56.82 -15.70
C SER I 78 67.53 57.52 -16.99
N ALA I 79 66.60 58.24 -17.62
CA ALA I 79 66.89 58.92 -18.88
C ALA I 79 66.06 60.19 -18.95
N ALA I 80 66.64 61.24 -19.52
CA ALA I 80 65.99 62.54 -19.57
C ALA I 80 66.20 63.18 -20.94
N TYR I 81 65.28 64.07 -21.28
CA TYR I 81 65.37 64.91 -22.47
C TYR I 81 65.56 66.36 -22.02
N VAL I 82 66.41 67.09 -22.73
CA VAL I 82 66.74 68.46 -22.37
C VAL I 82 66.48 69.36 -23.57
N VAL I 83 65.76 70.46 -23.34
CA VAL I 83 65.53 71.49 -24.34
C VAL I 83 66.06 72.81 -23.78
N ARG I 84 66.89 73.48 -24.58
CA ARG I 84 67.52 74.74 -24.19
C ARG I 84 66.94 75.86 -25.04
N VAL I 85 66.06 76.67 -24.44
CA VAL I 85 65.44 77.77 -25.17
C VAL I 85 66.46 78.86 -25.48
N GLY I 86 67.27 79.22 -24.49
CA GLY I 86 68.24 80.27 -24.66
C GLY I 86 69.27 80.26 -23.56
N GLY I 87 69.99 81.37 -23.44
CA GLY I 87 71.00 81.50 -22.40
C GLY I 87 72.00 82.59 -22.77
N SER I 88 73.08 82.63 -22.00
CA SER I 88 74.14 83.61 -22.21
C SER I 88 75.43 83.05 -21.61
N ALA I 89 76.55 83.63 -22.03
CA ALA I 89 77.87 83.23 -21.56
C ALA I 89 78.66 84.47 -21.11
N GLU I 90 77.96 85.43 -20.51
CA GLU I 90 78.61 86.65 -20.06
C GLU I 90 78.54 86.78 -18.55
N GLY I 249 59.50 74.35 -27.40
CA GLY I 249 60.26 73.21 -27.90
C GLY I 249 59.42 72.22 -28.69
N GLY I 250 60.08 71.40 -29.49
CA GLY I 250 59.39 70.41 -30.29
C GLY I 250 59.26 69.07 -29.61
N LEU I 251 58.54 69.04 -28.48
CA LEU I 251 58.35 67.80 -27.73
C LEU I 251 57.24 66.93 -28.30
N GLU I 252 56.52 67.40 -29.32
CA GLU I 252 55.43 66.61 -29.91
C GLU I 252 55.95 65.48 -30.79
N ALA I 253 57.21 65.54 -31.23
CA ALA I 253 57.77 64.50 -32.08
C ALA I 253 58.30 63.31 -31.28
N ILE I 254 58.37 63.42 -29.96
CA ILE I 254 58.88 62.34 -29.10
C ILE I 254 57.70 61.54 -28.58
N ASP I 255 57.92 60.25 -28.38
CA ASP I 255 56.87 59.32 -27.94
C ASP I 255 57.09 58.80 -26.53
N GLU I 256 58.34 58.54 -26.13
CA GLU I 256 58.61 57.91 -24.85
C GLU I 256 58.49 58.85 -23.67
N ILE I 257 58.31 60.16 -23.90
CA ILE I 257 58.22 61.11 -22.80
C ILE I 257 56.98 60.84 -21.98
N SER I 258 57.13 60.77 -20.67
CA SER I 258 56.03 60.53 -19.76
C SER I 258 55.68 61.73 -18.88
N MET I 259 56.58 62.70 -18.76
CA MET I 259 56.31 63.90 -17.96
C MET I 259 57.17 65.03 -18.49
N VAL I 260 56.66 66.25 -18.35
CA VAL I 260 57.33 67.45 -18.86
C VAL I 260 57.41 68.48 -17.74
N ALA I 261 58.53 69.19 -17.67
CA ALA I 261 58.74 70.21 -16.66
C ALA I 261 59.47 71.40 -17.27
N VAL I 262 59.23 72.58 -16.69
CA VAL I 262 59.91 73.81 -17.07
C VAL I 262 60.54 74.38 -15.81
N PRO I 263 61.64 73.81 -15.33
CA PRO I 263 62.17 74.22 -14.02
C PRO I 263 62.55 75.69 -13.95
N ASP I 264 63.11 76.25 -15.02
CA ASP I 264 63.60 77.62 -15.00
C ASP I 264 62.57 78.46 -15.74
N LEU I 265 61.55 78.86 -15.01
CA LEU I 265 60.54 79.83 -15.43
C LEU I 265 60.37 80.96 -14.43
N MET I 266 60.48 80.67 -13.13
CA MET I 266 60.38 81.71 -12.11
C MET I 266 61.59 82.63 -12.11
N ALA I 267 62.70 82.21 -12.72
CA ALA I 267 63.88 83.07 -12.79
C ALA I 267 63.59 84.34 -13.59
N ALA I 268 62.93 84.19 -14.74
CA ALA I 268 62.56 85.37 -15.52
C ALA I 268 61.58 86.24 -14.77
N TYR I 269 60.69 85.62 -13.99
CA TYR I 269 59.74 86.38 -13.18
C TYR I 269 60.45 87.15 -12.06
N GLN I 270 61.54 86.59 -11.52
CA GLN I 270 62.20 87.21 -10.38
C GLN I 270 62.99 88.44 -10.80
N ARG I 271 63.74 88.36 -11.91
CA ARG I 271 64.60 89.45 -12.33
C ARG I 271 64.09 90.17 -13.58
N GLY I 272 63.59 89.44 -14.57
CA GLY I 272 63.15 90.06 -15.80
C GLY I 272 61.84 90.80 -15.72
N ALA I 273 61.06 90.59 -14.66
CA ALA I 273 59.76 91.22 -14.48
C ALA I 273 58.85 90.96 -15.67
N ILE I 274 58.56 89.67 -15.87
CA ILE I 274 57.73 89.23 -17.00
C ILE I 274 56.25 89.17 -16.60
N ASP I 275 55.90 89.74 -15.46
CA ASP I 275 54.52 89.81 -14.98
C ASP I 275 53.96 88.41 -14.72
N LEU I 276 52.70 88.33 -14.30
CA LEU I 276 52.07 87.05 -14.04
C LEU I 276 51.26 86.53 -15.22
N GLU I 277 50.83 87.41 -16.12
CA GLU I 277 50.03 86.97 -17.27
C GLU I 277 50.84 86.06 -18.18
N ALA I 278 52.11 86.39 -18.42
CA ALA I 278 52.95 85.54 -19.27
C ALA I 278 53.15 84.16 -18.64
N VAL I 279 53.40 84.12 -17.33
CA VAL I 279 53.57 82.83 -16.66
C VAL I 279 52.29 82.01 -16.73
N LYS I 280 51.15 82.66 -16.50
CA LYS I 280 49.86 81.96 -16.58
C LYS I 280 49.61 81.42 -17.98
N ALA I 281 49.92 82.22 -19.01
CA ALA I 281 49.73 81.77 -20.38
C ALA I 281 50.65 80.59 -20.71
N VAL I 282 51.91 80.65 -20.27
CA VAL I 282 52.84 79.55 -20.54
C VAL I 282 52.36 78.27 -19.86
N GLN I 283 51.94 78.37 -18.60
CA GLN I 283 51.46 77.19 -17.89
C GLN I 283 50.18 76.64 -18.52
N LEU I 284 49.27 77.52 -18.95
CA LEU I 284 48.06 77.06 -19.62
C LEU I 284 48.39 76.38 -20.95
N GLY I 285 49.35 76.91 -21.69
CA GLY I 285 49.77 76.24 -22.92
C GLY I 285 50.36 74.88 -22.68
N LEU I 286 51.19 74.75 -21.63
CA LEU I 286 51.73 73.45 -21.28
C LEU I 286 50.62 72.47 -20.88
N ILE I 287 49.63 72.96 -20.12
CA ILE I 287 48.50 72.11 -19.73
C ILE I 287 47.73 71.66 -20.96
N ALA I 288 47.50 72.57 -21.91
CA ALA I 288 46.76 72.22 -23.12
C ALA I 288 47.55 71.20 -23.96
N HIS I 289 48.86 71.37 -24.05
CA HIS I 289 49.68 70.39 -24.77
C HIS I 289 49.61 69.02 -24.11
N CYS I 290 49.69 68.98 -22.78
CA CYS I 290 49.58 67.70 -22.07
C CYS I 290 48.22 67.05 -22.31
N GLU I 291 47.16 67.87 -22.29
CA GLU I 291 45.78 67.35 -22.52
C GLU I 291 45.70 66.79 -23.94
N LEU I 292 46.24 67.52 -24.93
CA LEU I 292 46.16 67.09 -26.31
C LEU I 292 46.91 65.79 -26.54
N MET I 293 48.11 65.67 -25.96
CA MET I 293 48.88 64.44 -26.13
C MET I 293 48.17 63.25 -25.51
N GLY I 294 47.60 63.41 -24.33
CA GLY I 294 46.88 62.33 -23.69
C GLY I 294 47.75 61.24 -23.11
N ASP I 295 49.05 61.51 -22.94
CA ASP I 295 49.97 60.52 -22.40
C ASP I 295 50.87 61.06 -21.30
N ARG I 296 51.00 62.37 -21.14
CA ARG I 296 51.97 62.96 -20.24
C ARG I 296 51.26 63.69 -19.11
N VAL I 297 52.00 63.92 -18.02
CA VAL I 297 51.48 64.55 -16.82
C VAL I 297 52.38 65.73 -16.47
N ALA I 298 51.77 66.86 -16.13
CA ALA I 298 52.49 68.10 -15.88
C ALA I 298 52.73 68.31 -14.39
N ILE I 299 53.87 68.91 -14.06
CA ILE I 299 54.23 69.26 -12.69
C ILE I 299 54.31 70.78 -12.59
N ILE I 300 53.62 71.33 -11.59
CA ILE I 300 53.48 72.77 -11.45
C ILE I 300 53.99 73.20 -10.08
N ASP I 301 54.52 74.42 -10.03
CA ASP I 301 55.01 75.05 -8.82
C ASP I 301 54.44 76.45 -8.70
N PRO I 302 54.28 76.95 -7.48
CA PRO I 302 53.70 78.29 -7.30
C PRO I 302 54.79 79.34 -7.26
N PRO I 303 54.42 80.63 -7.26
CA PRO I 303 55.42 81.69 -7.08
C PRO I 303 56.12 81.57 -5.74
N PRO I 304 57.37 82.02 -5.64
CA PRO I 304 58.20 81.72 -4.46
C PRO I 304 57.65 82.18 -3.13
N ASN I 305 57.38 83.48 -2.99
CA ASN I 305 57.10 84.04 -1.68
C ASN I 305 55.60 84.11 -1.40
N GLN I 306 55.06 83.04 -0.82
CA GLN I 306 53.67 83.01 -0.39
C GLN I 306 53.56 82.18 0.88
N ASN I 307 52.44 82.35 1.58
CA ASN I 307 52.13 81.57 2.77
C ASN I 307 50.66 81.17 2.70
N ALA I 308 50.14 80.69 3.83
CA ALA I 308 48.74 80.29 3.89
C ALA I 308 47.83 81.50 3.69
N ARG I 309 46.60 81.25 3.23
CA ARG I 309 45.59 82.27 2.96
C ARG I 309 45.96 83.10 1.73
N GLN I 310 47.12 82.84 1.15
CA GLN I 310 47.50 83.42 -0.14
C GLN I 310 47.49 82.41 -1.27
N ILE I 311 48.17 81.27 -1.08
CA ILE I 311 48.14 80.22 -2.11
C ILE I 311 46.71 79.73 -2.33
N ARG I 312 45.96 79.56 -1.24
CA ARG I 312 44.56 79.17 -1.36
C ARG I 312 43.76 80.18 -2.17
N VAL I 313 44.20 81.43 -2.21
CA VAL I 313 43.60 82.40 -3.11
C VAL I 313 44.16 82.23 -4.52
N TRP I 314 45.50 82.12 -4.62
CA TRP I 314 46.15 82.06 -5.92
C TRP I 314 45.68 80.85 -6.73
N ARG I 315 45.30 79.77 -6.05
CA ARG I 315 44.80 78.57 -6.72
C ARG I 315 43.37 78.74 -7.23
N GLN I 316 42.56 79.59 -6.61
CA GLN I 316 41.15 79.63 -6.92
C GLN I 316 40.70 80.85 -7.72
N GLU I 317 41.26 82.04 -7.42
CA GLU I 317 40.87 83.24 -8.14
C GLU I 317 41.77 83.55 -9.33
N THR I 318 42.90 82.90 -9.46
CA THR I 318 43.84 83.24 -10.52
C THR I 318 44.29 82.04 -11.34
N ALA I 319 44.43 80.86 -10.74
CA ALA I 319 45.06 79.71 -11.37
C ALA I 319 44.22 78.46 -11.17
N GLY I 320 42.93 78.55 -11.50
CA GLY I 320 42.04 77.41 -11.31
C GLY I 320 42.54 76.15 -12.00
N TYR I 321 42.99 76.28 -13.25
CA TYR I 321 43.73 75.24 -13.95
C TYR I 321 42.92 73.97 -14.16
N ASP I 322 42.63 73.25 -13.07
CA ASP I 322 42.04 71.90 -13.09
C ASP I 322 42.63 71.04 -14.20
N SER I 323 41.78 70.56 -15.10
CA SER I 323 42.11 69.79 -16.30
C SER I 323 42.57 68.37 -16.01
N LYS I 324 42.69 67.97 -14.74
CA LYS I 324 42.96 66.60 -14.30
C LYS I 324 44.31 66.07 -14.77
N TYR I 325 45.11 66.87 -15.47
CA TYR I 325 46.37 66.44 -16.05
C TYR I 325 47.55 67.20 -15.45
N ALA I 326 47.54 67.42 -14.14
CA ALA I 326 48.61 68.19 -13.52
C ALA I 326 48.72 67.81 -12.05
N ALA I 327 49.87 68.17 -11.47
CA ALA I 327 50.09 68.04 -10.04
C ALA I 327 50.92 69.21 -9.56
N LEU I 328 50.43 69.90 -8.54
CA LEU I 328 51.06 71.12 -8.04
C LEU I 328 51.73 70.84 -6.71
N TYR I 329 52.98 71.29 -6.56
CA TYR I 329 53.75 71.09 -5.34
C TYR I 329 54.10 72.45 -4.75
N TYR I 330 53.56 72.74 -3.57
CA TYR I 330 53.58 74.07 -2.98
C TYR I 330 54.96 74.54 -2.52
N PRO I 331 55.59 73.92 -1.52
CA PRO I 331 56.75 74.57 -0.88
C PRO I 331 58.03 74.38 -1.68
N TRP I 332 58.87 75.41 -1.65
CA TRP I 332 60.16 75.38 -2.32
C TRP I 332 61.20 74.69 -1.44
N ILE I 333 62.30 74.26 -2.07
CA ILE I 333 63.34 73.49 -1.40
C ILE I 333 64.64 74.27 -1.43
N LYS I 334 65.27 74.41 -0.27
CA LYS I 334 66.58 75.05 -0.18
C LYS I 334 67.66 74.00 -0.39
N SER I 335 68.54 74.23 -1.36
CA SER I 335 69.56 73.27 -1.76
C SER I 335 70.91 73.95 -1.86
N PHE I 336 71.96 73.13 -1.89
CA PHE I 336 73.33 73.60 -1.93
C PHE I 336 73.79 73.85 -3.37
N ASP I 337 74.72 74.78 -3.50
CA ASP I 337 75.32 75.11 -4.80
C ASP I 337 76.84 75.07 -4.63
N PRO I 338 77.54 74.18 -5.35
CA PRO I 338 79.00 74.11 -5.20
C PRO I 338 79.74 75.20 -5.95
N ALA I 339 79.11 75.86 -6.93
CA ALA I 339 79.79 76.93 -7.65
C ALA I 339 80.16 78.07 -6.71
N THR I 340 79.24 78.44 -5.82
CA THR I 340 79.54 79.36 -4.73
C THR I 340 79.57 78.67 -3.38
N GLY I 341 79.20 77.40 -3.31
CA GLY I 341 79.16 76.69 -2.05
C GLY I 341 78.17 77.29 -1.05
N GLN I 342 76.98 77.66 -1.53
CA GLN I 342 76.02 78.36 -0.70
C GLN I 342 74.64 77.76 -0.88
N SER I 343 73.78 77.97 0.12
CA SER I 343 72.42 77.46 0.08
C SER I 343 71.49 78.49 -0.55
N ARG I 344 70.59 78.02 -1.41
CA ARG I 344 69.63 78.90 -2.06
C ARG I 344 68.39 78.11 -2.42
N LEU I 345 67.29 78.84 -2.63
CA LEU I 345 65.98 78.23 -2.84
C LEU I 345 65.75 77.90 -4.30
N VAL I 346 65.19 76.71 -4.54
CA VAL I 346 64.82 76.28 -5.90
C VAL I 346 63.45 75.62 -5.84
N PRO I 347 62.71 75.70 -6.94
CA PRO I 347 61.41 75.05 -6.99
C PRO I 347 61.54 73.54 -6.98
N PRO I 348 60.55 72.82 -6.50
CA PRO I 348 60.58 71.33 -6.50
C PRO I 348 60.05 70.74 -7.80
N SER I 349 60.86 70.82 -8.86
CA SER I 349 60.47 70.35 -10.18
C SER I 349 61.10 69.02 -10.54
N GLY I 350 62.43 68.91 -10.45
CA GLY I 350 63.09 67.67 -10.80
C GLY I 350 63.03 66.61 -9.71
N HIS I 351 62.95 67.04 -8.44
CA HIS I 351 62.95 66.08 -7.34
C HIS I 351 61.70 65.21 -7.37
N VAL I 352 60.54 65.79 -7.66
CA VAL I 352 59.31 65.01 -7.71
C VAL I 352 59.34 64.04 -8.89
N ALA I 353 59.91 64.47 -10.02
CA ALA I 353 60.06 63.55 -11.15
C ALA I 353 60.98 62.39 -10.81
N GLY I 354 62.08 62.67 -10.11
CA GLY I 354 62.95 61.60 -9.68
C GLY I 354 62.27 60.65 -8.71
N ILE I 355 61.46 61.19 -7.80
CA ILE I 355 60.72 60.36 -6.87
C ILE I 355 59.73 59.47 -7.62
N TRP I 356 59.05 60.04 -8.63
CA TRP I 356 58.13 59.25 -9.44
C TRP I 356 58.86 58.12 -10.16
N ALA I 357 60.04 58.41 -10.74
CA ALA I 357 60.80 57.38 -11.42
C ALA I 357 61.26 56.30 -10.45
N ARG I 358 61.70 56.70 -9.26
CA ARG I 358 62.12 55.73 -8.25
C ARG I 358 60.97 54.82 -7.83
N ASN I 359 59.78 55.41 -7.63
CA ASN I 359 58.62 54.61 -7.25
C ASN I 359 58.22 53.66 -8.38
N ASP I 360 58.30 54.13 -9.63
CA ASP I 360 57.96 53.27 -10.75
C ASP I 360 58.98 52.16 -10.98
N SER I 361 60.23 52.39 -10.55
CA SER I 361 61.26 51.36 -10.72
C SER I 361 61.22 50.34 -9.60
N GLU I 362 61.25 50.79 -8.34
CA GLU I 362 61.26 49.85 -7.22
C GLU I 362 59.97 49.06 -7.14
N ARG I 363 58.83 49.73 -7.16
CA ARG I 363 57.52 49.11 -7.10
C ARG I 363 56.77 49.36 -8.40
N GLY I 364 55.54 48.86 -8.47
CA GLY I 364 54.72 49.06 -9.63
C GLY I 364 54.23 50.50 -9.74
N VAL I 365 53.72 50.83 -10.92
CA VAL I 365 53.19 52.17 -11.17
C VAL I 365 51.90 52.43 -10.41
N HIS I 366 51.27 51.38 -9.86
CA HIS I 366 50.03 51.54 -9.12
C HIS I 366 50.24 52.07 -7.70
N LYS I 367 51.48 52.15 -7.23
CA LYS I 367 51.77 52.66 -5.90
C LYS I 367 51.85 54.18 -5.95
N ALA I 368 51.08 54.83 -5.09
CA ALA I 368 51.05 56.28 -5.06
C ALA I 368 52.31 56.82 -4.39
N PRO I 369 53.05 57.72 -5.02
CA PRO I 369 54.23 58.31 -4.37
C PRO I 369 53.86 59.28 -3.27
N ALA I 370 53.31 58.76 -2.17
CA ALA I 370 52.82 59.60 -1.09
C ALA I 370 53.82 59.78 0.04
N ASN I 371 54.65 58.78 0.33
CA ASN I 371 55.59 58.84 1.44
C ASN I 371 56.98 58.53 0.90
N GLU I 372 57.67 59.56 0.41
CA GLU I 372 59.03 59.43 -0.10
C GLU I 372 59.86 60.59 0.41
N VAL I 373 61.16 60.32 0.61
CA VAL I 373 62.09 61.28 1.18
C VAL I 373 62.81 62.01 0.06
N VAL I 374 62.86 63.34 0.18
CA VAL I 374 63.48 64.18 -0.88
C VAL I 374 65.00 64.24 -0.63
N ARG I 375 65.73 63.26 -1.16
CA ARG I 375 67.20 63.21 -1.02
C ARG I 375 67.82 64.45 -1.66
N GLY I 376 68.79 65.09 -1.00
CA GLY I 376 69.50 66.23 -1.63
C GLY I 376 68.99 67.60 -1.19
N ALA I 377 68.15 67.67 -0.15
CA ALA I 377 67.58 68.96 0.32
C ALA I 377 68.01 69.22 1.76
N VAL I 378 67.94 70.47 2.21
CA VAL I 378 68.42 70.81 3.58
C VAL I 378 67.31 71.47 4.42
N ASP I 379 66.54 72.42 3.88
CA ASP I 379 65.55 73.16 4.64
C ASP I 379 64.31 73.37 3.77
N LEU I 380 63.34 74.10 4.32
CA LEU I 380 62.11 74.43 3.60
C LEU I 380 61.71 75.88 3.70
N GLU I 381 62.20 76.63 4.69
CA GLU I 381 61.87 78.04 4.91
C GLU I 381 60.38 78.25 5.17
N LEU I 382 59.68 77.21 5.60
CA LEU I 382 58.25 77.31 5.92
C LEU I 382 57.85 76.04 6.66
N GLN I 383 56.91 76.18 7.60
CA GLN I 383 56.41 75.07 8.39
C GLN I 383 54.89 75.02 8.31
N ILE I 384 54.34 73.81 8.20
CA ILE I 384 52.91 73.60 8.08
C ILE I 384 52.44 72.76 9.26
N THR I 385 51.39 73.23 9.93
CA THR I 385 50.80 72.49 11.04
C THR I 385 49.73 71.54 10.50
N ARG I 386 48.97 70.94 11.41
CA ARG I 386 47.89 70.00 10.99
C ARG I 386 46.72 70.80 10.41
N GLY I 387 46.37 71.92 11.04
CA GLY I 387 45.23 72.69 10.56
C GLY I 387 45.44 73.28 9.18
N GLU I 388 46.64 73.82 8.92
CA GLU I 388 46.92 74.38 7.60
C GLU I 388 46.88 73.29 6.53
N GLN I 389 47.43 72.11 6.83
CA GLN I 389 47.32 71.00 5.89
C GLN I 389 45.87 70.58 5.68
N ASP I 390 45.07 70.56 6.74
CA ASP I 390 43.65 70.25 6.62
C ASP I 390 42.91 71.31 5.82
N LEU I 391 43.44 72.53 5.73
CA LEU I 391 42.86 73.55 4.86
C LEU I 391 43.31 73.42 3.41
N LEU I 392 44.48 72.82 3.18
CA LEU I 392 45.00 72.67 1.82
C LEU I 392 44.68 71.30 1.22
N ASN I 393 44.41 70.30 2.05
CA ASN I 393 44.09 68.97 1.54
C ASN I 393 42.84 68.93 0.66
N PRO I 394 41.71 69.56 1.02
CA PRO I 394 40.53 69.47 0.15
C PRO I 394 40.75 69.96 -1.27
N ILE I 395 41.65 70.92 -1.47
CA ILE I 395 42.01 71.37 -2.79
C ILE I 395 43.25 70.59 -3.24
N GLY I 396 43.51 70.61 -4.54
CA GLY I 396 44.58 69.82 -5.10
C GLY I 396 45.97 70.36 -4.85
N VAL I 397 46.29 70.65 -3.59
CA VAL I 397 47.59 71.17 -3.21
C VAL I 397 48.28 70.13 -2.33
N ASN I 398 49.39 69.58 -2.82
CA ASN I 398 50.18 68.65 -2.04
C ASN I 398 51.10 69.42 -1.09
N CYS I 399 51.91 68.69 -0.34
CA CYS I 399 52.77 69.33 0.65
C CYS I 399 54.07 68.56 0.80
N ILE I 400 55.08 69.25 1.30
CA ILE I 400 56.36 68.65 1.68
C ILE I 400 56.55 68.97 3.16
N ARG I 401 56.46 67.95 4.00
CA ARG I 401 56.37 68.11 5.44
C ARG I 401 57.63 67.60 6.12
N SER I 402 58.03 68.30 7.19
CA SER I 402 59.15 67.91 8.03
C SER I 402 58.63 67.23 9.29
N PHE I 403 59.08 66.00 9.51
CA PHE I 403 58.66 65.20 10.65
C PHE I 403 59.81 65.02 11.62
N PRO I 404 59.59 65.21 12.93
CA PRO I 404 60.68 65.14 13.90
C PRO I 404 61.14 63.72 14.17
N GLY I 405 62.03 63.21 13.31
CA GLY I 405 62.53 61.86 13.44
C GLY I 405 62.55 61.13 12.13
N ARG I 406 61.89 61.72 11.12
CA ARG I 406 61.84 61.16 9.78
C ARG I 406 62.27 62.12 8.70
N GLY I 407 62.41 63.41 9.00
CA GLY I 407 62.95 64.35 8.03
C GLY I 407 61.93 64.90 7.05
N ILE I 408 62.38 65.24 5.85
CA ILE I 408 61.54 65.87 4.85
C ILE I 408 60.92 64.79 3.98
N ARG I 409 59.58 64.80 3.88
CA ARG I 409 58.86 63.78 3.12
C ARG I 409 57.73 64.42 2.33
N VAL I 410 57.39 63.77 1.21
CA VAL I 410 56.22 64.20 0.45
C VAL I 410 54.95 63.83 1.22
N TRP I 411 53.85 64.53 0.91
CA TRP I 411 52.61 64.31 1.65
C TRP I 411 51.43 64.76 0.79
N GLY I 412 50.50 63.85 0.53
CA GLY I 412 49.21 64.19 -0.02
C GLY I 412 48.82 63.49 -1.31
N ALA I 413 49.75 63.41 -2.26
CA ALA I 413 49.60 62.66 -3.50
C ALA I 413 48.22 62.86 -4.14
N ARG I 414 47.96 64.10 -4.55
CA ARG I 414 46.70 64.45 -5.19
C ARG I 414 46.98 65.24 -6.46
N THR I 415 45.91 65.58 -7.18
CA THR I 415 45.99 66.28 -8.45
C THR I 415 44.95 67.40 -8.51
N LEU I 416 45.01 68.16 -9.60
CA LEU I 416 44.09 69.28 -9.83
C LEU I 416 42.93 68.79 -10.68
N SER I 417 41.83 68.40 -10.04
CA SER I 417 40.66 67.91 -10.77
C SER I 417 39.43 68.06 -9.88
N SER I 418 38.45 68.84 -10.34
CA SER I 418 37.21 68.98 -9.60
C SER I 418 36.38 67.70 -9.64
N ASP I 419 36.43 66.98 -10.75
CA ASP I 419 35.68 65.75 -10.91
C ASP I 419 36.19 64.71 -9.93
N PRO I 420 35.33 64.14 -9.07
CA PRO I 420 35.80 63.12 -8.11
C PRO I 420 36.25 61.81 -8.75
N ALA I 421 36.12 61.65 -10.06
CA ALA I 421 36.53 60.40 -10.70
C ALA I 421 38.04 60.25 -10.78
N TRP I 422 38.76 61.36 -10.91
CA TRP I 422 40.21 61.31 -11.08
C TRP I 422 40.92 62.08 -9.96
N ARG I 423 40.49 61.85 -8.72
CA ARG I 423 41.08 62.55 -7.59
C ARG I 423 42.56 62.19 -7.41
N TYR I 424 42.92 60.93 -7.59
CA TYR I 424 44.24 60.43 -7.24
C TYR I 424 45.12 60.30 -8.49
N LEU I 425 46.43 60.45 -8.28
CA LEU I 425 47.39 60.41 -9.37
C LEU I 425 47.62 58.99 -9.88
N ASN I 426 47.66 58.01 -8.96
CA ASN I 426 48.01 56.65 -9.35
C ASN I 426 46.98 56.05 -10.30
N ILE I 427 45.70 56.39 -10.12
CA ILE I 427 44.67 55.92 -11.03
C ILE I 427 44.93 56.43 -12.44
N ARG I 428 45.24 57.73 -12.55
CA ARG I 428 45.52 58.32 -13.86
C ARG I 428 46.75 57.68 -14.50
N ARG I 429 47.80 57.47 -13.71
CA ARG I 429 49.02 56.86 -14.26
C ARG I 429 48.75 55.45 -14.75
N TYR I 430 48.03 54.65 -13.96
CA TYR I 430 47.73 53.28 -14.36
C TYR I 430 46.84 53.25 -15.60
N PHE I 431 45.86 54.15 -15.69
CA PHE I 431 45.01 54.20 -16.87
C PHE I 431 45.80 54.60 -18.11
N ASN I 432 46.71 55.56 -17.97
CA ASN I 432 47.56 55.93 -19.09
C ASN I 432 48.42 54.76 -19.54
N TYR I 433 49.00 54.02 -18.59
CA TYR I 433 49.82 52.86 -18.93
C TYR I 433 49.00 51.81 -19.67
N LEU I 434 47.81 51.50 -19.16
CA LEU I 434 46.96 50.50 -19.81
C LEU I 434 46.55 50.94 -21.21
N GLU I 435 46.16 52.21 -21.36
CA GLU I 435 45.75 52.70 -22.67
C GLU I 435 46.90 52.64 -23.67
N GLU I 436 48.10 53.05 -23.24
CA GLU I 436 49.24 53.00 -24.14
C GLU I 436 49.56 51.56 -24.54
N SER I 437 49.56 50.63 -23.58
CA SER I 437 49.85 49.24 -23.90
C SER I 437 48.83 48.67 -24.88
N ILE I 438 47.55 48.94 -24.63
CA ILE I 438 46.49 48.41 -25.50
C ILE I 438 46.61 49.00 -26.90
N LEU I 439 46.85 50.31 -27.00
CA LEU I 439 46.97 50.94 -28.31
C LEU I 439 48.16 50.39 -29.08
N ILE I 440 49.30 50.19 -28.41
CA ILE I 440 50.47 49.70 -29.11
C ILE I 440 50.31 48.24 -29.54
N GLY I 441 49.78 47.38 -28.68
CA GLY I 441 49.76 45.96 -28.98
C GLY I 441 48.46 45.39 -29.47
N THR I 442 47.77 46.10 -30.37
CA THR I 442 46.48 45.62 -30.87
C THR I 442 46.32 45.85 -32.38
N GLN I 443 47.28 46.49 -33.04
CA GLN I 443 47.07 46.96 -34.40
C GLN I 443 46.83 45.83 -35.40
N TRP I 444 47.15 44.59 -35.05
CA TRP I 444 46.97 43.48 -35.99
C TRP I 444 45.50 43.12 -36.22
N VAL I 445 44.58 43.65 -35.43
CA VAL I 445 43.18 43.23 -35.51
C VAL I 445 42.42 43.89 -36.66
N VAL I 446 42.95 44.98 -37.21
CA VAL I 446 42.25 45.71 -38.26
C VAL I 446 42.24 44.89 -39.55
N PHE I 447 41.14 45.01 -40.31
CA PHE I 447 40.96 44.33 -41.58
C PHE I 447 41.05 42.80 -41.41
N GLU I 448 40.08 42.29 -40.68
CA GLU I 448 39.95 40.87 -40.40
C GLU I 448 38.57 40.38 -40.82
N PRO I 449 38.41 39.07 -41.04
CA PRO I 449 37.11 38.55 -41.51
C PRO I 449 35.94 38.85 -40.58
N ASN I 450 36.19 39.17 -39.31
CA ASN I 450 35.17 39.59 -38.36
C ASN I 450 34.13 38.48 -38.14
N ASP I 451 34.64 37.35 -37.65
CA ASP I 451 33.79 36.24 -37.25
C ASP I 451 33.98 35.98 -35.75
N HIS I 452 33.27 35.00 -35.20
CA HIS I 452 33.37 34.71 -33.77
C HIS I 452 34.74 34.21 -33.35
N ASN I 453 35.54 33.68 -34.28
CA ASN I 453 36.91 33.30 -33.95
C ASN I 453 37.73 34.51 -33.54
N LEU I 454 37.55 35.63 -34.26
CA LEU I 454 38.25 36.86 -33.89
C LEU I 454 37.83 37.34 -32.50
N TRP I 455 36.53 37.25 -32.19
CA TRP I 455 36.07 37.62 -30.86
C TRP I 455 36.70 36.73 -29.79
N ALA I 456 36.77 35.43 -30.04
CA ALA I 456 37.39 34.52 -29.08
C ALA I 456 38.86 34.85 -28.87
N ARG I 457 39.58 35.14 -29.96
CA ARG I 457 41.00 35.47 -29.84
C ARG I 457 41.21 36.76 -29.05
N ILE I 458 40.40 37.79 -29.34
CA ILE I 458 40.53 39.06 -28.63
C ILE I 458 40.23 38.87 -27.15
N ARG I 459 39.16 38.12 -26.84
CA ARG I 459 38.82 37.87 -25.44
C ARG I 459 39.94 37.13 -24.73
N ARG I 460 40.52 36.11 -25.38
CA ARG I 460 41.61 35.35 -24.76
C ARG I 460 42.81 36.25 -24.48
N ASN I 461 43.18 37.10 -25.45
CA ASN I 461 44.34 37.95 -25.25
C ASN I 461 44.11 38.95 -24.13
N VAL I 462 42.95 39.60 -24.11
CA VAL I 462 42.67 40.59 -23.08
C VAL I 462 42.59 39.93 -21.71
N SER I 463 41.97 38.75 -21.63
CA SER I 463 41.88 38.04 -20.36
C SER I 463 43.26 37.65 -19.85
N ALA I 464 44.14 37.18 -20.74
CA ALA I 464 45.50 36.83 -20.31
C ALA I 464 46.24 38.05 -19.79
N PHE I 465 46.14 39.17 -20.50
CA PHE I 465 46.81 40.39 -20.04
C PHE I 465 46.28 40.83 -18.69
N LEU I 466 44.96 40.79 -18.51
CA LEU I 466 44.37 41.25 -17.25
C LEU I 466 44.72 40.31 -16.10
N VAL I 467 44.77 39.00 -16.37
CA VAL I 467 45.17 38.05 -15.33
C VAL I 467 46.62 38.29 -14.92
N ASN I 468 47.50 38.52 -15.90
CA ASN I 468 48.89 38.80 -15.58
C ASN I 468 49.03 40.07 -14.76
N GLU I 469 48.23 41.10 -15.09
CA GLU I 469 48.27 42.33 -14.32
C GLU I 469 47.73 42.12 -12.90
N TRP I 470 46.68 41.31 -12.77
CA TRP I 470 46.05 41.12 -11.46
C TRP I 470 46.92 40.29 -10.53
N ARG I 471 47.66 39.32 -11.06
CA ARG I 471 48.45 38.44 -10.20
C ARG I 471 49.56 39.16 -9.46
N ASN I 472 49.89 40.40 -9.85
CA ASN I 472 50.88 41.21 -9.15
C ASN I 472 50.27 42.03 -8.02
N GLY I 473 48.97 41.93 -7.79
CA GLY I 473 48.33 42.68 -6.73
C GLY I 473 47.95 44.10 -7.08
N ALA I 474 47.79 44.42 -8.36
CA ALA I 474 47.43 45.75 -8.79
C ALA I 474 45.93 45.95 -8.95
N LEU I 475 45.12 44.93 -8.67
CA LEU I 475 43.67 45.03 -8.77
C LEU I 475 43.04 44.52 -7.49
N PHE I 476 41.91 45.13 -7.12
CA PHE I 476 41.22 44.83 -5.86
C PHE I 476 40.24 43.69 -6.09
N GLY I 477 40.55 42.52 -5.53
CA GLY I 477 39.65 41.38 -5.63
C GLY I 477 40.29 40.09 -5.17
N GLN I 478 39.53 39.26 -4.45
CA GLN I 478 40.07 37.96 -3.94
C GLN I 478 40.12 36.95 -5.09
N SER I 479 39.25 37.09 -6.09
CA SER I 479 39.19 36.17 -7.22
C SER I 479 39.24 36.96 -8.52
N PRO I 480 39.72 36.34 -9.60
CA PRO I 480 39.74 37.03 -10.89
C PRO I 480 38.37 37.47 -11.36
N ASP I 481 37.33 36.74 -10.94
CA ASP I 481 35.97 37.10 -11.34
C ASP I 481 35.54 38.43 -10.76
N GLN I 482 36.07 38.79 -9.59
CA GLN I 482 35.71 40.04 -8.92
C GLN I 482 36.65 41.19 -9.26
N ALA I 483 37.64 40.97 -10.12
CA ALA I 483 38.63 41.99 -10.42
C ALA I 483 38.44 42.64 -11.78
N TYR I 484 37.89 41.92 -12.75
CA TYR I 484 37.75 42.45 -14.10
C TYR I 484 36.63 41.70 -14.81
N TYR I 485 36.17 42.27 -15.92
CA TYR I 485 35.20 41.60 -16.77
C TYR I 485 35.37 42.09 -18.20
N VAL I 486 35.42 41.14 -19.14
CA VAL I 486 35.59 41.42 -20.56
C VAL I 486 34.43 40.78 -21.30
N LYS I 487 33.74 41.56 -22.12
CA LYS I 487 32.55 41.09 -22.84
C LYS I 487 32.75 41.34 -24.33
N CYS I 488 32.67 40.26 -25.11
CA CYS I 488 32.74 40.35 -26.57
C CYS I 488 32.02 39.12 -27.12
N ASP I 489 30.77 39.30 -27.53
CA ASP I 489 29.94 38.19 -27.99
C ASP I 489 28.83 38.76 -28.87
N GLU I 490 27.83 37.92 -29.15
CA GLU I 490 26.71 38.34 -29.99
C GLU I 490 25.75 39.28 -29.26
N GLU I 491 25.84 39.37 -27.93
CA GLU I 491 24.98 40.28 -27.19
C GLU I 491 25.38 41.73 -27.38
N THR I 492 26.69 42.01 -27.43
CA THR I 492 27.19 43.36 -27.64
C THR I 492 27.56 43.64 -29.09
N ASN I 493 27.36 42.69 -30.00
CA ASN I 493 27.67 42.85 -31.42
C ASN I 493 26.48 42.41 -32.24
N PRO I 494 25.44 43.24 -32.32
CA PRO I 494 24.27 42.88 -33.13
C PRO I 494 24.60 42.88 -34.60
N PRO I 495 23.80 42.19 -35.42
CA PRO I 495 24.10 42.17 -36.87
C PRO I 495 24.12 43.55 -37.52
N GLU I 496 23.30 44.48 -37.03
CA GLU I 496 23.33 45.84 -37.56
C GLU I 496 24.68 46.50 -37.32
N SER I 497 25.25 46.30 -36.13
CA SER I 497 26.56 46.87 -35.82
C SER I 497 27.66 46.21 -36.65
N VAL I 498 27.60 44.88 -36.82
CA VAL I 498 28.65 44.19 -37.55
C VAL I 498 28.51 44.44 -39.05
N ASP I 499 27.36 44.94 -39.49
CA ASP I 499 27.20 45.30 -40.90
C ASP I 499 28.18 46.40 -41.29
N LEU I 500 28.36 47.40 -40.43
CA LEU I 500 29.28 48.49 -40.70
C LEU I 500 30.73 48.13 -40.42
N GLY I 501 31.00 46.95 -39.87
CA GLY I 501 32.36 46.56 -39.57
C GLY I 501 32.89 47.20 -38.30
N ARG I 502 32.28 46.87 -37.16
CA ARG I 502 32.65 47.45 -35.88
C ARG I 502 32.85 46.35 -34.84
N VAL I 503 33.84 46.56 -33.97
CA VAL I 503 34.10 45.67 -32.84
C VAL I 503 34.14 46.52 -31.58
N VAL I 504 33.52 46.03 -30.51
CA VAL I 504 33.36 46.80 -29.28
C VAL I 504 34.30 46.30 -28.17
N CYS I 505 34.14 45.04 -27.75
CA CYS I 505 35.01 44.40 -26.75
C CYS I 505 35.03 45.22 -25.45
N GLU I 506 33.86 45.26 -24.80
CA GLU I 506 33.73 46.03 -23.57
C GLU I 506 34.64 45.47 -22.48
N ILE I 507 35.34 46.37 -21.80
CA ILE I 507 36.31 46.01 -20.76
C ILE I 507 36.01 46.82 -19.51
N GLY I 508 36.02 46.15 -18.35
CA GLY I 508 35.84 46.83 -17.09
C GLY I 508 36.78 46.30 -16.03
N ILE I 509 37.44 47.21 -15.30
CA ILE I 509 38.43 46.84 -14.29
C ILE I 509 38.09 47.55 -12.98
N ALA I 510 38.63 47.00 -11.89
CA ALA I 510 38.46 47.59 -10.56
C ALA I 510 39.82 47.98 -10.01
N PRO I 511 40.16 49.25 -9.97
CA PRO I 511 41.49 49.68 -9.51
C PRO I 511 41.56 49.67 -7.98
N VAL I 512 42.75 50.00 -7.47
CA VAL I 512 43.02 50.07 -6.04
C VAL I 512 43.34 51.52 -5.69
N LYS I 513 42.93 51.94 -4.51
CA LYS I 513 43.17 53.31 -4.07
C LYS I 513 44.02 53.33 -2.81
N PRO I 514 44.86 54.35 -2.64
CA PRO I 514 45.73 54.40 -1.46
C PRO I 514 44.93 54.66 -0.18
N ALA I 515 45.48 54.17 0.92
CA ALA I 515 44.89 54.38 2.24
C ALA I 515 45.48 55.63 2.85
N GLU I 516 44.64 56.64 3.06
CA GLU I 516 45.09 57.94 3.55
C GLU I 516 44.85 58.11 5.05
N PHE I 517 43.66 57.79 5.55
CA PHE I 517 43.31 57.93 6.95
C PHE I 517 43.25 56.54 7.58
N VAL I 518 44.04 56.32 8.62
CA VAL I 518 44.05 55.08 9.38
C VAL I 518 43.44 55.36 10.75
N ILE I 519 42.41 54.61 11.11
CA ILE I 519 41.65 54.84 12.33
C ILE I 519 41.66 53.57 13.17
N PHE I 520 42.00 53.73 14.45
CA PHE I 520 41.86 52.67 15.44
C PHE I 520 40.74 53.03 16.41
N ARG I 521 40.34 52.06 17.23
CA ARG I 521 39.25 52.24 18.17
C ARG I 521 39.69 52.20 19.61
N LEU I 522 40.38 51.12 20.02
CA LEU I 522 40.86 50.95 21.39
C LEU I 522 39.70 51.03 22.39
N ALA I 523 38.77 50.10 22.24
CA ALA I 523 37.62 50.01 23.12
C ALA I 523 37.87 49.02 24.26
N GLN I 524 37.10 49.16 25.33
CA GLN I 524 37.19 48.31 26.50
C GLN I 524 35.94 47.44 26.56
N PHE I 525 36.12 46.13 26.63
CA PHE I 525 35.02 45.18 26.60
C PHE I 525 35.20 44.12 27.68
N SER I 526 34.11 43.50 28.07
CA SER I 526 34.12 42.45 29.07
C SER I 526 34.51 41.11 28.46
N PRO J 2 11.59 -33.66 -61.93
CA PRO J 2 11.87 -34.81 -62.79
C PRO J 2 10.66 -35.73 -62.93
N SER J 3 10.75 -36.70 -63.84
CA SER J 3 9.67 -37.63 -64.10
C SER J 3 10.03 -39.00 -63.51
N TYR J 4 9.12 -39.55 -62.73
CA TYR J 4 9.29 -40.86 -62.10
C TYR J 4 8.22 -41.79 -62.66
N LEU J 5 8.63 -42.82 -63.38
CA LEU J 5 7.70 -43.75 -64.00
C LEU J 5 8.02 -45.22 -63.76
N SER J 6 9.26 -45.57 -63.41
CA SER J 6 9.64 -46.96 -63.17
C SER J 6 10.40 -47.06 -61.86
N PRO J 7 10.26 -48.18 -61.15
CA PRO J 7 11.00 -48.36 -59.90
C PRO J 7 12.51 -48.40 -60.14
N GLY J 8 13.26 -47.92 -59.16
CA GLY J 8 14.70 -47.91 -59.27
C GLY J 8 15.29 -46.85 -58.36
N VAL J 9 16.58 -46.59 -58.58
CA VAL J 9 17.33 -45.60 -57.81
C VAL J 9 17.76 -44.49 -58.77
N TYR J 10 17.44 -43.25 -58.42
CA TYR J 10 17.76 -42.09 -59.23
C TYR J 10 18.69 -41.16 -58.48
N VAL J 11 19.75 -40.71 -59.13
CA VAL J 11 20.71 -39.78 -58.55
C VAL J 11 20.67 -38.49 -59.33
N GLU J 12 20.37 -37.39 -58.64
CA GLU J 12 20.29 -36.06 -59.26
C GLU J 12 21.08 -35.07 -58.42
N GLU J 13 21.57 -34.03 -59.09
CA GLU J 13 22.38 -32.99 -58.45
C GLU J 13 21.59 -31.69 -58.40
N VAL J 14 21.46 -31.12 -57.20
CA VAL J 14 20.78 -29.84 -57.07
C VAL J 14 21.75 -28.70 -57.39
N ALA J 15 21.29 -27.77 -58.22
CA ALA J 15 22.11 -26.68 -58.71
C ALA J 15 22.52 -25.71 -57.61
N SER J 16 21.87 -25.79 -56.45
CA SER J 16 22.18 -24.89 -55.34
C SER J 16 23.62 -25.07 -54.88
N GLY J 17 24.41 -24.01 -54.98
CA GLY J 17 25.81 -24.08 -54.61
C GLY J 17 26.47 -22.73 -54.79
N SER J 18 27.76 -22.75 -55.12
CA SER J 18 28.55 -21.54 -55.33
C SER J 18 29.09 -21.52 -56.75
N ARG J 19 29.01 -20.35 -57.39
CA ARG J 19 29.51 -20.15 -58.75
C ARG J 19 30.38 -18.90 -58.75
N PRO J 20 31.66 -19.03 -58.39
CA PRO J 20 32.53 -17.85 -58.28
C PRO J 20 32.73 -17.17 -59.62
N ILE J 21 32.96 -15.86 -59.56
CA ILE J 21 33.22 -15.03 -60.74
C ILE J 21 34.67 -14.56 -60.68
N GLU J 22 35.40 -14.76 -61.78
CA GLU J 22 36.80 -14.41 -61.86
C GLU J 22 36.99 -13.12 -62.66
N GLY J 23 38.15 -12.49 -62.45
CA GLY J 23 38.49 -11.27 -63.16
C GLY J 23 39.04 -11.54 -64.54
N VAL J 24 39.47 -10.45 -65.17
CA VAL J 24 40.02 -10.51 -66.53
C VAL J 24 41.35 -9.77 -66.55
N GLY J 25 42.19 -10.11 -67.54
CA GLY J 25 43.48 -9.47 -67.67
C GLY J 25 43.37 -8.16 -68.44
N THR J 26 43.94 -7.10 -67.87
CA THR J 26 43.87 -5.77 -68.47
C THR J 26 45.27 -5.24 -68.79
N SER J 27 46.13 -6.07 -69.36
CA SER J 27 47.50 -5.69 -69.67
C SER J 27 47.85 -6.06 -71.11
N VAL J 28 46.94 -5.78 -72.04
CA VAL J 28 47.15 -6.02 -73.46
C VAL J 28 46.95 -4.71 -74.21
N ALA J 29 47.88 -4.37 -75.09
CA ALA J 29 47.81 -3.16 -75.88
C ALA J 29 48.01 -3.49 -77.35
N ALA J 30 47.37 -2.71 -78.22
CA ALA J 30 47.42 -2.91 -79.66
C ALA J 30 47.99 -1.66 -80.32
N PHE J 31 49.10 -1.82 -81.03
CA PHE J 31 49.78 -0.72 -81.71
C PHE J 31 49.58 -0.85 -83.21
N VAL J 32 49.17 0.26 -83.84
CA VAL J 32 48.98 0.32 -85.28
C VAL J 32 50.03 1.27 -85.85
N GLY J 33 50.80 0.80 -86.82
CA GLY J 33 51.85 1.62 -87.37
C GLY J 33 52.39 1.04 -88.67
N LEU J 34 53.48 1.62 -89.13
CA LEU J 34 54.15 1.18 -90.35
C LEU J 34 55.50 0.56 -90.02
N ALA J 35 55.83 -0.52 -90.73
CA ALA J 35 57.04 -1.27 -90.53
C ALA J 35 57.68 -1.55 -91.89
N PRO J 36 59.00 -1.75 -91.94
CA PRO J 36 59.64 -2.00 -93.24
C PRO J 36 59.15 -3.28 -93.91
N THR J 37 59.24 -4.42 -93.24
CA THR J 37 58.81 -5.69 -93.79
C THR J 37 58.06 -6.49 -92.74
N GLY J 38 57.17 -7.36 -93.20
CA GLY J 38 56.40 -8.20 -92.32
C GLY J 38 55.01 -8.47 -92.86
N PRO J 39 54.19 -9.17 -92.07
CA PRO J 39 52.80 -9.43 -92.49
C PRO J 39 52.03 -8.13 -92.64
N LEU J 40 51.11 -8.12 -93.60
CA LEU J 40 50.34 -6.93 -93.95
C LEU J 40 48.89 -7.11 -93.53
N ASN J 41 48.37 -6.13 -92.80
CA ASN J 41 46.96 -6.10 -92.37
C ASN J 41 46.59 -7.34 -91.57
N GLU J 42 47.50 -7.80 -90.72
CA GLU J 42 47.25 -8.94 -89.86
C GLU J 42 47.64 -8.57 -88.43
N PRO J 43 46.73 -8.72 -87.46
CA PRO J 43 47.06 -8.37 -86.07
C PRO J 43 47.95 -9.40 -85.41
N THR J 44 49.26 -9.31 -85.63
CA THR J 44 50.19 -10.27 -85.08
C THR J 44 50.31 -10.11 -83.56
N LEU J 45 50.64 -11.20 -82.88
CA LEU J 45 50.81 -11.21 -81.44
C LEU J 45 52.28 -11.33 -81.08
N VAL J 46 52.77 -10.43 -80.24
CA VAL J 46 54.17 -10.40 -79.83
C VAL J 46 54.22 -10.42 -78.30
N THR J 47 55.21 -11.12 -77.75
CA THR J 47 55.39 -11.17 -76.30
C THR J 47 56.84 -10.98 -75.87
N ASN J 48 57.75 -10.73 -76.81
CA ASN J 48 59.15 -10.52 -76.50
C ASN J 48 59.80 -9.89 -77.73
N TRP J 49 60.84 -9.09 -77.51
CA TRP J 49 61.47 -8.35 -78.64
C TRP J 49 61.96 -9.33 -79.72
N THR J 50 62.49 -10.49 -79.32
CA THR J 50 63.03 -11.39 -80.33
C THR J 50 62.00 -11.72 -81.39
N GLN J 51 60.74 -11.93 -80.98
CA GLN J 51 59.68 -12.19 -81.94
C GLN J 51 59.48 -10.99 -82.86
N TYR J 52 59.49 -9.78 -82.30
CA TYR J 52 59.33 -8.58 -83.12
C TYR J 52 60.49 -8.42 -84.09
N VAL J 53 61.71 -8.72 -83.64
CA VAL J 53 62.88 -8.63 -84.52
C VAL J 53 62.74 -9.63 -85.66
N ALA J 54 62.35 -10.87 -85.35
CA ALA J 54 62.20 -11.90 -86.37
C ALA J 54 61.06 -11.62 -87.33
N ALA J 55 60.02 -10.91 -86.90
CA ALA J 55 58.86 -10.69 -87.75
C ALA J 55 58.93 -9.38 -88.53
N PHE J 56 59.02 -8.25 -87.83
CA PHE J 56 58.88 -6.94 -88.45
C PHE J 56 60.20 -6.18 -88.59
N GLY J 57 61.33 -6.83 -88.35
CA GLY J 57 62.61 -6.14 -88.41
C GLY J 57 62.84 -5.30 -87.17
N ASP J 58 63.91 -4.49 -87.23
CA ASP J 58 64.30 -3.67 -86.08
C ASP J 58 65.16 -2.51 -86.55
N PHE J 59 64.64 -1.28 -86.38
CA PHE J 59 65.42 -0.06 -86.51
C PHE J 59 66.15 0.05 -87.85
N THR J 60 65.40 0.11 -88.95
CA THR J 60 66.01 0.29 -90.27
C THR J 60 65.33 1.34 -91.14
N GLY J 61 64.09 1.73 -90.86
CA GLY J 61 63.39 2.68 -91.70
C GLY J 61 63.13 4.02 -91.04
N GLY J 62 63.58 4.17 -89.80
CA GLY J 62 63.34 5.41 -89.07
C GLY J 62 61.89 5.67 -88.77
N TYR J 63 61.15 4.65 -88.36
CA TYR J 63 59.74 4.78 -88.01
C TYR J 63 59.55 4.77 -86.51
N TYR J 64 58.37 5.19 -86.08
CA TYR J 64 58.06 5.30 -84.65
C TYR J 64 57.46 4.04 -84.05
N LEU J 65 57.21 3.01 -84.85
CA LEU J 65 56.64 1.78 -84.31
C LEU J 65 57.67 1.02 -83.49
N ALA J 66 58.90 0.90 -84.00
CA ALA J 66 59.93 0.15 -83.29
C ALA J 66 60.26 0.82 -81.96
N HIS J 67 60.39 2.15 -81.95
CA HIS J 67 60.68 2.85 -80.71
C HIS J 67 59.56 2.66 -79.70
N SER J 68 58.30 2.76 -80.14
CA SER J 68 57.18 2.58 -79.23
C SER J 68 57.13 1.18 -78.66
N VAL J 69 57.37 0.16 -79.50
CA VAL J 69 57.37 -1.21 -79.02
C VAL J 69 58.50 -1.45 -78.02
N TYR J 70 59.69 -0.92 -78.32
CA TYR J 70 60.81 -1.07 -77.40
C TYR J 70 60.54 -0.39 -76.07
N GLY J 71 59.92 0.80 -76.11
CA GLY J 71 59.57 1.47 -74.87
C GLY J 71 58.51 0.72 -74.09
N PHE J 72 57.53 0.14 -74.79
CA PHE J 72 56.49 -0.63 -74.11
C PHE J 72 57.08 -1.85 -73.42
N PHE J 73 57.99 -2.55 -74.09
CA PHE J 73 58.63 -3.71 -73.47
C PHE J 73 59.66 -3.31 -72.42
N ASN J 74 60.13 -2.07 -72.45
CA ASN J 74 61.09 -1.61 -71.44
C ASN J 74 60.43 -1.30 -70.12
N ASN J 75 59.14 -0.93 -70.13
CA ASN J 75 58.42 -0.54 -68.92
C ASN J 75 57.63 -1.69 -68.31
N GLY J 76 57.93 -2.92 -68.68
CA GLY J 76 57.28 -4.06 -68.08
C GLY J 76 56.05 -4.57 -68.79
N GLY J 77 56.00 -4.45 -70.12
CA GLY J 77 54.88 -4.98 -70.86
C GLY J 77 54.86 -6.50 -70.85
N SER J 78 53.67 -7.06 -71.10
CA SER J 78 53.46 -8.50 -71.07
C SER J 78 53.16 -9.07 -72.44
N ALA J 79 52.13 -8.55 -73.12
CA ALA J 79 51.76 -9.05 -74.44
C ALA J 79 51.20 -7.90 -75.25
N ALA J 80 51.48 -7.90 -76.55
CA ALA J 80 51.07 -6.81 -77.42
C ALA J 80 50.56 -7.35 -78.74
N TYR J 81 49.72 -6.55 -79.40
CA TYR J 81 49.25 -6.81 -80.75
C TYR J 81 49.82 -5.75 -81.67
N VAL J 82 50.22 -6.16 -82.88
CA VAL J 82 50.86 -5.27 -83.83
C VAL J 82 50.08 -5.32 -85.14
N VAL J 83 49.76 -4.15 -85.68
CA VAL J 83 49.14 -4.01 -86.98
C VAL J 83 50.04 -3.13 -87.85
N ARG J 84 50.36 -3.62 -89.04
CA ARG J 84 51.25 -2.93 -89.97
C ARG J 84 50.43 -2.48 -91.17
N VAL J 85 50.15 -1.17 -91.24
CA VAL J 85 49.36 -0.63 -92.34
C VAL J 85 50.17 -0.66 -93.64
N GLY J 86 51.42 -0.25 -93.57
CA GLY J 86 52.25 -0.20 -94.75
C GLY J 86 53.71 -0.04 -94.40
N GLY J 87 54.50 0.34 -95.38
CA GLY J 87 55.93 0.55 -95.17
C GLY J 87 56.67 0.49 -96.49
N SER J 88 58.00 0.45 -96.38
CA SER J 88 58.88 0.38 -97.54
C SER J 88 60.20 -0.23 -97.10
N ALA J 89 60.95 -0.71 -98.09
CA ALA J 89 62.26 -1.31 -97.86
C ALA J 89 63.31 -0.68 -98.78
N GLU J 90 63.18 0.62 -99.02
CA GLU J 90 64.11 1.33 -99.89
C GLU J 90 64.91 2.36 -99.12
N GLY J 249 42.81 -1.12 -89.36
CA GLY J 249 43.03 -2.49 -88.95
C GLY J 249 41.79 -3.15 -88.39
N GLY J 250 41.78 -4.49 -88.39
CA GLY J 250 40.65 -5.23 -87.88
C GLY J 250 40.76 -5.56 -86.41
N LEU J 251 40.79 -4.54 -85.56
CA LEU J 251 40.89 -4.74 -84.12
C LEU J 251 39.56 -5.07 -83.46
N GLU J 252 38.46 -5.03 -84.21
CA GLU J 252 37.14 -5.34 -83.64
C GLU J 252 36.94 -6.82 -83.39
N ALA J 253 37.75 -7.69 -84.02
CA ALA J 253 37.61 -9.13 -83.83
C ALA J 253 38.34 -9.63 -82.60
N ILE J 254 39.14 -8.79 -81.95
CA ILE J 254 39.91 -9.19 -80.77
C ILE J 254 39.13 -8.77 -79.53
N ASP J 255 39.27 -9.54 -78.46
CA ASP J 255 38.54 -9.32 -77.22
C ASP J 255 39.44 -8.88 -76.07
N GLU J 256 40.65 -9.43 -75.97
CA GLU J 256 41.51 -9.16 -74.82
C GLU J 256 42.18 -7.80 -74.86
N ILE J 257 42.06 -7.05 -75.97
CA ILE J 257 42.72 -5.75 -76.07
C ILE J 257 42.11 -4.80 -75.06
N SER J 258 42.96 -4.11 -74.31
CA SER J 258 42.52 -3.14 -73.31
C SER J 258 42.87 -1.70 -73.66
N MET J 259 43.80 -1.48 -74.59
CA MET J 259 44.16 -0.13 -75.02
C MET J 259 44.72 -0.19 -76.43
N VAL J 260 44.52 0.89 -77.17
CA VAL J 260 44.93 0.98 -78.56
C VAL J 260 45.74 2.26 -78.76
N ALA J 261 46.79 2.17 -79.58
CA ALA J 261 47.65 3.32 -79.85
C ALA J 261 48.05 3.30 -81.33
N VAL J 262 48.31 4.49 -81.84
CA VAL J 262 48.82 4.67 -83.21
C VAL J 262 50.10 5.48 -83.11
N PRO J 263 51.20 4.86 -82.68
CA PRO J 263 52.42 5.66 -82.41
C PRO J 263 52.95 6.41 -83.62
N ASP J 264 52.88 5.81 -84.80
CA ASP J 264 53.46 6.42 -85.99
C ASP J 264 52.31 7.00 -86.80
N LEU J 265 51.92 8.20 -86.43
CA LEU J 265 50.97 9.05 -87.16
C LEU J 265 51.52 10.43 -87.43
N MET J 266 52.30 10.99 -86.50
CA MET J 266 52.90 12.30 -86.72
C MET J 266 54.01 12.26 -87.76
N ALA J 267 54.54 11.07 -88.06
CA ALA J 267 55.58 10.97 -89.09
C ALA J 267 55.05 11.41 -90.44
N ALA J 268 53.86 10.94 -90.81
CA ALA J 268 53.25 11.36 -92.07
C ALA J 268 52.97 12.85 -92.07
N TYR J 269 52.60 13.40 -90.90
CA TYR J 269 52.36 14.82 -90.80
C TYR J 269 53.65 15.62 -90.95
N GLN J 270 54.78 15.07 -90.49
CA GLN J 270 56.03 15.81 -90.51
C GLN J 270 56.60 15.91 -91.94
N ARG J 271 56.59 14.81 -92.68
CA ARG J 271 57.20 14.78 -94.01
C ARG J 271 56.18 14.73 -95.14
N GLY J 272 55.13 13.91 -94.99
CA GLY J 272 54.16 13.76 -96.06
C GLY J 272 53.21 14.93 -96.24
N ALA J 273 53.13 15.83 -95.27
CA ALA J 273 52.24 16.99 -95.32
C ALA J 273 50.79 16.55 -95.54
N ILE J 274 50.29 15.80 -94.57
CA ILE J 274 48.93 15.25 -94.65
C ILE J 274 47.92 16.19 -93.99
N ASP J 275 48.34 17.43 -93.69
CA ASP J 275 47.47 18.45 -93.09
C ASP J 275 46.98 18.03 -91.72
N LEU J 276 46.17 18.87 -91.08
CA LEU J 276 45.64 18.57 -89.76
C LEU J 276 44.26 17.93 -89.81
N GLU J 277 43.50 18.13 -90.89
CA GLU J 277 42.16 17.56 -90.99
C GLU J 277 42.21 16.03 -91.01
N ALA J 278 43.17 15.46 -91.73
CA ALA J 278 43.29 14.00 -91.78
C ALA J 278 43.62 13.43 -90.40
N VAL J 279 44.55 14.08 -89.68
CA VAL J 279 44.91 13.62 -88.35
C VAL J 279 43.72 13.72 -87.41
N LYS J 280 42.99 14.83 -87.48
CA LYS J 280 41.80 15.00 -86.64
C LYS J 280 40.75 13.94 -86.94
N ALA J 281 40.53 13.64 -88.23
CA ALA J 281 39.56 12.62 -88.60
C ALA J 281 39.99 11.24 -88.11
N VAL J 282 41.28 10.92 -88.23
CA VAL J 282 41.76 9.61 -87.78
C VAL J 282 41.59 9.48 -86.27
N GLN J 283 41.96 10.53 -85.53
CA GLN J 283 41.81 10.47 -84.07
C GLN J 283 40.34 10.40 -83.66
N LEU J 284 39.46 11.13 -84.35
CA LEU J 284 38.03 11.04 -84.05
C LEU J 284 37.48 9.65 -84.35
N GLY J 285 37.94 9.04 -85.45
CA GLY J 285 37.52 7.67 -85.73
C GLY J 285 37.98 6.69 -84.68
N LEU J 286 39.22 6.84 -84.21
CA LEU J 286 39.71 5.99 -83.13
C LEU J 286 38.89 6.18 -81.85
N ILE J 287 38.56 7.44 -81.54
CA ILE J 287 37.74 7.73 -80.36
C ILE J 287 36.37 7.08 -80.50
N ALA J 288 35.76 7.18 -81.68
CA ALA J 288 34.44 6.59 -81.90
C ALA J 288 34.50 5.07 -81.78
N HIS J 289 35.55 4.45 -82.31
CA HIS J 289 35.71 3.00 -82.17
C HIS J 289 35.85 2.60 -80.71
N CYS J 290 36.65 3.35 -79.94
CA CYS J 290 36.80 3.06 -78.52
C CYS J 290 35.47 3.20 -77.78
N GLU J 291 34.70 4.24 -78.14
CA GLU J 291 33.39 4.46 -77.48
C GLU J 291 32.43 3.32 -77.84
N LEU J 292 32.44 2.88 -79.10
CA LEU J 292 31.55 1.81 -79.53
C LEU J 292 31.89 0.49 -78.85
N MET J 293 33.19 0.18 -78.74
CA MET J 293 33.58 -1.07 -78.08
C MET J 293 33.19 -1.08 -76.61
N GLY J 294 33.39 0.05 -75.93
CA GLY J 294 33.03 0.13 -74.52
C GLY J 294 33.94 -0.61 -73.57
N ASP J 295 35.13 -0.99 -74.03
CA ASP J 295 36.07 -1.73 -73.20
C ASP J 295 37.48 -1.18 -73.23
N ARG J 296 37.84 -0.35 -74.20
CA ARG J 296 39.21 0.08 -74.41
C ARG J 296 39.34 1.58 -74.16
N VAL J 297 40.58 2.01 -73.92
CA VAL J 297 40.90 3.39 -73.60
C VAL J 297 41.97 3.87 -74.56
N ALA J 298 41.80 5.08 -75.09
CA ALA J 298 42.68 5.63 -76.11
C ALA J 298 43.73 6.55 -75.49
N ILE J 299 44.92 6.55 -76.08
CA ILE J 299 46.01 7.41 -75.67
C ILE J 299 46.32 8.37 -76.82
N ILE J 300 46.37 9.66 -76.52
CA ILE J 300 46.51 10.70 -77.53
C ILE J 300 47.74 11.54 -77.21
N ASP J 301 48.35 12.05 -78.28
CA ASP J 301 49.50 12.93 -78.22
C ASP J 301 49.28 14.15 -79.11
N PRO J 302 49.87 15.29 -78.76
CA PRO J 302 49.66 16.51 -79.55
C PRO J 302 50.71 16.64 -80.64
N PRO J 303 50.56 17.60 -81.55
CA PRO J 303 51.60 17.85 -82.54
C PRO J 303 52.91 18.25 -81.87
N PRO J 304 54.05 17.97 -82.51
CA PRO J 304 55.35 18.07 -81.82
C PRO J 304 55.69 19.46 -81.28
N ASN J 305 55.70 20.47 -82.14
CA ASN J 305 56.26 21.76 -81.76
C ASN J 305 55.19 22.73 -81.27
N GLN J 306 54.94 22.70 -79.96
CA GLN J 306 54.03 23.64 -79.32
C GLN J 306 54.55 23.96 -77.93
N ASN J 307 54.04 25.06 -77.37
CA ASN J 307 54.34 25.46 -76.01
C ASN J 307 53.04 25.91 -75.35
N ALA J 308 53.18 26.56 -74.19
CA ALA J 308 52.01 27.06 -73.48
C ALA J 308 51.30 28.13 -74.29
N ARG J 309 50.00 28.32 -74.03
CA ARG J 309 49.15 29.29 -74.71
C ARG J 309 48.87 28.86 -76.16
N GLN J 310 49.47 27.75 -76.59
CA GLN J 310 49.14 27.13 -77.87
C GLN J 310 48.38 25.83 -77.71
N ILE J 311 48.90 24.90 -76.90
CA ILE J 311 48.19 23.66 -76.66
C ILE J 311 46.83 23.93 -76.02
N ARG J 312 46.80 24.87 -75.07
CA ARG J 312 45.53 25.26 -74.46
C ARG J 312 44.54 25.79 -75.50
N VAL J 313 45.04 26.31 -76.61
CA VAL J 313 44.15 26.65 -77.72
C VAL J 313 43.82 25.40 -78.53
N TRP J 314 44.85 24.60 -78.86
CA TRP J 314 44.66 23.44 -79.71
C TRP J 314 43.68 22.45 -79.10
N ARG J 315 43.61 22.38 -77.78
CA ARG J 315 42.68 21.50 -77.08
C ARG J 315 41.25 22.00 -77.13
N GLN J 316 41.02 23.31 -77.23
CA GLN J 316 39.69 23.86 -77.06
C GLN J 316 39.04 24.34 -78.34
N GLU J 317 39.79 24.96 -79.24
CA GLU J 317 39.22 25.45 -80.49
C GLU J 317 39.34 24.47 -81.64
N THR J 318 40.13 23.42 -81.51
CA THR J 318 40.35 22.50 -82.62
C THR J 318 40.12 21.05 -82.27
N ALA J 319 40.43 20.63 -81.04
CA ALA J 319 40.46 19.22 -80.66
C ALA J 319 39.73 19.00 -79.36
N GLY J 320 38.49 19.49 -79.27
CA GLY J 320 37.72 19.35 -78.03
C GLY J 320 37.60 17.92 -77.57
N TYR J 321 37.30 17.01 -78.50
CA TYR J 321 37.39 15.57 -78.28
C TYR J 321 36.45 15.07 -77.18
N ASP J 322 36.73 15.44 -75.94
CA ASP J 322 36.08 14.90 -74.74
C ASP J 322 35.85 13.41 -74.85
N SER J 323 34.58 12.98 -74.74
CA SER J 323 34.10 11.61 -74.92
C SER J 323 34.47 10.69 -73.75
N LYS J 324 35.22 11.16 -72.77
CA LYS J 324 35.52 10.46 -71.53
C LYS J 324 36.30 9.16 -71.72
N TYR J 325 36.67 8.83 -72.96
CA TYR J 325 37.34 7.58 -73.28
C TYR J 325 38.73 7.82 -73.86
N ALA J 326 39.47 8.76 -73.29
CA ALA J 326 40.79 9.07 -73.81
C ALA J 326 41.66 9.68 -72.73
N ALA J 327 42.97 9.69 -72.98
CA ALA J 327 43.92 10.36 -72.12
C ALA J 327 45.01 10.96 -72.99
N LEU J 328 45.27 12.25 -72.83
CA LEU J 328 46.21 12.99 -73.66
C LEU J 328 47.46 13.30 -72.87
N TYR J 329 48.62 13.04 -73.47
CA TYR J 329 49.92 13.27 -72.83
C TYR J 329 50.70 14.29 -73.66
N TYR J 330 50.94 15.46 -73.07
CA TYR J 330 51.45 16.63 -73.79
C TYR J 330 52.89 16.50 -74.26
N PRO J 331 53.89 16.42 -73.37
CA PRO J 331 55.27 16.62 -73.82
C PRO J 331 55.87 15.38 -74.46
N TRP J 332 56.70 15.62 -75.47
CA TRP J 332 57.38 14.53 -76.17
C TRP J 332 58.64 14.12 -75.41
N ILE J 333 59.15 12.93 -75.73
CA ILE J 333 60.28 12.34 -75.02
C ILE J 333 61.43 12.15 -75.99
N LYS J 334 62.61 12.62 -75.62
CA LYS J 334 63.82 12.42 -76.40
C LYS J 334 64.46 11.10 -75.99
N SER J 335 64.68 10.21 -76.96
CA SER J 335 65.18 8.87 -76.70
C SER J 335 66.32 8.54 -77.65
N PHE J 336 67.07 7.51 -77.30
CA PHE J 336 68.23 7.08 -78.05
C PHE J 336 67.85 6.13 -79.18
N ASP J 337 68.65 6.14 -80.24
CA ASP J 337 68.46 5.24 -81.38
C ASP J 337 69.80 4.57 -81.65
N PRO J 338 69.87 3.23 -81.55
CA PRO J 338 71.15 2.55 -81.80
C PRO J 338 71.48 2.38 -83.28
N ALA J 339 70.49 2.50 -84.17
CA ALA J 339 70.78 2.38 -85.59
C ALA J 339 71.75 3.46 -86.05
N THR J 340 71.53 4.70 -85.60
CA THR J 340 72.49 5.77 -85.79
C THR J 340 73.18 6.16 -84.49
N GLY J 341 72.76 5.61 -83.35
CA GLY J 341 73.34 5.98 -82.08
C GLY J 341 73.15 7.44 -81.73
N GLN J 342 71.95 7.97 -81.97
CA GLN J 342 71.71 9.40 -81.80
C GLN J 342 70.39 9.60 -81.06
N SER J 343 70.27 10.77 -80.44
CA SER J 343 69.06 11.13 -79.70
C SER J 343 68.07 11.84 -80.60
N ARG J 344 66.80 11.47 -80.49
CA ARG J 344 65.76 12.09 -81.30
C ARG J 344 64.44 12.02 -80.55
N LEU J 345 63.50 12.88 -80.95
CA LEU J 345 62.24 13.04 -80.24
C LEU J 345 61.19 12.06 -80.75
N VAL J 346 60.46 11.46 -79.81
CA VAL J 346 59.35 10.56 -80.12
C VAL J 346 58.18 10.88 -79.22
N PRO J 347 56.96 10.62 -79.71
CA PRO J 347 55.78 10.85 -78.88
C PRO J 347 55.72 9.85 -77.73
N PRO J 348 55.07 10.22 -76.62
CA PRO J 348 54.92 9.29 -75.48
C PRO J 348 53.70 8.39 -75.62
N SER J 349 53.78 7.39 -76.49
CA SER J 349 52.68 6.50 -76.76
C SER J 349 52.83 5.14 -76.09
N GLY J 350 53.97 4.47 -76.31
CA GLY J 350 54.17 3.16 -75.70
C GLY J 350 54.59 3.21 -74.25
N HIS J 351 55.28 4.28 -73.85
CA HIS J 351 55.77 4.37 -72.48
C HIS J 351 54.63 4.44 -71.48
N VAL J 352 53.58 5.21 -71.80
CA VAL J 352 52.44 5.32 -70.89
C VAL J 352 51.70 3.99 -70.81
N ALA J 353 51.59 3.27 -71.92
CA ALA J 353 50.98 1.94 -71.89
C ALA J 353 51.78 0.98 -71.03
N GLY J 354 53.11 1.03 -71.15
CA GLY J 354 53.94 0.20 -70.29
C GLY J 354 53.80 0.55 -68.83
N ILE J 355 53.70 1.84 -68.52
CA ILE J 355 53.50 2.28 -67.14
C ILE J 355 52.17 1.77 -66.62
N TRP J 356 51.12 1.84 -67.44
CA TRP J 356 49.82 1.33 -67.04
C TRP J 356 49.88 -0.17 -66.77
N ALA J 357 50.57 -0.93 -67.63
CA ALA J 357 50.69 -2.37 -67.41
C ALA J 357 51.48 -2.67 -66.14
N ARG J 358 52.55 -1.91 -65.90
CA ARG J 358 53.33 -2.11 -64.68
C ARG J 358 52.51 -1.82 -63.43
N ASN J 359 51.72 -0.74 -63.47
CA ASN J 359 50.87 -0.42 -62.32
C ASN J 359 49.80 -1.49 -62.11
N ASP J 360 49.22 -2.01 -63.20
CA ASP J 360 48.23 -3.05 -63.06
C ASP J 360 48.81 -4.37 -62.60
N SER J 361 50.10 -4.60 -62.86
CA SER J 361 50.73 -5.85 -62.44
C SER J 361 51.19 -5.78 -60.99
N GLU J 362 51.96 -4.74 -60.63
CA GLU J 362 52.49 -4.63 -59.28
C GLU J 362 51.37 -4.42 -58.27
N ARG J 363 50.51 -3.45 -58.51
CA ARG J 363 49.38 -3.15 -57.64
C ARG J 363 48.07 -3.41 -58.38
N GLY J 364 46.97 -3.14 -57.70
CA GLY J 364 45.67 -3.31 -58.29
C GLY J 364 45.38 -2.25 -59.34
N VAL J 365 44.35 -2.52 -60.14
CA VAL J 365 43.93 -1.59 -61.18
C VAL J 365 43.32 -0.31 -60.61
N HIS J 366 42.99 -0.30 -59.32
CA HIS J 366 42.39 0.87 -58.69
C HIS J 366 43.41 1.95 -58.36
N LYS J 367 44.70 1.67 -58.49
CA LYS J 367 45.74 2.65 -58.21
C LYS J 367 45.97 3.51 -59.45
N ALA J 368 45.89 4.82 -59.26
CA ALA J 368 46.05 5.74 -60.38
C ALA J 368 47.53 5.85 -60.75
N PRO J 369 47.89 5.64 -62.01
CA PRO J 369 49.30 5.80 -62.41
C PRO J 369 49.71 7.25 -62.46
N ALA J 370 49.81 7.89 -61.28
CA ALA J 370 50.11 9.30 -61.20
C ALA J 370 51.58 9.62 -60.97
N ASN J 371 52.31 8.76 -60.24
CA ASN J 371 53.71 9.01 -59.91
C ASN J 371 54.51 7.78 -60.35
N GLU J 372 54.93 7.76 -61.61
CA GLU J 372 55.75 6.70 -62.15
C GLU J 372 56.86 7.30 -62.99
N VAL J 373 58.01 6.61 -63.01
CA VAL J 373 59.21 7.09 -63.68
C VAL J 373 59.27 6.49 -65.08
N VAL J 374 59.46 7.36 -66.07
CA VAL J 374 59.49 6.91 -67.50
C VAL J 374 60.91 6.38 -67.77
N ARG J 375 61.14 5.11 -67.45
CA ARG J 375 62.45 4.46 -67.70
C ARG J 375 62.71 4.43 -69.19
N GLY J 376 63.92 4.76 -69.63
CA GLY J 376 64.28 4.69 -71.06
C GLY J 376 64.43 6.04 -71.74
N ALA J 377 64.09 7.14 -71.05
CA ALA J 377 64.14 8.50 -71.66
C ALA J 377 65.46 9.20 -71.29
N VAL J 378 65.67 10.42 -71.81
CA VAL J 378 66.90 11.19 -71.48
C VAL J 378 66.55 12.68 -71.22
N ASP J 379 65.72 13.31 -72.06
CA ASP J 379 65.41 14.72 -71.93
C ASP J 379 63.94 14.95 -72.26
N LEU J 380 63.52 16.21 -72.26
CA LEU J 380 62.16 16.59 -72.61
C LEU J 380 62.06 17.74 -73.58
N GLU J 381 63.10 18.57 -73.73
CA GLU J 381 63.12 19.72 -74.62
C GLU J 381 62.06 20.76 -74.25
N LEU J 382 61.60 20.74 -73.01
CA LEU J 382 60.62 21.71 -72.52
C LEU J 382 60.54 21.58 -71.00
N GLN J 383 60.30 22.71 -70.34
CA GLN J 383 60.19 22.77 -68.89
C GLN J 383 58.89 23.46 -68.49
N ILE J 384 58.23 22.92 -67.47
CA ILE J 384 56.96 23.44 -66.99
C ILE J 384 57.13 23.89 -65.55
N THR J 385 56.70 25.11 -65.25
CA THR J 385 56.73 25.63 -63.89
C THR J 385 55.43 25.26 -63.17
N ARG J 386 55.24 25.83 -61.99
CA ARG J 386 54.01 25.54 -61.21
C ARG J 386 52.82 26.25 -61.86
N GLY J 387 53.00 27.49 -62.28
CA GLY J 387 51.90 28.26 -62.84
C GLY J 387 51.37 27.66 -64.14
N GLU J 388 52.29 27.23 -65.02
CA GLU J 388 51.86 26.63 -66.28
C GLU J 388 51.11 25.33 -66.03
N GLN J 389 51.57 24.52 -65.08
CA GLN J 389 50.83 23.32 -64.71
C GLN J 389 49.47 23.66 -64.13
N ASP J 390 49.40 24.70 -63.28
CA ASP J 390 48.13 25.15 -62.74
C ASP J 390 47.20 25.68 -63.82
N LEU J 391 47.73 26.09 -64.97
CA LEU J 391 46.89 26.48 -66.10
C LEU J 391 46.45 25.29 -66.94
N LEU J 392 47.21 24.19 -66.92
CA LEU J 392 46.86 23.02 -67.70
C LEU J 392 46.11 21.97 -66.89
N ASN J 393 46.22 22.01 -65.56
CA ASN J 393 45.51 21.03 -64.73
C ASN J 393 43.99 21.10 -64.85
N PRO J 394 43.34 22.27 -64.86
CA PRO J 394 41.87 22.26 -64.96
C PRO J 394 41.33 21.59 -66.20
N ILE J 395 42.07 21.61 -67.30
CA ILE J 395 41.70 20.89 -68.50
C ILE J 395 42.37 19.53 -68.47
N GLY J 396 41.86 18.60 -69.29
CA GLY J 396 42.34 17.23 -69.27
C GLY J 396 43.69 17.03 -69.92
N VAL J 397 44.68 17.82 -69.52
CA VAL J 397 46.03 17.71 -70.05
C VAL J 397 46.95 17.27 -68.93
N ASN J 398 47.53 16.07 -69.07
CA ASN J 398 48.51 15.58 -68.11
C ASN J 398 49.88 16.18 -68.42
N CYS J 399 50.88 15.79 -67.63
CA CYS J 399 52.21 16.36 -67.81
C CYS J 399 53.27 15.32 -67.46
N ILE J 400 54.46 15.55 -67.99
CA ILE J 400 55.66 14.78 -67.65
C ILE J 400 56.67 15.77 -67.10
N ARG J 401 56.93 15.70 -65.81
CA ARG J 401 57.69 16.73 -65.11
C ARG J 401 59.04 16.20 -64.67
N SER J 402 60.04 17.09 -64.70
CA SER J 402 61.38 16.80 -64.22
C SER J 402 61.57 17.41 -62.84
N PHE J 403 61.92 16.58 -61.88
CA PHE J 403 62.11 16.99 -60.50
C PHE J 403 63.57 16.89 -60.12
N PRO J 404 64.13 17.92 -59.47
CA PRO J 404 65.56 17.93 -59.15
C PRO J 404 65.91 16.98 -58.01
N GLY J 405 66.11 15.71 -58.33
CA GLY J 405 66.44 14.72 -57.33
C GLY J 405 65.63 13.45 -57.51
N ARG J 406 64.60 13.53 -58.36
CA ARG J 406 63.76 12.39 -58.67
C ARG J 406 63.62 12.10 -60.15
N GLY J 407 64.06 13.01 -61.03
CA GLY J 407 64.08 12.71 -62.44
C GLY J 407 62.77 12.97 -63.16
N ILE J 408 62.51 12.21 -64.22
CA ILE J 408 61.34 12.41 -65.06
C ILE J 408 60.21 11.53 -64.53
N ARG J 409 59.05 12.13 -64.25
CA ARG J 409 57.93 11.41 -63.68
C ARG J 409 56.63 11.89 -64.33
N VAL J 410 55.65 10.98 -64.37
CA VAL J 410 54.32 11.36 -64.83
C VAL J 410 53.66 12.25 -63.78
N TRP J 411 52.67 13.03 -64.20
CA TRP J 411 52.03 13.97 -63.29
C TRP J 411 50.64 14.32 -63.80
N GLY J 412 49.61 14.06 -62.99
CA GLY J 412 48.28 14.58 -63.22
C GLY J 412 47.17 13.56 -63.30
N ALA J 413 47.40 12.46 -64.03
CA ALA J 413 46.49 11.32 -64.09
C ALA J 413 45.03 11.75 -64.26
N ARG J 414 44.74 12.39 -65.38
CA ARG J 414 43.39 12.84 -65.69
C ARG J 414 43.01 12.41 -67.09
N THR J 415 41.77 12.72 -67.48
CA THR J 415 41.21 12.31 -68.77
C THR J 415 40.47 13.49 -69.40
N LEU J 416 40.00 13.26 -70.62
CA LEU J 416 39.25 14.26 -71.39
C LEU J 416 37.76 14.02 -71.18
N SER J 417 37.16 14.73 -70.21
CA SER J 417 35.74 14.57 -69.93
C SER J 417 35.24 15.82 -69.23
N SER J 418 34.27 16.50 -69.84
CA SER J 418 33.68 17.68 -69.20
C SER J 418 32.82 17.28 -68.01
N ASP J 419 32.16 16.14 -68.09
CA ASP J 419 31.29 15.66 -67.01
C ASP J 419 32.14 15.37 -65.77
N PRO J 420 31.83 15.97 -64.61
CA PRO J 420 32.63 15.70 -63.40
C PRO J 420 32.49 14.29 -62.86
N ALA J 421 31.64 13.46 -63.44
CA ALA J 421 31.46 12.09 -62.93
C ALA J 421 32.65 11.20 -63.27
N TRP J 422 33.31 11.43 -64.40
CA TRP J 422 34.40 10.57 -64.84
C TRP J 422 35.69 11.37 -64.99
N ARG J 423 36.01 12.20 -64.00
CA ARG J 423 37.21 13.03 -64.07
C ARG J 423 38.48 12.18 -64.07
N TYR J 424 38.51 11.11 -63.28
CA TYR J 424 39.73 10.36 -63.05
C TYR J 424 39.75 9.08 -63.89
N LEU J 425 40.97 8.65 -64.22
CA LEU J 425 41.15 7.47 -65.07
C LEU J 425 40.89 6.17 -64.31
N ASN J 426 41.30 6.11 -63.03
CA ASN J 426 41.22 4.87 -62.28
C ASN J 426 39.77 4.43 -62.09
N ILE J 427 38.86 5.39 -61.90
CA ILE J 427 37.44 5.06 -61.77
C ILE J 427 36.94 4.39 -63.04
N ARG J 428 37.29 4.96 -64.20
CA ARG J 428 36.86 4.38 -65.47
C ARG J 428 37.45 2.98 -65.66
N ARG J 429 38.73 2.81 -65.34
CA ARG J 429 39.35 1.48 -65.49
C ARG J 429 38.69 0.45 -64.59
N TYR J 430 38.44 0.81 -63.33
CA TYR J 430 37.80 -0.12 -62.40
C TYR J 430 36.38 -0.46 -62.85
N PHE J 431 35.63 0.54 -63.34
CA PHE J 431 34.28 0.27 -63.81
C PHE J 431 34.29 -0.63 -65.03
N ASN J 432 35.24 -0.42 -65.95
CA ASN J 432 35.37 -1.31 -67.10
C ASN J 432 35.67 -2.74 -66.66
N TYR J 433 36.60 -2.89 -65.71
CA TYR J 433 36.94 -4.22 -65.21
C TYR J 433 35.73 -4.91 -64.59
N LEU J 434 34.99 -4.18 -63.74
CA LEU J 434 33.81 -4.76 -63.10
C LEU J 434 32.75 -5.15 -64.13
N GLU J 435 32.50 -4.27 -65.10
CA GLU J 435 31.49 -4.57 -66.11
C GLU J 435 31.88 -5.79 -66.93
N GLU J 436 33.16 -5.88 -67.33
CA GLU J 436 33.59 -7.04 -68.11
C GLU J 436 33.46 -8.32 -67.30
N SER J 437 33.88 -8.30 -66.03
CA SER J 437 33.77 -9.49 -65.20
C SER J 437 32.32 -9.93 -65.03
N ILE J 438 31.44 -8.96 -64.76
CA ILE J 438 30.02 -9.29 -64.56
C ILE J 438 29.41 -9.84 -65.84
N LEU J 439 29.71 -9.23 -66.98
CA LEU J 439 29.17 -9.70 -68.24
C LEU J 439 29.65 -11.11 -68.57
N ILE J 440 30.94 -11.39 -68.33
CA ILE J 440 31.45 -12.71 -68.66
C ILE J 440 30.91 -13.79 -67.72
N GLY J 441 30.84 -13.52 -66.41
CA GLY J 441 30.49 -14.56 -65.47
C GLY J 441 29.07 -14.56 -64.95
N THR J 442 28.10 -14.33 -65.84
CA THR J 442 26.70 -14.28 -65.40
C THR J 442 25.75 -14.98 -66.39
N GLN J 443 26.26 -15.47 -67.53
CA GLN J 443 25.39 -15.92 -68.61
C GLN J 443 24.50 -17.10 -68.22
N TRP J 444 24.80 -17.80 -67.13
CA TRP J 444 24.00 -18.96 -66.75
C TRP J 444 22.62 -18.60 -66.21
N VAL J 445 22.36 -17.32 -65.93
CA VAL J 445 21.11 -16.93 -65.29
C VAL J 445 19.94 -16.84 -66.25
N VAL J 446 20.20 -16.78 -67.55
CA VAL J 446 19.12 -16.62 -68.53
C VAL J 446 18.31 -17.90 -68.61
N PHE J 447 17.00 -17.75 -68.84
CA PHE J 447 16.06 -18.86 -68.98
C PHE J 447 16.04 -19.73 -67.72
N GLU J 448 15.59 -19.10 -66.64
CA GLU J 448 15.46 -19.74 -65.33
C GLU J 448 14.03 -19.61 -64.82
N PRO J 449 13.62 -20.46 -63.88
CA PRO J 449 12.23 -20.41 -63.41
C PRO J 449 11.81 -19.08 -62.80
N ASN J 450 12.77 -18.23 -62.40
CA ASN J 450 12.50 -16.88 -61.92
C ASN J 450 11.63 -16.91 -60.65
N ASP J 451 12.19 -17.55 -59.63
CA ASP J 451 11.57 -17.55 -58.31
C ASP J 451 12.53 -16.90 -57.32
N HIS J 452 12.14 -16.80 -56.05
CA HIS J 452 12.97 -16.15 -55.04
C HIS J 452 14.27 -16.89 -54.78
N ASN J 453 14.35 -18.19 -55.09
CA ASN J 453 15.62 -18.90 -54.97
C ASN J 453 16.66 -18.32 -55.91
N LEU J 454 16.26 -17.98 -57.15
CA LEU J 454 17.18 -17.36 -58.08
C LEU J 454 17.67 -16.00 -57.55
N TRP J 455 16.76 -15.22 -56.96
CA TRP J 455 17.16 -13.95 -56.38
C TRP J 455 18.16 -14.15 -55.25
N ALA J 456 17.92 -15.13 -54.40
CA ALA J 456 18.86 -15.41 -53.30
C ALA J 456 20.23 -15.83 -53.85
N ARG J 457 20.25 -16.68 -54.87
CA ARG J 457 21.52 -17.11 -55.44
C ARG J 457 22.29 -15.95 -56.05
N ILE J 458 21.59 -15.09 -56.81
CA ILE J 458 22.24 -13.94 -57.43
C ILE J 458 22.79 -13.00 -56.37
N ARG J 459 21.99 -12.74 -55.32
CA ARG J 459 22.46 -11.86 -54.26
C ARG J 459 23.68 -12.44 -53.56
N ARG J 460 23.67 -13.75 -53.29
CA ARG J 460 24.82 -14.38 -52.64
C ARG J 460 26.08 -14.26 -53.50
N ASN J 461 25.95 -14.52 -54.80
CA ASN J 461 27.12 -14.47 -55.68
C ASN J 461 27.67 -13.05 -55.75
N VAL J 462 26.80 -12.06 -55.95
CA VAL J 462 27.27 -10.68 -56.07
C VAL J 462 27.88 -10.20 -54.76
N SER J 463 27.27 -10.58 -53.62
CA SER J 463 27.81 -10.18 -52.33
C SER J 463 29.18 -10.80 -52.09
N ALA J 464 29.36 -12.07 -52.46
CA ALA J 464 30.67 -12.70 -52.31
C ALA J 464 31.72 -12.01 -53.16
N PHE J 465 31.38 -11.71 -54.42
CA PHE J 465 32.33 -11.03 -55.29
C PHE J 465 32.70 -9.65 -54.73
N LEU J 466 31.71 -8.91 -54.25
CA LEU J 466 31.97 -7.56 -53.74
C LEU J 466 32.78 -7.61 -52.44
N VAL J 467 32.52 -8.61 -51.59
CA VAL J 467 33.31 -8.75 -50.37
C VAL J 467 34.76 -9.08 -50.71
N ASN J 468 34.97 -9.98 -51.67
CA ASN J 468 36.33 -10.31 -52.08
C ASN J 468 37.05 -9.10 -52.65
N GLU J 469 36.34 -8.28 -53.43
CA GLU J 469 36.94 -7.06 -53.96
C GLU J 469 37.26 -6.06 -52.85
N TRP J 470 36.37 -5.94 -51.86
CA TRP J 470 36.56 -4.94 -50.81
C TRP J 470 37.68 -5.32 -49.87
N ARG J 471 37.88 -6.62 -49.61
CA ARG J 471 38.90 -7.02 -48.65
C ARG J 471 40.32 -6.68 -49.10
N ASN J 472 40.52 -6.33 -50.35
CA ASN J 472 41.82 -5.89 -50.85
C ASN J 472 42.05 -4.40 -50.70
N GLY J 473 41.08 -3.67 -50.14
CA GLY J 473 41.24 -2.24 -49.96
C GLY J 473 40.91 -1.39 -51.17
N ALA J 474 40.10 -1.91 -52.10
CA ALA J 474 39.73 -1.18 -53.29
C ALA J 474 38.43 -0.39 -53.14
N LEU J 475 37.80 -0.43 -51.98
CA LEU J 475 36.56 0.29 -51.73
C LEU J 475 36.68 1.08 -50.43
N PHE J 476 36.03 2.24 -50.40
CA PHE J 476 36.13 3.16 -49.28
C PHE J 476 35.06 2.83 -48.25
N GLY J 477 35.48 2.30 -47.10
CA GLY J 477 34.54 1.99 -46.03
C GLY J 477 35.17 1.16 -44.93
N GLN J 478 34.84 1.48 -43.67
CA GLN J 478 35.41 0.72 -42.51
C GLN J 478 34.70 -0.63 -42.40
N SER J 479 33.44 -0.71 -42.83
CA SER J 479 32.65 -1.93 -42.73
C SER J 479 32.07 -2.27 -44.09
N PRO J 480 31.79 -3.56 -44.35
CA PRO J 480 31.18 -3.94 -45.63
C PRO J 480 29.84 -3.27 -45.87
N ASP J 481 29.13 -2.94 -44.79
CA ASP J 481 27.83 -2.28 -44.94
C ASP J 481 27.96 -0.89 -45.53
N GLN J 482 29.09 -0.21 -45.29
CA GLN J 482 29.31 1.13 -45.79
C GLN J 482 30.03 1.16 -47.13
N ALA J 483 30.36 0.00 -47.70
CA ALA J 483 31.12 -0.06 -48.94
C ALA J 483 30.29 -0.39 -50.17
N TYR J 484 29.21 -1.15 -50.01
CA TYR J 484 28.41 -1.59 -51.15
C TYR J 484 27.01 -1.92 -50.66
N TYR J 485 26.09 -2.01 -51.62
CA TYR J 485 24.73 -2.46 -51.32
C TYR J 485 24.13 -3.12 -52.54
N VAL J 486 23.55 -4.30 -52.35
CA VAL J 486 22.93 -5.09 -53.41
C VAL J 486 21.48 -5.35 -53.02
N LYS J 487 20.55 -5.02 -53.90
CA LYS J 487 19.13 -5.15 -53.64
C LYS J 487 18.50 -6.01 -54.72
N CYS J 488 17.87 -7.12 -54.30
CA CYS J 488 17.12 -7.99 -55.21
C CYS J 488 16.08 -8.71 -54.37
N ASP J 489 14.84 -8.22 -54.41
CA ASP J 489 13.77 -8.77 -53.59
C ASP J 489 12.43 -8.40 -54.23
N GLU J 490 11.35 -8.59 -53.47
CA GLU J 490 10.02 -8.27 -53.99
C GLU J 490 9.75 -6.77 -54.05
N GLU J 491 10.57 -5.96 -53.39
CA GLU J 491 10.38 -4.52 -53.45
C GLU J 491 10.78 -3.95 -54.81
N THR J 492 11.86 -4.47 -55.40
CA THR J 492 12.32 -4.01 -56.70
C THR J 492 11.86 -4.91 -57.84
N ASN J 493 11.08 -5.95 -57.55
CA ASN J 493 10.57 -6.87 -58.57
C ASN J 493 9.07 -7.05 -58.37
N PRO J 494 8.27 -6.08 -58.79
CA PRO J 494 6.82 -6.19 -58.65
C PRO J 494 6.28 -7.26 -59.58
N PRO J 495 5.08 -7.79 -59.29
CA PRO J 495 4.52 -8.84 -60.17
C PRO J 495 4.35 -8.40 -61.61
N GLU J 496 4.05 -7.12 -61.85
CA GLU J 496 3.94 -6.63 -63.23
C GLU J 496 5.28 -6.75 -63.95
N SER J 497 6.38 -6.44 -63.28
CA SER J 497 7.69 -6.55 -63.90
C SER J 497 8.06 -8.02 -64.14
N VAL J 498 7.76 -8.91 -63.18
CA VAL J 498 8.13 -10.30 -63.33
C VAL J 498 7.22 -11.00 -64.33
N ASP J 499 6.09 -10.38 -64.68
CA ASP J 499 5.23 -10.94 -65.71
C ASP J 499 5.94 -11.00 -67.05
N LEU J 500 6.68 -9.96 -67.39
CA LEU J 500 7.43 -9.91 -68.64
C LEU J 500 8.74 -10.69 -68.59
N GLY J 501 9.12 -11.21 -67.42
CA GLY J 501 10.36 -11.94 -67.30
C GLY J 501 11.57 -11.05 -67.23
N ARG J 502 11.66 -10.24 -66.17
CA ARG J 502 12.76 -9.29 -66.00
C ARG J 502 13.36 -9.43 -64.61
N VAL J 503 14.67 -9.27 -64.53
CA VAL J 503 15.42 -9.25 -63.28
C VAL J 503 16.25 -7.97 -63.24
N VAL J 504 16.27 -7.31 -62.09
CA VAL J 504 16.92 -6.00 -61.95
C VAL J 504 18.24 -6.11 -61.18
N CYS J 505 18.19 -6.55 -59.92
CA CYS J 505 19.39 -6.75 -59.08
C CYS J 505 20.21 -5.47 -58.99
N GLU J 506 19.62 -4.46 -58.35
CA GLU J 506 20.29 -3.17 -58.23
C GLU J 506 21.58 -3.30 -57.42
N ILE J 507 22.64 -2.69 -57.92
CA ILE J 507 23.96 -2.76 -57.31
C ILE J 507 24.51 -1.35 -57.15
N GLY J 508 25.08 -1.06 -55.98
CA GLY J 508 25.72 0.23 -55.75
C GLY J 508 27.02 0.08 -54.99
N ILE J 509 28.07 0.75 -55.46
CA ILE J 509 29.40 0.65 -54.86
C ILE J 509 29.93 2.05 -54.58
N ALA J 510 30.92 2.11 -53.70
CA ALA J 510 31.58 3.37 -53.35
C ALA J 510 33.05 3.27 -53.70
N PRO J 511 33.52 3.90 -54.78
CA PRO J 511 34.92 3.78 -55.19
C PRO J 511 35.82 4.67 -54.35
N VAL J 512 37.12 4.58 -54.62
CA VAL J 512 38.14 5.37 -53.96
C VAL J 512 38.78 6.30 -54.98
N LYS J 513 39.15 7.50 -54.53
CA LYS J 513 39.75 8.48 -55.40
C LYS J 513 41.16 8.84 -54.93
N PRO J 514 42.06 9.15 -55.86
CA PRO J 514 43.44 9.46 -55.46
C PRO J 514 43.52 10.79 -54.73
N ALA J 515 44.53 10.90 -53.87
CA ALA J 515 44.79 12.12 -53.14
C ALA J 515 45.78 12.98 -53.93
N GLU J 516 45.32 14.15 -54.37
CA GLU J 516 46.11 15.02 -55.23
C GLU J 516 46.77 16.15 -54.45
N PHE J 517 46.02 16.85 -53.61
CA PHE J 517 46.53 17.98 -52.83
C PHE J 517 46.66 17.55 -51.38
N VAL J 518 47.87 17.65 -50.83
CA VAL J 518 48.13 17.35 -49.43
C VAL J 518 48.43 18.65 -48.72
N ILE J 519 47.69 18.94 -47.65
CA ILE J 519 47.77 20.21 -46.94
C ILE J 519 48.10 19.94 -45.49
N PHE J 520 49.10 20.64 -44.97
CA PHE J 520 49.41 20.68 -43.55
C PHE J 520 49.06 22.05 -42.99
N ARG J 521 49.07 22.16 -41.66
CA ARG J 521 48.71 23.39 -40.97
C ARG J 521 49.87 24.03 -40.24
N LEU J 522 50.54 23.28 -39.36
CA LEU J 522 51.68 23.77 -38.58
C LEU J 522 51.28 25.01 -37.77
N ALA J 523 50.32 24.81 -36.88
CA ALA J 523 49.85 25.88 -36.00
C ALA J 523 50.56 25.83 -34.65
N GLN J 524 50.53 26.96 -33.96
CA GLN J 524 51.15 27.11 -32.65
C GLN J 524 50.06 27.25 -31.61
N PHE J 525 50.09 26.40 -30.59
CA PHE J 525 49.05 26.36 -29.57
C PHE J 525 49.67 26.27 -28.19
N SER J 526 48.91 26.68 -27.19
CA SER J 526 49.34 26.64 -25.81
C SER J 526 49.17 25.25 -25.21
N PRO K 2 -28.84 -64.28 -11.72
CA PRO K 2 -29.23 -65.65 -11.38
C PRO K 2 -30.42 -65.70 -10.43
N SER K 3 -30.96 -66.89 -10.21
CA SER K 3 -32.12 -67.09 -9.34
C SER K 3 -31.65 -67.74 -8.03
N TYR K 4 -32.04 -67.14 -6.91
CA TYR K 4 -31.71 -67.64 -5.58
C TYR K 4 -33.01 -68.01 -4.89
N LEU K 5 -33.20 -69.30 -4.60
CA LEU K 5 -34.42 -69.78 -3.97
C LEU K 5 -34.20 -70.69 -2.78
N SER K 6 -33.02 -71.31 -2.63
CA SER K 6 -32.75 -72.19 -1.51
C SER K 6 -31.41 -71.85 -0.89
N PRO K 7 -31.26 -72.03 0.42
CA PRO K 7 -29.98 -71.74 1.07
C PRO K 7 -28.89 -72.67 0.57
N GLY K 8 -27.67 -72.16 0.54
CA GLY K 8 -26.53 -72.94 0.10
C GLY K 8 -25.42 -72.03 -0.37
N VAL K 9 -24.45 -72.65 -1.05
CA VAL K 9 -23.28 -71.95 -1.59
C VAL K 9 -23.33 -72.08 -3.11
N TYR K 10 -23.24 -70.95 -3.80
CA TYR K 10 -23.29 -70.90 -5.25
C TYR K 10 -21.99 -70.32 -5.78
N VAL K 11 -21.43 -70.98 -6.80
CA VAL K 11 -20.20 -70.54 -7.44
C VAL K 11 -20.52 -70.21 -8.88
N GLU K 12 -20.24 -68.96 -9.28
CA GLU K 12 -20.49 -68.49 -10.63
C GLU K 12 -19.26 -67.76 -11.15
N GLU K 13 -19.09 -67.77 -12.48
CA GLU K 13 -17.95 -67.16 -13.14
C GLU K 13 -18.42 -65.94 -13.91
N VAL K 14 -17.79 -64.80 -13.65
CA VAL K 14 -18.13 -63.59 -14.40
C VAL K 14 -17.37 -63.58 -15.72
N ALA K 15 -18.10 -63.29 -16.80
CA ALA K 15 -17.56 -63.33 -18.15
C ALA K 15 -16.49 -62.27 -18.40
N SER K 16 -16.39 -61.28 -17.50
CA SER K 16 -15.41 -60.20 -17.66
C SER K 16 -13.99 -60.76 -17.65
N GLY K 17 -13.27 -60.57 -18.74
CA GLY K 17 -11.91 -61.07 -18.85
C GLY K 17 -11.31 -60.69 -20.18
N SER K 18 -10.44 -61.56 -20.70
CA SER K 18 -9.76 -61.34 -21.97
C SER K 18 -10.09 -62.47 -22.93
N ARG K 19 -10.38 -62.10 -24.18
CA ARG K 19 -10.68 -63.06 -25.25
C ARG K 19 -9.82 -62.74 -26.45
N PRO K 20 -8.59 -63.24 -26.47
CA PRO K 20 -7.67 -62.89 -27.57
C PRO K 20 -8.16 -63.39 -28.92
N ILE K 21 -7.78 -62.66 -29.97
CA ILE K 21 -8.12 -63.01 -31.34
C ILE K 21 -6.84 -63.41 -32.07
N GLU K 22 -6.86 -64.57 -32.72
CA GLU K 22 -5.71 -65.11 -33.42
C GLU K 22 -5.84 -64.90 -34.92
N GLY K 23 -4.70 -64.98 -35.61
CA GLY K 23 -4.67 -64.83 -37.04
C GLY K 23 -5.01 -66.11 -37.77
N VAL K 24 -4.87 -66.07 -39.09
CA VAL K 24 -5.17 -67.19 -39.96
C VAL K 24 -4.00 -67.42 -40.90
N GLY K 25 -3.90 -68.65 -41.41
CA GLY K 25 -2.84 -69.00 -42.33
C GLY K 25 -3.19 -68.61 -43.74
N THR K 26 -2.28 -67.90 -44.41
CA THR K 26 -2.51 -67.42 -45.77
C THR K 26 -1.47 -67.98 -46.73
N SER K 27 -1.18 -69.27 -46.63
CA SER K 27 -0.18 -69.92 -47.47
C SER K 27 -0.73 -71.20 -48.08
N VAL K 28 -1.95 -71.14 -48.60
CA VAL K 28 -2.60 -72.26 -49.26
C VAL K 28 -3.03 -71.81 -50.65
N ALA K 29 -2.71 -72.62 -51.67
CA ALA K 29 -3.05 -72.33 -53.05
C ALA K 29 -3.74 -73.53 -53.67
N ALA K 30 -4.66 -73.25 -54.59
CA ALA K 30 -5.44 -74.29 -55.27
C ALA K 30 -5.19 -74.21 -56.76
N PHE K 31 -4.69 -75.30 -57.34
CA PHE K 31 -4.36 -75.38 -58.76
C PHE K 31 -5.37 -76.28 -59.46
N VAL K 32 -5.93 -75.78 -60.56
CA VAL K 32 -6.88 -76.54 -61.38
C VAL K 32 -6.21 -76.82 -62.71
N GLY K 33 -6.17 -78.09 -63.10
CA GLY K 33 -5.52 -78.46 -64.33
C GLY K 33 -5.87 -79.87 -64.75
N LEU K 34 -5.15 -80.35 -65.76
CA LEU K 34 -5.33 -81.70 -66.29
C LEU K 34 -4.11 -82.55 -65.98
N ALA K 35 -4.36 -83.81 -65.62
CA ALA K 35 -3.34 -84.76 -65.24
C ALA K 35 -3.61 -86.08 -65.95
N PRO K 36 -2.57 -86.89 -66.18
CA PRO K 36 -2.79 -88.17 -66.88
C PRO K 36 -3.72 -89.12 -66.13
N THR K 37 -3.41 -89.44 -64.88
CA THR K 37 -4.23 -90.36 -64.10
C THR K 37 -4.36 -89.82 -62.68
N GLY K 38 -5.46 -90.19 -62.02
CA GLY K 38 -5.71 -89.77 -60.66
C GLY K 38 -7.18 -89.57 -60.38
N PRO K 39 -7.50 -89.11 -59.17
CA PRO K 39 -8.91 -88.82 -58.84
C PRO K 39 -9.47 -87.73 -59.74
N LEU K 40 -10.76 -87.86 -60.04
CA LEU K 40 -11.44 -86.95 -60.96
C LEU K 40 -12.42 -86.08 -60.21
N ASN K 41 -12.33 -84.77 -60.42
CA ASN K 41 -13.25 -83.79 -59.83
C ASN K 41 -13.26 -83.86 -58.31
N GLU K 42 -12.09 -84.08 -57.71
CA GLU K 42 -11.95 -84.13 -56.27
C GLU K 42 -10.80 -83.22 -55.85
N PRO K 43 -11.03 -82.26 -54.95
CA PRO K 43 -9.94 -81.37 -54.53
C PRO K 43 -8.97 -82.04 -53.58
N THR K 44 -8.00 -82.78 -54.13
CA THR K 44 -7.06 -83.50 -53.30
C THR K 44 -6.10 -82.53 -52.60
N LEU K 45 -5.57 -82.94 -51.47
CA LEU K 45 -4.63 -82.14 -50.68
C LEU K 45 -3.24 -82.75 -50.78
N VAL K 46 -2.27 -81.93 -51.13
CA VAL K 46 -0.88 -82.36 -51.29
C VAL K 46 0.01 -81.46 -50.44
N THR K 47 1.04 -82.05 -49.84
CA THR K 47 1.98 -81.28 -49.02
C THR K 47 3.44 -81.63 -49.32
N ASN K 48 3.70 -82.51 -50.28
CA ASN K 48 5.05 -82.89 -50.65
C ASN K 48 4.98 -83.59 -52.00
N TRP K 49 6.06 -83.48 -52.78
CA TRP K 49 6.04 -84.04 -54.16
C TRP K 49 5.72 -85.54 -54.13
N THR K 50 6.24 -86.27 -53.14
CA THR K 50 6.02 -87.72 -53.15
C THR K 50 4.54 -88.05 -53.22
N GLN K 51 3.71 -87.30 -52.49
CA GLN K 51 2.27 -87.51 -52.55
C GLN K 51 1.74 -87.24 -53.95
N TYR K 52 2.21 -86.16 -54.58
CA TYR K 52 1.77 -85.85 -55.94
C TYR K 52 2.20 -86.93 -56.92
N VAL K 53 3.42 -87.44 -56.76
CA VAL K 53 3.90 -88.51 -57.64
C VAL K 53 3.04 -89.76 -57.46
N ALA K 54 2.74 -90.12 -56.21
CA ALA K 54 1.93 -91.30 -55.94
C ALA K 54 0.49 -91.15 -56.40
N ALA K 55 -0.03 -89.93 -56.45
CA ALA K 55 -1.44 -89.73 -56.78
C ALA K 55 -1.66 -89.44 -58.27
N PHE K 56 -1.06 -88.37 -58.78
CA PHE K 56 -1.37 -87.88 -60.11
C PHE K 56 -0.25 -88.15 -61.13
N GLY K 57 0.73 -88.98 -60.80
CA GLY K 57 1.83 -89.23 -61.70
C GLY K 57 2.81 -88.08 -61.72
N ASP K 58 3.75 -88.15 -62.67
CA ASP K 58 4.81 -87.15 -62.76
C ASP K 58 5.40 -87.16 -64.18
N PHE K 59 5.22 -86.04 -64.89
CA PHE K 59 5.93 -85.77 -66.13
C PHE K 59 5.81 -86.88 -67.17
N THR K 60 4.58 -87.14 -67.64
CA THR K 60 4.38 -88.14 -68.68
C THR K 60 3.46 -87.70 -69.81
N GLY K 61 2.65 -86.65 -69.63
CA GLY K 61 1.72 -86.24 -70.66
C GLY K 61 2.03 -84.89 -71.27
N GLY K 62 3.11 -84.26 -70.81
CA GLY K 62 3.46 -82.95 -71.30
C GLY K 62 2.47 -81.86 -70.95
N TYR K 63 1.96 -81.86 -69.73
CA TYR K 63 1.01 -80.87 -69.26
C TYR K 63 1.69 -79.86 -68.34
N TYR K 64 1.00 -78.75 -68.12
CA TYR K 64 1.55 -77.65 -67.33
C TYR K 64 1.24 -77.76 -65.85
N LEU K 65 0.46 -78.76 -65.42
CA LEU K 65 0.14 -78.90 -64.00
C LEU K 65 1.35 -79.36 -63.21
N ALA K 66 2.06 -80.37 -63.73
CA ALA K 66 3.22 -80.91 -63.02
C ALA K 66 4.31 -79.85 -62.87
N HIS K 67 4.58 -79.10 -63.94
CA HIS K 67 5.60 -78.05 -63.88
C HIS K 67 5.22 -76.99 -62.86
N SER K 68 3.94 -76.58 -62.85
CA SER K 68 3.51 -75.55 -61.90
C SER K 68 3.61 -76.05 -60.46
N VAL K 69 3.22 -77.30 -60.21
CA VAL K 69 3.31 -77.86 -58.86
C VAL K 69 4.77 -77.95 -58.42
N TYR K 70 5.65 -78.40 -59.31
CA TYR K 70 7.06 -78.50 -58.98
C TYR K 70 7.66 -77.12 -58.68
N GLY K 71 7.27 -76.12 -59.48
CA GLY K 71 7.75 -74.77 -59.21
C GLY K 71 7.22 -74.22 -57.89
N PHE K 72 5.96 -74.51 -57.58
CA PHE K 72 5.38 -74.05 -56.32
C PHE K 72 6.10 -74.67 -55.12
N PHE K 73 6.39 -75.96 -55.20
CA PHE K 73 7.12 -76.61 -54.11
C PHE K 73 8.60 -76.25 -54.11
N ASN K 74 9.13 -75.74 -55.23
CA ASN K 74 10.53 -75.32 -55.27
C ASN K 74 10.76 -73.98 -54.58
N ASN K 75 9.74 -73.12 -54.53
CA ASN K 75 9.86 -71.79 -53.98
C ASN K 75 9.41 -71.71 -52.52
N GLY K 76 9.31 -72.85 -51.84
CA GLY K 76 8.96 -72.85 -50.43
C GLY K 76 7.48 -72.98 -50.12
N GLY K 77 6.73 -73.70 -50.95
CA GLY K 77 5.33 -73.91 -50.65
C GLY K 77 5.13 -74.84 -49.46
N SER K 78 3.95 -74.73 -48.85
CA SER K 78 3.62 -75.48 -47.65
C SER K 78 2.54 -76.52 -47.90
N ALA K 79 1.38 -76.11 -48.41
CA ALA K 79 0.28 -77.03 -48.67
C ALA K 79 -0.49 -76.54 -49.88
N ALA K 80 -0.98 -77.48 -50.69
CA ALA K 80 -1.66 -77.13 -51.93
C ALA K 80 -2.88 -78.03 -52.11
N TYR K 81 -3.84 -77.51 -52.88
CA TYR K 81 -5.01 -78.25 -53.31
C TYR K 81 -4.92 -78.46 -54.82
N VAL K 82 -5.31 -79.64 -55.28
CA VAL K 82 -5.21 -80.00 -56.69
C VAL K 82 -6.58 -80.45 -57.17
N VAL K 83 -7.00 -79.89 -58.32
CA VAL K 83 -8.22 -80.31 -58.99
C VAL K 83 -7.85 -80.75 -60.40
N ARG K 84 -8.31 -81.95 -60.79
CA ARG K 84 -8.00 -82.53 -62.09
C ARG K 84 -9.28 -82.58 -62.91
N VAL K 85 -9.40 -81.68 -63.88
CA VAL K 85 -10.60 -81.62 -64.72
C VAL K 85 -10.65 -82.84 -65.64
N GLY K 86 -9.53 -83.18 -66.26
CA GLY K 86 -9.49 -84.28 -67.19
C GLY K 86 -8.07 -84.70 -67.49
N GLY K 87 -7.92 -85.47 -68.56
CA GLY K 87 -6.61 -85.92 -68.98
C GLY K 87 -6.73 -87.14 -69.88
N SER K 88 -5.59 -87.76 -70.13
CA SER K 88 -5.51 -88.95 -70.98
C SER K 88 -4.26 -89.73 -70.60
N ALA K 89 -4.24 -91.00 -70.98
CA ALA K 89 -3.11 -91.90 -70.73
C ALA K 89 -2.69 -92.59 -72.01
N GLU K 90 -2.76 -91.87 -73.13
CA GLU K 90 -2.40 -92.45 -74.42
C GLU K 90 -1.18 -91.74 -75.01
N GLY K 249 -14.39 -76.81 -60.92
CA GLY K 249 -14.15 -77.51 -59.67
C GLY K 249 -14.95 -76.95 -58.51
N GLY K 250 -15.11 -77.76 -57.47
CA GLY K 250 -15.85 -77.34 -56.29
C GLY K 250 -14.99 -76.70 -55.23
N LEU K 251 -14.37 -75.57 -55.56
CA LEU K 251 -13.51 -74.86 -54.62
C LEU K 251 -14.28 -73.99 -53.64
N GLU K 252 -15.60 -73.88 -53.80
CA GLU K 252 -16.40 -73.06 -52.89
C GLU K 252 -16.61 -73.71 -51.53
N ALA K 253 -16.40 -75.03 -51.43
CA ALA K 253 -16.58 -75.72 -50.16
C ALA K 253 -15.36 -75.65 -49.26
N ILE K 254 -14.24 -75.14 -49.77
CA ILE K 254 -13.00 -75.04 -49.00
C ILE K 254 -12.90 -73.64 -48.41
N ASP K 255 -12.29 -73.52 -47.24
CA ASP K 255 -12.18 -72.27 -46.54
C ASP K 255 -10.75 -71.74 -46.46
N GLU K 256 -9.76 -72.62 -46.29
CA GLU K 256 -8.39 -72.19 -46.08
C GLU K 256 -7.69 -71.72 -47.35
N ILE K 257 -8.31 -71.88 -48.53
CA ILE K 257 -7.67 -71.47 -49.76
C ILE K 257 -7.50 -69.97 -49.79
N SER K 258 -6.29 -69.51 -50.13
CA SER K 258 -5.99 -68.10 -50.20
C SER K 258 -5.72 -67.61 -51.62
N MET K 259 -5.44 -68.50 -52.56
CA MET K 259 -5.22 -68.11 -53.95
C MET K 259 -5.55 -69.29 -54.84
N VAL K 260 -5.99 -68.98 -56.07
CA VAL K 260 -6.41 -69.99 -57.03
C VAL K 260 -5.70 -69.73 -58.35
N ALA K 261 -5.29 -70.80 -59.02
CA ALA K 261 -4.61 -70.72 -60.30
C ALA K 261 -5.09 -71.82 -61.23
N VAL K 262 -5.02 -71.55 -62.52
CA VAL K 262 -5.34 -72.52 -63.56
C VAL K 262 -4.13 -72.62 -64.48
N PRO K 263 -3.06 -73.28 -64.05
CA PRO K 263 -1.81 -73.24 -64.84
C PRO K 263 -1.95 -73.78 -66.25
N ASP K 264 -2.74 -74.84 -66.43
CA ASP K 264 -2.85 -75.49 -67.74
C ASP K 264 -4.17 -75.04 -68.34
N LEU K 265 -4.14 -73.88 -68.97
CA LEU K 265 -5.22 -73.35 -69.78
C LEU K 265 -4.75 -72.94 -71.17
N MET K 266 -3.53 -72.42 -71.29
CA MET K 266 -2.99 -72.05 -72.59
C MET K 266 -2.65 -73.26 -73.45
N ALA K 267 -2.53 -74.44 -72.83
CA ALA K 267 -2.27 -75.66 -73.59
C ALA K 267 -3.40 -75.95 -74.56
N ALA K 268 -4.65 -75.87 -74.08
CA ALA K 268 -5.79 -76.08 -74.97
C ALA K 268 -5.84 -75.01 -76.06
N TYR K 269 -5.44 -73.78 -75.72
CA TYR K 269 -5.40 -72.73 -76.73
C TYR K 269 -4.32 -72.98 -77.78
N GLN K 270 -3.21 -73.60 -77.38
CA GLN K 270 -2.10 -73.79 -78.31
C GLN K 270 -2.40 -74.88 -79.34
N ARG K 271 -2.95 -76.01 -78.90
CA ARG K 271 -3.20 -77.15 -79.79
C ARG K 271 -4.67 -77.35 -80.10
N GLY K 272 -5.55 -77.24 -79.12
CA GLY K 272 -6.96 -77.50 -79.35
C GLY K 272 -7.70 -76.43 -80.11
N ALA K 273 -7.12 -75.24 -80.24
CA ALA K 273 -7.73 -74.10 -80.93
C ALA K 273 -9.11 -73.79 -80.34
N ILE K 274 -9.08 -73.41 -79.06
CA ILE K 274 -10.31 -73.10 -78.31
C ILE K 274 -10.66 -71.62 -78.42
N ASP K 275 -10.00 -70.89 -79.32
CA ASP K 275 -10.26 -69.47 -79.56
C ASP K 275 -9.95 -68.64 -78.32
N LEU K 276 -10.16 -67.33 -78.40
CA LEU K 276 -9.91 -66.44 -77.28
C LEU K 276 -11.15 -66.16 -76.45
N GLU K 277 -12.34 -66.32 -77.02
CA GLU K 277 -13.57 -66.06 -76.26
C GLU K 277 -13.73 -67.02 -75.09
N ALA K 278 -13.41 -68.30 -75.31
CA ALA K 278 -13.51 -69.28 -74.23
C ALA K 278 -12.54 -68.96 -73.10
N VAL K 279 -11.31 -68.59 -73.45
CA VAL K 279 -10.32 -68.23 -72.43
C VAL K 279 -10.77 -67.00 -71.66
N LYS K 280 -11.28 -65.99 -72.38
CA LYS K 280 -11.77 -64.78 -71.71
C LYS K 280 -12.93 -65.09 -70.78
N ALA K 281 -13.86 -65.95 -71.22
CA ALA K 281 -14.98 -66.31 -70.37
C ALA K 281 -14.53 -67.07 -69.13
N VAL K 282 -13.57 -67.99 -69.28
CA VAL K 282 -13.08 -68.75 -68.13
C VAL K 282 -12.41 -67.83 -67.14
N GLN K 283 -11.56 -66.91 -67.63
CA GLN K 283 -10.89 -65.98 -66.73
C GLN K 283 -11.87 -65.04 -66.05
N LEU K 284 -12.89 -64.57 -66.78
CA LEU K 284 -13.91 -63.72 -66.16
C LEU K 284 -14.70 -64.49 -65.11
N GLY K 285 -15.01 -65.76 -65.35
CA GLY K 285 -15.68 -66.56 -64.33
C GLY K 285 -14.83 -66.75 -63.10
N LEU K 286 -13.53 -66.99 -63.27
CA LEU K 286 -12.64 -67.10 -62.13
C LEU K 286 -12.58 -65.79 -61.36
N ILE K 287 -12.53 -64.66 -62.06
CA ILE K 287 -12.51 -63.35 -61.41
C ILE K 287 -13.80 -63.15 -60.62
N ALA K 288 -14.94 -63.50 -61.21
CA ALA K 288 -16.22 -63.34 -60.52
C ALA K 288 -16.29 -64.23 -59.28
N HIS K 289 -15.79 -65.46 -59.38
CA HIS K 289 -15.76 -66.34 -58.21
C HIS K 289 -14.88 -65.76 -57.10
N CYS K 290 -13.71 -65.22 -57.47
CA CYS K 290 -12.83 -64.61 -56.47
C CYS K 290 -13.50 -63.41 -55.81
N GLU K 291 -14.21 -62.60 -56.62
CA GLU K 291 -14.90 -61.41 -56.08
C GLU K 291 -16.01 -61.85 -55.13
N LEU K 292 -16.77 -62.89 -55.51
CA LEU K 292 -17.87 -63.37 -54.67
C LEU K 292 -17.37 -63.93 -53.35
N MET K 293 -16.28 -64.69 -53.38
CA MET K 293 -15.74 -65.26 -52.15
C MET K 293 -15.25 -64.17 -51.21
N GLY K 294 -14.56 -63.15 -51.75
CA GLY K 294 -14.07 -62.06 -50.93
C GLY K 294 -12.89 -62.39 -50.06
N ASP K 295 -12.21 -63.51 -50.33
CA ASP K 295 -11.07 -63.92 -49.53
C ASP K 295 -9.85 -64.31 -50.35
N ARG K 296 -10.00 -64.58 -51.65
CA ARG K 296 -8.94 -65.13 -52.47
C ARG K 296 -8.51 -64.13 -53.53
N VAL K 297 -7.30 -64.34 -54.05
CA VAL K 297 -6.69 -63.45 -55.04
C VAL K 297 -6.28 -64.29 -56.24
N ALA K 298 -6.57 -63.78 -57.44
CA ALA K 298 -6.34 -64.51 -58.69
C ALA K 298 -5.03 -64.09 -59.33
N ILE K 299 -4.37 -65.06 -59.98
CA ILE K 299 -3.14 -64.83 -60.71
C ILE K 299 -3.41 -65.10 -62.19
N ILE K 300 -3.04 -64.15 -63.03
CA ILE K 300 -3.36 -64.20 -64.46
C ILE K 300 -2.07 -64.11 -65.27
N ASP K 301 -2.09 -64.76 -66.43
CA ASP K 301 -1.00 -64.75 -67.39
C ASP K 301 -1.54 -64.44 -68.78
N PRO K 302 -0.72 -63.83 -69.63
CA PRO K 302 -1.19 -63.47 -70.97
C PRO K 302 -0.91 -64.58 -71.97
N PRO K 303 -1.41 -64.46 -73.19
CA PRO K 303 -1.07 -65.44 -74.24
C PRO K 303 0.41 -65.44 -74.51
N PRO K 304 0.97 -66.59 -74.95
CA PRO K 304 2.44 -66.75 -74.99
C PRO K 304 3.18 -65.74 -75.86
N ASN K 305 2.84 -65.65 -77.14
CA ASN K 305 3.67 -64.92 -78.09
C ASN K 305 3.17 -63.49 -78.28
N GLN K 306 3.68 -62.58 -77.44
CA GLN K 306 3.40 -61.16 -77.59
C GLN K 306 4.64 -60.37 -77.18
N ASN K 307 4.66 -59.10 -77.59
CA ASN K 307 5.72 -58.16 -77.21
C ASN K 307 5.07 -56.83 -76.85
N ALA K 308 5.90 -55.80 -76.74
CA ALA K 308 5.39 -54.47 -76.42
C ALA K 308 4.48 -53.97 -77.53
N ARG K 309 3.58 -53.04 -77.18
CA ARG K 309 2.62 -52.43 -78.10
C ARG K 309 1.54 -53.44 -78.51
N GLN K 310 1.66 -54.68 -78.04
CA GLN K 310 0.61 -55.68 -78.20
C GLN K 310 -0.09 -56.00 -76.89
N ILE K 311 0.67 -56.33 -75.84
CA ILE K 311 0.07 -56.58 -74.54
C ILE K 311 -0.66 -55.34 -74.03
N ARG K 312 -0.05 -54.17 -74.22
CA ARG K 312 -0.71 -52.92 -73.85
C ARG K 312 -2.03 -52.74 -74.58
N VAL K 313 -2.18 -53.35 -75.76
CA VAL K 313 -3.48 -53.38 -76.41
C VAL K 313 -4.35 -54.47 -75.81
N TRP K 314 -3.78 -55.67 -75.63
CA TRP K 314 -4.56 -56.82 -75.15
C TRP K 314 -5.14 -56.56 -73.78
N ARG K 315 -4.47 -55.75 -72.97
CA ARG K 315 -4.96 -55.40 -71.63
C ARG K 315 -6.11 -54.40 -71.67
N GLN K 316 -6.19 -53.56 -72.70
CA GLN K 316 -7.12 -52.44 -72.66
C GLN K 316 -8.32 -52.60 -73.60
N GLU K 317 -8.12 -53.15 -74.80
CA GLU K 317 -9.22 -53.33 -75.73
C GLU K 317 -9.88 -54.70 -75.65
N THR K 318 -9.28 -55.65 -74.96
CA THR K 318 -9.83 -57.01 -74.93
C THR K 318 -10.00 -57.57 -73.53
N ALA K 319 -9.11 -57.23 -72.60
CA ALA K 319 -9.06 -57.88 -71.29
C ALA K 319 -8.95 -56.84 -70.18
N GLY K 320 -9.87 -55.87 -70.19
CA GLY K 320 -9.83 -54.81 -69.18
C GLY K 320 -9.85 -55.35 -67.77
N TYR K 321 -10.73 -56.32 -67.50
CA TYR K 321 -10.69 -57.10 -66.27
C TYR K 321 -10.93 -56.27 -65.01
N ASP K 322 -9.96 -55.42 -64.67
CA ASP K 322 -9.89 -54.69 -63.41
C ASP K 322 -10.34 -55.56 -62.23
N SER K 323 -11.37 -55.13 -61.51
CA SER K 323 -12.03 -55.82 -60.41
C SER K 323 -11.19 -55.87 -59.13
N LYS K 324 -9.96 -55.34 -59.14
CA LYS K 324 -9.11 -55.17 -57.97
C LYS K 324 -8.74 -56.48 -57.27
N TYR K 325 -9.16 -57.62 -57.81
CA TYR K 325 -8.94 -58.92 -57.20
C TYR K 325 -8.09 -59.82 -58.07
N ALA K 326 -7.04 -59.27 -58.68
CA ALA K 326 -6.21 -60.06 -59.57
C ALA K 326 -4.82 -59.45 -59.67
N ALA K 327 -3.88 -60.27 -60.16
CA ALA K 327 -2.54 -59.80 -60.45
C ALA K 327 -2.05 -60.51 -61.70
N LEU K 328 -1.59 -59.75 -62.69
CA LEU K 328 -1.19 -60.29 -63.99
C LEU K 328 0.32 -60.24 -64.11
N TYR K 329 0.91 -61.35 -64.55
CA TYR K 329 2.36 -61.46 -64.72
C TYR K 329 2.67 -61.74 -66.19
N TYR K 330 3.34 -60.78 -66.84
CA TYR K 330 3.49 -60.76 -68.29
C TYR K 330 4.41 -61.85 -68.84
N PRO K 331 5.71 -61.86 -68.54
CA PRO K 331 6.63 -62.70 -69.31
C PRO K 331 6.61 -64.15 -68.87
N TRP K 332 6.77 -65.05 -69.84
CA TRP K 332 6.81 -66.48 -69.57
C TRP K 332 8.22 -66.90 -69.16
N ILE K 333 8.32 -68.08 -68.54
CA ILE K 333 9.57 -68.57 -67.98
C ILE K 333 9.96 -69.86 -68.68
N LYS K 334 11.20 -69.92 -69.15
CA LYS K 334 11.72 -71.14 -69.76
C LYS K 334 12.32 -72.02 -68.66
N SER K 335 11.86 -73.26 -68.57
CA SER K 335 12.26 -74.17 -67.51
C SER K 335 12.62 -75.54 -68.10
N PHE K 336 13.31 -76.32 -67.28
CA PHE K 336 13.81 -77.63 -67.68
C PHE K 336 12.74 -78.71 -67.47
N ASP K 337 12.82 -79.75 -68.29
CA ASP K 337 11.92 -80.90 -68.18
C ASP K 337 12.79 -82.16 -68.17
N PRO K 338 12.75 -82.95 -67.08
CA PRO K 338 13.58 -84.16 -67.03
C PRO K 338 13.01 -85.33 -67.82
N ALA K 339 11.71 -85.31 -68.15
CA ALA K 339 11.15 -86.40 -68.94
C ALA K 339 11.83 -86.50 -70.30
N THR K 340 12.04 -85.36 -70.95
CA THR K 340 12.87 -85.29 -72.16
C THR K 340 14.21 -84.61 -71.91
N GLY K 341 14.42 -84.04 -70.72
CA GLY K 341 15.65 -83.33 -70.45
C GLY K 341 15.86 -82.13 -71.35
N GLN K 342 14.80 -81.35 -71.58
CA GLN K 342 14.87 -80.24 -72.53
C GLN K 342 14.22 -79.01 -71.93
N SER K 343 14.60 -77.85 -72.45
CA SER K 343 14.06 -76.58 -71.99
C SER K 343 12.83 -76.20 -72.80
N ARG K 344 11.80 -75.72 -72.11
CA ARG K 344 10.57 -75.31 -72.78
C ARG K 344 9.89 -74.23 -71.94
N LEU K 345 9.01 -73.48 -72.60
CA LEU K 345 8.37 -72.32 -71.98
C LEU K 345 7.11 -72.70 -71.23
N VAL K 346 6.95 -72.13 -70.03
CA VAL K 346 5.76 -72.32 -69.23
C VAL K 346 5.33 -70.98 -68.64
N PRO K 347 4.03 -70.83 -68.39
CA PRO K 347 3.55 -69.59 -67.80
C PRO K 347 4.01 -69.46 -66.36
N PRO K 348 4.13 -68.25 -65.84
CA PRO K 348 4.53 -68.04 -64.43
C PRO K 348 3.34 -68.04 -63.47
N SER K 349 2.81 -69.24 -63.21
CA SER K 349 1.63 -69.40 -62.37
C SER K 349 1.97 -69.89 -60.97
N GLY K 350 2.70 -71.00 -60.87
CA GLY K 350 3.05 -71.54 -59.57
C GLY K 350 4.20 -70.84 -58.90
N HIS K 351 5.12 -70.28 -59.69
CA HIS K 351 6.30 -69.63 -59.12
C HIS K 351 5.92 -68.40 -58.31
N VAL K 352 4.97 -67.61 -58.81
CA VAL K 352 4.55 -66.41 -58.07
C VAL K 352 3.83 -66.79 -56.79
N ALA K 353 3.03 -67.87 -56.84
CA ALA K 353 2.38 -68.35 -55.62
C ALA K 353 3.41 -68.81 -54.59
N GLY K 354 4.44 -69.53 -55.05
CA GLY K 354 5.49 -69.93 -54.14
C GLY K 354 6.24 -68.75 -53.55
N ILE K 355 6.48 -67.72 -54.36
CA ILE K 355 7.13 -66.51 -53.86
C ILE K 355 6.26 -65.82 -52.82
N TRP K 356 4.95 -65.77 -53.06
CA TRP K 356 4.04 -65.19 -52.09
C TRP K 356 4.06 -65.96 -50.77
N ALA K 357 4.06 -67.30 -50.85
CA ALA K 357 4.11 -68.11 -49.64
C ALA K 357 5.42 -67.91 -48.90
N ARG K 358 6.53 -67.83 -49.63
CA ARG K 358 7.83 -67.60 -49.00
C ARG K 358 7.88 -66.25 -48.31
N ASN K 359 7.34 -65.21 -48.96
CA ASN K 359 7.31 -63.89 -48.33
C ASN K 359 6.42 -63.88 -47.10
N ASP K 360 5.28 -64.57 -47.16
CA ASP K 360 4.40 -64.63 -46.00
C ASP K 360 4.98 -65.45 -44.86
N SER K 361 5.86 -66.40 -45.17
CA SER K 361 6.47 -67.21 -44.11
C SER K 361 7.67 -66.51 -43.48
N GLU K 362 8.62 -66.06 -44.30
CA GLU K 362 9.82 -65.42 -43.75
C GLU K 362 9.48 -64.11 -43.05
N ARG K 363 8.76 -63.23 -43.72
CA ARG K 363 8.35 -61.95 -43.17
C ARG K 363 6.84 -61.90 -43.03
N GLY K 364 6.33 -60.76 -42.56
CA GLY K 364 4.91 -60.59 -42.42
C GLY K 364 4.22 -60.44 -43.77
N VAL K 365 2.89 -60.57 -43.74
CA VAL K 365 2.09 -60.42 -44.94
C VAL K 365 2.06 -58.99 -45.45
N HIS K 366 2.49 -58.03 -44.64
CA HIS K 366 2.49 -56.62 -45.05
C HIS K 366 3.65 -56.27 -45.98
N LYS K 367 4.61 -57.18 -46.17
CA LYS K 367 5.74 -56.93 -47.06
C LYS K 367 5.34 -57.27 -48.49
N ALA K 368 5.53 -56.31 -49.38
CA ALA K 368 5.17 -56.52 -50.78
C ALA K 368 6.19 -57.41 -51.47
N PRO K 369 5.76 -58.50 -52.11
CA PRO K 369 6.72 -59.35 -52.83
C PRO K 369 7.21 -58.70 -54.11
N ALA K 370 8.02 -57.64 -53.96
CA ALA K 370 8.49 -56.87 -55.11
C ALA K 370 9.86 -57.27 -55.60
N ASN K 371 10.76 -57.72 -54.71
CA ASN K 371 12.12 -58.07 -55.09
C ASN K 371 12.39 -59.49 -54.60
N GLU K 372 12.04 -60.48 -55.41
CA GLU K 372 12.29 -61.88 -55.10
C GLU K 372 12.81 -62.58 -56.34
N VAL K 373 13.66 -63.59 -56.11
CA VAL K 373 14.33 -64.31 -57.18
C VAL K 373 13.54 -65.56 -57.52
N VAL K 374 13.28 -65.75 -58.82
CA VAL K 374 12.47 -66.90 -59.28
C VAL K 374 13.38 -68.12 -59.39
N ARG K 375 13.58 -68.83 -58.28
CA ARG K 375 14.39 -70.06 -58.26
C ARG K 375 13.80 -71.08 -59.22
N GLY K 376 14.63 -71.79 -59.98
CA GLY K 376 14.13 -72.86 -60.87
C GLY K 376 14.14 -72.49 -62.36
N ALA K 377 14.14 -71.21 -62.71
CA ALA K 377 14.06 -70.77 -64.12
C ALA K 377 15.43 -70.83 -64.79
N VAL K 378 15.52 -70.39 -66.05
CA VAL K 378 16.81 -70.39 -66.80
C VAL K 378 16.86 -69.17 -67.73
N ASP K 379 15.81 -68.89 -68.50
CA ASP K 379 15.80 -67.79 -69.45
C ASP K 379 14.42 -67.12 -69.42
N LEU K 380 14.24 -66.14 -70.31
CA LEU K 380 12.97 -65.43 -70.43
C LEU K 380 12.48 -65.27 -71.86
N GLU K 381 13.36 -65.38 -72.86
CA GLU K 381 13.02 -65.23 -74.27
C GLU K 381 12.48 -63.84 -74.59
N LEU K 382 12.79 -62.85 -73.75
CA LEU K 382 12.37 -61.47 -73.98
C LEU K 382 13.13 -60.58 -73.00
N GLN K 383 13.43 -59.36 -73.44
CA GLN K 383 14.15 -58.39 -72.64
C GLN K 383 13.39 -57.08 -72.61
N ILE K 384 13.34 -56.45 -71.44
CA ILE K 384 12.63 -55.20 -71.23
C ILE K 384 13.62 -54.13 -70.81
N THR K 385 13.58 -52.99 -71.49
CA THR K 385 14.42 -51.85 -71.14
C THR K 385 13.70 -50.99 -70.10
N ARG K 386 14.27 -49.81 -69.82
CA ARG K 386 13.65 -48.91 -68.83
C ARG K 386 12.40 -48.27 -69.44
N GLY K 387 12.47 -47.85 -70.70
CA GLY K 387 11.34 -47.18 -71.32
C GLY K 387 10.12 -48.07 -71.45
N GLU K 388 10.33 -49.33 -71.86
CA GLU K 388 9.21 -50.26 -71.98
C GLU K 388 8.57 -50.52 -70.62
N GLN K 389 9.38 -50.67 -69.57
CA GLN K 389 8.83 -50.81 -68.23
C GLN K 389 8.07 -49.56 -67.80
N ASP K 390 8.60 -48.37 -68.12
CA ASP K 390 7.91 -47.13 -67.83
C ASP K 390 6.61 -47.00 -68.62
N LEU K 391 6.46 -47.72 -69.73
CA LEU K 391 5.20 -47.75 -70.45
C LEU K 391 4.22 -48.76 -69.87
N LEU K 392 4.73 -49.80 -69.20
CA LEU K 392 3.87 -50.83 -68.63
C LEU K 392 3.57 -50.60 -67.15
N ASN K 393 4.40 -49.82 -66.46
CA ASN K 393 4.16 -49.55 -65.04
C ASN K 393 2.84 -48.83 -64.76
N PRO K 394 2.45 -47.78 -65.51
CA PRO K 394 1.19 -47.10 -65.18
C PRO K 394 -0.03 -48.01 -65.20
N ILE K 395 -0.03 -49.05 -66.04
CA ILE K 395 -1.09 -50.03 -66.04
C ILE K 395 -0.69 -51.19 -65.15
N GLY K 396 -1.67 -52.00 -64.75
CA GLY K 396 -1.43 -53.06 -63.80
C GLY K 396 -0.70 -54.26 -64.37
N VAL K 397 0.43 -54.03 -65.01
CA VAL K 397 1.23 -55.10 -65.59
C VAL K 397 2.57 -55.14 -64.85
N ASN K 398 2.83 -56.24 -64.15
CA ASN K 398 4.10 -56.45 -63.49
C ASN K 398 5.12 -56.97 -64.50
N CYS K 399 6.34 -57.22 -64.01
CA CYS K 399 7.40 -57.65 -64.91
C CYS K 399 8.34 -58.61 -64.18
N ILE K 400 9.07 -59.39 -64.98
CA ILE K 400 10.14 -60.25 -64.49
C ILE K 400 11.40 -59.82 -65.23
N ARG K 401 12.32 -59.20 -64.51
CA ARG K 401 13.46 -58.52 -65.13
C ARG K 401 14.76 -59.25 -64.82
N SER K 402 15.67 -59.22 -65.80
CA SER K 402 17.00 -59.79 -65.65
C SER K 402 17.99 -58.67 -65.40
N PHE K 403 18.71 -58.76 -64.30
CA PHE K 403 19.68 -57.76 -63.90
C PHE K 403 21.09 -58.32 -63.99
N PRO K 404 22.03 -57.57 -64.57
CA PRO K 404 23.38 -58.10 -64.78
C PRO K 404 24.20 -58.15 -63.50
N GLY K 405 24.03 -59.22 -62.73
CA GLY K 405 24.73 -59.39 -61.48
C GLY K 405 23.81 -59.85 -60.37
N ARG K 406 22.50 -59.82 -60.64
CA ARG K 406 21.50 -60.28 -59.70
C ARG K 406 20.53 -61.30 -60.28
N GLY K 407 20.52 -61.50 -61.59
CA GLY K 407 19.71 -62.56 -62.17
C GLY K 407 18.27 -62.18 -62.43
N ILE K 408 17.38 -63.16 -62.37
CA ILE K 408 15.97 -62.96 -62.68
C ILE K 408 15.23 -62.61 -61.40
N ARG K 409 14.50 -61.50 -61.42
CA ARG K 409 13.80 -61.02 -60.23
C ARG K 409 12.43 -60.48 -60.62
N VAL K 410 11.49 -60.57 -59.67
CA VAL K 410 10.19 -59.94 -59.87
C VAL K 410 10.34 -58.43 -59.80
N TRP K 411 9.38 -57.71 -60.39
CA TRP K 411 9.48 -56.26 -60.44
C TRP K 411 8.08 -55.66 -60.63
N GLY K 412 7.66 -54.81 -59.70
CA GLY K 412 6.50 -53.96 -59.88
C GLY K 412 5.41 -54.08 -58.83
N ALA K 413 5.07 -55.30 -58.45
CA ALA K 413 4.15 -55.59 -57.35
C ALA K 413 2.90 -54.70 -57.39
N ARG K 414 2.12 -54.85 -58.46
CA ARG K 414 0.89 -54.08 -58.62
C ARG K 414 -0.26 -55.01 -58.98
N THR K 415 -1.45 -54.44 -59.11
CA THR K 415 -2.67 -55.19 -59.37
C THR K 415 -3.50 -54.50 -60.44
N LEU K 416 -4.59 -55.15 -60.84
CA LEU K 416 -5.51 -54.62 -61.85
C LEU K 416 -6.65 -53.89 -61.14
N SER K 417 -6.52 -52.57 -61.01
CA SER K 417 -7.55 -51.79 -60.35
C SER K 417 -7.43 -50.34 -60.79
N SER K 418 -8.48 -49.81 -61.41
CA SER K 418 -8.47 -48.41 -61.81
C SER K 418 -8.56 -47.48 -60.61
N ASP K 419 -9.30 -47.90 -59.57
CA ASP K 419 -9.46 -47.10 -58.37
C ASP K 419 -8.12 -46.94 -57.66
N PRO K 420 -7.65 -45.71 -57.40
CA PRO K 420 -6.36 -45.54 -56.72
C PRO K 420 -6.34 -46.00 -55.27
N ALA K 421 -7.47 -46.44 -54.72
CA ALA K 421 -7.49 -46.87 -53.32
C ALA K 421 -6.81 -48.23 -53.12
N TRP K 422 -6.87 -49.10 -54.11
CA TRP K 422 -6.31 -50.45 -53.99
C TRP K 422 -5.24 -50.69 -55.04
N ARG K 423 -4.33 -49.74 -55.21
CA ARG K 423 -3.28 -49.88 -56.21
C ARG K 423 -2.35 -51.04 -55.89
N TYR K 424 -2.00 -51.22 -54.62
CA TYR K 424 -0.97 -52.16 -54.22
C TYR K 424 -1.56 -53.46 -53.70
N LEU K 425 -0.81 -54.54 -53.87
CA LEU K 425 -1.27 -55.87 -53.47
C LEU K 425 -1.21 -56.06 -51.96
N ASN K 426 -0.17 -55.53 -51.31
CA ASN K 426 0.02 -55.80 -49.89
C ASN K 426 -1.11 -55.21 -49.05
N ILE K 427 -1.64 -54.05 -49.46
CA ILE K 427 -2.78 -53.46 -48.76
C ILE K 427 -3.98 -54.40 -48.81
N ARG K 428 -4.26 -54.94 -50.00
CA ARG K 428 -5.39 -55.86 -50.16
C ARG K 428 -5.19 -57.12 -49.32
N ARG K 429 -3.98 -57.67 -49.34
CA ARG K 429 -3.70 -58.88 -48.57
C ARG K 429 -3.88 -58.63 -47.07
N TYR K 430 -3.34 -57.52 -46.57
CA TYR K 430 -3.47 -57.20 -45.15
C TYR K 430 -4.92 -56.97 -44.76
N PHE K 431 -5.69 -56.28 -45.62
CA PHE K 431 -7.09 -56.05 -45.32
C PHE K 431 -7.87 -57.37 -45.31
N ASN K 432 -7.58 -58.27 -46.24
CA ASN K 432 -8.21 -59.58 -46.23
C ASN K 432 -7.89 -60.34 -44.95
N TYR K 433 -6.62 -60.31 -44.53
CA TYR K 433 -6.22 -60.99 -43.31
C TYR K 433 -6.95 -60.43 -42.10
N LEU K 434 -7.01 -59.10 -41.99
CA LEU K 434 -7.70 -58.47 -40.86
C LEU K 434 -9.19 -58.80 -40.86
N GLU K 435 -9.83 -58.73 -42.02
CA GLU K 435 -11.25 -59.03 -42.10
C GLU K 435 -11.53 -60.47 -41.72
N GLU K 436 -10.72 -61.41 -42.20
CA GLU K 436 -10.93 -62.81 -41.85
C GLU K 436 -10.74 -63.04 -40.36
N SER K 437 -9.69 -62.45 -39.77
CA SER K 437 -9.47 -62.63 -38.33
C SER K 437 -10.62 -62.06 -37.51
N ILE K 438 -11.08 -60.86 -37.88
CA ILE K 438 -12.17 -60.23 -37.14
C ILE K 438 -13.45 -61.05 -37.27
N LEU K 439 -13.76 -61.52 -38.48
CA LEU K 439 -14.97 -62.31 -38.67
C LEU K 439 -14.92 -63.62 -37.89
N ILE K 440 -13.76 -64.28 -37.87
CA ILE K 440 -13.68 -65.55 -37.16
C ILE K 440 -13.74 -65.36 -35.64
N GLY K 441 -13.04 -64.36 -35.10
CA GLY K 441 -12.93 -64.24 -33.66
C GLY K 441 -13.82 -63.22 -32.99
N THR K 442 -15.08 -63.12 -33.41
CA THR K 442 -15.99 -62.14 -32.84
C THR K 442 -17.39 -62.70 -32.60
N GLN K 443 -17.66 -63.94 -32.98
CA GLN K 443 -19.03 -64.44 -33.02
C GLN K 443 -19.70 -64.48 -31.64
N TRP K 444 -18.93 -64.39 -30.55
CA TRP K 444 -19.52 -64.47 -29.22
C TRP K 444 -20.31 -63.22 -28.84
N VAL K 445 -20.21 -62.14 -29.61
CA VAL K 445 -20.84 -60.88 -29.22
C VAL K 445 -22.33 -60.83 -29.52
N VAL K 446 -22.83 -61.71 -30.37
CA VAL K 446 -24.24 -61.68 -30.76
C VAL K 446 -25.11 -62.11 -29.59
N PHE K 447 -26.30 -61.49 -29.50
CA PHE K 447 -27.28 -61.79 -28.46
C PHE K 447 -26.70 -61.54 -27.06
N GLU K 448 -26.40 -60.27 -26.82
CA GLU K 448 -25.86 -59.80 -25.55
C GLU K 448 -26.74 -58.69 -24.99
N PRO K 449 -26.66 -58.42 -23.68
CA PRO K 449 -27.54 -57.41 -23.08
C PRO K 449 -27.38 -56.02 -23.68
N ASN K 450 -26.27 -55.74 -24.37
CA ASN K 450 -26.06 -54.47 -25.07
C ASN K 450 -26.08 -53.28 -24.11
N ASP K 451 -25.13 -53.32 -23.18
CA ASP K 451 -24.91 -52.21 -22.26
C ASP K 451 -23.49 -51.69 -22.47
N HIS K 452 -23.09 -50.65 -21.73
CA HIS K 452 -21.77 -50.06 -21.89
C HIS K 452 -20.64 -51.00 -21.50
N ASN K 453 -20.91 -52.02 -20.69
CA ASN K 453 -19.89 -53.02 -20.40
C ASN K 453 -19.48 -53.77 -21.66
N LEU K 454 -20.45 -54.11 -22.51
CA LEU K 454 -20.14 -54.77 -23.78
C LEU K 454 -19.28 -53.86 -24.66
N TRP K 455 -19.61 -52.56 -24.70
CA TRP K 455 -18.80 -51.62 -25.47
C TRP K 455 -17.37 -51.57 -24.95
N ALA K 456 -17.21 -51.52 -23.63
CA ALA K 456 -15.87 -51.50 -23.04
C ALA K 456 -15.10 -52.77 -23.39
N ARG K 457 -15.75 -53.92 -23.30
CA ARG K 457 -15.07 -55.18 -23.62
C ARG K 457 -14.64 -55.22 -25.09
N ILE K 458 -15.53 -54.81 -26.00
CA ILE K 458 -15.20 -54.81 -27.42
C ILE K 458 -14.04 -53.87 -27.70
N ARG K 459 -14.08 -52.66 -27.11
CA ARG K 459 -13.00 -51.70 -27.31
C ARG K 459 -11.68 -52.25 -26.79
N ARG K 460 -11.70 -52.88 -25.62
CA ARG K 460 -10.46 -53.45 -25.06
C ARG K 460 -9.89 -54.52 -25.96
N ASN K 461 -10.76 -55.42 -26.46
CA ASN K 461 -10.27 -56.51 -27.32
C ASN K 461 -9.68 -55.97 -28.61
N VAL K 462 -10.39 -55.04 -29.26
CA VAL K 462 -9.90 -54.50 -30.53
C VAL K 462 -8.62 -53.71 -30.32
N SER K 463 -8.54 -52.95 -29.23
CA SER K 463 -7.32 -52.19 -28.96
C SER K 463 -6.13 -53.11 -28.71
N ALA K 464 -6.35 -54.20 -27.97
CA ALA K 464 -5.26 -55.15 -27.72
C ALA K 464 -4.79 -55.78 -29.03
N PHE K 465 -5.73 -56.19 -29.88
CA PHE K 465 -5.34 -56.78 -31.16
C PHE K 465 -4.56 -55.79 -32.02
N LEU K 466 -5.02 -54.54 -32.07
CA LEU K 466 -4.36 -53.54 -32.90
C LEU K 466 -2.98 -53.18 -32.34
N VAL K 467 -2.84 -53.13 -31.02
CA VAL K 467 -1.54 -52.87 -30.42
C VAL K 467 -0.56 -54.00 -30.74
N ASN K 468 -1.04 -55.25 -30.63
CA ASN K 468 -0.19 -56.38 -30.96
C ASN K 468 0.24 -56.35 -32.44
N GLU K 469 -0.68 -55.97 -33.33
CA GLU K 469 -0.33 -55.85 -34.74
C GLU K 469 0.66 -54.73 -34.97
N TRP K 470 0.50 -53.60 -34.28
CA TRP K 470 1.35 -52.44 -34.51
C TRP K 470 2.76 -52.65 -33.98
N ARG K 471 2.91 -53.39 -32.87
CA ARG K 471 4.23 -53.56 -32.28
C ARG K 471 5.19 -54.33 -33.18
N ASN K 472 4.70 -55.00 -34.22
CA ASN K 472 5.55 -55.68 -35.19
C ASN K 472 6.00 -54.79 -36.33
N GLY K 473 5.61 -53.52 -36.33
CA GLY K 473 6.01 -52.61 -37.39
C GLY K 473 5.16 -52.67 -38.64
N ALA K 474 3.93 -53.14 -38.55
CA ALA K 474 3.05 -53.25 -39.70
C ALA K 474 2.16 -52.02 -39.89
N LEU K 475 2.28 -51.01 -39.02
CA LEU K 475 1.48 -49.80 -39.12
C LEU K 475 2.39 -48.59 -39.03
N PHE K 476 2.02 -47.53 -39.75
CA PHE K 476 2.83 -46.32 -39.86
C PHE K 476 2.47 -45.37 -38.73
N GLY K 477 3.40 -45.20 -37.79
CA GLY K 477 3.18 -44.27 -36.70
C GLY K 477 4.21 -44.41 -35.59
N GLN K 478 4.68 -43.28 -35.05
CA GLN K 478 5.69 -43.32 -33.95
C GLN K 478 5.01 -43.72 -32.64
N SER K 479 3.72 -43.41 -32.48
CA SER K 479 2.98 -43.70 -31.27
C SER K 479 1.70 -44.44 -31.62
N PRO K 480 1.17 -45.25 -30.69
CA PRO K 480 -0.09 -45.96 -30.94
C PRO K 480 -1.24 -45.02 -31.25
N ASP K 481 -1.19 -43.80 -30.71
CA ASP K 481 -2.26 -42.83 -30.96
C ASP K 481 -2.31 -42.41 -32.42
N GLN K 482 -1.17 -42.43 -33.11
CA GLN K 482 -1.10 -42.02 -34.50
C GLN K 482 -1.24 -43.18 -35.47
N ALA K 483 -1.43 -44.40 -34.98
CA ALA K 483 -1.49 -45.58 -35.84
C ALA K 483 -2.90 -46.12 -36.05
N TYR K 484 -3.79 -45.95 -35.07
CA TYR K 484 -5.13 -46.51 -35.17
C TYR K 484 -6.06 -45.71 -34.26
N TYR K 485 -7.36 -45.89 -34.49
CA TYR K 485 -8.37 -45.29 -33.60
C TYR K 485 -9.62 -46.15 -33.62
N VAL K 486 -10.13 -46.46 -32.44
CA VAL K 486 -11.32 -47.28 -32.26
C VAL K 486 -12.33 -46.47 -31.45
N LYS K 487 -13.55 -46.36 -31.96
CA LYS K 487 -14.60 -45.56 -31.33
C LYS K 487 -15.82 -46.43 -31.10
N CYS K 488 -16.23 -46.53 -29.83
CA CYS K 488 -17.46 -47.24 -29.47
C CYS K 488 -17.94 -46.65 -28.14
N ASP K 489 -18.92 -45.76 -28.22
CA ASP K 489 -19.42 -45.05 -27.05
C ASP K 489 -20.83 -44.55 -27.35
N GLU K 490 -21.32 -43.65 -26.48
CA GLU K 490 -22.66 -43.11 -26.66
C GLU K 490 -22.74 -42.10 -27.80
N GLU K 491 -21.60 -41.60 -28.29
CA GLU K 491 -21.61 -40.66 -29.40
C GLU K 491 -21.96 -41.34 -30.71
N THR K 492 -21.47 -42.56 -30.92
CA THR K 492 -21.76 -43.32 -32.13
C THR K 492 -22.88 -44.33 -31.96
N ASN K 493 -23.49 -44.40 -30.77
CA ASN K 493 -24.58 -45.34 -30.49
C ASN K 493 -25.72 -44.56 -29.84
N PRO K 494 -26.50 -43.83 -30.63
CA PRO K 494 -27.64 -43.09 -30.08
C PRO K 494 -28.72 -44.04 -29.62
N PRO K 495 -29.61 -43.58 -28.73
CA PRO K 495 -30.68 -44.48 -28.26
C PRO K 495 -31.58 -45.01 -29.37
N GLU K 496 -31.80 -44.23 -30.43
CA GLU K 496 -32.59 -44.71 -31.56
C GLU K 496 -31.91 -45.90 -32.23
N SER K 497 -30.59 -45.85 -32.38
CA SER K 497 -29.87 -46.96 -32.99
C SER K 497 -29.87 -48.18 -32.08
N VAL K 498 -29.70 -47.99 -30.77
CA VAL K 498 -29.64 -49.12 -29.86
C VAL K 498 -31.04 -49.70 -29.64
N ASP K 499 -32.08 -48.97 -30.01
CA ASP K 499 -33.44 -49.51 -29.92
C ASP K 499 -33.59 -50.72 -30.83
N LEU K 500 -33.04 -50.66 -32.04
CA LEU K 500 -33.12 -51.78 -32.97
C LEU K 500 -32.11 -52.88 -32.68
N GLY K 501 -31.21 -52.68 -31.72
CA GLY K 501 -30.21 -53.68 -31.41
C GLY K 501 -29.06 -53.69 -32.39
N ARG K 502 -28.30 -52.59 -32.44
CA ARG K 502 -27.19 -52.45 -33.38
C ARG K 502 -25.94 -51.99 -32.65
N VAL K 503 -24.79 -52.50 -33.08
CA VAL K 503 -23.48 -52.09 -32.58
C VAL K 503 -22.63 -51.71 -33.78
N VAL K 504 -21.89 -50.61 -33.65
CA VAL K 504 -21.12 -50.05 -34.76
C VAL K 504 -19.62 -50.31 -34.59
N CYS K 505 -19.02 -49.79 -33.53
CA CYS K 505 -17.59 -49.99 -33.22
C CYS K 505 -16.70 -49.57 -34.39
N GLU K 506 -16.71 -48.26 -34.66
CA GLU K 506 -15.94 -47.73 -35.77
C GLU K 506 -14.45 -47.96 -35.55
N ILE K 507 -13.78 -48.43 -36.60
CA ILE K 507 -12.35 -48.76 -36.55
C ILE K 507 -11.64 -48.07 -37.71
N GLY K 508 -10.49 -47.46 -37.42
CA GLY K 508 -9.68 -46.86 -38.47
C GLY K 508 -8.21 -47.14 -38.27
N ILE K 509 -7.52 -47.54 -39.33
CA ILE K 509 -6.11 -47.90 -39.26
C ILE K 509 -5.35 -47.15 -40.35
N ALA K 510 -4.04 -47.06 -40.16
CA ALA K 510 -3.15 -46.41 -41.12
C ALA K 510 -2.14 -47.43 -41.63
N PRO K 511 -2.28 -47.93 -42.85
CA PRO K 511 -1.37 -48.95 -43.37
C PRO K 511 -0.05 -48.35 -43.82
N VAL K 512 0.86 -49.23 -44.26
CA VAL K 512 2.17 -48.84 -44.76
C VAL K 512 2.24 -49.21 -46.24
N LYS K 513 2.94 -48.40 -47.01
CA LYS K 513 3.06 -48.63 -48.44
C LYS K 513 4.52 -48.84 -48.83
N PRO K 514 4.79 -49.67 -49.83
CA PRO K 514 6.18 -49.93 -50.22
C PRO K 514 6.82 -48.70 -50.87
N ALA K 515 8.14 -48.62 -50.74
CA ALA K 515 8.92 -47.55 -51.35
C ALA K 515 9.38 -48.01 -52.72
N GLU K 516 8.90 -47.34 -53.77
CA GLU K 516 9.20 -47.72 -55.14
C GLU K 516 10.30 -46.89 -55.77
N PHE K 517 10.23 -45.56 -55.63
CA PHE K 517 11.22 -44.66 -56.21
C PHE K 517 12.08 -44.09 -55.08
N VAL K 518 13.40 -44.30 -55.18
CA VAL K 518 14.35 -43.76 -54.22
C VAL K 518 15.16 -42.67 -54.92
N ILE K 519 15.17 -41.48 -54.34
CA ILE K 519 15.78 -40.31 -54.96
C ILE K 519 16.82 -39.74 -54.01
N PHE K 520 18.02 -39.50 -54.54
CA PHE K 520 19.06 -38.76 -53.85
C PHE K 520 19.26 -37.41 -54.51
N ARG K 521 20.01 -36.53 -53.84
CA ARG K 521 20.24 -35.18 -54.32
C ARG K 521 21.69 -34.92 -54.72
N LEU K 522 22.63 -35.18 -53.81
CA LEU K 522 24.06 -34.97 -54.06
C LEU K 522 24.34 -33.52 -54.47
N ALA K 523 24.01 -32.61 -53.55
CA ALA K 523 24.24 -31.19 -53.76
C ALA K 523 25.57 -30.75 -53.16
N GLN K 524 26.06 -29.62 -53.65
CA GLN K 524 27.31 -29.04 -53.18
C GLN K 524 27.01 -27.76 -52.41
N PHE K 525 27.50 -27.68 -51.18
CA PHE K 525 27.20 -26.56 -50.30
C PHE K 525 28.47 -26.08 -49.61
N SER K 526 28.44 -24.83 -49.16
CA SER K 526 29.57 -24.23 -48.47
C SER K 526 29.59 -24.62 -47.00
N PRO L 2 -38.03 -32.04 51.27
CA PRO L 2 -38.33 -32.47 52.64
C PRO L 2 -38.78 -31.32 53.54
N SER L 3 -39.25 -31.64 54.73
CA SER L 3 -39.75 -30.65 55.68
C SER L 3 -38.72 -30.48 56.81
N TYR L 4 -38.34 -29.23 57.07
CA TYR L 4 -37.40 -28.90 58.13
C TYR L 4 -38.12 -28.04 59.16
N LEU L 5 -38.28 -28.56 60.37
CA LEU L 5 -39.00 -27.86 61.43
C LEU L 5 -38.26 -27.80 62.76
N SER L 6 -37.29 -28.68 63.01
CA SER L 6 -36.55 -28.67 64.26
C SER L 6 -35.06 -28.76 63.99
N PRO L 7 -34.23 -28.13 64.82
CA PRO L 7 -32.79 -28.21 64.63
C PRO L 7 -32.27 -29.63 64.78
N GLY L 8 -31.22 -29.94 64.05
CA GLY L 8 -30.62 -31.26 64.10
C GLY L 8 -29.86 -31.55 62.83
N VAL L 9 -29.51 -32.83 62.67
CA VAL L 9 -28.77 -33.32 61.52
C VAL L 9 -29.66 -34.31 60.77
N TYR L 10 -29.83 -34.08 59.47
CA TYR L 10 -30.67 -34.91 58.62
C TYR L 10 -29.83 -35.53 57.53
N VAL L 11 -30.01 -36.84 57.33
CA VAL L 11 -29.30 -37.59 56.29
C VAL L 11 -30.32 -38.10 55.30
N GLU L 12 -30.16 -37.72 54.03
CA GLU L 12 -31.06 -38.13 52.97
C GLU L 12 -30.25 -38.63 51.78
N GLU L 13 -30.84 -39.52 50.99
CA GLU L 13 -30.20 -40.13 49.83
C GLU L 13 -30.87 -39.62 48.57
N VAL L 14 -30.06 -39.07 47.65
CA VAL L 14 -30.60 -38.62 46.37
C VAL L 14 -30.71 -39.81 45.42
N ALA L 15 -31.87 -39.92 44.78
CA ALA L 15 -32.18 -41.05 43.91
C ALA L 15 -31.32 -41.08 42.65
N SER L 16 -30.61 -39.98 42.36
CA SER L 16 -29.77 -39.91 41.18
C SER L 16 -28.66 -40.95 41.24
N GLY L 17 -28.65 -41.87 40.29
CA GLY L 17 -27.65 -42.93 40.25
C GLY L 17 -27.84 -43.81 39.05
N SER L 18 -27.52 -45.09 39.20
CA SER L 18 -27.63 -46.07 38.13
C SER L 18 -28.58 -47.19 38.56
N ARG L 19 -29.46 -47.59 37.64
CA ARG L 19 -30.42 -48.66 37.88
C ARG L 19 -30.33 -49.63 36.71
N PRO L 20 -29.40 -50.58 36.75
CA PRO L 20 -29.20 -51.49 35.62
C PRO L 20 -30.41 -52.38 35.38
N ILE L 21 -30.60 -52.77 34.13
CA ILE L 21 -31.68 -53.65 33.71
C ILE L 21 -31.07 -54.98 33.28
N GLU L 22 -31.60 -56.07 33.83
CA GLU L 22 -31.10 -57.41 33.54
C GLU L 22 -32.02 -58.14 32.57
N GLY L 23 -31.46 -59.17 31.94
CA GLY L 23 -32.21 -59.98 31.00
C GLY L 23 -33.05 -61.03 31.69
N VAL L 24 -33.67 -61.89 30.86
CA VAL L 24 -34.54 -62.96 31.34
C VAL L 24 -34.13 -64.26 30.67
N GLY L 25 -34.47 -65.37 31.33
CA GLY L 25 -34.15 -66.69 30.79
C GLY L 25 -35.17 -67.13 29.77
N THR L 26 -34.70 -67.56 28.60
CA THR L 26 -35.59 -67.98 27.53
C THR L 26 -35.33 -69.44 27.15
N SER L 27 -35.20 -70.32 28.14
CA SER L 27 -34.91 -71.73 27.90
C SER L 27 -35.87 -72.61 28.70
N VAL L 28 -37.15 -72.27 28.69
CA VAL L 28 -38.19 -73.04 29.36
C VAL L 28 -39.25 -73.41 28.34
N ALA L 29 -39.65 -74.68 28.32
CA ALA L 29 -40.66 -75.16 27.40
C ALA L 29 -41.72 -75.94 28.17
N ALA L 30 -42.96 -75.88 27.68
CA ALA L 30 -44.10 -76.53 28.31
C ALA L 30 -44.71 -77.52 27.34
N PHE L 31 -44.75 -78.80 27.73
CA PHE L 31 -45.28 -79.88 26.91
C PHE L 31 -46.60 -80.34 27.48
N VAL L 32 -47.61 -80.44 26.62
CA VAL L 32 -48.94 -80.92 26.99
C VAL L 32 -49.17 -82.25 26.29
N GLY L 33 -49.50 -83.28 27.06
CA GLY L 33 -49.69 -84.59 26.48
C GLY L 33 -50.37 -85.53 27.43
N LEU L 34 -50.41 -86.80 27.05
CA LEU L 34 -51.01 -87.86 27.85
C LEU L 34 -49.94 -88.80 28.38
N ALA L 35 -50.09 -89.22 29.63
CA ALA L 35 -49.16 -90.09 30.31
C ALA L 35 -49.94 -91.20 31.01
N PRO L 36 -49.30 -92.36 31.24
CA PRO L 36 -50.03 -93.46 31.90
C PRO L 36 -50.50 -93.12 33.30
N THR L 37 -49.59 -92.70 34.18
CA THR L 37 -49.93 -92.37 35.56
C THR L 37 -49.19 -91.11 35.98
N GLY L 38 -49.77 -90.38 36.93
CA GLY L 38 -49.18 -89.17 37.44
C GLY L 38 -50.21 -88.14 37.82
N PRO L 39 -49.75 -86.95 38.24
CA PRO L 39 -50.69 -85.87 38.57
C PRO L 39 -51.52 -85.47 37.35
N LEU L 40 -52.76 -85.08 37.63
CA LEU L 40 -53.72 -84.75 36.59
C LEU L 40 -54.01 -83.26 36.59
N ASN L 41 -53.90 -82.64 35.42
CA ASN L 41 -54.21 -81.22 35.23
C ASN L 41 -53.39 -80.33 36.15
N GLU L 42 -52.12 -80.69 36.34
CA GLU L 42 -51.21 -79.90 37.15
C GLU L 42 -49.92 -79.66 36.38
N PRO L 43 -49.49 -78.42 36.21
CA PRO L 43 -48.25 -78.15 35.45
C PRO L 43 -47.01 -78.48 36.26
N THR L 44 -46.60 -79.74 36.27
CA THR L 44 -45.45 -80.15 37.04
C THR L 44 -44.16 -79.61 36.42
N LEU L 45 -43.15 -79.43 37.26
CA LEU L 45 -41.84 -78.94 36.82
C LEU L 45 -40.83 -80.07 36.88
N VAL L 46 -40.12 -80.27 35.77
CA VAL L 46 -39.12 -81.32 35.65
C VAL L 46 -37.80 -80.70 35.20
N THR L 47 -36.69 -81.21 35.72
CA THR L 47 -35.37 -80.71 35.34
C THR L 47 -34.38 -81.83 35.06
N ASN L 48 -34.80 -83.10 35.12
CA ASN L 48 -33.94 -84.23 34.87
C ASN L 48 -34.83 -85.44 34.66
N TRP L 49 -34.36 -86.40 33.85
CA TRP L 49 -35.21 -87.57 33.51
C TRP L 49 -35.64 -88.32 34.79
N THR L 50 -34.75 -88.42 35.79
CA THR L 50 -35.11 -89.20 36.97
C THR L 50 -36.41 -88.70 37.57
N GLN L 51 -36.60 -87.38 37.62
CA GLN L 51 -37.84 -86.82 38.13
C GLN L 51 -39.02 -87.25 37.27
N TYR L 52 -38.86 -87.21 35.95
CA TYR L 52 -39.93 -87.62 35.06
C TYR L 52 -40.25 -89.11 35.23
N VAL L 53 -39.22 -89.94 35.39
CA VAL L 53 -39.44 -91.37 35.62
C VAL L 53 -40.20 -91.59 36.91
N ALA L 54 -39.79 -90.89 37.98
CA ALA L 54 -40.46 -91.05 39.27
C ALA L 54 -41.89 -90.52 39.27
N ALA L 55 -42.19 -89.53 38.44
CA ALA L 55 -43.52 -88.91 38.47
C ALA L 55 -44.48 -89.54 37.46
N PHE L 56 -44.14 -89.49 36.18
CA PHE L 56 -45.07 -89.86 35.11
C PHE L 56 -44.76 -91.20 34.47
N GLY L 57 -43.86 -91.99 35.04
CA GLY L 57 -43.48 -93.25 34.43
C GLY L 57 -42.55 -93.06 33.26
N ASP L 58 -42.31 -94.16 32.53
CA ASP L 58 -41.37 -94.12 31.42
C ASP L 58 -41.67 -95.29 30.47
N PHE L 59 -42.07 -94.95 29.24
CA PHE L 59 -42.14 -95.90 28.14
C PHE L 59 -42.96 -97.15 28.45
N THR L 60 -44.26 -96.99 28.71
CA THR L 60 -45.12 -98.14 28.97
C THR L 60 -46.45 -98.09 28.21
N GLY L 61 -46.89 -96.94 27.72
CA GLY L 61 -48.18 -96.86 27.06
C GLY L 61 -48.10 -96.55 25.58
N GLY L 62 -46.88 -96.43 25.07
CA GLY L 62 -46.70 -96.10 23.66
C GLY L 62 -47.19 -94.73 23.28
N TYR L 63 -46.93 -93.72 24.11
CA TYR L 63 -47.34 -92.35 23.84
C TYR L 63 -46.15 -91.51 23.40
N TYR L 64 -46.45 -90.35 22.84
CA TYR L 64 -45.43 -89.47 22.28
C TYR L 64 -44.88 -88.47 23.28
N LEU L 65 -45.40 -88.43 24.51
CA LEU L 65 -44.90 -87.50 25.50
C LEU L 65 -43.52 -87.90 26.00
N ALA L 66 -43.35 -89.19 26.30
CA ALA L 66 -42.06 -89.66 26.80
C ALA L 66 -40.96 -89.49 25.78
N HIS L 67 -41.23 -89.81 24.52
CA HIS L 67 -40.24 -89.63 23.47
C HIS L 67 -39.85 -88.17 23.31
N SER L 68 -40.85 -87.27 23.33
CA SER L 68 -40.56 -85.85 23.18
C SER L 68 -39.74 -85.32 24.35
N VAL L 69 -40.07 -85.74 25.58
CA VAL L 69 -39.31 -85.29 26.75
C VAL L 69 -37.87 -85.81 26.68
N TYR L 70 -37.71 -87.09 26.30
CA TYR L 70 -36.37 -87.64 26.19
C TYR L 70 -35.55 -86.92 25.13
N GLY L 71 -36.18 -86.60 24.00
CA GLY L 71 -35.47 -85.85 22.96
C GLY L 71 -35.11 -84.45 23.42
N PHE L 72 -36.02 -83.79 24.16
CA PHE L 72 -35.74 -82.45 24.66
C PHE L 72 -34.56 -82.46 25.63
N PHE L 73 -34.52 -83.45 26.52
CA PHE L 73 -33.39 -83.55 27.44
C PHE L 73 -32.13 -84.06 26.77
N ASN L 74 -32.25 -84.69 25.61
CA ASN L 74 -31.07 -85.17 24.88
C ASN L 74 -30.34 -84.05 24.16
N ASN L 75 -31.05 -82.98 23.79
CA ASN L 75 -30.47 -81.88 23.03
C ASN L 75 -30.03 -80.72 23.91
N GLY L 76 -29.88 -80.95 25.20
CA GLY L 76 -29.39 -79.92 26.10
C GLY L 76 -30.44 -79.07 26.77
N GLY L 77 -31.61 -79.63 27.07
CA GLY L 77 -32.63 -78.87 27.77
C GLY L 77 -32.24 -78.62 29.22
N SER L 78 -32.86 -77.58 29.78
CA SER L 78 -32.56 -77.14 31.14
C SER L 78 -33.72 -77.39 32.10
N ALA L 79 -34.90 -76.87 31.79
CA ALA L 79 -36.06 -77.04 32.66
C ALA L 79 -37.31 -77.09 31.80
N ALA L 80 -38.27 -77.92 32.20
CA ALA L 80 -39.48 -78.12 31.42
C ALA L 80 -40.69 -78.16 32.33
N TYR L 81 -41.84 -77.84 31.75
CA TYR L 81 -43.14 -77.98 32.40
C TYR L 81 -43.92 -79.06 31.68
N VAL L 82 -44.65 -79.88 32.45
CA VAL L 82 -45.38 -81.01 31.92
C VAL L 82 -46.84 -80.90 32.35
N VAL L 83 -47.75 -81.04 31.39
CA VAL L 83 -49.18 -81.10 31.65
C VAL L 83 -49.71 -82.42 31.09
N ARG L 84 -50.44 -83.15 31.94
CA ARG L 84 -50.99 -84.46 31.58
C ARG L 84 -52.50 -84.35 31.50
N VAL L 85 -53.02 -84.33 30.27
CA VAL L 85 -54.47 -84.21 30.07
C VAL L 85 -55.18 -85.50 30.52
N GLY L 86 -54.64 -86.64 30.14
CA GLY L 86 -55.25 -87.90 30.46
C GLY L 86 -54.30 -89.06 30.24
N GLY L 87 -54.86 -90.26 30.20
CA GLY L 87 -54.07 -91.45 29.97
C GLY L 87 -54.81 -92.69 30.45
N SER L 88 -54.09 -93.79 30.49
CA SER L 88 -54.64 -95.07 30.93
C SER L 88 -53.48 -95.94 31.40
N ALA L 89 -53.84 -96.97 32.18
CA ALA L 89 -52.88 -97.92 32.73
C ALA L 89 -53.33 -99.35 32.43
N GLU L 90 -53.92 -99.56 31.26
CA GLU L 90 -54.40 -100.88 30.87
C GLU L 90 -53.64 -101.42 29.67
N GLY L 249 -54.90 -77.04 29.46
CA GLY L 249 -54.10 -76.83 30.65
C GLY L 249 -54.05 -75.38 31.08
N GLY L 250 -53.70 -75.15 32.35
CA GLY L 250 -53.61 -73.80 32.88
C GLY L 250 -52.24 -73.20 32.75
N LEU L 251 -51.77 -73.01 31.51
CA LEU L 251 -50.45 -72.44 31.26
C LEU L 251 -50.44 -70.92 31.34
N GLU L 252 -51.60 -70.28 31.52
CA GLU L 252 -51.66 -68.83 31.59
C GLU L 252 -51.16 -68.29 32.93
N ALA L 253 -51.09 -69.14 33.96
CA ALA L 253 -50.62 -68.70 35.27
C ALA L 253 -49.11 -68.72 35.40
N ILE L 254 -48.40 -69.27 34.42
CA ILE L 254 -46.94 -69.36 34.44
C ILE L 254 -46.37 -68.20 33.65
N ASP L 255 -45.21 -67.72 34.06
CA ASP L 255 -44.56 -66.57 33.44
C ASP L 255 -43.28 -66.92 32.70
N GLU L 256 -42.48 -67.85 33.22
CA GLU L 256 -41.18 -68.15 32.64
C GLU L 256 -41.25 -68.99 31.36
N ILE L 257 -42.44 -69.49 31.00
CA ILE L 257 -42.55 -70.32 29.81
C ILE L 257 -42.23 -69.50 28.57
N SER L 258 -41.38 -70.04 27.70
CA SER L 258 -40.99 -69.37 26.47
C SER L 258 -41.50 -70.06 25.22
N MET L 259 -41.90 -71.33 25.31
CA MET L 259 -42.43 -72.05 24.17
C MET L 259 -43.35 -73.16 24.67
N VAL L 260 -44.35 -73.49 23.85
CA VAL L 260 -45.35 -74.49 24.20
C VAL L 260 -45.47 -75.50 23.07
N ALA L 261 -45.64 -76.77 23.43
CA ALA L 261 -45.77 -77.84 22.45
C ALA L 261 -46.81 -78.84 22.92
N VAL L 262 -47.44 -79.50 21.96
CA VAL L 262 -48.40 -80.57 22.21
C VAL L 262 -47.92 -81.80 21.45
N PRO L 263 -46.88 -82.48 21.93
CA PRO L 263 -46.28 -83.56 21.12
C PRO L 263 -47.24 -84.68 20.79
N ASP L 264 -48.13 -85.05 21.72
CA ASP L 264 -49.02 -86.19 21.52
C ASP L 264 -50.38 -85.62 21.18
N LEU L 265 -50.57 -85.32 19.91
CA LEU L 265 -51.84 -84.94 19.31
C LEU L 265 -52.18 -85.78 18.09
N MET L 266 -51.18 -86.14 17.30
CA MET L 266 -51.41 -86.98 16.12
C MET L 266 -51.75 -88.41 16.51
N ALA L 267 -51.45 -88.82 17.74
CA ALA L 267 -51.80 -90.16 18.19
C ALA L 267 -53.32 -90.38 18.18
N ALA L 268 -54.06 -89.40 18.71
CA ALA L 268 -55.52 -89.50 18.67
C ALA L 268 -56.04 -89.50 17.24
N TYR L 269 -55.37 -88.74 16.36
CA TYR L 269 -55.76 -88.72 14.96
C TYR L 269 -55.49 -90.06 14.28
N GLN L 270 -54.43 -90.76 14.70
CA GLN L 270 -54.05 -91.99 14.03
C GLN L 270 -55.00 -93.14 14.37
N ARG L 271 -55.35 -93.28 15.66
CA ARG L 271 -56.18 -94.40 16.10
C ARG L 271 -57.60 -93.98 16.48
N GLY L 272 -57.76 -92.87 17.18
CA GLY L 272 -59.08 -92.46 17.62
C GLY L 272 -59.98 -91.90 16.55
N ALA L 273 -59.43 -91.54 15.39
CA ALA L 273 -60.19 -90.97 14.28
C ALA L 273 -60.95 -89.72 14.74
N ILE L 274 -60.17 -88.72 15.15
CA ILE L 274 -60.73 -87.47 15.65
C ILE L 274 -60.89 -86.44 14.53
N ASP L 275 -60.77 -86.88 13.28
CA ASP L 275 -60.94 -86.02 12.10
C ASP L 275 -59.90 -84.91 12.07
N LEU L 276 -59.97 -84.06 11.05
CA LEU L 276 -59.03 -82.96 10.92
C LEU L 276 -59.55 -81.65 11.51
N GLU L 277 -60.87 -81.50 11.63
CA GLU L 277 -61.43 -80.26 12.18
C GLU L 277 -61.03 -80.06 13.63
N ALA L 278 -61.05 -81.13 14.43
CA ALA L 278 -60.65 -81.01 15.83
C ALA L 278 -59.18 -80.62 15.95
N VAL L 279 -58.31 -81.22 15.14
CA VAL L 279 -56.89 -80.87 15.17
C VAL L 279 -56.69 -79.42 14.76
N LYS L 280 -57.38 -78.99 13.71
CA LYS L 280 -57.27 -77.60 13.27
C LYS L 280 -57.75 -76.64 14.35
N ALA L 281 -58.86 -76.97 15.01
CA ALA L 281 -59.37 -76.11 16.08
C ALA L 281 -58.39 -76.04 17.25
N VAL L 282 -57.80 -77.18 17.63
CA VAL L 282 -56.85 -77.18 18.75
C VAL L 282 -55.63 -76.34 18.40
N GLN L 283 -55.10 -76.51 17.19
CA GLN L 283 -53.93 -75.73 16.79
C GLN L 283 -54.25 -74.24 16.69
N LEU L 284 -55.44 -73.89 16.19
CA LEU L 284 -55.84 -72.49 16.15
C LEU L 284 -55.99 -71.91 17.55
N GLY L 285 -56.54 -72.68 18.48
CA GLY L 285 -56.62 -72.22 19.86
C GLY L 285 -55.26 -72.00 20.48
N LEU L 286 -54.32 -72.91 20.23
CA LEU L 286 -52.96 -72.72 20.73
C LEU L 286 -52.32 -71.47 20.12
N ILE L 287 -52.54 -71.24 18.82
CA ILE L 287 -52.00 -70.05 18.17
C ILE L 287 -52.60 -68.80 18.79
N ALA L 288 -53.91 -68.80 19.04
CA ALA L 288 -54.56 -67.63 19.64
C ALA L 288 -54.04 -67.39 21.05
N HIS L 289 -53.83 -68.44 21.83
CA HIS L 289 -53.26 -68.29 23.16
C HIS L 289 -51.86 -67.70 23.11
N CYS L 290 -51.03 -68.19 22.18
CA CYS L 290 -49.68 -67.64 22.02
C CYS L 290 -49.73 -66.17 21.64
N GLU L 291 -50.65 -65.82 20.73
CA GLU L 291 -50.79 -64.41 20.29
C GLU L 291 -51.22 -63.55 21.48
N LEU L 292 -52.18 -64.03 22.27
CA LEU L 292 -52.68 -63.25 23.40
C LEU L 292 -51.60 -63.04 24.44
N MET L 293 -50.82 -64.07 24.75
CA MET L 293 -49.76 -63.93 25.74
C MET L 293 -48.70 -62.93 25.28
N GLY L 294 -48.31 -63.00 24.01
CA GLY L 294 -47.33 -62.07 23.50
C GLY L 294 -45.91 -62.33 23.92
N ASP L 295 -45.63 -63.51 24.47
CA ASP L 295 -44.30 -63.85 24.94
C ASP L 295 -43.80 -65.21 24.46
N ARG L 296 -44.67 -66.09 23.98
CA ARG L 296 -44.32 -67.46 23.65
C ARG L 296 -44.43 -67.71 22.16
N VAL L 297 -43.75 -68.76 21.71
CA VAL L 297 -43.69 -69.13 20.30
C VAL L 297 -44.12 -70.59 20.16
N ALA L 298 -44.96 -70.87 19.17
CA ALA L 298 -45.55 -72.18 18.98
C ALA L 298 -44.77 -72.98 17.94
N ILE L 299 -44.71 -74.30 18.15
CA ILE L 299 -44.07 -75.23 17.23
C ILE L 299 -45.15 -76.16 16.68
N ILE L 300 -45.20 -76.28 15.36
CA ILE L 300 -46.25 -77.02 14.68
C ILE L 300 -45.63 -78.11 13.82
N ASP L 301 -46.37 -79.20 13.67
CA ASP L 301 -46.01 -80.34 12.84
C ASP L 301 -47.18 -80.72 11.94
N PRO L 302 -46.90 -81.29 10.78
CA PRO L 302 -47.99 -81.65 9.86
C PRO L 302 -48.44 -83.08 10.09
N PRO L 303 -49.52 -83.51 9.44
CA PRO L 303 -49.94 -84.91 9.53
C PRO L 303 -48.87 -85.83 8.98
N PRO L 304 -48.79 -87.07 9.47
CA PRO L 304 -47.63 -87.93 9.19
C PRO L 304 -47.37 -88.22 7.72
N ASN L 305 -48.36 -88.78 7.02
CA ASN L 305 -48.11 -89.32 5.68
C ASN L 305 -48.45 -88.32 4.59
N GLN L 306 -47.45 -87.51 4.22
CA GLN L 306 -47.59 -86.58 3.11
C GLN L 306 -46.25 -86.47 2.39
N ASN L 307 -46.31 -85.96 1.15
CA ASN L 307 -45.12 -85.69 0.36
C ASN L 307 -45.29 -84.32 -0.30
N ALA L 308 -44.42 -84.04 -1.27
CA ALA L 308 -44.50 -82.78 -1.99
C ALA L 308 -45.80 -82.69 -2.78
N ARG L 309 -46.24 -81.46 -3.07
CA ARG L 309 -47.47 -81.17 -3.80
C ARG L 309 -48.70 -81.48 -2.95
N GLN L 310 -48.50 -82.02 -1.76
CA GLN L 310 -49.57 -82.20 -0.78
C GLN L 310 -49.46 -81.25 0.39
N ILE L 311 -48.29 -81.19 1.03
CA ILE L 311 -48.10 -80.25 2.12
C ILE L 311 -48.27 -78.82 1.64
N ARG L 312 -47.72 -78.52 0.46
CA ARG L 312 -47.91 -77.19 -0.14
C ARG L 312 -49.38 -76.87 -0.34
N VAL L 313 -50.23 -77.89 -0.49
CA VAL L 313 -51.67 -77.65 -0.49
C VAL L 313 -52.18 -77.52 0.93
N TRP L 314 -51.76 -78.44 1.82
CA TRP L 314 -52.27 -78.45 3.19
C TRP L 314 -51.96 -77.16 3.92
N ARG L 315 -50.86 -76.50 3.57
CA ARG L 315 -50.49 -75.23 4.17
C ARG L 315 -51.33 -74.06 3.68
N GLN L 316 -51.86 -74.13 2.46
CA GLN L 316 -52.48 -72.97 1.85
C GLN L 316 -54.00 -73.04 1.77
N GLU L 317 -54.57 -74.20 1.48
CA GLU L 317 -56.01 -74.33 1.37
C GLU L 317 -56.68 -74.79 2.67
N THR L 318 -55.91 -75.24 3.65
CA THR L 318 -56.51 -75.79 4.86
C THR L 318 -55.95 -75.19 6.14
N ALA L 319 -54.66 -74.86 6.16
CA ALA L 319 -53.96 -74.47 7.39
C ALA L 319 -53.14 -73.22 7.18
N GLY L 320 -53.78 -72.17 6.65
CA GLY L 320 -53.07 -70.93 6.39
C GLY L 320 -52.36 -70.37 7.62
N TYR L 321 -53.05 -70.36 8.76
CA TYR L 321 -52.44 -70.11 10.06
C TYR L 321 -51.84 -68.72 10.18
N ASP L 322 -50.75 -68.48 9.44
CA ASP L 322 -49.90 -67.28 9.57
C ASP L 322 -49.72 -66.88 11.03
N SER L 323 -50.12 -65.65 11.38
CA SER L 323 -50.14 -65.07 12.72
C SER L 323 -48.74 -64.74 13.24
N LYS L 324 -47.68 -65.04 12.51
CA LYS L 324 -46.30 -64.64 12.81
C LYS L 324 -45.77 -65.21 14.13
N TYR L 325 -46.55 -66.03 14.82
CA TYR L 325 -46.18 -66.54 16.13
C TYR L 325 -46.08 -68.07 16.11
N ALA L 326 -45.49 -68.63 15.06
CA ALA L 326 -45.40 -70.07 14.96
C ALA L 326 -44.23 -70.46 14.06
N ALA L 327 -43.83 -71.73 14.17
CA ALA L 327 -42.83 -72.30 13.29
C ALA L 327 -43.20 -73.74 13.01
N LEU L 328 -43.29 -74.11 11.74
CA LEU L 328 -43.73 -75.43 11.31
C LEU L 328 -42.55 -76.23 10.81
N TYR L 329 -42.45 -77.48 11.27
CA TYR L 329 -41.36 -78.38 10.88
C TYR L 329 -41.95 -79.59 10.18
N TYR L 330 -41.65 -79.74 8.90
CA TYR L 330 -42.31 -80.70 8.01
C TYR L 330 -42.00 -82.16 8.31
N PRO L 331 -40.76 -82.63 8.14
CA PRO L 331 -40.53 -84.08 8.12
C PRO L 331 -40.48 -84.69 9.51
N TRP L 332 -41.00 -85.91 9.62
CA TRP L 332 -40.99 -86.65 10.88
C TRP L 332 -39.65 -87.35 11.07
N ILE L 333 -39.36 -87.74 12.31
CA ILE L 333 -38.09 -88.33 12.69
C ILE L 333 -38.31 -89.74 13.20
N LYS L 334 -37.56 -90.70 12.65
CA LYS L 334 -37.61 -92.07 13.12
C LYS L 334 -36.62 -92.24 14.27
N SER L 335 -37.10 -92.71 15.41
CA SER L 335 -36.29 -92.82 16.61
C SER L 335 -36.48 -94.20 17.25
N PHE L 336 -35.56 -94.53 18.15
CA PHE L 336 -35.53 -95.82 18.81
C PHE L 336 -36.42 -95.82 20.05
N ASP L 337 -36.93 -96.99 20.39
CA ASP L 337 -37.76 -97.19 21.58
C ASP L 337 -37.19 -98.38 22.35
N PRO L 338 -36.71 -98.18 23.58
CA PRO L 338 -36.14 -99.30 24.34
C PRO L 338 -37.19 -100.21 24.96
N ALA L 339 -38.44 -99.76 25.10
CA ALA L 339 -39.47 -100.62 25.65
C ALA L 339 -39.69 -101.86 24.79
N THR L 340 -39.74 -101.67 23.48
CA THR L 340 -39.71 -102.77 22.53
C THR L 340 -38.39 -102.88 21.78
N GLY L 341 -37.49 -101.91 21.95
CA GLY L 341 -36.24 -101.92 21.21
C GLY L 341 -36.41 -101.84 19.71
N GLN L 342 -37.31 -100.97 19.25
CA GLN L 342 -37.65 -100.91 17.84
C GLN L 342 -37.71 -99.47 17.38
N SER L 343 -37.54 -99.27 16.08
CA SER L 343 -37.58 -97.94 15.49
C SER L 343 -38.99 -97.59 15.05
N ARG L 344 -39.40 -96.35 15.35
CA ARG L 344 -40.73 -95.89 14.98
C ARG L 344 -40.70 -94.38 14.79
N LEU L 345 -41.70 -93.88 14.06
CA LEU L 345 -41.74 -92.48 13.66
C LEU L 345 -42.41 -91.62 14.73
N VAL L 346 -41.81 -90.46 14.99
CA VAL L 346 -42.37 -89.47 15.92
C VAL L 346 -42.24 -88.09 15.32
N PRO L 347 -43.15 -87.19 15.68
CA PRO L 347 -43.07 -85.82 15.17
C PRO L 347 -41.88 -85.10 15.78
N PRO L 348 -41.34 -84.09 15.08
CA PRO L 348 -40.20 -83.31 15.60
C PRO L 348 -40.66 -82.14 16.47
N SER L 349 -41.10 -82.44 17.69
CA SER L 349 -41.62 -81.43 18.60
C SER L 349 -40.62 -81.05 19.69
N GLY L 350 -40.10 -82.03 20.43
CA GLY L 350 -39.16 -81.73 21.48
C GLY L 350 -37.75 -81.48 21.00
N HIS L 351 -37.36 -82.08 19.88
CA HIS L 351 -35.99 -81.92 19.38
C HIS L 351 -35.71 -80.49 18.97
N VAL L 352 -36.67 -79.83 18.32
CA VAL L 352 -36.47 -78.44 17.92
C VAL L 352 -36.40 -77.52 19.14
N ALA L 353 -37.22 -77.80 20.17
CA ALA L 353 -37.13 -77.03 21.40
C ALA L 353 -35.77 -77.21 22.07
N GLY L 354 -35.26 -78.43 22.10
CA GLY L 354 -33.94 -78.66 22.64
C GLY L 354 -32.86 -77.95 21.85
N ILE L 355 -32.98 -77.93 20.53
CA ILE L 355 -32.02 -77.22 19.69
C ILE L 355 -32.08 -75.72 19.98
N TRP L 356 -33.29 -75.18 20.14
CA TRP L 356 -33.43 -73.76 20.48
C TRP L 356 -32.77 -73.45 21.81
N ALA L 357 -32.98 -74.31 22.82
CA ALA L 357 -32.36 -74.10 24.12
C ALA L 357 -30.85 -74.18 24.04
N ARG L 358 -30.34 -75.14 23.27
CA ARG L 358 -28.89 -75.26 23.10
C ARG L 358 -28.30 -74.03 22.42
N ASN L 359 -28.98 -73.52 21.39
CA ASN L 359 -28.49 -72.32 20.71
C ASN L 359 -28.54 -71.11 21.63
N ASP L 360 -29.60 -71.00 22.45
CA ASP L 360 -29.69 -69.89 23.38
C ASP L 360 -28.68 -69.98 24.51
N SER L 361 -28.23 -71.19 24.85
CA SER L 361 -27.25 -71.35 25.91
C SER L 361 -25.83 -71.13 25.40
N GLU L 362 -25.44 -71.83 24.34
CA GLU L 362 -24.07 -71.72 23.83
C GLU L 362 -23.81 -70.32 23.29
N ARG L 363 -24.67 -69.81 22.43
CA ARG L 363 -24.54 -68.49 21.84
C ARG L 363 -25.71 -67.62 22.28
N GLY L 364 -25.72 -66.39 21.79
CA GLY L 364 -26.80 -65.47 22.11
C GLY L 364 -28.09 -65.86 21.42
N VAL L 365 -29.18 -65.26 21.88
CA VAL L 365 -30.49 -65.50 21.31
C VAL L 365 -30.64 -64.92 19.91
N HIS L 366 -29.71 -64.06 19.49
CA HIS L 366 -29.77 -63.46 18.17
C HIS L 366 -29.28 -64.38 17.06
N LYS L 367 -28.71 -65.53 17.41
CA LYS L 367 -28.24 -66.49 16.41
C LYS L 367 -29.40 -67.38 15.97
N ALA L 368 -29.62 -67.44 14.67
CA ALA L 368 -30.72 -68.23 14.14
C ALA L 368 -30.37 -69.72 14.18
N PRO L 369 -31.21 -70.56 14.78
CA PRO L 369 -30.93 -72.00 14.79
C PRO L 369 -31.15 -72.63 13.42
N ALA L 370 -30.28 -72.30 12.47
CA ALA L 370 -30.43 -72.75 11.10
C ALA L 370 -29.63 -74.01 10.76
N ASN L 371 -28.44 -74.18 11.37
CA ASN L 371 -27.57 -75.31 11.08
C ASN L 371 -27.24 -76.01 12.39
N GLU L 372 -28.11 -76.94 12.81
CA GLU L 372 -27.90 -77.73 14.00
C GLU L 372 -28.24 -79.18 13.71
N VAL L 373 -27.54 -80.08 14.41
CA VAL L 373 -27.67 -81.51 14.20
C VAL L 373 -28.66 -82.08 15.20
N VAL L 374 -29.59 -82.89 14.68
CA VAL L 374 -30.65 -83.48 15.54
C VAL L 374 -30.11 -84.75 16.22
N ARG L 375 -29.46 -84.58 17.37
CA ARG L 375 -28.90 -85.72 18.13
C ARG L 375 -30.04 -86.66 18.55
N GLY L 376 -29.86 -87.98 18.41
CA GLY L 376 -30.88 -88.93 18.88
C GLY L 376 -31.82 -89.45 17.80
N ALA L 377 -31.51 -89.21 16.52
CA ALA L 377 -32.39 -89.64 15.41
C ALA L 377 -31.63 -90.62 14.50
N VAL L 378 -32.34 -91.40 13.69
CA VAL L 378 -31.67 -92.42 12.85
C VAL L 378 -32.01 -92.22 11.36
N ASP L 379 -33.28 -91.97 10.99
CA ASP L 379 -33.69 -91.89 9.60
C ASP L 379 -34.72 -90.77 9.45
N LEU L 380 -35.24 -90.62 8.23
CA LEU L 380 -36.27 -89.62 7.95
C LEU L 380 -37.44 -90.15 7.14
N GLU L 381 -37.29 -91.27 6.44
CA GLU L 381 -38.33 -91.88 5.61
C GLU L 381 -38.78 -90.95 4.49
N LEU L 382 -37.95 -89.98 4.11
CA LEU L 382 -38.25 -89.07 3.01
C LEU L 382 -36.98 -88.31 2.66
N GLN L 383 -36.82 -87.98 1.38
CA GLN L 383 -35.67 -87.26 0.89
C GLN L 383 -36.12 -86.06 0.07
N ILE L 384 -35.43 -84.93 0.25
CA ILE L 384 -35.75 -83.68 -0.41
C ILE L 384 -34.57 -83.26 -1.28
N THR L 385 -34.85 -82.96 -2.54
CA THR L 385 -33.82 -82.47 -3.45
C THR L 385 -33.73 -80.95 -3.35
N ARG L 386 -32.97 -80.34 -4.26
CA ARG L 386 -32.81 -78.86 -4.25
C ARG L 386 -34.11 -78.22 -4.76
N GLY L 387 -34.69 -78.78 -5.82
CA GLY L 387 -35.89 -78.18 -6.39
C GLY L 387 -37.08 -78.19 -5.44
N GLU L 388 -37.28 -79.32 -4.75
CA GLU L 388 -38.38 -79.39 -3.79
C GLU L 388 -38.19 -78.40 -2.65
N GLN L 389 -36.96 -78.26 -2.15
CA GLN L 389 -36.69 -77.25 -1.15
C GLN L 389 -36.92 -75.85 -1.68
N ASP L 390 -36.52 -75.58 -2.93
CA ASP L 390 -36.78 -74.30 -3.55
C ASP L 390 -38.26 -74.04 -3.76
N LEU L 391 -39.09 -75.08 -3.78
CA LEU L 391 -40.54 -74.92 -3.83
C LEU L 391 -41.15 -74.70 -2.45
N LEU L 392 -40.48 -75.17 -1.39
CA LEU L 392 -41.00 -75.02 -0.03
C LEU L 392 -40.40 -73.83 0.69
N ASN L 393 -39.24 -73.35 0.25
CA ASN L 393 -38.61 -72.19 0.91
C ASN L 393 -39.46 -70.92 0.85
N PRO L 394 -40.07 -70.53 -0.28
CA PRO L 394 -40.84 -69.28 -0.29
C PRO L 394 -41.97 -69.24 0.73
N ILE L 395 -42.56 -70.39 1.06
CA ILE L 395 -43.55 -70.46 2.11
C ILE L 395 -42.86 -70.83 3.41
N GLY L 396 -43.55 -70.59 4.53
CA GLY L 396 -42.95 -70.77 5.83
C GLY L 396 -42.81 -72.22 6.26
N VAL L 397 -42.21 -73.05 5.42
CA VAL L 397 -42.00 -74.46 5.71
C VAL L 397 -40.50 -74.70 5.81
N ASN L 398 -40.04 -75.08 7.00
CA ASN L 398 -38.64 -75.43 7.20
C ASN L 398 -38.41 -76.88 6.76
N CYS L 399 -37.18 -77.35 6.91
CA CYS L 399 -36.85 -78.69 6.46
C CYS L 399 -35.78 -79.30 7.37
N ILE L 400 -35.73 -80.63 7.34
CA ILE L 400 -34.68 -81.40 8.00
C ILE L 400 -34.00 -82.22 6.92
N ARG L 401 -32.77 -81.87 6.59
CA ARG L 401 -32.09 -82.39 5.41
C ARG L 401 -30.93 -83.30 5.80
N SER L 402 -30.73 -84.34 5.00
CA SER L 402 -29.62 -85.26 5.16
C SER L 402 -28.52 -84.92 4.17
N PHE L 403 -27.33 -84.67 4.67
CA PHE L 403 -26.19 -84.29 3.86
C PHE L 403 -25.15 -85.40 3.87
N PRO L 404 -24.60 -85.77 2.70
CA PRO L 404 -23.67 -86.90 2.64
C PRO L 404 -22.30 -86.55 3.19
N GLY L 405 -22.14 -86.66 4.51
CA GLY L 405 -20.89 -86.34 5.16
C GLY L 405 -21.09 -85.50 6.40
N ARG L 406 -22.32 -84.98 6.56
CA ARG L 406 -22.67 -84.18 7.72
C ARG L 406 -23.91 -84.67 8.44
N GLY L 407 -24.67 -85.59 7.86
CA GLY L 407 -25.79 -86.19 8.58
C GLY L 407 -27.07 -85.39 8.51
N ILE L 408 -27.89 -85.51 9.56
CA ILE L 408 -29.20 -84.88 9.59
C ILE L 408 -29.07 -83.51 10.25
N ARG L 409 -29.53 -82.46 9.55
CA ARG L 409 -29.40 -81.10 10.04
C ARG L 409 -30.68 -80.32 9.76
N VAL L 410 -30.93 -79.32 10.62
CA VAL L 410 -32.04 -78.40 10.36
C VAL L 410 -31.69 -77.50 9.17
N TRP L 411 -32.72 -76.95 8.54
CA TRP L 411 -32.50 -76.14 7.34
C TRP L 411 -33.68 -75.20 7.14
N GLY L 412 -33.41 -73.89 7.11
CA GLY L 412 -34.36 -72.91 6.65
C GLY L 412 -34.69 -71.79 7.62
N ALA L 413 -34.91 -72.13 8.89
CA ALA L 413 -35.10 -71.18 9.98
C ALA L 413 -36.03 -70.02 9.59
N ARG L 414 -37.29 -70.38 9.31
CA ARG L 414 -38.29 -69.39 8.94
C ARG L 414 -39.55 -69.61 9.78
N THR L 415 -40.54 -68.74 9.57
CA THR L 415 -41.78 -68.75 10.33
C THR L 415 -42.97 -68.56 9.40
N LEU L 416 -44.16 -68.66 9.97
CA LEU L 416 -45.42 -68.50 9.23
C LEU L 416 -45.88 -67.05 9.37
N SER L 417 -45.54 -66.22 8.39
CA SER L 417 -45.93 -64.82 8.41
C SER L 417 -45.89 -64.26 7.00
N SER L 418 -47.04 -63.79 6.51
CA SER L 418 -47.08 -63.18 5.18
C SER L 418 -46.38 -61.82 5.17
N ASP L 419 -46.46 -61.08 6.27
CA ASP L 419 -45.84 -59.77 6.37
C ASP L 419 -44.32 -59.92 6.29
N PRO L 420 -43.64 -59.25 5.36
CA PRO L 420 -42.18 -59.37 5.26
C PRO L 420 -41.42 -58.77 6.44
N ALA L 421 -42.10 -58.13 7.39
CA ALA L 421 -41.39 -57.54 8.53
C ALA L 421 -40.88 -58.58 9.51
N TRP L 422 -41.59 -59.70 9.65
CA TRP L 422 -41.22 -60.72 10.62
C TRP L 422 -40.96 -62.05 9.95
N ARG L 423 -40.18 -62.03 8.86
CA ARG L 423 -39.89 -63.25 8.12
C ARG L 423 -39.08 -64.24 8.96
N TYR L 424 -38.11 -63.74 9.73
CA TYR L 424 -37.15 -64.59 10.41
C TYR L 424 -37.52 -64.77 11.88
N LEU L 425 -37.12 -65.92 12.43
CA LEU L 425 -37.44 -66.26 13.82
C LEU L 425 -36.58 -65.48 14.80
N ASN L 426 -35.29 -65.27 14.48
CA ASN L 426 -34.38 -64.66 15.44
C ASN L 426 -34.78 -63.23 15.75
N ILE L 427 -35.30 -62.50 14.77
CA ILE L 427 -35.78 -61.14 15.01
C ILE L 427 -36.91 -61.14 16.03
N ARG L 428 -37.87 -62.06 15.85
CA ARG L 428 -38.99 -62.15 16.78
C ARG L 428 -38.51 -62.52 18.17
N ARG L 429 -37.59 -63.47 18.28
CA ARG L 429 -37.09 -63.87 19.59
C ARG L 429 -36.37 -62.73 20.29
N TYR L 430 -35.52 -62.00 19.55
CA TYR L 430 -34.80 -60.88 20.14
C TYR L 430 -35.75 -59.77 20.56
N PHE L 431 -36.78 -59.49 19.74
CA PHE L 431 -37.75 -58.47 20.11
C PHE L 431 -38.53 -58.87 21.35
N ASN L 432 -38.92 -60.14 21.45
CA ASN L 432 -39.59 -60.61 22.65
C ASN L 432 -38.71 -60.46 23.88
N TYR L 433 -37.43 -60.82 23.75
CA TYR L 433 -36.50 -60.69 24.87
C TYR L 433 -36.37 -59.23 25.32
N LEU L 434 -36.20 -58.32 24.35
CA LEU L 434 -36.06 -56.91 24.68
C LEU L 434 -37.32 -56.36 25.33
N GLU L 435 -38.49 -56.71 24.79
CA GLU L 435 -39.74 -56.22 25.36
C GLU L 435 -39.94 -56.74 26.77
N GLU L 436 -39.65 -58.01 27.02
CA GLU L 436 -39.79 -58.55 28.37
C GLU L 436 -38.84 -57.86 29.33
N SER L 437 -37.58 -57.67 28.94
CA SER L 437 -36.62 -57.02 29.82
C SER L 437 -37.05 -55.60 30.14
N ILE L 438 -37.48 -54.85 29.13
CA ILE L 438 -37.89 -53.46 29.33
C ILE L 438 -39.12 -53.40 30.24
N LEU L 439 -40.10 -54.27 30.01
CA LEU L 439 -41.30 -54.27 30.84
C LEU L 439 -40.98 -54.61 32.29
N ILE L 440 -40.10 -55.59 32.51
CA ILE L 440 -39.80 -55.97 33.88
C ILE L 440 -38.98 -54.90 34.60
N GLY L 441 -37.98 -54.32 33.94
CA GLY L 441 -37.07 -53.41 34.63
C GLY L 441 -37.31 -51.93 34.45
N THR L 442 -38.57 -51.50 34.47
CA THR L 442 -38.88 -50.09 34.27
C THR L 442 -39.97 -49.58 35.21
N GLN L 443 -40.57 -50.44 36.04
CA GLN L 443 -41.77 -50.07 36.78
C GLN L 443 -41.56 -48.92 37.75
N TRP L 444 -40.32 -48.60 38.10
CA TRP L 444 -40.07 -47.53 39.07
C TRP L 444 -40.36 -46.14 38.52
N VAL L 445 -40.58 -46.00 37.22
CA VAL L 445 -40.72 -44.67 36.61
C VAL L 445 -42.11 -44.07 36.80
N VAL L 446 -43.10 -44.89 37.14
CA VAL L 446 -44.48 -44.40 37.27
C VAL L 446 -44.60 -43.51 38.49
N PHE L 447 -45.45 -42.48 38.38
CA PHE L 447 -45.72 -41.53 39.46
C PHE L 447 -44.44 -40.81 39.91
N GLU L 448 -43.90 -40.04 38.97
CA GLU L 448 -42.70 -39.25 39.17
C GLU L 448 -42.97 -37.78 38.86
N PRO L 449 -42.15 -36.86 39.36
CA PRO L 449 -42.41 -35.43 39.14
C PRO L 449 -42.45 -35.02 37.68
N ASN L 450 -41.88 -35.82 36.77
CA ASN L 450 -41.95 -35.59 35.33
C ASN L 450 -41.29 -34.27 34.95
N ASP L 451 -39.99 -34.20 35.26
CA ASP L 451 -39.17 -33.07 34.85
C ASP L 451 -38.05 -33.59 33.94
N HIS L 452 -37.19 -32.70 33.44
CA HIS L 452 -36.12 -33.10 32.54
C HIS L 452 -35.09 -34.01 33.20
N ASN L 453 -34.99 -34.00 34.53
CA ASN L 453 -34.10 -34.94 35.21
C ASN L 453 -34.55 -36.38 34.97
N LEU L 454 -35.87 -36.62 35.00
CA LEU L 454 -36.39 -37.95 34.72
C LEU L 454 -36.07 -38.37 33.29
N TRP L 455 -36.20 -37.44 32.34
CA TRP L 455 -35.85 -37.74 30.95
C TRP L 455 -34.37 -38.10 30.82
N ALA L 456 -33.51 -37.34 31.50
CA ALA L 456 -32.07 -37.65 31.45
C ALA L 456 -31.78 -39.02 32.04
N ARG L 457 -32.41 -39.34 33.17
CA ARG L 457 -32.18 -40.66 33.79
C ARG L 457 -32.64 -41.79 32.88
N ILE L 458 -33.83 -41.65 32.28
CA ILE L 458 -34.34 -42.69 31.40
C ILE L 458 -33.43 -42.86 30.19
N ARG L 459 -32.99 -41.74 29.60
CA ARG L 459 -32.10 -41.82 28.45
C ARG L 459 -30.79 -42.50 28.82
N ARG L 460 -30.23 -42.16 29.98
CA ARG L 460 -28.97 -42.78 30.40
C ARG L 460 -29.14 -44.28 30.59
N ASN L 461 -30.23 -44.70 31.23
CA ASN L 461 -30.44 -46.13 31.48
C ASN L 461 -30.61 -46.89 30.16
N VAL L 462 -31.43 -46.36 29.26
CA VAL L 462 -31.67 -47.05 28.00
C VAL L 462 -30.40 -47.09 27.16
N SER L 463 -29.64 -45.99 27.14
CA SER L 463 -28.39 -45.97 26.39
C SER L 463 -27.39 -46.97 26.94
N ALA L 464 -27.29 -47.09 28.27
CA ALA L 464 -26.37 -48.07 28.85
C ALA L 464 -26.78 -49.48 28.49
N PHE L 465 -28.08 -49.79 28.57
CA PHE L 465 -28.54 -51.12 28.21
C PHE L 465 -28.25 -51.43 26.74
N LEU L 466 -28.51 -50.47 25.85
CA LEU L 466 -28.30 -50.69 24.43
C LEU L 466 -26.82 -50.83 24.10
N VAL L 467 -25.96 -50.05 24.77
CA VAL L 467 -24.52 -50.19 24.56
C VAL L 467 -24.04 -51.56 25.02
N ASN L 468 -24.52 -52.02 26.17
CA ASN L 468 -24.14 -53.35 26.64
C ASN L 468 -24.59 -54.43 25.67
N GLU L 469 -25.80 -54.29 25.12
CA GLU L 469 -26.28 -55.25 24.14
C GLU L 469 -25.46 -55.21 22.85
N TRP L 470 -25.08 -54.01 22.41
CA TRP L 470 -24.36 -53.87 21.15
C TRP L 470 -22.94 -54.39 21.24
N ARG L 471 -22.28 -54.23 22.41
CA ARG L 471 -20.89 -54.64 22.52
C ARG L 471 -20.69 -56.15 22.36
N ASN L 472 -21.75 -56.94 22.43
CA ASN L 472 -21.67 -58.37 22.20
C ASN L 472 -21.82 -58.75 20.73
N GLY L 473 -21.99 -57.78 19.84
CA GLY L 473 -22.14 -58.07 18.42
C GLY L 473 -23.53 -58.45 17.98
N ALA L 474 -24.56 -58.06 18.73
CA ALA L 474 -25.93 -58.39 18.40
C ALA L 474 -26.62 -57.30 17.58
N LEU L 475 -25.92 -56.22 17.25
CA LEU L 475 -26.48 -55.14 16.45
C LEU L 475 -25.54 -54.81 15.31
N PHE L 476 -26.12 -54.41 14.18
CA PHE L 476 -25.37 -54.14 12.95
C PHE L 476 -24.92 -52.69 12.94
N GLY L 477 -23.62 -52.47 13.10
CA GLY L 477 -23.07 -51.12 13.04
C GLY L 477 -21.63 -51.05 13.51
N GLN L 478 -20.81 -50.26 12.81
CA GLN L 478 -19.37 -50.13 13.19
C GLN L 478 -19.25 -49.22 14.42
N SER L 479 -20.19 -48.29 14.60
CA SER L 479 -20.16 -47.36 15.71
C SER L 479 -21.50 -47.38 16.44
N PRO L 480 -21.51 -47.03 17.73
CA PRO L 480 -22.78 -47.00 18.48
C PRO L 480 -23.79 -46.04 17.88
N ASP L 481 -23.29 -44.99 17.21
CA ASP L 481 -24.20 -44.02 16.61
C ASP L 481 -25.01 -44.63 15.46
N GLN L 482 -24.45 -45.62 14.78
CA GLN L 482 -25.11 -46.26 13.66
C GLN L 482 -25.91 -47.50 14.06
N ALA L 483 -25.94 -47.85 15.34
CA ALA L 483 -26.60 -49.06 15.79
C ALA L 483 -27.94 -48.81 16.47
N TYR L 484 -28.12 -47.66 17.12
CA TYR L 484 -29.34 -47.39 17.86
C TYR L 484 -29.51 -45.88 17.99
N TYR L 485 -30.72 -45.47 18.35
CA TYR L 485 -30.99 -44.07 18.65
C TYR L 485 -32.14 -43.98 19.65
N VAL L 486 -31.94 -43.19 20.69
CA VAL L 486 -32.93 -42.98 21.75
C VAL L 486 -33.21 -41.49 21.85
N LYS L 487 -34.48 -41.11 21.78
CA LYS L 487 -34.90 -39.73 21.79
C LYS L 487 -35.88 -39.49 22.93
N CYS L 488 -35.54 -38.58 23.84
CA CYS L 488 -36.43 -38.18 24.92
C CYS L 488 -36.02 -36.76 25.34
N ASP L 489 -36.76 -35.77 24.85
CA ASP L 489 -36.43 -34.37 25.08
C ASP L 489 -37.70 -33.54 24.90
N GLU L 490 -37.52 -32.22 24.82
CA GLU L 490 -38.65 -31.32 24.64
C GLU L 490 -39.23 -31.36 23.23
N GLU L 491 -38.50 -31.93 22.27
CA GLU L 491 -39.02 -32.02 20.92
C GLU L 491 -40.11 -33.06 20.80
N THR L 492 -39.97 -34.19 21.50
CA THR L 492 -40.97 -35.25 21.49
C THR L 492 -41.92 -35.20 22.68
N ASN L 493 -41.77 -34.22 23.56
CA ASN L 493 -42.63 -34.06 24.73
C ASN L 493 -43.12 -32.62 24.80
N PRO L 494 -44.10 -32.26 23.99
CA PRO L 494 -44.64 -30.91 24.02
C PRO L 494 -45.40 -30.66 25.31
N PRO L 495 -45.58 -29.39 25.70
CA PRO L 495 -46.32 -29.11 26.95
C PRO L 495 -47.73 -29.67 26.96
N GLU L 496 -48.40 -29.73 25.81
CA GLU L 496 -49.74 -30.31 25.77
C GLU L 496 -49.69 -31.80 26.14
N SER L 497 -48.69 -32.52 25.66
CA SER L 497 -48.56 -33.93 25.99
C SER L 497 -48.21 -34.12 27.47
N VAL L 498 -47.32 -33.29 28.01
CA VAL L 498 -46.91 -33.46 29.40
C VAL L 498 -48.00 -32.97 30.34
N ASP L 499 -48.98 -32.23 29.84
CA ASP L 499 -50.11 -31.83 30.67
C ASP L 499 -50.89 -33.04 31.15
N LEU L 500 -51.10 -34.03 30.27
CA LEU L 500 -51.81 -35.24 30.64
C LEU L 500 -50.95 -36.24 31.39
N GLY L 501 -49.66 -35.98 31.53
CA GLY L 501 -48.78 -36.91 32.23
C GLY L 501 -48.38 -38.09 31.38
N ARG L 502 -47.65 -37.83 30.30
CA ARG L 502 -47.24 -38.87 29.36
C ARG L 502 -45.75 -38.77 29.08
N VAL L 503 -45.11 -39.93 28.93
CA VAL L 503 -43.70 -40.02 28.55
C VAL L 503 -43.61 -40.95 27.35
N VAL L 504 -42.80 -40.57 26.36
CA VAL L 504 -42.72 -41.30 25.09
C VAL L 504 -41.42 -42.10 24.99
N CYS L 505 -40.27 -41.43 25.02
CA CYS L 505 -38.95 -42.08 24.99
C CYS L 505 -38.82 -42.99 23.76
N GLU L 506 -38.81 -42.35 22.59
CA GLU L 506 -38.72 -43.09 21.33
C GLU L 506 -37.40 -43.85 21.25
N ILE L 507 -37.49 -45.11 20.84
CA ILE L 507 -36.33 -45.99 20.75
C ILE L 507 -36.30 -46.64 19.38
N GLY L 508 -35.12 -46.67 18.75
CA GLY L 508 -34.96 -47.34 17.48
C GLY L 508 -33.67 -48.13 17.41
N ILE L 509 -33.75 -49.37 16.96
CA ILE L 509 -32.59 -50.27 16.89
C ILE L 509 -32.47 -50.85 15.49
N ALA L 510 -31.27 -51.33 15.19
CA ALA L 510 -31.00 -51.97 13.90
C ALA L 510 -30.58 -53.42 14.13
N PRO L 511 -31.42 -54.40 13.87
CA PRO L 511 -31.08 -55.79 14.14
C PRO L 511 -30.17 -56.36 13.06
N VAL L 512 -29.78 -57.62 13.27
CA VAL L 512 -28.93 -58.35 12.33
C VAL L 512 -29.74 -59.52 11.77
N LYS L 513 -29.49 -59.84 10.51
CA LYS L 513 -30.21 -60.92 9.86
C LYS L 513 -29.25 -62.02 9.41
N PRO L 514 -29.68 -63.27 9.42
CA PRO L 514 -28.78 -64.36 9.04
C PRO L 514 -28.47 -64.33 7.54
N ALA L 515 -27.30 -64.86 7.20
CA ALA L 515 -26.86 -64.97 5.82
C ALA L 515 -27.29 -66.33 5.27
N GLU L 516 -28.19 -66.32 4.28
CA GLU L 516 -28.76 -67.54 3.73
C GLU L 516 -28.09 -67.96 2.43
N PHE L 517 -27.92 -67.04 1.49
CA PHE L 517 -27.31 -67.33 0.20
C PHE L 517 -25.91 -66.73 0.16
N VAL L 518 -24.90 -67.57 -0.07
CA VAL L 518 -23.52 -67.14 -0.21
C VAL L 518 -23.12 -67.31 -1.66
N ILE L 519 -22.64 -66.22 -2.28
CA ILE L 519 -22.34 -66.20 -3.70
C ILE L 519 -20.88 -65.79 -3.89
N PHE L 520 -20.16 -66.56 -4.69
CA PHE L 520 -18.83 -66.21 -5.15
C PHE L 520 -18.87 -65.89 -6.64
N ARG L 521 -17.77 -65.32 -7.14
CA ARG L 521 -17.69 -64.91 -8.54
C ARG L 521 -16.69 -65.71 -9.34
N LEU L 522 -15.44 -65.80 -8.88
CA LEU L 522 -14.37 -66.53 -9.56
C LEU L 522 -14.19 -66.02 -11.00
N ALA L 523 -13.84 -64.75 -11.10
CA ALA L 523 -13.61 -64.13 -12.40
C ALA L 523 -12.12 -64.15 -12.75
N GLN L 524 -11.85 -64.01 -14.04
CA GLN L 524 -10.49 -64.00 -14.56
C GLN L 524 -10.16 -62.59 -15.04
N PHE L 525 -9.06 -62.03 -14.55
CA PHE L 525 -8.69 -60.66 -14.84
C PHE L 525 -7.20 -60.58 -15.17
N SER L 526 -6.83 -59.53 -15.88
CA SER L 526 -5.44 -59.30 -16.26
C SER L 526 -4.66 -58.65 -15.12
N PRO M 2 3.68 63.36 35.58
CA PRO M 2 4.59 64.37 36.15
C PRO M 2 4.93 65.47 35.17
N SER M 3 5.59 66.53 35.65
CA SER M 3 5.98 67.66 34.83
C SER M 3 7.48 67.61 34.58
N TYR M 4 7.87 67.71 33.32
CA TYR M 4 9.28 67.71 32.91
C TYR M 4 9.59 69.05 32.27
N LEU M 5 10.46 69.83 32.90
CA LEU M 5 10.80 71.16 32.42
C LEU M 5 12.29 71.44 32.33
N SER M 6 13.13 70.71 33.05
CA SER M 6 14.57 70.93 33.02
C SER M 6 15.30 69.60 32.83
N PRO M 7 16.43 69.61 32.15
CA PRO M 7 17.20 68.37 31.97
C PRO M 7 17.70 67.82 33.29
N GLY M 8 17.79 66.51 33.37
CA GLY M 8 18.26 65.85 34.57
C GLY M 8 17.78 64.42 34.63
N VAL M 9 17.93 63.83 35.82
CA VAL M 9 17.52 62.46 36.09
C VAL M 9 16.42 62.50 37.14
N TYR M 10 15.29 61.86 36.85
CA TYR M 10 14.14 61.84 37.74
C TYR M 10 13.85 60.40 38.14
N VAL M 11 13.63 60.18 39.43
CA VAL M 11 13.31 58.86 39.96
C VAL M 11 11.91 58.92 40.57
N GLU M 12 11.01 58.07 40.07
CA GLU M 12 9.63 58.02 40.55
C GLU M 12 9.24 56.58 40.81
N GLU M 13 8.29 56.39 41.71
CA GLU M 13 7.83 55.07 42.11
C GLU M 13 6.40 54.88 41.63
N VAL M 14 6.17 53.79 40.88
CA VAL M 14 4.82 53.48 40.43
C VAL M 14 4.06 52.76 41.54
N ALA M 15 2.83 53.22 41.80
CA ALA M 15 2.02 52.72 42.89
C ALA M 15 1.57 51.27 42.68
N SER M 16 1.74 50.75 41.46
CA SER M 16 1.35 49.38 41.16
C SER M 16 2.13 48.38 42.01
N GLY M 17 1.44 47.62 42.84
CA GLY M 17 2.09 46.66 43.71
C GLY M 17 1.07 45.89 44.50
N SER M 18 1.45 45.52 45.73
CA SER M 18 0.58 44.78 46.63
C SER M 18 0.38 45.56 47.92
N ARG M 19 -0.87 45.59 48.39
CA ARG M 19 -1.25 46.28 49.62
C ARG M 19 -2.05 45.31 50.47
N PRO M 20 -1.38 44.46 51.26
CA PRO M 20 -2.11 43.44 52.03
C PRO M 20 -3.01 44.06 53.08
N ILE M 21 -4.09 43.35 53.40
CA ILE M 21 -5.05 43.75 54.41
C ILE M 21 -4.95 42.78 55.59
N GLU M 22 -4.81 43.34 56.78
CA GLU M 22 -4.65 42.55 58.00
C GLU M 22 -5.95 42.50 58.79
N GLY M 23 -6.06 41.50 59.66
CA GLY M 23 -7.22 41.34 60.51
C GLY M 23 -7.16 42.23 61.74
N VAL M 24 -8.15 42.04 62.62
CA VAL M 24 -8.27 42.80 63.85
C VAL M 24 -8.47 41.84 65.01
N GLY M 25 -8.13 42.31 66.21
CA GLY M 25 -8.29 41.50 67.41
C GLY M 25 -9.70 41.57 67.94
N THR M 26 -10.30 40.41 68.20
CA THR M 26 -11.68 40.34 68.68
C THR M 26 -11.75 39.64 70.03
N SER M 27 -10.85 40.00 70.95
CA SER M 27 -10.79 39.39 72.27
C SER M 27 -10.73 40.45 73.36
N VAL M 28 -11.56 41.48 73.24
CA VAL M 28 -11.65 42.56 74.22
C VAL M 28 -13.10 42.68 74.67
N ALA M 29 -13.31 42.73 75.99
CA ALA M 29 -14.63 42.85 76.57
C ALA M 29 -14.66 44.00 77.56
N ALA M 30 -15.82 44.65 77.67
CA ALA M 30 -16.01 45.79 78.55
C ALA M 30 -17.11 45.47 79.55
N PHE M 31 -16.77 45.52 80.84
CA PHE M 31 -17.69 45.22 81.92
C PHE M 31 -18.06 46.50 82.65
N VAL M 32 -19.36 46.71 82.84
CA VAL M 32 -19.87 47.88 83.56
C VAL M 32 -20.51 47.37 84.85
N GLY M 33 -20.08 47.93 85.99
CA GLY M 33 -20.59 47.48 87.25
C GLY M 33 -20.24 48.43 88.37
N LEU M 34 -20.49 47.99 89.60
CA LEU M 34 -20.20 48.76 90.80
C LEU M 34 -19.08 48.10 91.59
N ALA M 35 -18.18 48.93 92.12
CA ALA M 35 -17.03 48.48 92.87
C ALA M 35 -16.92 49.31 94.14
N PRO M 36 -16.29 48.77 95.20
CA PRO M 36 -16.18 49.54 96.45
C PRO M 36 -15.40 50.83 96.30
N THR M 37 -14.16 50.77 95.81
CA THR M 37 -13.32 51.94 95.65
C THR M 37 -12.59 51.86 94.31
N GLY M 38 -12.25 53.03 93.78
CA GLY M 38 -11.53 53.11 92.52
C GLY M 38 -11.92 54.31 91.70
N PRO M 39 -11.36 54.43 90.50
CA PRO M 39 -11.74 55.54 89.61
C PRO M 39 -13.22 55.49 89.26
N LEU M 40 -13.81 56.68 89.11
CA LEU M 40 -15.23 56.82 88.87
C LEU M 40 -15.48 57.30 87.44
N ASN M 41 -16.35 56.60 86.73
CA ASN M 41 -16.75 56.96 85.36
C ASN M 41 -15.56 57.08 84.43
N GLU M 42 -14.60 56.16 84.58
CA GLU M 42 -13.43 56.12 83.72
C GLU M 42 -13.24 54.69 83.22
N PRO M 43 -13.16 54.48 81.90
CA PRO M 43 -12.99 53.12 81.38
C PRO M 43 -11.57 52.61 81.55
N THR M 44 -11.25 52.09 82.73
CA THR M 44 -9.90 51.62 83.00
C THR M 44 -9.61 50.35 82.21
N LEU M 45 -8.33 50.12 81.93
CA LEU M 45 -7.88 48.96 81.20
C LEU M 45 -7.15 48.01 82.14
N VAL M 46 -7.55 46.74 82.14
CA VAL M 46 -6.96 45.72 82.99
C VAL M 46 -6.54 44.54 82.13
N THR M 47 -5.41 43.93 82.49
CA THR M 47 -4.90 42.78 81.75
C THR M 47 -4.45 41.65 82.67
N ASN M 48 -4.60 41.79 83.99
CA ASN M 48 -4.21 40.76 84.94
C ASN M 48 -4.88 41.11 86.26
N TRP M 49 -5.16 40.08 87.07
CA TRP M 49 -5.91 40.31 88.34
C TRP M 49 -5.15 41.29 89.23
N THR M 50 -3.81 41.21 89.26
CA THR M 50 -3.09 42.08 90.19
C THR M 50 -3.44 43.55 89.95
N GLN M 51 -3.59 43.95 88.69
CA GLN M 51 -4.00 45.31 88.39
C GLN M 51 -5.39 45.60 88.94
N TYR M 52 -6.32 44.67 88.77
CA TYR M 52 -7.67 44.85 89.29
C TYR M 52 -7.66 44.94 90.82
N VAL M 53 -6.85 44.11 91.47
CA VAL M 53 -6.75 44.16 92.93
C VAL M 53 -6.20 45.51 93.37
N ALA M 54 -5.16 46.00 92.70
CA ALA M 54 -4.56 47.27 93.06
C ALA M 54 -5.47 48.45 92.77
N ALA M 55 -6.36 48.34 91.79
CA ALA M 55 -7.20 49.47 91.40
C ALA M 55 -8.55 49.47 92.10
N PHE M 56 -9.34 48.43 91.91
CA PHE M 56 -10.74 48.41 92.34
C PHE M 56 -10.98 47.52 93.55
N GLY M 57 -9.94 47.06 94.22
CA GLY M 57 -10.13 46.18 95.36
C GLY M 57 -10.46 44.76 94.92
N ASP M 58 -10.84 43.93 95.90
CA ASP M 58 -11.11 42.52 95.63
C ASP M 58 -11.98 41.95 96.75
N PHE M 59 -13.21 41.56 96.39
CA PHE M 59 -14.08 40.76 97.25
C PHE M 59 -14.28 41.36 98.64
N THR M 60 -14.89 42.53 98.72
CA THR M 60 -15.19 43.15 100.00
C THR M 60 -16.60 43.70 100.13
N GLY M 61 -17.32 43.93 99.03
CA GLY M 61 -18.64 44.52 99.11
C GLY M 61 -19.75 43.59 98.68
N GLY M 62 -19.40 42.36 98.32
CA GLY M 62 -20.40 41.40 97.86
C GLY M 62 -21.07 41.78 96.55
N TYR M 63 -20.30 42.27 95.59
CA TYR M 63 -20.82 42.67 94.29
C TYR M 63 -20.46 41.63 93.23
N TYR M 64 -21.14 41.72 92.10
CA TYR M 64 -20.97 40.75 91.03
C TYR M 64 -19.89 41.13 90.03
N LEU M 65 -19.27 42.30 90.18
CA LEU M 65 -18.22 42.70 89.24
C LEU M 65 -16.95 41.89 89.46
N ALA M 66 -16.55 41.72 90.71
CA ALA M 66 -15.33 40.97 91.00
C ALA M 66 -15.44 39.52 90.56
N HIS M 67 -16.59 38.89 90.83
CA HIS M 67 -16.79 37.51 90.41
C HIS M 67 -16.74 37.38 88.90
N SER M 68 -17.38 38.31 88.19
CA SER M 68 -17.38 38.26 86.72
C SER M 68 -15.97 38.45 86.16
N VAL M 69 -15.21 39.38 86.72
CA VAL M 69 -13.85 39.61 86.26
C VAL M 69 -12.98 38.39 86.52
N TYR M 70 -13.11 37.80 87.71
CA TYR M 70 -12.33 36.61 88.03
C TYR M 70 -12.68 35.46 87.10
N GLY M 71 -13.97 35.28 86.80
CA GLY M 71 -14.36 34.24 85.87
C GLY M 71 -13.85 34.49 84.46
N PHE M 72 -13.87 35.76 84.02
CA PHE M 72 -13.36 36.09 82.70
C PHE M 72 -11.87 35.80 82.59
N PHE M 73 -11.10 36.15 83.62
CA PHE M 73 -9.67 35.85 83.61
C PHE M 73 -9.38 34.38 83.85
N ASN M 74 -10.34 33.63 84.40
CA ASN M 74 -10.14 32.20 84.62
C ASN M 74 -10.30 31.40 83.34
N ASN M 75 -11.08 31.89 82.38
CA ASN M 75 -11.37 31.17 81.14
C ASN M 75 -10.45 31.59 79.99
N GLY M 76 -9.34 32.25 80.29
CA GLY M 76 -8.39 32.60 79.26
C GLY M 76 -8.55 33.98 78.66
N GLY M 77 -9.04 34.95 79.42
CA GLY M 77 -9.15 36.30 78.91
C GLY M 77 -7.80 36.95 78.70
N SER M 78 -7.79 37.96 77.83
CA SER M 78 -6.56 38.65 77.46
C SER M 78 -6.53 40.09 77.97
N ALA M 79 -7.53 40.90 77.63
CA ALA M 79 -7.58 42.28 78.06
C ALA M 79 -9.03 42.69 78.24
N ALA M 80 -9.28 43.52 79.25
CA ALA M 80 -10.64 43.93 79.59
C ALA M 80 -10.68 45.41 79.90
N TYR M 81 -11.87 45.98 79.73
CA TYR M 81 -12.17 47.35 80.13
C TYR M 81 -13.18 47.31 81.27
N VAL M 82 -12.99 48.19 82.25
CA VAL M 82 -13.81 48.22 83.45
C VAL M 82 -14.39 49.62 83.61
N VAL M 83 -15.71 49.69 83.82
CA VAL M 83 -16.41 50.93 84.14
C VAL M 83 -17.10 50.76 85.48
N ARG M 84 -16.87 51.71 86.39
CA ARG M 84 -17.43 51.67 87.74
C ARG M 84 -18.45 52.79 87.87
N VAL M 85 -19.74 52.43 87.86
CA VAL M 85 -20.80 53.43 87.96
C VAL M 85 -20.84 54.02 89.37
N GLY M 86 -20.74 53.16 90.37
CA GLY M 86 -20.82 53.61 91.75
C GLY M 86 -20.34 52.55 92.70
N GLY M 87 -20.68 52.74 93.97
CA GLY M 87 -20.31 51.78 94.99
C GLY M 87 -20.34 52.43 96.37
N SER M 88 -19.81 51.69 97.34
CA SER M 88 -19.76 52.17 98.72
C SER M 88 -18.62 51.43 99.43
N ALA M 89 -18.19 52.00 100.55
CA ALA M 89 -17.14 51.43 101.37
C ALA M 89 -17.57 51.33 102.83
N GLU M 90 -18.85 51.02 103.04
CA GLU M 90 -19.40 50.92 104.40
C GLU M 90 -19.83 49.49 104.70
N GLY M 249 -21.86 54.65 80.93
CA GLY M 249 -20.44 54.82 80.68
C GLY M 249 -20.15 55.30 79.28
N GLY M 250 -18.95 55.86 79.09
CA GLY M 250 -18.54 56.37 77.80
C GLY M 250 -17.81 55.34 76.97
N LEU M 251 -18.49 54.25 76.60
CA LEU M 251 -17.89 53.20 75.81
C LEU M 251 -17.88 53.51 74.32
N GLU M 252 -18.51 54.61 73.89
CA GLU M 252 -18.54 54.96 72.48
C GLU M 252 -17.21 55.51 71.97
N ALA M 253 -16.33 55.95 72.87
CA ALA M 253 -15.03 56.48 72.47
C ALA M 253 -13.98 55.40 72.24
N ILE M 254 -14.28 54.15 72.59
CA ILE M 254 -13.34 53.04 72.45
C ILE M 254 -13.65 52.32 71.15
N ASP M 255 -12.62 51.77 70.52
CA ASP M 255 -12.75 51.10 69.23
C ASP M 255 -12.52 49.61 69.30
N GLU M 256 -11.58 49.16 70.13
CA GLU M 256 -11.20 47.75 70.15
C GLU M 256 -12.19 46.87 70.89
N ILE M 257 -13.19 47.45 71.55
CA ILE M 257 -14.15 46.64 72.30
C ILE M 257 -14.95 45.78 71.34
N SER M 258 -15.07 44.48 71.66
CA SER M 258 -15.83 43.55 70.84
C SER M 258 -17.09 43.03 71.52
N MET M 259 -17.21 43.18 72.84
CA MET M 259 -18.40 42.74 73.54
C MET M 259 -18.53 43.54 74.83
N VAL M 260 -19.78 43.74 75.26
CA VAL M 260 -20.08 44.55 76.43
C VAL M 260 -20.99 43.75 77.35
N ALA M 261 -20.77 43.88 78.66
CA ALA M 261 -21.56 43.18 79.66
C ALA M 261 -21.81 44.09 80.85
N VAL M 262 -22.93 43.85 81.53
CA VAL M 262 -23.28 44.56 82.76
C VAL M 262 -23.52 43.50 83.82
N PRO M 263 -22.46 42.88 84.37
CA PRO M 263 -22.67 41.73 85.27
C PRO M 263 -23.48 42.06 86.51
N ASP M 264 -23.30 43.25 87.08
CA ASP M 264 -23.95 43.59 88.33
C ASP M 264 -25.09 44.53 87.97
N LEU M 265 -26.22 43.93 87.61
CA LEU M 265 -27.49 44.60 87.40
C LEU M 265 -28.62 43.95 88.18
N MET M 266 -28.60 42.62 88.32
CA MET M 266 -29.62 41.92 89.10
C MET M 266 -29.47 42.16 90.59
N ALA M 267 -28.31 42.63 91.03
CA ALA M 267 -28.12 42.94 92.45
C ALA M 267 -29.06 44.05 92.91
N ALA M 268 -29.16 45.12 92.12
CA ALA M 268 -30.09 46.19 92.44
C ALA M 268 -31.53 45.69 92.42
N TYR M 269 -31.84 44.78 91.49
CA TYR M 269 -33.17 44.20 91.44
C TYR M 269 -33.48 43.33 92.65
N GLN M 270 -32.45 42.65 93.19
CA GLN M 270 -32.69 41.73 94.30
C GLN M 270 -32.96 42.47 95.61
N ARG M 271 -32.17 43.51 95.91
CA ARG M 271 -32.30 44.22 97.18
C ARG M 271 -32.91 45.60 97.03
N GLY M 272 -32.51 46.37 96.01
CA GLY M 272 -33.01 47.72 95.86
C GLY M 272 -34.43 47.84 95.37
N ALA M 273 -35.01 46.77 94.85
CA ALA M 273 -36.37 46.75 94.33
C ALA M 273 -36.55 47.83 93.26
N ILE M 274 -35.79 47.68 92.17
CA ILE M 274 -35.80 48.64 91.08
C ILE M 274 -36.82 48.24 90.01
N ASP M 275 -37.71 47.29 90.32
CA ASP M 275 -38.76 46.85 89.42
C ASP M 275 -38.18 46.23 88.15
N LEU M 276 -39.05 45.79 87.24
CA LEU M 276 -38.62 45.19 85.99
C LEU M 276 -38.54 46.19 84.84
N GLU M 277 -39.28 47.30 84.92
CA GLU M 277 -39.26 48.28 83.84
C GLU M 277 -37.89 48.92 83.69
N ALA M 278 -37.23 49.23 84.81
CA ALA M 278 -35.90 49.83 84.74
C ALA M 278 -34.89 48.85 84.11
N VAL M 279 -34.96 47.58 84.50
CA VAL M 279 -34.06 46.59 83.92
C VAL M 279 -34.32 46.43 82.43
N LYS M 280 -35.59 46.38 82.04
CA LYS M 280 -35.92 46.27 80.62
C LYS M 280 -35.43 47.47 79.83
N ALA M 281 -35.59 48.67 80.39
CA ALA M 281 -35.12 49.87 79.71
C ALA M 281 -33.60 49.88 79.58
N VAL M 282 -32.89 49.47 80.62
CA VAL M 282 -31.43 49.43 80.56
C VAL M 282 -30.96 48.44 79.51
N GLN M 283 -31.57 47.24 79.49
CA GLN M 283 -31.18 46.25 78.50
C GLN M 283 -31.52 46.70 77.09
N LEU M 284 -32.67 47.35 76.89
CA LEU M 284 -33.01 47.88 75.57
C LEU M 284 -32.05 48.97 75.13
N GLY M 285 -31.62 49.83 76.07
CA GLY M 285 -30.63 50.84 75.73
C GLY M 285 -29.30 50.23 75.33
N LEU M 286 -28.88 49.19 76.05
CA LEU M 286 -27.64 48.49 75.68
C LEU M 286 -27.76 47.85 74.30
N ILE M 287 -28.92 47.25 74.02
CA ILE M 287 -29.15 46.64 72.71
C ILE M 287 -29.09 47.71 71.61
N ALA M 288 -29.72 48.86 71.86
CA ALA M 288 -29.71 49.94 70.86
C ALA M 288 -28.29 50.46 70.64
N HIS M 289 -27.51 50.59 71.71
CA HIS M 289 -26.13 51.03 71.56
C HIS M 289 -25.32 50.03 70.75
N CYS M 290 -25.51 48.74 71.01
CA CYS M 290 -24.81 47.71 70.24
C CYS M 290 -25.20 47.77 68.77
N GLU M 291 -26.49 47.94 68.49
CA GLU M 291 -26.94 48.04 67.11
C GLU M 291 -26.37 49.27 66.41
N LEU M 292 -26.33 50.40 67.13
CA LEU M 292 -25.80 51.63 66.54
C LEU M 292 -24.32 51.49 66.22
N MET M 293 -23.55 50.89 67.14
CA MET M 293 -22.12 50.74 66.89
C MET M 293 -21.86 49.82 65.71
N GLY M 294 -22.60 48.73 65.61
CA GLY M 294 -22.43 47.82 64.49
C GLY M 294 -21.19 46.96 64.54
N ASP M 295 -20.55 46.87 65.71
CA ASP M 295 -19.33 46.09 65.86
C ASP M 295 -19.33 45.17 67.07
N ARG M 296 -20.21 45.38 68.04
CA ARG M 296 -20.18 44.66 69.31
C ARG M 296 -21.40 43.77 69.45
N VAL M 297 -21.28 42.79 70.35
CA VAL M 297 -22.33 41.81 70.59
C VAL M 297 -22.64 41.78 72.08
N ALA M 298 -23.92 41.76 72.42
CA ALA M 298 -24.38 41.85 73.79
C ALA M 298 -24.67 40.47 74.37
N ILE M 299 -24.41 40.33 75.67
CA ILE M 299 -24.68 39.10 76.41
C ILE M 299 -25.74 39.41 77.46
N ILE M 300 -26.80 38.60 77.48
CA ILE M 300 -27.96 38.86 78.33
C ILE M 300 -28.19 37.65 79.24
N ASP M 301 -28.72 37.93 80.42
CA ASP M 301 -29.09 36.93 81.41
C ASP M 301 -30.50 37.20 81.92
N PRO M 302 -31.22 36.16 82.33
CA PRO M 302 -32.59 36.35 82.79
C PRO M 302 -32.63 36.59 84.30
N PRO M 303 -33.79 36.93 84.85
CA PRO M 303 -33.92 37.05 86.30
C PRO M 303 -33.64 35.73 86.98
N PRO M 304 -33.15 35.76 88.24
CA PRO M 304 -32.61 34.55 88.86
C PRO M 304 -33.58 33.39 88.99
N ASN M 305 -34.71 33.60 89.64
CA ASN M 305 -35.57 32.48 90.04
C ASN M 305 -36.68 32.23 89.02
N GLN M 306 -36.39 31.39 88.04
CA GLN M 306 -37.38 30.96 87.06
C GLN M 306 -37.12 29.52 86.68
N ASN M 307 -38.12 28.89 86.08
CA ASN M 307 -38.02 27.54 85.56
C ASN M 307 -38.69 27.49 84.20
N ALA M 308 -38.92 26.27 83.70
CA ALA M 308 -39.58 26.10 82.42
C ALA M 308 -41.01 26.63 82.48
N ARG M 309 -41.56 27.00 81.32
CA ARG M 309 -42.93 27.53 81.18
C ARG M 309 -43.02 28.94 81.76
N GLN M 310 -41.93 29.44 82.36
CA GLN M 310 -41.85 30.83 82.78
C GLN M 310 -40.90 31.64 81.91
N ILE M 311 -39.68 31.16 81.72
CA ILE M 311 -38.74 31.87 80.85
C ILE M 311 -39.29 31.94 79.43
N ARG M 312 -39.88 30.84 78.94
CA ARG M 312 -40.52 30.86 77.63
C ARG M 312 -41.61 31.90 77.54
N VAL M 313 -42.22 32.28 78.67
CA VAL M 313 -43.13 33.42 78.68
C VAL M 313 -42.35 34.73 78.74
N TRP M 314 -41.35 34.79 79.64
CA TRP M 314 -40.62 36.03 79.84
C TRP M 314 -39.90 36.48 78.57
N ARG M 315 -39.51 35.54 77.72
CA ARG M 315 -38.86 35.85 76.46
C ARG M 315 -39.83 36.39 75.41
N GLN M 316 -41.10 36.03 75.47
CA GLN M 316 -42.02 36.32 74.38
C GLN M 316 -43.03 37.42 74.70
N GLU M 317 -43.56 37.47 75.92
CA GLU M 317 -44.54 38.48 76.28
C GLU M 317 -43.93 39.71 76.94
N THR M 318 -42.67 39.65 77.34
CA THR M 318 -42.08 40.77 78.07
C THR M 318 -40.76 41.24 77.48
N ALA M 319 -39.95 40.34 76.93
CA ALA M 319 -38.57 40.64 76.54
C ALA M 319 -38.27 40.11 75.15
N GLY M 320 -39.13 40.45 74.19
CA GLY M 320 -38.95 39.96 72.82
C GLY M 320 -37.58 40.28 72.27
N TYR M 321 -37.12 41.53 72.46
CA TYR M 321 -35.73 41.92 72.21
C TYR M 321 -35.32 41.78 70.75
N ASP M 322 -35.22 40.54 70.27
CA ASP M 322 -34.65 40.18 68.97
C ASP M 322 -33.42 41.03 68.65
N SER M 323 -33.45 41.76 67.54
CA SER M 323 -32.44 42.72 67.08
C SER M 323 -31.17 42.04 66.56
N LYS M 324 -31.06 40.71 66.63
CA LYS M 324 -29.99 39.92 66.03
C LYS M 324 -28.60 40.24 66.59
N TYR M 325 -28.51 41.12 67.58
CA TYR M 325 -27.24 41.57 68.14
C TYR M 325 -27.12 41.21 69.61
N ALA M 326 -27.55 40.00 69.98
CA ALA M 326 -27.51 39.60 71.38
C ALA M 326 -27.46 38.09 71.49
N ALA M 327 -27.07 37.64 72.68
CA ALA M 327 -27.10 36.21 73.01
C ALA M 327 -27.49 36.07 74.48
N LEU M 328 -28.53 35.28 74.75
CA LEU M 328 -29.07 35.13 76.08
C LEU M 328 -28.68 33.76 76.65
N TYR M 329 -28.20 33.75 77.89
CA TYR M 329 -27.79 32.52 78.56
C TYR M 329 -28.65 32.31 79.80
N TYR M 330 -29.45 31.26 79.80
CA TYR M 330 -30.52 31.06 80.78
C TYR M 330 -30.02 30.73 82.19
N PRO M 331 -29.36 29.60 82.44
CA PRO M 331 -29.16 29.16 83.82
C PRO M 331 -28.02 29.88 84.52
N TRP M 332 -28.20 30.13 85.81
CA TRP M 332 -27.18 30.77 86.63
C TRP M 332 -26.17 29.74 87.12
N ILE M 333 -25.01 30.23 87.55
CA ILE M 333 -23.89 29.38 87.94
C ILE M 333 -23.57 29.62 89.41
N LYS M 334 -23.48 28.55 90.18
CA LYS M 334 -23.09 28.63 91.58
C LYS M 334 -21.56 28.55 91.66
N SER M 335 -20.95 29.55 92.31
CA SER M 335 -19.51 29.66 92.37
C SER M 335 -19.07 29.97 93.79
N PHE M 336 -17.78 29.77 94.04
CA PHE M 336 -17.18 29.93 95.36
C PHE M 336 -16.78 31.37 95.59
N ASP M 337 -16.79 31.77 96.87
CA ASP M 337 -16.37 33.10 97.28
C ASP M 337 -15.37 32.93 98.42
N PRO M 338 -14.11 33.38 98.24
CA PRO M 338 -13.12 33.21 99.31
C PRO M 338 -13.25 34.24 100.43
N ALA M 339 -13.94 35.36 100.20
CA ALA M 339 -14.12 36.34 101.26
C ALA M 339 -14.87 35.74 102.44
N THR M 340 -15.93 34.99 102.16
CA THR M 340 -16.60 34.19 103.17
C THR M 340 -16.36 32.70 103.00
N GLY M 341 -15.70 32.29 101.92
CA GLY M 341 -15.49 30.88 101.65
C GLY M 341 -16.77 30.10 101.49
N GLN M 342 -17.74 30.64 100.76
CA GLN M 342 -19.05 30.03 100.64
C GLN M 342 -19.51 30.04 99.19
N SER M 343 -20.43 29.15 98.87
CA SER M 343 -20.97 29.04 97.52
C SER M 343 -22.21 29.91 97.37
N ARG M 344 -22.28 30.62 96.25
CA ARG M 344 -23.44 31.49 95.99
C ARG M 344 -23.64 31.61 94.49
N LEU M 345 -24.84 32.02 94.10
CA LEU M 345 -25.25 32.05 92.71
C LEU M 345 -24.86 33.37 92.05
N VAL M 346 -24.33 33.28 90.83
CA VAL M 346 -24.00 34.46 90.03
C VAL M 346 -24.45 34.23 88.60
N PRO M 347 -24.78 35.32 87.90
CA PRO M 347 -25.18 35.18 86.50
C PRO M 347 -24.01 34.76 85.64
N PRO M 348 -24.25 34.10 84.50
CA PRO M 348 -23.17 33.70 83.58
C PRO M 348 -22.84 34.80 82.57
N SER M 349 -22.14 35.84 83.03
CA SER M 349 -21.81 36.99 82.20
C SER M 349 -20.35 36.97 81.75
N GLY M 350 -19.41 36.86 82.69
CA GLY M 350 -18.01 36.86 82.31
C GLY M 350 -17.50 35.52 81.79
N HIS M 351 -18.12 34.42 82.23
CA HIS M 351 -17.66 33.10 81.81
C HIS M 351 -17.85 32.88 80.32
N VAL M 352 -18.99 33.33 79.78
CA VAL M 352 -19.25 33.17 78.35
C VAL M 352 -18.29 34.04 77.54
N ALA M 353 -17.99 35.24 78.03
CA ALA M 353 -17.02 36.08 77.35
C ALA M 353 -15.63 35.44 77.35
N GLY M 354 -15.24 34.85 78.47
CA GLY M 354 -13.97 34.14 78.51
C GLY M 354 -13.94 32.95 77.57
N ILE M 355 -15.05 32.22 77.48
CA ILE M 355 -15.13 31.10 76.56
C ILE M 355 -15.02 31.58 75.12
N TRP M 356 -15.67 32.70 74.79
CA TRP M 356 -15.55 33.27 73.45
C TRP M 356 -14.11 33.67 73.14
N ALA M 357 -13.44 34.30 74.10
CA ALA M 357 -12.04 34.68 73.89
C ALA M 357 -11.16 33.46 73.71
N ARG M 358 -11.38 32.41 74.50
CA ARG M 358 -10.60 31.18 74.38
C ARG M 358 -10.81 30.53 73.01
N ASN M 359 -12.07 30.49 72.55
CA ASN M 359 -12.36 29.92 71.24
C ASN M 359 -11.71 30.74 70.12
N ASP M 360 -11.74 32.08 70.25
CA ASP M 360 -11.12 32.92 69.25
C ASP M 360 -9.61 32.83 69.25
N SER M 361 -9.02 32.49 70.40
CA SER M 361 -7.56 32.39 70.48
C SER M 361 -7.09 31.03 69.99
N GLU M 362 -7.63 29.93 70.53
CA GLU M 362 -7.19 28.60 70.15
C GLU M 362 -7.49 28.31 68.69
N ARG M 363 -8.72 28.51 68.27
CA ARG M 363 -9.17 28.29 66.90
C ARG M 363 -9.59 29.60 66.27
N GLY M 364 -10.03 29.53 65.02
CA GLY M 364 -10.51 30.71 64.33
C GLY M 364 -11.84 31.19 64.87
N VAL M 365 -12.18 32.43 64.50
CA VAL M 365 -13.45 33.02 64.91
C VAL M 365 -14.65 32.36 64.25
N HIS M 366 -14.43 31.55 63.22
CA HIS M 366 -15.52 30.86 62.53
C HIS M 366 -16.03 29.65 63.28
N LYS M 367 -15.36 29.23 64.34
CA LYS M 367 -15.79 28.08 65.12
C LYS M 367 -16.82 28.53 66.15
N ALA M 368 -17.98 27.88 66.15
CA ALA M 368 -19.04 28.24 67.08
C ALA M 368 -18.72 27.74 68.48
N PRO M 369 -18.74 28.60 69.50
CA PRO M 369 -18.50 28.14 70.87
C PRO M 369 -19.67 27.33 71.41
N ALA M 370 -19.88 26.14 70.87
CA ALA M 370 -21.03 25.32 71.24
C ALA M 370 -20.73 24.28 72.31
N ASN M 371 -19.51 23.74 72.33
CA ASN M 371 -19.14 22.68 73.27
C ASN M 371 -17.88 23.13 74.01
N GLU M 372 -18.06 23.88 75.09
CA GLU M 372 -16.96 24.33 75.93
C GLU M 372 -17.33 24.15 77.40
N VAL M 373 -16.31 23.89 78.21
CA VAL M 373 -16.49 23.59 79.63
C VAL M 373 -16.32 24.87 80.44
N VAL M 374 -17.28 25.15 81.32
CA VAL M 374 -17.21 26.39 82.16
C VAL M 374 -16.26 26.14 83.32
N ARG M 375 -15.02 26.65 83.23
CA ARG M 375 -14.02 26.44 84.30
C ARG M 375 -14.50 27.14 85.57
N GLY M 376 -14.41 26.45 86.72
CA GLY M 376 -14.84 27.04 88.01
C GLY M 376 -16.31 26.79 88.29
N ALA M 377 -17.06 26.30 87.29
CA ALA M 377 -18.49 25.98 87.49
C ALA M 377 -18.62 24.80 88.47
N VAL M 378 -19.42 24.97 89.52
CA VAL M 378 -19.59 23.91 90.54
C VAL M 378 -20.97 23.27 90.35
N ASP M 379 -22.04 24.02 90.60
CA ASP M 379 -23.38 23.47 90.47
C ASP M 379 -24.19 24.37 89.53
N LEU M 380 -25.47 24.03 89.37
CA LEU M 380 -26.38 24.82 88.54
C LEU M 380 -27.72 25.11 89.20
N GLU M 381 -28.12 24.36 90.22
CA GLU M 381 -29.40 24.54 90.92
C GLU M 381 -30.60 24.34 90.00
N LEU M 382 -30.41 23.64 88.89
CA LEU M 382 -31.49 23.35 87.94
C LEU M 382 -31.01 22.30 86.96
N GLN M 383 -31.92 21.45 86.52
CA GLN M 383 -31.61 20.37 85.58
C GLN M 383 -32.58 20.43 84.40
N ILE M 384 -32.06 20.22 83.20
CA ILE M 384 -32.83 20.27 81.97
C ILE M 384 -32.79 18.91 81.31
N THR M 385 -33.96 18.38 80.94
CA THR M 385 -34.04 17.12 80.23
C THR M 385 -33.98 17.39 78.73
N ARG M 386 -34.23 16.34 77.94
CA ARG M 386 -34.19 16.50 76.46
C ARG M 386 -35.42 17.28 76.00
N GLY M 387 -36.60 16.97 76.56
CA GLY M 387 -37.82 17.63 76.12
C GLY M 387 -37.82 19.12 76.41
N GLU M 388 -37.37 19.51 77.60
CA GLU M 388 -37.30 20.94 77.93
C GLU M 388 -36.34 21.68 77.01
N GLN M 389 -35.19 21.06 76.72
CA GLN M 389 -34.27 21.67 75.74
C GLN M 389 -34.90 21.76 74.36
N ASP M 390 -35.63 20.73 73.94
CA ASP M 390 -36.34 20.76 72.67
C ASP M 390 -37.43 21.81 72.65
N LEU M 391 -37.93 22.24 73.82
CA LEU M 391 -38.87 23.34 73.89
C LEU M 391 -38.19 24.70 73.87
N LEU M 392 -36.94 24.78 74.31
CA LEU M 392 -36.21 26.04 74.36
C LEU M 392 -35.31 26.25 73.14
N ASN M 393 -34.96 25.18 72.44
CA ASN M 393 -34.11 25.32 71.25
C ASN M 393 -34.74 26.14 70.14
N PRO M 394 -36.01 25.97 69.77
CA PRO M 394 -36.56 26.78 68.67
C PRO M 394 -36.48 28.28 68.90
N ILE M 395 -36.53 28.73 70.14
CA ILE M 395 -36.35 30.14 70.47
C ILE M 395 -34.88 30.35 70.80
N GLY M 396 -34.46 31.62 70.77
CA GLY M 396 -33.05 31.93 70.96
C GLY M 396 -32.57 31.84 72.39
N VAL M 397 -32.81 30.70 73.04
CA VAL M 397 -32.39 30.48 74.42
C VAL M 397 -31.36 29.36 74.41
N ASN M 398 -30.13 29.68 74.79
CA ASN M 398 -29.08 28.68 74.93
C ASN M 398 -29.21 27.97 76.28
N CYS M 399 -28.30 27.04 76.55
CA CYS M 399 -28.39 26.27 77.78
C CYS M 399 -27.00 25.93 78.28
N ILE M 400 -26.92 25.62 79.57
CA ILE M 400 -25.72 25.10 80.20
C ILE M 400 -26.10 23.76 80.82
N ARG M 401 -25.60 22.67 80.23
CA ARG M 401 -26.06 21.34 80.55
C ARG M 401 -24.99 20.54 81.28
N SER M 402 -25.45 19.70 82.21
CA SER M 402 -24.58 18.79 82.95
C SER M 402 -24.70 17.39 82.35
N PHE M 403 -23.56 16.84 81.94
CA PHE M 403 -23.49 15.54 81.32
C PHE M 403 -22.79 14.55 82.24
N PRO M 404 -23.34 13.35 82.42
CA PRO M 404 -22.75 12.40 83.37
C PRO M 404 -21.47 11.75 82.84
N GLY M 405 -20.34 12.44 83.03
CA GLY M 405 -19.07 11.94 82.56
C GLY M 405 -18.27 13.02 81.85
N ARG M 406 -18.93 14.15 81.57
CA ARG M 406 -18.29 15.28 80.92
C ARG M 406 -18.48 16.59 81.67
N GLY M 407 -19.37 16.65 82.66
CA GLY M 407 -19.49 17.83 83.49
C GLY M 407 -20.37 18.91 82.91
N ILE M 408 -20.07 20.17 83.25
CA ILE M 408 -20.90 21.31 82.84
C ILE M 408 -20.36 21.85 81.52
N ARG M 409 -21.23 21.95 80.52
CA ARG M 409 -20.83 22.39 79.19
C ARG M 409 -21.88 23.34 78.61
N VAL M 410 -21.43 24.24 77.74
CA VAL M 410 -22.36 25.09 77.00
C VAL M 410 -23.10 24.24 75.97
N TRP M 411 -24.27 24.73 75.55
CA TRP M 411 -25.10 23.96 74.62
C TRP M 411 -26.03 24.90 73.87
N GLY M 412 -25.95 24.90 72.54
CA GLY M 412 -26.95 25.52 71.70
C GLY M 412 -26.44 26.58 70.73
N ALA M 413 -25.58 27.47 71.20
CA ALA M 413 -24.88 28.46 70.37
C ALA M 413 -25.83 29.14 69.37
N ARG M 414 -26.81 29.86 69.90
CA ARG M 414 -27.78 30.58 69.07
C ARG M 414 -27.91 32.01 69.55
N THR M 415 -28.73 32.79 68.84
CA THR M 415 -28.91 34.20 69.12
C THR M 415 -30.39 34.56 69.07
N LEU M 416 -30.68 35.82 69.39
CA LEU M 416 -32.04 36.34 69.39
C LEU M 416 -32.30 37.03 68.06
N SER M 417 -32.89 36.30 67.10
CA SER M 417 -33.17 36.87 65.79
C SER M 417 -34.28 36.06 65.13
N SER M 418 -35.40 36.71 64.83
CA SER M 418 -36.49 36.03 64.13
C SER M 418 -36.11 35.73 62.69
N ASP M 419 -35.34 36.61 62.06
CA ASP M 419 -34.93 36.42 60.66
C ASP M 419 -34.03 35.19 60.55
N PRO M 420 -34.36 34.21 59.71
CA PRO M 420 -33.52 33.01 59.57
C PRO M 420 -32.16 33.27 58.95
N ALA M 421 -31.86 34.49 58.51
CA ALA M 421 -30.57 34.77 57.90
C ALA M 421 -29.44 34.81 58.92
N TRP M 422 -29.71 35.24 60.14
CA TRP M 422 -28.69 35.40 61.16
C TRP M 422 -28.99 34.52 62.38
N ARG M 423 -29.35 33.26 62.14
CA ARG M 423 -29.68 32.36 63.24
C ARG M 423 -28.47 32.10 64.13
N TYR M 424 -27.29 31.92 63.54
CA TYR M 424 -26.12 31.47 64.28
C TYR M 424 -25.20 32.63 64.63
N LEU M 425 -24.48 32.46 65.73
CA LEU M 425 -23.58 33.51 66.23
C LEU M 425 -22.31 33.61 65.40
N ASN M 426 -21.77 32.47 64.95
CA ASN M 426 -20.47 32.48 64.27
C ASN M 426 -20.54 33.23 62.95
N ILE M 427 -21.69 33.14 62.25
CA ILE M 427 -21.84 33.89 61.00
C ILE M 427 -21.77 35.39 61.28
N ARG M 428 -22.46 35.85 62.32
CA ARG M 428 -22.44 37.26 62.68
C ARG M 428 -21.03 37.71 63.06
N ARG M 429 -20.33 36.90 63.86
CA ARG M 429 -18.97 37.26 64.27
C ARG M 429 -18.04 37.35 63.07
N TYR M 430 -18.11 36.37 62.17
CA TYR M 430 -17.25 36.39 60.99
C TYR M 430 -17.56 37.58 60.09
N PHE M 431 -18.86 37.89 59.91
CA PHE M 431 -19.22 39.05 59.10
C PHE M 431 -18.73 40.34 59.72
N ASN M 432 -18.84 40.48 61.04
CA ASN M 432 -18.30 41.66 61.71
C ASN M 432 -16.80 41.78 61.52
N TYR M 433 -16.09 40.66 61.65
CA TYR M 433 -14.63 40.68 61.44
C TYR M 433 -14.27 41.10 60.03
N LEU M 434 -14.96 40.53 59.03
CA LEU M 434 -14.68 40.88 57.64
C LEU M 434 -14.99 42.35 57.37
N GLU M 435 -16.13 42.84 57.86
CA GLU M 435 -16.49 44.23 57.64
C GLU M 435 -15.48 45.17 58.27
N GLU M 436 -15.06 44.88 59.51
CA GLU M 436 -14.08 45.73 60.16
C GLU M 436 -12.75 45.74 59.40
N SER M 437 -12.28 44.56 58.98
CA SER M 437 -11.03 44.49 58.24
C SER M 437 -11.10 45.27 56.94
N ILE M 438 -12.20 45.10 56.20
CA ILE M 438 -12.35 45.79 54.92
C ILE M 438 -12.42 47.30 55.13
N LEU M 439 -13.18 47.75 56.14
CA LEU M 439 -13.29 49.18 56.40
C LEU M 439 -11.95 49.79 56.79
N ILE M 440 -11.18 49.08 57.61
CA ILE M 440 -9.89 49.63 58.05
C ILE M 440 -8.87 49.65 56.92
N GLY M 441 -8.78 48.58 56.13
CA GLY M 441 -7.72 48.48 55.15
C GLY M 441 -8.08 48.81 53.71
N THR M 442 -8.87 49.87 53.49
CA THR M 442 -9.28 50.22 52.15
C THR M 442 -9.26 51.73 51.90
N GLN M 443 -8.94 52.54 52.90
CA GLN M 443 -9.14 53.98 52.81
C GLN M 443 -8.30 54.64 51.71
N TRP M 444 -7.26 53.96 51.21
CA TRP M 444 -6.41 54.57 50.20
C TRP M 444 -7.08 54.70 48.84
N VAL M 445 -8.24 54.08 48.63
CA VAL M 445 -8.86 54.04 47.31
C VAL M 445 -9.60 55.32 46.97
N VAL M 446 -9.93 56.14 47.95
CA VAL M 446 -10.71 57.35 47.71
C VAL M 446 -9.87 58.37 46.96
N PHE M 447 -10.53 59.13 46.07
CA PHE M 447 -9.91 60.18 45.26
C PHE M 447 -8.79 59.61 44.39
N GLU M 448 -9.21 58.75 43.46
CA GLU M 448 -8.34 58.10 42.50
C GLU M 448 -8.82 58.37 41.08
N PRO M 449 -7.95 58.22 40.08
CA PRO M 449 -8.36 58.55 38.70
C PRO M 449 -9.53 57.73 38.19
N ASN M 450 -9.85 56.60 38.81
CA ASN M 450 -11.03 55.79 38.48
C ASN M 450 -10.96 55.28 37.04
N ASP M 451 -9.91 54.50 36.79
CA ASP M 451 -9.77 53.81 35.51
C ASP M 451 -9.76 52.31 35.76
N HIS M 452 -9.64 51.50 34.70
CA HIS M 452 -9.65 50.05 34.85
C HIS M 452 -8.46 49.51 35.62
N ASN M 453 -7.36 50.26 35.70
CA ASN M 453 -6.24 49.85 36.53
C ASN M 453 -6.64 49.78 38.00
N LEU M 454 -7.42 50.77 38.46
CA LEU M 454 -7.91 50.74 39.84
C LEU M 454 -8.81 49.54 40.08
N TRP M 455 -9.67 49.21 39.11
CA TRP M 455 -10.51 48.04 39.25
C TRP M 455 -9.67 46.76 39.34
N ALA M 456 -8.64 46.65 38.51
CA ALA M 456 -7.78 45.48 38.57
C ALA M 456 -7.07 45.38 39.91
N ARG M 457 -6.56 46.51 40.43
CA ARG M 457 -5.88 46.49 41.73
C ARG M 457 -6.83 46.07 42.84
N ILE M 458 -8.04 46.62 42.86
CA ILE M 458 -9.01 46.28 43.89
C ILE M 458 -9.37 44.81 43.82
N ARG M 459 -9.61 44.30 42.60
CA ARG M 459 -9.94 42.89 42.44
C ARG M 459 -8.80 42.00 42.93
N ARG M 460 -7.56 42.35 42.59
CA ARG M 460 -6.42 41.56 43.01
C ARG M 460 -6.31 41.52 44.54
N ASN M 461 -6.47 42.69 45.18
CA ASN M 461 -6.34 42.74 46.64
C ASN M 461 -7.44 41.92 47.32
N VAL M 462 -8.69 42.08 46.87
CA VAL M 462 -9.79 41.35 47.48
C VAL M 462 -9.65 39.85 47.24
N SER M 463 -9.22 39.46 46.04
CA SER M 463 -9.03 38.05 45.75
C SER M 463 -7.93 37.45 46.62
N ALA M 464 -6.83 38.17 46.81
CA ALA M 464 -5.76 37.67 47.66
C ALA M 464 -6.24 37.50 49.10
N PHE M 465 -6.97 38.49 49.62
CA PHE M 465 -7.48 38.38 50.98
C PHE M 465 -8.43 37.19 51.12
N LEU M 466 -9.33 37.01 50.15
CA LEU M 466 -10.29 35.92 50.23
C LEU M 466 -9.61 34.56 50.09
N VAL M 467 -8.59 34.46 49.25
CA VAL M 467 -7.85 33.21 49.12
C VAL M 467 -7.13 32.88 50.42
N ASN M 468 -6.51 33.89 51.04
CA ASN M 468 -5.85 33.65 52.32
C ASN M 468 -6.84 33.20 53.39
N GLU M 469 -8.03 33.81 53.40
CA GLU M 469 -9.05 33.39 54.36
C GLU M 469 -9.54 31.97 54.08
N TRP M 470 -9.70 31.62 52.80
CA TRP M 470 -10.24 30.31 52.45
C TRP M 470 -9.25 29.18 52.72
N ARG M 471 -7.95 29.44 52.56
CA ARG M 471 -6.96 28.38 52.74
C ARG M 471 -6.89 27.87 54.16
N ASN M 472 -7.48 28.57 55.13
CA ASN M 472 -7.53 28.11 56.51
C ASN M 472 -8.76 27.25 56.79
N GLY M 473 -9.60 26.99 55.80
CA GLY M 473 -10.78 26.18 56.00
C GLY M 473 -11.98 26.90 56.56
N ALA M 474 -12.05 28.22 56.41
CA ALA M 474 -13.17 29.00 56.93
C ALA M 474 -14.28 29.20 55.91
N LEU M 475 -14.15 28.65 54.71
CA LEU M 475 -15.17 28.77 53.68
C LEU M 475 -15.48 27.40 53.10
N PHE M 476 -16.74 27.21 52.73
CA PHE M 476 -17.24 25.92 52.25
C PHE M 476 -17.03 25.83 50.75
N GLY M 477 -16.11 24.98 50.32
CA GLY M 477 -15.87 24.76 48.91
C GLY M 477 -14.61 23.97 48.63
N GLN M 478 -14.66 23.05 47.66
CA GLN M 478 -13.48 22.22 47.31
C GLN M 478 -12.48 23.05 46.51
N SER M 479 -12.97 24.05 45.76
CA SER M 479 -12.13 24.88 44.93
C SER M 479 -12.40 26.35 45.23
N PRO M 480 -11.42 27.22 44.99
CA PRO M 480 -11.63 28.66 45.23
C PRO M 480 -12.78 29.23 44.39
N ASP M 481 -13.03 28.63 43.23
CA ASP M 481 -14.11 29.10 42.38
C ASP M 481 -15.48 28.90 43.01
N GLN M 482 -15.62 27.87 43.85
CA GLN M 482 -16.88 27.57 44.51
C GLN M 482 -17.02 28.20 45.88
N ALA M 483 -16.01 28.96 46.33
CA ALA M 483 -16.02 29.54 47.67
C ALA M 483 -16.35 31.03 47.70
N TYR M 484 -16.00 31.77 46.66
CA TYR M 484 -16.21 33.20 46.64
C TYR M 484 -16.27 33.68 45.20
N TYR M 485 -16.77 34.91 45.03
CA TYR M 485 -16.78 35.55 43.72
C TYR M 485 -16.73 37.06 43.89
N VAL M 486 -15.81 37.70 43.15
CA VAL M 486 -15.63 39.14 43.20
C VAL M 486 -15.79 39.68 41.78
N LYS M 487 -16.65 40.68 41.63
CA LYS M 487 -16.96 41.25 40.33
C LYS M 487 -16.70 42.74 40.36
N CYS M 488 -15.82 43.21 39.47
CA CYS M 488 -15.55 44.64 39.31
C CYS M 488 -15.04 44.84 37.88
N ASP M 489 -15.93 45.28 36.99
CA ASP M 489 -15.60 45.42 35.57
C ASP M 489 -16.56 46.42 34.96
N GLU M 490 -16.58 46.47 33.62
CA GLU M 490 -17.47 47.39 32.92
C GLU M 490 -18.92 46.93 32.94
N GLU M 491 -19.19 45.67 33.30
CA GLU M 491 -20.56 45.20 33.37
C GLU M 491 -21.29 45.79 34.58
N THR M 492 -20.61 45.92 35.71
CA THR M 492 -21.20 46.48 36.92
C THR M 492 -20.87 47.95 37.12
N ASN M 493 -20.13 48.56 36.19
CA ASN M 493 -19.76 49.97 36.27
C ASN M 493 -20.08 50.64 34.95
N PRO M 494 -21.35 50.96 34.69
CA PRO M 494 -21.72 51.63 33.45
C PRO M 494 -21.20 53.05 33.43
N PRO M 495 -21.08 53.66 32.24
CA PRO M 495 -20.57 55.05 32.18
C PRO M 495 -21.42 56.03 32.98
N GLU M 496 -22.73 55.82 33.05
CA GLU M 496 -23.58 56.70 33.85
C GLU M 496 -23.19 56.63 35.32
N SER M 497 -22.90 55.44 35.83
CA SER M 497 -22.50 55.30 37.23
C SER M 497 -21.13 55.92 37.47
N VAL M 498 -20.20 55.72 36.54
CA VAL M 498 -18.85 56.25 36.74
C VAL M 498 -18.81 57.75 36.53
N ASP M 499 -19.86 58.32 35.91
CA ASP M 499 -19.93 59.76 35.78
C ASP M 499 -19.99 60.44 37.14
N LEU M 500 -20.76 59.88 38.07
CA LEU M 500 -20.87 60.44 39.41
C LEU M 500 -19.70 60.08 40.31
N GLY M 501 -18.78 59.23 39.85
CA GLY M 501 -17.65 58.83 40.66
C GLY M 501 -18.01 57.78 41.70
N ARG M 502 -18.41 56.60 41.24
CA ARG M 502 -18.83 55.52 42.12
C ARG M 502 -18.12 54.23 41.75
N VAL M 503 -17.79 53.45 42.77
CA VAL M 503 -17.20 52.12 42.60
C VAL M 503 -18.04 51.13 43.41
N VAL M 504 -18.32 49.96 42.82
CA VAL M 504 -19.21 48.99 43.43
C VAL M 504 -18.45 47.79 44.00
N CYS M 505 -17.73 47.05 43.15
CA CYS M 505 -16.91 45.91 43.57
C CYS M 505 -17.74 44.88 44.35
N GLU M 506 -18.68 44.26 43.63
CA GLU M 506 -19.56 43.29 44.24
C GLU M 506 -18.77 42.09 44.76
N ILE M 507 -19.09 41.67 45.98
CA ILE M 507 -18.39 40.58 46.65
C ILE M 507 -19.42 39.59 47.18
N GLY M 508 -19.16 38.30 46.97
CA GLY M 508 -20.02 37.26 47.50
C GLY M 508 -19.24 36.10 48.05
N ILE M 509 -19.59 35.64 49.26
CA ILE M 509 -18.86 34.57 49.93
C ILE M 509 -19.86 33.51 50.37
N ALA M 510 -19.33 32.32 50.63
CA ALA M 510 -20.12 31.19 51.12
C ALA M 510 -19.61 30.75 52.48
N PRO M 511 -20.31 31.07 53.57
CA PRO M 511 -19.81 30.73 54.90
C PRO M 511 -20.06 29.26 55.24
N VAL M 512 -19.60 28.86 56.42
CA VAL M 512 -19.76 27.50 56.93
C VAL M 512 -20.65 27.57 58.17
N LYS M 513 -21.47 26.53 58.35
CA LYS M 513 -22.38 26.49 59.47
C LYS M 513 -22.07 25.28 60.36
N PRO M 514 -22.28 25.39 61.66
CA PRO M 514 -21.98 24.27 62.56
C PRO M 514 -22.94 23.11 62.36
N ALA M 515 -22.44 21.91 62.66
CA ALA M 515 -23.25 20.70 62.59
C ALA M 515 -23.88 20.45 63.95
N GLU M 516 -25.21 20.51 64.02
CA GLU M 516 -25.94 20.39 65.26
C GLU M 516 -26.52 19.00 65.47
N PHE M 517 -27.18 18.44 64.47
CA PHE M 517 -27.79 17.12 64.55
C PHE M 517 -26.98 16.14 63.72
N VAL M 518 -26.50 15.08 64.36
CA VAL M 518 -25.75 14.02 63.70
C VAL M 518 -26.62 12.77 63.68
N ILE M 519 -26.86 12.22 62.49
CA ILE M 519 -27.77 11.10 62.30
C ILE M 519 -27.02 9.95 61.65
N PHE M 520 -27.16 8.76 62.23
CA PHE M 520 -26.70 7.52 61.63
C PHE M 520 -27.90 6.70 61.20
N ARG M 521 -27.64 5.65 60.43
CA ARG M 521 -28.68 4.78 59.89
C ARG M 521 -28.64 3.37 60.46
N LEU M 522 -27.49 2.70 60.36
CA LEU M 522 -27.32 1.32 60.85
C LEU M 522 -28.35 0.38 60.23
N ALA M 523 -28.28 0.28 58.91
CA ALA M 523 -29.17 -0.59 58.15
C ALA M 523 -28.52 -1.95 57.90
N GLN M 524 -29.35 -2.95 57.62
CA GLN M 524 -28.90 -4.31 57.34
C GLN M 524 -29.14 -4.60 55.87
N PHE M 525 -28.08 -5.03 55.17
CA PHE M 525 -28.14 -5.25 53.74
C PHE M 525 -27.47 -6.57 53.40
N SER M 526 -27.83 -7.11 52.24
CA SER M 526 -27.27 -8.37 51.76
C SER M 526 -25.93 -8.15 51.08
N PRO N 2 30.42 58.68 -30.42
CA PRO N 2 31.61 59.21 -31.12
C PRO N 2 31.48 59.10 -32.64
N SER N 3 32.41 59.72 -33.36
CA SER N 3 32.42 59.71 -34.81
C SER N 3 33.51 58.77 -35.32
N TYR N 4 33.15 57.86 -36.21
CA TYR N 4 34.08 56.91 -36.80
C TYR N 4 34.14 57.19 -38.30
N LEU N 5 35.30 57.61 -38.78
CA LEU N 5 35.47 57.96 -40.19
C LEU N 5 36.69 57.33 -40.85
N SER N 6 37.69 56.90 -40.10
CA SER N 6 38.88 56.28 -40.67
C SER N 6 39.22 55.00 -39.93
N PRO N 7 39.78 54.02 -40.62
CA PRO N 7 40.16 52.76 -39.95
C PRO N 7 41.24 52.99 -38.91
N GLY N 8 41.19 52.18 -37.86
CA GLY N 8 42.17 52.28 -36.81
C GLY N 8 41.64 51.69 -35.52
N VAL N 9 42.35 51.98 -34.43
CA VAL N 9 41.99 51.51 -33.10
C VAL N 9 41.67 52.73 -32.24
N TYR N 10 40.51 52.72 -31.60
CA TYR N 10 40.04 53.83 -30.77
C TYR N 10 39.85 53.34 -29.35
N VAL N 11 40.36 54.10 -28.39
CA VAL N 11 40.23 53.79 -26.97
C VAL N 11 39.42 54.89 -26.32
N GLU N 12 38.30 54.52 -25.70
CA GLU N 12 37.43 55.47 -25.02
C GLU N 12 37.08 54.94 -23.65
N GLU N 13 36.78 55.87 -22.73
CA GLU N 13 36.46 55.53 -21.34
C GLU N 13 34.98 55.84 -21.09
N VAL N 14 34.25 54.83 -20.61
CA VAL N 14 32.85 55.04 -20.26
C VAL N 14 32.76 55.67 -18.87
N ALA N 15 31.95 56.72 -18.76
CA ALA N 15 31.82 57.49 -17.53
C ALA N 15 31.15 56.69 -16.41
N SER N 16 30.56 55.54 -16.73
CA SER N 16 29.90 54.72 -15.72
C SER N 16 30.90 54.23 -14.68
N GLY N 17 30.69 54.62 -13.44
CA GLY N 17 31.59 54.23 -12.36
C GLY N 17 31.10 54.77 -11.03
N SER N 18 32.05 55.10 -10.15
CA SER N 18 31.74 55.63 -8.83
C SER N 18 32.38 56.99 -8.66
N ARG N 19 31.62 57.93 -8.09
CA ARG N 19 32.08 59.30 -7.84
C ARG N 19 31.77 59.63 -6.38
N PRO N 20 32.64 59.25 -5.45
CA PRO N 20 32.36 59.47 -4.03
C PRO N 20 32.27 60.94 -3.67
N ILE N 21 31.47 61.24 -2.65
CA ILE N 21 31.29 62.59 -2.15
C ILE N 21 31.90 62.67 -0.76
N GLU N 22 32.76 63.67 -0.55
CA GLU N 22 33.46 63.84 0.72
C GLU N 22 32.83 64.96 1.55
N GLY N 23 33.10 64.93 2.84
CA GLY N 23 32.60 65.93 3.75
C GLY N 23 33.43 67.19 3.75
N VAL N 24 33.07 68.11 4.64
CA VAL N 24 33.74 69.39 4.78
C VAL N 24 34.11 69.62 6.23
N GLY N 25 35.11 70.47 6.47
CA GLY N 25 35.55 70.78 7.81
C GLY N 25 34.69 71.87 8.43
N THR N 26 34.20 71.61 9.64
CA THR N 26 33.32 72.54 10.34
C THR N 26 33.94 72.99 11.66
N SER N 27 35.23 73.32 11.65
CA SER N 27 35.93 73.73 12.87
C SER N 27 36.70 75.01 12.63
N VAL N 28 36.09 75.98 11.98
CA VAL N 28 36.69 77.29 11.72
C VAL N 28 35.76 78.36 12.27
N ALA N 29 36.33 79.31 13.01
CA ALA N 29 35.56 80.39 13.60
C ALA N 29 36.23 81.72 13.28
N ALA N 30 35.41 82.77 13.14
CA ALA N 30 35.89 84.10 12.79
C ALA N 30 35.50 85.07 13.90
N PHE N 31 36.50 85.72 14.50
CA PHE N 31 36.30 86.66 15.58
C PHE N 31 36.55 88.07 15.08
N VAL N 32 35.62 88.97 15.38
CA VAL N 32 35.74 90.38 15.01
C VAL N 32 35.86 91.18 16.30
N GLY N 33 36.92 91.99 16.40
CA GLY N 33 37.14 92.75 17.61
C GLY N 33 38.17 93.84 17.39
N LEU N 34 38.59 94.45 18.50
CA LEU N 34 39.58 95.50 18.50
C LEU N 34 40.86 95.03 19.15
N ALA N 35 41.99 95.42 18.58
CA ALA N 35 43.32 95.02 19.04
C ALA N 35 44.21 96.25 19.08
N PRO N 36 45.25 96.25 19.93
CA PRO N 36 46.11 97.43 20.01
C PRO N 36 46.84 97.73 18.70
N THR N 37 47.57 96.77 18.16
CA THR N 37 48.32 96.97 16.92
C THR N 37 48.18 95.74 16.04
N GLY N 38 48.30 95.95 14.74
CA GLY N 38 48.20 94.87 13.77
C GLY N 38 47.58 95.31 12.47
N PRO N 39 47.38 94.36 11.55
CA PRO N 39 46.71 94.69 10.29
C PRO N 39 45.30 95.19 10.52
N LEU N 40 44.87 96.12 9.66
CA LEU N 40 43.58 96.77 9.79
C LEU N 40 42.65 96.32 8.68
N ASN N 41 41.44 95.88 9.04
CA ASN N 41 40.40 95.48 8.10
C ASN N 41 40.88 94.37 7.16
N GLU N 42 41.65 93.42 7.71
CA GLU N 42 42.13 92.29 6.95
C GLU N 42 41.83 91.00 7.73
N PRO N 43 41.14 90.04 7.13
CA PRO N 43 40.83 88.80 7.86
C PRO N 43 42.04 87.87 7.97
N THR N 44 42.88 88.12 8.97
CA THR N 44 44.09 87.33 9.13
C THR N 44 43.74 85.92 9.60
N LEU N 45 44.62 84.97 9.28
CA LEU N 45 44.44 83.57 9.65
C LEU N 45 45.44 83.20 10.73
N VAL N 46 44.96 82.63 11.83
CA VAL N 46 45.79 82.24 12.96
C VAL N 46 45.53 80.78 13.27
N THR N 47 46.58 80.05 13.66
CA THR N 47 46.44 78.65 14.01
C THR N 47 47.19 78.28 15.29
N ASN N 48 47.81 79.25 15.97
CA ASN N 48 48.54 79.01 17.20
C ASN N 48 48.76 80.37 17.86
N TRP N 49 48.84 80.38 19.19
CA TRP N 49 48.97 81.66 19.93
C TRP N 49 50.21 82.44 19.47
N THR N 50 51.32 81.74 19.19
CA THR N 50 52.53 82.47 18.84
C THR N 50 52.28 83.40 17.66
N GLN N 51 51.51 82.94 16.66
CA GLN N 51 51.17 83.80 15.53
C GLN N 51 50.37 85.01 15.98
N TYR N 52 49.39 84.80 16.87
CA TYR N 52 48.60 85.91 17.38
C TYR N 52 49.45 86.89 18.17
N VAL N 53 50.39 86.38 18.97
CA VAL N 53 51.27 87.26 19.73
C VAL N 53 52.14 88.08 18.78
N ALA N 54 52.69 87.44 17.75
CA ALA N 54 53.54 88.14 16.79
C ALA N 54 52.77 89.14 15.95
N ALA N 55 51.48 88.91 15.71
CA ALA N 55 50.71 89.79 14.83
C ALA N 55 49.99 90.91 15.59
N PHE N 56 49.10 90.54 16.51
CA PHE N 56 48.18 91.48 17.13
C PHE N 56 48.55 91.82 18.58
N GLY N 57 49.73 91.42 19.05
CA GLY N 57 50.09 91.67 20.43
C GLY N 57 49.40 90.69 21.38
N ASP N 58 49.54 90.98 22.68
CA ASP N 58 48.99 90.08 23.69
C ASP N 58 48.82 90.87 24.99
N PHE N 59 47.57 91.02 25.43
CA PHE N 59 47.24 91.49 26.77
C PHE N 59 47.91 92.81 27.14
N THR N 60 47.58 93.88 26.44
CA THR N 60 48.13 95.20 26.75
C THR N 60 47.10 96.32 26.77
N GLY N 61 45.94 96.15 26.15
CA GLY N 61 44.96 97.21 26.09
C GLY N 61 43.70 96.95 26.88
N GLY N 62 43.63 95.79 27.53
CA GLY N 62 42.45 95.42 28.28
C GLY N 62 41.21 95.20 27.43
N TYR N 63 41.37 94.52 26.30
CA TYR N 63 40.28 94.23 25.39
C TYR N 63 39.86 92.77 25.52
N TYR N 64 38.67 92.47 24.99
CA TYR N 64 38.11 91.13 25.09
C TYR N 64 38.49 90.21 23.94
N LEU N 65 39.22 90.71 22.95
CA LEU N 65 39.62 89.85 21.83
C LEU N 65 40.68 88.85 22.25
N ALA N 66 41.70 89.32 22.99
CA ALA N 66 42.77 88.43 23.41
C ALA N 66 42.25 87.32 24.33
N HIS N 67 41.38 87.68 25.27
CA HIS N 67 40.82 86.67 26.18
C HIS N 67 40.00 85.65 25.41
N SER N 68 39.19 86.10 24.45
CA SER N 68 38.38 85.18 23.66
C SER N 68 39.25 84.25 22.82
N VAL N 69 40.30 84.78 22.20
CA VAL N 69 41.19 83.95 21.40
C VAL N 69 41.90 82.93 22.27
N TYR N 70 42.39 83.35 23.44
CA TYR N 70 43.06 82.43 24.35
C TYR N 70 42.12 81.34 24.81
N GLY N 71 40.87 81.69 25.12
CA GLY N 71 39.90 80.68 25.51
C GLY N 71 39.58 79.71 24.38
N PHE N 72 39.47 80.23 23.16
CA PHE N 72 39.19 79.38 22.01
C PHE N 72 40.32 78.39 21.78
N PHE N 73 41.57 78.84 21.89
CA PHE N 73 42.70 77.93 21.73
C PHE N 73 42.90 77.03 22.94
N ASN N 74 42.33 77.39 24.10
CA ASN N 74 42.44 76.55 25.29
C ASN N 74 41.50 75.35 25.23
N ASN N 75 40.38 75.46 24.51
CA ASN N 75 39.37 74.41 24.45
C ASN N 75 39.54 73.51 23.23
N GLY N 76 40.71 73.54 22.60
CA GLY N 76 40.97 72.64 21.48
C GLY N 76 40.66 73.20 20.11
N GLY N 77 40.80 74.51 19.91
CA GLY N 77 40.59 75.07 18.60
C GLY N 77 41.66 74.66 17.61
N SER N 78 41.31 74.74 16.33
CA SER N 78 42.20 74.32 15.25
C SER N 78 42.68 75.49 14.41
N ALA N 79 41.77 76.29 13.86
CA ALA N 79 42.13 77.41 13.02
C ALA N 79 41.09 78.51 13.19
N ALA N 80 41.55 79.76 13.17
CA ALA N 80 40.66 80.90 13.41
C ALA N 80 40.98 82.02 12.44
N TYR N 81 39.98 82.86 12.21
CA TYR N 81 40.11 84.09 11.44
C TYR N 81 39.91 85.27 12.39
N VAL N 82 40.72 86.31 12.21
CA VAL N 82 40.71 87.48 13.08
C VAL N 82 40.49 88.72 12.22
N VAL N 83 39.53 89.56 12.65
CA VAL N 83 39.28 90.85 12.03
C VAL N 83 39.43 91.92 13.11
N ARG N 84 40.24 92.94 12.82
CA ARG N 84 40.52 94.03 13.76
C ARG N 84 39.88 95.30 13.23
N VAL N 85 38.77 95.72 13.85
CA VAL N 85 38.08 96.92 13.40
C VAL N 85 38.90 98.16 13.75
N GLY N 86 39.43 98.21 14.96
CA GLY N 86 40.19 99.36 15.40
C GLY N 86 40.98 99.06 16.65
N GLY N 87 41.42 100.12 17.31
CA GLY N 87 42.18 99.98 18.54
C GLY N 87 42.99 101.23 18.81
N SER N 88 43.89 101.11 19.80
CA SER N 88 44.74 102.21 20.19
C SER N 88 45.99 101.63 20.86
N ALA N 89 47.03 102.45 20.94
CA ALA N 89 48.29 102.08 21.57
C ALA N 89 48.72 103.13 22.58
N GLU N 90 47.76 103.70 23.28
CA GLU N 90 48.04 104.74 24.27
C GLU N 90 47.68 104.28 25.67
N GLY N 249 33.46 93.91 8.77
CA GLY N 249 34.51 93.15 8.11
C GLY N 249 34.04 92.44 6.86
N GLY N 250 34.99 92.07 6.00
CA GLY N 250 34.67 91.38 4.78
C GLY N 250 34.68 89.87 4.91
N LEU N 251 33.80 89.33 5.74
CA LEU N 251 33.71 87.90 5.95
C LEU N 251 32.94 87.17 4.87
N GLU N 252 32.32 87.90 3.93
CA GLU N 252 31.55 87.26 2.86
C GLU N 252 32.43 86.62 1.80
N ALA N 253 33.71 87.00 1.73
CA ALA N 253 34.62 86.43 0.74
C ALA N 253 35.22 85.10 1.18
N ILE N 254 35.03 84.71 2.44
CA ILE N 254 35.58 83.46 2.96
C ILE N 254 34.52 82.38 2.88
N ASP N 255 34.95 81.14 2.68
CA ASP N 255 34.05 80.01 2.51
C ASP N 255 34.10 79.02 3.65
N GLU N 256 35.28 78.78 4.23
CA GLU N 256 35.44 77.75 5.24
C GLU N 256 34.92 78.16 6.62
N ILE N 257 34.53 79.42 6.81
CA ILE N 257 34.06 79.86 8.11
C ILE N 257 32.76 79.16 8.45
N SER N 258 32.69 78.61 9.67
CA SER N 258 31.50 77.92 10.15
C SER N 258 30.77 78.65 11.27
N MET N 259 31.41 79.60 11.93
CA MET N 259 30.77 80.37 12.99
C MET N 259 31.48 81.72 13.11
N VAL N 260 30.72 82.72 13.53
CA VAL N 260 31.21 84.09 13.64
C VAL N 260 30.87 84.62 15.03
N ALA N 261 31.80 85.38 15.61
CA ALA N 261 31.61 85.97 16.93
C ALA N 261 32.19 87.37 16.95
N VAL N 262 31.61 88.20 17.83
CA VAL N 262 32.08 89.56 18.06
C VAL N 262 32.34 89.69 19.56
N PRO N 263 33.45 89.11 20.06
CA PRO N 263 33.62 89.06 21.52
C PRO N 263 33.69 90.43 22.18
N ASP N 264 34.30 91.41 21.53
CA ASP N 264 34.50 92.72 22.14
C ASP N 264 33.47 93.64 21.51
N LEU N 265 32.28 93.62 22.07
CA LEU N 265 31.19 94.54 21.77
C LEU N 265 30.61 95.19 23.02
N MET N 266 30.55 94.44 24.13
CA MET N 266 30.06 95.00 25.38
C MET N 266 31.04 95.99 25.99
N ALA N 267 32.30 95.97 25.57
CA ALA N 267 33.28 96.92 26.07
C ALA N 267 32.88 98.35 25.72
N ALA N 268 32.50 98.58 24.47
CA ALA N 268 32.04 99.91 24.06
C ALA N 268 30.77 100.30 24.81
N TYR N 269 29.90 99.33 25.09
CA TYR N 269 28.70 99.63 25.86
C TYR N 269 29.02 99.98 27.30
N GLN N 270 30.08 99.38 27.87
CA GLN N 270 30.39 99.62 29.27
C GLN N 270 30.98 100.99 29.51
N ARG N 271 31.91 101.42 28.65
CA ARG N 271 32.61 102.70 28.85
C ARG N 271 32.20 103.77 27.85
N GLY N 272 32.04 103.41 26.57
CA GLY N 272 31.71 104.40 25.56
C GLY N 272 30.28 104.89 25.56
N ALA N 273 29.39 104.19 26.27
CA ALA N 273 27.98 104.55 26.34
C ALA N 273 27.37 104.64 24.94
N ILE N 274 27.37 103.51 24.25
CA ILE N 274 26.88 103.43 22.88
C ILE N 274 25.40 103.04 22.85
N ASP N 275 24.73 103.10 24.01
CA ASP N 275 23.30 102.80 24.13
C ASP N 275 23.00 101.35 23.75
N LEU N 276 21.73 100.97 23.81
CA LEU N 276 21.32 99.62 23.45
C LEU N 276 20.87 99.49 22.00
N GLU N 277 20.44 100.59 21.37
CA GLU N 277 19.97 100.52 19.99
C GLU N 277 21.10 100.13 19.05
N ALA N 278 22.29 100.68 19.26
CA ALA N 278 23.42 100.31 18.40
C ALA N 278 23.79 98.84 18.54
N VAL N 279 23.79 98.33 19.77
CA VAL N 279 24.09 96.92 19.99
C VAL N 279 23.04 96.04 19.34
N LYS N 280 21.76 96.41 19.49
CA LYS N 280 20.69 95.64 18.87
C LYS N 280 20.81 95.65 17.35
N ALA N 281 21.13 96.81 16.76
CA ALA N 281 21.29 96.89 15.32
C ALA N 281 22.47 96.05 14.84
N VAL N 282 23.58 96.08 15.56
CA VAL N 282 24.75 95.29 15.16
C VAL N 282 24.43 93.80 15.23
N GLN N 283 23.77 93.36 16.31
CA GLN N 283 23.41 91.95 16.43
C GLN N 283 22.41 91.53 15.36
N LEU N 284 21.44 92.39 15.05
CA LEU N 284 20.49 92.08 13.99
C LEU N 284 21.17 92.00 12.63
N GLY N 285 22.14 92.88 12.37
CA GLY N 285 22.89 92.79 11.13
C GLY N 285 23.70 91.51 11.03
N LEU N 286 24.32 91.10 12.14
CA LEU N 286 25.05 89.83 12.14
C LEU N 286 24.10 88.66 11.90
N ILE N 287 22.92 88.68 12.51
CA ILE N 287 21.94 87.63 12.30
C ILE N 287 21.50 87.59 10.85
N ALA N 288 21.26 88.76 10.25
CA ALA N 288 20.85 88.81 8.85
C ALA N 288 21.95 88.29 7.93
N HIS N 289 23.21 88.62 8.22
CA HIS N 289 24.32 88.11 7.43
C HIS N 289 24.41 86.59 7.53
N CYS N 290 24.24 86.05 8.76
CA CYS N 290 24.27 84.60 8.93
C CYS N 290 23.14 83.93 8.16
N GLU N 291 21.95 84.52 8.20
CA GLU N 291 20.81 83.95 7.47
C GLU N 291 21.05 84.00 5.96
N LEU N 292 21.61 85.11 5.47
CA LEU N 292 21.87 85.23 4.05
C LEU N 292 22.91 84.22 3.57
N MET N 293 23.97 84.02 4.35
CA MET N 293 25.00 83.06 3.97
C MET N 293 24.45 81.64 3.94
N GLY N 294 23.64 81.28 4.93
CA GLY N 294 23.05 79.96 4.97
C GLY N 294 24.00 78.85 5.34
N ASP N 295 25.17 79.18 5.90
CA ASP N 295 26.16 78.18 6.27
C ASP N 295 26.72 78.36 7.67
N ARG N 296 26.55 79.52 8.30
CA ARG N 296 27.20 79.84 9.55
C ARG N 296 26.16 80.00 10.66
N VAL N 297 26.63 79.89 11.90
CA VAL N 297 25.78 79.95 13.08
C VAL N 297 26.36 81.01 14.03
N ALA N 298 25.49 81.85 14.57
CA ALA N 298 25.88 82.98 15.40
C ALA N 298 25.80 82.64 16.88
N ILE N 299 26.71 83.20 17.66
CA ILE N 299 26.75 83.04 19.11
C ILE N 299 26.50 84.41 19.74
N ILE N 300 25.54 84.46 20.66
CA ILE N 300 25.09 85.72 21.26
C ILE N 300 25.25 85.64 22.77
N ASP N 301 25.51 86.81 23.37
CA ASP N 301 25.63 86.99 24.79
C ASP N 301 24.78 88.17 25.24
N PRO N 302 24.29 88.14 26.48
CA PRO N 302 23.44 89.23 26.97
C PRO N 302 24.27 90.32 27.63
N PRO N 303 23.66 91.44 27.99
CA PRO N 303 24.36 92.48 28.74
C PRO N 303 24.83 91.94 30.09
N PRO N 304 25.93 92.48 30.64
CA PRO N 304 26.57 91.86 31.80
C PRO N 304 25.70 91.70 33.04
N ASN N 305 25.15 92.81 33.55
CA ASN N 305 24.53 92.79 34.87
C ASN N 305 23.03 92.57 34.77
N GLN N 306 22.62 91.31 34.80
CA GLN N 306 21.21 90.95 34.84
C GLN N 306 21.04 89.69 35.69
N ASN N 307 19.81 89.45 36.11
CA ASN N 307 19.44 88.25 36.85
C ASN N 307 18.12 87.73 36.29
N ALA N 308 17.51 86.79 37.03
CA ALA N 308 16.24 86.24 36.61
C ALA N 308 15.15 87.32 36.61
N ARG N 309 14.10 87.11 35.82
CA ARG N 309 12.97 88.03 35.68
C ARG N 309 13.39 89.30 34.94
N GLN N 310 14.67 89.42 34.59
CA GLN N 310 15.14 90.49 33.72
C GLN N 310 15.54 89.98 32.34
N ILE N 311 16.38 88.95 32.28
CA ILE N 311 16.76 88.38 31.00
C ILE N 311 15.53 87.83 30.28
N ARG N 312 14.64 87.17 31.03
CA ARG N 312 13.39 86.69 30.44
C ARG N 312 12.57 87.83 29.86
N VAL N 313 12.74 89.05 30.36
CA VAL N 313 12.13 90.20 29.73
C VAL N 313 12.97 90.66 28.53
N TRP N 314 14.29 90.74 28.73
CA TRP N 314 15.16 91.26 27.67
C TRP N 314 15.11 90.40 26.42
N ARG N 315 14.84 89.11 26.57
CA ARG N 315 14.71 88.20 25.44
C ARG N 315 13.40 88.38 24.68
N GLN N 316 12.34 88.83 25.34
CA GLN N 316 11.01 88.80 24.72
C GLN N 316 10.49 90.17 24.32
N GLU N 317 10.73 91.21 25.12
CA GLU N 317 10.24 92.55 24.79
C GLU N 317 11.26 93.39 24.04
N THR N 318 12.52 92.98 23.97
CA THR N 318 13.54 93.80 23.35
C THR N 318 14.36 93.07 22.30
N ALA N 319 14.62 91.78 22.48
CA ALA N 319 15.58 91.04 21.67
C ALA N 319 14.97 89.71 21.21
N GLY N 320 13.77 89.76 20.63
CA GLY N 320 13.12 88.53 20.19
C GLY N 320 13.98 87.70 19.26
N TYR N 321 14.61 88.36 18.27
CA TYR N 321 15.66 87.75 17.46
C TYR N 321 15.18 86.56 16.64
N ASP N 322 14.84 85.45 17.32
CA ASP N 322 14.55 84.15 16.71
C ASP N 322 15.49 83.86 15.54
N SER N 323 14.93 83.64 14.35
CA SER N 323 15.63 83.43 13.07
C SER N 323 16.30 82.07 12.97
N LYS N 324 16.27 81.24 14.02
CA LYS N 324 16.72 79.86 14.02
C LYS N 324 18.22 79.70 13.72
N TYR N 325 18.95 80.80 13.56
CA TYR N 325 20.35 80.77 13.19
C TYR N 325 21.23 81.39 14.27
N ALA N 326 20.93 81.10 15.54
CA ALA N 326 21.70 81.70 16.62
C ALA N 326 21.62 80.81 17.86
N ALA N 327 22.53 81.06 18.79
CA ALA N 327 22.53 80.42 20.10
C ALA N 327 23.00 81.42 21.14
N LEU N 328 22.20 81.62 22.18
CA LEU N 328 22.47 82.61 23.20
C LEU N 328 22.94 81.93 24.47
N TYR N 329 24.02 82.44 25.06
CA TYR N 329 24.59 81.88 26.29
C TYR N 329 24.54 82.96 27.37
N TYR N 330 23.75 82.71 28.42
CA TYR N 330 23.39 83.72 29.41
C TYR N 330 24.55 84.14 30.33
N PRO N 331 25.09 83.26 31.18
CA PRO N 331 25.96 83.75 32.26
C PRO N 331 27.38 84.04 31.78
N TRP N 332 27.97 85.08 32.37
CA TRP N 332 29.34 85.46 32.06
C TRP N 332 30.33 84.62 32.87
N ILE N 333 31.58 84.60 32.42
CA ILE N 333 32.62 83.75 33.01
C ILE N 333 33.71 84.64 33.56
N LYS N 334 34.09 84.40 34.83
CA LYS N 334 35.20 85.12 35.44
C LYS N 334 36.50 84.37 35.15
N SER N 335 37.48 85.06 34.56
CA SER N 335 38.71 84.44 34.12
C SER N 335 39.90 85.28 34.59
N PHE N 336 41.07 84.66 34.53
CA PHE N 336 42.31 85.26 34.99
C PHE N 336 42.96 86.09 33.89
N ASP N 337 43.70 87.11 34.30
CA ASP N 337 44.44 87.98 33.38
C ASP N 337 45.87 88.06 33.89
N PRO N 338 46.85 87.60 33.11
CA PRO N 338 48.26 87.66 33.57
C PRO N 338 48.89 89.03 33.44
N ALA N 339 48.33 89.92 32.62
CA ALA N 339 48.89 91.26 32.49
C ALA N 339 48.85 91.99 33.83
N THR N 340 47.73 91.90 34.54
CA THR N 340 47.64 92.36 35.92
C THR N 340 47.56 91.22 36.92
N GLY N 341 47.45 89.97 36.46
CA GLY N 341 47.32 88.85 37.36
C GLY N 341 46.07 88.91 38.22
N GLN N 342 44.94 89.28 37.62
CA GLN N 342 43.72 89.50 38.39
C GLN N 342 42.54 88.85 37.68
N SER N 343 41.49 88.56 38.45
CA SER N 343 40.29 87.94 37.90
C SER N 343 39.30 89.01 37.47
N ARG N 344 38.69 88.79 36.31
CA ARG N 344 37.71 89.74 35.78
C ARG N 344 36.72 89.00 34.89
N LEU N 345 35.56 89.62 34.68
CA LEU N 345 34.46 88.97 33.97
C LEU N 345 34.57 89.19 32.47
N VAL N 346 34.33 88.12 31.71
CA VAL N 346 34.30 88.20 30.25
C VAL N 346 33.10 87.41 29.75
N PRO N 347 32.57 87.81 28.58
CA PRO N 347 31.46 87.07 28.00
C PRO N 347 31.89 85.69 27.53
N PRO N 348 30.98 84.73 27.47
CA PRO N 348 31.32 83.37 26.98
C PRO N 348 31.16 83.26 25.46
N SER N 349 32.12 83.83 24.73
CA SER N 349 32.06 83.85 23.27
C SER N 349 33.01 82.83 22.64
N GLY N 350 34.29 82.87 23.01
CA GLY N 350 35.24 81.94 22.43
C GLY N 350 35.20 80.56 23.04
N HIS N 351 34.82 80.45 24.32
CA HIS N 351 34.80 79.16 24.99
C HIS N 351 33.78 78.22 24.37
N VAL N 352 32.60 78.72 24.02
CA VAL N 352 31.58 77.87 23.41
C VAL N 352 32.03 77.44 22.02
N ALA N 353 32.69 78.32 21.27
CA ALA N 353 33.22 77.93 19.97
C ALA N 353 34.28 76.84 20.10
N GLY N 354 35.16 76.97 21.10
CA GLY N 354 36.14 75.93 21.34
C GLY N 354 35.50 74.61 21.73
N ILE N 355 34.45 74.66 22.55
CA ILE N 355 33.73 73.45 22.92
C ILE N 355 33.09 72.80 21.69
N TRP N 356 32.51 73.63 20.81
CA TRP N 356 31.93 73.09 19.58
C TRP N 356 32.99 72.42 18.72
N ALA N 357 34.15 73.05 18.58
CA ALA N 357 35.22 72.45 17.79
C ALA N 357 35.71 71.15 18.42
N ARG N 358 35.84 71.11 19.74
CA ARG N 358 36.26 69.90 20.42
C ARG N 358 35.25 68.78 20.22
N ASN N 359 33.96 69.09 20.32
CA ASN N 359 32.93 68.08 20.10
C ASN N 359 32.94 67.58 18.66
N ASP N 360 33.14 68.49 17.70
CA ASP N 360 33.20 68.08 16.31
C ASP N 360 34.44 67.28 15.97
N SER N 361 35.52 67.47 16.74
CA SER N 361 36.74 66.73 16.48
C SER N 361 36.71 65.35 17.13
N GLU N 362 36.42 65.29 18.43
CA GLU N 362 36.42 64.02 19.15
C GLU N 362 35.33 63.09 18.62
N ARG N 363 34.10 63.59 18.57
CA ARG N 363 32.95 62.83 18.09
C ARG N 363 32.41 63.47 16.81
N GLY N 364 31.35 62.88 16.28
CA GLY N 364 30.71 63.41 15.09
C GLY N 364 29.97 64.71 15.38
N VAL N 365 29.64 65.41 14.28
CA VAL N 365 28.89 66.65 14.39
C VAL N 365 27.46 66.46 14.85
N HIS N 366 26.97 65.21 14.85
CA HIS N 366 25.62 64.92 15.28
C HIS N 366 25.46 64.89 16.79
N LYS N 367 26.54 64.94 17.54
CA LYS N 367 26.48 64.94 19.00
C LYS N 367 26.27 66.36 19.50
N ALA N 368 25.23 66.54 20.31
CA ALA N 368 24.90 67.86 20.83
C ALA N 368 25.89 68.25 21.93
N PRO N 369 26.53 69.42 21.84
CA PRO N 369 27.44 69.84 22.91
C PRO N 369 26.69 70.28 24.15
N ALA N 370 26.07 69.32 24.84
CA ALA N 370 25.23 69.62 26.00
C ALA N 370 25.94 69.48 27.33
N ASN N 371 26.88 68.55 27.45
CA ASN N 371 27.60 68.30 28.70
C ASN N 371 29.09 68.39 28.44
N GLU N 372 29.63 69.61 28.51
CA GLU N 372 31.06 69.84 28.35
C GLU N 372 31.54 70.82 29.41
N VAL N 373 32.80 70.65 29.80
CA VAL N 373 33.40 71.42 30.88
C VAL N 373 34.15 72.61 30.29
N VAL N 374 33.84 73.80 30.78
CA VAL N 374 34.48 75.04 30.27
C VAL N 374 35.84 75.19 30.97
N ARG N 375 36.87 74.51 30.46
CA ARG N 375 38.22 74.60 31.05
C ARG N 375 38.72 76.02 30.84
N GLY N 376 39.37 76.60 31.85
CA GLY N 376 39.86 77.99 31.76
C GLY N 376 39.07 78.96 32.63
N ALA N 377 37.89 78.57 33.11
CA ALA N 377 37.04 79.45 33.94
C ALA N 377 37.37 79.26 35.43
N VAL N 378 36.80 80.08 36.30
CA VAL N 378 37.10 80.00 37.76
C VAL N 378 35.80 80.18 38.55
N ASP N 379 34.97 81.17 38.21
CA ASP N 379 33.71 81.44 38.92
C ASP N 379 32.64 81.81 37.91
N LEU N 380 31.46 82.15 38.41
CA LEU N 380 30.35 82.58 37.58
C LEU N 380 29.64 83.83 38.08
N GLU N 381 29.78 84.20 39.35
CA GLU N 381 29.14 85.37 39.94
C GLU N 381 27.62 85.30 39.89
N LEU N 382 27.07 84.09 39.76
CA LEU N 382 25.63 83.88 39.74
C LEU N 382 25.35 82.39 39.87
N GLN N 383 24.25 82.06 40.54
CA GLN N 383 23.86 80.67 40.75
C GLN N 383 22.42 80.48 40.31
N ILE N 384 22.15 79.34 39.66
CA ILE N 384 20.84 79.02 39.12
C ILE N 384 20.34 77.75 39.81
N THR N 385 19.12 77.79 40.33
CA THR N 385 18.50 76.63 40.93
C THR N 385 17.75 75.84 39.86
N ARG N 386 16.98 74.84 40.29
CA ARG N 386 16.20 74.02 39.32
C ARG N 386 15.04 74.84 38.78
N GLY N 387 14.34 75.58 39.66
CA GLY N 387 13.17 76.32 39.21
C GLY N 387 13.51 77.41 38.22
N GLU N 388 14.59 78.14 38.45
CA GLU N 388 15.00 79.19 37.52
C GLU N 388 15.37 78.60 36.16
N GLN N 389 16.08 77.46 36.16
CA GLN N 389 16.37 76.79 34.90
C GLN N 389 15.10 76.31 34.21
N ASP N 390 14.15 75.78 34.98
CA ASP N 390 12.86 75.38 34.42
C ASP N 390 12.07 76.57 33.88
N LEU N 391 12.36 77.78 34.34
CA LEU N 391 11.76 78.97 33.76
C LEU N 391 12.48 79.46 32.51
N LEU N 392 13.76 79.15 32.37
CA LEU N 392 14.54 79.58 31.22
C LEU N 392 14.63 78.51 30.13
N ASN N 393 14.40 77.25 30.47
CA ASN N 393 14.46 76.18 29.47
C ASN N 393 13.43 76.32 28.37
N PRO N 394 12.14 76.64 28.63
CA PRO N 394 11.18 76.73 27.52
C PRO N 394 11.56 77.74 26.46
N ILE N 395 12.26 78.81 26.82
CA ILE N 395 12.76 79.77 25.85
C ILE N 395 14.19 79.38 25.49
N GLY N 396 14.67 79.91 24.37
CA GLY N 396 15.97 79.53 23.86
C GLY N 396 17.15 80.10 24.61
N VAL N 397 17.17 79.93 25.92
CA VAL N 397 18.26 80.42 26.76
C VAL N 397 18.96 79.22 27.37
N ASN N 398 20.22 79.02 27.01
CA ASN N 398 21.03 77.97 27.59
C ASN N 398 21.59 78.43 28.94
N CYS N 399 22.38 77.57 29.58
CA CYS N 399 22.91 77.89 30.89
C CYS N 399 24.28 77.28 31.08
N ILE N 400 25.03 77.85 32.03
CA ILE N 400 26.30 77.32 32.47
C ILE N 400 26.17 77.06 33.96
N ARG N 401 26.13 75.79 34.35
CA ARG N 401 25.76 75.40 35.69
C ARG N 401 26.95 74.83 36.46
N SER N 402 26.98 75.11 37.75
CA SER N 402 27.99 74.57 38.65
C SER N 402 27.41 73.41 39.43
N PHE N 403 28.05 72.25 39.33
CA PHE N 403 27.60 71.03 39.99
C PHE N 403 28.57 70.64 41.09
N PRO N 404 28.07 70.30 42.28
CA PRO N 404 28.97 69.99 43.40
C PRO N 404 29.65 68.64 43.27
N GLY N 405 30.76 68.60 42.54
CA GLY N 405 31.49 67.37 42.33
C GLY N 405 31.88 67.20 40.87
N ARG N 406 31.32 68.04 40.00
CA ARG N 406 31.63 68.03 38.59
C ARG N 406 32.05 69.38 38.03
N GLY N 407 31.87 70.46 38.78
CA GLY N 407 32.37 71.75 38.35
C GLY N 407 31.46 72.51 37.42
N ILE N 408 32.04 73.34 36.54
CA ILE N 408 31.28 74.19 35.65
C ILE N 408 31.05 73.45 34.33
N ARG N 409 29.79 73.33 33.92
CA ARG N 409 29.45 72.60 32.72
C ARG N 409 28.37 73.34 31.94
N VAL N 410 28.37 73.13 30.62
CA VAL N 410 27.30 73.67 29.79
C VAL N 410 26.01 72.89 30.06
N TRP N 411 24.87 73.52 29.75
CA TRP N 411 23.58 72.89 30.04
C TRP N 411 22.52 73.48 29.14
N GLY N 412 21.85 72.62 28.36
CA GLY N 412 20.63 72.99 27.67
C GLY N 412 20.64 72.79 26.16
N ALA N 413 21.72 73.20 25.50
CA ALA N 413 21.95 72.95 24.07
C ALA N 413 20.70 73.21 23.23
N ARG N 414 20.27 74.47 23.22
CA ARG N 414 19.09 74.89 22.45
C ARG N 414 19.43 76.13 21.63
N THR N 415 18.46 76.58 20.84
CA THR N 415 18.64 77.71 19.94
C THR N 415 17.43 78.63 20.02
N LEU N 416 17.52 79.76 19.31
CA LEU N 416 16.46 80.75 19.26
C LEU N 416 15.60 80.48 18.03
N SER N 417 14.50 79.75 18.22
CA SER N 417 13.60 79.44 17.11
C SER N 417 12.23 79.10 17.67
N SER N 418 11.21 79.87 17.27
CA SER N 418 9.85 79.57 17.71
C SER N 418 9.32 78.31 17.03
N ASP N 419 9.72 78.08 15.78
CA ASP N 419 9.27 76.91 15.04
C ASP N 419 9.79 75.64 15.69
N PRO N 420 8.93 74.69 16.06
CA PRO N 420 9.40 73.46 16.70
C PRO N 420 10.21 72.55 15.79
N ALA N 421 10.36 72.88 14.51
CA ALA N 421 11.12 72.02 13.60
C ALA N 421 12.62 72.11 13.84
N TRP N 422 13.11 73.26 14.27
CA TRP N 422 14.55 73.46 14.46
C TRP N 422 14.87 73.81 15.91
N ARG N 423 14.29 73.08 16.85
CA ARG N 423 14.52 73.37 18.26
C ARG N 423 15.98 73.15 18.66
N TYR N 424 16.60 72.10 18.15
CA TYR N 424 17.92 71.68 18.61
C TYR N 424 19.01 72.13 17.66
N LEU N 425 20.20 72.35 18.22
CA LEU N 425 21.33 72.84 17.44
C LEU N 425 21.94 71.76 16.56
N ASN N 426 21.99 70.52 17.06
CA ASN N 426 22.68 69.46 16.32
C ASN N 426 21.99 69.15 15.00
N ILE N 427 20.65 69.23 14.98
CA ILE N 427 19.92 69.01 13.73
C ILE N 427 20.32 70.06 12.70
N ARG N 428 20.38 71.32 13.11
CA ARG N 428 20.77 72.39 12.19
C ARG N 428 22.19 72.19 11.70
N ARG N 429 23.11 71.84 12.59
CA ARG N 429 24.50 71.64 12.18
C ARG N 429 24.62 70.48 11.19
N TYR N 430 23.94 69.37 11.46
CA TYR N 430 24.00 68.23 10.56
C TYR N 430 23.38 68.56 9.20
N PHE N 431 22.26 69.30 9.20
CA PHE N 431 21.65 69.68 7.94
C PHE N 431 22.55 70.61 7.14
N ASN N 432 23.22 71.56 7.81
CA ASN N 432 24.17 72.42 7.12
C ASN N 432 25.31 71.61 6.52
N TYR N 433 25.83 70.66 7.28
CA TYR N 433 26.92 69.82 6.77
C TYR N 433 26.49 69.03 5.54
N LEU N 434 25.30 68.42 5.60
CA LEU N 434 24.80 67.63 4.47
C LEU N 434 24.57 68.52 3.26
N GLU N 435 23.97 69.70 3.45
CA GLU N 435 23.71 70.59 2.33
C GLU N 435 25.01 71.06 1.69
N GLU N 436 26.00 71.41 2.50
CA GLU N 436 27.29 71.84 1.94
C GLU N 436 27.95 70.72 1.16
N SER N 437 27.97 69.51 1.72
CA SER N 437 28.58 68.38 1.03
C SER N 437 27.89 68.10 -0.30
N ILE N 438 26.56 68.10 -0.30
CA ILE N 438 25.81 67.81 -1.53
C ILE N 438 26.05 68.90 -2.56
N LEU N 439 26.04 70.16 -2.15
CA LEU N 439 26.26 71.25 -3.08
C LEU N 439 27.66 71.19 -3.69
N ILE N 440 28.67 70.88 -2.88
CA ILE N 440 30.03 70.84 -3.40
C ILE N 440 30.25 69.64 -4.33
N GLY N 441 29.75 68.46 -3.97
CA GLY N 441 30.08 67.27 -4.73
C GLY N 441 29.03 66.77 -5.70
N THR N 442 28.37 67.69 -6.42
CA THR N 442 27.33 67.29 -7.35
C THR N 442 27.40 68.04 -8.68
N GLN N 443 28.32 69.00 -8.83
CA GLN N 443 28.27 69.92 -9.97
C GLN N 443 28.43 69.23 -11.32
N TRP N 444 28.93 67.99 -11.34
CA TRP N 444 29.15 67.31 -12.62
C TRP N 444 27.86 66.89 -13.31
N VAL N 445 26.71 66.97 -12.63
CA VAL N 445 25.47 66.44 -13.19
C VAL N 445 24.82 67.39 -14.18
N VAL N 446 25.19 68.67 -14.19
CA VAL N 446 24.57 69.65 -15.06
C VAL N 446 24.96 69.38 -16.51
N PHE N 447 24.02 69.65 -17.43
CA PHE N 447 24.21 69.48 -18.86
C PHE N 447 24.58 68.03 -19.21
N GLU N 448 23.61 67.16 -18.95
CA GLU N 448 23.72 65.73 -19.22
C GLU N 448 22.57 65.27 -20.10
N PRO N 449 22.71 64.13 -20.79
CA PRO N 449 21.65 63.68 -21.71
C PRO N 449 20.30 63.46 -21.04
N ASN N 450 20.25 63.31 -19.72
CA ASN N 450 19.00 63.21 -18.96
C ASN N 450 18.19 61.98 -19.40
N ASP N 451 18.82 60.82 -19.21
CA ASP N 451 18.15 59.55 -19.43
C ASP N 451 18.11 58.77 -18.12
N HIS N 452 17.53 57.58 -18.12
CA HIS N 452 17.43 56.78 -16.90
C HIS N 452 18.77 56.32 -16.36
N ASN N 453 19.81 56.28 -17.19
CA ASN N 453 21.14 55.98 -16.69
C ASN N 453 21.62 57.05 -15.70
N LEU N 454 21.35 58.31 -16.00
CA LEU N 454 21.71 59.39 -15.09
C LEU N 454 20.96 59.25 -13.77
N TRP N 455 19.67 58.89 -13.82
CA TRP N 455 18.91 58.67 -12.60
C TRP N 455 19.50 57.54 -11.79
N ALA N 456 19.88 56.45 -12.44
CA ALA N 456 20.48 55.33 -11.73
C ALA N 456 21.79 55.73 -11.07
N ARG N 457 22.63 56.49 -11.79
CA ARG N 457 23.91 56.91 -11.22
C ARG N 457 23.70 57.83 -10.02
N ILE N 458 22.78 58.78 -10.12
CA ILE N 458 22.52 59.69 -9.01
C ILE N 458 21.99 58.92 -7.81
N ARG N 459 21.07 57.99 -8.03
CA ARG N 459 20.53 57.19 -6.94
C ARG N 459 21.62 56.37 -6.27
N ARG N 460 22.50 55.75 -7.07
CA ARG N 460 23.59 54.96 -6.51
C ARG N 460 24.51 55.82 -5.65
N ASN N 461 24.88 57.00 -6.14
CA ASN N 461 25.80 57.87 -5.40
C ASN N 461 25.17 58.33 -4.08
N VAL N 462 23.91 58.77 -4.14
CA VAL N 462 23.26 59.26 -2.93
C VAL N 462 23.07 58.12 -1.93
N SER N 463 22.69 56.94 -2.41
CA SER N 463 22.52 55.79 -1.52
C SER N 463 23.83 55.40 -0.86
N ALA N 464 24.94 55.42 -1.61
CA ALA N 464 26.24 55.10 -1.02
C ALA N 464 26.61 56.11 0.06
N PHE N 465 26.42 57.40 -0.23
CA PHE N 465 26.74 58.42 0.76
C PHE N 465 25.89 58.26 2.02
N LEU N 466 24.59 58.00 1.84
CA LEU N 466 23.71 57.87 3.00
C LEU N 466 24.03 56.61 3.80
N VAL N 467 24.39 55.52 3.14
CA VAL N 467 24.77 54.29 3.84
C VAL N 467 26.05 54.54 4.65
N ASN N 468 27.03 55.22 4.05
CA ASN N 468 28.26 55.53 4.77
C ASN N 468 27.98 56.41 5.99
N GLU N 469 27.07 57.38 5.84
CA GLU N 469 26.71 58.22 6.98
C GLU N 469 25.99 57.43 8.06
N TRP N 470 25.10 56.50 7.66
CA TRP N 470 24.30 55.76 8.63
C TRP N 470 25.13 54.74 9.39
N ARG N 471 26.15 54.15 8.75
CA ARG N 471 26.93 53.11 9.43
C ARG N 471 27.71 53.64 10.62
N ASN N 472 27.85 54.95 10.77
CA ASN N 472 28.51 55.54 11.93
C ASN N 472 27.55 55.81 13.08
N GLY N 473 26.28 55.47 12.94
CA GLY N 473 25.33 55.68 14.00
C GLY N 473 24.74 57.07 14.08
N ALA N 474 24.75 57.82 12.98
CA ALA N 474 24.22 59.18 12.96
C ALA N 474 22.76 59.23 12.52
N LEU N 475 22.13 58.10 12.23
CA LEU N 475 20.74 58.05 11.83
C LEU N 475 20.00 57.02 12.66
N PHE N 476 18.73 57.30 12.93
CA PHE N 476 17.90 56.47 13.80
C PHE N 476 17.23 55.39 12.96
N GLY N 477 17.65 54.15 13.15
CA GLY N 477 17.04 53.03 12.45
C GLY N 477 17.83 51.74 12.59
N GLN N 478 17.13 50.62 12.78
CA GLN N 478 17.81 49.30 12.92
C GLN N 478 18.29 48.82 11.54
N SER N 479 17.59 49.21 10.47
CA SER N 479 17.92 48.79 9.13
C SER N 479 18.04 50.00 8.22
N PRO N 480 18.83 49.90 7.14
CA PRO N 480 18.95 51.03 6.21
C PRO N 480 17.62 51.45 5.60
N ASP N 481 16.69 50.50 5.48
CA ASP N 481 15.39 50.80 4.91
C ASP N 481 14.59 51.76 5.80
N GLN N 482 14.82 51.72 7.10
CA GLN N 482 14.09 52.56 8.05
C GLN N 482 14.83 53.86 8.36
N ALA N 483 16.00 54.09 7.76
CA ALA N 483 16.80 55.27 8.07
C ALA N 483 16.72 56.36 7.00
N TYR N 484 16.52 56.00 5.74
CA TYR N 484 16.53 56.98 4.66
C TYR N 484 15.72 56.42 3.50
N TYR N 485 15.37 57.32 2.58
CA TYR N 485 14.72 56.91 1.33
C TYR N 485 15.04 57.91 0.24
N VAL N 486 15.46 57.40 -0.92
CA VAL N 486 15.81 58.22 -2.08
C VAL N 486 14.96 57.76 -3.25
N LYS N 487 14.28 58.71 -3.89
CA LYS N 487 13.37 58.41 -4.99
C LYS N 487 13.79 59.22 -6.21
N CYS N 488 14.08 58.51 -7.31
CA CYS N 488 14.38 59.16 -8.59
C CYS N 488 14.03 58.15 -9.68
N ASP N 489 12.86 58.32 -10.29
CA ASP N 489 12.37 57.38 -11.29
C ASP N 489 11.35 58.10 -12.16
N GLU N 490 10.60 57.32 -12.96
CA GLU N 490 9.59 57.89 -13.84
C GLU N 490 8.36 58.35 -13.09
N GLU N 491 8.19 57.94 -11.83
CA GLU N 491 7.03 58.38 -11.06
C GLU N 491 7.17 59.84 -10.64
N THR N 492 8.37 60.27 -10.28
CA THR N 492 8.62 61.66 -9.88
C THR N 492 9.18 62.52 -11.00
N ASN N 493 9.36 61.95 -12.20
CA ASN N 493 9.87 62.68 -13.35
C ASN N 493 8.96 62.44 -14.54
N PRO N 494 7.81 63.11 -14.59
CA PRO N 494 6.90 62.94 -15.72
C PRO N 494 7.49 63.54 -16.98
N PRO N 495 7.01 63.13 -18.16
CA PRO N 495 7.56 63.69 -19.41
C PRO N 495 7.42 65.19 -19.51
N GLU N 496 6.36 65.78 -18.96
CA GLU N 496 6.21 67.22 -18.97
C GLU N 496 7.33 67.89 -18.19
N SER N 497 7.71 67.33 -17.05
CA SER N 497 8.79 67.89 -16.25
C SER N 497 10.13 67.73 -16.96
N VAL N 498 10.37 66.58 -17.58
CA VAL N 498 11.65 66.35 -18.24
C VAL N 498 11.75 67.11 -19.55
N ASP N 499 10.61 67.61 -20.05
CA ASP N 499 10.66 68.45 -21.24
C ASP N 499 11.44 69.73 -20.99
N LEU N 500 11.25 70.34 -19.82
CA LEU N 500 11.98 71.56 -19.47
C LEU N 500 13.39 71.30 -18.99
N GLY N 501 13.79 70.04 -18.82
CA GLY N 501 15.12 69.72 -18.36
C GLY N 501 15.27 69.89 -16.86
N ARG N 502 14.55 69.10 -16.08
CA ARG N 502 14.56 69.18 -14.63
C ARG N 502 14.78 67.81 -14.02
N VAL N 503 15.52 67.79 -12.92
CA VAL N 503 15.75 66.58 -12.14
C VAL N 503 15.40 66.89 -10.68
N VAL N 504 14.70 65.96 -10.03
CA VAL N 504 14.17 66.17 -8.68
C VAL N 504 14.98 65.41 -7.63
N CYS N 505 15.01 64.08 -7.72
CA CYS N 505 15.78 63.22 -6.81
C CYS N 505 15.40 63.48 -5.35
N GLU N 506 14.15 63.14 -5.03
CA GLU N 506 13.65 63.36 -3.68
C GLU N 506 14.44 62.55 -2.66
N ILE N 507 14.81 63.21 -1.56
CA ILE N 507 15.62 62.59 -0.52
C ILE N 507 14.95 62.82 0.83
N GLY N 508 14.88 61.78 1.65
CA GLY N 508 14.35 61.90 2.99
C GLY N 508 15.16 61.13 4.00
N ILE N 509 15.49 61.76 5.13
CA ILE N 509 16.32 61.16 6.17
C ILE N 509 15.62 61.28 7.51
N ALA N 510 16.05 60.44 8.44
CA ALA N 510 15.53 60.44 9.81
C ALA N 510 16.66 60.76 10.78
N PRO N 511 16.73 61.96 11.33
CA PRO N 511 17.84 62.33 12.22
C PRO N 511 17.63 61.75 13.63
N VAL N 512 18.62 62.00 14.48
CA VAL N 512 18.60 61.56 15.87
C VAL N 512 18.56 62.80 16.76
N LYS N 513 17.87 62.69 17.88
CA LYS N 513 17.73 63.81 18.80
C LYS N 513 18.32 63.46 20.16
N PRO N 514 18.90 64.43 20.86
CA PRO N 514 19.50 64.14 22.16
C PRO N 514 18.47 63.80 23.22
N ALA N 515 18.89 62.99 24.20
CA ALA N 515 18.05 62.61 25.31
C ALA N 515 18.25 63.61 26.44
N GLU N 516 17.20 64.36 26.78
CA GLU N 516 17.27 65.41 27.78
C GLU N 516 16.75 64.98 29.13
N PHE N 517 15.58 64.35 29.18
CA PHE N 517 14.95 63.90 30.43
C PHE N 517 15.05 62.38 30.50
N VAL N 518 15.67 61.89 31.56
CA VAL N 518 15.79 60.45 31.83
C VAL N 518 14.91 60.12 33.03
N ILE N 519 13.99 59.18 32.84
CA ILE N 519 13.00 58.84 33.84
C ILE N 519 13.12 57.36 34.19
N PHE N 520 13.18 57.04 35.47
CA PHE N 520 13.08 55.69 35.98
C PHE N 520 11.74 55.52 36.71
N ARG N 521 11.41 54.28 37.02
CA ARG N 521 10.15 53.95 37.67
C ARG N 521 10.33 53.42 39.08
N LEU N 522 11.13 52.37 39.26
CA LEU N 522 11.38 51.74 40.55
C LEU N 522 10.07 51.30 41.21
N ALA N 523 9.39 50.38 40.53
CA ALA N 523 8.13 49.84 41.02
C ALA N 523 8.37 48.53 41.76
N GLN N 524 7.41 48.16 42.61
CA GLN N 524 7.46 46.94 43.39
C GLN N 524 6.41 45.98 42.85
N PHE N 525 6.84 44.77 42.51
CA PHE N 525 5.98 43.78 41.90
C PHE N 525 6.17 42.41 42.56
N SER N 526 5.17 41.56 42.42
CA SER N 526 5.22 40.22 42.99
C SER N 526 5.97 39.26 42.07
N PRO O 2 15.30 2.04 -71.12
CA PRO O 2 15.96 1.34 -72.22
C PRO O 2 15.00 0.41 -72.97
N SER O 3 15.44 -0.12 -74.10
CA SER O 3 14.64 -1.02 -74.92
C SER O 3 15.15 -2.44 -74.77
N TYR O 4 14.24 -3.36 -74.46
CA TYR O 4 14.57 -4.78 -74.31
C TYR O 4 13.82 -5.56 -75.38
N LEU O 5 14.56 -6.18 -76.30
CA LEU O 5 13.96 -6.91 -77.40
C LEU O 5 14.53 -8.31 -77.60
N SER O 6 15.72 -8.61 -77.10
CA SER O 6 16.31 -9.93 -77.27
C SER O 6 16.84 -10.44 -75.93
N PRO O 7 16.79 -11.74 -75.70
CA PRO O 7 17.33 -12.29 -74.45
C PRO O 7 18.83 -12.06 -74.33
N GLY O 8 19.27 -11.89 -73.09
CA GLY O 8 20.67 -11.67 -72.83
C GLY O 8 20.87 -10.98 -71.49
N VAL O 9 22.10 -10.49 -71.29
CA VAL O 9 22.48 -9.78 -70.09
C VAL O 9 22.85 -8.35 -70.47
N TYR O 10 22.23 -7.39 -69.80
CA TYR O 10 22.44 -5.97 -70.07
C TYR O 10 23.02 -5.30 -68.83
N VAL O 11 24.06 -4.50 -69.02
CA VAL O 11 24.71 -3.76 -67.94
C VAL O 11 24.53 -2.28 -68.22
N GLU O 12 23.91 -1.57 -67.28
CA GLU O 12 23.68 -0.14 -67.42
C GLU O 12 24.08 0.56 -66.13
N GLU O 13 24.46 1.84 -66.26
CA GLU O 13 24.92 2.64 -65.13
C GLU O 13 23.88 3.72 -64.83
N VAL O 14 23.43 3.77 -63.58
CA VAL O 14 22.50 4.81 -63.18
C VAL O 14 23.27 6.10 -62.85
N ALA O 15 22.78 7.20 -63.40
CA ALA O 15 23.45 8.50 -63.27
C ALA O 15 23.43 9.03 -61.84
N SER O 16 22.62 8.43 -60.96
CA SER O 16 22.54 8.87 -59.58
C SER O 16 23.88 8.71 -58.88
N GLY O 17 24.45 9.81 -58.42
CA GLY O 17 25.74 9.79 -57.75
C GLY O 17 26.13 11.16 -57.29
N SER O 18 27.44 11.43 -57.31
CA SER O 18 27.99 12.72 -56.89
C SER O 18 28.78 13.34 -58.04
N ARG O 19 28.58 14.64 -58.24
CA ARG O 19 29.26 15.41 -59.28
C ARG O 19 29.85 16.65 -58.64
N PRO O 20 31.05 16.55 -58.05
CA PRO O 20 31.62 17.69 -57.33
C PRO O 20 31.93 18.85 -58.27
N ILE O 21 31.86 20.06 -57.71
CA ILE O 21 32.16 21.29 -58.43
C ILE O 21 33.45 21.89 -57.87
N GLU O 22 34.38 22.20 -58.76
CA GLU O 22 35.69 22.72 -58.37
C GLU O 22 35.75 24.22 -58.61
N GLY O 23 36.70 24.87 -57.92
CA GLY O 23 36.91 26.29 -58.06
C GLY O 23 37.75 26.64 -59.28
N VAL O 24 38.06 27.93 -59.38
CA VAL O 24 38.84 28.46 -60.50
C VAL O 24 39.98 29.31 -59.95
N GLY O 25 41.04 29.47 -60.75
CA GLY O 25 42.18 30.26 -60.35
C GLY O 25 41.94 31.74 -60.62
N THR O 26 42.18 32.56 -59.60
CA THR O 26 41.96 34.00 -59.71
C THR O 26 43.25 34.77 -59.47
N SER O 27 44.35 34.33 -60.07
CA SER O 27 45.65 34.96 -59.90
C SER O 27 46.31 35.22 -61.23
N VAL O 28 45.56 35.72 -62.20
CA VAL O 28 46.07 36.06 -63.53
C VAL O 28 45.73 37.52 -63.81
N ALA O 29 46.73 38.27 -64.28
CA ALA O 29 46.56 39.68 -64.59
C ALA O 29 47.10 39.96 -65.99
N ALA O 30 46.46 40.92 -66.66
CA ALA O 30 46.83 41.29 -68.03
C ALA O 30 47.24 42.75 -68.06
N PHE O 31 48.47 43.01 -68.50
CA PHE O 31 49.03 44.35 -68.56
C PHE O 31 49.13 44.79 -70.02
N VAL O 32 48.63 45.98 -70.32
CA VAL O 32 48.70 46.56 -71.65
C VAL O 32 49.61 47.78 -71.58
N GLY O 33 50.63 47.81 -72.44
CA GLY O 33 51.58 48.89 -72.41
C GLY O 33 52.43 48.91 -73.66
N LEU O 34 53.47 49.76 -73.61
CA LEU O 34 54.41 49.90 -74.71
C LEU O 34 55.77 49.37 -74.30
N ALA O 35 56.43 48.69 -75.22
CA ALA O 35 57.73 48.06 -75.01
C ALA O 35 58.64 48.39 -76.18
N PRO O 36 59.96 48.39 -75.98
CA PRO O 36 60.86 48.72 -77.08
C PRO O 36 60.77 47.75 -78.25
N THR O 37 60.96 46.46 -78.01
CA THR O 37 60.91 45.45 -79.05
C THR O 37 60.16 44.23 -78.55
N GLY O 38 59.56 43.50 -79.49
CA GLY O 38 58.82 42.31 -79.16
C GLY O 38 57.64 42.08 -80.08
N PRO O 39 56.85 41.04 -79.80
CA PRO O 39 55.64 40.81 -80.60
C PRO O 39 54.66 41.96 -80.48
N LEU O 40 53.94 42.21 -81.57
CA LEU O 40 53.04 43.35 -81.67
C LEU O 40 51.59 42.85 -81.71
N ASN O 41 50.76 43.43 -80.83
CA ASN O 41 49.32 43.11 -80.78
C ASN O 41 49.07 41.62 -80.57
N GLU O 42 49.89 41.00 -79.71
CA GLU O 42 49.72 39.60 -79.38
C GLU O 42 49.76 39.43 -77.87
N PRO O 43 48.73 38.83 -77.26
CA PRO O 43 48.74 38.67 -75.81
C PRO O 43 49.68 37.57 -75.34
N THR O 44 50.96 37.90 -75.19
CA THR O 44 51.95 36.91 -74.79
C THR O 44 51.75 36.51 -73.34
N LEU O 45 52.18 35.29 -73.01
CA LEU O 45 52.07 34.76 -71.66
C LEU O 45 53.45 34.69 -71.03
N VAL O 46 53.59 35.25 -69.83
CA VAL O 46 54.85 35.28 -69.11
C VAL O 46 54.63 34.71 -67.72
N THR O 47 55.63 33.98 -67.21
CA THR O 47 55.54 33.40 -65.88
C THR O 47 56.82 33.59 -65.08
N ASN O 48 57.82 34.28 -65.61
CA ASN O 48 59.07 34.52 -64.91
C ASN O 48 59.78 35.65 -65.67
N TRP O 49 60.59 36.43 -64.94
CA TRP O 49 61.26 37.60 -65.56
C TRP O 49 62.12 37.17 -66.75
N THR O 50 62.79 36.01 -66.67
CA THR O 50 63.68 35.64 -67.75
C THR O 50 62.94 35.61 -69.09
N GLN O 51 61.70 35.11 -69.08
CA GLN O 51 60.90 35.12 -70.30
C GLN O 51 60.64 36.53 -70.78
N TYR O 52 60.30 37.44 -69.86
CA TYR O 52 60.06 38.82 -70.23
C TYR O 52 61.32 39.47 -70.78
N VAL O 53 62.47 39.19 -70.16
CA VAL O 53 63.73 39.74 -70.66
C VAL O 53 64.02 39.23 -72.07
N ALA O 54 63.82 37.94 -72.30
CA ALA O 54 64.08 37.36 -73.61
C ALA O 54 63.09 37.84 -74.67
N ALA O 55 61.88 38.20 -74.28
CA ALA O 55 60.86 38.58 -75.26
C ALA O 55 60.81 40.09 -75.51
N PHE O 56 60.54 40.87 -74.46
CA PHE O 56 60.25 42.30 -74.61
C PHE O 56 61.40 43.19 -74.15
N GLY O 57 62.57 42.64 -73.89
CA GLY O 57 63.67 43.46 -73.40
C GLY O 57 63.51 43.79 -71.92
N ASP O 58 64.38 44.69 -71.45
CA ASP O 58 64.38 45.04 -70.03
C ASP O 58 65.06 46.40 -69.86
N PHE O 59 64.29 47.39 -69.40
CA PHE O 59 64.82 48.67 -68.92
C PHE O 59 65.73 49.36 -69.92
N THR O 60 65.21 49.75 -71.07
CA THR O 60 65.99 50.48 -72.06
C THR O 60 65.29 51.68 -72.66
N GLY O 61 63.97 51.79 -72.57
CA GLY O 61 63.26 52.89 -73.18
C GLY O 61 62.62 53.84 -72.19
N GLY O 62 62.79 53.57 -70.90
CA GLY O 62 62.18 54.40 -69.87
C GLY O 62 60.67 54.36 -69.86
N TYR O 63 60.09 53.17 -70.01
CA TYR O 63 58.65 52.99 -70.00
C TYR O 63 58.20 52.38 -68.68
N TYR O 64 56.90 52.47 -68.43
CA TYR O 64 56.32 52.00 -67.17
C TYR O 64 55.89 50.54 -67.21
N LEU O 65 56.00 49.86 -68.35
CA LEU O 65 55.60 48.46 -68.41
C LEU O 65 56.59 47.57 -67.68
N ALA O 66 57.89 47.80 -67.89
CA ALA O 66 58.91 46.98 -67.24
C ALA O 66 58.85 47.13 -65.73
N HIS O 67 58.70 48.36 -65.24
CA HIS O 67 58.62 48.58 -63.80
C HIS O 67 57.39 47.88 -63.21
N SER O 68 56.25 47.98 -63.89
CA SER O 68 55.03 47.34 -63.40
C SER O 68 55.17 45.83 -63.37
N VAL O 69 55.76 45.25 -64.42
CA VAL O 69 55.94 43.80 -64.46
C VAL O 69 56.89 43.35 -63.36
N TYR O 70 57.99 44.08 -63.16
CA TYR O 70 58.93 43.74 -62.11
C TYR O 70 58.29 43.83 -60.73
N GLY O 71 57.47 44.86 -60.51
CA GLY O 71 56.77 44.96 -59.24
C GLY O 71 55.76 43.84 -59.03
N PHE O 72 55.06 43.47 -60.11
CA PHE O 72 54.09 42.38 -60.01
C PHE O 72 54.77 41.07 -59.66
N PHE O 73 55.91 40.79 -60.29
CA PHE O 73 56.64 39.57 -59.96
C PHE O 73 57.37 39.66 -58.63
N ASN O 74 57.59 40.87 -58.11
CA ASN O 74 58.24 41.03 -56.81
C ASN O 74 57.28 40.74 -55.66
N ASN O 75 55.98 40.92 -55.86
CA ASN O 75 54.99 40.74 -54.80
C ASN O 75 54.34 39.37 -54.83
N GLY O 76 54.95 38.40 -55.52
CA GLY O 76 54.44 37.05 -55.52
C GLY O 76 53.50 36.70 -56.64
N GLY O 77 53.66 37.30 -57.81
CA GLY O 77 52.82 36.95 -58.94
C GLY O 77 53.11 35.57 -59.46
N SER O 78 52.12 35.00 -60.16
CA SER O 78 52.20 33.63 -60.67
C SER O 78 52.28 33.60 -62.19
N ALA O 79 51.31 34.21 -62.88
CA ALA O 79 51.29 34.20 -64.34
C ALA O 79 50.66 35.51 -64.82
N ALA O 80 51.18 36.03 -65.93
CA ALA O 80 50.72 37.31 -66.44
C ALA O 80 50.57 37.25 -67.96
N TYR O 81 49.73 38.12 -68.48
CA TYR O 81 49.56 38.34 -69.91
C TYR O 81 50.06 39.74 -70.24
N VAL O 82 50.75 39.86 -71.37
CA VAL O 82 51.36 41.11 -71.79
C VAL O 82 50.86 41.46 -73.19
N VAL O 83 50.41 42.71 -73.35
CA VAL O 83 50.02 43.26 -74.65
C VAL O 83 50.88 44.49 -74.91
N ARG O 84 51.50 44.53 -76.08
CA ARG O 84 52.38 45.63 -76.47
C ARG O 84 51.71 46.41 -77.61
N VAL O 85 51.20 47.59 -77.28
CA VAL O 85 50.53 48.41 -78.30
C VAL O 85 51.55 48.97 -79.29
N GLY O 86 52.66 49.47 -78.78
CA GLY O 86 53.66 50.06 -79.63
C GLY O 86 54.97 50.24 -78.90
N GLY O 87 55.83 51.08 -79.48
CA GLY O 87 57.12 51.36 -78.87
C GLY O 87 58.09 51.89 -79.91
N SER O 88 59.35 51.96 -79.49
CA SER O 88 60.42 52.45 -80.37
C SER O 88 61.74 51.88 -79.85
N ALA O 89 62.74 51.91 -80.73
CA ALA O 89 64.08 51.43 -80.42
C ALA O 89 65.12 52.48 -80.79
N GLU O 90 64.80 53.75 -80.58
CA GLU O 90 65.70 54.85 -80.91
C GLU O 90 66.13 55.60 -79.66
N GLY O 249 43.78 46.04 -77.33
CA GLY O 249 44.19 44.65 -77.38
C GLY O 249 43.02 43.68 -77.40
N GLY O 250 43.29 42.46 -77.86
CA GLY O 250 42.26 41.44 -77.92
C GLY O 250 42.17 40.60 -76.67
N LEU O 251 41.83 41.22 -75.55
CA LEU O 251 41.70 40.51 -74.28
C LEU O 251 40.38 39.79 -74.12
N GLU O 252 39.44 39.97 -75.06
CA GLU O 252 38.14 39.32 -74.96
C GLU O 252 38.20 37.84 -75.29
N ALA O 253 39.25 37.38 -75.97
CA ALA O 253 39.39 35.97 -76.32
C ALA O 253 39.97 35.13 -75.20
N ILE O 254 40.45 35.75 -74.13
CA ILE O 254 41.05 35.04 -73.00
C ILE O 254 40.00 34.86 -71.92
N ASP O 255 40.09 33.76 -71.18
CA ASP O 255 39.12 33.42 -70.15
C ASP O 255 39.68 33.49 -68.75
N GLU O 256 40.94 33.10 -68.55
CA GLU O 256 41.50 33.01 -67.20
C GLU O 256 41.89 34.36 -66.62
N ILE O 257 41.83 35.44 -67.40
CA ILE O 257 42.22 36.75 -66.88
C ILE O 257 41.24 37.18 -65.78
N SER O 258 41.80 37.63 -64.65
CA SER O 258 41.00 38.09 -63.53
C SER O 258 41.10 39.58 -63.28
N MET O 259 42.12 40.25 -63.82
CA MET O 259 42.27 41.69 -63.65
C MET O 259 43.08 42.23 -64.82
N VAL O 260 42.81 43.48 -65.17
CA VAL O 260 43.45 44.15 -66.30
C VAL O 260 44.01 45.49 -65.85
N ALA O 261 45.18 45.84 -66.36
CA ALA O 261 45.82 47.10 -66.02
C ALA O 261 46.48 47.69 -67.26
N VAL O 262 46.59 49.01 -67.26
CA VAL O 262 47.28 49.76 -68.32
C VAL O 262 48.34 50.62 -67.64
N PRO O 263 49.45 50.02 -67.20
CA PRO O 263 50.40 50.79 -66.38
C PRO O 263 50.99 52.00 -67.09
N ASP O 264 51.25 51.89 -68.40
CA ASP O 264 51.91 52.97 -69.13
C ASP O 264 50.83 53.67 -69.94
N LEU O 265 50.15 54.60 -69.28
CA LEU O 265 49.20 55.52 -69.88
C LEU O 265 49.49 56.97 -69.53
N MET O 266 49.97 57.23 -68.30
CA MET O 266 50.32 58.58 -67.90
C MET O 266 51.59 59.07 -68.59
N ALA O 267 52.39 58.16 -69.15
CA ALA O 267 53.59 58.57 -69.86
C ALA O 267 53.24 59.42 -71.07
N ALA O 268 52.25 58.99 -71.86
CA ALA O 268 51.81 59.78 -73.00
C ALA O 268 51.23 61.11 -72.56
N TYR O 269 50.55 61.13 -71.41
CA TYR O 269 50.02 62.38 -70.88
C TYR O 269 51.13 63.32 -70.44
N GLN O 270 52.25 62.77 -69.93
CA GLN O 270 53.31 63.62 -69.40
C GLN O 270 54.09 64.31 -70.51
N ARG O 271 54.44 63.59 -71.56
CA ARG O 271 55.28 64.13 -72.63
C ARG O 271 54.51 64.38 -73.93
N GLY O 272 53.63 63.46 -74.32
CA GLY O 272 52.92 63.61 -75.59
C GLY O 272 51.81 64.63 -75.59
N ALA O 273 51.38 65.08 -74.41
CA ALA O 273 50.30 66.05 -74.27
C ALA O 273 49.03 65.56 -74.97
N ILE O 274 48.52 64.44 -74.48
CA ILE O 274 47.34 63.80 -75.05
C ILE O 274 46.06 64.29 -74.38
N ASP O 275 46.15 65.37 -73.59
CA ASP O 275 45.01 65.98 -72.91
C ASP O 275 44.37 65.01 -71.92
N LEU O 276 43.31 65.44 -71.25
CA LEU O 276 42.61 64.60 -70.29
C LEU O 276 41.42 63.87 -70.88
N GLU O 277 40.86 64.38 -71.98
CA GLU O 277 39.70 63.72 -72.59
C GLU O 277 40.05 62.34 -73.11
N ALA O 278 41.22 62.20 -73.73
CA ALA O 278 41.64 60.90 -74.24
C ALA O 278 41.83 59.89 -73.10
N VAL O 279 42.46 60.33 -72.01
CA VAL O 279 42.66 59.45 -70.86
C VAL O 279 41.32 59.03 -70.27
N LYS O 280 40.39 60.00 -70.13
CA LYS O 280 39.08 59.69 -69.60
C LYS O 280 38.33 58.70 -70.49
N ALA O 281 38.42 58.89 -71.81
CA ALA O 281 37.76 57.98 -72.74
C ALA O 281 38.35 56.57 -72.66
N VAL O 282 39.68 56.48 -72.58
CA VAL O 282 40.32 55.17 -72.49
C VAL O 282 39.91 54.46 -71.20
N GLN O 283 39.92 55.18 -70.07
CA GLN O 283 39.52 54.56 -68.82
C GLN O 283 38.05 54.16 -68.82
N LEU O 284 37.19 54.98 -69.41
CA LEU O 284 35.78 54.63 -69.51
C LEU O 284 35.57 53.40 -70.39
N GLY O 285 36.34 53.30 -71.49
CA GLY O 285 36.26 52.10 -72.32
C GLY O 285 36.71 50.85 -71.59
N LEU O 286 37.78 50.97 -70.81
CA LEU O 286 38.24 49.83 -70.00
C LEU O 286 37.17 49.43 -68.98
N ILE O 287 36.55 50.43 -68.34
CA ILE O 287 35.49 50.14 -67.37
C ILE O 287 34.33 49.44 -68.05
N ALA O 288 33.94 49.91 -69.23
CA ALA O 288 32.82 49.29 -69.96
C ALA O 288 33.16 47.86 -70.36
N HIS O 289 34.40 47.62 -70.79
CA HIS O 289 34.81 46.25 -71.12
C HIS O 289 34.76 45.35 -69.90
N CYS O 290 35.24 45.85 -68.76
CA CYS O 290 35.18 45.06 -67.53
C CYS O 290 33.74 44.74 -67.14
N GLU O 291 32.86 45.73 -67.26
CA GLU O 291 31.45 45.50 -66.93
C GLU O 291 30.81 44.49 -67.88
N LEU O 292 31.13 44.58 -69.17
CA LEU O 292 30.58 43.66 -70.14
C LEU O 292 31.04 42.23 -69.88
N MET O 293 32.33 42.06 -69.58
CA MET O 293 32.84 40.71 -69.32
C MET O 293 32.20 40.11 -68.07
N GLY O 294 32.05 40.90 -67.02
CA GLY O 294 31.42 40.41 -65.81
C GLY O 294 32.28 39.47 -64.98
N ASP O 295 33.59 39.44 -65.24
CA ASP O 295 34.48 38.55 -64.51
C ASP O 295 35.75 39.25 -64.01
N ARG O 296 36.10 40.42 -64.52
CA ARG O 296 37.36 41.06 -64.23
C ARG O 296 37.14 42.35 -63.45
N VAL O 297 38.20 42.81 -62.78
CA VAL O 297 38.17 44.00 -61.95
C VAL O 297 39.29 44.93 -62.39
N ALA O 298 38.98 46.22 -62.51
CA ALA O 298 39.90 47.21 -63.03
C ALA O 298 40.61 47.95 -61.90
N ILE O 299 41.86 48.32 -62.15
CA ILE O 299 42.67 49.08 -61.22
C ILE O 299 42.98 50.43 -61.85
N ILE O 300 42.72 51.51 -61.13
CA ILE O 300 42.82 52.87 -61.65
C ILE O 300 43.78 53.67 -60.78
N ASP O 301 44.47 54.61 -61.44
CA ASP O 301 45.39 55.54 -60.80
C ASP O 301 45.07 56.96 -61.23
N PRO O 302 45.35 57.95 -60.39
CA PRO O 302 45.06 59.33 -60.75
C PRO O 302 46.24 60.00 -61.43
N PRO O 303 46.07 61.21 -61.96
CA PRO O 303 47.19 61.95 -62.53
C PRO O 303 48.25 62.21 -61.47
N PRO O 304 49.53 62.32 -61.87
CA PRO O 304 50.62 62.33 -60.89
C PRO O 304 50.58 63.44 -59.85
N ASN O 305 50.53 64.69 -60.28
CA ASN O 305 50.76 65.80 -59.36
C ASN O 305 49.44 66.37 -58.84
N GLN O 306 48.97 65.81 -57.73
CA GLN O 306 47.79 66.33 -57.04
C GLN O 306 47.96 66.16 -55.54
N ASN O 307 47.16 66.89 -54.78
CA ASN O 307 47.11 66.79 -53.33
C ASN O 307 45.66 66.79 -52.90
N ALA O 308 45.44 66.97 -51.59
CA ALA O 308 44.10 67.01 -51.05
C ALA O 308 43.34 68.22 -51.61
N ARG O 309 42.01 68.14 -51.62
CA ARG O 309 41.11 69.19 -52.11
C ARG O 309 41.20 69.30 -53.63
N GLN O 310 42.08 68.52 -54.26
CA GLN O 310 42.11 68.40 -55.71
C GLN O 310 41.62 67.05 -56.20
N ILE O 311 42.15 65.96 -55.66
CA ILE O 311 41.68 64.63 -56.03
C ILE O 311 40.20 64.48 -55.68
N ARG O 312 39.81 64.97 -54.51
CA ARG O 312 38.40 64.95 -54.13
C ARG O 312 37.53 65.71 -55.13
N VAL O 313 38.10 66.68 -55.85
CA VAL O 313 37.39 67.29 -56.95
C VAL O 313 37.46 66.42 -58.19
N TRP O 314 38.67 65.93 -58.50
CA TRP O 314 38.87 65.16 -59.74
C TRP O 314 38.02 63.90 -59.75
N ARG O 315 37.73 63.33 -58.59
CA ARG O 315 36.89 62.15 -58.48
C ARG O 315 35.41 62.45 -58.70
N GLN O 316 34.96 63.66 -58.40
CA GLN O 316 33.52 63.94 -58.38
C GLN O 316 33.03 64.79 -59.54
N GLU O 317 33.80 65.80 -59.96
CA GLU O 317 33.38 66.65 -61.07
C GLU O 317 33.90 66.20 -62.42
N THR O 318 34.84 65.27 -62.46
CA THR O 318 35.45 64.89 -63.73
C THR O 318 35.46 63.39 -63.97
N ALA O 319 35.61 62.58 -62.93
CA ALA O 319 35.85 61.14 -63.06
C ALA O 319 34.95 60.36 -62.13
N GLY O 320 33.64 60.63 -62.17
CA GLY O 320 32.72 59.94 -61.28
C GLY O 320 32.81 58.43 -61.39
N TYR O 321 32.85 57.91 -62.62
CA TYR O 321 33.19 56.52 -62.88
C TYR O 321 32.20 55.53 -62.29
N ASP O 322 32.16 55.43 -60.96
CA ASP O 322 31.43 54.41 -60.21
C ASP O 322 31.52 53.05 -60.89
N SER O 323 30.38 52.46 -61.25
CA SER O 323 30.22 51.22 -61.99
C SER O 323 30.56 49.98 -61.16
N LYS O 324 31.01 50.13 -59.91
CA LYS O 324 31.21 49.05 -58.95
C LYS O 324 32.26 48.03 -59.39
N TYR O 325 32.91 48.24 -60.53
CA TYR O 325 33.85 47.29 -61.09
C TYR O 325 35.25 47.90 -61.19
N ALA O 326 35.68 48.63 -60.18
CA ALA O 326 36.98 49.28 -60.23
C ALA O 326 37.49 49.53 -58.82
N ALA O 327 38.79 49.79 -58.74
CA ALA O 327 39.42 50.20 -57.49
C ALA O 327 40.51 51.20 -57.81
N LEU O 328 40.46 52.37 -57.16
CA LEU O 328 41.37 53.47 -57.44
C LEU O 328 42.38 53.60 -56.31
N TYR O 329 43.66 53.73 -56.66
CA TYR O 329 44.74 53.86 -55.69
C TYR O 329 45.43 55.21 -55.90
N TYR O 330 45.32 56.08 -54.91
CA TYR O 330 45.70 57.49 -55.04
C TYR O 330 47.21 57.73 -55.16
N PRO O 331 48.03 57.44 -54.14
CA PRO O 331 49.40 57.96 -54.14
C PRO O 331 50.34 57.13 -55.01
N TRP O 332 51.28 57.83 -55.64
CA TRP O 332 52.28 57.18 -56.48
C TRP O 332 53.44 56.67 -55.62
N ILE O 333 54.21 55.76 -56.21
CA ILE O 333 55.30 55.08 -55.48
C ILE O 333 56.61 55.42 -56.15
N LYS O 334 57.59 55.85 -55.36
CA LYS O 334 58.94 56.11 -55.86
C LYS O 334 59.75 54.81 -55.78
N SER O 335 60.31 54.39 -56.91
CA SER O 335 61.01 53.12 -57.00
C SER O 335 62.34 53.33 -57.71
N PHE O 336 63.21 52.33 -57.57
CA PHE O 336 64.56 52.36 -58.10
C PHE O 336 64.58 51.87 -59.55
N ASP O 337 65.54 52.37 -60.31
CA ASP O 337 65.75 51.97 -61.70
C ASP O 337 67.22 51.60 -61.87
N PRO O 338 67.54 50.35 -62.20
CA PRO O 338 68.96 49.97 -62.36
C PRO O 338 69.57 50.41 -63.67
N ALA O 339 68.76 50.74 -64.69
CA ALA O 339 69.32 51.21 -65.96
C ALA O 339 70.12 52.48 -65.75
N THR O 340 69.58 53.43 -64.98
CA THR O 340 70.32 54.59 -64.55
C THR O 340 70.68 54.55 -63.07
N GLY O 341 70.18 53.56 -62.33
CA GLY O 341 70.43 53.49 -60.90
C GLY O 341 69.89 54.67 -60.14
N GLN O 342 68.67 55.11 -60.46
CA GLN O 342 68.12 56.32 -59.87
C GLN O 342 66.67 56.08 -59.46
N SER O 343 66.20 56.90 -58.52
CA SER O 343 64.83 56.80 -58.02
C SER O 343 63.90 57.68 -58.83
N ARG O 344 62.74 57.14 -59.17
CA ARG O 344 61.75 57.89 -59.94
C ARG O 344 60.36 57.38 -59.61
N LEU O 345 59.36 58.21 -59.90
CA LEU O 345 57.98 57.94 -59.50
C LEU O 345 57.27 57.10 -60.55
N VAL O 346 56.51 56.10 -60.09
CA VAL O 346 55.69 55.27 -60.96
C VAL O 346 54.33 55.08 -60.31
N PRO O 347 53.29 54.88 -61.14
CA PRO O 347 51.97 54.63 -60.59
C PRO O 347 51.90 53.28 -59.90
N PRO O 348 51.00 53.11 -58.93
CA PRO O 348 50.84 51.81 -58.25
C PRO O 348 49.85 50.89 -58.97
N SER O 349 50.31 50.31 -60.08
CA SER O 349 49.46 49.47 -60.91
C SER O 349 49.77 47.98 -60.72
N GLY O 350 51.03 47.58 -60.88
CA GLY O 350 51.38 46.18 -60.73
C GLY O 350 51.51 45.73 -59.29
N HIS O 351 51.89 46.64 -58.39
CA HIS O 351 52.10 46.26 -57.00
C HIS O 351 50.80 45.82 -56.34
N VAL O 352 49.69 46.51 -56.62
CA VAL O 352 48.42 46.13 -56.04
C VAL O 352 47.95 44.79 -56.59
N ALA O 353 48.19 44.54 -57.88
CA ALA O 353 47.86 43.24 -58.46
C ALA O 353 48.68 42.12 -57.80
N GLY O 354 49.97 42.37 -57.58
CA GLY O 354 50.78 41.39 -56.89
C GLY O 354 50.31 41.14 -55.46
N ILE O 355 49.90 42.20 -54.77
CA ILE O 355 49.37 42.05 -53.41
C ILE O 355 48.09 41.23 -53.43
N TRP O 356 47.22 41.48 -54.42
CA TRP O 356 45.99 40.69 -54.54
C TRP O 356 46.31 39.22 -54.78
N ALA O 357 47.27 38.94 -55.67
CA ALA O 357 47.64 37.55 -55.94
C ALA O 357 48.23 36.89 -54.69
N ARG O 358 49.07 37.62 -53.94
CA ARG O 358 49.64 37.08 -52.72
C ARG O 358 48.56 36.77 -51.69
N ASN O 359 47.59 37.67 -51.54
CA ASN O 359 46.50 37.44 -50.60
C ASN O 359 45.65 36.25 -51.03
N ASP O 360 45.40 36.12 -52.33
CA ASP O 360 44.63 34.98 -52.81
C ASP O 360 45.36 33.66 -52.69
N SER O 361 46.70 33.71 -52.71
CA SER O 361 47.47 32.48 -52.59
C SER O 361 47.64 32.06 -51.14
N GLU O 362 48.12 32.96 -50.29
CA GLU O 362 48.36 32.62 -48.89
C GLU O 362 47.06 32.29 -48.17
N ARG O 363 46.08 33.17 -48.26
CA ARG O 363 44.77 32.98 -47.64
C ARG O 363 43.70 32.87 -48.71
N GLY O 364 42.46 32.72 -48.27
CA GLY O 364 41.34 32.64 -49.19
C GLY O 364 41.04 33.96 -49.85
N VAL O 365 40.25 33.90 -50.92
CA VAL O 365 39.85 35.10 -51.65
C VAL O 365 38.89 35.98 -50.83
N HIS O 366 38.34 35.46 -49.75
CA HIS O 366 37.42 36.22 -48.91
C HIS O 366 38.13 37.21 -47.99
N LYS O 367 39.45 37.16 -47.91
CA LYS O 367 40.20 38.07 -47.06
C LYS O 367 40.47 39.36 -47.82
N ALA O 368 40.09 40.49 -47.24
CA ALA O 368 40.27 41.78 -47.90
C ALA O 368 41.74 42.19 -47.84
N PRO O 369 42.36 42.53 -48.97
CA PRO O 369 43.76 42.99 -48.94
C PRO O 369 43.88 44.40 -48.37
N ALA O 370 43.63 44.54 -47.07
CA ALA O 370 43.61 45.85 -46.44
C ALA O 370 44.93 46.22 -45.77
N ASN O 371 45.66 45.26 -45.22
CA ASN O 371 46.90 45.51 -44.50
C ASN O 371 48.01 44.66 -45.12
N GLU O 372 48.63 45.18 -46.17
CA GLU O 372 49.74 44.50 -46.82
C GLU O 372 50.85 45.50 -47.12
N VAL O 373 52.08 45.01 -47.10
CA VAL O 373 53.27 45.84 -47.25
C VAL O 373 53.71 45.83 -48.71
N VAL O 374 53.94 47.01 -49.26
CA VAL O 374 54.31 47.10 -50.70
C VAL O 374 55.83 46.94 -50.83
N ARG O 375 56.32 45.69 -50.85
CA ARG O 375 57.77 45.43 -51.03
C ARG O 375 58.19 46.07 -52.34
N GLY O 376 59.37 46.69 -52.38
CA GLY O 376 59.88 47.26 -53.64
C GLY O 376 59.84 48.79 -53.64
N ALA O 377 59.00 49.40 -52.80
CA ALA O 377 58.88 50.87 -52.76
C ALA O 377 60.04 51.45 -51.95
N VAL O 378 60.10 52.78 -51.84
CA VAL O 378 61.16 53.44 -51.03
C VAL O 378 60.55 54.69 -50.38
N ASP O 379 59.80 55.51 -51.14
CA ASP O 379 59.19 56.73 -50.62
C ASP O 379 57.80 56.88 -51.20
N LEU O 380 57.14 57.98 -50.87
CA LEU O 380 55.82 58.30 -51.38
C LEU O 380 55.66 59.72 -51.89
N GLU O 381 56.53 60.65 -51.50
CA GLU O 381 56.47 62.05 -51.91
C GLU O 381 55.18 62.74 -51.49
N LEU O 382 54.51 62.20 -50.46
CA LEU O 382 53.28 62.78 -49.93
C LEU O 382 52.95 62.09 -48.61
N GLN O 383 52.37 62.85 -47.69
CA GLN O 383 52.01 62.33 -46.38
C GLN O 383 50.55 62.66 -46.10
N ILE O 384 49.83 61.70 -45.51
CA ILE O 384 48.41 61.83 -45.20
C ILE O 384 48.22 61.71 -43.69
N THR O 385 47.51 62.67 -43.12
CA THR O 385 47.19 62.64 -41.70
C THR O 385 45.88 61.88 -41.49
N ARG O 386 45.37 61.92 -40.26
CA ARG O 386 44.10 61.22 -39.95
C ARG O 386 42.93 61.98 -40.58
N GLY O 387 42.93 63.31 -40.49
CA GLY O 387 41.82 64.08 -41.01
C GLY O 387 41.68 63.96 -42.52
N GLU O 388 42.79 64.02 -43.25
CA GLU O 388 42.74 63.88 -44.70
C GLU O 388 42.22 62.51 -45.10
N GLN O 389 42.66 61.46 -44.40
CA GLN O 389 42.12 60.12 -44.65
C GLN O 389 40.64 60.05 -44.34
N ASP O 390 40.21 60.67 -43.24
CA ASP O 390 38.79 60.74 -42.90
C ASP O 390 37.98 61.52 -43.93
N LEU O 391 38.63 62.40 -44.69
CA LEU O 391 37.96 63.08 -45.80
C LEU O 391 37.91 62.25 -47.06
N LEU O 392 38.86 61.33 -47.24
CA LEU O 392 38.91 60.49 -48.44
C LEU O 392 38.25 59.14 -48.24
N ASN O 393 38.10 58.69 -47.00
CA ASN O 393 37.47 57.40 -46.75
C ASN O 393 36.02 57.31 -47.20
N PRO O 394 35.14 58.31 -46.97
CA PRO O 394 33.75 58.17 -47.41
C PRO O 394 33.60 57.95 -48.91
N ILE O 395 34.51 58.48 -49.72
CA ILE O 395 34.50 58.22 -51.15
C ILE O 395 35.42 57.05 -51.43
N GLY O 396 35.26 56.45 -52.60
CA GLY O 396 36.00 55.24 -52.93
C GLY O 396 37.45 55.47 -53.27
N VAL O 397 38.18 56.14 -52.39
CA VAL O 397 39.60 56.42 -52.59
C VAL O 397 40.37 55.70 -51.50
N ASN O 398 41.19 54.73 -51.89
CA ASN O 398 42.05 54.03 -50.95
C ASN O 398 43.32 54.86 -50.70
N CYS O 399 44.22 54.33 -49.87
CA CYS O 399 45.42 55.07 -49.52
C CYS O 399 46.58 54.12 -49.30
N ILE O 400 47.78 54.67 -49.42
CA ILE O 400 49.02 53.98 -49.08
C ILE O 400 49.70 54.80 -48.00
N ARG O 401 49.74 54.29 -46.78
CA ARG O 401 50.13 55.05 -45.62
C ARG O 401 51.46 54.57 -45.06
N SER O 402 52.23 55.52 -44.55
CA SER O 402 53.50 55.23 -43.89
C SER O 402 53.31 55.29 -42.38
N PHE O 403 53.64 54.20 -41.70
CA PHE O 403 53.49 54.08 -40.27
C PHE O 403 54.85 54.03 -39.60
N PRO O 404 55.06 54.80 -38.52
CA PRO O 404 56.39 54.85 -37.89
C PRO O 404 56.71 53.60 -37.09
N GLY O 405 57.22 52.58 -37.77
CA GLY O 405 57.55 51.32 -37.11
C GLY O 405 57.05 50.14 -37.92
N ARG O 406 56.21 50.40 -38.91
CA ARG O 406 55.67 49.36 -39.78
C ARG O 406 55.88 49.65 -41.25
N GLY O 407 56.27 50.86 -41.63
CA GLY O 407 56.61 51.13 -43.02
C GLY O 407 55.42 51.47 -43.90
N ILE O 408 55.51 51.16 -45.19
CA ILE O 408 54.49 51.52 -46.16
C ILE O 408 53.49 50.37 -46.26
N ARG O 409 52.21 50.68 -46.07
CA ARG O 409 51.17 49.66 -46.08
C ARG O 409 49.94 50.18 -46.82
N VAL O 410 49.19 49.25 -47.41
CA VAL O 410 47.91 49.61 -48.01
C VAL O 410 46.91 49.95 -46.91
N TRP O 411 45.87 50.71 -47.26
CA TRP O 411 44.90 51.15 -46.28
C TRP O 411 43.59 51.50 -46.96
N GLY O 412 42.50 50.83 -46.55
CA GLY O 412 41.16 51.23 -46.91
C GLY O 412 40.31 50.19 -47.60
N ALA O 413 40.88 49.48 -48.58
CA ALA O 413 40.25 48.35 -49.26
C ALA O 413 38.79 48.63 -49.61
N ARG O 414 38.58 49.61 -50.48
CA ARG O 414 37.24 49.98 -50.94
C ARG O 414 37.21 50.07 -52.45
N THR O 415 36.03 50.35 -53.00
CA THR O 415 35.81 50.40 -54.43
C THR O 415 34.98 51.62 -54.79
N LEU O 416 34.79 51.83 -56.09
CA LEU O 416 34.01 52.93 -56.62
C LEU O 416 32.58 52.46 -56.87
N SER O 417 31.70 52.68 -55.90
CA SER O 417 30.31 52.26 -56.04
C SER O 417 29.44 53.07 -55.10
N SER O 418 28.48 53.82 -55.65
CA SER O 418 27.56 54.58 -54.82
C SER O 418 26.60 53.66 -54.08
N ASP O 419 26.20 52.56 -54.70
CA ASP O 419 25.28 51.61 -54.09
C ASP O 419 25.92 50.97 -52.86
N PRO O 420 25.30 51.06 -51.68
CA PRO O 420 25.89 50.45 -50.49
C PRO O 420 25.95 48.93 -50.51
N ALA O 421 25.40 48.27 -51.53
CA ALA O 421 25.42 46.81 -51.58
C ALA O 421 26.79 46.26 -51.89
N TRP O 422 27.58 46.98 -52.69
CA TRP O 422 28.89 46.50 -53.12
C TRP O 422 30.00 47.44 -52.67
N ARG O 423 29.96 47.86 -51.40
CA ARG O 423 30.96 48.79 -50.89
C ARG O 423 32.36 48.16 -50.88
N TYR O 424 32.46 46.89 -50.51
CA TYR O 424 33.75 46.26 -50.27
C TYR O 424 34.18 45.41 -51.46
N LEU O 425 35.49 45.28 -51.63
CA LEU O 425 36.06 44.54 -52.75
C LEU O 425 35.94 43.04 -52.56
N ASN O 426 36.11 42.55 -51.33
CA ASN O 426 36.14 41.11 -51.10
C ASN O 426 34.79 40.47 -51.41
N ILE O 427 33.69 41.17 -51.14
CA ILE O 427 32.38 40.64 -51.48
C ILE O 427 32.25 40.44 -52.99
N ARG O 428 32.68 41.44 -53.75
CA ARG O 428 32.63 41.34 -55.21
C ARG O 428 33.50 40.20 -55.72
N ARG O 429 34.71 40.07 -55.17
CA ARG O 429 35.60 39.00 -55.62
C ARG O 429 35.01 37.62 -55.31
N TYR O 430 34.47 37.45 -54.10
CA TYR O 430 33.87 36.17 -53.73
C TYR O 430 32.66 35.85 -54.60
N PHE O 431 31.82 36.86 -54.88
CA PHE O 431 30.67 36.64 -55.73
C PHE O 431 31.08 36.26 -57.15
N ASN O 432 32.11 36.92 -57.68
CA ASN O 432 32.62 36.55 -59.00
C ASN O 432 33.13 35.12 -59.01
N TYR O 433 33.87 34.73 -57.98
CA TYR O 433 34.38 33.36 -57.89
C TYR O 433 33.24 32.34 -57.85
N LEU O 434 32.23 32.60 -57.02
CA LEU O 434 31.10 31.68 -56.93
C LEU O 434 30.34 31.59 -58.24
N GLU O 435 30.09 32.73 -58.89
CA GLU O 435 29.36 32.73 -60.16
C GLU O 435 30.14 31.97 -61.22
N GLU O 436 31.45 32.18 -61.31
CA GLU O 436 32.25 31.46 -62.30
C GLU O 436 32.23 29.96 -62.04
N SER O 437 32.40 29.56 -60.77
CA SER O 437 32.39 28.13 -60.45
C SER O 437 31.05 27.49 -60.80
N ILE O 438 29.95 28.17 -60.44
CA ILE O 438 28.62 27.62 -60.71
C ILE O 438 28.38 27.52 -62.21
N LEU O 439 28.75 28.56 -62.96
CA LEU O 439 28.55 28.54 -64.41
C LEU O 439 29.35 27.43 -65.07
N ILE O 440 30.60 27.23 -64.63
CA ILE O 440 31.43 26.21 -65.26
C ILE O 440 30.95 24.79 -64.90
N GLY O 441 30.60 24.54 -63.64
CA GLY O 441 30.30 23.19 -63.23
C GLY O 441 28.83 22.82 -63.10
N THR O 442 28.00 23.25 -64.07
CA THR O 442 26.58 22.96 -63.99
C THR O 442 26.00 22.58 -65.36
N GLN O 443 26.78 22.61 -66.43
CA GLN O 443 26.23 22.51 -67.78
C GLN O 443 25.53 21.18 -68.05
N TRP O 444 25.77 20.14 -67.22
CA TRP O 444 25.17 18.85 -67.47
C TRP O 444 23.67 18.81 -67.19
N VAL O 445 23.10 19.85 -66.56
CA VAL O 445 21.71 19.81 -66.14
C VAL O 445 20.74 20.11 -67.27
N VAL O 446 21.20 20.70 -68.37
CA VAL O 446 20.32 21.08 -69.46
C VAL O 446 19.81 19.84 -70.18
N PHE O 447 18.56 19.91 -70.65
CA PHE O 447 17.90 18.84 -71.38
C PHE O 447 17.83 17.55 -70.54
N GLU O 448 17.08 17.66 -69.46
CA GLU O 448 16.85 16.57 -68.52
C GLU O 448 15.36 16.33 -68.36
N PRO O 449 14.96 15.13 -67.89
CA PRO O 449 13.52 14.84 -67.78
C PRO O 449 12.74 15.77 -66.88
N ASN O 450 13.42 16.52 -65.99
CA ASN O 450 12.80 17.55 -65.16
C ASN O 450 11.75 16.94 -64.23
N ASP O 451 12.22 16.03 -63.38
CA ASP O 451 11.39 15.45 -62.33
C ASP O 451 12.00 15.80 -60.98
N HIS O 452 11.38 15.36 -59.89
CA HIS O 452 11.87 15.67 -58.55
C HIS O 452 13.22 15.05 -58.25
N ASN O 453 13.61 13.99 -58.95
CA ASN O 453 14.94 13.44 -58.79
C ASN O 453 16.01 14.45 -59.19
N LEU O 454 15.78 15.18 -60.29
CA LEU O 454 16.71 16.22 -60.70
C LEU O 454 16.81 17.31 -59.64
N TRP O 455 15.67 17.71 -59.06
CA TRP O 455 15.69 18.71 -58.00
C TRP O 455 16.50 18.22 -56.80
N ALA O 456 16.31 16.96 -56.42
CA ALA O 456 17.07 16.41 -55.30
C ALA O 456 18.56 16.40 -55.59
N ARG O 457 18.94 16.00 -56.81
CA ARG O 457 20.37 15.97 -57.17
C ARG O 457 20.97 17.37 -57.15
N ILE O 458 20.26 18.35 -57.70
CA ILE O 458 20.78 19.72 -57.72
C ILE O 458 20.93 20.25 -56.30
N ARG O 459 19.92 20.01 -55.45
CA ARG O 459 19.99 20.46 -54.07
C ARG O 459 21.16 19.81 -53.34
N ARG O 460 21.37 18.51 -53.55
CA ARG O 460 22.48 17.82 -52.89
C ARG O 460 23.82 18.41 -53.32
N ASN O 461 23.99 18.64 -54.63
CA ASN O 461 25.26 19.17 -55.12
C ASN O 461 25.53 20.57 -54.58
N VAL O 462 24.52 21.44 -54.62
CA VAL O 462 24.71 22.81 -54.15
C VAL O 462 24.96 22.82 -52.64
N SER O 463 24.25 21.98 -51.89
CA SER O 463 24.46 21.92 -50.45
C SER O 463 25.87 21.43 -50.12
N ALA O 464 26.36 20.42 -50.85
CA ALA O 464 27.71 19.93 -50.60
C ALA O 464 28.75 21.02 -50.89
N PHE O 465 28.58 21.74 -52.01
CA PHE O 465 29.52 22.81 -52.33
C PHE O 465 29.50 23.90 -51.26
N LEU O 466 28.30 24.29 -50.81
CA LEU O 466 28.20 25.36 -49.82
C LEU O 466 28.75 24.92 -48.47
N VAL O 467 28.55 23.65 -48.10
CA VAL O 467 29.11 23.15 -46.84
C VAL O 467 30.64 23.16 -46.91
N ASN O 468 31.19 22.71 -48.05
CA ASN O 468 32.64 22.73 -48.20
C ASN O 468 33.20 24.15 -48.14
N GLU O 469 32.48 25.10 -48.73
CA GLU O 469 32.92 26.50 -48.65
C GLU O 469 32.82 27.04 -47.23
N TRP O 470 31.76 26.67 -46.50
CA TRP O 470 31.55 27.20 -45.16
C TRP O 470 32.54 26.64 -44.16
N ARG O 471 32.95 25.38 -44.32
CA ARG O 471 33.84 24.77 -43.34
C ARG O 471 35.21 25.42 -43.28
N ASN O 472 35.56 26.24 -44.27
CA ASN O 472 36.82 26.98 -44.25
C ASN O 472 36.70 28.33 -43.55
N GLY O 473 35.54 28.67 -43.02
CA GLY O 473 35.36 29.93 -42.33
C GLY O 473 35.09 31.13 -43.22
N ALA O 474 34.58 30.91 -44.43
CA ALA O 474 34.29 32.00 -45.36
C ALA O 474 32.86 32.50 -45.27
N LEU O 475 32.04 31.93 -44.38
CA LEU O 475 30.67 32.35 -44.20
C LEU O 475 30.39 32.60 -42.73
N PHE O 476 29.53 33.58 -42.46
CA PHE O 476 29.23 34.02 -41.10
C PHE O 476 28.08 33.19 -40.55
N GLY O 477 28.38 32.33 -39.59
CA GLY O 477 27.35 31.52 -38.94
C GLY O 477 27.92 30.42 -38.07
N GLN O 478 27.31 30.19 -36.90
CA GLN O 478 27.80 29.14 -35.97
C GLN O 478 27.37 27.76 -36.49
N SER O 479 26.25 27.69 -37.22
CA SER O 479 25.73 26.45 -37.74
C SER O 479 25.48 26.58 -39.24
N PRO O 480 25.51 25.46 -39.98
CA PRO O 480 25.23 25.52 -41.42
C PRO O 480 23.84 26.06 -41.74
N ASP O 481 22.90 25.88 -40.81
CA ASP O 481 21.55 26.38 -41.03
C ASP O 481 21.50 27.90 -41.06
N GLN O 482 22.40 28.56 -40.34
CA GLN O 482 22.44 30.02 -40.29
C GLN O 482 23.38 30.64 -41.32
N ALA O 483 24.03 29.82 -42.15
CA ALA O 483 25.00 30.33 -43.11
C ALA O 483 24.48 30.39 -44.54
N TYR O 484 23.57 29.49 -44.92
CA TYR O 484 23.10 29.43 -46.29
C TYR O 484 21.73 28.78 -46.31
N TYR O 485 21.03 28.94 -47.43
CA TYR O 485 19.75 28.26 -47.64
C TYR O 485 19.53 28.04 -49.13
N VAL O 486 19.18 26.81 -49.48
CA VAL O 486 18.92 26.42 -50.87
C VAL O 486 17.52 25.85 -50.95
N LYS O 487 16.72 26.38 -51.88
CA LYS O 487 15.32 25.99 -52.03
C LYS O 487 15.09 25.52 -53.46
N CYS O 488 14.63 24.28 -53.60
CA CYS O 488 14.25 23.73 -54.91
C CYS O 488 13.23 22.62 -54.65
N ASP O 489 11.95 22.94 -54.81
CA ASP O 489 10.88 22.00 -54.51
C ASP O 489 9.64 22.41 -55.29
N GLU O 490 8.49 21.84 -54.93
CA GLU O 490 7.24 22.15 -55.61
C GLU O 490 6.70 23.51 -55.22
N GLU O 491 7.21 24.11 -54.14
CA GLU O 491 6.74 25.44 -53.75
C GLU O 491 7.26 26.52 -54.69
N THR O 492 8.50 26.40 -55.15
CA THR O 492 9.09 27.36 -56.06
C THR O 492 9.03 26.92 -57.52
N ASN O 493 8.45 25.75 -57.80
CA ASN O 493 8.32 25.23 -59.15
C ASN O 493 6.88 24.82 -59.39
N PRO O 494 5.99 25.77 -59.64
CA PRO O 494 4.59 25.44 -59.91
C PRO O 494 4.45 24.73 -61.24
N PRO O 495 3.35 24.01 -61.46
CA PRO O 495 3.18 23.31 -62.75
C PRO O 495 3.19 24.23 -63.95
N GLU O 496 2.70 25.47 -63.80
CA GLU O 496 2.74 26.42 -64.90
C GLU O 496 4.18 26.74 -65.29
N SER O 497 5.06 26.91 -64.29
CA SER O 497 6.46 27.19 -64.58
C SER O 497 7.15 25.99 -65.21
N VAL O 498 6.86 24.78 -64.72
CA VAL O 498 7.53 23.60 -65.25
C VAL O 498 6.97 23.22 -66.62
N ASP O 499 5.81 23.78 -66.99
CA ASP O 499 5.29 23.54 -68.33
C ASP O 499 6.23 24.09 -69.39
N LEU O 500 6.80 25.27 -69.16
CA LEU O 500 7.74 25.87 -70.11
C LEU O 500 9.14 25.30 -70.01
N GLY O 501 9.41 24.42 -69.04
CA GLY O 501 10.73 23.85 -68.88
C GLY O 501 11.70 24.80 -68.20
N ARG O 502 11.43 25.15 -66.94
CA ARG O 502 12.26 26.08 -66.20
C ARG O 502 12.62 25.51 -64.84
N VAL O 503 13.83 25.79 -64.40
CA VAL O 503 14.31 25.42 -63.07
C VAL O 503 14.86 26.67 -62.40
N VAL O 504 14.53 26.85 -61.13
CA VAL O 504 14.87 28.07 -60.39
C VAL O 504 16.03 27.84 -59.41
N CYS O 505 15.84 26.96 -58.43
CA CYS O 505 16.87 26.60 -57.45
C CYS O 505 17.41 27.84 -56.73
N GLU O 506 16.51 28.46 -55.95
CA GLU O 506 16.87 29.67 -55.22
C GLU O 506 18.00 29.40 -54.23
N ILE O 507 18.99 30.29 -54.21
CA ILE O 507 20.16 30.15 -53.36
C ILE O 507 20.38 31.45 -52.60
N GLY O 508 20.65 31.35 -51.31
CA GLY O 508 20.97 32.51 -50.51
C GLY O 508 22.10 32.25 -49.55
N ILE O 509 23.08 33.16 -49.49
CA ILE O 509 24.27 33.01 -48.66
C ILE O 509 24.44 34.25 -47.81
N ALA O 510 25.22 34.10 -46.74
CA ALA O 510 25.55 35.20 -45.83
C ALA O 510 27.05 35.42 -45.82
N PRO O 511 27.55 36.46 -46.47
CA PRO O 511 29.01 36.67 -46.55
C PRO O 511 29.55 37.27 -45.26
N VAL O 512 30.87 37.45 -45.23
CA VAL O 512 31.57 38.05 -44.10
C VAL O 512 32.18 39.37 -44.55
N LYS O 513 32.22 40.34 -43.65
CA LYS O 513 32.75 41.65 -43.97
C LYS O 513 33.95 41.97 -43.09
N PRO O 514 34.93 42.71 -43.59
CA PRO O 514 36.11 43.02 -42.80
C PRO O 514 35.80 43.97 -41.65
N ALA O 515 36.60 43.87 -40.59
CA ALA O 515 36.47 44.75 -39.44
C ALA O 515 37.39 45.95 -39.63
N GLU O 516 36.79 47.13 -39.75
CA GLU O 516 37.54 48.36 -40.03
C GLU O 516 37.80 49.18 -38.78
N PHE O 517 36.79 49.41 -37.96
CA PHE O 517 36.91 50.21 -36.74
C PHE O 517 36.85 49.28 -35.54
N VAL O 518 37.89 49.32 -34.71
CA VAL O 518 37.97 48.54 -33.48
C VAL O 518 37.86 49.51 -32.31
N ILE O 519 36.89 49.28 -31.42
CA ILE O 519 36.58 50.19 -30.33
C ILE O 519 36.69 49.43 -29.01
N PHE O 520 37.42 50.00 -28.06
CA PHE O 520 37.46 49.53 -26.69
C PHE O 520 36.74 50.54 -25.80
N ARG O 521 36.48 50.13 -24.56
CA ARG O 521 35.77 50.96 -23.60
C ARG O 521 36.63 51.41 -22.43
N LEU O 522 37.26 50.48 -21.72
CA LEU O 522 38.12 50.76 -20.57
C LEU O 522 37.34 51.55 -19.50
N ALA O 523 36.29 50.91 -19.00
CA ALA O 523 35.47 51.51 -17.96
C ALA O 523 35.91 51.04 -16.57
N GLN O 524 35.54 51.81 -15.57
CA GLN O 524 35.87 51.52 -14.17
C GLN O 524 34.59 51.13 -13.45
N PHE O 525 34.61 49.97 -12.80
CA PHE O 525 33.44 49.42 -12.15
C PHE O 525 33.80 48.89 -10.77
N SER O 526 32.80 48.79 -9.91
CA SER O 526 32.99 48.29 -8.56
C SER O 526 32.99 46.77 -8.53
N PRO P 2 -26.56 -49.92 -45.81
CA PRO P 2 -26.72 -51.37 -46.05
C PRO P 2 -28.03 -51.90 -45.50
N SER P 3 -28.36 -53.14 -45.85
CA SER P 3 -29.58 -53.80 -45.39
C SER P 3 -29.24 -54.82 -44.32
N TYR P 4 -29.94 -54.75 -43.19
CA TYR P 4 -29.76 -55.68 -42.07
C TYR P 4 -31.05 -56.44 -41.89
N LEU P 5 -31.03 -57.74 -42.11
CA LEU P 5 -32.22 -58.58 -42.00
C LEU P 5 -32.04 -59.83 -41.17
N SER P 6 -30.82 -60.31 -40.97
CA SER P 6 -30.58 -61.51 -40.19
C SER P 6 -29.47 -61.28 -39.18
N PRO P 7 -29.54 -61.91 -38.02
CA PRO P 7 -28.46 -61.74 -37.02
C PRO P 7 -27.14 -62.28 -37.52
N GLY P 8 -26.07 -61.65 -37.08
CA GLY P 8 -24.73 -62.06 -37.47
C GLY P 8 -23.75 -60.91 -37.32
N VAL P 9 -22.58 -61.11 -37.91
CA VAL P 9 -21.50 -60.13 -37.88
C VAL P 9 -21.24 -59.67 -39.31
N TYR P 10 -21.25 -58.36 -39.53
CA TYR P 10 -21.05 -57.77 -40.85
C TYR P 10 -19.82 -56.89 -40.82
N VAL P 11 -18.96 -57.04 -41.83
CA VAL P 11 -17.75 -56.24 -41.97
C VAL P 11 -17.87 -55.42 -43.24
N GLU P 12 -17.78 -54.10 -43.11
CA GLU P 12 -17.86 -53.19 -44.24
C GLU P 12 -16.73 -52.18 -44.17
N GLU P 13 -16.34 -51.66 -45.32
CA GLU P 13 -15.24 -50.71 -45.44
C GLU P 13 -15.80 -49.36 -45.85
N VAL P 14 -15.46 -48.33 -45.05
CA VAL P 14 -15.89 -46.98 -45.40
C VAL P 14 -14.93 -46.38 -46.42
N ALA P 15 -15.49 -45.80 -47.48
CA ALA P 15 -14.71 -45.26 -48.59
C ALA P 15 -13.87 -44.05 -48.19
N SER P 16 -14.13 -43.48 -47.01
CA SER P 16 -13.37 -42.32 -46.55
C SER P 16 -11.89 -42.65 -46.38
N GLY P 17 -11.04 -41.99 -47.14
CA GLY P 17 -9.61 -42.24 -47.09
C GLY P 17 -8.87 -41.32 -48.01
N SER P 18 -7.77 -41.82 -48.57
CA SER P 18 -6.93 -41.05 -49.48
C SER P 18 -6.84 -41.76 -50.82
N ARG P 19 -6.96 -40.99 -51.90
CA ARG P 19 -6.89 -41.50 -53.27
C ARG P 19 -5.89 -40.64 -54.03
N PRO P 20 -4.59 -40.95 -53.94
CA PRO P 20 -3.58 -40.10 -54.58
C PRO P 20 -3.71 -40.12 -56.10
N ILE P 21 -3.30 -39.00 -56.72
CA ILE P 21 -3.31 -38.84 -58.16
C ILE P 21 -1.87 -38.78 -58.65
N GLU P 22 -1.55 -39.60 -59.64
CA GLU P 22 -0.20 -39.70 -60.19
C GLU P 22 -0.09 -38.95 -61.51
N GLY P 23 1.14 -38.62 -61.88
CA GLY P 23 1.42 -37.94 -63.13
C GLY P 23 1.47 -38.89 -64.30
N VAL P 24 1.83 -38.32 -65.46
CA VAL P 24 1.92 -39.06 -66.70
C VAL P 24 3.26 -38.78 -67.36
N GLY P 25 3.70 -39.71 -68.21
CA GLY P 25 4.97 -39.54 -68.91
C GLY P 25 4.80 -38.69 -70.15
N THR P 26 5.66 -37.68 -70.28
CA THR P 26 5.59 -36.76 -71.41
C THR P 26 6.88 -36.78 -72.23
N SER P 27 7.40 -37.98 -72.51
CA SER P 27 8.64 -38.14 -73.25
C SER P 27 8.48 -39.13 -74.38
N VAL P 28 7.39 -39.04 -75.12
CA VAL P 28 7.11 -39.90 -76.27
C VAL P 28 6.85 -39.01 -77.48
N ALA P 29 7.51 -39.33 -78.60
CA ALA P 29 7.36 -38.58 -79.83
C ALA P 29 7.06 -39.54 -80.97
N ALA P 30 6.28 -39.04 -81.95
CA ALA P 30 5.87 -39.83 -83.09
C ALA P 30 6.37 -39.17 -84.37
N PHE P 31 7.17 -39.89 -85.14
CA PHE P 31 7.76 -39.39 -86.37
C PHE P 31 7.09 -40.06 -87.56
N VAL P 32 6.66 -39.26 -88.54
CA VAL P 32 6.04 -39.76 -89.76
C VAL P 32 6.98 -39.43 -90.92
N GLY P 33 7.34 -40.45 -91.69
CA GLY P 33 8.28 -40.24 -92.78
C GLY P 33 8.29 -41.42 -93.72
N LEU P 34 9.27 -41.40 -94.63
CA LEU P 34 9.46 -42.45 -95.61
C LEU P 34 10.74 -43.21 -95.32
N ALA P 35 10.69 -44.52 -95.49
CA ALA P 35 11.80 -45.42 -95.22
C ALA P 35 11.94 -46.39 -96.38
N PRO P 36 13.14 -46.93 -96.62
CA PRO P 36 13.31 -47.86 -97.74
C PRO P 36 12.48 -49.12 -97.62
N THR P 37 12.61 -49.86 -96.52
CA THR P 37 11.87 -51.09 -96.31
C THR P 37 11.38 -51.15 -94.87
N GLY P 38 10.28 -51.88 -94.67
CA GLY P 38 9.71 -52.03 -93.36
C GLY P 38 8.19 -52.13 -93.38
N PRO P 39 7.57 -52.21 -92.20
CA PRO P 39 6.10 -52.23 -92.14
C PRO P 39 5.50 -50.97 -92.73
N LEU P 40 4.34 -51.11 -93.36
CA LEU P 40 3.68 -50.03 -94.05
C LEU P 40 2.41 -49.63 -93.30
N ASN P 41 2.27 -48.33 -93.03
CA ASN P 41 1.08 -47.76 -92.38
C ASN P 41 0.81 -48.41 -91.03
N GLU P 42 1.88 -48.69 -90.27
CA GLU P 42 1.76 -49.27 -88.95
C GLU P 42 2.61 -48.45 -87.98
N PRO P 43 2.03 -47.94 -86.89
CA PRO P 43 2.82 -47.15 -85.94
C PRO P 43 3.72 -48.01 -85.07
N THR P 44 4.89 -48.36 -85.59
CA THR P 44 5.81 -49.21 -84.85
C THR P 44 6.40 -48.47 -83.66
N LEU P 45 6.79 -49.23 -82.63
CA LEU P 45 7.38 -48.67 -81.42
C LEU P 45 8.86 -49.03 -81.38
N VAL P 46 9.71 -48.02 -81.18
CA VAL P 46 11.16 -48.19 -81.14
C VAL P 46 11.67 -47.57 -79.84
N THR P 47 12.69 -48.22 -79.25
CA THR P 47 13.28 -47.72 -78.03
C THR P 47 14.80 -47.75 -78.06
N ASN P 48 15.42 -48.16 -79.17
CA ASN P 48 16.86 -48.21 -79.30
C ASN P 48 17.17 -48.34 -80.78
N TRP P 49 18.33 -47.82 -81.20
CA TRP P 49 18.68 -47.82 -82.65
C TRP P 49 18.67 -49.24 -83.21
N THR P 50 19.14 -50.23 -82.43
CA THR P 50 19.22 -51.57 -82.99
C THR P 50 17.87 -52.03 -83.52
N GLN P 51 16.79 -51.72 -82.80
CA GLN P 51 15.45 -52.05 -83.28
C GLN P 51 15.14 -51.35 -84.59
N TYR P 52 15.48 -50.06 -84.69
CA TYR P 52 15.25 -49.32 -85.92
C TYR P 52 16.07 -49.89 -87.07
N VAL P 53 17.32 -50.27 -86.81
CA VAL P 53 18.14 -50.86 -87.86
C VAL P 53 17.54 -52.18 -88.32
N ALA P 54 17.09 -53.02 -87.39
CA ALA P 54 16.51 -54.30 -87.74
C ALA P 54 15.17 -54.15 -88.46
N ALA P 55 14.43 -53.09 -88.20
CA ALA P 55 13.09 -52.94 -88.78
C ALA P 55 13.10 -52.15 -90.08
N PHE P 56 13.56 -50.90 -90.04
CA PHE P 56 13.40 -49.98 -91.16
C PHE P 56 14.71 -49.71 -91.90
N GLY P 57 15.76 -50.48 -91.64
CA GLY P 57 17.03 -50.24 -92.29
C GLY P 57 17.76 -49.05 -91.67
N ASP P 58 18.84 -48.64 -92.34
CA ASP P 58 19.68 -47.56 -91.81
C ASP P 58 20.49 -46.96 -92.96
N PHE P 59 20.23 -45.69 -93.27
CA PHE P 59 21.08 -44.88 -94.14
C PHE P 59 21.37 -45.53 -95.49
N THR P 60 20.34 -45.74 -96.30
CA THR P 60 20.53 -46.29 -97.63
C THR P 60 19.76 -45.57 -98.73
N GLY P 61 18.74 -44.77 -98.41
CA GLY P 61 17.95 -44.12 -99.42
C GLY P 61 18.09 -42.62 -99.44
N GLY P 62 18.91 -42.08 -98.55
CA GLY P 62 19.09 -40.63 -98.46
C GLY P 62 17.84 -39.90 -98.02
N TYR P 63 17.14 -40.42 -97.02
CA TYR P 63 15.93 -39.81 -96.49
C TYR P 63 16.22 -39.14 -95.14
N TYR P 64 15.29 -38.29 -94.73
CA TYR P 64 15.46 -37.52 -93.51
C TYR P 64 14.91 -38.21 -92.27
N LEU P 65 14.29 -39.38 -92.41
CA LEU P 65 13.75 -40.08 -91.25
C LEU P 65 14.87 -40.67 -90.40
N ALA P 66 15.85 -41.31 -91.04
CA ALA P 66 16.94 -41.93 -90.30
C ALA P 66 17.76 -40.88 -89.55
N HIS P 67 18.05 -39.75 -90.20
CA HIS P 67 18.81 -38.69 -89.53
C HIS P 67 18.04 -38.15 -88.33
N SER P 68 16.73 -37.93 -88.49
CA SER P 68 15.93 -37.41 -87.39
C SER P 68 15.88 -38.39 -86.23
N VAL P 69 15.70 -39.69 -86.52
CA VAL P 69 15.66 -40.69 -85.46
C VAL P 69 17.00 -40.76 -84.74
N TYR P 70 18.10 -40.74 -85.49
CA TYR P 70 19.42 -40.78 -84.88
C TYR P 70 19.66 -39.56 -84.00
N GLY P 71 19.24 -38.38 -84.46
CA GLY P 71 19.37 -37.19 -83.64
C GLY P 71 18.52 -37.25 -82.39
N PHE P 72 17.31 -37.78 -82.51
CA PHE P 72 16.43 -37.91 -81.35
C PHE P 72 17.02 -38.83 -80.30
N PHE P 73 17.58 -39.96 -80.74
CA PHE P 73 18.22 -40.88 -79.80
C PHE P 73 19.57 -40.37 -79.32
N ASN P 74 20.18 -39.42 -80.02
CA ASN P 74 21.45 -38.86 -79.58
C ASN P 74 21.27 -37.85 -78.45
N ASN P 75 20.11 -37.20 -78.36
CA ASN P 75 19.86 -36.17 -77.37
C ASN P 75 19.14 -36.70 -76.13
N GLY P 76 19.15 -38.02 -75.93
CA GLY P 76 18.56 -38.60 -74.74
C GLY P 76 17.12 -39.02 -74.84
N GLY P 77 16.68 -39.44 -76.03
CA GLY P 77 15.32 -39.93 -76.17
C GLY P 77 15.10 -41.25 -75.45
N SER P 78 13.83 -41.52 -75.14
CA SER P 78 13.45 -42.71 -74.39
C SER P 78 12.66 -43.70 -75.24
N ALA P 79 11.56 -43.27 -75.85
CA ALA P 79 10.74 -44.14 -76.66
C ALA P 79 10.10 -43.32 -77.78
N ALA P 80 9.98 -43.94 -78.95
CA ALA P 80 9.47 -43.25 -80.12
C ALA P 80 8.51 -44.14 -80.89
N TYR P 81 7.63 -43.50 -81.64
CA TYR P 81 6.73 -44.15 -82.57
C TYR P 81 7.12 -43.76 -83.99
N VAL P 82 7.08 -44.72 -84.91
CA VAL P 82 7.50 -44.51 -86.29
C VAL P 82 6.36 -44.90 -87.21
N VAL P 83 6.05 -44.01 -88.17
CA VAL P 83 5.07 -44.28 -89.21
C VAL P 83 5.78 -44.11 -90.55
N ARG P 84 5.65 -45.12 -91.42
CA ARG P 84 6.29 -45.13 -92.73
C ARG P 84 5.21 -45.01 -93.80
N VAL P 85 5.10 -43.83 -94.41
CA VAL P 85 4.09 -43.61 -95.44
C VAL P 85 4.45 -44.39 -96.70
N GLY P 86 5.71 -44.33 -97.10
CA GLY P 86 6.13 -44.99 -98.32
C GLY P 86 7.64 -45.09 -98.40
N GLY P 87 8.13 -45.36 -99.60
CA GLY P 87 9.55 -45.46 -99.81
C GLY P 87 9.85 -46.27 -101.07
N SER P 88 11.13 -46.59 -101.23
CA SER P 88 11.58 -47.36 -102.39
C SER P 88 12.88 -48.06 -102.00
N ALA P 89 13.23 -49.09 -102.79
CA ALA P 89 14.44 -49.86 -102.60
C ALA P 89 15.22 -49.96 -103.89
N GLU P 90 15.22 -48.89 -104.68
CA GLU P 90 15.91 -48.88 -105.97
C GLU P 90 17.05 -47.87 -105.96
N GLY P 249 -1.21 -41.08 -91.26
CA GLY P 249 -1.07 -42.17 -90.31
C GLY P 249 -2.16 -42.20 -89.26
N GLY P 250 -2.34 -43.35 -88.62
CA GLY P 250 -3.35 -43.51 -87.60
C GLY P 250 -2.84 -43.21 -86.21
N LEU P 251 -2.42 -41.96 -85.96
CA LEU P 251 -1.91 -41.57 -84.66
C LEU P 251 -2.99 -41.24 -83.66
N GLU P 252 -4.27 -41.23 -84.08
CA GLU P 252 -5.36 -40.91 -83.17
C GLU P 252 -5.68 -42.06 -82.21
N ALA P 253 -5.24 -43.28 -82.52
CA ALA P 253 -5.49 -44.42 -81.65
C ALA P 253 -4.49 -44.54 -80.51
N ILE P 254 -3.43 -43.75 -80.52
CA ILE P 254 -2.40 -43.80 -79.50
C ILE P 254 -2.69 -42.72 -78.46
N ASP P 255 -2.33 -42.99 -77.21
CA ASP P 255 -2.61 -42.08 -76.10
C ASP P 255 -1.36 -41.46 -75.51
N GLU P 256 -0.26 -42.21 -75.43
CA GLU P 256 0.94 -41.72 -74.75
C GLU P 256 1.74 -40.73 -75.57
N ILE P 257 1.39 -40.52 -76.84
CA ILE P 257 2.16 -39.60 -77.68
C ILE P 257 2.02 -38.17 -77.14
N SER P 258 3.16 -37.49 -77.00
CA SER P 258 3.17 -36.12 -76.51
C SER P 258 3.58 -35.10 -77.57
N MET P 259 4.20 -35.54 -78.66
CA MET P 259 4.59 -34.63 -79.73
C MET P 259 4.68 -35.42 -81.03
N VAL P 260 4.42 -34.72 -82.14
CA VAL P 260 4.39 -35.33 -83.46
C VAL P 260 5.26 -34.51 -84.39
N ALA P 261 5.99 -35.20 -85.27
CA ALA P 261 6.85 -34.55 -86.24
C ALA P 261 6.79 -35.27 -87.57
N VAL P 262 7.04 -34.52 -88.65
CA VAL P 262 7.10 -35.06 -90.00
C VAL P 262 8.45 -34.65 -90.57
N PRO P 263 9.56 -35.29 -90.15
CA PRO P 263 10.88 -34.80 -90.55
C PRO P 263 11.12 -34.79 -92.05
N ASP P 264 10.59 -35.79 -92.77
CA ASP P 264 10.86 -35.91 -94.20
C ASP P 264 9.61 -35.43 -94.91
N LEU P 265 9.52 -34.12 -95.09
CA LEU P 265 8.52 -33.45 -95.90
C LEU P 265 9.13 -32.50 -96.91
N MET P 266 10.23 -31.83 -96.54
CA MET P 266 10.91 -30.93 -97.47
C MET P 266 11.63 -31.68 -98.57
N ALA P 267 11.87 -32.98 -98.39
CA ALA P 267 12.52 -33.78 -99.44
C ALA P 267 11.66 -33.82 -100.70
N ALA P 268 10.36 -34.07 -100.53
CA ALA P 268 9.46 -34.06 -101.69
C ALA P 268 9.39 -32.68 -102.32
N TYR P 269 9.47 -31.63 -101.50
CA TYR P 269 9.47 -30.28 -102.04
C TYR P 269 10.75 -29.99 -102.82
N GLN P 270 11.89 -30.57 -102.40
CA GLN P 270 13.15 -30.26 -103.04
C GLN P 270 13.27 -30.91 -104.42
N ARG P 271 12.88 -32.17 -104.54
CA ARG P 271 13.04 -32.91 -105.79
C ARG P 271 11.73 -33.16 -106.51
N GLY P 272 10.68 -33.53 -105.79
CA GLY P 272 9.40 -33.85 -106.42
C GLY P 272 8.61 -32.66 -106.93
N ALA P 273 8.97 -31.46 -106.50
CA ALA P 273 8.27 -30.24 -106.90
C ALA P 273 6.78 -30.33 -106.58
N ILE P 274 6.49 -30.46 -105.29
CA ILE P 274 5.12 -30.62 -104.80
C ILE P 274 4.50 -29.25 -104.46
N ASP P 275 5.15 -28.16 -104.88
CA ASP P 275 4.66 -26.80 -104.67
C ASP P 275 4.57 -26.46 -103.19
N LEU P 276 4.11 -25.26 -102.87
CA LEU P 276 3.97 -24.83 -101.48
C LEU P 276 2.57 -25.05 -100.92
N GLU P 277 1.56 -25.14 -101.79
CA GLU P 277 0.19 -25.32 -101.31
C GLU P 277 0.02 -26.66 -100.62
N ALA P 278 0.62 -27.72 -101.18
CA ALA P 278 0.52 -29.04 -100.55
C ALA P 278 1.19 -29.05 -99.18
N VAL P 279 2.37 -28.43 -99.07
CA VAL P 279 3.07 -28.37 -97.79
C VAL P 279 2.24 -27.58 -96.77
N LYS P 280 1.67 -26.45 -97.21
CA LYS P 280 0.85 -25.64 -96.31
C LYS P 280 -0.38 -26.43 -95.85
N ALA P 281 -1.02 -27.16 -96.76
CA ALA P 281 -2.19 -27.95 -96.40
C ALA P 281 -1.82 -29.06 -95.42
N VAL P 282 -0.70 -29.73 -95.64
CA VAL P 282 -0.28 -30.80 -94.74
C VAL P 282 0.01 -30.25 -93.35
N GLN P 283 0.73 -29.12 -93.28
CA GLN P 283 1.02 -28.53 -91.99
C GLN P 283 -0.23 -28.04 -91.29
N LEU P 284 -1.18 -27.46 -92.03
CA LEU P 284 -2.44 -27.03 -91.43
C LEU P 284 -3.25 -28.23 -90.91
N GLY P 285 -3.23 -29.34 -91.66
CA GLY P 285 -3.90 -30.54 -91.17
C GLY P 285 -3.27 -31.08 -89.90
N LEU P 286 -1.94 -31.08 -89.84
CA LEU P 286 -1.26 -31.50 -88.61
C LEU P 286 -1.62 -30.59 -87.44
N ILE P 287 -1.66 -29.28 -87.69
CA ILE P 287 -2.02 -28.32 -86.65
C ILE P 287 -3.45 -28.59 -86.16
N ALA P 288 -4.37 -28.83 -87.10
CA ALA P 288 -5.76 -29.09 -86.72
C ALA P 288 -5.88 -30.38 -85.93
N HIS P 289 -5.12 -31.41 -86.31
CA HIS P 289 -5.14 -32.66 -85.55
C HIS P 289 -4.61 -32.44 -84.14
N CYS P 290 -3.52 -31.67 -84.00
CA CYS P 290 -2.99 -31.38 -82.67
C CYS P 290 -3.99 -30.61 -81.83
N GLU P 291 -4.67 -29.63 -82.43
CA GLU P 291 -5.68 -28.87 -81.69
C GLU P 291 -6.84 -29.75 -81.28
N LEU P 292 -7.29 -30.65 -82.16
CA LEU P 292 -8.40 -31.53 -81.83
C LEU P 292 -8.04 -32.47 -80.70
N MET P 293 -6.83 -33.04 -80.73
CA MET P 293 -6.43 -33.96 -79.67
C MET P 293 -6.34 -33.25 -78.32
N GLY P 294 -5.79 -32.04 -78.31
CA GLY P 294 -5.70 -31.29 -77.07
C GLY P 294 -4.64 -31.78 -76.10
N ASP P 295 -3.71 -32.62 -76.56
CA ASP P 295 -2.67 -33.16 -75.70
C ASP P 295 -1.27 -33.06 -76.29
N ARG P 296 -1.12 -32.83 -77.60
CA ARG P 296 0.16 -32.90 -78.27
C ARG P 296 0.56 -31.53 -78.78
N VAL P 297 1.86 -31.37 -79.04
CA VAL P 297 2.44 -30.12 -79.49
C VAL P 297 3.23 -30.38 -80.77
N ALA P 298 3.06 -29.50 -81.75
CA ALA P 298 3.65 -29.67 -83.07
C ALA P 298 4.95 -28.89 -83.19
N ILE P 299 5.89 -29.44 -83.96
CA ILE P 299 7.17 -28.82 -84.25
C ILE P 299 7.23 -28.53 -85.75
N ILE P 300 7.55 -27.29 -86.10
CA ILE P 300 7.50 -26.84 -87.49
C ILE P 300 8.88 -26.30 -87.88
N ASP P 301 9.19 -26.46 -89.16
CA ASP P 301 10.42 -25.97 -89.77
C ASP P 301 10.09 -25.21 -91.05
N PRO P 302 10.90 -24.23 -91.42
CA PRO P 302 10.64 -23.44 -92.62
C PRO P 302 11.30 -24.06 -93.84
N PRO P 303 11.02 -23.55 -95.03
CA PRO P 303 11.72 -24.01 -96.24
C PRO P 303 13.21 -23.73 -96.12
N PRO P 304 14.06 -24.55 -96.78
CA PRO P 304 15.50 -24.50 -96.52
C PRO P 304 16.18 -23.16 -96.78
N ASN P 305 16.05 -22.63 -98.00
CA ASN P 305 16.88 -21.51 -98.40
C ASN P 305 16.15 -20.18 -98.21
N GLN P 306 16.31 -19.60 -97.02
CA GLN P 306 15.78 -18.27 -96.72
C GLN P 306 16.74 -17.55 -95.79
N ASN P 307 16.58 -16.23 -95.72
CA ASN P 307 17.33 -15.38 -94.81
C ASN P 307 16.38 -14.38 -94.18
N ALA P 308 16.95 -13.37 -93.53
CA ALA P 308 16.15 -12.34 -92.90
C ALA P 308 15.36 -11.56 -93.95
N ARG P 309 14.26 -10.95 -93.54
CA ARG P 309 13.36 -10.16 -94.40
C ARG P 309 12.60 -11.07 -95.38
N GLN P 310 12.88 -12.37 -95.35
CA GLN P 310 12.09 -13.34 -96.09
C GLN P 310 11.26 -14.22 -95.17
N ILE P 311 11.86 -14.82 -94.15
CA ILE P 311 11.10 -15.63 -93.21
C ILE P 311 10.06 -14.77 -92.50
N ARG P 312 10.45 -13.55 -92.11
CA ARG P 312 9.49 -12.62 -91.51
C ARG P 312 8.32 -12.34 -92.44
N VAL P 313 8.50 -12.47 -93.75
CA VAL P 313 7.38 -12.41 -94.67
C VAL P 313 6.65 -13.75 -94.71
N TRP P 314 7.41 -14.84 -94.82
CA TRP P 314 6.80 -16.16 -94.96
C TRP P 314 5.94 -16.52 -93.76
N ARG P 315 6.28 -16.00 -92.59
CA ARG P 315 5.50 -16.25 -91.38
C ARG P 315 4.20 -15.46 -91.35
N GLN P 316 4.14 -14.30 -92.01
CA GLN P 316 3.00 -13.40 -91.83
C GLN P 316 2.06 -13.34 -93.02
N GLU P 317 2.58 -13.37 -94.25
CA GLU P 317 1.72 -13.31 -95.43
C GLU P 317 1.35 -14.68 -95.98
N THR P 318 1.99 -15.74 -95.53
CA THR P 318 1.73 -17.06 -96.10
C THR P 318 1.43 -18.13 -95.07
N ALA P 319 2.03 -18.07 -93.89
CA ALA P 319 1.99 -19.14 -92.91
C ALA P 319 1.67 -18.59 -91.52
N GLY P 320 0.60 -17.81 -91.42
CA GLY P 320 0.24 -17.22 -90.13
C GLY P 320 0.08 -18.25 -89.03
N TYR P 321 -0.63 -19.35 -89.34
CA TYR P 321 -0.66 -20.52 -88.48
C TYR P 321 -1.27 -20.27 -87.11
N ASP P 322 -0.57 -19.50 -86.27
CA ASP P 322 -0.88 -19.29 -84.86
C ASP P 322 -1.35 -20.59 -84.20
N SER P 323 -2.56 -20.60 -83.65
CA SER P 323 -3.26 -21.74 -83.04
C SER P 323 -2.67 -22.15 -81.70
N LYS P 324 -1.59 -21.53 -81.23
CA LYS P 324 -1.02 -21.69 -79.89
C LYS P 324 -0.53 -23.12 -79.62
N TYR P 325 -0.60 -24.01 -80.60
CA TYR P 325 -0.24 -25.41 -80.44
C TYR P 325 0.92 -25.80 -81.33
N ALA P 326 1.93 -24.94 -81.45
CA ALA P 326 3.05 -25.23 -82.33
C ALA P 326 4.28 -24.47 -81.87
N ALA P 327 5.43 -24.91 -82.37
CA ALA P 327 6.69 -24.22 -82.15
C ALA P 327 7.53 -24.35 -83.41
N LEU P 328 7.99 -23.21 -83.94
CA LEU P 328 8.72 -23.16 -85.20
C LEU P 328 10.19 -22.90 -84.92
N TYR P 329 11.06 -23.68 -85.57
CA TYR P 329 12.51 -23.54 -85.40
C TYR P 329 13.12 -23.19 -86.75
N TYR P 330 13.69 -22.00 -86.86
CA TYR P 330 14.10 -21.41 -88.14
C TYR P 330 15.31 -22.09 -88.78
N PRO P 331 16.51 -22.05 -88.19
CA PRO P 331 17.70 -22.43 -88.96
C PRO P 331 17.89 -23.93 -89.06
N TRP P 332 18.40 -24.37 -90.21
CA TRP P 332 18.69 -25.77 -90.45
C TRP P 332 20.05 -26.15 -89.87
N ILE P 333 20.26 -27.45 -89.69
CA ILE P 333 21.47 -27.97 -89.04
C ILE P 333 22.22 -28.83 -90.03
N LYS P 334 23.52 -28.57 -90.18
CA LYS P 334 24.38 -29.40 -91.02
C LYS P 334 24.94 -30.53 -90.18
N SER P 335 24.73 -31.78 -90.63
CA SER P 335 25.10 -32.96 -89.88
C SER P 335 25.82 -33.94 -90.79
N PHE P 336 26.50 -34.90 -90.16
CA PHE P 336 27.32 -35.89 -90.85
C PHE P 336 26.47 -37.08 -91.28
N ASP P 337 26.90 -37.72 -92.36
CA ASP P 337 26.25 -38.92 -92.88
C ASP P 337 27.33 -39.97 -93.09
N PRO P 338 27.25 -41.11 -92.38
CA PRO P 338 28.30 -42.15 -92.55
C PRO P 338 28.12 -42.99 -93.79
N ALA P 339 26.93 -43.00 -94.41
CA ALA P 339 26.74 -43.77 -95.63
C ALA P 339 27.67 -43.27 -96.74
N THR P 340 27.77 -41.95 -96.90
CA THR P 340 28.76 -41.34 -97.76
C THR P 340 29.87 -40.64 -96.98
N GLY P 341 29.75 -40.55 -95.66
CA GLY P 341 30.73 -39.85 -94.86
C GLY P 341 30.86 -38.38 -95.21
N GLN P 342 29.73 -37.70 -95.41
CA GLN P 342 29.74 -36.32 -95.88
C GLN P 342 28.76 -35.48 -95.08
N SER P 343 28.99 -34.17 -95.07
CA SER P 343 28.12 -33.25 -94.34
C SER P 343 27.02 -32.74 -95.24
N ARG P 344 25.81 -32.69 -94.70
CA ARG P 344 24.65 -32.21 -95.47
C ARG P 344 23.63 -31.62 -94.51
N LEU P 345 22.74 -30.79 -95.06
CA LEU P 345 21.79 -30.03 -94.26
C LEU P 345 20.53 -30.83 -94.01
N VAL P 346 20.04 -30.77 -92.77
CA VAL P 346 18.78 -31.40 -92.38
C VAL P 346 18.00 -30.44 -91.51
N PRO P 347 16.66 -30.55 -91.55
CA PRO P 347 15.85 -29.69 -90.69
C PRO P 347 16.00 -30.06 -89.23
N PRO P 348 15.77 -29.12 -88.31
CA PRO P 348 15.87 -29.42 -86.86
C PRO P 348 14.55 -29.93 -86.29
N SER P 349 14.23 -31.19 -86.58
CA SER P 349 12.97 -31.80 -86.16
C SER P 349 13.15 -32.74 -84.98
N GLY P 350 14.05 -33.72 -85.09
CA GLY P 350 14.25 -34.66 -84.01
C GLY P 350 15.11 -34.12 -82.88
N HIS P 351 16.03 -33.20 -83.18
CA HIS P 351 16.93 -32.68 -82.15
C HIS P 351 16.16 -31.90 -81.09
N VAL P 352 15.19 -31.10 -81.50
CA VAL P 352 14.41 -30.33 -80.53
C VAL P 352 13.56 -31.26 -79.67
N ALA P 353 13.01 -32.32 -80.27
CA ALA P 353 12.26 -33.30 -79.49
C ALA P 353 13.17 -33.99 -78.47
N GLY P 354 14.38 -34.35 -78.87
CA GLY P 354 15.32 -34.93 -77.93
C GLY P 354 15.69 -33.98 -76.81
N ILE P 355 15.86 -32.71 -77.14
CA ILE P 355 16.16 -31.70 -76.12
C ILE P 355 14.99 -31.58 -75.15
N TRP P 356 13.76 -31.58 -75.66
CA TRP P 356 12.58 -31.53 -74.79
C TRP P 356 12.53 -32.73 -73.87
N ALA P 357 12.80 -33.93 -74.40
CA ALA P 357 12.79 -35.13 -73.56
C ALA P 357 13.88 -35.07 -72.50
N ARG P 358 15.07 -34.59 -72.87
CA ARG P 358 16.16 -34.46 -71.91
C ARG P 358 15.81 -33.47 -70.80
N ASN P 359 15.20 -32.34 -71.16
CA ASN P 359 14.79 -31.36 -70.16
C ASN P 359 13.71 -31.93 -69.24
N ASP P 360 12.77 -32.68 -69.81
CA ASP P 360 11.73 -33.28 -69.00
C ASP P 360 12.24 -34.39 -68.10
N SER P 361 13.34 -35.03 -68.48
CA SER P 361 13.89 -36.10 -67.67
C SER P 361 14.78 -35.56 -66.57
N GLU P 362 15.76 -34.72 -66.92
CA GLU P 362 16.69 -34.19 -65.92
C GLU P 362 15.98 -33.31 -64.91
N ARG P 363 15.22 -32.33 -65.39
CA ARG P 363 14.47 -31.40 -64.55
C ARG P 363 12.98 -31.60 -64.78
N GLY P 364 12.18 -30.80 -64.08
CA GLY P 364 10.74 -30.86 -64.24
C GLY P 364 10.29 -30.29 -65.57
N VAL P 365 9.04 -30.59 -65.92
CA VAL P 365 8.45 -30.09 -67.15
C VAL P 365 8.22 -28.59 -67.14
N HIS P 366 8.31 -27.95 -65.97
CA HIS P 366 8.11 -26.52 -65.86
C HIS P 366 9.31 -25.71 -66.30
N LYS P 367 10.45 -26.34 -66.55
CA LYS P 367 11.65 -25.65 -66.99
C LYS P 367 11.60 -25.47 -68.51
N ALA P 368 11.75 -24.23 -68.95
CA ALA P 368 11.69 -23.93 -70.38
C ALA P 368 12.99 -24.37 -71.06
N PRO P 369 12.90 -25.18 -72.12
CA PRO P 369 14.13 -25.58 -72.83
C PRO P 369 14.71 -24.43 -73.65
N ALA P 370 15.24 -23.42 -72.96
CA ALA P 370 15.75 -22.22 -73.62
C ALA P 370 17.24 -22.24 -73.88
N ASN P 371 18.02 -22.87 -73.01
CA ASN P 371 19.48 -22.89 -73.13
C ASN P 371 19.94 -24.35 -73.10
N GLU P 372 19.94 -24.99 -74.28
CA GLU P 372 20.41 -26.36 -74.40
C GLU P 372 21.28 -26.48 -75.65
N VAL P 373 22.25 -27.38 -75.58
CA VAL P 373 23.24 -27.57 -76.63
C VAL P 373 22.79 -28.68 -77.56
N VAL P 374 22.83 -28.42 -78.87
CA VAL P 374 22.41 -29.44 -79.87
C VAL P 374 23.56 -30.43 -80.07
N ARG P 375 23.43 -31.63 -79.51
CA ARG P 375 24.49 -32.67 -79.65
C ARG P 375 24.66 -33.02 -81.12
N GLY P 376 25.90 -33.07 -81.61
CA GLY P 376 26.16 -33.43 -83.01
C GLY P 376 26.00 -32.25 -83.95
N ALA P 377 25.63 -31.08 -83.41
CA ALA P 377 25.49 -29.86 -84.25
C ALA P 377 26.87 -29.44 -84.75
N VAL P 378 27.09 -29.46 -86.06
CA VAL P 378 28.42 -29.09 -86.63
C VAL P 378 28.39 -27.63 -87.06
N ASP P 379 27.64 -27.30 -88.12
CA ASP P 379 27.57 -25.94 -88.61
C ASP P 379 26.11 -25.51 -88.69
N LEU P 380 25.90 -24.29 -89.20
CA LEU P 380 24.56 -23.75 -89.37
C LEU P 380 24.32 -23.12 -90.74
N GLU P 381 25.37 -22.74 -91.47
CA GLU P 381 25.26 -22.10 -92.79
C GLU P 381 24.51 -20.77 -92.73
N LEU P 382 24.47 -20.15 -91.56
CA LEU P 382 23.83 -18.85 -91.39
C LEU P 382 24.19 -18.30 -90.02
N GLN P 383 24.32 -16.98 -89.93
CA GLN P 383 24.68 -16.31 -88.68
C GLN P 383 23.68 -15.20 -88.40
N ILE P 384 23.30 -15.07 -87.13
CA ILE P 384 22.31 -14.09 -86.69
C ILE P 384 22.98 -13.15 -85.70
N THR P 385 22.83 -11.85 -85.93
CA THR P 385 23.35 -10.84 -85.02
C THR P 385 22.29 -10.53 -83.96
N ARG P 386 22.56 -9.48 -83.16
CA ARG P 386 21.60 -9.10 -82.10
C ARG P 386 20.38 -8.43 -82.73
N GLY P 387 20.59 -7.56 -83.73
CA GLY P 387 19.47 -6.85 -84.34
C GLY P 387 18.50 -7.77 -85.05
N GLU P 388 19.03 -8.74 -85.81
CA GLU P 388 18.16 -9.69 -86.50
C GLU P 388 17.35 -10.52 -85.51
N GLN P 389 17.97 -10.95 -84.42
CA GLN P 389 17.23 -11.66 -83.37
C GLN P 389 16.17 -10.76 -82.75
N ASP P 390 16.50 -9.49 -82.50
CA ASP P 390 15.53 -8.54 -81.98
C ASP P 390 14.40 -8.27 -82.97
N LEU P 391 14.61 -8.54 -84.25
CA LEU P 391 13.52 -8.45 -85.22
C LEU P 391 12.68 -9.71 -85.28
N LEU P 392 13.25 -10.86 -84.92
CA LEU P 392 12.53 -12.13 -84.95
C LEU P 392 11.93 -12.51 -83.61
N ASN P 393 12.44 -11.95 -82.51
CA ASN P 393 11.90 -12.28 -81.20
C ASN P 393 10.45 -11.87 -81.00
N PRO P 394 9.98 -10.68 -81.42
CA PRO P 394 8.58 -10.33 -81.19
C PRO P 394 7.59 -11.30 -81.82
N ILE P 395 7.95 -11.93 -82.93
CA ILE P 395 7.12 -12.96 -83.54
C ILE P 395 7.58 -14.31 -83.01
N GLY P 396 6.73 -15.32 -83.17
CA GLY P 396 7.01 -16.63 -82.60
C GLY P 396 8.04 -17.43 -83.36
N VAL P 397 9.22 -16.84 -83.59
CA VAL P 397 10.31 -17.51 -84.30
C VAL P 397 11.46 -17.66 -83.32
N ASN P 398 11.80 -18.91 -83.00
CA ASN P 398 12.94 -19.20 -82.15
C ASN P 398 14.23 -19.17 -82.99
N CYS P 399 15.36 -19.44 -82.34
CA CYS P 399 16.64 -19.37 -83.05
C CYS P 399 17.60 -20.40 -82.50
N ILE P 400 18.59 -20.74 -83.30
CA ILE P 400 19.71 -21.58 -82.90
C ILE P 400 20.98 -20.75 -83.12
N ARG P 401 21.61 -20.34 -82.03
CA ARG P 401 22.67 -19.35 -82.07
C ARG P 401 24.02 -19.97 -81.74
N SER P 402 25.06 -19.48 -82.40
CA SER P 402 26.43 -19.88 -82.14
C SER P 402 27.12 -18.83 -81.29
N PHE P 403 27.63 -19.25 -80.13
CA PHE P 403 28.29 -18.37 -79.19
C PHE P 403 29.78 -18.67 -79.13
N PRO P 404 30.63 -17.65 -79.17
CA PRO P 404 32.09 -17.90 -79.21
C PRO P 404 32.65 -18.33 -77.87
N GLY P 405 32.57 -19.63 -77.59
CA GLY P 405 33.04 -20.16 -76.33
C GLY P 405 32.05 -21.12 -75.72
N ARG P 406 30.83 -21.15 -76.26
CA ARG P 406 29.79 -22.05 -75.81
C ARG P 406 29.17 -22.88 -76.91
N GLY P 407 29.43 -22.57 -78.18
CA GLY P 407 28.97 -23.42 -79.26
C GLY P 407 27.56 -23.14 -79.71
N ILE P 408 26.88 -24.18 -80.22
CA ILE P 408 25.54 -24.04 -80.78
C ILE P 408 24.52 -24.30 -79.68
N ARG P 409 23.61 -23.36 -79.47
CA ARG P 409 22.62 -23.45 -78.40
C ARG P 409 21.26 -22.98 -78.90
N VAL P 410 20.21 -23.53 -78.30
CA VAL P 410 18.86 -23.04 -78.58
C VAL P 410 18.69 -21.65 -77.97
N TRP P 411 17.73 -20.89 -78.48
CA TRP P 411 17.53 -19.52 -78.01
C TRP P 411 16.12 -19.07 -78.32
N GLY P 412 15.37 -18.69 -77.28
CA GLY P 412 14.11 -17.98 -77.44
C GLY P 412 12.90 -18.63 -76.80
N ALA P 413 12.75 -19.94 -76.95
CA ALA P 413 11.71 -20.72 -76.27
C ALA P 413 10.35 -20.04 -76.31
N ARG P 414 9.81 -19.87 -77.51
CA ARG P 414 8.50 -19.25 -77.70
C ARG P 414 7.65 -20.11 -78.62
N THR P 415 6.40 -19.68 -78.83
CA THR P 415 5.44 -20.41 -79.62
C THR P 415 4.70 -19.47 -80.56
N LEU P 416 3.85 -20.04 -81.41
CA LEU P 416 3.05 -19.29 -82.36
C LEU P 416 1.67 -19.03 -81.75
N SER P 417 1.50 -17.86 -81.14
CA SER P 417 0.23 -17.51 -80.53
C SER P 417 0.14 -16.00 -80.40
N SER P 418 -0.87 -15.39 -81.04
CA SER P 418 -1.07 -13.96 -80.92
C SER P 418 -1.56 -13.59 -79.53
N ASP P 419 -2.37 -14.45 -78.92
CA ASP P 419 -2.91 -14.19 -77.59
C ASP P 419 -1.77 -14.15 -76.56
N PRO P 420 -1.62 -13.07 -75.80
CA PRO P 420 -0.54 -13.00 -74.81
C PRO P 420 -0.69 -13.97 -73.64
N ALA P 421 -1.79 -14.72 -73.56
CA ALA P 421 -1.97 -15.65 -72.45
C ALA P 421 -1.09 -16.87 -72.57
N TRP P 422 -0.79 -17.31 -73.79
CA TRP P 422 0.00 -18.53 -74.00
C TRP P 422 1.27 -18.23 -74.77
N ARG P 423 1.99 -17.19 -74.38
CA ARG P 423 3.21 -16.80 -75.08
C ARG P 423 4.29 -17.88 -74.96
N TYR P 424 4.42 -18.48 -73.77
CA TYR P 424 5.54 -19.37 -73.49
C TYR P 424 5.13 -20.83 -73.61
N LEU P 425 6.11 -21.67 -73.95
CA LEU P 425 5.86 -23.10 -74.16
C LEU P 425 5.68 -23.84 -72.84
N ASN P 426 6.45 -23.46 -71.82
CA ASN P 426 6.43 -24.22 -70.57
C ASN P 426 5.07 -24.14 -69.89
N ILE P 427 4.40 -22.99 -69.99
CA ILE P 427 3.06 -22.86 -69.41
C ILE P 427 2.10 -23.84 -70.08
N ARG P 428 2.15 -23.91 -71.41
CA ARG P 428 1.29 -24.84 -72.14
C ARG P 428 1.58 -26.29 -71.76
N ARG P 429 2.87 -26.64 -71.68
CA ARG P 429 3.22 -28.01 -71.32
C ARG P 429 2.74 -28.37 -69.92
N TYR P 430 2.94 -27.47 -68.96
CA TYR P 430 2.51 -27.72 -67.59
C TYR P 430 0.98 -27.84 -67.51
N PHE P 431 0.26 -26.97 -68.23
CA PHE P 431 -1.19 -27.05 -68.24
C PHE P 431 -1.68 -28.35 -68.85
N ASN P 432 -1.04 -28.79 -69.94
CA ASN P 432 -1.39 -30.08 -70.53
C ASN P 432 -1.16 -31.23 -69.56
N TYR P 433 -0.03 -31.20 -68.86
CA TYR P 433 0.28 -32.24 -67.88
C TYR P 433 -0.76 -32.27 -66.76
N LEU P 434 -1.11 -31.09 -66.22
CA LEU P 434 -2.09 -31.03 -65.15
C LEU P 434 -3.46 -31.51 -65.63
N GLU P 435 -3.88 -31.09 -66.82
CA GLU P 435 -5.18 -31.50 -67.33
C GLU P 435 -5.23 -33.00 -67.54
N GLU P 436 -4.17 -33.58 -68.11
CA GLU P 436 -4.15 -35.03 -68.32
C GLU P 436 -4.20 -35.78 -66.99
N SER P 437 -3.41 -35.33 -66.01
CA SER P 437 -3.41 -36.00 -64.71
C SER P 437 -4.79 -35.94 -64.05
N ILE P 438 -5.41 -34.76 -64.08
CA ILE P 438 -6.72 -34.59 -63.45
C ILE P 438 -7.76 -35.44 -64.17
N LEU P 439 -7.75 -35.46 -65.50
CA LEU P 439 -8.71 -36.25 -66.24
C LEU P 439 -8.56 -37.74 -65.97
N ILE P 440 -7.32 -38.22 -65.90
CA ILE P 440 -7.10 -39.64 -65.67
C ILE P 440 -7.47 -40.05 -64.23
N GLY P 441 -7.09 -39.26 -63.23
CA GLY P 441 -7.27 -39.68 -61.86
C GLY P 441 -8.45 -39.09 -61.12
N THR P 442 -9.61 -38.99 -61.77
CA THR P 442 -10.79 -38.43 -61.13
C THR P 442 -12.07 -39.20 -61.44
N GLN P 443 -12.01 -40.22 -62.28
CA GLN P 443 -13.23 -40.84 -62.81
C GLN P 443 -14.11 -41.46 -61.74
N TRP P 444 -13.58 -41.71 -60.54
CA TRP P 444 -14.37 -42.36 -59.50
C TRP P 444 -15.46 -41.46 -58.92
N VAL P 445 -15.45 -40.15 -59.23
CA VAL P 445 -16.36 -39.22 -58.59
C VAL P 445 -17.76 -39.24 -59.20
N VAL P 446 -17.92 -39.79 -60.41
CA VAL P 446 -19.20 -39.78 -61.09
C VAL P 446 -20.16 -40.72 -60.39
N PHE P 447 -21.45 -40.34 -60.37
CA PHE P 447 -22.52 -41.12 -59.77
C PHE P 447 -22.27 -41.35 -58.28
N GLU P 448 -22.28 -40.25 -57.55
CA GLU P 448 -22.08 -40.22 -56.11
C GLU P 448 -23.25 -39.53 -55.43
N PRO P 449 -23.46 -39.76 -54.13
CA PRO P 449 -24.62 -39.17 -53.45
C PRO P 449 -24.65 -37.65 -53.48
N ASN P 450 -23.52 -36.99 -53.73
CA ASN P 450 -23.44 -35.53 -53.90
C ASN P 450 -23.87 -34.82 -52.62
N ASP P 451 -23.11 -35.09 -51.56
CA ASP P 451 -23.28 -34.39 -50.30
C ASP P 451 -21.99 -33.65 -49.97
N HIS P 452 -21.95 -32.94 -48.84
CA HIS P 452 -20.77 -32.17 -48.45
C HIS P 452 -19.56 -33.05 -48.15
N ASN P 453 -19.76 -34.33 -47.83
CA ASN P 453 -18.63 -35.24 -47.66
C ASN P 453 -17.86 -35.39 -48.96
N LEU P 454 -18.57 -35.49 -50.09
CA LEU P 454 -17.90 -35.58 -51.38
C LEU P 454 -17.11 -34.31 -51.67
N TRP P 455 -17.67 -33.15 -51.35
CA TRP P 455 -16.94 -31.90 -51.53
C TRP P 455 -15.68 -31.88 -50.69
N ALA P 456 -15.77 -32.31 -49.43
CA ALA P 456 -14.59 -32.34 -48.58
C ALA P 456 -13.53 -33.28 -49.13
N ARG P 457 -13.94 -34.46 -49.61
CA ARG P 457 -12.97 -35.41 -50.17
C ARG P 457 -12.29 -34.84 -51.40
N ILE P 458 -13.06 -34.23 -52.30
CA ILE P 458 -12.48 -33.66 -53.51
C ILE P 458 -11.50 -32.54 -53.17
N ARG P 459 -11.90 -31.66 -52.22
CA ARG P 459 -11.02 -30.58 -51.82
C ARG P 459 -9.72 -31.12 -51.22
N ARG P 460 -9.82 -32.14 -50.37
CA ARG P 460 -8.64 -32.72 -49.75
C ARG P 460 -7.70 -33.30 -50.81
N ASN P 461 -8.25 -34.04 -51.78
CA ASN P 461 -7.41 -34.65 -52.80
C ASN P 461 -6.72 -33.60 -53.66
N VAL P 462 -7.47 -32.59 -54.10
CA VAL P 462 -6.89 -31.56 -54.95
C VAL P 462 -5.84 -30.76 -54.18
N SER P 463 -6.12 -30.45 -52.90
CA SER P 463 -5.15 -29.71 -52.10
C SER P 463 -3.87 -30.52 -51.90
N ALA P 464 -3.99 -31.82 -51.65
CA ALA P 464 -2.79 -32.65 -51.50
C ALA P 464 -1.98 -32.68 -52.78
N PHE P 465 -2.64 -32.85 -53.93
CA PHE P 465 -1.92 -32.86 -55.20
C PHE P 465 -1.21 -31.52 -55.44
N LEU P 466 -1.91 -30.41 -55.18
CA LEU P 466 -1.31 -29.10 -55.43
C LEU P 466 -0.16 -28.82 -54.47
N VAL P 467 -0.27 -29.26 -53.22
CA VAL P 467 0.82 -29.09 -52.27
C VAL P 467 2.04 -29.89 -52.71
N ASN P 468 1.82 -31.13 -53.16
CA ASN P 468 2.93 -31.95 -53.64
C ASN P 468 3.59 -31.31 -54.85
N GLU P 469 2.80 -30.73 -55.76
CA GLU P 469 3.36 -30.05 -56.91
C GLU P 469 4.14 -28.81 -56.50
N TRP P 470 3.62 -28.05 -55.52
CA TRP P 470 4.26 -26.80 -55.13
C TRP P 470 5.56 -27.02 -54.38
N ARG P 471 5.65 -28.10 -53.60
CA ARG P 471 6.86 -28.32 -52.80
C ARG P 471 8.09 -28.57 -53.64
N ASN P 472 7.94 -28.85 -54.94
CA ASN P 472 9.08 -29.02 -55.84
C ASN P 472 9.53 -27.71 -56.46
N GLY P 473 8.90 -26.59 -56.12
CA GLY P 473 9.29 -25.31 -56.68
C GLY P 473 8.72 -24.98 -58.04
N ALA P 474 7.61 -25.60 -58.42
CA ALA P 474 6.98 -25.37 -59.71
C ALA P 474 5.92 -24.28 -59.68
N LEU P 475 5.67 -23.67 -58.51
CA LEU P 475 4.68 -22.62 -58.37
C LEU P 475 5.31 -21.42 -57.66
N PHE P 476 4.86 -20.23 -58.05
CA PHE P 476 5.42 -18.98 -57.54
C PHE P 476 4.68 -18.58 -56.28
N GLY P 477 5.35 -18.67 -55.14
CA GLY P 477 4.77 -18.25 -53.88
C GLY P 477 5.59 -18.67 -52.68
N GLN P 478 5.71 -17.79 -51.67
CA GLN P 478 6.49 -18.12 -50.45
C GLN P 478 5.69 -19.06 -49.56
N SER P 479 4.35 -18.99 -49.63
CA SER P 479 3.48 -19.81 -48.81
C SER P 479 2.46 -20.51 -49.68
N PRO P 480 1.95 -21.66 -49.24
CA PRO P 480 0.92 -22.37 -50.02
C PRO P 480 -0.33 -21.53 -50.26
N ASP P 481 -0.62 -20.61 -49.35
CA ASP P 481 -1.79 -19.76 -49.50
C ASP P 481 -1.67 -18.82 -50.69
N GLN P 482 -0.44 -18.43 -51.05
CA GLN P 482 -0.21 -17.53 -52.16
C GLN P 482 0.07 -18.25 -53.48
N ALA P 483 0.05 -19.58 -53.48
CA ALA P 483 0.38 -20.35 -54.68
C ALA P 483 -0.84 -20.93 -55.39
N TYR P 484 -1.90 -21.25 -54.67
CA TYR P 484 -3.06 -21.88 -55.26
C TYR P 484 -4.28 -21.61 -54.40
N TYR P 485 -5.46 -21.85 -54.97
CA TYR P 485 -6.71 -21.75 -54.22
C TYR P 485 -7.74 -22.68 -54.83
N VAL P 486 -8.38 -23.48 -53.99
CA VAL P 486 -9.40 -24.44 -54.39
C VAL P 486 -10.67 -24.13 -53.62
N LYS P 487 -11.79 -23.97 -54.35
CA LYS P 487 -13.06 -23.60 -53.76
C LYS P 487 -14.10 -24.64 -54.13
N CYS P 488 -14.71 -25.27 -53.12
CA CYS P 488 -15.81 -26.21 -53.34
C CYS P 488 -16.64 -26.21 -52.05
N ASP P 489 -17.75 -25.49 -52.05
CA ASP P 489 -18.58 -25.34 -50.86
C ASP P 489 -19.98 -24.94 -51.30
N GLU P 490 -20.79 -24.50 -50.34
CA GLU P 490 -22.16 -24.09 -50.64
C GLU P 490 -22.23 -22.75 -51.33
N GLU P 491 -21.14 -21.97 -51.33
CA GLU P 491 -21.15 -20.69 -52.02
C GLU P 491 -21.11 -20.87 -53.54
N THR P 492 -20.35 -21.83 -54.03
CA THR P 492 -20.26 -22.11 -55.46
C THR P 492 -21.17 -23.24 -55.92
N ASN P 493 -21.95 -23.83 -55.01
CA ASN P 493 -22.87 -24.92 -55.33
C ASN P 493 -24.24 -24.60 -54.76
N PRO P 494 -24.99 -23.72 -55.41
CA PRO P 494 -26.33 -23.39 -54.93
C PRO P 494 -27.27 -24.56 -55.09
N PRO P 495 -28.39 -24.59 -54.36
CA PRO P 495 -29.32 -25.71 -54.50
C PRO P 495 -29.87 -25.89 -55.90
N GLU P 496 -30.05 -24.80 -56.65
CA GLU P 496 -30.51 -24.91 -58.03
C GLU P 496 -29.49 -25.67 -58.88
N SER P 497 -28.20 -25.40 -58.68
CA SER P 497 -27.18 -26.11 -59.43
C SER P 497 -27.10 -27.57 -59.03
N VAL P 498 -27.21 -27.87 -57.74
CA VAL P 498 -27.10 -29.25 -57.29
C VAL P 498 -28.36 -30.04 -57.62
N ASP P 499 -29.45 -29.34 -57.95
CA ASP P 499 -30.65 -30.04 -58.39
C ASP P 499 -30.39 -30.83 -59.67
N LEU P 500 -29.66 -30.25 -60.61
CA LEU P 500 -29.34 -30.93 -61.86
C LEU P 500 -28.20 -31.93 -61.73
N GLY P 501 -27.55 -31.99 -60.56
CA GLY P 501 -26.44 -32.91 -60.38
C GLY P 501 -25.15 -32.41 -61.00
N ARG P 502 -24.64 -31.30 -60.49
CA ARG P 502 -23.43 -30.69 -61.02
C ARG P 502 -22.45 -30.38 -59.90
N VAL P 503 -21.16 -30.54 -60.19
CA VAL P 503 -20.08 -30.21 -59.28
C VAL P 503 -19.11 -29.30 -60.02
N VAL P 504 -18.65 -28.25 -59.36
CA VAL P 504 -17.81 -27.22 -59.99
C VAL P 504 -16.34 -27.34 -59.56
N CYS P 505 -16.06 -27.18 -58.27
CA CYS P 505 -14.71 -27.33 -57.71
C CYS P 505 -13.72 -26.39 -58.42
N GLU P 506 -13.95 -25.09 -58.22
CA GLU P 506 -13.11 -24.09 -58.85
C GLU P 506 -11.67 -24.21 -58.38
N ILE P 507 -10.73 -24.14 -59.32
CA ILE P 507 -9.31 -24.30 -59.04
C ILE P 507 -8.56 -23.16 -59.69
N GLY P 508 -7.63 -22.56 -58.95
CA GLY P 508 -6.77 -21.51 -59.49
C GLY P 508 -5.34 -21.66 -59.05
N ILE P 509 -4.40 -21.55 -59.99
CA ILE P 509 -2.98 -21.74 -59.71
C ILE P 509 -2.21 -20.54 -60.25
N ALA P 510 -1.00 -20.37 -59.73
CA ALA P 510 -0.09 -19.31 -60.17
C ALA P 510 1.18 -19.92 -60.73
N PRO P 511 1.36 -19.94 -62.05
CA PRO P 511 2.54 -20.58 -62.64
C PRO P 511 3.77 -19.69 -62.53
N VAL P 512 4.90 -20.23 -63.00
CA VAL P 512 6.18 -19.52 -63.02
C VAL P 512 6.58 -19.30 -64.47
N LYS P 513 7.24 -18.17 -64.72
CA LYS P 513 7.65 -17.84 -66.07
C LYS P 513 9.17 -17.69 -66.14
N PRO P 514 9.78 -18.05 -67.26
CA PRO P 514 11.24 -17.96 -67.36
C PRO P 514 11.73 -16.53 -67.38
N ALA P 515 12.96 -16.34 -66.92
CA ALA P 515 13.60 -15.04 -66.91
C ALA P 515 14.40 -14.88 -68.20
N GLU P 516 13.99 -13.92 -69.04
CA GLU P 516 14.60 -13.72 -70.35
C GLU P 516 15.61 -12.58 -70.36
N PHE P 517 15.25 -11.43 -69.81
CA PHE P 517 16.12 -10.27 -69.78
C PHE P 517 16.63 -10.05 -68.36
N VAL P 518 17.95 -10.06 -68.20
CA VAL P 518 18.60 -9.82 -66.92
C VAL P 518 19.28 -8.46 -66.98
N ILE P 519 18.93 -7.57 -66.05
CA ILE P 519 19.40 -6.19 -66.06
C ILE P 519 20.13 -5.91 -64.75
N PHE P 520 21.33 -5.34 -64.85
CA PHE P 520 22.06 -4.80 -63.72
C PHE P 520 22.09 -3.28 -63.82
N ARG P 521 22.51 -2.64 -62.73
CA ARG P 521 22.56 -1.18 -62.65
C ARG P 521 23.97 -0.63 -62.57
N LEU P 522 24.76 -1.09 -61.60
CA LEU P 522 26.14 -0.64 -61.40
C LEU P 522 26.19 0.88 -61.21
N ALA P 523 25.53 1.33 -60.15
CA ALA P 523 25.49 2.75 -59.81
C ALA P 523 26.58 3.09 -58.78
N GLN P 524 26.92 4.36 -58.71
CA GLN P 524 27.93 4.87 -57.80
C GLN P 524 27.23 5.72 -56.74
N PHE P 525 27.46 5.38 -55.46
CA PHE P 525 26.79 6.03 -54.36
C PHE P 525 27.80 6.37 -53.26
N SER P 526 27.44 7.35 -52.43
CA SER P 526 28.28 7.77 -51.32
C SER P 526 28.11 6.86 -50.12
N PRO Q 2 -53.29 -45.24 20.19
CA PRO Q 2 -53.73 -46.20 21.21
C PRO Q 2 -54.57 -45.53 22.31
N SER Q 3 -55.18 -46.33 23.17
CA SER Q 3 -56.01 -45.84 24.25
C SER Q 3 -55.27 -45.98 25.58
N TYR Q 4 -55.21 -44.90 26.34
CA TYR Q 4 -54.55 -44.88 27.64
C TYR Q 4 -55.61 -44.57 28.69
N LEU Q 5 -55.87 -45.53 29.58
CA LEU Q 5 -56.90 -45.37 30.61
C LEU Q 5 -56.44 -45.72 32.01
N SER Q 6 -55.39 -46.51 32.18
CA SER Q 6 -54.90 -46.88 33.50
C SER Q 6 -53.39 -46.68 33.58
N PRO Q 7 -52.88 -46.32 34.76
CA PRO Q 7 -51.43 -46.14 34.90
C PRO Q 7 -50.68 -47.45 34.68
N GLY Q 8 -49.47 -47.32 34.15
CA GLY Q 8 -48.64 -48.48 33.90
C GLY Q 8 -47.61 -48.18 32.84
N VAL Q 9 -46.99 -49.25 32.34
CA VAL Q 9 -45.97 -49.17 31.30
C VAL Q 9 -46.49 -49.90 30.07
N TYR Q 10 -46.47 -49.23 28.93
CA TYR Q 10 -46.96 -49.77 27.67
C TYR Q 10 -45.82 -49.83 26.66
N VAL Q 11 -45.70 -50.97 25.99
CA VAL Q 11 -44.68 -51.18 24.97
C VAL Q 11 -45.38 -51.40 23.64
N GLU Q 12 -45.07 -50.55 22.66
CA GLU Q 12 -45.66 -50.64 21.33
C GLU Q 12 -44.56 -50.54 20.28
N GLU Q 13 -44.82 -51.14 19.11
CA GLU Q 13 -43.87 -51.19 18.02
C GLU Q 13 -44.39 -50.32 16.88
N VAL Q 14 -43.55 -49.37 16.44
CA VAL Q 14 -43.93 -48.54 15.29
C VAL Q 14 -43.62 -49.28 14.00
N ALA Q 15 -44.60 -49.29 13.10
CA ALA Q 15 -44.51 -50.03 11.84
C ALA Q 15 -43.45 -49.47 10.90
N SER Q 16 -42.94 -48.27 11.19
CA SER Q 16 -41.93 -47.66 10.33
C SER Q 16 -40.66 -48.50 10.31
N GLY Q 17 -40.29 -48.99 9.13
CA GLY Q 17 -39.11 -49.82 8.98
C GLY Q 17 -38.90 -50.20 7.53
N SER Q 18 -38.36 -51.39 7.32
CA SER Q 18 -38.09 -51.91 5.98
C SER Q 18 -38.84 -53.20 5.76
N ARG Q 19 -39.45 -53.34 4.58
CA ARG Q 19 -40.20 -54.52 4.19
C ARG Q 19 -39.71 -54.97 2.82
N PRO Q 20 -38.62 -55.74 2.76
CA PRO Q 20 -38.04 -56.12 1.47
C PRO Q 20 -38.99 -57.00 0.66
N ILE Q 21 -38.87 -56.90 -0.67
CA ILE Q 21 -39.65 -57.69 -1.61
C ILE Q 21 -38.72 -58.67 -2.30
N GLU Q 22 -39.11 -59.93 -2.31
CA GLU Q 22 -38.31 -61.00 -2.90
C GLU Q 22 -38.87 -61.41 -4.26
N GLY Q 23 -38.01 -62.04 -5.05
CA GLY Q 23 -38.40 -62.54 -6.36
C GLY Q 23 -39.12 -63.86 -6.30
N VAL Q 24 -39.41 -64.40 -7.49
CA VAL Q 24 -40.10 -65.66 -7.63
C VAL Q 24 -39.32 -66.57 -8.59
N GLY Q 25 -39.55 -67.87 -8.46
CA GLY Q 25 -38.87 -68.83 -9.31
C GLY Q 25 -39.59 -68.99 -10.64
N THR Q 26 -38.84 -68.89 -11.73
CA THR Q 26 -39.41 -68.97 -13.07
C THR Q 26 -38.81 -70.14 -13.85
N SER Q 27 -38.68 -71.30 -13.21
CA SER Q 27 -38.08 -72.47 -13.84
C SER Q 27 -38.96 -73.69 -13.65
N VAL Q 28 -40.26 -73.53 -13.86
CA VAL Q 28 -41.23 -74.62 -13.76
C VAL Q 28 -42.01 -74.70 -15.07
N ALA Q 29 -42.12 -75.90 -15.62
CA ALA Q 29 -42.83 -76.13 -16.87
C ALA Q 29 -43.83 -77.26 -16.69
N ALA Q 30 -44.94 -77.16 -17.42
CA ALA Q 30 -46.03 -78.14 -17.34
C ALA Q 30 -46.24 -78.76 -18.72
N PHE Q 31 -46.10 -80.08 -18.80
CA PHE Q 31 -46.24 -80.82 -20.03
C PHE Q 31 -47.52 -81.63 -20.00
N VAL Q 32 -48.32 -81.51 -21.07
CA VAL Q 32 -49.57 -82.26 -21.21
C VAL Q 32 -49.39 -83.24 -22.36
N GLY Q 33 -49.65 -84.52 -22.10
CA GLY Q 33 -49.46 -85.52 -23.12
C GLY Q 33 -50.11 -86.83 -22.74
N LEU Q 34 -49.80 -87.85 -23.53
CA LEU Q 34 -50.32 -89.20 -23.31
C LEU Q 34 -49.19 -90.13 -22.89
N ALA Q 35 -49.48 -91.01 -21.95
CA ALA Q 35 -48.53 -91.95 -21.39
C ALA Q 35 -49.19 -93.33 -21.32
N PRO Q 36 -48.39 -94.40 -21.35
CA PRO Q 36 -48.99 -95.75 -21.31
C PRO Q 36 -49.76 -96.02 -20.03
N THR Q 37 -49.13 -95.87 -18.87
CA THR Q 37 -49.77 -96.12 -17.59
C THR Q 37 -49.39 -95.03 -16.60
N GLY Q 38 -50.27 -94.80 -15.63
CA GLY Q 38 -50.03 -93.81 -14.61
C GLY Q 38 -51.31 -93.13 -14.15
N PRO Q 39 -51.17 -92.14 -13.27
CA PRO Q 39 -52.35 -91.38 -12.82
C PRO Q 39 -53.01 -90.66 -13.98
N LEU Q 40 -54.34 -90.55 -13.91
CA LEU Q 40 -55.14 -89.98 -14.97
C LEU Q 40 -55.72 -88.64 -14.53
N ASN Q 41 -55.52 -87.61 -15.35
CA ASN Q 41 -56.07 -86.28 -15.12
C ASN Q 41 -55.63 -85.71 -13.77
N GLU Q 42 -54.37 -85.95 -13.41
CA GLU Q 42 -53.80 -85.43 -12.19
C GLU Q 42 -52.46 -84.77 -12.50
N PRO Q 43 -52.27 -83.50 -12.12
CA PRO Q 43 -51.01 -82.83 -12.42
C PRO Q 43 -49.88 -83.28 -11.50
N THR Q 44 -49.24 -84.40 -11.82
CA THR Q 44 -48.19 -84.93 -10.98
C THR Q 44 -46.95 -84.04 -11.05
N LEU Q 45 -46.15 -84.07 -9.98
CA LEU Q 45 -44.93 -83.29 -9.89
C LEU Q 45 -43.73 -84.22 -9.98
N VAL Q 46 -42.79 -83.90 -10.88
CA VAL Q 46 -41.60 -84.71 -11.11
C VAL Q 46 -40.38 -83.80 -10.99
N THR Q 47 -39.30 -84.34 -10.42
CA THR Q 47 -38.07 -83.58 -10.28
C THR Q 47 -36.84 -84.38 -10.67
N ASN Q 48 -37.00 -85.62 -11.15
CA ASN Q 48 -35.88 -86.46 -11.56
C ASN Q 48 -36.47 -87.60 -12.39
N TRP Q 49 -35.68 -88.12 -13.32
CA TRP Q 49 -36.20 -89.17 -14.24
C TRP Q 49 -36.68 -90.39 -13.45
N THR Q 50 -35.99 -90.75 -12.35
CA THR Q 50 -36.40 -91.96 -11.64
C THR Q 50 -37.86 -91.89 -11.23
N GLN Q 51 -38.31 -90.71 -10.78
CA GLN Q 51 -39.71 -90.54 -10.43
C GLN Q 51 -40.61 -90.75 -11.64
N TYR Q 52 -40.23 -90.19 -12.79
CA TYR Q 52 -41.01 -90.38 -14.00
C TYR Q 52 -41.05 -91.84 -14.43
N VAL Q 53 -39.92 -92.53 -14.31
CA VAL Q 53 -39.88 -93.96 -14.65
C VAL Q 53 -40.81 -94.75 -13.73
N ALA Q 54 -40.76 -94.46 -12.43
CA ALA Q 54 -41.59 -95.17 -11.47
C ALA Q 54 -43.07 -94.85 -11.63
N ALA Q 55 -43.41 -93.66 -12.12
CA ALA Q 55 -44.82 -93.26 -12.21
C ALA Q 55 -45.44 -93.59 -13.57
N PHE Q 56 -44.89 -93.02 -14.64
CA PHE Q 56 -45.52 -93.06 -15.96
C PHE Q 56 -44.82 -94.01 -16.94
N GLY Q 57 -43.91 -94.85 -16.46
CA GLY Q 57 -43.19 -95.73 -17.36
C GLY Q 57 -42.11 -94.99 -18.13
N ASP Q 58 -41.53 -95.69 -19.11
CA ASP Q 58 -40.42 -95.13 -19.88
C ASP Q 58 -40.31 -95.88 -21.20
N PHE Q 59 -40.54 -95.15 -22.31
CA PHE Q 59 -40.22 -95.61 -23.66
C PHE Q 59 -40.82 -96.98 -23.99
N THR Q 60 -42.14 -97.09 -24.02
CA THR Q 60 -42.80 -98.34 -24.39
C THR Q 60 -43.94 -98.18 -25.37
N GLY Q 61 -44.51 -96.99 -25.53
CA GLY Q 61 -45.65 -96.81 -26.41
C GLY Q 61 -45.36 -95.97 -27.63
N GLY Q 62 -44.12 -95.51 -27.76
CA GLY Q 62 -43.75 -94.65 -28.89
C GLY Q 62 -44.44 -93.31 -28.89
N TYR Q 63 -44.53 -92.67 -27.73
CA TYR Q 63 -45.16 -91.36 -27.59
C TYR Q 63 -44.10 -90.28 -27.43
N TYR Q 64 -44.52 -89.04 -27.61
CA TYR Q 64 -43.62 -87.90 -27.57
C TYR Q 64 -43.47 -87.29 -26.18
N LEU Q 65 -44.20 -87.79 -25.18
CA LEU Q 65 -44.08 -87.23 -23.84
C LEU Q 65 -42.77 -87.63 -23.19
N ALA Q 66 -42.39 -88.91 -23.32
CA ALA Q 66 -41.16 -89.39 -22.71
C ALA Q 66 -39.94 -88.69 -23.31
N HIS Q 67 -39.92 -88.55 -24.64
CA HIS Q 67 -38.80 -87.87 -25.29
C HIS Q 67 -38.70 -86.41 -24.84
N SER Q 68 -39.84 -85.72 -24.75
CA SER Q 68 -39.83 -84.33 -24.32
C SER Q 68 -39.35 -84.19 -22.89
N VAL Q 69 -39.80 -85.07 -21.99
CA VAL Q 69 -39.38 -85.02 -20.61
C VAL Q 69 -37.89 -85.30 -20.49
N TYR Q 70 -37.39 -86.30 -21.22
CA TYR Q 70 -35.97 -86.61 -21.19
C TYR Q 70 -35.14 -85.44 -21.72
N GLY Q 71 -35.60 -84.79 -22.79
CA GLY Q 71 -34.89 -83.63 -23.29
C GLY Q 71 -34.90 -82.47 -22.31
N PHE Q 72 -36.04 -82.27 -21.64
CA PHE Q 72 -36.13 -81.18 -20.66
C PHE Q 72 -35.17 -81.42 -19.50
N PHE Q 73 -35.09 -82.65 -19.01
CA PHE Q 73 -34.15 -82.96 -17.93
C PHE Q 73 -32.71 -83.02 -18.41
N ASN Q 74 -32.49 -83.19 -19.72
CA ASN Q 74 -31.13 -83.20 -20.25
C ASN Q 74 -30.53 -81.81 -20.35
N ASN Q 75 -31.35 -80.78 -20.49
CA ASN Q 75 -30.89 -79.41 -20.68
C ASN Q 75 -30.85 -78.62 -19.37
N GLY Q 76 -30.90 -79.31 -18.23
CA GLY Q 76 -30.79 -78.63 -16.95
C GLY Q 76 -32.09 -78.24 -16.30
N GLY Q 77 -33.16 -79.00 -16.52
CA GLY Q 77 -34.42 -78.70 -15.86
C GLY Q 77 -34.36 -78.96 -14.37
N SER Q 78 -35.27 -78.30 -13.64
CA SER Q 78 -35.31 -78.38 -12.18
C SER Q 78 -36.55 -79.11 -11.68
N ALA Q 79 -37.74 -78.66 -12.07
CA ALA Q 79 -38.97 -79.28 -11.62
C ALA Q 79 -40.02 -79.15 -12.72
N ALA Q 80 -40.84 -80.18 -12.87
CA ALA Q 80 -41.83 -80.22 -13.95
C ALA Q 80 -43.15 -80.75 -13.42
N TYR Q 81 -44.21 -80.37 -14.12
CA TYR Q 81 -45.56 -80.90 -13.90
C TYR Q 81 -45.97 -81.72 -15.11
N VAL Q 82 -46.63 -82.84 -14.86
CA VAL Q 82 -47.02 -83.78 -15.91
C VAL Q 82 -48.52 -84.00 -15.83
N VAL Q 83 -49.19 -83.89 -16.98
CA VAL Q 83 -50.61 -84.20 -17.11
C VAL Q 83 -50.75 -85.27 -18.18
N ARG Q 84 -51.46 -86.35 -17.85
CA ARG Q 84 -51.66 -87.48 -18.76
C ARG Q 84 -53.12 -87.53 -19.16
N VAL Q 85 -53.41 -87.12 -20.40
CA VAL Q 85 -54.79 -87.11 -20.88
C VAL Q 85 -55.29 -88.54 -21.09
N GLY Q 86 -54.47 -89.38 -21.69
CA GLY Q 86 -54.87 -90.74 -21.97
C GLY Q 86 -53.69 -91.60 -22.34
N GLY Q 87 -53.98 -92.75 -22.93
CA GLY Q 87 -52.94 -93.66 -23.36
C GLY Q 87 -53.49 -95.06 -23.52
N SER Q 88 -52.56 -96.01 -23.69
CA SER Q 88 -52.93 -97.41 -23.86
C SER Q 88 -51.73 -98.26 -23.44
N ALA Q 89 -52.00 -99.54 -23.17
CA ALA Q 89 -50.99 -100.50 -22.78
C ALA Q 89 -51.07 -101.76 -23.64
N GLU Q 90 -51.39 -101.58 -24.92
CA GLU Q 90 -51.53 -102.70 -25.84
C GLU Q 90 -50.46 -102.65 -26.93
N GLY Q 249 -56.54 -80.34 -19.09
CA GLY Q 249 -56.02 -80.50 -17.74
C GLY Q 249 -56.34 -79.32 -16.85
N GLY Q 250 -56.28 -79.55 -15.53
CA GLY Q 250 -56.56 -78.52 -14.57
C GLY Q 250 -55.33 -77.73 -14.15
N LEU Q 251 -54.70 -77.04 -15.10
CA LEU Q 251 -53.51 -76.26 -14.81
C LEU Q 251 -53.82 -74.90 -14.21
N GLU Q 252 -55.09 -74.51 -14.12
CA GLU Q 252 -55.45 -73.21 -13.56
C GLU Q 252 -55.32 -73.17 -12.04
N ALA Q 253 -55.27 -74.32 -11.38
CA ALA Q 253 -55.14 -74.37 -9.92
C ALA Q 253 -53.70 -74.25 -9.45
N ILE Q 254 -52.73 -74.30 -10.37
CA ILE Q 254 -51.31 -74.22 -10.01
C ILE Q 254 -50.86 -72.78 -10.19
N ASP Q 255 -49.90 -72.36 -9.38
CA ASP Q 255 -49.41 -70.99 -9.39
C ASP Q 255 -47.98 -70.87 -9.87
N GLU Q 256 -47.11 -71.83 -9.53
CA GLU Q 256 -45.69 -71.72 -9.84
C GLU Q 256 -45.36 -72.02 -11.30
N ILE Q 257 -46.33 -72.49 -12.09
CA ILE Q 257 -46.05 -72.82 -13.48
C ILE Q 257 -45.69 -71.56 -14.25
N SER Q 258 -44.60 -71.62 -15.01
CA SER Q 258 -44.15 -70.49 -15.81
C SER Q 258 -44.27 -70.72 -17.32
N MET Q 259 -44.42 -71.96 -17.76
CA MET Q 259 -44.59 -72.26 -19.17
C MET Q 259 -45.32 -73.58 -19.32
N VAL Q 260 -46.07 -73.70 -20.41
CA VAL Q 260 -46.90 -74.87 -20.67
C VAL Q 260 -46.60 -75.38 -22.07
N ALA Q 261 -46.58 -76.70 -22.22
CA ALA Q 261 -46.31 -77.33 -23.51
C ALA Q 261 -47.20 -78.54 -23.68
N VAL Q 262 -47.50 -78.87 -24.94
CA VAL Q 262 -48.26 -80.06 -25.30
C VAL Q 262 -47.41 -80.84 -26.30
N PRO Q 263 -46.35 -81.53 -25.85
CA PRO Q 263 -45.42 -82.13 -26.80
C PRO Q 263 -46.06 -83.17 -27.72
N ASP Q 264 -47.01 -83.95 -27.22
CA ASP Q 264 -47.59 -85.04 -28.01
C ASP Q 264 -48.96 -84.55 -28.44
N LEU Q 265 -48.97 -83.82 -29.54
CA LEU Q 265 -50.17 -83.40 -30.26
C LEU Q 265 -50.10 -83.73 -31.74
N MET Q 266 -48.91 -83.65 -32.35
CA MET Q 266 -48.76 -84.01 -33.75
C MET Q 266 -48.87 -85.51 -33.98
N ALA Q 267 -48.73 -86.32 -32.92
CA ALA Q 267 -48.88 -87.76 -33.06
C ALA Q 267 -50.28 -88.13 -33.51
N ALA Q 268 -51.30 -87.54 -32.88
CA ALA Q 268 -52.67 -87.78 -33.30
C ALA Q 268 -52.91 -87.30 -34.72
N TYR Q 269 -52.27 -86.18 -35.10
CA TYR Q 269 -52.39 -85.69 -36.46
C TYR Q 269 -51.75 -86.63 -37.47
N GLN Q 270 -50.65 -87.30 -37.07
CA GLN Q 270 -49.92 -88.13 -38.02
C GLN Q 270 -50.67 -89.43 -38.32
N ARG Q 271 -51.20 -90.09 -37.29
CA ARG Q 271 -51.86 -91.39 -37.47
C ARG Q 271 -53.37 -91.32 -37.33
N GLY Q 272 -53.88 -90.58 -36.35
CA GLY Q 272 -55.31 -90.53 -36.12
C GLY Q 272 -56.10 -89.72 -37.12
N ALA Q 273 -55.43 -88.89 -37.93
CA ALA Q 273 -56.07 -88.03 -38.91
C ALA Q 273 -57.14 -87.15 -38.26
N ILE Q 274 -56.68 -86.29 -37.36
CA ILE Q 274 -57.55 -85.40 -36.60
C ILE Q 274 -57.71 -84.05 -37.30
N ASP Q 275 -57.28 -83.96 -38.57
CA ASP Q 275 -57.40 -82.76 -39.38
C ASP Q 275 -56.62 -81.60 -38.78
N LEU Q 276 -56.66 -80.44 -39.43
CA LEU Q 276 -55.97 -79.26 -38.94
C LEU Q 276 -56.84 -78.35 -38.08
N GLU Q 277 -58.16 -78.42 -38.25
CA GLU Q 277 -59.05 -77.56 -37.46
C GLU Q 277 -58.96 -77.87 -35.98
N ALA Q 278 -58.91 -79.16 -35.63
CA ALA Q 278 -58.80 -79.53 -34.22
C ALA Q 278 -57.49 -79.04 -33.61
N VAL Q 279 -56.38 -79.18 -34.35
CA VAL Q 279 -55.09 -78.71 -33.86
C VAL Q 279 -55.11 -77.19 -33.68
N LYS Q 280 -55.68 -76.48 -34.65
CA LYS Q 280 -55.77 -75.02 -34.56
C LYS Q 280 -56.62 -74.61 -33.36
N ALA Q 281 -57.74 -75.29 -33.14
CA ALA Q 281 -58.60 -74.97 -32.00
C ALA Q 281 -57.89 -75.23 -30.68
N VAL Q 282 -57.17 -76.34 -30.58
CA VAL Q 282 -56.45 -76.66 -29.34
C VAL Q 282 -55.38 -75.61 -29.07
N GLN Q 283 -54.61 -75.24 -30.10
CA GLN Q 283 -53.57 -74.23 -29.91
C GLN Q 283 -54.16 -72.87 -29.56
N LEU Q 284 -55.28 -72.50 -30.18
CA LEU Q 284 -55.94 -71.24 -29.84
C LEU Q 284 -56.47 -71.26 -28.41
N GLY Q 285 -57.00 -72.39 -27.96
CA GLY Q 285 -57.43 -72.50 -26.58
C GLY Q 285 -56.27 -72.36 -25.59
N LEU Q 286 -55.14 -72.99 -25.92
CA LEU Q 286 -53.95 -72.84 -25.07
C LEU Q 286 -53.48 -71.40 -25.04
N ILE Q 287 -53.50 -70.72 -26.20
CA ILE Q 287 -53.10 -69.31 -26.25
C ILE Q 287 -54.04 -68.47 -25.40
N ALA Q 288 -55.35 -68.73 -25.49
CA ALA Q 288 -56.32 -67.96 -24.71
C ALA Q 288 -56.12 -68.20 -23.21
N HIS Q 289 -55.85 -69.44 -22.82
CA HIS Q 289 -55.58 -69.73 -21.42
C HIS Q 289 -54.34 -68.99 -20.92
N CYS Q 290 -53.28 -68.99 -21.74
CA CYS Q 290 -52.06 -68.27 -21.36
C CYS Q 290 -52.33 -66.78 -21.22
N GLU Q 291 -53.10 -66.21 -22.14
CA GLU Q 291 -53.43 -64.78 -22.06
C GLU Q 291 -54.27 -64.48 -20.82
N LEU Q 292 -55.23 -65.35 -20.51
CA LEU Q 292 -56.07 -65.13 -19.34
C LEU Q 292 -55.27 -65.20 -18.05
N MET Q 293 -54.36 -66.17 -17.94
CA MET Q 293 -53.55 -66.28 -16.74
C MET Q 293 -52.64 -65.07 -16.55
N GLY Q 294 -52.03 -64.60 -17.64
CA GLY Q 294 -51.17 -63.43 -17.55
C GLY Q 294 -49.84 -63.67 -16.90
N ASP Q 295 -49.43 -64.93 -16.75
CA ASP Q 295 -48.16 -65.25 -16.11
C ASP Q 295 -47.32 -66.26 -16.89
N ARG Q 296 -47.89 -66.98 -17.85
CA ARG Q 296 -47.22 -68.08 -18.52
C ARG Q 296 -47.01 -67.76 -19.99
N VAL Q 297 -46.06 -68.47 -20.59
CA VAL Q 297 -45.68 -68.27 -21.99
C VAL Q 297 -45.77 -69.61 -22.72
N ALA Q 298 -46.34 -69.58 -23.91
CA ALA Q 298 -46.61 -70.80 -24.68
C ALA Q 298 -45.51 -71.05 -25.71
N ILE Q 299 -45.23 -72.32 -25.95
CA ILE Q 299 -44.26 -72.76 -26.95
C ILE Q 299 -45.00 -73.52 -28.02
N ILE Q 300 -44.79 -73.15 -29.28
CA ILE Q 300 -45.55 -73.70 -30.41
C ILE Q 300 -44.56 -74.30 -31.42
N ASP Q 301 -45.03 -75.34 -32.10
CA ASP Q 301 -44.31 -76.03 -33.16
C ASP Q 301 -45.19 -76.18 -34.38
N PRO Q 302 -44.61 -76.21 -35.57
CA PRO Q 302 -45.40 -76.33 -36.79
C PRO Q 302 -45.60 -77.79 -37.18
N PRO Q 303 -46.43 -78.06 -38.18
CA PRO Q 303 -46.57 -79.44 -38.67
C PRO Q 303 -45.25 -79.94 -39.22
N PRO Q 304 -45.01 -81.26 -39.18
CA PRO Q 304 -43.68 -81.80 -39.46
C PRO Q 304 -43.10 -81.48 -40.83
N ASN Q 305 -43.81 -81.85 -41.90
CA ASN Q 305 -43.22 -81.81 -43.23
C ASN Q 305 -43.55 -80.51 -43.96
N GLN Q 306 -42.69 -79.52 -43.78
CA GLN Q 306 -42.80 -78.26 -44.52
C GLN Q 306 -41.42 -77.72 -44.81
N ASN Q 307 -41.35 -76.80 -45.75
CA ASN Q 307 -40.12 -76.10 -46.10
C ASN Q 307 -40.43 -74.62 -46.27
N ALA Q 308 -39.48 -73.89 -46.85
CA ALA Q 308 -39.67 -72.47 -47.09
C ALA Q 308 -40.80 -72.25 -48.09
N ARG Q 309 -41.42 -71.06 -48.03
CA ARG Q 309 -42.53 -70.66 -48.90
C ARG Q 309 -43.80 -71.42 -48.54
N GLN Q 310 -43.71 -72.35 -47.59
CA GLN Q 310 -44.89 -73.00 -47.03
C GLN Q 310 -45.18 -72.56 -45.60
N ILE Q 311 -44.19 -72.61 -44.72
CA ILE Q 311 -44.39 -72.14 -43.36
C ILE Q 311 -44.75 -70.66 -43.35
N ARG Q 312 -44.07 -69.86 -44.19
CA ARG Q 312 -44.42 -68.45 -44.32
C ARG Q 312 -45.86 -68.26 -44.75
N VAL Q 313 -46.45 -69.24 -45.45
CA VAL Q 313 -47.87 -69.20 -45.71
C VAL Q 313 -48.66 -69.67 -44.50
N TRP Q 314 -48.23 -70.80 -43.90
CA TRP Q 314 -48.97 -71.39 -42.79
C TRP Q 314 -49.06 -70.44 -41.60
N ARG Q 315 -48.07 -69.58 -41.43
CA ARG Q 315 -48.07 -68.59 -40.36
C ARG Q 315 -49.03 -67.44 -40.62
N GLN Q 316 -49.30 -67.10 -41.87
CA GLN Q 316 -50.02 -65.87 -42.18
C GLN Q 316 -51.46 -66.10 -42.64
N GLU Q 317 -51.72 -67.12 -43.44
CA GLU Q 317 -53.07 -67.38 -43.93
C GLU Q 317 -53.84 -68.37 -43.08
N THR Q 318 -53.19 -69.06 -42.16
CA THR Q 318 -53.89 -70.09 -41.38
C THR Q 318 -53.69 -69.96 -39.88
N ALA Q 319 -52.53 -69.50 -39.43
CA ALA Q 319 -52.16 -69.54 -38.02
C ALA Q 319 -51.58 -68.20 -37.58
N GLY Q 320 -52.31 -67.11 -37.86
CA GLY Q 320 -51.82 -65.79 -37.50
C GLY Q 320 -51.48 -65.66 -36.03
N TYR Q 321 -52.35 -66.17 -35.16
CA TYR Q 321 -52.05 -66.35 -33.74
C TYR Q 321 -51.77 -65.04 -33.01
N ASP Q 322 -50.63 -64.41 -33.32
CA ASP Q 322 -50.08 -63.27 -32.60
C ASP Q 322 -50.26 -63.42 -31.09
N SER Q 323 -50.95 -62.48 -30.45
CA SER Q 323 -51.32 -62.46 -29.04
C SER Q 323 -50.15 -62.18 -28.11
N LYS Q 324 -48.92 -62.05 -28.62
CA LYS Q 324 -47.74 -61.64 -27.89
C LYS Q 324 -47.35 -62.59 -26.75
N TYR Q 325 -48.06 -63.70 -26.58
CA TYR Q 325 -47.84 -64.62 -25.49
C TYR Q 325 -47.43 -66.00 -26.00
N ALA Q 326 -46.56 -66.04 -27.00
CA ALA Q 326 -46.16 -67.33 -27.57
C ALA Q 326 -44.80 -67.19 -28.23
N ALA Q 327 -44.18 -68.34 -28.47
CA ALA Q 327 -42.94 -68.43 -29.23
C ALA Q 327 -42.96 -69.69 -30.07
N LEU Q 328 -42.74 -69.55 -31.37
CA LEU Q 328 -42.83 -70.65 -32.31
C LEU Q 328 -41.43 -71.06 -32.75
N TYR Q 329 -41.16 -72.37 -32.74
CA TYR Q 329 -39.86 -72.91 -33.13
C TYR Q 329 -40.06 -73.84 -34.32
N TYR Q 330 -39.51 -73.46 -35.47
CA TYR Q 330 -39.81 -74.08 -36.77
C TYR Q 330 -39.26 -75.50 -36.91
N PRO Q 331 -37.94 -75.72 -36.93
CA PRO Q 331 -37.43 -77.01 -37.39
C PRO Q 331 -37.51 -78.09 -36.32
N TRP Q 332 -37.78 -79.31 -36.77
CA TRP Q 332 -37.84 -80.46 -35.88
C TRP Q 332 -36.45 -81.02 -35.62
N ILE Q 333 -36.33 -81.81 -34.55
CA ILE Q 333 -35.03 -82.33 -34.11
C ILE Q 333 -35.06 -83.86 -34.19
N LYS Q 334 -34.05 -84.44 -34.82
CA LYS Q 334 -33.91 -85.89 -34.87
C LYS Q 334 -33.13 -86.35 -33.66
N SER Q 335 -33.70 -87.28 -32.89
CA SER Q 335 -33.12 -87.73 -31.64
C SER Q 335 -33.15 -89.26 -31.58
N PHE Q 336 -32.36 -89.79 -30.66
CA PHE Q 336 -32.18 -91.22 -30.48
C PHE Q 336 -33.26 -91.79 -29.57
N ASP Q 337 -33.59 -93.07 -29.80
CA ASP Q 337 -34.56 -93.80 -28.98
C ASP Q 337 -33.91 -95.10 -28.56
N PRO Q 338 -33.71 -95.33 -27.25
CA PRO Q 338 -33.07 -96.58 -26.81
C PRO Q 338 -34.01 -97.78 -26.81
N ALA Q 339 -35.33 -97.57 -26.83
CA ALA Q 339 -36.26 -98.68 -26.87
C ALA Q 339 -36.05 -99.52 -28.13
N THR Q 340 -35.89 -98.86 -29.27
CA THR Q 340 -35.48 -99.51 -30.50
C THR Q 340 -34.06 -99.17 -30.90
N GLY Q 341 -33.41 -98.23 -30.20
CA GLY Q 341 -32.07 -97.82 -30.56
C GLY Q 341 -31.99 -97.20 -31.94
N GLN Q 342 -32.94 -96.33 -32.28
CA GLN Q 342 -33.02 -95.78 -33.63
C GLN Q 342 -33.29 -94.29 -33.56
N SER Q 343 -32.94 -93.59 -34.64
CA SER Q 343 -33.13 -92.15 -34.74
C SER Q 343 -34.49 -91.84 -35.34
N ARG Q 344 -35.18 -90.87 -34.76
CA ARG Q 344 -36.49 -90.46 -35.25
C ARG Q 344 -36.73 -89.00 -34.91
N LEU Q 345 -37.66 -88.39 -35.64
CA LEU Q 345 -37.91 -86.95 -35.53
C LEU Q 345 -38.91 -86.65 -34.42
N VAL Q 346 -38.61 -85.62 -33.64
CA VAL Q 346 -39.51 -85.13 -32.60
C VAL Q 346 -39.56 -83.62 -32.65
N PRO Q 347 -40.69 -83.04 -32.23
CA PRO Q 347 -40.79 -81.58 -32.20
C PRO Q 347 -39.90 -81.00 -31.12
N PRO Q 348 -39.46 -79.75 -31.27
CA PRO Q 348 -38.62 -79.09 -30.25
C PRO Q 348 -39.45 -78.39 -29.18
N SER Q 349 -40.03 -79.18 -28.28
CA SER Q 349 -40.91 -78.66 -27.24
C SER Q 349 -40.22 -78.61 -25.87
N GLY Q 350 -39.64 -79.72 -25.42
CA GLY Q 350 -39.00 -79.73 -24.12
C GLY Q 350 -37.60 -79.15 -24.13
N HIS Q 351 -36.90 -79.23 -25.26
CA HIS Q 351 -35.53 -78.73 -25.33
C HIS Q 351 -35.47 -77.23 -25.13
N VAL Q 352 -36.41 -76.49 -25.73
CA VAL Q 352 -36.42 -75.04 -25.58
C VAL Q 352 -36.76 -74.65 -24.15
N ALA Q 353 -37.67 -75.40 -23.51
CA ALA Q 353 -37.97 -75.14 -22.10
C ALA Q 353 -36.75 -75.40 -21.22
N GLY Q 354 -36.01 -76.47 -21.50
CA GLY Q 354 -34.80 -76.72 -20.75
C GLY Q 354 -33.75 -75.64 -20.97
N ILE Q 355 -33.63 -75.15 -22.20
CA ILE Q 355 -32.70 -74.05 -22.49
C ILE Q 355 -33.11 -72.80 -21.72
N TRP Q 356 -34.41 -72.51 -21.68
CA TRP Q 356 -34.89 -71.36 -20.92
C TRP Q 356 -34.57 -71.50 -19.44
N ALA Q 357 -34.78 -72.68 -18.88
CA ALA Q 357 -34.47 -72.91 -17.47
C ALA Q 357 -32.98 -72.76 -17.21
N ARG Q 358 -32.15 -73.29 -18.11
CA ARG Q 358 -30.70 -73.17 -17.95
C ARG Q 358 -30.26 -71.71 -18.00
N ASN Q 359 -30.83 -70.94 -18.93
CA ASN Q 359 -30.49 -69.52 -19.02
C ASN Q 359 -30.94 -68.77 -17.77
N ASP Q 360 -32.12 -69.10 -17.26
CA ASP Q 360 -32.60 -68.44 -16.06
C ASP Q 360 -31.81 -68.82 -14.82
N SER Q 361 -31.20 -70.02 -14.82
CA SER Q 361 -30.42 -70.45 -13.66
C SER Q 361 -29.01 -69.88 -13.71
N GLU Q 362 -28.29 -70.08 -14.82
CA GLU Q 362 -26.92 -69.61 -14.92
C GLU Q 362 -26.83 -68.09 -14.86
N ARG Q 363 -27.61 -67.41 -15.68
CA ARG Q 363 -27.65 -65.96 -15.73
C ARG Q 363 -29.03 -65.46 -15.31
N GLY Q 364 -29.20 -64.15 -15.34
CA GLY Q 364 -30.48 -63.56 -15.00
C GLY Q 364 -31.51 -63.81 -16.08
N VAL Q 365 -32.78 -63.56 -15.71
CA VAL Q 365 -33.89 -63.72 -16.64
C VAL Q 365 -33.89 -62.68 -17.74
N HIS Q 366 -33.10 -61.62 -17.59
CA HIS Q 366 -33.02 -60.57 -18.61
C HIS Q 366 -32.17 -60.95 -19.81
N LYS Q 367 -31.46 -62.06 -19.75
CA LYS Q 367 -30.63 -62.51 -20.87
C LYS Q 367 -31.49 -63.30 -21.85
N ALA Q 368 -31.46 -62.89 -23.12
CA ALA Q 368 -32.25 -63.55 -24.14
C ALA Q 368 -31.63 -64.89 -24.51
N PRO Q 369 -32.37 -65.99 -24.46
CA PRO Q 369 -31.81 -67.28 -24.88
C PRO Q 369 -31.65 -67.37 -26.38
N ALA Q 370 -30.71 -66.60 -26.93
CA ALA Q 370 -30.51 -66.52 -28.37
C ALA Q 370 -29.43 -67.44 -28.90
N ASN Q 371 -28.37 -67.68 -28.13
CA ASN Q 371 -27.24 -68.51 -28.57
C ASN Q 371 -27.03 -69.61 -27.53
N GLU Q 372 -27.75 -70.72 -27.69
CA GLU Q 372 -27.61 -71.88 -26.82
C GLU Q 372 -27.59 -73.14 -27.66
N VAL Q 373 -26.86 -74.15 -27.16
CA VAL Q 373 -26.65 -75.40 -27.88
C VAL Q 373 -27.68 -76.42 -27.41
N VAL Q 374 -28.39 -77.01 -28.37
CA VAL Q 374 -29.44 -78.01 -28.03
C VAL Q 374 -28.76 -79.35 -27.81
N ARG Q 375 -28.23 -79.59 -26.61
CA ARG Q 375 -27.56 -80.87 -26.30
C ARG Q 375 -28.61 -81.97 -26.33
N GLY Q 376 -28.29 -83.12 -26.90
CA GLY Q 376 -29.26 -84.23 -27.03
C GLY Q 376 -29.72 -84.46 -28.46
N ALA Q 377 -29.48 -83.51 -29.37
CA ALA Q 377 -29.92 -83.63 -30.77
C ALA Q 377 -28.82 -84.28 -31.62
N VAL Q 378 -29.11 -84.60 -32.88
CA VAL Q 378 -28.11 -85.28 -33.75
C VAL Q 378 -28.17 -84.66 -35.17
N ASP Q 379 -29.37 -84.46 -35.73
CA ASP Q 379 -29.52 -83.90 -37.07
C ASP Q 379 -30.72 -82.95 -37.06
N LEU Q 380 -31.03 -82.41 -38.24
CA LEU Q 380 -32.17 -81.52 -38.41
C LEU Q 380 -33.04 -81.84 -39.61
N GLU Q 381 -32.54 -82.58 -40.60
CA GLU Q 381 -33.28 -82.94 -41.81
C GLU Q 381 -33.70 -81.73 -42.62
N LEU Q 382 -33.02 -80.60 -42.43
CA LEU Q 382 -33.30 -79.38 -43.18
C LEU Q 382 -32.17 -78.39 -42.93
N GLN Q 383 -31.85 -77.59 -43.94
CA GLN Q 383 -30.78 -76.60 -43.88
C GLN Q 383 -31.32 -75.25 -44.31
N ILE Q 384 -30.91 -74.20 -43.59
CA ILE Q 384 -31.35 -72.83 -43.84
C ILE Q 384 -30.15 -71.99 -44.20
N THR Q 385 -30.24 -71.26 -45.31
CA THR Q 385 -29.19 -70.35 -45.73
C THR Q 385 -29.44 -68.98 -45.09
N ARG Q 386 -28.65 -67.99 -45.52
CA ARG Q 386 -28.80 -66.61 -44.97
C ARG Q 386 -30.08 -65.98 -45.53
N GLY Q 387 -30.35 -66.17 -46.82
CA GLY Q 387 -31.52 -65.54 -47.43
C GLY Q 387 -32.82 -66.06 -46.86
N GLU Q 388 -32.93 -67.37 -46.65
CA GLU Q 388 -34.14 -67.94 -46.08
C GLU Q 388 -34.37 -67.44 -44.66
N GLN Q 389 -33.29 -67.35 -43.86
CA GLN Q 389 -33.42 -66.77 -42.53
C GLN Q 389 -33.83 -65.30 -42.60
N ASP Q 390 -33.27 -64.55 -43.54
CA ASP Q 390 -33.67 -63.16 -43.74
C ASP Q 390 -35.11 -63.03 -44.19
N LEU Q 391 -35.69 -64.07 -44.77
CA LEU Q 391 -37.10 -64.07 -45.10
C LEU Q 391 -37.98 -64.47 -43.93
N LEU Q 392 -37.45 -65.23 -42.97
CA LEU Q 392 -38.22 -65.66 -41.81
C LEU Q 392 -38.01 -64.77 -40.59
N ASN Q 393 -36.92 -64.02 -40.55
CA ASN Q 393 -36.67 -63.13 -39.41
C ASN Q 393 -37.71 -62.05 -39.23
N PRO Q 394 -38.18 -61.34 -40.27
CA PRO Q 394 -39.17 -60.28 -40.04
C PRO Q 394 -40.45 -60.77 -39.38
N ILE Q 395 -40.85 -62.01 -39.60
CA ILE Q 395 -41.99 -62.59 -38.92
C ILE Q 395 -41.48 -63.34 -37.70
N GLY Q 396 -42.40 -63.62 -36.77
CA GLY Q 396 -42.01 -64.22 -35.50
C GLY Q 396 -41.67 -65.69 -35.58
N VAL Q 397 -40.77 -66.06 -36.48
CA VAL Q 397 -40.33 -67.44 -36.65
C VAL Q 397 -38.86 -67.52 -36.28
N ASN Q 398 -38.56 -68.25 -35.21
CA ASN Q 398 -37.17 -68.49 -34.81
C ASN Q 398 -36.58 -69.62 -35.65
N CYS Q 399 -35.33 -69.96 -35.37
CA CYS Q 399 -34.66 -70.99 -36.16
C CYS Q 399 -33.68 -71.76 -35.29
N ILE Q 400 -33.35 -72.97 -35.76
CA ILE Q 400 -32.31 -73.80 -35.17
C ILE Q 400 -31.29 -74.05 -36.27
N ARG Q 401 -30.11 -73.46 -36.14
CA ARG Q 401 -29.14 -73.41 -37.22
C ARG Q 401 -27.92 -74.26 -36.90
N SER Q 402 -27.38 -74.88 -37.94
CA SER Q 402 -26.14 -75.66 -37.84
C SER Q 402 -24.98 -74.83 -38.37
N PHE Q 403 -23.97 -74.65 -37.52
CA PHE Q 403 -22.80 -73.86 -37.86
C PHE Q 403 -21.58 -74.76 -37.98
N PRO Q 404 -20.78 -74.59 -39.03
CA PRO Q 404 -19.63 -75.50 -39.25
C PRO Q 404 -18.48 -75.21 -38.29
N GLY Q 405 -18.54 -75.79 -37.09
CA GLY Q 405 -17.52 -75.60 -36.10
C GLY Q 405 -18.11 -75.31 -34.73
N ARG Q 406 -19.42 -75.05 -34.71
CA ARG Q 406 -20.14 -74.79 -33.47
C ARG Q 406 -21.36 -75.67 -33.27
N GLY Q 407 -21.81 -76.38 -34.30
CA GLY Q 407 -22.89 -77.34 -34.13
C GLY Q 407 -24.27 -76.74 -34.22
N ILE Q 408 -25.23 -77.34 -33.52
CA ILE Q 408 -26.63 -76.93 -33.59
C ILE Q 408 -26.89 -75.89 -32.49
N ARG Q 409 -27.42 -74.74 -32.87
CA ARG Q 409 -27.65 -73.65 -31.93
C ARG Q 409 -28.99 -72.99 -32.23
N VAL Q 410 -29.59 -72.43 -31.18
CA VAL Q 410 -30.80 -71.62 -31.37
C VAL Q 410 -30.42 -70.30 -32.05
N TRP Q 411 -31.41 -69.68 -32.69
CA TRP Q 411 -31.15 -68.45 -33.44
C TRP Q 411 -32.43 -67.65 -33.59
N GLY Q 412 -32.43 -66.41 -33.10
CA GLY Q 412 -33.47 -65.46 -33.41
C GLY Q 412 -34.18 -64.83 -32.22
N ALA Q 413 -34.55 -65.65 -31.25
CA ALA Q 413 -35.12 -65.21 -29.97
C ALA Q 413 -36.18 -64.12 -30.16
N ARG Q 414 -37.27 -64.48 -30.83
CA ARG Q 414 -38.38 -63.56 -31.08
C ARG Q 414 -39.70 -64.23 -30.70
N THR Q 415 -40.78 -63.46 -30.83
CA THR Q 415 -42.11 -63.92 -30.44
C THR Q 415 -43.12 -63.54 -31.51
N LEU Q 416 -44.37 -63.98 -31.32
CA LEU Q 416 -45.46 -63.71 -32.23
C LEU Q 416 -46.22 -62.49 -31.72
N SER Q 417 -45.88 -61.31 -32.25
CA SER Q 417 -46.55 -60.08 -31.84
C SER Q 417 -46.37 -59.04 -32.93
N SER Q 418 -47.48 -58.56 -33.49
CA SER Q 418 -47.41 -57.49 -34.50
C SER Q 418 -47.00 -56.17 -33.87
N ASP Q 419 -47.42 -55.92 -32.64
CA ASP Q 419 -47.10 -54.68 -31.95
C ASP Q 419 -45.60 -54.60 -31.71
N PRO Q 420 -44.91 -53.55 -32.16
CA PRO Q 420 -43.46 -53.44 -31.94
C PRO Q 420 -43.06 -53.24 -30.48
N ALA Q 421 -44.01 -53.11 -29.56
CA ALA Q 421 -43.66 -52.90 -28.15
C ALA Q 421 -43.14 -54.16 -27.50
N TRP Q 422 -43.62 -55.33 -27.92
CA TRP Q 422 -43.25 -56.59 -27.30
C TRP Q 422 -42.59 -57.53 -28.30
N ARG Q 423 -41.65 -57.00 -29.09
CA ARG Q 423 -40.99 -57.82 -30.11
C ARG Q 423 -40.16 -58.93 -29.48
N TYR Q 424 -39.47 -58.66 -28.39
CA TYR Q 424 -38.50 -59.58 -27.82
C TYR Q 424 -39.08 -60.34 -26.64
N LEU Q 425 -38.57 -61.56 -26.43
CA LEU Q 425 -39.06 -62.43 -25.37
C LEU Q 425 -38.56 -61.99 -24.00
N ASN Q 426 -37.32 -61.52 -23.92
CA ASN Q 426 -36.72 -61.21 -22.61
C ASN Q 426 -37.46 -60.05 -21.93
N ILE Q 427 -37.94 -59.08 -22.71
CA ILE Q 427 -38.71 -57.97 -22.13
C ILE Q 427 -39.98 -58.50 -21.50
N ARG Q 428 -40.69 -59.39 -22.20
CA ARG Q 428 -41.92 -59.96 -21.66
C ARG Q 428 -41.64 -60.77 -20.40
N ARG Q 429 -40.57 -61.58 -20.41
CA ARG Q 429 -40.25 -62.39 -19.23
C ARG Q 429 -39.91 -61.50 -18.03
N TYR Q 430 -39.11 -60.46 -18.25
CA TYR Q 430 -38.75 -59.57 -17.16
C TYR Q 430 -39.96 -58.82 -16.63
N PHE Q 431 -40.86 -58.37 -17.52
CA PHE Q 431 -42.06 -57.69 -17.07
C PHE Q 431 -42.96 -58.62 -16.27
N ASN Q 432 -43.10 -59.88 -16.71
CA ASN Q 432 -43.87 -60.85 -15.95
C ASN Q 432 -43.27 -61.06 -14.56
N TYR Q 433 -41.95 -61.19 -14.49
CA TYR Q 433 -41.28 -61.39 -13.20
C TYR Q 433 -41.52 -60.20 -12.27
N LEU Q 434 -41.37 -58.98 -12.79
CA LEU Q 434 -41.58 -57.78 -11.98
C LEU Q 434 -43.02 -57.68 -11.51
N GLU Q 435 -43.98 -57.94 -12.40
CA GLU Q 435 -45.38 -57.86 -12.02
C GLU Q 435 -45.73 -58.89 -10.96
N GLU Q 436 -45.24 -60.11 -11.11
CA GLU Q 436 -45.50 -61.13 -10.10
C GLU Q 436 -44.91 -60.76 -8.75
N SER Q 437 -43.66 -60.28 -8.75
CA SER Q 437 -43.02 -59.90 -7.49
C SER Q 437 -43.78 -58.76 -6.81
N ILE Q 438 -44.17 -57.75 -7.58
CA ILE Q 438 -44.88 -56.60 -7.01
C ILE Q 438 -46.24 -57.04 -6.47
N LEU Q 439 -46.96 -57.87 -7.22
CA LEU Q 439 -48.27 -58.32 -6.76
C LEU Q 439 -48.16 -59.14 -5.48
N ILE Q 440 -47.16 -60.02 -5.40
CA ILE Q 440 -47.03 -60.85 -4.21
C ILE Q 440 -46.59 -60.04 -2.99
N GLY Q 441 -45.63 -59.13 -3.14
CA GLY Q 441 -45.06 -58.46 -1.99
C GLY Q 441 -45.55 -57.06 -1.71
N THR Q 442 -46.87 -56.82 -1.85
CA THR Q 442 -47.40 -55.49 -1.63
C THR Q 442 -48.72 -55.51 -0.86
N GLN Q 443 -49.27 -56.69 -0.55
CA GLN Q 443 -50.64 -56.77 -0.04
C GLN Q 443 -50.84 -56.06 1.29
N TRP Q 444 -49.78 -55.74 2.02
CA TRP Q 444 -49.93 -55.10 3.32
C TRP Q 444 -50.39 -53.65 3.23
N VAL Q 445 -50.39 -53.05 2.03
CA VAL Q 445 -50.69 -51.62 1.91
C VAL Q 445 -52.18 -51.32 1.95
N VAL Q 446 -53.04 -52.31 1.73
CA VAL Q 446 -54.47 -52.08 1.69
C VAL Q 446 -54.99 -51.74 3.08
N PHE Q 447 -55.99 -50.85 3.12
CA PHE Q 447 -56.64 -50.42 4.36
C PHE Q 447 -55.64 -49.78 5.32
N GLU Q 448 -55.11 -48.65 4.87
CA GLU Q 448 -54.14 -47.85 5.61
C GLU Q 448 -54.64 -46.42 5.76
N PRO Q 449 -54.13 -45.67 6.74
CA PRO Q 449 -54.63 -44.30 6.96
C PRO Q 449 -54.48 -43.38 5.76
N ASN Q 450 -53.62 -43.71 4.80
CA ASN Q 450 -53.47 -42.96 3.55
C ASN Q 450 -53.02 -41.51 3.82
N ASP Q 451 -51.84 -41.41 4.44
CA ASP Q 451 -51.20 -40.13 4.64
C ASP Q 451 -49.87 -40.12 3.91
N HIS Q 452 -49.12 -39.01 3.98
CA HIS Q 452 -47.85 -38.91 3.29
C HIS Q 452 -46.79 -39.86 3.82
N ASN Q 453 -46.93 -40.34 5.06
CA ASN Q 453 -46.02 -41.36 5.57
C ASN Q 453 -46.11 -42.65 4.74
N LEU Q 454 -47.34 -43.04 4.38
CA LEU Q 454 -47.52 -44.22 3.53
C LEU Q 454 -46.87 -44.01 2.17
N TRP Q 455 -47.01 -42.82 1.59
CA TRP Q 455 -46.37 -42.54 0.32
C TRP Q 455 -44.85 -42.65 0.44
N ALA Q 456 -44.29 -42.09 1.52
CA ALA Q 456 -42.85 -42.18 1.72
C ALA Q 456 -42.39 -43.63 1.85
N ARG Q 457 -43.13 -44.43 2.61
CA ARG Q 457 -42.76 -45.84 2.78
C ARG Q 457 -42.81 -46.60 1.46
N ILE Q 458 -43.87 -46.38 0.68
CA ILE Q 458 -44.00 -47.06 -0.61
C ILE Q 458 -42.87 -46.65 -1.53
N ARG Q 459 -42.56 -45.35 -1.59
CA ARG Q 459 -41.49 -44.88 -2.44
C ARG Q 459 -40.15 -45.49 -2.02
N ARG Q 460 -39.89 -45.55 -0.72
CA ARG Q 460 -38.64 -46.13 -0.24
C ARG Q 460 -38.52 -47.59 -0.63
N ASN Q 461 -39.61 -48.35 -0.45
CA ASN Q 461 -39.56 -49.78 -0.77
C ASN Q 461 -39.33 -50.01 -2.26
N VAL Q 462 -40.08 -49.28 -3.09
CA VAL Q 462 -39.93 -49.46 -4.54
C VAL Q 462 -38.55 -49.03 -5.01
N SER Q 463 -38.04 -47.93 -4.46
CA SER Q 463 -36.70 -47.46 -4.83
C SER Q 463 -35.64 -48.47 -4.43
N ALA Q 464 -35.76 -49.07 -3.24
CA ALA Q 464 -34.78 -50.07 -2.82
C ALA Q 464 -34.83 -51.29 -3.74
N PHE Q 465 -36.03 -51.76 -4.07
CA PHE Q 465 -36.14 -52.90 -4.98
C PHE Q 465 -35.53 -52.59 -6.35
N LEU Q 466 -35.83 -51.40 -6.89
CA LEU Q 466 -35.31 -51.05 -8.21
C LEU Q 466 -33.80 -50.86 -8.19
N VAL Q 467 -33.25 -50.32 -7.11
CA VAL Q 467 -31.80 -50.17 -6.99
C VAL Q 467 -31.14 -51.55 -6.94
N ASN Q 468 -31.72 -52.47 -6.16
CA ASN Q 468 -31.17 -53.82 -6.10
C ASN Q 468 -31.22 -54.51 -7.45
N GLU Q 469 -32.31 -54.30 -8.20
CA GLU Q 469 -32.40 -54.89 -9.54
C GLU Q 469 -31.39 -54.26 -10.49
N TRP Q 470 -31.18 -52.94 -10.39
CA TRP Q 470 -30.28 -52.25 -11.31
C TRP Q 470 -28.82 -52.59 -11.06
N ARG Q 471 -28.44 -52.81 -9.80
CA ARG Q 471 -27.04 -53.06 -9.49
C ARG Q 471 -26.51 -54.35 -10.10
N ASN Q 472 -27.39 -55.23 -10.57
CA ASN Q 472 -26.97 -56.45 -11.25
C ASN Q 472 -26.79 -56.27 -12.75
N GLY Q 473 -26.98 -55.06 -13.27
CA GLY Q 473 -26.81 -54.81 -14.68
C GLY Q 473 -28.00 -55.16 -15.55
N ALA Q 474 -29.20 -55.21 -14.98
CA ALA Q 474 -30.40 -55.54 -15.74
C ALA Q 474 -31.12 -54.33 -16.28
N LEU Q 475 -30.61 -53.12 -16.03
CA LEU Q 475 -31.22 -51.90 -16.53
C LEU Q 475 -30.17 -51.04 -17.22
N PHE Q 476 -30.61 -50.32 -18.25
CA PHE Q 476 -29.71 -49.52 -19.09
C PHE Q 476 -29.57 -48.13 -18.50
N GLY Q 477 -28.40 -47.83 -17.97
CA GLY Q 477 -28.13 -46.51 -17.43
C GLY Q 477 -26.84 -46.45 -16.63
N GLN Q 478 -26.08 -45.36 -16.79
CA GLN Q 478 -24.80 -45.20 -16.05
C GLN Q 478 -25.08 -44.83 -14.60
N SER Q 479 -26.21 -44.15 -14.34
CA SER Q 479 -26.57 -43.71 -13.01
C SER Q 479 -27.98 -44.17 -12.67
N PRO Q 480 -28.30 -44.34 -11.38
CA PRO Q 480 -29.66 -44.74 -11.01
C PRO Q 480 -30.72 -43.75 -11.47
N ASP Q 481 -30.34 -42.48 -11.59
CA ASP Q 481 -31.29 -41.46 -12.02
C ASP Q 481 -31.73 -41.68 -13.47
N GLN Q 482 -30.88 -42.28 -14.30
CA GLN Q 482 -31.18 -42.53 -15.70
C GLN Q 482 -31.78 -43.91 -15.94
N ALA Q 483 -31.97 -44.71 -14.90
CA ALA Q 483 -32.45 -46.08 -15.07
C ALA Q 483 -33.91 -46.26 -14.70
N TYR Q 484 -34.42 -45.49 -13.75
CA TYR Q 484 -35.79 -45.66 -13.28
C TYR Q 484 -36.28 -44.34 -12.70
N TYR Q 485 -37.60 -44.26 -12.52
CA TYR Q 485 -38.19 -43.11 -11.84
C TYR Q 485 -39.50 -43.54 -11.19
N VAL Q 486 -39.65 -43.18 -9.91
CA VAL Q 486 -40.84 -43.51 -9.12
C VAL Q 486 -41.42 -42.22 -8.59
N LYS Q 487 -42.71 -42.00 -8.83
CA LYS Q 487 -43.39 -40.77 -8.44
C LYS Q 487 -44.59 -41.12 -7.57
N CYS Q 488 -44.61 -40.57 -6.34
CA CYS Q 488 -45.74 -40.72 -5.44
C CYS Q 488 -45.71 -39.53 -4.49
N ASP Q 489 -46.54 -38.52 -4.77
CA ASP Q 489 -46.55 -37.29 -3.99
C ASP Q 489 -47.89 -36.61 -4.18
N GLU Q 490 -47.98 -35.34 -3.76
CA GLU Q 490 -49.23 -34.60 -3.89
C GLU Q 490 -49.51 -34.17 -5.31
N GLU Q 491 -48.51 -34.24 -6.21
CA GLU Q 491 -48.75 -33.87 -7.59
C GLU Q 491 -49.57 -34.92 -8.32
N THR Q 492 -49.33 -36.21 -8.05
CA THR Q 492 -50.08 -37.29 -8.66
C THR Q 492 -51.22 -37.81 -7.80
N ASN Q 493 -51.44 -37.22 -6.62
CA ASN Q 493 -52.50 -37.62 -5.71
C ASN Q 493 -53.28 -36.39 -5.27
N PRO Q 494 -54.16 -35.87 -6.13
CA PRO Q 494 -54.95 -34.70 -5.76
C PRO Q 494 -55.96 -35.05 -4.68
N PRO Q 495 -56.47 -34.06 -3.96
CA PRO Q 495 -57.46 -34.36 -2.90
C PRO Q 495 -58.70 -35.05 -3.42
N GLU Q 496 -59.13 -34.75 -4.64
CA GLU Q 496 -60.29 -35.44 -5.21
C GLU Q 496 -60.02 -36.93 -5.36
N SER Q 497 -58.81 -37.29 -5.81
CA SER Q 497 -58.47 -38.70 -5.95
C SER Q 497 -58.36 -39.39 -4.60
N VAL Q 498 -57.77 -38.72 -3.61
CA VAL Q 498 -57.59 -39.35 -2.30
C VAL Q 498 -58.91 -39.40 -1.55
N ASP Q 499 -59.92 -38.63 -1.99
CA ASP Q 499 -61.23 -38.72 -1.37
C ASP Q 499 -61.83 -40.12 -1.54
N LEU Q 500 -61.67 -40.71 -2.72
CA LEU Q 500 -62.18 -42.05 -2.98
C LEU Q 500 -61.28 -43.15 -2.43
N GLY Q 501 -60.12 -42.81 -1.89
CA GLY Q 501 -59.21 -43.80 -1.36
C GLY Q 501 -58.43 -44.53 -2.44
N ARG Q 502 -57.59 -43.80 -3.17
CA ARG Q 502 -56.82 -44.35 -4.26
C ARG Q 502 -55.35 -43.97 -4.12
N VAL Q 503 -54.47 -44.89 -4.50
CA VAL Q 503 -53.03 -44.66 -4.54
C VAL Q 503 -52.54 -45.06 -5.92
N VAL Q 504 -51.66 -44.23 -6.50
CA VAL Q 504 -51.20 -44.41 -7.88
C VAL Q 504 -49.77 -44.96 -7.93
N CYS Q 505 -48.80 -44.22 -7.39
CA CYS Q 505 -47.40 -44.64 -7.33
C CYS Q 505 -46.86 -44.99 -8.72
N GLU Q 506 -46.77 -43.96 -9.57
CA GLU Q 506 -46.32 -44.16 -10.93
C GLU Q 506 -44.88 -44.66 -10.95
N ILE Q 507 -44.63 -45.68 -11.78
CA ILE Q 507 -43.32 -46.32 -11.88
C ILE Q 507 -42.92 -46.38 -13.34
N GLY Q 508 -41.66 -46.03 -13.63
CA GLY Q 508 -41.15 -46.16 -14.98
C GLY Q 508 -39.73 -46.69 -15.00
N ILE Q 509 -39.47 -47.67 -15.86
CA ILE Q 509 -38.17 -48.33 -15.94
C ILE Q 509 -37.68 -48.31 -17.38
N ALA Q 510 -36.38 -48.49 -17.54
CA ALA Q 510 -35.75 -48.57 -18.85
C ALA Q 510 -35.09 -49.92 -19.03
N PRO Q 511 -35.67 -50.83 -19.81
CA PRO Q 511 -35.10 -52.18 -19.96
C PRO Q 511 -33.92 -52.18 -20.92
N VAL Q 512 -33.32 -53.37 -21.06
CA VAL Q 512 -32.19 -53.58 -21.96
C VAL Q 512 -32.63 -54.54 -23.06
N LYS Q 513 -32.10 -54.33 -24.25
CA LYS Q 513 -32.46 -55.16 -25.39
C LYS Q 513 -31.23 -55.88 -25.94
N PRO Q 514 -31.39 -57.09 -26.47
CA PRO Q 514 -30.24 -57.84 -26.98
C PRO Q 514 -29.67 -57.21 -28.24
N ALA Q 515 -28.38 -57.42 -28.45
CA ALA Q 515 -27.69 -56.94 -29.64
C ALA Q 515 -27.73 -58.04 -30.70
N GLU Q 516 -28.42 -57.76 -31.81
CA GLU Q 516 -28.62 -58.75 -32.87
C GLU Q 516 -27.66 -58.56 -34.03
N PHE Q 517 -27.50 -57.34 -34.53
CA PHE Q 517 -26.63 -57.05 -35.65
C PHE Q 517 -25.40 -56.31 -35.15
N VAL Q 518 -24.22 -56.87 -35.40
CA VAL Q 518 -22.94 -56.25 -35.04
C VAL Q 518 -22.26 -55.81 -36.32
N ILE Q 519 -21.92 -54.53 -36.40
CA ILE Q 519 -21.36 -53.93 -37.60
C ILE Q 519 -20.01 -53.31 -37.28
N PHE Q 520 -19.01 -53.63 -38.10
CA PHE Q 520 -17.72 -52.97 -38.07
C PHE Q 520 -17.56 -52.11 -39.32
N ARG Q 521 -16.53 -51.27 -39.32
CA ARG Q 521 -16.27 -50.35 -40.42
C ARG Q 521 -15.00 -50.67 -41.18
N LEU Q 522 -13.86 -50.77 -40.50
CA LEU Q 522 -12.57 -51.06 -41.10
C LEU Q 522 -12.24 -50.04 -42.19
N ALA Q 523 -12.13 -48.78 -41.77
CA ALA Q 523 -11.80 -47.68 -42.68
C ALA Q 523 -10.31 -47.39 -42.65
N GLN Q 524 -9.83 -46.75 -43.70
CA GLN Q 524 -8.43 -46.37 -43.84
C GLN Q 524 -8.31 -44.86 -43.72
N PHE Q 525 -7.46 -44.40 -42.81
CA PHE Q 525 -7.32 -42.99 -42.52
C PHE Q 525 -5.84 -42.61 -42.42
N SER Q 526 -5.56 -41.33 -42.62
CA SER Q 526 -4.21 -40.82 -42.56
C SER Q 526 -3.79 -40.55 -41.11
N PRO R 2 -38.17 11.40 60.88
CA PRO R 2 -38.09 11.66 62.32
C PRO R 2 -38.09 13.17 62.63
N SER R 3 -38.21 13.51 63.92
CA SER R 3 -38.24 14.89 64.37
C SER R 3 -36.91 15.23 65.03
N TYR R 4 -36.31 16.33 64.59
CA TYR R 4 -35.04 16.82 65.14
C TYR R 4 -35.29 18.18 65.77
N LEU R 5 -35.13 18.26 67.09
CA LEU R 5 -35.39 19.50 67.82
C LEU R 5 -34.28 19.91 68.77
N SER R 6 -33.41 19.01 69.19
CA SER R 6 -32.33 19.34 70.10
C SER R 6 -31.01 18.76 69.59
N PRO R 7 -29.89 19.44 69.83
CA PRO R 7 -28.59 18.91 69.39
C PRO R 7 -28.26 17.61 70.09
N GLY R 8 -27.54 16.76 69.37
CA GLY R 8 -27.14 15.47 69.93
C GLY R 8 -26.84 14.48 68.81
N VAL R 9 -26.73 13.22 69.20
CA VAL R 9 -26.47 12.12 68.29
C VAL R 9 -27.67 11.18 68.30
N TYR R 10 -28.20 10.88 67.12
CA TYR R 10 -29.36 10.03 66.96
C TYR R 10 -29.00 8.81 66.15
N VAL R 11 -29.40 7.63 66.62
CA VAL R 11 -29.15 6.37 65.93
C VAL R 11 -30.50 5.78 65.55
N GLU R 12 -30.68 5.54 64.25
CA GLU R 12 -31.91 4.96 63.72
C GLU R 12 -31.57 3.84 62.77
N GLU R 13 -32.51 2.90 62.64
CA GLU R 13 -32.33 1.71 61.80
C GLU R 13 -33.29 1.80 60.62
N VAL R 14 -32.73 1.69 59.41
CA VAL R 14 -33.57 1.69 58.21
C VAL R 14 -34.13 0.29 57.97
N ALA R 15 -35.44 0.23 57.73
CA ALA R 15 -36.15 -1.04 57.58
C ALA R 15 -35.73 -1.81 56.33
N SER R 16 -35.01 -1.16 55.42
CA SER R 16 -34.57 -1.81 54.19
C SER R 16 -33.64 -2.98 54.49
N GLY R 17 -34.04 -4.17 54.12
CA GLY R 17 -33.27 -5.38 54.37
C GLY R 17 -33.93 -6.59 53.79
N SER R 18 -33.75 -7.72 54.47
CA SER R 18 -34.33 -8.99 54.04
C SER R 18 -35.23 -9.54 55.13
N ARG R 19 -36.40 -10.04 54.72
CA ARG R 19 -37.39 -10.63 55.63
C ARG R 19 -37.79 -11.99 55.07
N PRO R 20 -37.02 -13.04 55.36
CA PRO R 20 -37.31 -14.35 54.77
C PRO R 20 -38.65 -14.91 55.26
N ILE R 21 -39.26 -15.72 54.40
CA ILE R 21 -40.52 -16.38 54.69
C ILE R 21 -40.26 -17.88 54.81
N GLU R 22 -40.75 -18.46 55.90
CA GLU R 22 -40.54 -19.88 56.19
C GLU R 22 -41.80 -20.68 55.89
N GLY R 23 -41.61 -21.99 55.71
CA GLY R 23 -42.71 -22.89 55.45
C GLY R 23 -43.44 -23.30 56.72
N VAL R 24 -44.39 -24.22 56.54
CA VAL R 24 -45.20 -24.73 57.65
C VAL R 24 -45.19 -26.25 57.61
N GLY R 25 -45.47 -26.87 58.75
CA GLY R 25 -45.50 -28.31 58.85
C GLY R 25 -46.85 -28.86 58.41
N THR R 26 -46.82 -29.84 57.51
CA THR R 26 -48.05 -30.43 56.98
C THR R 26 -48.12 -31.92 57.28
N SER R 27 -47.80 -32.30 58.51
CA SER R 27 -47.80 -33.70 58.92
C SER R 27 -48.56 -33.90 60.21
N VAL R 28 -49.73 -33.27 60.32
CA VAL R 28 -50.61 -33.39 61.48
C VAL R 28 -51.98 -33.85 61.00
N ALA R 29 -52.53 -34.87 61.67
CA ALA R 29 -53.83 -35.41 61.32
C ALA R 29 -54.70 -35.50 62.58
N ALA R 30 -56.00 -35.32 62.39
CA ALA R 30 -56.97 -35.33 63.48
C ALA R 30 -57.98 -36.44 63.25
N PHE R 31 -58.07 -37.38 64.19
CA PHE R 31 -58.96 -38.52 64.11
C PHE R 31 -60.10 -38.35 65.10
N VAL R 32 -61.33 -38.52 64.62
CA VAL R 32 -62.53 -38.44 65.46
C VAL R 32 -63.14 -39.84 65.52
N GLY R 33 -63.36 -40.32 66.73
CA GLY R 33 -63.89 -41.66 66.89
C GLY R 33 -64.38 -41.90 68.31
N LEU R 34 -64.68 -43.16 68.58
CA LEU R 34 -65.15 -43.59 69.90
C LEU R 34 -64.10 -44.48 70.55
N ALA R 35 -63.93 -44.29 71.86
CA ALA R 35 -62.95 -45.00 72.66
C ALA R 35 -63.62 -45.48 73.94
N PRO R 36 -63.10 -46.54 74.55
CA PRO R 36 -63.73 -47.04 75.79
C PRO R 36 -63.70 -46.04 76.93
N THR R 37 -62.51 -45.55 77.29
CA THR R 37 -62.37 -44.60 78.39
C THR R 37 -61.37 -43.52 78.00
N GLY R 38 -61.53 -42.34 78.59
CA GLY R 38 -60.65 -41.23 78.33
C GLY R 38 -61.36 -39.90 78.40
N PRO R 39 -60.64 -38.83 78.09
CA PRO R 39 -61.27 -37.49 78.06
C PRO R 39 -62.38 -37.43 77.02
N LEU R 40 -63.41 -36.66 77.32
CA LEU R 40 -64.59 -36.55 76.48
C LEU R 40 -64.66 -35.17 75.85
N ASN R 41 -64.83 -35.15 74.52
CA ASN R 41 -64.99 -33.91 73.75
C ASN R 41 -63.81 -32.96 73.96
N GLU R 42 -62.61 -33.53 74.02
CA GLU R 42 -61.39 -32.74 74.15
C GLU R 42 -60.39 -33.19 73.11
N PRO R 43 -59.87 -32.29 72.27
CA PRO R 43 -58.91 -32.69 71.24
C PRO R 43 -57.52 -32.96 71.82
N THR R 44 -57.31 -34.17 72.34
CA THR R 44 -56.04 -34.51 72.95
C THR R 44 -54.95 -34.62 71.89
N LEU R 45 -53.71 -34.39 72.30
CA LEU R 45 -52.56 -34.48 71.42
C LEU R 45 -51.73 -35.70 71.78
N VAL R 46 -51.43 -36.53 70.78
CA VAL R 46 -50.66 -37.75 70.96
C VAL R 46 -49.49 -37.74 70.00
N THR R 47 -48.35 -38.26 70.45
CA THR R 47 -47.16 -38.33 69.61
C THR R 47 -46.46 -39.68 69.69
N ASN R 48 -47.00 -40.64 70.43
CA ASN R 48 -46.42 -41.97 70.55
C ASN R 48 -47.50 -42.87 71.14
N TRP R 49 -47.43 -44.17 70.81
CA TRP R 49 -48.49 -45.11 71.25
C TRP R 49 -48.59 -45.12 72.77
N THR R 50 -47.47 -45.03 73.50
CA THR R 50 -47.55 -45.12 74.94
C THR R 50 -48.52 -44.10 75.52
N GLN R 51 -48.50 -42.88 74.97
CA GLN R 51 -49.44 -41.86 75.41
C GLN R 51 -50.88 -42.28 75.13
N TYR R 52 -51.13 -42.83 73.93
CA TYR R 52 -52.47 -43.29 73.60
C TYR R 52 -52.91 -44.42 74.52
N VAL R 53 -52.00 -45.35 74.82
CA VAL R 53 -52.34 -46.45 75.74
C VAL R 53 -52.68 -45.90 77.11
N ALA R 54 -51.89 -44.96 77.61
CA ALA R 54 -52.13 -44.39 78.93
C ALA R 54 -53.40 -43.54 78.98
N ALA R 55 -53.81 -42.95 77.87
CA ALA R 55 -54.96 -42.05 77.88
C ALA R 55 -56.26 -42.77 77.52
N PHE R 56 -56.34 -43.35 76.33
CA PHE R 56 -57.59 -43.87 75.79
C PHE R 56 -57.67 -45.39 75.80
N GLY R 57 -56.76 -46.08 76.47
CA GLY R 57 -56.77 -47.52 76.47
C GLY R 57 -56.21 -48.09 75.17
N ASP R 58 -56.37 -49.40 75.01
CA ASP R 58 -55.82 -50.09 73.84
C ASP R 58 -56.55 -51.42 73.65
N PHE R 59 -57.27 -51.53 72.53
CA PHE R 59 -57.80 -52.79 72.03
C PHE R 59 -58.65 -53.54 73.07
N THR R 60 -59.76 -52.96 73.49
CA THR R 60 -60.66 -53.62 74.43
C THR R 60 -62.13 -53.55 74.06
N GLY R 61 -62.54 -52.63 73.19
CA GLY R 61 -63.94 -52.50 72.86
C GLY R 61 -64.28 -52.87 71.43
N GLY R 62 -63.28 -53.29 70.67
CA GLY R 62 -63.49 -53.64 69.27
C GLY R 62 -63.90 -52.47 68.40
N TYR R 63 -63.25 -51.32 68.58
CA TYR R 63 -63.53 -50.12 67.80
C TYR R 63 -62.44 -49.89 66.77
N TYR R 64 -62.74 -49.03 65.80
CA TYR R 64 -61.83 -48.76 64.69
C TYR R 64 -60.87 -47.62 64.97
N LEU R 65 -60.98 -46.94 66.11
CA LEU R 65 -60.07 -45.84 66.41
C LEU R 65 -58.68 -46.36 66.73
N ALA R 66 -58.59 -47.40 67.57
CA ALA R 66 -57.29 -47.93 67.95
C ALA R 66 -56.54 -48.48 66.74
N HIS R 67 -57.24 -49.23 65.87
CA HIS R 67 -56.59 -49.77 64.68
C HIS R 67 -56.09 -48.65 63.77
N SER R 68 -56.90 -47.61 63.58
CA SER R 68 -56.49 -46.50 62.73
C SER R 68 -55.27 -45.77 63.31
N VAL R 69 -55.27 -45.54 64.63
CA VAL R 69 -54.13 -44.87 65.25
C VAL R 69 -52.88 -45.72 65.14
N TYR R 70 -53.00 -47.03 65.38
CA TYR R 70 -51.85 -47.91 65.26
C TYR R 70 -51.31 -47.93 63.83
N GLY R 71 -52.20 -47.96 62.85
CA GLY R 71 -51.76 -47.91 61.46
C GLY R 71 -51.09 -46.60 61.11
N PHE R 72 -51.62 -45.49 61.62
CA PHE R 72 -51.03 -44.19 61.37
C PHE R 72 -49.62 -44.10 61.95
N PHE R 73 -49.44 -44.60 63.17
CA PHE R 73 -48.10 -44.60 63.77
C PHE R 73 -47.19 -45.66 63.16
N ASN R 74 -47.75 -46.66 62.49
CA ASN R 74 -46.93 -47.68 61.84
C ASN R 74 -46.31 -47.18 60.54
N ASN R 75 -46.95 -46.23 59.87
CA ASN R 75 -46.50 -45.74 58.58
C ASN R 75 -45.65 -44.47 58.69
N GLY R 76 -45.14 -44.17 59.88
CA GLY R 76 -44.27 -43.04 60.05
C GLY R 76 -44.93 -41.74 60.45
N GLY R 77 -46.02 -41.80 61.21
CA GLY R 77 -46.65 -40.59 61.68
C GLY R 77 -45.81 -39.86 62.71
N SER R 78 -46.07 -38.56 62.84
CA SER R 78 -45.31 -37.70 63.74
C SER R 78 -46.14 -37.21 64.92
N ALA R 79 -47.28 -36.58 64.67
CA ALA R 79 -48.13 -36.07 65.74
C ALA R 79 -49.58 -36.14 65.28
N ALA R 80 -50.47 -36.44 66.23
CA ALA R 80 -51.88 -36.63 65.90
C ALA R 80 -52.75 -35.98 66.98
N TYR R 81 -53.96 -35.63 66.57
CA TYR R 81 -55.00 -35.14 67.46
C TYR R 81 -56.12 -36.19 67.52
N VAL R 82 -56.66 -36.39 68.72
CA VAL R 82 -57.68 -37.40 68.96
C VAL R 82 -58.90 -36.74 69.58
N VAL R 83 -60.07 -37.03 69.02
CA VAL R 83 -61.35 -36.59 69.56
C VAL R 83 -62.19 -37.84 69.83
N ARG R 84 -62.72 -37.94 71.05
CA ARG R 84 -63.52 -39.09 71.48
C ARG R 84 -64.96 -38.63 71.68
N VAL R 85 -65.83 -38.99 70.73
CA VAL R 85 -67.23 -38.59 70.81
C VAL R 85 -67.93 -39.33 71.95
N GLY R 86 -67.69 -40.63 72.05
CA GLY R 86 -68.35 -41.44 73.06
C GLY R 86 -67.67 -42.78 73.21
N GLY R 87 -68.39 -43.70 73.85
CA GLY R 87 -67.87 -45.04 74.05
C GLY R 87 -68.59 -45.72 75.20
N SER R 88 -68.03 -46.87 75.60
CA SER R 88 -68.60 -47.65 76.69
C SER R 88 -67.48 -48.52 77.28
N ALA R 89 -67.71 -49.00 78.50
CA ALA R 89 -66.78 -49.85 79.20
C ALA R 89 -67.47 -51.10 79.72
N GLU R 90 -68.42 -51.62 78.94
CA GLU R 90 -69.18 -52.81 79.34
C GLU R 90 -68.90 -53.97 78.40
N GLY R 249 -66.86 -32.48 67.01
CA GLY R 249 -65.71 -32.01 67.75
C GLY R 249 -65.33 -30.58 67.42
N GLY R 250 -64.58 -29.94 68.32
CA GLY R 250 -64.15 -28.58 68.13
C GLY R 250 -62.82 -28.47 67.43
N LEU R 251 -62.74 -28.93 66.19
CA LEU R 251 -61.50 -28.88 65.42
C LEU R 251 -61.25 -27.52 64.78
N GLU R 252 -62.21 -26.59 64.87
CA GLU R 252 -62.04 -25.28 64.26
C GLU R 252 -61.09 -24.39 65.05
N ALA R 253 -60.82 -24.71 66.32
CA ALA R 253 -59.91 -23.92 67.13
C ALA R 253 -58.45 -24.27 66.92
N ILE R 254 -58.16 -25.35 66.20
CA ILE R 254 -56.79 -25.80 65.96
C ILE R 254 -56.34 -25.26 64.61
N ASP R 255 -55.05 -24.98 64.48
CA ASP R 255 -54.48 -24.40 63.28
C ASP R 255 -53.56 -25.34 62.54
N GLU R 256 -52.77 -26.15 63.25
CA GLU R 256 -51.76 -26.98 62.61
C GLU R 256 -52.34 -28.22 61.93
N ILE R 257 -53.63 -28.52 62.11
CA ILE R 257 -54.21 -29.70 61.50
C ILE R 257 -54.18 -29.58 59.99
N SER R 258 -53.72 -30.63 59.32
CA SER R 258 -53.65 -30.66 57.86
C SER R 258 -54.61 -31.65 57.23
N MET R 259 -55.13 -32.61 57.99
CA MET R 259 -56.08 -33.57 57.47
C MET R 259 -56.93 -34.10 58.62
N VAL R 260 -58.17 -34.47 58.29
CA VAL R 260 -59.14 -34.93 59.28
C VAL R 260 -59.73 -36.25 58.80
N ALA R 261 -59.96 -37.16 59.74
CA ALA R 261 -60.52 -38.46 59.44
C ALA R 261 -61.50 -38.87 60.54
N VAL R 262 -62.48 -39.68 60.15
CA VAL R 262 -63.45 -40.25 61.07
C VAL R 262 -63.40 -41.77 60.89
N PRO R 263 -62.36 -42.44 61.42
CA PRO R 263 -62.19 -43.87 61.09
C PRO R 263 -63.36 -44.74 61.56
N ASP R 264 -63.95 -44.43 62.71
CA ASP R 264 -65.00 -45.28 63.27
C ASP R 264 -66.32 -44.58 63.00
N LEU R 265 -66.84 -44.78 61.81
CA LEU R 265 -68.18 -44.37 61.39
C LEU R 265 -68.98 -45.51 60.80
N MET R 266 -68.33 -46.43 60.08
CA MET R 266 -69.03 -47.59 59.53
C MET R 266 -69.42 -48.59 60.61
N ALA R 267 -68.82 -48.50 61.79
CA ALA R 267 -69.19 -49.41 62.88
C ALA R 267 -70.64 -49.20 63.29
N ALA R 268 -71.06 -47.94 63.44
CA ALA R 268 -72.45 -47.66 63.77
C ALA R 268 -73.37 -48.11 62.65
N TYR R 269 -72.93 -47.99 61.40
CA TYR R 269 -73.72 -48.45 60.27
C TYR R 269 -73.86 -49.97 60.27
N GLN R 270 -72.82 -50.68 60.72
CA GLN R 270 -72.84 -52.14 60.65
C GLN R 270 -73.78 -52.74 61.70
N ARG R 271 -73.73 -52.25 62.93
CA ARG R 271 -74.53 -52.83 64.02
C ARG R 271 -75.69 -51.93 64.45
N GLY R 272 -75.48 -50.63 64.55
CA GLY R 272 -76.52 -49.74 65.03
C GLY R 272 -77.63 -49.46 64.04
N ALA R 273 -77.42 -49.78 62.76
CA ALA R 273 -78.40 -49.53 61.70
C ALA R 273 -78.80 -48.06 61.66
N ILE R 274 -77.82 -47.22 61.37
CA ILE R 274 -78.01 -45.77 61.34
C ILE R 274 -78.37 -45.30 59.93
N ASP R 275 -78.70 -46.23 59.03
CA ASP R 275 -79.11 -45.93 57.66
C ASP R 275 -77.99 -45.25 56.88
N LEU R 276 -78.25 -44.91 55.63
CA LEU R 276 -77.26 -44.25 54.79
C LEU R 276 -77.39 -42.73 54.80
N GLU R 277 -78.58 -42.21 55.11
CA GLU R 277 -78.77 -40.76 55.12
C GLU R 277 -77.92 -40.08 56.17
N ALA R 278 -77.83 -40.68 57.36
CA ALA R 278 -77.01 -40.10 58.42
C ALA R 278 -75.53 -40.09 58.03
N VAL R 279 -75.05 -41.18 57.44
CA VAL R 279 -73.65 -41.23 57.00
C VAL R 279 -73.39 -40.19 55.92
N LYS R 280 -74.31 -40.07 54.97
CA LYS R 280 -74.16 -39.07 53.91
C LYS R 280 -74.14 -37.65 54.48
N ALA R 281 -75.02 -37.37 55.44
CA ALA R 281 -75.06 -36.05 56.05
C ALA R 281 -73.78 -35.76 56.83
N VAL R 282 -73.26 -36.74 57.55
CA VAL R 282 -72.02 -36.53 58.31
C VAL R 282 -70.86 -36.28 57.36
N GLN R 283 -70.76 -37.06 56.28
CA GLN R 283 -69.68 -36.84 55.33
C GLN R 283 -69.81 -35.51 54.62
N LEU R 284 -71.03 -35.10 54.28
CA LEU R 284 -71.23 -33.79 53.66
C LEU R 284 -70.87 -32.66 54.61
N GLY R 285 -71.19 -32.81 55.90
CA GLY R 285 -70.79 -31.81 56.87
C GLY R 285 -69.28 -31.71 57.02
N LEU R 286 -68.60 -32.86 57.02
CA LEU R 286 -67.14 -32.85 57.08
C LEU R 286 -66.55 -32.17 55.84
N ILE R 287 -67.13 -32.46 54.66
CA ILE R 287 -66.67 -31.83 53.43
C ILE R 287 -66.86 -30.32 53.49
N ALA R 288 -68.02 -29.88 53.99
CA ALA R 288 -68.29 -28.44 54.10
C ALA R 288 -67.33 -27.78 55.07
N HIS R 289 -67.04 -28.44 56.19
CA HIS R 289 -66.08 -27.88 57.14
C HIS R 289 -64.69 -27.76 56.51
N CYS R 290 -64.27 -28.78 55.77
CA CYS R 290 -62.97 -28.72 55.09
C CYS R 290 -62.94 -27.59 54.08
N GLU R 291 -64.01 -27.41 53.32
CA GLU R 291 -64.06 -26.33 52.34
C GLU R 291 -64.03 -24.97 53.02
N LEU R 292 -64.75 -24.82 54.13
CA LEU R 292 -64.77 -23.55 54.84
C LEU R 292 -63.41 -23.21 55.41
N MET R 293 -62.71 -24.19 55.99
CA MET R 293 -61.40 -23.93 56.55
C MET R 293 -60.40 -23.54 55.46
N GLY R 294 -60.44 -24.21 54.32
CA GLY R 294 -59.54 -23.88 53.23
C GLY R 294 -58.11 -24.30 53.42
N ASP R 295 -57.84 -25.18 54.39
CA ASP R 295 -56.49 -25.62 54.66
C ASP R 295 -56.35 -27.14 54.78
N ARG R 296 -57.44 -27.88 54.97
CA ARG R 296 -57.39 -29.30 55.27
C ARG R 296 -57.99 -30.11 54.13
N VAL R 297 -57.63 -31.39 54.09
CA VAL R 297 -58.07 -32.31 53.05
C VAL R 297 -58.70 -33.53 53.71
N ALA R 298 -59.84 -33.96 53.17
CA ALA R 298 -60.63 -35.04 53.75
C ALA R 298 -60.32 -36.36 53.07
N ILE R 299 -60.39 -37.44 53.86
CA ILE R 299 -60.19 -38.79 53.38
C ILE R 299 -61.49 -39.56 53.57
N ILE R 300 -61.96 -40.20 52.51
CA ILE R 300 -63.28 -40.85 52.50
C ILE R 300 -63.10 -42.32 52.14
N ASP R 301 -63.99 -43.14 52.69
CA ASP R 301 -64.06 -44.58 52.44
C ASP R 301 -65.48 -44.97 52.10
N PRO R 302 -65.67 -46.01 51.30
CA PRO R 302 -67.01 -46.44 50.92
C PRO R 302 -67.57 -47.47 51.89
N PRO R 303 -68.84 -47.83 51.77
CA PRO R 303 -69.40 -48.90 52.59
C PRO R 303 -68.68 -50.21 52.33
N PRO R 304 -68.62 -51.11 53.32
CA PRO R 304 -67.74 -52.28 53.23
C PRO R 304 -67.98 -53.21 52.05
N ASN R 305 -69.20 -53.73 51.92
CA ASN R 305 -69.45 -54.82 50.99
C ASN R 305 -69.97 -54.31 49.65
N GLN R 306 -69.04 -54.02 48.74
CA GLN R 306 -69.39 -53.63 47.38
C GLN R 306 -68.34 -54.19 46.43
N ASN R 307 -68.70 -54.24 45.15
CA ASN R 307 -67.79 -54.64 44.08
C ASN R 307 -67.96 -53.68 42.90
N ALA R 308 -67.41 -54.07 41.76
CA ALA R 308 -67.53 -53.25 40.57
C ALA R 308 -68.99 -53.16 40.13
N ARG R 309 -69.32 -52.08 39.40
CA ARG R 309 -70.68 -51.82 38.89
C ARG R 309 -71.62 -51.43 40.03
N GLN R 310 -71.13 -51.45 41.27
CA GLN R 310 -71.87 -50.91 42.40
C GLN R 310 -71.26 -49.63 42.93
N ILE R 311 -69.96 -49.62 43.22
CA ILE R 311 -69.31 -48.39 43.67
C ILE R 311 -69.43 -47.30 42.61
N ARG R 312 -69.24 -47.68 41.34
CA ARG R 312 -69.42 -46.72 40.25
C ARG R 312 -70.83 -46.14 40.24
N VAL R 313 -71.81 -46.86 40.77
CA VAL R 313 -73.13 -46.29 40.97
C VAL R 313 -73.16 -45.44 42.23
N TRP R 314 -72.61 -45.98 43.33
CA TRP R 314 -72.68 -45.29 44.62
C TRP R 314 -71.98 -43.94 44.57
N ARG R 315 -70.96 -43.80 43.72
CA ARG R 315 -70.25 -42.54 43.57
C ARG R 315 -71.04 -41.51 42.77
N GLN R 316 -71.92 -41.94 41.87
CA GLN R 316 -72.54 -41.02 40.93
C GLN R 316 -74.00 -40.71 41.22
N GLU R 317 -74.79 -41.71 41.64
CA GLU R 317 -76.20 -41.48 41.92
C GLU R 317 -76.48 -41.17 43.38
N THR R 318 -75.53 -41.36 44.27
CA THR R 318 -75.79 -41.18 45.69
C THR R 318 -74.79 -40.27 46.38
N ALA R 319 -73.52 -40.30 45.97
CA ALA R 319 -72.43 -39.64 46.70
C ALA R 319 -71.55 -38.85 45.75
N GLY R 320 -72.18 -37.99 44.94
CA GLY R 320 -71.42 -37.20 43.98
C GLY R 320 -70.30 -36.40 44.62
N TYR R 321 -70.60 -35.73 45.74
CA TYR R 321 -69.59 -35.13 46.61
C TYR R 321 -68.79 -34.02 45.93
N ASP R 322 -67.96 -34.40 44.94
CA ASP R 322 -66.97 -33.53 44.32
C ASP R 322 -66.30 -32.61 45.34
N SER R 323 -66.39 -31.30 45.13
CA SER R 323 -65.91 -30.23 46.02
C SER R 323 -64.40 -30.09 46.02
N LYS R 324 -63.66 -30.94 45.30
CA LYS R 324 -62.22 -30.82 45.07
C LYS R 324 -61.39 -30.91 46.36
N TYR R 325 -62.02 -31.13 47.51
CA TYR R 325 -61.34 -31.13 48.80
C TYR R 325 -61.45 -32.49 49.48
N ALA R 326 -61.30 -33.57 48.72
CA ALA R 326 -61.44 -34.91 49.29
C ALA R 326 -60.67 -35.92 48.45
N ALA R 327 -60.44 -37.07 49.05
CA ALA R 327 -59.83 -38.21 48.36
C ALA R 327 -60.47 -39.48 48.88
N LEU R 328 -61.00 -40.30 47.97
CA LEU R 328 -61.73 -41.51 48.33
C LEU R 328 -60.87 -42.73 48.03
N TYR R 329 -60.80 -43.66 48.99
CA TYR R 329 -60.01 -44.88 48.85
C TYR R 329 -60.95 -46.08 48.95
N TYR R 330 -61.09 -46.83 47.85
CA TYR R 330 -62.12 -47.84 47.69
C TYR R 330 -61.92 -49.09 48.57
N PRO R 331 -60.87 -49.89 48.38
CA PRO R 331 -60.86 -51.22 49.00
C PRO R 331 -60.46 -51.19 50.47
N TRP R 332 -61.08 -52.07 51.25
CA TRP R 332 -60.78 -52.19 52.66
C TRP R 332 -59.56 -53.08 52.88
N ILE R 333 -58.97 -52.97 54.06
CA ILE R 333 -57.72 -53.66 54.39
C ILE R 333 -57.97 -54.63 55.53
N LYS R 334 -57.55 -55.88 55.36
CA LYS R 334 -57.64 -56.87 56.42
C LYS R 334 -56.37 -56.80 57.27
N SER R 335 -56.54 -56.62 58.58
CA SER R 335 -55.42 -56.42 59.49
C SER R 335 -55.60 -57.30 60.71
N PHE R 336 -54.50 -57.46 61.44
CA PHE R 336 -54.43 -58.32 62.61
C PHE R 336 -54.89 -57.57 63.87
N ASP R 337 -55.43 -58.32 64.82
CA ASP R 337 -55.86 -57.78 66.10
C ASP R 337 -55.26 -58.64 67.20
N PRO R 338 -54.39 -58.09 68.06
CA PRO R 338 -53.78 -58.90 69.13
C PRO R 338 -54.70 -59.16 70.30
N ALA R 339 -55.77 -58.38 70.47
CA ALA R 339 -56.69 -58.63 71.58
C ALA R 339 -57.32 -60.01 71.46
N THR R 340 -57.75 -60.39 70.25
CA THR R 340 -58.16 -61.74 69.96
C THR R 340 -57.17 -62.50 69.09
N GLY R 341 -56.14 -61.82 68.59
CA GLY R 341 -55.18 -62.45 67.70
C GLY R 341 -55.80 -62.96 66.42
N GLN R 342 -56.67 -62.16 65.80
CA GLN R 342 -57.43 -62.61 64.64
C GLN R 342 -57.42 -61.52 63.57
N SER R 343 -57.65 -61.94 62.33
CA SER R 343 -57.68 -61.01 61.20
C SER R 343 -59.10 -60.51 60.97
N ARG R 344 -59.23 -59.21 60.73
CA ARG R 344 -60.53 -58.61 60.47
C ARG R 344 -60.37 -57.38 59.59
N LEU R 345 -61.46 -56.98 58.95
CA LEU R 345 -61.43 -55.92 57.95
C LEU R 345 -61.61 -54.56 58.60
N VAL R 346 -60.80 -53.59 58.16
CA VAL R 346 -60.91 -52.21 58.61
C VAL R 346 -60.79 -51.29 57.41
N PRO R 347 -61.42 -50.11 57.50
CA PRO R 347 -61.31 -49.15 56.40
C PRO R 347 -59.90 -48.58 56.31
N PRO R 348 -59.48 -48.14 55.13
CA PRO R 348 -58.13 -47.52 54.97
C PRO R 348 -58.15 -46.02 55.25
N SER R 349 -58.22 -45.67 56.53
CA SER R 349 -58.30 -44.27 56.94
C SER R 349 -56.96 -43.75 57.48
N GLY R 350 -56.38 -44.44 58.47
CA GLY R 350 -55.13 -43.98 59.04
C GLY R 350 -53.91 -44.33 58.20
N HIS R 351 -53.98 -45.42 57.45
CA HIS R 351 -52.83 -45.84 56.66
C HIS R 351 -52.48 -44.83 55.57
N VAL R 352 -53.50 -44.28 54.91
CA VAL R 352 -53.25 -43.29 53.86
C VAL R 352 -52.69 -42.01 54.46
N ALA R 353 -53.17 -41.62 55.64
CA ALA R 353 -52.61 -40.44 56.31
C ALA R 353 -51.15 -40.68 56.69
N GLY R 354 -50.83 -41.88 57.17
CA GLY R 354 -49.44 -42.18 57.47
C GLY R 354 -48.56 -42.17 56.22
N ILE R 355 -49.09 -42.68 55.12
CA ILE R 355 -48.35 -42.66 53.85
C ILE R 355 -48.11 -41.22 53.41
N TRP R 356 -49.12 -40.36 53.55
CA TRP R 356 -48.96 -38.95 53.20
C TRP R 356 -47.89 -38.29 54.06
N ALA R 357 -47.90 -38.57 55.37
CA ALA R 357 -46.89 -38.01 56.25
C ALA R 357 -45.50 -38.50 55.89
N ARG R 358 -45.37 -39.79 55.58
CA ARG R 358 -44.09 -40.35 55.19
C ARG R 358 -43.57 -39.71 53.90
N ASN R 359 -44.46 -39.52 52.93
CA ASN R 359 -44.06 -38.87 51.67
C ASN R 359 -43.65 -37.43 51.91
N ASP R 360 -44.38 -36.72 52.77
CA ASP R 360 -44.02 -35.35 53.07
C ASP R 360 -42.73 -35.21 53.86
N SER R 361 -42.38 -36.25 54.62
CA SER R 361 -41.15 -36.21 55.41
C SER R 361 -39.94 -36.59 54.57
N GLU R 362 -39.99 -37.75 53.91
CA GLU R 362 -38.86 -38.21 53.12
C GLU R 362 -38.57 -37.28 51.94
N ARG R 363 -39.58 -36.98 51.15
CA ARG R 363 -39.47 -36.10 49.99
C ARG R 363 -40.31 -34.86 50.21
N GLY R 364 -40.31 -33.99 49.22
CA GLY R 364 -41.11 -32.78 49.28
C GLY R 364 -42.58 -33.06 49.15
N VAL R 365 -43.39 -32.06 49.50
CA VAL R 365 -44.84 -32.17 49.40
C VAL R 365 -45.32 -32.21 47.95
N HIS R 366 -44.46 -31.87 46.99
CA HIS R 366 -44.83 -31.87 45.59
C HIS R 366 -44.85 -33.27 44.98
N LYS R 367 -44.36 -34.27 45.69
CA LYS R 367 -44.35 -35.65 45.19
C LYS R 367 -45.69 -36.30 45.48
N ALA R 368 -46.33 -36.84 44.44
CA ALA R 368 -47.62 -37.46 44.60
C ALA R 368 -47.48 -38.83 45.26
N PRO R 369 -48.20 -39.10 46.34
CA PRO R 369 -48.12 -40.42 46.97
C PRO R 369 -48.84 -41.48 46.14
N ALA R 370 -48.27 -41.82 44.98
CA ALA R 370 -48.90 -42.74 44.06
C ALA R 370 -48.41 -44.18 44.20
N ASN R 371 -47.14 -44.39 44.54
CA ASN R 371 -46.56 -45.72 44.64
C ASN R 371 -45.94 -45.88 46.02
N GLU R 372 -46.76 -46.28 47.00
CA GLU R 372 -46.29 -46.53 48.35
C GLU R 372 -46.90 -47.83 48.86
N VAL R 373 -46.14 -48.50 49.74
CA VAL R 373 -46.52 -49.81 50.25
C VAL R 373 -47.23 -49.65 51.59
N VAL R 374 -48.39 -50.29 51.74
CA VAL R 374 -49.18 -50.15 52.99
C VAL R 374 -48.66 -51.15 54.03
N ARG R 375 -47.97 -50.65 55.07
CA ARG R 375 -47.48 -51.55 56.16
C ARG R 375 -48.68 -52.14 56.89
N GLY R 376 -48.61 -53.44 57.24
CA GLY R 376 -49.71 -54.10 57.97
C GLY R 376 -50.83 -54.53 57.04
N ALA R 377 -50.67 -54.30 55.73
CA ALA R 377 -51.70 -54.73 54.76
C ALA R 377 -51.50 -56.22 54.44
N VAL R 378 -52.26 -57.08 55.10
CA VAL R 378 -52.12 -58.56 54.89
C VAL R 378 -52.88 -58.96 53.62
N ASP R 379 -54.21 -58.81 53.62
CA ASP R 379 -55.01 -59.20 52.48
C ASP R 379 -55.87 -58.01 52.05
N LEU R 380 -56.72 -58.25 51.04
CA LEU R 380 -57.64 -57.23 50.55
C LEU R 380 -59.06 -57.72 50.36
N GLU R 381 -59.29 -59.04 50.25
CA GLU R 381 -60.61 -59.63 50.05
C GLU R 381 -61.26 -59.17 48.75
N LEU R 382 -60.46 -58.71 47.79
CA LEU R 382 -60.95 -58.28 46.49
C LEU R 382 -59.77 -58.09 45.56
N GLN R 383 -59.97 -58.38 44.27
CA GLN R 383 -58.93 -58.26 43.26
C GLN R 383 -59.45 -57.43 42.09
N ILE R 384 -58.59 -56.55 41.58
CA ILE R 384 -58.93 -55.65 40.49
C ILE R 384 -58.03 -55.96 39.30
N THR R 385 -58.64 -56.14 38.13
CA THR R 385 -57.89 -56.37 36.91
C THR R 385 -57.57 -55.02 36.25
N ARG R 386 -57.04 -55.07 35.03
CA ARG R 386 -56.69 -53.82 34.31
C ARG R 386 -57.98 -53.13 33.84
N GLY R 387 -58.94 -53.91 33.32
CA GLY R 387 -60.17 -53.30 32.80
C GLY R 387 -60.99 -52.62 33.88
N GLU R 388 -61.12 -53.25 35.04
CA GLU R 388 -61.87 -52.63 36.14
C GLU R 388 -61.21 -51.34 36.60
N GLN R 389 -59.87 -51.34 36.69
CA GLN R 389 -59.17 -50.11 37.03
C GLN R 389 -59.37 -49.05 35.95
N ASP R 390 -59.33 -49.44 34.68
CA ASP R 390 -59.60 -48.51 33.59
C ASP R 390 -61.02 -47.99 33.61
N LEU R 391 -61.95 -48.69 34.26
CA LEU R 391 -63.30 -48.18 34.44
C LEU R 391 -63.42 -47.26 35.65
N LEU R 392 -62.55 -47.41 36.64
CA LEU R 392 -62.58 -46.58 37.85
C LEU R 392 -61.63 -45.40 37.78
N ASN R 393 -60.61 -45.45 36.93
CA ASN R 393 -59.67 -44.34 36.81
C ASN R 393 -60.30 -43.04 36.34
N PRO R 394 -61.18 -43.01 35.32
CA PRO R 394 -61.74 -41.72 34.89
C PRO R 394 -62.49 -40.98 35.98
N ILE R 395 -63.09 -41.68 36.94
CA ILE R 395 -63.72 -41.05 38.07
C ILE R 395 -62.71 -41.00 39.21
N GLY R 396 -62.99 -40.15 40.20
CA GLY R 396 -62.04 -39.93 41.28
C GLY R 396 -61.98 -41.06 42.30
N VAL R 397 -61.78 -42.28 41.84
CA VAL R 397 -61.69 -43.45 42.71
C VAL R 397 -60.27 -44.01 42.59
N ASN R 398 -59.52 -43.96 43.68
CA ASN R 398 -58.19 -44.55 43.73
C ASN R 398 -58.30 -46.05 43.99
N CYS R 399 -57.16 -46.73 44.07
CA CYS R 399 -57.17 -48.17 44.25
C CYS R 399 -55.98 -48.60 45.08
N ILE R 400 -56.11 -49.78 45.68
CA ILE R 400 -55.03 -50.46 46.38
C ILE R 400 -54.83 -51.80 45.70
N ARG R 401 -53.72 -51.95 44.99
CA ARG R 401 -53.51 -53.07 44.09
C ARG R 401 -52.43 -54.00 44.60
N SER R 402 -52.63 -55.29 44.36
CA SER R 402 -51.65 -56.33 44.70
C SER R 402 -50.89 -56.72 43.45
N PHE R 403 -49.57 -56.60 43.51
CA PHE R 403 -48.69 -56.91 42.40
C PHE R 403 -47.86 -58.15 42.71
N PRO R 404 -47.76 -59.09 41.77
CA PRO R 404 -47.05 -60.35 42.05
C PRO R 404 -45.54 -60.18 42.07
N GLY R 405 -45.00 -59.76 43.21
CA GLY R 405 -43.57 -59.55 43.34
C GLY R 405 -43.27 -58.24 44.05
N ARG R 406 -44.30 -57.40 44.21
CA ARG R 406 -44.18 -56.13 44.90
C ARG R 406 -45.19 -55.94 46.02
N GLY R 407 -46.21 -56.78 46.12
CA GLY R 407 -47.12 -56.71 47.25
C GLY R 407 -48.24 -55.70 47.10
N ILE R 408 -48.70 -55.16 48.21
CA ILE R 408 -49.85 -54.25 48.22
C ILE R 408 -49.33 -52.82 48.10
N ARG R 409 -49.84 -52.08 47.12
CA ARG R 409 -49.37 -50.72 46.87
C ARG R 409 -50.56 -49.83 46.53
N VAL R 410 -50.41 -48.54 46.85
CA VAL R 410 -51.41 -47.56 46.43
C VAL R 410 -51.32 -47.36 44.91
N TRP R 411 -52.41 -46.87 44.32
CA TRP R 411 -52.47 -46.71 42.88
C TRP R 411 -53.51 -45.67 42.51
N GLY R 412 -53.08 -44.62 41.81
CA GLY R 412 -53.99 -43.70 41.15
C GLY R 412 -53.85 -42.24 41.54
N ALA R 413 -53.71 -41.95 42.83
CA ALA R 413 -53.42 -40.61 43.36
C ALA R 413 -54.27 -39.53 42.67
N ARG R 414 -55.58 -39.63 42.87
CA ARG R 414 -56.52 -38.65 42.30
C ARG R 414 -57.48 -38.17 43.39
N THR R 415 -58.35 -37.23 43.00
CA THR R 415 -59.28 -36.61 43.93
C THR R 415 -60.66 -36.53 43.30
N LEU R 416 -61.63 -36.05 44.08
CA LEU R 416 -63.01 -35.89 43.64
C LEU R 416 -63.20 -34.45 43.18
N SER R 417 -63.07 -34.23 41.86
CA SER R 417 -63.25 -32.90 41.31
C SER R 417 -63.58 -33.01 39.83
N SER R 418 -64.74 -32.51 39.44
CA SER R 418 -65.12 -32.51 38.02
C SER R 418 -64.27 -31.52 37.23
N ASP R 419 -63.91 -30.40 37.84
CA ASP R 419 -63.11 -29.37 37.18
C ASP R 419 -61.73 -29.93 36.85
N PRO R 420 -61.29 -29.91 35.59
CA PRO R 420 -59.95 -30.44 35.26
C PRO R 420 -58.80 -29.63 35.82
N ALA R 421 -59.05 -28.50 36.48
CA ALA R 421 -57.96 -27.69 37.01
C ALA R 421 -57.32 -28.32 38.24
N TRP R 422 -58.09 -29.06 39.05
CA TRP R 422 -57.58 -29.63 40.28
C TRP R 422 -57.72 -31.15 40.27
N ARG R 423 -57.32 -31.77 39.16
CA ARG R 423 -57.44 -33.23 39.05
C ARG R 423 -56.55 -33.95 40.06
N TYR R 424 -55.33 -33.45 40.28
CA TYR R 424 -54.33 -34.16 41.06
C TYR R 424 -54.24 -33.61 42.48
N LEU R 425 -53.86 -34.49 43.41
CA LEU R 425 -53.78 -34.13 44.82
C LEU R 425 -52.56 -33.26 45.12
N ASN R 426 -51.43 -33.55 44.46
CA ASN R 426 -50.18 -32.86 44.81
C ASN R 426 -50.27 -31.38 44.48
N ILE R 427 -50.98 -31.01 43.40
CA ILE R 427 -51.16 -29.60 43.07
C ILE R 427 -51.92 -28.89 44.18
N ARG R 428 -53.00 -29.51 44.67
CA ARG R 428 -53.77 -28.91 45.74
C ARG R 428 -52.95 -28.78 47.02
N ARG R 429 -52.17 -29.80 47.35
CA ARG R 429 -51.35 -29.74 48.56
C ARG R 429 -50.30 -28.64 48.47
N TYR R 430 -49.63 -28.54 47.31
CA TYR R 430 -48.62 -27.51 47.13
C TYR R 430 -49.24 -26.12 47.17
N PHE R 431 -50.42 -25.94 46.56
CA PHE R 431 -51.07 -24.64 46.59
C PHE R 431 -51.49 -24.27 48.01
N ASN R 432 -51.99 -25.24 48.78
CA ASN R 432 -52.33 -24.98 50.18
C ASN R 432 -51.09 -24.56 50.97
N TYR R 433 -49.98 -25.26 50.76
CA TYR R 433 -48.74 -24.93 51.46
C TYR R 433 -48.28 -23.51 51.12
N LEU R 434 -48.30 -23.17 49.83
CA LEU R 434 -47.87 -21.83 49.42
C LEU R 434 -48.79 -20.76 49.99
N GLU R 435 -50.10 -20.98 49.93
CA GLU R 435 -51.04 -19.99 50.46
C GLU R 435 -50.85 -19.80 51.95
N GLU R 436 -50.68 -20.88 52.70
CA GLU R 436 -50.47 -20.75 54.14
C GLU R 436 -49.18 -20.00 54.45
N SER R 437 -48.09 -20.34 53.75
CA SER R 437 -46.83 -19.65 53.99
C SER R 437 -46.94 -18.16 53.69
N ILE R 438 -47.56 -17.82 52.56
CA ILE R 438 -47.70 -16.42 52.18
C ILE R 438 -48.56 -15.66 53.18
N LEU R 439 -49.68 -16.27 53.60
CA LEU R 439 -50.55 -15.61 54.56
C LEU R 439 -49.86 -15.38 55.90
N ILE R 440 -49.09 -16.37 56.35
CA ILE R 440 -48.43 -16.22 57.65
C ILE R 440 -47.29 -15.20 57.59
N GLY R 441 -46.47 -15.22 56.54
CA GLY R 441 -45.28 -14.38 56.51
C GLY R 441 -45.37 -13.11 55.70
N THR R 442 -46.49 -12.39 55.78
CA THR R 442 -46.65 -11.17 55.01
C THR R 442 -47.32 -10.05 55.81
N GLN R 443 -47.74 -10.30 57.05
CA GLN R 443 -48.60 -9.36 57.77
C GLN R 443 -47.94 -8.01 58.02
N TRP R 444 -46.62 -7.90 57.90
CA TRP R 444 -45.95 -6.64 58.17
C TRP R 444 -46.20 -5.57 57.11
N VAL R 445 -46.79 -5.94 55.97
CA VAL R 445 -46.93 -4.99 54.86
C VAL R 445 -48.10 -4.03 55.03
N VAL R 446 -49.04 -4.34 55.92
CA VAL R 446 -50.23 -3.51 56.09
C VAL R 446 -49.85 -2.19 56.75
N PHE R 447 -50.54 -1.12 56.34
CA PHE R 447 -50.33 0.23 56.88
C PHE R 447 -48.90 0.70 56.65
N GLU R 448 -48.57 0.85 55.37
CA GLU R 448 -47.27 1.31 54.91
C GLU R 448 -47.42 2.53 54.01
N PRO R 449 -46.37 3.33 53.84
CA PRO R 449 -46.49 4.55 53.03
C PRO R 449 -46.92 4.31 51.59
N ASN R 450 -46.78 3.08 51.07
CA ASN R 450 -47.26 2.71 49.74
C ASN R 450 -46.57 3.53 48.66
N ASP R 451 -45.25 3.38 48.61
CA ASP R 451 -44.45 3.97 47.55
C ASP R 451 -43.75 2.86 46.78
N HIS R 452 -42.96 3.21 45.76
CA HIS R 452 -42.29 2.20 44.94
C HIS R 452 -41.24 1.42 45.71
N ASN R 453 -40.73 1.95 46.82
CA ASN R 453 -39.82 1.18 47.66
C ASN R 453 -40.51 -0.06 48.23
N LEU R 454 -41.77 0.09 48.65
CA LEU R 454 -42.52 -1.05 49.15
C LEU R 454 -42.72 -2.09 48.05
N TRP R 455 -43.01 -1.64 46.83
CA TRP R 455 -43.15 -2.57 45.72
C TRP R 455 -41.85 -3.32 45.46
N ALA R 456 -40.72 -2.61 45.49
CA ALA R 456 -39.44 -3.26 45.28
C ALA R 456 -39.16 -4.30 46.37
N ARG R 457 -39.45 -3.95 47.63
CA ARG R 457 -39.22 -4.90 48.73
C ARG R 457 -40.08 -6.14 48.59
N ILE R 458 -41.36 -5.95 48.26
CA ILE R 458 -42.27 -7.10 48.10
C ILE R 458 -41.80 -7.98 46.95
N ARG R 459 -41.42 -7.37 45.83
CA ARG R 459 -40.95 -8.15 44.69
C ARG R 459 -39.69 -8.93 45.05
N ARG R 460 -38.75 -8.29 45.76
CA ARG R 460 -37.53 -8.98 46.15
C ARG R 460 -37.83 -10.18 47.05
N ASN R 461 -38.72 -9.99 48.04
CA ASN R 461 -39.02 -11.09 48.96
C ASN R 461 -39.69 -12.25 48.23
N VAL R 462 -40.68 -11.95 47.39
CA VAL R 462 -41.39 -13.01 46.68
C VAL R 462 -40.45 -13.72 45.71
N SER R 463 -39.59 -12.97 45.01
CA SER R 463 -38.65 -13.59 44.10
C SER R 463 -37.66 -14.49 44.83
N ALA R 464 -37.17 -14.06 46.00
CA ALA R 464 -36.27 -14.91 46.76
C ALA R 464 -36.96 -16.20 47.20
N PHE R 465 -38.19 -16.09 47.69
CA PHE R 465 -38.92 -17.29 48.11
C PHE R 465 -39.14 -18.24 46.94
N LEU R 466 -39.54 -17.69 45.78
CA LEU R 466 -39.81 -18.54 44.62
C LEU R 466 -38.53 -19.18 44.09
N VAL R 467 -37.41 -18.45 44.13
CA VAL R 467 -36.13 -19.03 43.69
C VAL R 467 -35.73 -20.17 44.62
N ASN R 468 -35.88 -19.96 45.94
CA ASN R 468 -35.56 -21.02 46.89
C ASN R 468 -36.43 -22.25 46.66
N GLU R 469 -37.72 -22.03 46.38
CA GLU R 469 -38.61 -23.16 46.09
C GLU R 469 -38.22 -23.87 44.80
N TRP R 470 -37.83 -23.11 43.77
CA TRP R 470 -37.53 -23.70 42.48
C TRP R 470 -36.23 -24.48 42.50
N ARG R 471 -35.24 -24.03 43.28
CA ARG R 471 -33.94 -24.71 43.27
C ARG R 471 -34.01 -26.14 43.80
N ASN R 472 -35.10 -26.52 44.46
CA ASN R 472 -35.28 -27.89 44.92
C ASN R 472 -35.93 -28.79 43.88
N GLY R 473 -36.24 -28.27 42.70
CA GLY R 473 -36.85 -29.07 41.66
C GLY R 473 -38.35 -29.22 41.75
N ALA R 474 -39.03 -28.30 42.43
CA ALA R 474 -40.48 -28.36 42.58
C ALA R 474 -41.22 -27.58 41.51
N LEU R 475 -40.52 -26.96 40.57
CA LEU R 475 -41.15 -26.20 39.50
C LEU R 475 -40.57 -26.63 38.17
N PHE R 476 -41.41 -26.60 37.13
CA PHE R 476 -41.04 -27.08 35.80
C PHE R 476 -40.43 -25.93 35.02
N GLY R 477 -39.13 -26.01 34.76
CA GLY R 477 -38.45 -25.00 33.97
C GLY R 477 -36.94 -25.13 34.02
N GLN R 478 -36.27 -24.94 32.88
CA GLN R 478 -34.79 -25.04 32.83
C GLN R 478 -34.17 -23.77 33.44
N SER R 479 -34.87 -22.64 33.36
CA SER R 479 -34.37 -21.37 33.86
C SER R 479 -35.41 -20.74 34.78
N PRO R 480 -34.98 -19.90 35.73
CA PRO R 480 -35.94 -19.23 36.62
C PRO R 480 -36.95 -18.36 35.87
N ASP R 481 -36.55 -17.86 34.70
CA ASP R 481 -37.45 -17.03 33.91
C ASP R 481 -38.64 -17.83 33.38
N GLN R 482 -38.47 -19.12 33.15
CA GLN R 482 -39.52 -19.98 32.64
C GLN R 482 -40.32 -20.68 33.73
N ALA R 483 -40.00 -20.44 35.00
CA ALA R 483 -40.65 -21.13 36.11
C ALA R 483 -41.67 -20.29 36.84
N TYR R 484 -41.47 -18.97 36.91
CA TYR R 484 -42.36 -18.11 37.67
C TYR R 484 -42.27 -16.70 37.10
N TYR R 485 -43.25 -15.87 37.48
CA TYR R 485 -43.23 -14.46 37.13
C TYR R 485 -43.99 -13.67 38.18
N VAL R 486 -43.37 -12.60 38.66
CA VAL R 486 -43.95 -11.71 39.67
C VAL R 486 -43.98 -10.31 39.12
N LYS R 487 -45.15 -9.68 39.16
CA LYS R 487 -45.34 -8.35 38.60
C LYS R 487 -45.89 -7.42 39.68
N CYS R 488 -45.16 -6.34 39.95
CA CYS R 488 -45.61 -5.30 40.87
C CYS R 488 -44.92 -4.00 40.48
N ASP R 489 -45.63 -3.15 39.75
CA ASP R 489 -45.06 -1.91 39.22
C ASP R 489 -46.19 -0.94 38.95
N GLU R 490 -45.88 0.13 38.21
CA GLU R 490 -46.88 1.14 37.89
C GLU R 490 -47.85 0.67 36.82
N GLU R 491 -47.53 -0.41 36.11
CA GLU R 491 -48.45 -0.92 35.10
C GLU R 491 -49.67 -1.60 35.73
N THR R 492 -49.47 -2.33 36.83
CA THR R 492 -50.55 -3.00 37.52
C THR R 492 -51.07 -2.21 38.72
N ASN R 493 -50.53 -1.02 38.98
CA ASN R 493 -50.95 -0.18 40.10
C ASN R 493 -51.20 1.23 39.58
N PRO R 494 -52.34 1.46 38.92
CA PRO R 494 -52.65 2.80 38.43
C PRO R 494 -52.92 3.76 39.58
N PRO R 495 -52.82 5.07 39.34
CA PRO R 495 -53.08 6.02 40.44
C PRO R 495 -54.48 5.90 41.02
N GLU R 496 -55.48 5.56 40.21
CA GLU R 496 -56.83 5.37 40.73
C GLU R 496 -56.87 4.22 41.74
N SER R 497 -56.17 3.13 41.45
CA SER R 497 -56.13 2.01 42.38
C SER R 497 -55.38 2.36 43.65
N VAL R 498 -54.26 3.08 43.53
CA VAL R 498 -53.46 3.40 44.71
C VAL R 498 -54.14 4.50 45.53
N ASP R 499 -55.12 5.20 44.95
CA ASP R 499 -55.87 6.18 45.71
C ASP R 499 -56.62 5.53 46.87
N LEU R 500 -57.22 4.36 46.62
CA LEU R 500 -57.95 3.63 47.65
C LEU R 500 -57.03 2.85 48.59
N GLY R 501 -55.74 2.81 48.32
CA GLY R 501 -54.82 2.06 49.16
C GLY R 501 -54.86 0.57 48.91
N ARG R 502 -54.48 0.15 47.70
CA ARG R 502 -54.52 -1.25 47.31
C ARG R 502 -53.18 -1.66 46.70
N VAL R 503 -52.78 -2.90 46.98
CA VAL R 503 -51.60 -3.50 46.39
C VAL R 503 -52.00 -4.84 45.79
N VAL R 504 -51.50 -5.13 44.60
CA VAL R 504 -51.90 -6.31 43.83
C VAL R 504 -50.82 -7.40 43.85
N CYS R 505 -49.64 -7.10 43.31
CA CYS R 505 -48.50 -8.02 43.31
C CYS R 505 -48.87 -9.36 42.65
N GLU R 506 -49.14 -9.29 41.36
CA GLU R 506 -49.54 -10.48 40.61
C GLU R 506 -48.43 -11.52 40.62
N ILE R 507 -48.81 -12.76 40.88
CA ILE R 507 -47.86 -13.87 40.98
C ILE R 507 -48.35 -15.02 40.09
N GLY R 508 -47.44 -15.61 39.33
CA GLY R 508 -47.77 -16.77 38.52
C GLY R 508 -46.68 -17.81 38.55
N ILE R 509 -47.06 -19.07 38.76
CA ILE R 509 -46.10 -20.17 38.88
C ILE R 509 -46.51 -21.29 37.93
N ALA R 510 -45.54 -22.15 37.64
CA ALA R 510 -45.77 -23.32 36.78
C ALA R 510 -45.48 -24.59 37.57
N PRO R 511 -46.50 -25.33 37.99
CA PRO R 511 -46.28 -26.53 38.82
C PRO R 511 -45.84 -27.71 37.97
N VAL R 512 -45.57 -28.82 38.65
CA VAL R 512 -45.16 -30.07 38.02
C VAL R 512 -46.25 -31.11 38.25
N LYS R 513 -46.45 -31.98 37.28
CA LYS R 513 -47.48 -33.00 37.37
C LYS R 513 -46.85 -34.39 37.30
N PRO R 514 -47.42 -35.37 38.00
CA PRO R 514 -46.85 -36.71 37.98
C PRO R 514 -47.01 -37.39 36.63
N ALA R 515 -46.08 -38.29 36.34
CA ALA R 515 -46.12 -39.08 35.12
C ALA R 515 -46.87 -40.38 35.38
N GLU R 516 -48.02 -40.54 34.72
CA GLU R 516 -48.89 -41.68 34.94
C GLU R 516 -48.72 -42.77 33.89
N PHE R 517 -48.72 -42.41 32.61
CA PHE R 517 -48.58 -43.35 31.51
C PHE R 517 -47.20 -43.20 30.90
N VAL R 518 -46.45 -44.30 30.88
CA VAL R 518 -45.12 -44.35 30.27
C VAL R 518 -45.21 -45.20 29.01
N ILE R 519 -44.81 -44.63 27.87
CA ILE R 519 -44.95 -45.28 26.58
C ILE R 519 -43.58 -45.38 25.92
N PHE R 520 -43.26 -46.58 25.44
CA PHE R 520 -42.10 -46.81 24.60
C PHE R 520 -42.56 -47.13 23.19
N ARG R 521 -41.61 -47.13 22.26
CA ARG R 521 -41.89 -47.37 20.85
C ARG R 521 -41.31 -48.67 20.33
N LEU R 522 -39.99 -48.88 20.49
CA LEU R 522 -39.30 -50.07 20.03
C LEU R 522 -39.51 -50.28 18.52
N ALA R 523 -39.04 -49.31 17.76
CA ALA R 523 -39.14 -49.35 16.30
C ALA R 523 -37.85 -49.91 15.70
N GLN R 524 -37.96 -50.40 14.47
CA GLN R 524 -36.84 -50.96 13.72
C GLN R 524 -36.50 -50.02 12.58
N PHE R 525 -35.23 -49.61 12.51
CA PHE R 525 -34.78 -48.63 11.53
C PHE R 525 -33.48 -49.09 10.90
N SER R 526 -33.20 -48.57 9.72
CA SER R 526 -31.98 -48.89 8.98
C SER R 526 -30.81 -48.05 9.49
N PRO S 2 -29.47 53.32 48.68
CA PRO S 2 -28.92 54.13 49.76
C PRO S 2 -28.61 55.56 49.33
N SER S 3 -28.29 56.42 50.29
CA SER S 3 -27.98 57.82 50.03
C SER S 3 -26.49 58.05 50.15
N TYR S 4 -25.90 58.68 49.13
CA TYR S 4 -24.48 58.99 49.10
C TYR S 4 -24.34 60.51 49.05
N LEU S 5 -23.76 61.08 50.10
CA LEU S 5 -23.62 62.53 50.21
C LEU S 5 -22.23 63.00 50.58
N SER S 6 -21.39 62.16 51.19
CA SER S 6 -20.05 62.54 51.57
C SER S 6 -19.05 61.48 51.13
N PRO S 7 -17.83 61.89 50.79
CA PRO S 7 -16.82 60.90 50.38
C PRO S 7 -16.46 59.97 51.53
N GLY S 8 -16.12 58.73 51.16
CA GLY S 8 -15.75 57.74 52.15
C GLY S 8 -15.95 56.35 51.59
N VAL S 9 -15.90 55.38 52.51
CA VAL S 9 -16.07 53.97 52.19
C VAL S 9 -17.32 53.47 52.90
N TYR S 10 -18.23 52.86 52.14
CA TYR S 10 -19.49 52.36 52.65
C TYR S 10 -19.56 50.85 52.45
N VAL S 11 -19.96 50.13 53.49
CA VAL S 11 -20.09 48.68 53.45
C VAL S 11 -21.56 48.35 53.68
N GLU S 12 -22.18 47.65 52.72
CA GLU S 12 -23.57 47.26 52.81
C GLU S 12 -23.71 45.79 52.45
N GLU S 13 -24.75 45.15 52.99
CA GLU S 13 -25.00 43.73 52.79
C GLU S 13 -26.25 43.57 51.93
N VAL S 14 -26.12 42.83 50.83
CA VAL S 14 -27.27 42.55 49.99
C VAL S 14 -28.06 41.38 50.57
N ALA S 15 -29.39 41.56 50.67
CA ALA S 15 -30.27 40.59 51.28
C ALA S 15 -30.36 39.29 50.49
N SER S 16 -29.88 39.29 49.24
CA SER S 16 -29.92 38.09 48.41
C SER S 16 -29.11 36.96 49.03
N GLY S 17 -29.77 35.86 49.35
CA GLY S 17 -29.13 34.72 49.97
C GLY S 17 -30.10 33.60 50.19
N SER S 18 -29.88 32.84 51.26
CA SER S 18 -30.72 31.70 51.62
C SER S 18 -31.32 31.91 53.00
N ARG S 19 -32.61 31.62 53.14
CA ARG S 19 -33.33 31.73 54.40
C ARG S 19 -34.07 30.43 54.65
N PRO S 20 -33.39 29.43 55.22
CA PRO S 20 -34.02 28.12 55.40
C PRO S 20 -35.21 28.17 56.37
N ILE S 21 -36.16 27.27 56.15
CA ILE S 21 -37.35 27.15 56.97
C ILE S 21 -37.27 25.84 57.73
N GLU S 22 -37.46 25.90 59.04
CA GLU S 22 -37.38 24.73 59.90
C GLU S 22 -38.76 24.24 60.30
N GLY S 23 -38.82 22.98 60.73
CA GLY S 23 -40.05 22.37 61.17
C GLY S 23 -40.40 22.72 62.60
N VAL S 24 -41.48 22.10 63.08
CA VAL S 24 -41.97 22.33 64.43
C VAL S 24 -42.18 20.98 65.11
N GLY S 25 -42.17 21.00 66.44
CA GLY S 25 -42.37 19.78 67.21
C GLY S 25 -43.85 19.48 67.38
N THR S 26 -44.23 18.23 67.07
CA THR S 26 -45.62 17.83 67.15
C THR S 26 -45.80 16.67 68.13
N SER S 27 -45.18 16.77 69.30
CA SER S 27 -45.24 15.71 70.30
C SER S 27 -45.59 16.29 71.67
N VAL S 28 -46.57 17.18 71.71
CA VAL S 28 -47.05 17.78 72.95
C VAL S 28 -48.55 17.53 73.05
N ALA S 29 -49.00 17.07 74.22
CA ALA S 29 -50.41 16.80 74.45
C ALA S 29 -50.85 17.47 75.74
N ALA S 30 -52.12 17.89 75.78
CA ALA S 30 -52.68 18.58 76.94
C ALA S 30 -53.86 17.78 77.46
N PHE S 31 -53.77 17.39 78.73
CA PHE S 31 -54.80 16.59 79.39
C PHE S 31 -55.54 17.45 80.40
N VAL S 32 -56.86 17.41 80.33
CA VAL S 32 -57.73 18.14 81.26
C VAL S 32 -58.48 17.11 82.11
N GLY S 33 -58.37 17.25 83.42
CA GLY S 33 -59.01 16.29 84.30
C GLY S 33 -59.06 16.79 85.73
N LEU S 34 -59.44 15.89 86.63
CA LEU S 34 -59.53 16.18 88.05
C LEU S 34 -58.46 15.41 88.81
N ALA S 35 -57.87 16.07 89.80
CA ALA S 35 -56.79 15.53 90.61
C ALA S 35 -57.08 15.82 92.08
N PRO S 36 -56.56 15.00 92.99
CA PRO S 36 -56.84 15.24 94.42
C PRO S 36 -56.31 16.58 94.92
N THR S 37 -55.02 16.85 94.75
CA THR S 37 -54.43 18.10 95.20
C THR S 37 -53.45 18.61 94.14
N GLY S 38 -53.26 19.93 94.13
CA GLY S 38 -52.36 20.56 93.20
C GLY S 38 -52.84 21.93 92.78
N PRO S 39 -52.11 22.57 91.86
CA PRO S 39 -52.53 23.86 91.34
C PRO S 39 -53.89 23.78 90.65
N LEU S 40 -54.66 24.85 90.78
CA LEU S 40 -56.02 24.90 90.26
C LEU S 40 -56.09 25.86 89.08
N ASN S 41 -56.66 25.38 87.96
CA ASN S 41 -56.88 26.18 86.76
C ASN S 41 -55.57 26.78 86.24
N GLU S 42 -54.50 26.00 86.30
CA GLU S 42 -53.21 26.42 85.78
C GLU S 42 -52.64 25.33 84.89
N PRO S 43 -52.29 25.64 83.63
CA PRO S 43 -51.76 24.61 82.74
C PRO S 43 -50.32 24.25 83.06
N THR S 44 -50.12 23.36 84.03
CA THR S 44 -48.78 22.98 84.45
C THR S 44 -48.09 22.15 83.36
N LEU S 45 -46.77 22.21 83.34
CA LEU S 45 -45.96 21.47 82.38
C LEU S 45 -45.24 20.33 83.09
N VAL S 46 -45.38 19.12 82.56
CA VAL S 46 -44.77 17.93 83.13
C VAL S 46 -43.95 17.23 82.05
N THR S 47 -42.80 16.67 82.44
CA THR S 47 -41.96 15.95 81.50
C THR S 47 -41.46 14.62 82.06
N ASN S 48 -41.88 14.24 83.26
CA ASN S 48 -41.47 12.98 83.86
C ASN S 48 -42.42 12.71 85.02
N TRP S 49 -42.64 11.43 85.33
CA TRP S 49 -43.63 11.07 86.38
C TRP S 49 -43.26 11.72 87.72
N THR S 50 -41.96 11.81 88.05
CA THR S 50 -41.60 12.35 89.36
C THR S 50 -42.20 13.73 89.56
N GLN S 51 -42.18 14.57 88.52
CA GLN S 51 -42.80 15.89 88.61
C GLN S 51 -44.30 15.77 88.87
N TYR S 52 -44.97 14.86 88.17
CA TYR S 52 -46.41 14.67 88.39
C TYR S 52 -46.69 14.18 89.79
N VAL S 53 -45.86 13.27 90.30
CA VAL S 53 -46.04 12.78 91.67
C VAL S 53 -45.87 13.91 92.67
N ALA S 54 -44.83 14.73 92.48
CA ALA S 54 -44.58 15.84 93.39
C ALA S 54 -45.65 16.92 93.31
N ALA S 55 -46.30 17.09 92.16
CA ALA S 55 -47.26 18.18 91.99
C ALA S 55 -48.70 17.75 92.30
N PHE S 56 -49.21 16.77 91.57
CA PHE S 56 -50.63 16.41 91.61
C PHE S 56 -50.91 15.11 92.36
N GLY S 57 -49.93 14.56 93.07
CA GLY S 57 -50.14 13.29 93.75
C GLY S 57 -50.10 12.12 92.78
N ASP S 58 -50.47 10.94 93.31
CA ASP S 58 -50.40 9.72 92.50
C ASP S 58 -51.33 8.67 93.12
N PHE S 59 -52.36 8.30 92.37
CA PHE S 59 -53.19 7.13 92.66
C PHE S 59 -53.76 7.12 94.07
N THR S 60 -54.61 8.11 94.39
CA THR S 60 -55.25 8.14 95.71
C THR S 60 -56.74 8.44 95.66
N GLY S 61 -57.27 8.99 94.58
CA GLY S 61 -58.68 9.33 94.52
C GLY S 61 -59.48 8.50 93.56
N GLY S 62 -58.83 7.56 92.88
CA GLY S 62 -59.51 6.73 91.91
C GLY S 62 -60.00 7.49 90.69
N TYR S 63 -59.19 8.41 90.17
CA TYR S 63 -59.54 9.20 89.00
C TYR S 63 -58.79 8.68 87.77
N TYR S 64 -59.25 9.12 86.60
CA TYR S 64 -58.70 8.65 85.33
C TYR S 64 -57.56 9.51 84.82
N LEU S 65 -57.22 10.60 85.50
CA LEU S 65 -56.12 11.44 85.04
C LEU S 65 -54.78 10.77 85.27
N ALA S 66 -54.59 10.18 86.46
CA ALA S 66 -53.31 9.54 86.76
C ALA S 66 -53.05 8.36 85.84
N HIS S 67 -54.08 7.53 85.58
CA HIS S 67 -53.91 6.41 84.68
C HIS S 67 -53.56 6.87 83.28
N SER S 68 -54.24 7.91 82.79
CA SER S 68 -53.97 8.40 81.45
C SER S 68 -52.55 8.97 81.33
N VAL S 69 -52.11 9.71 82.35
CA VAL S 69 -50.76 10.26 82.34
C VAL S 69 -49.72 9.14 82.37
N TYR S 70 -49.94 8.13 83.21
CA TYR S 70 -49.00 7.02 83.29
C TYR S 70 -48.94 6.26 81.97
N GLY S 71 -50.10 6.06 81.33
CA GLY S 71 -50.09 5.41 80.03
C GLY S 71 -49.40 6.24 78.96
N PHE S 72 -49.60 7.57 78.99
CA PHE S 72 -48.94 8.44 78.02
C PHE S 72 -47.42 8.38 78.18
N PHE S 73 -46.93 8.41 79.43
CA PHE S 73 -45.50 8.31 79.65
C PHE S 73 -44.97 6.91 79.44
N ASN S 74 -45.84 5.89 79.46
CA ASN S 74 -45.41 4.52 79.21
C ASN S 74 -45.16 4.25 77.73
N ASN S 75 -45.84 4.97 76.85
CA ASN S 75 -45.74 4.75 75.41
C ASN S 75 -44.74 5.68 74.73
N GLY S 76 -43.85 6.29 75.50
CA GLY S 76 -42.81 7.13 74.92
C GLY S 76 -43.15 8.60 74.79
N GLY S 77 -43.95 9.14 75.70
CA GLY S 77 -44.24 10.56 75.67
C GLY S 77 -43.03 11.40 76.03
N SER S 78 -43.05 12.66 75.59
CA SER S 78 -41.95 13.58 75.78
C SER S 78 -42.30 14.71 76.74
N ALA S 79 -43.37 15.46 76.48
CA ALA S 79 -43.77 16.57 77.32
C ALA S 79 -45.28 16.69 77.28
N ALA S 80 -45.87 17.06 78.42
CA ALA S 80 -47.32 17.12 78.54
C ALA S 80 -47.72 18.37 79.31
N TYR S 81 -48.94 18.82 79.07
CA TYR S 81 -49.58 19.88 79.83
C TYR S 81 -50.75 19.30 80.61
N VAL S 82 -50.93 19.75 81.84
CA VAL S 82 -51.95 19.23 82.74
C VAL S 82 -52.81 20.38 83.22
N VAL S 83 -54.12 20.20 83.13
CA VAL S 83 -55.10 21.15 83.67
C VAL S 83 -55.98 20.40 84.66
N ARG S 84 -56.11 20.95 85.86
CA ARG S 84 -56.90 20.34 86.93
C ARG S 84 -58.12 21.20 87.19
N VAL S 85 -59.29 20.71 86.74
CA VAL S 85 -60.52 21.46 86.93
C VAL S 85 -60.94 21.46 88.39
N GLY S 86 -60.86 20.32 89.04
CA GLY S 86 -61.27 20.20 90.42
C GLY S 86 -60.77 18.92 91.04
N GLY S 87 -61.36 18.57 92.17
CA GLY S 87 -61.00 17.35 92.87
C GLY S 87 -61.41 17.42 94.34
N SER S 88 -60.93 16.44 95.09
CA SER S 88 -61.22 16.36 96.52
C SER S 88 -60.11 15.56 97.18
N ALA S 89 -60.02 15.70 98.50
CA ALA S 89 -59.03 15.01 99.32
C ALA S 89 -59.70 14.32 100.49
N GLU S 90 -60.89 13.79 100.28
CA GLU S 90 -61.64 13.12 101.34
C GLU S 90 -61.84 11.64 101.02
N GLY S 249 -60.53 25.11 80.70
CA GLY S 249 -59.15 25.53 80.87
C GLY S 249 -58.70 26.54 79.84
N GLY S 250 -57.63 27.27 80.15
CA GLY S 250 -57.11 28.27 79.26
C GLY S 250 -56.04 27.73 78.32
N LEU S 251 -56.42 26.79 77.46
CA LEU S 251 -55.48 26.19 76.51
C LEU S 251 -55.27 27.04 75.27
N GLU S 252 -56.01 28.14 75.12
CA GLU S 252 -55.86 28.99 73.95
C GLU S 252 -54.59 29.84 73.99
N ALA S 253 -54.00 30.02 75.17
CA ALA S 253 -52.79 30.81 75.30
C ALA S 253 -51.52 30.04 74.97
N ILE S 254 -51.62 28.71 74.80
CA ILE S 254 -50.46 27.87 74.52
C ILE S 254 -50.39 27.66 73.01
N ASP S 255 -49.16 27.52 72.50
CA ASP S 255 -48.93 27.38 71.07
C ASP S 255 -48.41 26.00 70.68
N GLU S 256 -47.56 25.39 71.51
CA GLU S 256 -46.92 24.13 71.14
C GLU S 256 -47.83 22.92 71.27
N ILE S 257 -49.04 23.08 71.83
CA ILE S 257 -49.93 21.94 72.00
C ILE S 257 -50.36 21.42 70.64
N SER S 258 -50.27 20.10 70.45
CA SER S 258 -50.66 19.45 69.21
C SER S 258 -51.89 18.58 69.35
N MET S 259 -52.27 18.19 70.56
CA MET S 259 -53.46 17.38 70.77
C MET S 259 -53.98 17.63 72.17
N VAL S 260 -55.30 17.50 72.33
CA VAL S 260 -55.97 17.75 73.60
C VAL S 260 -56.85 16.57 73.94
N ALA S 261 -56.90 16.22 75.23
CA ALA S 261 -57.71 15.10 75.70
C ALA S 261 -58.34 15.46 77.04
N VAL S 262 -59.49 14.85 77.30
CA VAL S 262 -60.19 14.98 78.57
C VAL S 262 -60.41 13.57 79.12
N PRO S 263 -59.37 12.94 79.65
CA PRO S 263 -59.49 11.52 80.03
C PRO S 263 -60.56 11.25 81.07
N ASP S 264 -60.72 12.15 82.05
CA ASP S 264 -61.65 11.91 83.15
C ASP S 264 -62.88 12.77 82.85
N LEU S 265 -63.78 12.22 82.05
CA LEU S 265 -65.10 12.76 81.78
C LEU S 265 -66.19 11.72 81.99
N MET S 266 -65.92 10.46 81.67
CA MET S 266 -66.91 9.41 81.88
C MET S 266 -67.09 9.08 83.36
N ALA S 267 -66.14 9.49 84.22
CA ALA S 267 -66.27 9.25 85.65
C ALA S 267 -67.49 9.98 86.21
N ALA S 268 -67.66 11.25 85.83
CA ALA S 268 -68.83 11.99 86.28
C ALA S 268 -70.11 11.38 85.73
N TYR S 269 -70.05 10.85 84.50
CA TYR S 269 -71.22 10.19 83.93
C TYR S 269 -71.55 8.90 84.67
N GLN S 270 -70.54 8.19 85.18
CA GLN S 270 -70.77 6.90 85.81
C GLN S 270 -71.42 7.05 87.18
N ARG S 271 -70.93 7.98 88.00
CA ARG S 271 -71.42 8.14 89.36
C ARG S 271 -72.25 9.39 89.57
N GLY S 272 -71.85 10.53 88.99
CA GLY S 272 -72.57 11.77 89.20
C GLY S 272 -73.88 11.89 88.45
N ALA S 273 -74.12 11.03 87.47
CA ALA S 273 -75.33 11.05 86.66
C ALA S 273 -75.53 12.43 86.01
N ILE S 274 -74.57 12.78 85.16
CA ILE S 274 -74.57 14.08 84.49
C ILE S 274 -75.29 14.00 83.14
N ASP S 275 -75.99 12.90 82.88
CA ASP S 275 -76.76 12.70 81.65
C ASP S 275 -75.85 12.68 80.43
N LEU S 276 -76.44 12.53 79.25
CA LEU S 276 -75.67 12.50 78.01
C LEU S 276 -75.58 13.86 77.33
N GLU S 277 -76.54 14.75 77.60
CA GLU S 277 -76.53 16.07 76.96
C GLU S 277 -75.30 16.87 77.38
N ALA S 278 -74.93 16.82 78.66
CA ALA S 278 -73.75 17.55 79.11
C ALA S 278 -72.49 17.02 78.46
N VAL S 279 -72.35 15.69 78.35
CA VAL S 279 -71.18 15.10 77.72
C VAL S 279 -71.14 15.50 76.24
N LYS S 280 -72.28 15.45 75.56
CA LYS S 280 -72.32 15.83 74.15
C LYS S 280 -71.94 17.29 73.97
N ALA S 281 -72.44 18.17 74.85
CA ALA S 281 -72.11 19.59 74.76
C ALA S 281 -70.62 19.83 75.00
N VAL S 282 -70.04 19.14 75.99
CA VAL S 282 -68.62 19.31 76.27
C VAL S 282 -67.77 18.84 75.09
N GLN S 283 -68.12 17.69 74.51
CA GLN S 283 -67.37 17.19 73.37
C GLN S 283 -67.53 18.11 72.15
N LEU S 284 -68.73 18.64 71.92
CA LEU S 284 -68.93 19.57 70.82
C LEU S 284 -68.14 20.85 71.03
N GLY S 285 -68.07 21.34 72.28
CA GLY S 285 -67.26 22.51 72.56
C GLY S 285 -65.79 22.27 72.31
N LEU S 286 -65.29 21.09 72.71
CA LEU S 286 -63.90 20.74 72.43
C LEU S 286 -63.64 20.66 70.93
N ILE S 287 -64.58 20.07 70.19
CA ILE S 287 -64.44 19.99 68.73
C ILE S 287 -64.41 21.39 68.12
N ALA S 288 -65.28 22.28 68.58
CA ALA S 288 -65.30 23.64 68.05
C ALA S 288 -64.02 24.38 68.37
N HIS S 289 -63.48 24.18 69.58
CA HIS S 289 -62.21 24.82 69.93
C HIS S 289 -61.08 24.30 69.04
N CYS S 290 -61.05 22.99 68.80
CA CYS S 290 -60.03 22.42 67.92
C CYS S 290 -60.15 22.98 66.50
N GLU S 291 -61.39 23.10 66.00
CA GLU S 291 -61.59 23.65 64.66
C GLU S 291 -61.16 25.11 64.60
N LEU S 292 -61.49 25.89 65.63
CA LEU S 292 -61.11 27.30 65.64
C LEU S 292 -59.60 27.47 65.69
N MET S 293 -58.90 26.67 66.49
CA MET S 293 -57.45 26.78 66.57
C MET S 293 -56.80 26.43 65.23
N GLY S 294 -57.28 25.37 64.59
CA GLY S 294 -56.73 24.98 63.30
C GLY S 294 -55.37 24.32 63.36
N ASP S 295 -54.95 23.87 64.54
CA ASP S 295 -53.65 23.25 64.70
C ASP S 295 -53.68 21.95 65.49
N ARG S 296 -54.75 21.67 66.23
CA ARG S 296 -54.79 20.54 67.15
C ARG S 296 -55.82 19.52 66.68
N VAL S 297 -55.67 18.29 67.18
CA VAL S 297 -56.52 17.17 66.81
C VAL S 297 -57.09 16.55 68.08
N ALA S 298 -58.38 16.25 68.06
CA ALA S 298 -59.09 15.76 69.24
C ALA S 298 -59.19 14.24 69.22
N ILE S 299 -59.15 13.64 70.41
CA ILE S 299 -59.30 12.21 70.60
C ILE S 299 -60.56 11.97 71.40
N ILE S 300 -61.43 11.09 70.89
CA ILE S 300 -62.75 10.86 71.48
C ILE S 300 -62.90 9.39 71.82
N ASP S 301 -63.67 9.12 72.87
CA ASP S 301 -64.01 7.79 73.34
C ASP S 301 -65.52 7.68 73.54
N PRO S 302 -66.07 6.48 73.40
CA PRO S 302 -67.52 6.31 73.54
C PRO S 302 -67.88 5.96 74.98
N PRO S 303 -69.16 5.93 75.31
CA PRO S 303 -69.58 5.47 76.64
C PRO S 303 -69.15 4.04 76.88
N PRO S 304 -68.92 3.66 78.14
CA PRO S 304 -68.27 2.37 78.44
C PRO S 304 -69.00 1.13 77.92
N ASN S 305 -70.25 0.94 78.31
CA ASN S 305 -70.92 -0.33 78.08
C ASN S 305 -71.74 -0.31 76.81
N GLN S 306 -71.13 -0.68 75.69
CA GLN S 306 -71.82 -0.82 74.42
C GLN S 306 -71.20 -1.97 73.64
N ASN S 307 -71.94 -2.45 72.64
CA ASN S 307 -71.46 -3.48 71.72
C ASN S 307 -71.87 -3.08 70.31
N ALA S 308 -71.74 -4.03 69.39
CA ALA S 308 -72.12 -3.79 68.00
C ALA S 308 -73.61 -3.50 67.90
N ARG S 309 -74.01 -2.79 66.84
CA ARG S 309 -75.40 -2.41 66.57
C ARG S 309 -75.89 -1.36 67.55
N GLN S 310 -75.05 -0.99 68.52
CA GLN S 310 -75.32 0.13 69.41
C GLN S 310 -74.42 1.32 69.12
N ILE S 311 -73.10 1.10 69.08
CA ILE S 311 -72.18 2.20 68.76
C ILE S 311 -72.47 2.73 67.36
N ARG S 312 -72.74 1.83 66.40
CA ARG S 312 -73.11 2.26 65.06
C ARG S 312 -74.37 3.13 65.07
N VAL S 313 -75.22 2.97 66.08
CA VAL S 313 -76.33 3.90 66.25
C VAL S 313 -75.85 5.17 66.94
N TRP S 314 -75.07 5.02 68.02
CA TRP S 314 -74.64 6.16 68.82
C TRP S 314 -73.82 7.15 67.99
N ARG S 315 -73.10 6.65 66.98
CA ARG S 315 -72.31 7.50 66.10
C ARG S 315 -73.16 8.27 65.11
N GLN S 316 -74.32 7.75 64.72
CA GLN S 316 -75.07 8.33 63.62
C GLN S 316 -76.31 9.09 64.04
N GLU S 317 -77.06 8.61 65.02
CA GLU S 317 -78.28 9.29 65.46
C GLU S 317 -78.05 10.24 66.63
N THR S 318 -76.90 10.19 67.28
CA THR S 318 -76.68 11.01 68.46
C THR S 318 -75.40 11.83 68.41
N ALA S 319 -74.34 11.30 67.81
CA ALA S 319 -73.00 11.90 67.89
C ALA S 319 -72.36 11.97 66.51
N GLY S 320 -73.09 12.54 65.55
CA GLY S 320 -72.56 12.63 64.19
C GLY S 320 -71.20 13.31 64.12
N TYR S 321 -71.05 14.42 64.83
CA TYR S 321 -69.75 15.05 65.08
C TYR S 321 -69.06 15.52 63.80
N ASP S 322 -68.62 14.57 62.97
CA ASP S 322 -67.77 14.80 61.80
C ASP S 322 -66.69 15.85 62.10
N SER S 323 -66.67 16.93 61.34
CA SER S 323 -65.81 18.11 61.48
C SER S 323 -64.36 17.85 61.09
N LYS S 324 -64.00 16.61 60.72
CA LYS S 324 -62.69 16.24 60.17
C LYS S 324 -61.53 16.48 61.12
N TYR S 325 -61.80 16.93 62.34
CA TYR S 325 -60.76 17.28 63.31
C TYR S 325 -60.84 16.41 64.55
N ALA S 326 -61.08 15.11 64.38
CA ALA S 326 -61.22 14.23 65.52
C ALA S 326 -60.88 12.80 65.12
N ALA S 327 -60.63 11.97 66.14
CA ALA S 327 -60.43 10.55 65.94
C ALA S 327 -61.05 9.81 67.13
N LEU S 328 -61.93 8.86 66.86
CA LEU S 328 -62.67 8.15 67.89
C LEU S 328 -62.12 6.73 68.03
N TYR S 329 -61.88 6.31 69.26
CA TYR S 329 -61.36 4.97 69.55
C TYR S 329 -62.37 4.22 70.41
N TYR S 330 -62.93 3.14 69.85
CA TYR S 330 -64.09 2.46 70.41
C TYR S 330 -63.80 1.69 71.70
N PRO S 331 -62.98 0.64 71.69
CA PRO S 331 -62.97 -0.26 72.86
C PRO S 331 -62.13 0.28 74.01
N TRP S 332 -62.59 -0.01 75.22
CA TRP S 332 -61.89 0.39 76.42
C TRP S 332 -60.79 -0.61 76.77
N ILE S 333 -59.85 -0.19 77.61
CA ILE S 333 -58.67 -0.97 77.94
C ILE S 333 -58.68 -1.28 79.43
N LYS S 334 -58.52 -2.55 79.78
CA LYS S 334 -58.41 -2.94 81.18
C LYS S 334 -56.94 -2.86 81.60
N SER S 335 -56.67 -2.12 82.67
CA SER S 335 -55.31 -1.85 83.12
C SER S 335 -55.21 -2.08 84.63
N PHE S 336 -53.97 -2.19 85.08
CA PHE S 336 -53.67 -2.47 86.48
C PHE S 336 -53.61 -1.18 87.29
N ASP S 337 -53.93 -1.30 88.58
CA ASP S 337 -53.86 -0.19 89.52
C ASP S 337 -53.07 -0.65 90.74
N PRO S 338 -51.92 -0.02 91.03
CA PRO S 338 -51.13 -0.45 92.18
C PRO S 338 -51.65 0.05 93.51
N ALA S 339 -52.51 1.08 93.53
CA ALA S 339 -53.07 1.56 94.78
C ALA S 339 -53.88 0.47 95.47
N THR S 340 -54.71 -0.24 94.70
CA THR S 340 -55.38 -1.44 95.18
C THR S 340 -54.82 -2.71 94.57
N GLY S 341 -53.91 -2.60 93.61
CA GLY S 341 -53.37 -3.77 92.94
C GLY S 341 -54.42 -4.58 92.22
N GLN S 342 -55.32 -3.91 91.50
CA GLN S 342 -56.45 -4.60 90.87
C GLN S 342 -56.62 -4.09 89.45
N SER S 343 -57.27 -4.91 88.62
CA SER S 343 -57.52 -4.56 87.23
C SER S 343 -58.87 -3.85 87.11
N ARG S 344 -58.89 -2.79 86.31
CA ARG S 344 -60.11 -2.03 86.08
C ARG S 344 -60.06 -1.37 84.72
N LEU S 345 -61.23 -1.01 84.21
CA LEU S 345 -61.37 -0.50 82.85
C LEU S 345 -61.14 1.01 82.80
N VAL S 346 -60.39 1.46 81.79
CA VAL S 346 -60.18 2.88 81.55
C VAL S 346 -60.31 3.16 80.06
N PRO S 347 -60.72 4.37 79.71
CA PRO S 347 -60.82 4.74 78.30
C PRO S 347 -59.45 4.83 77.66
N PRO S 348 -59.35 4.61 76.34
CA PRO S 348 -58.06 4.73 75.64
C PRO S 348 -57.77 6.15 75.18
N SER S 349 -57.39 7.01 76.12
CA SER S 349 -57.15 8.42 75.83
C SER S 349 -55.67 8.76 75.76
N GLY S 350 -54.91 8.41 76.80
CA GLY S 350 -53.49 8.72 76.81
C GLY S 350 -52.65 7.75 76.00
N HIS S 351 -53.09 6.50 75.88
CA HIS S 351 -52.30 5.50 75.16
C HIS S 351 -52.19 5.85 73.68
N VAL S 352 -53.28 6.32 73.07
CA VAL S 352 -53.22 6.67 71.66
C VAL S 352 -52.34 7.90 71.44
N ALA S 353 -52.37 8.86 72.38
CA ALA S 353 -51.48 10.01 72.28
C ALA S 353 -50.02 9.59 72.39
N GLY S 354 -49.72 8.66 73.30
CA GLY S 354 -48.37 8.14 73.41
C GLY S 354 -47.93 7.41 72.16
N ILE S 355 -48.84 6.64 71.56
CA ILE S 355 -48.53 5.95 70.30
C ILE S 355 -48.24 6.96 69.20
N TRP S 356 -49.04 8.03 69.13
CA TRP S 356 -48.81 9.07 68.14
C TRP S 356 -47.44 9.72 68.34
N ALA S 357 -47.08 10.02 69.59
CA ALA S 357 -45.78 10.62 69.86
C ALA S 357 -44.65 9.67 69.49
N ARG S 358 -44.80 8.38 69.81
CA ARG S 358 -43.78 7.39 69.45
C ARG S 358 -43.61 7.29 67.94
N ASN S 359 -44.73 7.29 67.20
CA ASN S 359 -44.64 7.22 65.75
C ASN S 359 -44.00 8.47 65.17
N ASP S 360 -44.32 9.64 65.74
CA ASP S 360 -43.71 10.87 65.26
C ASP S 360 -42.24 10.97 65.61
N SER S 361 -41.81 10.29 66.67
CA SER S 361 -40.40 10.34 67.06
C SER S 361 -39.56 9.34 66.27
N GLU S 362 -39.98 8.07 66.25
CA GLU S 362 -39.21 7.04 65.57
C GLU S 362 -39.18 7.28 64.06
N ARG S 363 -40.34 7.48 63.45
CA ARG S 363 -40.46 7.73 62.03
C ARG S 363 -41.03 9.13 61.80
N GLY S 364 -41.22 9.48 60.54
CA GLY S 364 -41.78 10.77 60.20
C GLY S 364 -43.26 10.85 60.53
N VAL S 365 -43.76 12.09 60.53
CA VAL S 365 -45.18 12.32 60.80
C VAL S 365 -46.08 11.81 59.69
N HIS S 366 -45.52 11.48 58.52
CA HIS S 366 -46.31 11.00 57.39
C HIS S 366 -46.70 9.53 57.54
N LYS S 367 -46.16 8.82 58.53
CA LYS S 367 -46.49 7.42 58.74
C LYS S 367 -47.75 7.32 59.58
N ALA S 368 -48.74 6.59 59.08
CA ALA S 368 -50.00 6.44 59.78
C ALA S 368 -49.85 5.49 60.96
N PRO S 369 -50.22 5.89 62.17
CA PRO S 369 -50.14 4.98 63.31
C PRO S 369 -51.21 3.90 63.26
N ALA S 370 -51.07 2.97 62.31
CA ALA S 370 -52.08 1.95 62.08
C ALA S 370 -51.77 0.63 62.77
N ASN S 371 -50.49 0.26 62.90
CA ASN S 371 -50.09 -1.02 63.48
C ASN S 371 -49.11 -0.73 64.61
N GLU S 372 -49.63 -0.48 65.81
CA GLU S 372 -48.81 -0.25 66.98
C GLU S 372 -49.40 -1.02 68.17
N VAL S 373 -48.52 -1.43 69.07
CA VAL S 373 -48.89 -2.26 70.20
C VAL S 373 -49.12 -1.37 71.42
N VAL S 374 -50.24 -1.57 72.10
CA VAL S 374 -50.59 -0.74 73.29
C VAL S 374 -49.90 -1.33 74.52
N ARG S 375 -48.63 -0.98 74.76
CA ARG S 375 -47.93 -1.45 75.97
C ARG S 375 -48.67 -0.89 77.17
N GLY S 376 -48.91 -1.70 78.19
CA GLY S 376 -49.58 -1.22 79.42
C GLY S 376 -51.02 -1.72 79.55
N ALA S 377 -51.49 -2.57 78.64
CA ALA S 377 -52.85 -3.14 78.73
C ALA S 377 -52.78 -4.57 79.24
N VAL S 378 -53.94 -5.22 79.42
CA VAL S 378 -53.97 -6.65 79.84
C VAL S 378 -55.13 -7.33 79.09
N ASP S 379 -56.29 -6.69 78.97
CA ASP S 379 -57.46 -7.29 78.34
C ASP S 379 -58.25 -6.22 77.60
N LEU S 380 -59.38 -6.62 77.03
CA LEU S 380 -60.26 -5.70 76.33
C LEU S 380 -61.73 -5.83 76.70
N GLU S 381 -62.15 -6.96 77.27
CA GLU S 381 -63.54 -7.22 77.66
C GLU S 381 -64.49 -7.19 76.46
N LEU S 382 -63.97 -7.40 75.26
CA LEU S 382 -64.77 -7.44 74.05
C LEU S 382 -63.92 -7.97 72.91
N GLN S 383 -64.55 -8.70 72.00
CA GLN S 383 -63.87 -9.28 70.85
C GLN S 383 -64.59 -8.91 69.57
N ILE S 384 -63.83 -8.59 68.53
CA ILE S 384 -64.37 -8.16 67.25
C ILE S 384 -63.93 -9.16 66.19
N THR S 385 -64.88 -9.65 65.39
CA THR S 385 -64.59 -10.54 64.29
C THR S 385 -64.30 -9.73 63.03
N ARG S 386 -64.20 -10.41 61.90
CA ARG S 386 -63.92 -9.71 60.61
C ARG S 386 -65.19 -8.97 60.16
N GLY S 387 -66.35 -9.60 60.29
CA GLY S 387 -67.58 -8.99 59.82
C GLY S 387 -67.93 -7.73 60.59
N GLU S 388 -67.78 -7.76 61.92
CA GLU S 388 -68.08 -6.57 62.72
C GLU S 388 -67.12 -5.43 62.37
N GLN S 389 -65.85 -5.73 62.17
CA GLN S 389 -64.91 -4.71 61.72
C GLN S 389 -65.28 -4.17 60.34
N ASP S 390 -65.69 -5.06 59.43
CA ASP S 390 -66.16 -4.63 58.12
C ASP S 390 -67.42 -3.78 58.19
N LEU S 391 -68.20 -3.89 59.28
CA LEU S 391 -69.34 -3.01 59.49
C LEU S 391 -68.96 -1.68 60.10
N LEU S 392 -67.84 -1.63 60.84
CA LEU S 392 -67.40 -0.40 61.48
C LEU S 392 -66.36 0.36 60.66
N ASN S 393 -65.67 -0.32 59.75
CA ASN S 393 -64.67 0.36 58.93
C ASN S 393 -65.24 1.46 58.04
N PRO S 394 -66.37 1.29 57.34
CA PRO S 394 -66.86 2.39 56.48
C PRO S 394 -67.13 3.68 57.22
N ILE S 395 -67.49 3.62 58.51
CA ILE S 395 -67.65 4.81 59.31
C ILE S 395 -66.34 5.06 60.06
N GLY S 396 -66.18 6.28 60.56
CA GLY S 396 -64.93 6.67 61.17
C GLY S 396 -64.71 6.10 62.56
N VAL S 397 -64.82 4.79 62.70
CA VAL S 397 -64.62 4.12 63.98
C VAL S 397 -63.41 3.21 63.84
N ASN S 398 -62.35 3.51 64.59
CA ASN S 398 -61.17 2.66 64.62
C ASN S 398 -61.41 1.50 65.58
N CYS S 399 -60.39 0.64 65.73
CA CYS S 399 -60.54 -0.54 66.56
C CYS S 399 -59.21 -0.88 67.23
N ILE S 400 -59.32 -1.62 68.32
CA ILE S 400 -58.16 -2.20 69.01
C ILE S 400 -58.38 -3.71 69.01
N ARG S 401 -57.57 -4.42 68.24
CA ARG S 401 -57.81 -5.83 67.94
C ARG S 401 -56.75 -6.71 68.61
N SER S 402 -57.19 -7.89 69.05
CA SER S 402 -56.30 -8.89 69.62
C SER S 402 -56.02 -9.96 68.58
N PHE S 403 -54.74 -10.18 68.29
CA PHE S 403 -54.31 -11.15 67.29
C PHE S 403 -53.60 -12.30 67.96
N PRO S 404 -53.92 -13.55 67.59
CA PRO S 404 -53.33 -14.70 68.26
C PRO S 404 -51.88 -14.94 67.87
N GLY S 405 -50.97 -14.25 68.54
CA GLY S 405 -49.56 -14.37 68.26
C GLY S 405 -48.87 -13.02 68.18
N ARG S 406 -49.69 -11.96 68.14
CA ARG S 406 -49.17 -10.60 68.11
C ARG S 406 -49.76 -9.70 69.18
N GLY S 407 -50.81 -10.13 69.88
CA GLY S 407 -51.30 -9.37 71.01
C GLY S 407 -52.28 -8.26 70.65
N ILE S 408 -52.30 -7.20 71.45
CA ILE S 408 -53.24 -6.10 71.28
C ILE S 408 -52.60 -5.05 70.39
N ARG S 409 -53.27 -4.67 69.31
CA ARG S 409 -52.74 -3.71 68.35
C ARG S 409 -53.83 -2.77 67.89
N VAL S 410 -53.42 -1.55 67.52
CA VAL S 410 -54.36 -0.60 66.91
C VAL S 410 -54.72 -1.08 65.51
N TRP S 411 -55.86 -0.61 65.00
CA TRP S 411 -56.33 -1.07 63.70
C TRP S 411 -57.29 -0.04 63.11
N GLY S 412 -56.97 0.48 61.93
CA GLY S 412 -57.90 1.25 61.13
C GLY S 412 -57.45 2.64 60.74
N ALA S 413 -56.88 3.39 61.69
CA ALA S 413 -56.27 4.70 61.43
C ALA S 413 -57.13 5.58 60.52
N ARG S 414 -58.32 5.92 61.02
CA ARG S 414 -59.24 6.77 60.27
C ARG S 414 -59.74 7.90 61.17
N THR S 415 -60.55 8.78 60.60
CA THR S 415 -61.06 9.96 61.28
C THR S 415 -62.55 10.13 61.00
N LEU S 416 -63.15 11.11 61.66
CA LEU S 416 -64.57 11.43 61.49
C LEU S 416 -64.71 12.54 60.46
N SER S 417 -64.95 12.16 59.21
CA SER S 417 -65.11 13.14 58.14
C SER S 417 -65.89 12.52 57.00
N SER S 418 -67.04 13.10 56.67
CA SER S 418 -67.82 12.60 55.54
C SER S 418 -67.13 12.91 54.21
N ASP S 419 -66.46 14.05 54.13
CA ASP S 419 -65.77 14.45 52.91
C ASP S 419 -64.64 13.48 52.61
N PRO S 420 -64.62 12.86 51.42
CA PRO S 420 -63.54 11.91 51.09
C PRO S 420 -62.17 12.55 50.95
N ALA S 421 -62.05 13.87 51.05
CA ALA S 421 -60.75 14.52 50.88
C ALA S 421 -59.85 14.30 52.10
N TRP S 422 -60.43 14.20 53.29
CA TRP S 422 -59.65 14.07 54.52
C TRP S 422 -59.99 12.78 55.24
N ARG S 423 -60.03 11.67 54.52
CA ARG S 423 -60.37 10.39 55.12
C ARG S 423 -59.33 9.95 56.14
N TYR S 424 -58.05 10.16 55.84
CA TYR S 424 -56.96 9.60 56.62
C TYR S 424 -56.37 10.65 57.56
N LEU S 425 -55.83 10.17 58.69
CA LEU S 425 -55.28 11.05 59.71
C LEU S 425 -53.92 11.61 59.30
N ASN S 426 -53.09 10.79 58.64
CA ASN S 426 -51.72 11.21 58.34
C ASN S 426 -51.70 12.40 57.37
N ILE S 427 -52.65 12.44 56.43
CA ILE S 427 -52.73 13.58 55.52
C ILE S 427 -53.01 14.86 56.30
N ARG S 428 -53.96 14.80 57.23
CA ARG S 428 -54.28 15.98 58.04
C ARG S 428 -53.09 16.41 58.88
N ARG S 429 -52.39 15.45 59.51
CA ARG S 429 -51.24 15.79 60.33
C ARG S 429 -50.13 16.44 59.51
N TYR S 430 -49.85 15.88 58.33
CA TYR S 430 -48.81 16.44 57.47
C TYR S 430 -49.19 17.83 56.98
N PHE S 431 -50.46 18.03 56.63
CA PHE S 431 -50.90 19.35 56.18
C PHE S 431 -50.81 20.37 57.31
N ASN S 432 -51.16 19.98 58.54
CA ASN S 432 -51.02 20.88 59.67
C ASN S 432 -49.56 21.24 59.90
N TYR S 433 -48.66 20.25 59.81
CA TYR S 433 -47.24 20.51 59.98
C TYR S 433 -46.72 21.49 58.93
N LEU S 434 -47.07 21.26 57.67
CA LEU S 434 -46.62 22.13 56.59
C LEU S 434 -47.17 23.55 56.76
N GLU S 435 -48.46 23.68 57.11
CA GLU S 435 -49.04 24.99 57.28
C GLU S 435 -48.39 25.74 58.44
N GLU S 436 -48.13 25.05 59.55
CA GLU S 436 -47.48 25.71 60.68
C GLU S 436 -46.07 26.16 60.31
N SER S 437 -45.31 25.29 59.64
CA SER S 437 -43.94 25.65 59.25
C SER S 437 -43.94 26.86 58.31
N ILE S 438 -44.84 26.86 57.33
CA ILE S 438 -44.89 27.96 56.36
C ILE S 438 -45.28 29.25 57.05
N LEU S 439 -46.29 29.18 57.93
CA LEU S 439 -46.73 30.39 58.63
C LEU S 439 -45.63 30.96 59.52
N ILE S 440 -44.89 30.10 60.22
CA ILE S 440 -43.85 30.59 61.11
C ILE S 440 -42.67 31.15 60.33
N GLY S 441 -42.23 30.49 59.27
CA GLY S 441 -41.00 30.89 58.61
C GLY S 441 -41.16 31.69 57.32
N THR S 442 -42.09 32.64 57.30
CA THR S 442 -42.32 33.43 56.09
C THR S 442 -42.55 34.91 56.39
N GLN S 443 -42.60 35.32 57.66
CA GLN S 443 -43.05 36.66 58.02
C GLN S 443 -42.18 37.77 57.45
N TRP S 444 -40.96 37.47 57.01
CA TRP S 444 -40.07 38.51 56.51
C TRP S 444 -40.49 39.05 55.16
N VAL S 445 -41.45 38.42 54.47
CA VAL S 445 -41.79 38.82 53.11
C VAL S 445 -42.71 40.03 53.06
N VAL S 446 -43.36 40.38 54.16
CA VAL S 446 -44.32 41.49 54.17
C VAL S 446 -43.58 42.81 54.02
N PHE S 447 -44.20 43.75 53.32
CA PHE S 447 -43.67 45.10 53.10
C PHE S 447 -42.32 45.05 52.38
N GLU S 448 -42.39 44.56 51.15
CA GLU S 448 -41.24 44.42 50.26
C GLU S 448 -41.51 45.15 48.95
N PRO S 449 -40.46 45.51 48.20
CA PRO S 449 -40.66 46.27 46.96
C PRO S 449 -41.54 45.57 45.93
N ASN S 450 -41.73 44.26 46.03
CA ASN S 450 -42.64 43.50 45.18
C ASN S 450 -42.22 43.58 43.71
N ASP S 451 -41.01 43.09 43.46
CA ASP S 451 -40.49 42.96 42.10
C ASP S 451 -40.23 41.48 41.82
N HIS S 452 -39.76 41.16 40.61
CA HIS S 452 -39.51 39.77 40.25
C HIS S 452 -38.38 39.12 41.05
N ASN S 453 -37.50 39.92 41.65
CA ASN S 453 -36.48 39.35 42.53
C ASN S 453 -37.13 38.70 43.75
N LEU S 454 -38.16 39.33 44.30
CA LEU S 454 -38.88 38.73 45.42
C LEU S 454 -39.53 37.42 45.03
N TRP S 455 -40.13 37.38 43.83
CA TRP S 455 -40.73 36.15 43.34
C TRP S 455 -39.68 35.05 43.20
N ALA S 456 -38.51 35.39 42.65
CA ALA S 456 -37.45 34.39 42.51
C ALA S 456 -36.99 33.88 43.87
N ARG S 457 -36.83 34.77 44.85
CA ARG S 457 -36.41 34.35 46.18
C ARG S 457 -37.43 33.43 46.83
N ILE S 458 -38.72 33.79 46.74
CA ILE S 458 -39.77 32.97 47.33
C ILE S 458 -39.81 31.60 46.66
N ARG S 459 -39.71 31.57 45.33
CA ARG S 459 -39.72 30.29 44.62
C ARG S 459 -38.52 29.43 45.03
N ARG S 460 -37.35 30.03 45.14
CA ARG S 460 -36.16 29.28 45.54
C ARG S 460 -36.33 28.69 46.94
N ASN S 461 -36.83 29.48 47.88
CA ASN S 461 -36.99 29.00 49.25
C ASN S 461 -38.00 27.86 49.32
N VAL S 462 -39.15 28.03 48.66
CA VAL S 462 -40.18 27.00 48.71
C VAL S 462 -39.70 25.73 48.01
N SER S 463 -38.99 25.87 46.89
CA SER S 463 -38.47 24.70 46.19
C SER S 463 -37.45 23.97 47.03
N ALA S 464 -36.56 24.69 47.72
CA ALA S 464 -35.59 24.04 48.59
C ALA S 464 -36.28 23.28 49.72
N PHE S 465 -37.28 23.91 50.35
CA PHE S 465 -38.00 23.22 51.43
C PHE S 465 -38.70 21.96 50.91
N LEU S 466 -39.34 22.05 49.75
CA LEU S 466 -40.06 20.91 49.22
C LEU S 466 -39.12 19.80 48.79
N VAL S 467 -37.96 20.15 48.24
CA VAL S 467 -36.96 19.13 47.88
C VAL S 467 -36.45 18.43 49.12
N ASN S 468 -36.17 19.19 50.18
CA ASN S 468 -35.71 18.57 51.42
C ASN S 468 -36.77 17.65 51.99
N GLU S 469 -38.04 18.05 51.92
CA GLU S 469 -39.11 17.18 52.40
C GLU S 469 -39.25 15.92 51.54
N TRP S 470 -39.10 16.06 50.23
CA TRP S 470 -39.29 14.93 49.33
C TRP S 470 -38.16 13.91 49.44
N ARG S 471 -36.93 14.37 49.69
CA ARG S 471 -35.80 13.44 49.72
C ARG S 471 -35.88 12.43 50.87
N ASN S 472 -36.76 12.65 51.84
CA ASN S 472 -36.98 11.70 52.92
C ASN S 472 -38.04 10.65 52.59
N GLY S 473 -38.62 10.69 51.39
CA GLY S 473 -39.63 9.73 51.01
C GLY S 473 -41.03 10.03 51.48
N ALA S 474 -41.33 11.29 51.78
CA ALA S 474 -42.66 11.67 52.25
C ALA S 474 -43.59 12.11 51.12
N LEU S 475 -43.13 12.08 49.87
CA LEU S 475 -43.95 12.46 48.73
C LEU S 475 -43.87 11.38 47.67
N PHE S 476 -44.98 11.19 46.95
CA PHE S 476 -45.11 10.12 45.96
C PHE S 476 -44.62 10.64 44.61
N GLY S 477 -43.48 10.12 44.16
CA GLY S 477 -42.95 10.49 42.86
C GLY S 477 -41.53 10.02 42.65
N GLN S 478 -41.23 9.54 41.43
CA GLN S 478 -39.86 9.04 41.13
C GLN S 478 -38.92 10.24 40.91
N SER S 479 -39.46 11.37 40.46
CA SER S 479 -38.66 12.56 40.19
C SER S 479 -39.27 13.75 40.90
N PRO S 480 -38.45 14.77 41.22
CA PRO S 480 -39.00 15.97 41.88
C PRO S 480 -40.06 16.67 41.04
N ASP S 481 -39.97 16.53 39.72
CA ASP S 481 -40.96 17.16 38.84
C ASP S 481 -42.35 16.56 39.02
N GLN S 482 -42.42 15.28 39.40
CA GLN S 482 -43.70 14.60 39.58
C GLN S 482 -44.20 14.66 41.02
N ALA S 483 -43.47 15.30 41.92
CA ALA S 483 -43.84 15.32 43.33
C ALA S 483 -44.46 16.63 43.78
N TYR S 484 -44.08 17.76 43.18
CA TYR S 484 -44.57 19.06 43.61
C TYR S 484 -44.47 20.04 42.44
N TYR S 485 -45.16 21.16 42.58
CA TYR S 485 -45.05 22.24 41.61
C TYR S 485 -45.34 23.57 42.31
N VAL S 486 -44.46 24.54 42.08
CA VAL S 486 -44.57 25.88 42.66
C VAL S 486 -44.58 26.88 41.52
N LYS S 487 -45.59 27.76 41.51
CA LYS S 487 -45.77 28.74 40.44
C LYS S 487 -45.83 30.14 41.05
N CYS S 488 -44.91 31.00 40.61
CA CYS S 488 -44.91 32.41 41.01
C CYS S 488 -44.20 33.18 39.90
N ASP S 489 -44.98 33.81 39.04
CA ASP S 489 -44.43 34.53 37.88
C ASP S 489 -45.46 35.56 37.42
N GLU S 490 -45.24 36.10 36.22
CA GLU S 490 -46.14 37.11 35.68
C GLU S 490 -47.46 36.51 35.20
N GLU S 491 -47.52 35.18 35.04
CA GLU S 491 -48.77 34.56 34.60
C GLU S 491 -49.81 34.55 35.71
N THR S 492 -49.38 34.33 36.96
CA THR S 492 -50.29 34.31 38.10
C THR S 492 -50.30 35.63 38.86
N ASN S 493 -49.54 36.64 38.42
CA ASN S 493 -49.48 37.94 39.06
C ASN S 493 -49.68 39.01 38.01
N PRO S 494 -50.92 39.24 37.58
CA PRO S 494 -51.19 40.29 36.58
C PRO S 494 -50.97 41.66 37.18
N PRO S 495 -50.76 42.69 36.35
CA PRO S 495 -50.54 44.04 36.89
C PRO S 495 -51.69 44.55 37.74
N GLU S 496 -52.94 44.17 37.41
CA GLU S 496 -54.07 44.57 38.24
C GLU S 496 -53.95 44.01 39.65
N SER S 497 -53.53 42.75 39.77
CA SER S 497 -53.36 42.15 41.09
C SER S 497 -52.21 42.79 41.85
N VAL S 498 -51.10 43.07 41.17
CA VAL S 498 -49.94 43.63 41.86
C VAL S 498 -50.17 45.10 42.19
N ASP S 499 -51.18 45.73 41.57
CA ASP S 499 -51.52 47.10 41.92
C ASP S 499 -51.95 47.20 43.37
N LEU S 500 -52.75 46.23 43.84
CA LEU S 500 -53.22 46.23 45.22
C LEU S 500 -52.18 45.70 46.20
N GLY S 501 -51.05 45.20 45.71
CA GLY S 501 -50.03 44.66 46.58
C GLY S 501 -50.35 43.27 47.08
N ARG S 502 -50.42 42.31 46.17
CA ARG S 502 -50.76 40.94 46.49
C ARG S 502 -49.75 39.98 45.89
N VAL S 503 -49.46 38.90 46.63
CA VAL S 503 -48.59 37.83 46.16
C VAL S 503 -49.34 36.51 46.36
N VAL S 504 -49.27 35.63 45.36
CA VAL S 504 -50.05 34.39 45.35
C VAL S 504 -49.18 33.17 45.65
N CYS S 505 -48.18 32.89 44.80
CA CYS S 505 -47.24 31.80 44.99
C CYS S 505 -47.97 30.46 45.14
N GLU S 506 -48.62 30.06 44.05
CA GLU S 506 -49.39 28.81 44.06
C GLU S 506 -48.48 27.62 44.31
N ILE S 507 -48.92 26.73 45.21
CA ILE S 507 -48.16 25.56 45.61
C ILE S 507 -49.04 24.33 45.50
N GLY S 508 -48.50 23.26 44.93
CA GLY S 508 -49.21 22.00 44.85
C GLY S 508 -48.32 20.81 45.15
N ILE S 509 -48.77 19.90 46.00
CA ILE S 509 -48.00 18.75 46.42
C ILE S 509 -48.81 17.48 46.22
N ALA S 510 -48.11 16.36 46.18
CA ALA S 510 -48.74 15.04 46.03
C ALA S 510 -48.40 14.19 47.25
N PRO S 511 -49.34 13.98 48.18
CA PRO S 511 -49.04 13.23 49.39
C PRO S 511 -49.04 11.72 49.13
N VAL S 512 -48.73 10.97 50.18
CA VAL S 512 -48.71 9.52 50.13
C VAL S 512 -49.80 9.00 51.06
N LYS S 513 -50.41 7.88 50.68
CA LYS S 513 -51.48 7.29 51.46
C LYS S 513 -51.11 5.89 51.93
N PRO S 514 -51.56 5.47 53.10
CA PRO S 514 -51.21 4.15 53.61
C PRO S 514 -51.87 3.04 52.80
N ALA S 515 -51.21 1.89 52.78
CA ALA S 515 -51.72 0.71 52.11
C ALA S 515 -52.53 -0.12 53.11
N GLU S 516 -53.83 -0.23 52.86
CA GLU S 516 -54.74 -0.92 53.78
C GLU S 516 -55.04 -2.35 53.35
N PHE S 517 -55.39 -2.55 52.09
CA PHE S 517 -55.73 -3.88 51.57
C PHE S 517 -54.60 -4.36 50.67
N VAL S 518 -54.04 -5.52 51.01
CA VAL S 518 -52.98 -6.16 50.23
C VAL S 518 -53.57 -7.41 49.58
N ILE S 519 -53.47 -7.47 48.25
CA ILE S 519 -54.10 -8.54 47.48
C ILE S 519 -53.03 -9.26 46.67
N PHE S 520 -53.02 -10.59 46.76
CA PHE S 520 -52.21 -11.44 45.90
C PHE S 520 -53.13 -12.20 44.93
N ARG S 521 -52.53 -12.83 43.94
CA ARG S 521 -53.27 -13.55 42.91
C ARG S 521 -53.05 -15.05 42.95
N LEU S 522 -51.79 -15.50 42.90
CA LEU S 522 -51.44 -16.91 42.93
C LEU S 522 -52.12 -17.67 41.78
N ALA S 523 -51.80 -17.26 40.56
CA ALA S 523 -52.34 -17.89 39.37
C ALA S 523 -51.39 -18.95 38.84
N GLN S 524 -51.94 -19.86 38.03
CA GLN S 524 -51.19 -20.95 37.43
C GLN S 524 -51.09 -20.70 35.93
N PHE S 525 -49.87 -20.69 35.41
CA PHE S 525 -49.62 -20.36 34.02
C PHE S 525 -48.63 -21.37 33.42
N SER S 526 -48.67 -21.47 32.09
CA SER S 526 -47.79 -22.38 31.37
C SER S 526 -46.42 -21.75 31.14
N PRO T 2 9.16 77.18 -6.39
CA PRO T 2 10.31 78.06 -6.55
C PRO T 2 10.49 78.52 -7.99
N SER T 3 11.40 79.47 -8.21
CA SER T 3 11.67 80.01 -9.53
C SER T 3 13.00 79.48 -10.04
N TYR T 4 12.99 78.94 -11.25
CA TYR T 4 14.18 78.40 -11.90
C TYR T 4 14.46 79.23 -13.15
N LEU T 5 15.59 79.94 -13.16
CA LEU T 5 15.93 80.81 -14.27
C LEU T 5 17.35 80.63 -14.80
N SER T 6 18.26 80.06 -14.01
CA SER T 6 19.64 79.87 -14.45
C SER T 6 20.08 78.45 -14.14
N PRO T 7 20.95 77.87 -14.97
CA PRO T 7 21.43 76.51 -14.70
C PRO T 7 22.24 76.46 -13.41
N GLY T 8 22.18 75.32 -12.75
CA GLY T 8 22.92 75.13 -11.52
C GLY T 8 22.27 74.03 -10.69
N VAL T 9 22.71 73.97 -9.43
CA VAL T 9 22.21 73.00 -8.46
C VAL T 9 21.52 73.76 -7.34
N TYR T 10 20.27 73.37 -7.05
CA TYR T 10 19.46 74.02 -6.03
C TYR T 10 19.11 73.01 -4.95
N VAL T 11 19.27 73.40 -3.69
CA VAL T 11 18.96 72.56 -2.54
C VAL T 11 17.84 73.23 -1.76
N GLU T 12 16.72 72.53 -1.61
CA GLU T 12 15.56 73.04 -0.88
C GLU T 12 15.08 71.98 0.10
N GLU T 13 14.45 72.45 1.18
CA GLU T 13 13.95 71.58 2.25
C GLU T 13 12.43 71.58 2.22
N VAL T 14 11.84 70.39 2.15
CA VAL T 14 10.39 70.30 2.20
C VAL T 14 9.92 70.32 3.65
N ALA T 15 8.90 71.15 3.91
CA ALA T 15 8.39 71.38 5.26
C ALA T 15 7.73 70.14 5.84
N SER T 16 7.44 69.14 5.01
CA SER T 16 6.79 67.92 5.49
C SER T 16 7.66 67.20 6.51
N GLY T 17 7.16 67.06 7.72
CA GLY T 17 7.90 66.42 8.79
C GLY T 17 7.08 66.35 10.05
N SER T 18 7.77 66.43 11.19
CA SER T 18 7.13 66.38 12.51
C SER T 18 7.44 67.65 13.28
N ARG T 19 6.42 68.20 13.93
CA ARG T 19 6.54 69.41 14.74
C ARG T 19 5.90 69.12 16.10
N PRO T 20 6.66 68.54 17.03
CA PRO T 20 6.08 68.16 18.32
C PRO T 20 5.65 69.37 19.14
N ILE T 21 4.63 69.16 19.96
CA ILE T 21 4.08 70.19 20.85
C ILE T 21 4.41 69.81 22.28
N GLU T 22 4.99 70.75 23.02
CA GLU T 22 5.41 70.52 24.39
C GLU T 22 4.42 71.15 25.38
N GLY T 23 4.46 70.67 26.61
CA GLY T 23 3.61 71.18 27.67
C GLY T 23 4.16 72.45 28.29
N VAL T 24 3.47 72.91 29.34
CA VAL T 24 3.83 74.12 30.06
C VAL T 24 3.87 73.82 31.55
N GLY T 25 4.62 74.63 32.28
CA GLY T 25 4.74 74.47 33.72
C GLY T 25 3.58 75.12 34.44
N THR T 26 2.95 74.36 35.34
CA THR T 26 1.79 74.86 36.08
C THR T 26 2.04 74.84 37.58
N SER T 27 3.22 75.30 38.00
CA SER T 27 3.59 75.30 39.41
C SER T 27 4.13 76.66 39.82
N VAL T 28 3.46 77.73 39.41
CA VAL T 28 3.83 79.10 39.76
C VAL T 28 2.61 79.76 40.41
N ALA T 29 2.83 80.41 41.55
CA ALA T 29 1.77 81.10 42.27
C ALA T 29 2.21 82.52 42.58
N ALA T 30 1.23 83.43 42.62
CA ALA T 30 1.49 84.84 42.88
C ALA T 30 0.72 85.28 44.11
N PHE T 31 1.44 85.76 45.11
CA PHE T 31 0.87 86.19 46.38
C PHE T 31 0.92 87.70 46.48
N VAL T 32 -0.22 88.31 46.83
CA VAL T 32 -0.32 89.76 47.00
C VAL T 32 -0.59 90.02 48.48
N GLY T 33 0.24 90.86 49.09
CA GLY T 33 0.08 91.12 50.51
C GLY T 33 0.90 92.32 50.93
N LEU T 34 0.97 92.51 52.25
CA LEU T 34 1.72 93.61 52.84
C LEU T 34 2.93 93.07 53.59
N ALA T 35 4.05 93.78 53.47
CA ALA T 35 5.31 93.41 54.08
C ALA T 35 5.92 94.62 54.76
N PRO T 36 6.76 94.43 55.77
CA PRO T 36 7.36 95.59 56.46
C PRO T 36 8.22 96.45 55.56
N THR T 37 9.23 95.86 54.91
CA THR T 37 10.12 96.60 54.03
C THR T 37 10.40 95.78 52.77
N GLY T 38 10.71 96.48 51.69
CA GLY T 38 11.01 95.85 50.43
C GLY T 38 10.54 96.67 49.25
N PRO T 39 10.71 96.12 48.03
CA PRO T 39 10.24 96.82 46.85
C PRO T 39 8.73 97.02 46.87
N LEU T 40 8.29 98.14 46.31
CA LEU T 40 6.89 98.54 46.34
C LEU T 40 6.29 98.44 44.95
N ASN T 41 5.15 97.74 44.85
CA ASN T 41 4.40 97.61 43.59
C ASN T 41 5.26 97.01 42.49
N GLU T 42 6.07 96.02 42.84
CA GLU T 42 6.91 95.32 41.88
C GLU T 42 6.75 93.82 42.08
N PRO T 43 6.38 93.07 41.03
CA PRO T 43 6.20 91.62 41.20
C PRO T 43 7.52 90.89 41.28
N THR T 44 8.11 90.83 42.47
CA THR T 44 9.40 90.18 42.64
C THR T 44 9.26 88.66 42.49
N LEU T 45 10.35 88.02 42.09
CA LEU T 45 10.40 86.58 41.91
C LEU T 45 11.24 85.95 43.01
N VAL T 46 10.69 84.95 43.69
CA VAL T 46 11.36 84.27 44.78
C VAL T 46 11.35 82.77 44.51
N THR T 47 12.45 82.10 44.87
CA THR T 47 12.53 80.65 44.67
C THR T 47 13.09 79.93 45.89
N ASN T 48 13.37 80.64 46.98
CA ASN T 48 13.88 80.03 48.20
C ASN T 48 13.72 81.06 49.31
N TRP T 49 13.55 80.58 50.55
CA TRP T 49 13.27 81.49 51.68
C TRP T 49 14.40 82.52 51.83
N THR T 50 15.66 82.12 51.60
CA THR T 50 16.74 83.07 51.83
C THR T 50 16.53 84.35 51.02
N GLN T 51 16.07 84.21 49.77
CA GLN T 51 15.77 85.38 48.96
C GLN T 51 14.67 86.22 49.59
N TYR T 52 13.61 85.57 50.09
CA TYR T 52 12.53 86.31 50.73
C TYR T 52 13.02 87.02 51.99
N VAL T 53 13.87 86.35 52.77
CA VAL T 53 14.42 86.97 53.97
C VAL T 53 15.25 88.19 53.60
N ALA T 54 16.10 88.06 52.58
CA ALA T 54 16.95 89.17 52.17
C ALA T 54 16.16 90.32 51.55
N ALA T 55 15.00 90.05 50.95
CA ALA T 55 14.24 91.09 50.26
C ALA T 55 13.18 91.74 51.15
N PHE T 56 12.24 90.95 51.64
CA PHE T 56 11.05 91.47 52.32
C PHE T 56 11.08 91.27 53.83
N GLY T 57 12.20 90.87 54.40
CA GLY T 57 12.26 90.62 55.83
C GLY T 57 11.62 89.30 56.19
N ASP T 58 11.46 89.07 57.50
CA ASP T 58 10.92 87.81 57.99
C ASP T 58 10.37 88.01 59.41
N PHE T 59 9.06 87.83 59.54
CA PHE T 59 8.40 87.72 60.85
C PHE T 59 8.72 88.86 61.79
N THR T 60 8.31 90.09 61.43
CA THR T 60 8.52 91.23 62.31
C THR T 60 7.30 92.14 62.45
N GLY T 61 6.33 92.07 61.56
CA GLY T 61 5.18 92.96 61.62
C GLY T 61 3.88 92.25 61.94
N GLY T 62 3.93 90.95 62.13
CA GLY T 62 2.73 90.18 62.40
C GLY T 62 1.74 90.15 61.26
N TYR T 63 2.23 89.98 60.02
CA TYR T 63 1.40 89.92 58.84
C TYR T 63 1.26 88.48 58.35
N TYR T 64 0.28 88.26 57.47
CA TYR T 64 -0.02 86.93 56.99
C TYR T 64 0.74 86.56 55.71
N LEU T 65 1.53 87.48 55.16
CA LEU T 65 2.28 87.16 53.95
C LEU T 65 3.43 86.22 54.24
N ALA T 66 4.18 86.49 55.32
CA ALA T 66 5.32 85.64 55.66
C ALA T 66 4.88 84.22 56.00
N HIS T 67 3.80 84.08 56.77
CA HIS T 67 3.29 82.75 57.10
C HIS T 67 2.86 81.99 55.85
N SER T 68 2.16 82.67 54.94
CA SER T 68 1.70 82.03 53.72
C SER T 68 2.87 81.60 52.85
N VAL T 69 3.89 82.45 52.72
CA VAL T 69 5.06 82.10 51.92
C VAL T 69 5.80 80.91 52.53
N TYR T 70 5.96 80.93 53.86
CA TYR T 70 6.64 79.82 54.53
C TYR T 70 5.87 78.52 54.36
N GLY T 71 4.54 78.58 54.46
CA GLY T 71 3.74 77.38 54.23
C GLY T 71 3.82 76.89 52.79
N PHE T 72 3.84 77.82 51.84
CA PHE T 72 3.95 77.43 50.43
C PHE T 72 5.28 76.74 50.16
N PHE T 73 6.38 77.27 50.72
CA PHE T 73 7.67 76.62 50.53
C PHE T 73 7.82 75.36 51.38
N ASN T 74 6.98 75.20 52.41
CA ASN T 74 7.05 73.99 53.22
C ASN T 74 6.40 72.80 52.54
N ASN T 75 5.43 73.04 51.65
CA ASN T 75 4.69 71.97 51.00
C ASN T 75 5.25 71.63 49.62
N GLY T 76 6.48 72.03 49.33
CA GLY T 76 7.11 71.66 48.08
C GLY T 76 6.94 72.65 46.95
N GLY T 77 6.86 73.94 47.25
CA GLY T 77 6.77 74.93 46.20
C GLY T 77 8.07 75.06 45.42
N SER T 78 7.96 75.58 44.20
CA SER T 78 9.08 75.70 43.29
C SER T 78 9.46 77.16 43.05
N ALA T 79 8.52 77.98 42.59
CA ALA T 79 8.80 79.38 42.30
C ALA T 79 7.55 80.20 42.59
N ALA T 80 7.73 81.41 43.10
CA ALA T 80 6.62 82.24 43.50
C ALA T 80 6.88 83.69 43.08
N TYR T 81 5.78 84.42 42.91
CA TYR T 81 5.80 85.85 42.67
C TYR T 81 5.20 86.56 43.88
N VAL T 82 5.80 87.69 44.26
CA VAL T 82 5.39 88.43 45.45
C VAL T 82 5.08 89.86 45.05
N VAL T 83 3.93 90.35 45.49
CA VAL T 83 3.53 91.74 45.32
C VAL T 83 3.27 92.34 46.69
N ARG T 84 3.90 93.48 46.98
CA ARG T 84 3.77 94.15 48.27
C ARG T 84 3.01 95.45 48.07
N VAL T 85 1.74 95.46 48.50
CA VAL T 85 0.92 96.66 48.34
C VAL T 85 1.39 97.76 49.28
N GLY T 86 1.67 97.41 50.52
CA GLY T 86 2.08 98.39 51.50
C GLY T 86 2.69 97.75 52.73
N GLY T 87 2.79 98.52 53.79
CA GLY T 87 3.32 98.01 55.04
C GLY T 87 3.80 99.15 55.92
N SER T 88 4.50 98.78 56.99
CA SER T 88 5.04 99.75 57.93
C SER T 88 6.23 99.12 58.64
N ALA T 89 7.05 99.96 59.24
CA ALA T 89 8.23 99.53 59.99
C ALA T 89 8.25 100.16 61.37
N GLU T 90 7.08 100.31 61.98
CA GLU T 90 6.97 100.93 63.30
C GLU T 90 6.46 99.93 64.32
N GLY T 249 -2.09 95.09 41.98
CA GLY T 249 -0.82 94.76 41.38
C GLY T 249 -0.89 94.51 39.89
N GLY T 250 0.25 94.61 39.22
CA GLY T 250 0.30 94.41 37.78
C GLY T 250 0.60 92.97 37.40
N LEU T 251 -0.30 92.06 37.75
CA LEU T 251 -0.13 90.65 37.43
C LEU T 251 -0.53 90.30 36.00
N GLU T 252 -1.10 91.25 35.26
CA GLU T 252 -1.52 90.98 33.89
C GLU T 252 -0.35 90.90 32.92
N ALA T 253 0.81 91.42 33.29
CA ALA T 253 1.98 91.39 32.42
C ALA T 253 2.75 90.08 32.51
N ILE T 254 2.42 89.21 33.47
CA ILE T 254 3.10 87.94 33.66
C ILE T 254 2.30 86.85 32.96
N ASP T 255 3.02 85.84 32.46
CA ASP T 255 2.40 84.76 31.69
C ASP T 255 2.45 83.43 32.41
N GLU T 256 3.53 83.12 33.13
CA GLU T 256 3.70 81.81 33.75
C GLU T 256 2.87 81.60 35.00
N ILE T 257 2.21 82.64 35.51
CA ILE T 257 1.43 82.50 36.73
C ILE T 257 0.25 81.57 36.49
N SER T 258 0.07 80.61 37.39
CA SER T 258 -1.01 79.64 37.30
C SER T 258 -2.06 79.80 38.38
N MET T 259 -1.76 80.50 39.47
CA MET T 259 -2.72 80.74 40.54
C MET T 259 -2.34 82.01 41.28
N VAL T 260 -3.35 82.68 41.82
CA VAL T 260 -3.16 83.95 42.52
C VAL T 260 -3.85 83.88 43.87
N ALA T 261 -3.22 84.47 44.88
CA ALA T 261 -3.75 84.48 46.24
C ALA T 261 -3.49 85.83 46.88
N VAL T 262 -4.37 86.20 47.81
CA VAL T 262 -4.22 87.42 48.61
C VAL T 262 -4.26 86.99 50.07
N PRO T 263 -3.19 86.41 50.59
CA PRO T 263 -3.27 85.83 51.95
C PRO T 263 -3.59 86.84 53.04
N ASP T 264 -3.08 88.07 52.92
CA ASP T 264 -3.26 89.06 53.98
C ASP T 264 -4.33 90.03 53.47
N LEU T 265 -5.58 89.65 53.68
CA LEU T 265 -6.76 90.48 53.45
C LEU T 265 -7.67 90.52 54.68
N MET T 266 -7.77 89.41 55.41
CA MET T 266 -8.60 89.40 56.61
C MET T 266 -7.96 90.19 57.75
N ALA T 267 -6.66 90.48 57.66
CA ALA T 267 -6.00 91.29 58.69
C ALA T 267 -6.60 92.69 58.76
N ALA T 268 -6.80 93.32 57.60
CA ALA T 268 -7.43 94.63 57.59
C ALA T 268 -8.87 94.56 58.09
N TYR T 269 -9.56 93.46 57.80
CA TYR T 269 -10.92 93.29 58.30
C TYR T 269 -10.94 93.12 59.82
N GLN T 270 -9.91 92.48 60.38
CA GLN T 270 -9.91 92.20 61.81
C GLN T 270 -9.66 93.45 62.64
N ARG T 271 -8.69 94.28 62.24
CA ARG T 271 -8.32 95.46 63.02
C ARG T 271 -8.74 96.77 62.38
N GLY T 272 -8.59 96.91 61.06
CA GLY T 272 -8.92 98.15 60.40
C GLY T 272 -10.40 98.42 60.23
N ALA T 273 -11.24 97.42 60.41
CA ALA T 273 -12.69 97.55 60.25
C ALA T 273 -13.05 98.09 58.87
N ILE T 274 -12.68 97.31 57.86
CA ILE T 274 -12.89 97.69 56.46
C ILE T 274 -14.24 97.18 55.95
N ASP T 275 -15.10 96.70 56.85
CA ASP T 275 -16.44 96.21 56.52
C ASP T 275 -16.36 95.00 55.60
N LEU T 276 -17.53 94.46 55.21
CA LEU T 276 -17.58 93.31 54.33
C LEU T 276 -17.72 93.68 52.86
N GLU T 277 -18.25 94.88 52.57
CA GLU T 277 -18.44 95.29 51.18
C GLU T 277 -17.10 95.41 50.45
N ALA T 278 -16.09 95.99 51.12
CA ALA T 278 -14.78 96.11 50.50
C ALA T 278 -14.17 94.76 50.20
N VAL T 279 -14.27 93.82 51.15
CA VAL T 279 -13.74 92.48 50.94
C VAL T 279 -14.47 91.79 49.78
N LYS T 280 -15.79 91.92 49.74
CA LYS T 280 -16.56 91.32 48.65
C LYS T 280 -16.17 91.91 47.31
N ALA T 281 -15.98 93.24 47.26
CA ALA T 281 -15.59 93.88 46.00
C ALA T 281 -14.21 93.43 45.57
N VAL T 282 -13.26 93.32 46.50
CA VAL T 282 -11.91 92.88 46.15
C VAL T 282 -11.93 91.44 45.63
N GLN T 283 -12.67 90.56 46.30
CA GLN T 283 -12.75 89.18 45.84
C GLN T 283 -13.45 89.07 44.48
N LEU T 284 -14.50 89.87 44.25
CA LEU T 284 -15.16 89.87 42.95
C LEU T 284 -14.23 90.38 41.86
N GLY T 285 -13.43 91.41 42.16
CA GLY T 285 -12.46 91.89 41.19
C GLY T 285 -11.42 90.85 40.86
N LEU T 286 -10.93 90.12 41.88
CA LEU T 286 -9.99 89.04 41.62
C LEU T 286 -10.61 87.95 40.77
N ILE T 287 -11.86 87.60 41.05
CA ILE T 287 -12.57 86.59 40.26
C ILE T 287 -12.71 87.05 38.82
N ALA T 288 -13.07 88.32 38.62
CA ALA T 288 -13.22 88.84 37.26
C ALA T 288 -11.89 88.85 36.52
N HIS T 289 -10.80 89.19 37.20
CA HIS T 289 -9.48 89.15 36.57
C HIS T 289 -9.11 87.73 36.17
N CYS T 290 -9.38 86.76 37.06
CA CYS T 290 -9.09 85.37 36.73
C CYS T 290 -9.91 84.91 35.53
N GLU T 291 -11.19 85.29 35.48
CA GLU T 291 -12.03 84.90 34.35
C GLU T 291 -11.53 85.55 33.06
N LEU T 292 -11.14 86.82 33.12
CA LEU T 292 -10.65 87.50 31.92
C LEU T 292 -9.36 86.87 31.41
N MET T 293 -8.44 86.53 32.31
CA MET T 293 -7.19 85.91 31.88
C MET T 293 -7.43 84.56 31.23
N GLY T 294 -8.32 83.75 31.81
CA GLY T 294 -8.62 82.45 31.25
C GLY T 294 -7.56 81.40 31.44
N ASP T 295 -6.60 81.64 32.34
CA ASP T 295 -5.51 80.71 32.57
C ASP T 295 -5.26 80.41 34.05
N ARG T 296 -5.77 81.22 34.97
CA ARG T 296 -5.43 81.12 36.38
C ARG T 296 -6.67 80.72 37.19
N VAL T 297 -6.41 80.20 38.39
CA VAL T 297 -7.45 79.72 39.28
C VAL T 297 -7.29 80.40 40.63
N ALA T 298 -8.40 80.85 41.20
CA ALA T 298 -8.40 81.62 42.43
C ALA T 298 -8.68 80.74 43.65
N ILE T 299 -8.04 81.08 44.77
CA ILE T 299 -8.24 80.39 46.03
C ILE T 299 -8.87 81.37 47.02
N ILE T 300 -9.97 80.96 47.64
CA ILE T 300 -10.76 81.83 48.50
C ILE T 300 -10.87 81.21 49.88
N ASP T 301 -10.96 82.09 50.89
CA ASP T 301 -11.13 81.73 52.28
C ASP T 301 -12.28 82.54 52.88
N PRO T 302 -12.96 81.99 53.89
CA PRO T 302 -14.09 82.70 54.49
C PRO T 302 -13.63 83.55 55.66
N PRO T 303 -14.51 84.38 56.22
CA PRO T 303 -14.17 85.13 57.44
C PRO T 303 -13.86 84.18 58.59
N PRO T 304 -13.02 84.60 59.53
CA PRO T 304 -12.48 83.66 60.53
C PRO T 304 -13.51 82.96 61.39
N ASN T 305 -14.35 83.71 62.10
CA ASN T 305 -15.19 83.12 63.14
C ASN T 305 -16.57 82.77 62.62
N GLN T 306 -16.72 81.55 62.11
CA GLN T 306 -18.02 81.03 61.69
C GLN T 306 -18.07 79.54 61.99
N ASN T 307 -19.29 79.01 61.99
CA ASN T 307 -19.53 77.58 62.15
C ASN T 307 -20.60 77.16 61.16
N ALA T 308 -21.13 75.95 61.35
CA ALA T 308 -22.17 75.45 60.47
C ALA T 308 -23.43 76.30 60.59
N ARG T 309 -24.26 76.29 59.54
CA ARG T 309 -25.50 77.05 59.45
C ARG T 309 -25.23 78.55 59.32
N GLN T 310 -23.96 78.94 59.35
CA GLN T 310 -23.55 80.31 59.05
C GLN T 310 -22.82 80.41 57.71
N ILE T 311 -21.79 79.59 57.51
CA ILE T 311 -21.09 79.59 56.24
C ILE T 311 -22.03 79.21 55.11
N ARG T 312 -22.89 78.21 55.34
CA ARG T 312 -23.88 77.85 54.34
C ARG T 312 -24.81 79.01 54.00
N VAL T 313 -24.97 79.96 54.92
CA VAL T 313 -25.68 81.19 54.59
C VAL T 313 -24.75 82.15 53.86
N TRP T 314 -23.53 82.33 54.38
CA TRP T 314 -22.59 83.30 53.82
C TRP T 314 -22.26 82.98 52.36
N ARG T 315 -22.29 81.70 52.00
CA ARG T 315 -22.02 81.29 50.63
C ARG T 315 -23.18 81.57 49.68
N GLN T 316 -24.41 81.61 50.19
CA GLN T 316 -25.57 81.66 49.30
C GLN T 316 -26.27 83.00 49.27
N GLU T 317 -26.40 83.69 50.41
CA GLU T 317 -27.07 84.98 50.44
C GLU T 317 -26.12 86.16 50.30
N THR T 318 -24.82 85.96 50.40
CA THR T 318 -23.88 87.07 50.37
C THR T 318 -22.76 86.90 49.36
N ALA T 319 -22.28 85.68 49.15
CA ALA T 319 -21.07 85.42 48.38
C ALA T 319 -21.30 84.29 47.38
N GLY T 320 -22.35 84.42 46.57
CA GLY T 320 -22.67 83.38 45.60
C GLY T 320 -21.50 83.07 44.67
N TYR T 321 -20.84 84.12 44.16
CA TYR T 321 -19.56 83.99 43.46
C TYR T 321 -19.65 83.15 42.19
N ASP T 322 -19.87 81.84 42.35
CA ASP T 322 -19.78 80.84 41.28
C ASP T 322 -18.60 81.13 40.35
N SER T 323 -18.87 81.31 39.07
CA SER T 323 -17.94 81.69 38.00
C SER T 323 -17.00 80.56 37.60
N LYS T 324 -17.05 79.40 38.26
CA LYS T 324 -16.33 78.18 37.89
C LYS T 324 -14.81 78.33 37.94
N TYR T 325 -14.30 79.49 38.35
CA TYR T 325 -12.87 79.77 38.35
C TYR T 325 -12.36 80.04 39.75
N ALA T 326 -12.81 79.25 40.72
CA ALA T 326 -12.39 79.49 42.10
C ALA T 326 -12.51 78.20 42.90
N ALA T 327 -11.84 78.18 44.05
CA ALA T 327 -11.96 77.09 45.01
C ALA T 327 -11.89 77.68 46.41
N LEU T 328 -12.89 77.37 47.24
CA LEU T 328 -13.01 77.94 48.58
C LEU T 328 -12.66 76.87 49.61
N TYR T 329 -11.82 77.26 50.58
CA TYR T 329 -11.39 76.36 51.64
C TYR T 329 -11.84 76.93 52.99
N TYR T 330 -12.75 76.20 53.66
CA TYR T 330 -13.48 76.71 54.82
C TYR T 330 -12.61 76.89 56.07
N PRO T 331 -12.07 75.83 56.67
CA PRO T 331 -11.52 75.98 58.02
C PRO T 331 -10.13 76.59 58.03
N TRP T 332 -9.87 77.39 59.07
CA TRP T 332 -8.57 78.03 59.24
C TRP T 332 -7.61 77.06 59.93
N ILE T 333 -6.31 77.37 59.83
CA ILE T 333 -5.25 76.50 60.32
C ILE T 333 -4.47 77.23 61.40
N LYS T 334 -4.29 76.59 62.55
CA LYS T 334 -3.48 77.15 63.62
C LYS T 334 -2.03 76.72 63.40
N SER T 335 -1.12 77.69 63.35
CA SER T 335 0.28 77.45 63.05
C SER T 335 1.17 78.18 64.04
N PHE T 336 2.43 77.77 64.07
CA PHE T 336 3.42 78.31 64.99
C PHE T 336 4.07 79.56 64.42
N ASP T 337 4.51 80.44 65.32
CA ASP T 337 5.22 81.65 64.97
C ASP T 337 6.49 81.72 65.80
N PRO T 338 7.67 81.71 65.18
CA PRO T 338 8.92 81.75 65.95
C PRO T 338 9.28 83.14 66.45
N ALA T 339 8.71 84.20 65.88
CA ALA T 339 9.00 85.55 66.36
C ALA T 339 8.58 85.70 67.82
N THR T 340 7.38 85.22 68.16
CA THR T 340 6.95 85.12 69.54
C THR T 340 6.93 83.68 70.04
N GLY T 341 7.15 82.70 69.17
CA GLY T 341 7.09 81.31 69.57
C GLY T 341 5.72 80.89 70.07
N GLN T 342 4.66 81.31 69.39
CA GLN T 342 3.30 81.07 69.86
C GLN T 342 2.43 80.60 68.71
N SER T 343 1.34 79.92 69.06
CA SER T 343 0.41 79.41 68.06
C SER T 343 -0.68 80.44 67.79
N ARG T 344 -1.01 80.62 66.51
CA ARG T 344 -2.05 81.56 66.12
C ARG T 344 -2.69 81.09 64.82
N LEU T 345 -3.89 81.60 64.56
CA LEU T 345 -4.70 81.15 63.43
C LEU T 345 -4.36 81.93 62.17
N VAL T 346 -4.24 81.21 61.05
CA VAL T 346 -4.03 81.82 59.74
C VAL T 346 -4.93 81.15 58.72
N PRO T 347 -5.31 81.88 57.68
CA PRO T 347 -6.13 81.29 56.63
C PRO T 347 -5.35 80.27 55.84
N PRO T 348 -6.01 79.29 55.23
CA PRO T 348 -5.33 78.27 54.40
C PRO T 348 -5.18 78.72 52.95
N SER T 349 -4.24 79.63 52.71
CA SER T 349 -4.03 80.20 51.39
C SER T 349 -2.81 79.62 50.69
N GLY T 350 -1.65 79.66 51.34
CA GLY T 350 -0.44 79.14 50.73
C GLY T 350 -0.31 77.64 50.81
N HIS T 351 -0.90 77.02 51.83
CA HIS T 351 -0.76 75.58 52.00
C HIS T 351 -1.45 74.82 50.86
N VAL T 352 -2.63 75.28 50.44
CA VAL T 352 -3.32 74.61 49.35
C VAL T 352 -2.56 74.78 48.03
N ALA T 353 -1.96 75.95 47.82
CA ALA T 353 -1.14 76.15 46.63
C ALA T 353 0.07 75.23 46.64
N GLY T 354 0.72 75.07 47.80
CA GLY T 354 1.83 74.14 47.90
C GLY T 354 1.41 72.71 47.65
N ILE T 355 0.23 72.33 48.15
CA ILE T 355 -0.29 70.99 47.91
C ILE T 355 -0.55 70.77 46.43
N TRP T 356 -1.12 71.79 45.76
CA TRP T 356 -1.35 71.70 44.31
C TRP T 356 -0.03 71.53 43.56
N ALA T 357 0.99 72.31 43.94
CA ALA T 357 2.29 72.19 43.27
C ALA T 357 2.90 70.81 43.51
N ARG T 358 2.80 70.30 44.73
CA ARG T 358 3.32 68.97 45.04
C ARG T 358 2.61 67.89 44.22
N ASN T 359 1.28 68.00 44.11
CA ASN T 359 0.54 67.02 43.32
C ASN T 359 0.90 67.12 41.84
N ASP T 360 1.09 68.33 41.33
CA ASP T 360 1.48 68.49 39.94
C ASP T 360 2.89 68.02 39.66
N SER T 361 3.76 68.04 40.68
CA SER T 361 5.14 67.61 40.49
C SER T 361 5.27 66.10 40.61
N GLU T 362 4.76 65.51 41.70
CA GLU T 362 4.89 64.08 41.91
C GLU T 362 4.11 63.28 40.86
N ARG T 363 2.84 63.62 40.67
CA ARG T 363 1.98 62.96 39.70
C ARG T 363 1.56 63.97 38.63
N GLY T 364 0.74 63.50 37.69
CA GLY T 364 0.25 64.36 36.64
C GLY T 364 -0.77 65.36 37.16
N VAL T 365 -1.04 66.37 36.33
CA VAL T 365 -2.03 67.38 36.67
C VAL T 365 -3.45 66.84 36.68
N HIS T 366 -3.67 65.66 36.13
CA HIS T 366 -5.01 65.06 36.09
C HIS T 366 -5.42 64.45 37.41
N LYS T 367 -4.51 64.35 38.38
CA LYS T 367 -4.85 63.78 39.69
C LYS T 367 -5.43 64.87 40.57
N ALA T 368 -6.61 64.60 41.12
CA ALA T 368 -7.28 65.59 41.97
C ALA T 368 -6.61 65.64 43.34
N PRO T 369 -6.20 66.82 43.80
CA PRO T 369 -5.61 66.92 45.14
C PRO T 369 -6.65 66.76 46.24
N ALA T 370 -7.18 65.54 46.39
CA ALA T 370 -8.26 65.28 47.33
C ALA T 370 -7.78 64.74 48.67
N ASN T 371 -6.70 63.95 48.69
CA ASN T 371 -6.20 63.33 49.92
C ASN T 371 -4.74 63.69 50.07
N GLU T 372 -4.47 64.85 50.69
CA GLU T 372 -3.12 65.30 50.95
C GLU T 372 -3.03 65.85 52.37
N VAL T 373 -1.86 65.70 52.98
CA VAL T 373 -1.64 66.08 54.37
C VAL T 373 -1.04 67.48 54.41
N VAL T 374 -1.60 68.34 55.26
CA VAL T 374 -1.16 69.76 55.34
C VAL T 374 -0.01 69.87 56.34
N ARG T 375 1.20 69.47 55.94
CA ARG T 375 2.37 69.58 56.85
C ARG T 375 2.57 71.05 57.19
N GLY T 376 2.83 71.37 58.46
CA GLY T 376 3.01 72.77 58.88
C GLY T 376 1.89 73.27 59.78
N ALA T 377 0.90 72.42 60.08
CA ALA T 377 -0.24 72.80 60.94
C ALA T 377 -0.07 72.23 62.34
N VAL T 378 -1.04 72.46 63.23
CA VAL T 378 -1.00 71.88 64.60
C VAL T 378 -2.44 71.57 65.02
N ASP T 379 -3.41 72.44 64.73
CA ASP T 379 -4.79 72.27 65.16
C ASP T 379 -5.72 72.87 64.11
N LEU T 380 -7.03 72.85 64.40
CA LEU T 380 -8.02 73.42 63.52
C LEU T 380 -9.05 74.30 64.23
N GLU T 381 -9.22 74.18 65.54
CA GLU T 381 -10.17 74.95 66.34
C GLU T 381 -11.61 74.72 65.89
N LEU T 382 -11.88 73.59 65.23
CA LEU T 382 -13.22 73.23 64.79
C LEU T 382 -13.21 71.77 64.33
N GLN T 383 -14.32 71.08 64.56
CA GLN T 383 -14.47 69.69 64.19
C GLN T 383 -15.73 69.50 63.37
N ILE T 384 -15.63 68.68 62.32
CA ILE T 384 -16.75 68.42 61.41
C ILE T 384 -17.09 66.93 61.47
N THR T 385 -18.36 66.64 61.66
CA THR T 385 -18.85 65.26 61.66
C THR T 385 -19.21 64.86 60.24
N ARG T 386 -19.84 63.68 60.10
CA ARG T 386 -20.24 63.19 58.76
C ARG T 386 -21.44 64.00 58.26
N GLY T 387 -22.41 64.27 59.14
CA GLY T 387 -23.60 64.99 58.71
C GLY T 387 -23.31 66.40 58.26
N GLU T 388 -22.46 67.12 58.99
CA GLU T 388 -22.11 68.48 58.59
C GLU T 388 -21.38 68.49 57.25
N GLN T 389 -20.48 67.54 57.03
CA GLN T 389 -19.83 67.42 55.73
C GLN T 389 -20.83 67.10 54.64
N ASP T 390 -21.79 66.21 54.92
CA ASP T 390 -22.84 65.90 53.96
C ASP T 390 -23.75 67.09 53.69
N LEU T 391 -23.79 68.08 54.59
CA LEU T 391 -24.52 69.31 54.32
C LEU T 391 -23.69 70.31 53.52
N LEU T 392 -22.36 70.23 53.61
CA LEU T 392 -21.49 71.16 52.89
C LEU T 392 -21.00 70.61 51.56
N ASN T 393 -21.02 69.29 51.39
CA ASN T 393 -20.57 68.70 50.13
C ASN T 393 -21.40 69.11 48.92
N PRO T 394 -22.73 69.15 48.96
CA PRO T 394 -23.48 69.54 47.75
C PRO T 394 -23.13 70.92 47.22
N ILE T 395 -22.73 71.84 48.09
CA ILE T 395 -22.27 73.15 47.66
C ILE T 395 -20.75 73.10 47.54
N GLY T 396 -20.19 74.07 46.82
CA GLY T 396 -18.77 74.07 46.54
C GLY T 396 -17.88 74.46 47.70
N VAL T 397 -18.06 73.80 48.84
CA VAL T 397 -17.27 74.06 50.04
C VAL T 397 -16.47 72.81 50.34
N ASN T 398 -15.14 72.93 50.26
CA ASN T 398 -14.25 71.84 50.62
C ASN T 398 -14.06 71.82 52.14
N CYS T 399 -13.24 70.89 52.61
CA CYS T 399 -13.05 70.74 54.05
C CYS T 399 -11.62 70.28 54.34
N ILE T 400 -11.20 70.54 55.57
CA ILE T 400 -9.94 70.03 56.10
C ILE T 400 -10.29 69.22 57.34
N ARG T 401 -10.14 67.90 57.24
CA ARG T 401 -10.67 66.99 58.25
C ARG T 401 -9.54 66.32 59.03
N SER T 402 -9.79 66.09 60.32
CA SER T 402 -8.87 65.38 61.19
C SER T 402 -9.35 63.94 61.35
N PHE T 403 -8.48 62.99 61.02
CA PHE T 403 -8.79 61.58 61.10
C PHE T 403 -7.98 60.92 62.20
N PRO T 404 -8.60 60.09 63.04
CA PRO T 404 -7.88 59.50 64.17
C PRO T 404 -6.93 58.39 63.76
N GLY T 405 -5.72 58.77 63.35
CA GLY T 405 -4.74 57.81 62.91
C GLY T 405 -4.05 58.25 61.63
N ARG T 406 -4.61 59.28 60.99
CA ARG T 406 -4.04 59.84 59.77
C ARG T 406 -3.82 61.34 59.84
N GLY T 407 -4.35 62.03 60.84
CA GLY T 407 -4.04 63.43 61.02
C GLY T 407 -4.91 64.37 60.20
N ILE T 408 -4.35 65.52 59.83
CA ILE T 408 -5.09 66.56 59.12
C ILE T 408 -4.92 66.34 57.62
N ARG T 409 -6.04 66.25 56.91
CA ARG T 409 -6.01 65.98 55.47
C ARG T 409 -7.05 66.83 54.77
N VAL T 410 -6.77 67.14 53.49
CA VAL T 410 -7.77 67.82 52.66
C VAL T 410 -8.90 66.85 52.33
N TRP T 411 -10.06 67.40 51.99
CA TRP T 411 -11.23 66.56 51.73
C TRP T 411 -12.22 67.31 50.85
N GLY T 412 -12.55 66.74 49.69
CA GLY T 412 -13.66 67.19 48.88
C GLY T 412 -13.34 67.58 47.46
N ALA T 413 -12.25 68.33 47.26
CA ALA T 413 -11.74 68.67 45.93
C ALA T 413 -12.84 69.08 44.95
N ARG T 414 -13.50 70.19 45.28
CA ARG T 414 -14.57 70.72 44.44
C ARG T 414 -14.35 72.21 44.20
N THR T 415 -15.23 72.80 43.40
CA THR T 415 -15.13 74.20 43.00
C THR T 415 -16.49 74.87 43.10
N LEU T 416 -16.50 76.19 42.87
CA LEU T 416 -17.72 76.99 42.89
C LEU T 416 -18.27 77.10 41.48
N SER T 417 -19.21 76.23 41.14
CA SER T 417 -19.82 76.26 39.81
C SER T 417 -21.17 75.56 39.87
N SER T 418 -22.23 76.30 39.52
CA SER T 418 -23.56 75.69 39.48
C SER T 418 -23.69 74.73 38.31
N ASP T 419 -23.04 75.04 37.20
CA ASP T 419 -23.10 74.19 36.01
C ASP T 419 -22.46 72.84 36.30
N PRO T 420 -23.18 71.72 36.11
CA PRO T 420 -22.58 70.40 36.38
C PRO T 420 -21.46 70.01 35.44
N ALA T 421 -21.14 70.82 34.42
CA ALA T 421 -20.08 70.47 33.48
C ALA T 421 -18.69 70.63 34.10
N TRP T 422 -18.52 71.59 35.00
CA TRP T 422 -17.22 71.87 35.59
C TRP T 422 -17.25 71.70 37.10
N ARG T 423 -17.82 70.59 37.57
CA ARG T 423 -17.92 70.35 39.01
C ARG T 423 -16.55 70.18 39.64
N TYR T 424 -15.64 69.47 38.97
CA TYR T 424 -14.38 69.08 39.56
C TYR T 424 -13.24 69.99 39.12
N LEU T 425 -12.24 70.12 39.98
CA LEU T 425 -11.11 71.00 39.73
C LEU T 425 -10.15 70.41 38.70
N ASN T 426 -9.93 69.09 38.74
CA ASN T 426 -8.92 68.48 37.88
C ASN T 426 -9.29 68.61 36.41
N ILE T 427 -10.58 68.54 36.09
CA ILE T 427 -11.02 68.71 34.71
C ILE T 427 -10.66 70.12 34.22
N ARG T 428 -10.93 71.13 35.05
CA ARG T 428 -10.61 72.50 34.66
C ARG T 428 -9.11 72.68 34.49
N ARG T 429 -8.31 72.12 35.41
CA ARG T 429 -6.86 72.26 35.30
C ARG T 429 -6.33 71.60 34.04
N TYR T 430 -6.82 70.38 33.73
CA TYR T 430 -6.37 69.69 32.54
C TYR T 430 -6.79 70.43 31.28
N PHE T 431 -8.00 70.97 31.25
CA PHE T 431 -8.45 71.73 30.09
C PHE T 431 -7.62 73.00 29.90
N ASN T 432 -7.28 73.69 31.00
CA ASN T 432 -6.43 74.86 30.90
C ASN T 432 -5.06 74.49 30.35
N TYR T 433 -4.48 73.38 30.84
CA TYR T 433 -3.19 72.93 30.35
C TYR T 433 -3.22 72.62 28.86
N LEU T 434 -4.25 71.89 28.43
CA LEU T 434 -4.36 71.54 27.01
C LEU T 434 -4.55 72.79 26.14
N GLU T 435 -5.41 73.72 26.59
CA GLU T 435 -5.63 74.92 25.81
C GLU T 435 -4.36 75.76 25.69
N GLU T 436 -3.61 75.89 26.80
CA GLU T 436 -2.37 76.65 26.75
C GLU T 436 -1.36 76.00 25.82
N SER T 437 -1.21 74.68 25.91
CA SER T 437 -0.25 73.98 25.05
C SER T 437 -0.63 74.15 23.58
N ILE T 438 -1.91 73.98 23.26
CA ILE T 438 -2.36 74.09 21.87
C ILE T 438 -2.14 75.50 21.35
N LEU T 439 -2.48 76.51 22.17
CA LEU T 439 -2.32 77.90 21.73
C LEU T 439 -0.85 78.23 21.50
N ILE T 440 0.03 77.76 22.38
CA ILE T 440 1.45 78.08 22.22
C ILE T 440 2.06 77.37 21.02
N GLY T 441 1.75 76.08 20.83
CA GLY T 441 2.45 75.30 19.81
C GLY T 441 1.70 75.10 18.51
N THR T 442 1.03 76.13 17.99
CA THR T 442 0.27 75.99 16.76
C THR T 442 0.43 77.20 15.83
N GLN T 443 1.14 78.24 16.24
CA GLN T 443 1.13 79.51 15.52
C GLN T 443 1.66 79.40 14.10
N TRP T 444 2.39 78.34 13.76
CA TRP T 444 2.97 78.22 12.43
C TRP T 444 1.94 77.94 11.35
N VAL T 445 0.70 77.61 11.71
CA VAL T 445 -0.30 77.20 10.72
C VAL T 445 -0.94 78.37 9.98
N VAL T 446 -0.82 79.58 10.51
CA VAL T 446 -1.47 80.74 9.90
C VAL T 446 -0.78 81.09 8.59
N PHE T 447 -1.56 81.56 7.63
CA PHE T 447 -1.08 81.98 6.30
C PHE T 447 -0.38 80.82 5.58
N GLU T 448 -1.18 79.80 5.28
CA GLU T 448 -0.74 78.61 4.58
C GLU T 448 -1.60 78.38 3.35
N PRO T 449 -1.11 77.61 2.37
CA PRO T 449 -1.87 77.42 1.13
C PRO T 449 -3.25 76.81 1.31
N ASN T 450 -3.51 76.16 2.46
CA ASN T 450 -4.83 75.63 2.81
C ASN T 450 -5.28 74.57 1.80
N ASP T 451 -4.48 73.51 1.73
CA ASP T 451 -4.82 72.34 0.93
C ASP T 451 -4.94 71.13 1.85
N HIS T 452 -5.27 69.96 1.30
CA HIS T 452 -5.43 68.76 2.12
C HIS T 452 -4.14 68.29 2.78
N ASN T 453 -2.98 68.70 2.25
CA ASN T 453 -1.72 68.39 2.92
C ASN T 453 -1.65 69.06 4.29
N LEU T 454 -2.12 70.30 4.38
CA LEU T 454 -2.16 70.98 5.67
C LEU T 454 -3.08 70.26 6.65
N TRP T 455 -4.24 69.80 6.16
CA TRP T 455 -5.15 69.06 7.01
C TRP T 455 -4.51 67.77 7.51
N ALA T 456 -3.80 67.05 6.63
CA ALA T 456 -3.13 65.82 7.04
C ALA T 456 -2.06 66.12 8.09
N ARG T 457 -1.28 67.18 7.90
CA ARG T 457 -0.24 67.52 8.88
C ARG T 457 -0.84 67.87 10.23
N ILE T 458 -1.91 68.68 10.23
CA ILE T 458 -2.54 69.06 11.49
C ILE T 458 -3.11 67.83 12.19
N ARG T 459 -3.78 66.95 11.45
CA ARG T 459 -4.32 65.74 12.04
C ARG T 459 -3.22 64.87 12.64
N ARG T 460 -2.11 64.72 11.91
CA ARG T 460 -1.01 63.90 12.42
C ARG T 460 -0.44 64.48 13.71
N ASN T 461 -0.24 65.80 13.75
CA ASN T 461 0.33 66.42 14.94
C ASN T 461 -0.60 66.27 16.15
N VAL T 462 -1.89 66.55 15.95
CA VAL T 462 -2.84 66.46 17.05
C VAL T 462 -2.98 65.02 17.53
N SER T 463 -3.00 64.06 16.59
CA SER T 463 -3.10 62.66 16.97
C SER T 463 -1.88 62.21 17.75
N ALA T 464 -0.68 62.63 17.34
CA ALA T 464 0.52 62.28 18.08
C ALA T 464 0.48 62.84 19.49
N PHE T 465 0.09 64.12 19.63
CA PHE T 465 0.01 64.72 20.95
C PHE T 465 -1.00 63.99 21.84
N LEU T 466 -2.16 63.65 21.28
CA LEU T 466 -3.19 62.99 22.07
C LEU T 466 -2.79 61.57 22.44
N VAL T 467 -2.09 60.87 21.55
CA VAL T 467 -1.60 59.53 21.87
C VAL T 467 -0.58 59.59 22.99
N ASN T 468 0.34 60.57 22.92
CA ASN T 468 1.33 60.72 23.98
C ASN T 468 0.66 61.04 25.31
N GLU T 469 -0.38 61.88 25.29
CA GLU T 469 -1.10 62.17 26.53
C GLU T 469 -1.83 60.95 27.06
N TRP T 470 -2.43 60.15 26.17
CA TRP T 470 -3.22 59.01 26.60
C TRP T 470 -2.35 57.89 27.15
N ARG T 471 -1.14 57.71 26.61
CA ARG T 471 -0.31 56.59 27.06
C ARG T 471 0.14 56.72 28.51
N ASN T 472 -0.03 57.89 29.13
CA ASN T 472 0.29 58.07 30.54
C ASN T 472 -0.90 57.76 31.45
N GLY T 473 -2.04 57.35 30.90
CA GLY T 473 -3.20 57.03 31.70
C GLY T 473 -4.05 58.20 32.10
N ALA T 474 -3.98 59.30 31.37
CA ALA T 474 -4.77 60.49 31.69
C ALA T 474 -6.10 60.54 30.95
N LEU T 475 -6.43 59.53 30.15
CA LEU T 475 -7.69 59.47 29.43
C LEU T 475 -8.35 58.12 29.65
N PHE T 476 -9.68 58.13 29.69
CA PHE T 476 -10.46 56.93 29.99
C PHE T 476 -10.75 56.17 28.71
N GLY T 477 -10.12 55.01 28.54
CA GLY T 477 -10.35 54.18 27.38
C GLY T 477 -9.36 53.03 27.26
N GLN T 478 -9.84 51.86 26.87
CA GLN T 478 -8.94 50.67 26.72
C GLN T 478 -8.14 50.81 25.42
N SER T 479 -8.70 51.49 24.42
CA SER T 479 -8.05 51.66 23.12
C SER T 479 -8.02 53.13 22.75
N PRO T 480 -7.04 53.54 21.92
CA PRO T 480 -6.98 54.94 21.50
C PRO T 480 -8.23 55.39 20.76
N ASP T 481 -8.91 54.45 20.10
CA ASP T 481 -10.14 54.80 19.37
C ASP T 481 -11.25 55.24 20.31
N GLN T 482 -11.26 54.72 21.55
CA GLN T 482 -12.29 55.06 22.52
C GLN T 482 -11.90 56.22 23.42
N ALA T 483 -10.72 56.81 23.24
CA ALA T 483 -10.24 57.86 24.11
C ALA T 483 -10.34 59.26 23.50
N TYR T 484 -10.24 59.38 22.18
CA TYR T 484 -10.24 60.69 21.53
C TYR T 484 -10.69 60.52 20.10
N TYR T 485 -11.04 61.65 19.47
CA TYR T 485 -11.36 61.66 18.05
C TYR T 485 -11.05 63.03 17.47
N VAL T 486 -10.33 63.05 16.36
CA VAL T 486 -9.95 64.28 15.67
C VAL T 486 -10.46 64.20 14.24
N LYS T 487 -11.19 65.23 13.81
CA LYS T 487 -11.81 65.28 12.50
C LYS T 487 -11.35 66.52 11.76
N CYS T 488 -10.74 66.33 10.60
CA CYS T 488 -10.35 67.43 9.73
C CYS T 488 -10.27 66.88 8.30
N ASP T 489 -11.32 67.12 7.53
CA ASP T 489 -11.43 66.58 6.18
C ASP T 489 -12.40 67.44 5.38
N GLU T 490 -12.82 66.93 4.22
CA GLU T 490 -13.74 67.67 3.37
C GLU T 490 -15.17 67.66 3.91
N GLU T 491 -15.47 66.79 4.88
CA GLU T 491 -16.81 66.78 5.45
C GLU T 491 -17.05 67.97 6.36
N THR T 492 -16.04 68.37 7.13
CA THR T 492 -16.15 69.52 8.02
C THR T 492 -15.58 70.79 7.42
N ASN T 493 -15.09 70.76 6.19
CA ASN T 493 -14.51 71.92 5.51
C ASN T 493 -15.13 72.04 4.13
N PRO T 494 -16.37 72.53 4.04
CA PRO T 494 -17.01 72.70 2.73
C PRO T 494 -16.34 73.79 1.94
N PRO T 495 -16.50 73.80 0.60
CA PRO T 495 -15.86 74.85 -0.20
C PRO T 495 -16.27 76.26 0.19
N GLU T 496 -17.52 76.46 0.63
CA GLU T 496 -17.95 77.77 1.09
C GLU T 496 -17.14 78.24 2.29
N SER T 497 -16.88 77.32 3.23
CA SER T 497 -16.09 77.68 4.40
C SER T 497 -14.63 77.96 4.02
N VAL T 498 -14.06 77.16 3.12
CA VAL T 498 -12.66 77.34 2.76
C VAL T 498 -12.48 78.56 1.87
N ASP T 499 -13.58 79.07 1.29
CA ASP T 499 -13.51 80.29 0.51
C ASP T 499 -13.04 81.47 1.37
N LEU T 500 -13.56 81.56 2.60
CA LEU T 500 -13.18 82.64 3.51
C LEU T 500 -11.85 82.38 4.19
N GLY T 501 -11.24 81.22 4.01
CA GLY T 501 -9.98 80.91 4.65
C GLY T 501 -10.14 80.53 6.11
N ARG T 502 -10.82 79.41 6.35
CA ARG T 502 -11.09 78.94 7.71
C ARG T 502 -10.71 77.47 7.85
N VAL T 503 -10.18 77.13 9.02
CA VAL T 503 -9.86 75.75 9.37
C VAL T 503 -10.53 75.44 10.71
N VAL T 504 -11.13 74.26 10.82
CA VAL T 504 -11.93 73.88 11.99
C VAL T 504 -11.19 72.89 12.88
N CYS T 505 -10.88 71.69 12.35
CA CYS T 505 -10.13 70.66 13.07
C CYS T 505 -10.82 70.30 14.39
N GLU T 506 -12.00 69.72 14.26
CA GLU T 506 -12.78 69.35 15.45
C GLU T 506 -12.03 68.32 16.28
N ILE T 507 -12.00 68.54 17.59
CA ILE T 507 -11.29 67.69 18.53
C ILE T 507 -12.24 67.31 19.67
N GLY T 508 -12.23 66.03 20.04
CA GLY T 508 -13.02 65.57 21.17
C GLY T 508 -12.26 64.58 22.03
N ILE T 509 -12.27 64.77 23.34
CA ILE T 509 -11.54 63.94 24.27
C ILE T 509 -12.48 63.45 25.37
N ALA T 510 -12.07 62.38 26.04
CA ALA T 510 -12.81 61.80 27.15
C ALA T 510 -11.96 61.86 28.41
N PRO T 511 -12.25 62.76 29.35
CA PRO T 511 -11.42 62.90 30.55
C PRO T 511 -11.74 61.82 31.57
N VAL T 512 -11.00 61.84 32.67
CA VAL T 512 -11.19 60.92 33.78
C VAL T 512 -11.64 61.71 35.00
N LYS T 513 -12.48 61.10 35.82
CA LYS T 513 -13.00 61.76 37.00
C LYS T 513 -12.60 61.00 38.26
N PRO T 514 -12.38 61.69 39.37
CA PRO T 514 -11.97 61.00 40.60
C PRO T 514 -13.09 60.16 41.18
N ALA T 515 -12.70 59.11 41.90
CA ALA T 515 -13.64 58.24 42.58
C ALA T 515 -13.85 58.76 44.00
N GLU T 516 -15.07 59.19 44.30
CA GLU T 516 -15.39 59.79 45.58
C GLU T 516 -16.05 58.81 46.55
N PHE T 517 -17.07 58.08 46.09
CA PHE T 517 -17.80 57.12 46.92
C PHE T 517 -17.41 55.71 46.49
N VAL T 518 -16.91 54.92 47.44
CA VAL T 518 -16.55 53.53 47.21
C VAL T 518 -17.55 52.66 47.98
N ILE T 519 -18.21 51.75 47.26
CA ILE T 519 -19.28 50.94 47.82
C ILE T 519 -18.94 49.47 47.65
N PHE T 520 -19.04 48.71 48.73
CA PHE T 520 -18.96 47.26 48.71
C PHE T 520 -20.34 46.67 48.99
N ARG T 521 -20.47 45.36 48.75
CA ARG T 521 -21.74 44.67 48.93
C ARG T 521 -21.72 43.67 50.07
N LEU T 522 -20.76 42.74 50.07
CA LEU T 522 -20.63 41.71 51.09
C LEU T 522 -21.92 40.88 51.22
N ALA T 523 -22.27 40.23 50.13
CA ALA T 523 -23.45 39.38 50.07
C ALA T 523 -23.10 37.93 50.37
N GLN T 524 -24.11 37.17 50.77
CA GLN T 524 -23.95 35.75 51.08
C GLN T 524 -24.67 34.94 50.01
N PHE T 525 -23.96 34.01 49.39
CA PHE T 525 -24.48 33.23 48.28
C PHE T 525 -24.13 31.75 48.47
N SER T 526 -24.90 30.90 47.81
CA SER T 526 -24.69 29.45 47.87
C SER T 526 -23.61 29.02 46.89
N PRO U 2 13.34 38.72 -66.35
CA PRO U 2 14.31 38.58 -67.45
C PRO U 2 13.71 37.89 -68.67
N SER U 3 14.45 37.88 -69.77
CA SER U 3 14.01 37.27 -71.01
C SER U 3 14.76 35.96 -71.23
N TYR U 4 14.01 34.89 -71.50
CA TYR U 4 14.57 33.58 -71.76
C TYR U 4 14.21 33.19 -73.18
N LEU U 5 15.22 33.04 -74.04
CA LEU U 5 14.99 32.72 -75.45
C LEU U 5 15.84 31.58 -75.97
N SER U 6 16.97 31.25 -75.34
CA SER U 6 17.83 30.18 -75.79
C SER U 6 18.20 29.28 -74.62
N PRO U 7 18.38 27.99 -74.87
CA PRO U 7 18.77 27.07 -73.78
C PRO U 7 20.14 27.42 -73.23
N GLY U 8 20.32 27.15 -71.95
CA GLY U 8 21.58 27.43 -71.30
C GLY U 8 21.38 27.58 -69.80
N VAL U 9 22.43 28.10 -69.16
CA VAL U 9 22.44 28.35 -67.72
C VAL U 9 22.58 29.85 -67.49
N TYR U 10 21.67 30.41 -66.70
CA TYR U 10 21.64 31.84 -66.41
C TYR U 10 21.82 32.05 -64.92
N VAL U 11 22.71 32.99 -64.57
CA VAL U 11 22.99 33.33 -63.17
C VAL U 11 22.58 34.78 -62.96
N GLU U 12 21.66 35.01 -62.03
CA GLU U 12 21.17 36.34 -61.71
C GLU U 12 21.19 36.55 -60.20
N GLU U 13 21.32 37.80 -59.79
CA GLU U 13 21.40 38.17 -58.37
C GLU U 13 20.13 38.93 -57.99
N VAL U 14 19.46 38.45 -56.95
CA VAL U 14 18.28 39.14 -56.45
C VAL U 14 18.70 40.29 -55.53
N ALA U 15 18.11 41.46 -55.77
CA ALA U 15 18.46 42.68 -55.05
C ALA U 15 18.09 42.62 -53.57
N SER U 16 17.27 41.64 -53.18
CA SER U 16 16.85 41.51 -51.79
C SER U 16 18.05 41.26 -50.88
N GLY U 17 18.29 42.16 -49.94
CA GLY U 17 19.41 42.05 -49.04
C GLY U 17 19.43 43.19 -48.06
N SER U 18 20.63 43.59 -47.66
CA SER U 18 20.84 44.68 -46.71
C SER U 18 21.67 45.78 -47.35
N ARG U 19 21.26 47.03 -47.14
CA ARG U 19 21.95 48.20 -47.66
C ARG U 19 22.15 49.18 -46.50
N PRO U 20 23.21 49.01 -45.72
CA PRO U 20 23.41 49.86 -44.54
C PRO U 20 23.65 51.31 -44.91
N ILE U 21 23.24 52.20 -44.01
CA ILE U 21 23.41 53.65 -44.18
C ILE U 21 24.43 54.13 -43.16
N GLU U 22 25.43 54.86 -43.62
CA GLU U 22 26.50 55.36 -42.78
C GLU U 22 26.31 56.84 -42.46
N GLY U 23 26.97 57.28 -41.39
CA GLY U 23 26.92 58.66 -40.98
C GLY U 23 27.87 59.55 -41.76
N VAL U 24 27.93 60.81 -41.34
CA VAL U 24 28.78 61.81 -41.98
C VAL U 24 29.60 62.52 -40.91
N GLY U 25 30.72 63.08 -41.34
CA GLY U 25 31.59 63.80 -40.42
C GLY U 25 31.12 65.23 -40.22
N THR U 26 31.01 65.64 -38.95
CA THR U 26 30.52 66.97 -38.61
C THR U 26 31.56 67.75 -37.83
N SER U 27 32.82 67.70 -38.26
CA SER U 27 33.91 68.37 -37.57
C SER U 27 34.75 69.19 -38.54
N VAL U 28 34.09 69.93 -39.42
CA VAL U 28 34.76 70.80 -40.38
C VAL U 28 34.20 72.21 -40.22
N ALA U 29 35.09 73.19 -40.15
CA ALA U 29 34.69 74.59 -39.99
C ALA U 29 35.40 75.43 -41.04
N ALA U 30 34.73 76.50 -41.47
CA ALA U 30 35.25 77.39 -42.50
C ALA U 30 35.35 78.79 -41.94
N PHE U 31 36.56 79.34 -41.94
CA PHE U 31 36.84 80.67 -41.41
C PHE U 31 37.12 81.63 -42.55
N VAL U 32 36.46 82.78 -42.53
CA VAL U 32 36.64 83.82 -43.53
C VAL U 32 37.27 85.03 -42.83
N GLY U 33 38.39 85.50 -43.36
CA GLY U 33 39.08 86.60 -42.73
C GLY U 33 40.13 87.19 -43.64
N LEU U 34 40.94 88.07 -43.07
CA LEU U 34 42.02 88.73 -43.79
C LEU U 34 43.37 88.25 -43.26
N ALA U 35 44.31 88.06 -44.18
CA ALA U 35 45.64 87.56 -43.89
C ALA U 35 46.67 88.42 -44.62
N PRO U 36 47.89 88.50 -44.11
CA PRO U 36 48.91 89.33 -44.79
C PRO U 36 49.23 88.87 -46.20
N THR U 37 49.63 87.61 -46.37
CA THR U 37 49.96 87.08 -47.68
C THR U 37 49.40 85.67 -47.83
N GLY U 38 49.14 85.28 -49.07
CA GLY U 38 48.61 83.97 -49.36
C GLY U 38 47.67 83.98 -50.56
N PRO U 39 47.07 82.82 -50.85
CA PRO U 39 46.11 82.75 -51.95
C PRO U 39 44.91 83.66 -51.69
N LEU U 40 44.37 84.22 -52.76
CA LEU U 40 43.28 85.18 -52.69
C LEU U 40 42.00 84.56 -53.23
N ASN U 41 40.92 84.66 -52.45
CA ASN U 41 39.59 84.18 -52.85
C ASN U 41 39.61 82.70 -53.23
N GLU U 42 40.37 81.91 -52.48
CA GLU U 42 40.43 80.47 -52.69
C GLU U 42 40.23 79.76 -51.36
N PRO U 43 39.25 78.85 -51.27
CA PRO U 43 39.02 78.15 -50.00
C PRO U 43 40.06 77.08 -49.72
N THR U 44 41.21 77.48 -49.16
CA THR U 44 42.29 76.54 -48.90
C THR U 44 41.91 75.60 -47.77
N LEU U 45 42.50 74.41 -47.78
CA LEU U 45 42.26 73.39 -46.76
C LEU U 45 43.50 73.27 -45.88
N VAL U 46 43.29 73.35 -44.56
CA VAL U 46 44.37 73.26 -43.59
C VAL U 46 44.03 72.17 -42.58
N THR U 47 45.05 71.43 -42.13
CA THR U 47 44.83 70.39 -41.14
C THR U 47 45.88 70.41 -40.04
N ASN U 48 46.80 71.37 -40.04
CA ASN U 48 47.83 71.49 -39.02
C ASN U 48 48.43 72.88 -39.15
N TRP U 49 48.92 73.41 -38.03
CA TRP U 49 49.43 74.82 -38.03
C TRP U 49 50.57 74.98 -39.05
N THR U 50 51.43 73.96 -39.20
CA THR U 50 52.56 74.13 -40.10
C THR U 50 52.09 74.52 -41.50
N GLN U 51 51.00 73.91 -41.97
CA GLN U 51 50.45 74.27 -43.27
C GLN U 51 49.99 75.73 -43.29
N TYR U 52 49.32 76.17 -42.22
CA TYR U 52 48.87 77.56 -42.13
C TYR U 52 50.06 78.51 -42.12
N VAL U 53 51.11 78.16 -41.37
CA VAL U 53 52.31 79.00 -41.33
C VAL U 53 52.94 79.10 -42.71
N ALA U 54 53.05 77.97 -43.41
CA ALA U 54 53.65 77.97 -44.73
C ALA U 54 52.80 78.69 -45.77
N ALA U 55 51.48 78.73 -45.60
CA ALA U 55 50.60 79.33 -46.60
C ALA U 55 50.30 80.80 -46.32
N PHE U 56 49.70 81.10 -45.17
CA PHE U 56 49.16 82.43 -44.89
C PHE U 56 50.00 83.21 -43.89
N GLY U 57 51.20 82.76 -43.55
CA GLY U 57 52.00 83.44 -42.56
C GLY U 57 51.51 83.17 -41.15
N ASP U 58 52.08 83.92 -40.20
CA ASP U 58 51.75 83.71 -38.79
C ASP U 58 52.11 84.98 -38.00
N PHE U 59 51.09 85.62 -37.44
CA PHE U 59 51.25 86.67 -36.43
C PHE U 59 52.17 87.79 -36.88
N THR U 60 51.79 88.52 -37.93
CA THR U 60 52.59 89.67 -38.38
C THR U 60 51.77 90.92 -38.69
N GLY U 61 50.46 90.81 -38.88
CA GLY U 61 49.66 91.97 -39.24
C GLY U 61 48.68 92.39 -38.16
N GLY U 62 48.67 91.67 -37.05
CA GLY U 62 47.73 91.98 -35.97
C GLY U 62 46.29 91.75 -36.34
N TYR U 63 45.98 90.65 -37.03
CA TYR U 63 44.63 90.31 -37.43
C TYR U 63 44.08 89.19 -36.55
N TYR U 64 42.76 89.01 -36.61
CA TYR U 64 42.08 88.05 -35.77
C TYR U 64 41.96 86.67 -36.40
N LEU U 65 42.41 86.49 -37.65
CA LEU U 65 42.33 85.19 -38.28
C LEU U 65 43.32 84.21 -37.68
N ALA U 66 44.56 84.66 -37.47
CA ALA U 66 45.58 83.77 -36.92
C ALA U 66 45.24 83.33 -35.51
N HIS U 67 44.76 84.26 -34.68
CA HIS U 67 44.36 83.91 -33.31
C HIS U 67 43.22 82.90 -33.31
N SER U 68 42.23 83.11 -34.18
CA SER U 68 41.09 82.19 -34.23
C SER U 68 41.52 80.81 -34.71
N VAL U 69 42.39 80.74 -35.72
CA VAL U 69 42.87 79.45 -36.20
C VAL U 69 43.68 78.73 -35.12
N TYR U 70 44.55 79.47 -34.42
CA TYR U 70 45.35 78.86 -33.36
C TYR U 70 44.46 78.35 -32.24
N GLY U 71 43.42 79.11 -31.87
CA GLY U 71 42.49 78.64 -30.86
C GLY U 71 41.70 77.42 -31.30
N PHE U 72 41.30 77.40 -32.57
CA PHE U 72 40.57 76.24 -33.10
C PHE U 72 41.43 74.98 -33.06
N PHE U 73 42.70 75.10 -33.45
CA PHE U 73 43.59 73.95 -33.40
C PHE U 73 44.03 73.61 -31.97
N ASN U 74 43.89 74.56 -31.04
CA ASN U 74 44.25 74.29 -29.65
C ASN U 74 43.19 73.47 -28.93
N ASN U 75 41.93 73.56 -29.37
CA ASN U 75 40.82 72.87 -28.70
C ASN U 75 40.48 71.54 -29.35
N GLY U 76 41.39 70.99 -30.16
CA GLY U 76 41.17 69.69 -30.75
C GLY U 76 40.53 69.68 -32.12
N GLY U 77 40.78 70.70 -32.93
CA GLY U 77 40.24 70.71 -34.28
C GLY U 77 40.90 69.66 -35.16
N SER U 78 40.19 69.28 -36.22
CA SER U 78 40.63 68.24 -37.14
C SER U 78 40.98 68.79 -38.51
N ALA U 79 40.06 69.49 -39.16
CA ALA U 79 40.30 70.03 -40.49
C ALA U 79 39.52 71.32 -40.64
N ALA U 80 40.10 72.30 -41.34
CA ALA U 80 39.51 73.60 -41.48
C ALA U 80 39.66 74.11 -42.91
N TYR U 81 38.75 75.00 -43.29
CA TYR U 81 38.82 75.72 -44.55
C TYR U 81 39.08 77.19 -44.26
N VAL U 82 39.91 77.82 -45.09
CA VAL U 82 40.32 79.20 -44.88
C VAL U 82 40.02 79.99 -46.15
N VAL U 83 39.38 81.14 -45.98
CA VAL U 83 39.12 82.08 -47.06
C VAL U 83 39.74 83.42 -46.68
N ARG U 84 40.55 83.97 -47.57
CA ARG U 84 41.25 85.24 -47.34
C ARG U 84 40.66 86.30 -48.27
N VAL U 85 39.86 87.20 -47.70
CA VAL U 85 39.24 88.25 -48.49
C VAL U 85 40.28 89.26 -48.96
N GLY U 86 41.16 89.66 -48.06
CA GLY U 86 42.16 90.65 -48.39
C GLY U 86 43.25 90.70 -47.34
N GLY U 87 44.02 91.78 -47.37
CA GLY U 87 45.10 91.97 -46.42
C GLY U 87 46.11 92.96 -46.94
N SER U 88 47.24 93.04 -46.23
CA SER U 88 48.32 93.94 -46.59
C SER U 88 49.61 93.38 -46.01
N ALA U 89 50.73 93.86 -46.55
CA ALA U 89 52.07 93.46 -46.11
C ALA U 89 52.92 94.68 -45.83
N GLU U 90 52.32 95.74 -45.29
CA GLU U 90 53.03 96.97 -45.00
C GLU U 90 53.06 97.25 -43.51
N GLY U 249 33.04 84.90 -50.06
CA GLY U 249 33.72 83.70 -50.48
C GLY U 249 32.81 82.67 -51.12
N GLY U 250 33.39 81.74 -51.88
CA GLY U 250 32.61 80.72 -52.55
C GLY U 250 32.47 79.46 -51.71
N LEU U 251 31.81 79.57 -50.57
CA LEU U 251 31.61 78.42 -49.69
C LEU U 251 30.44 77.55 -50.11
N GLU U 252 29.67 77.95 -51.12
CA GLU U 252 28.53 77.15 -51.56
C GLU U 252 28.95 75.93 -52.36
N ALA U 253 30.18 75.89 -52.88
CA ALA U 253 30.65 74.75 -53.64
C ALA U 253 31.18 73.62 -52.77
N ILE U 254 31.33 73.84 -51.47
CA ILE U 254 31.85 72.84 -50.56
C ILE U 254 30.67 72.14 -49.89
N ASP U 255 30.86 70.86 -49.57
CA ASP U 255 29.79 70.04 -48.99
C ASP U 255 30.07 69.64 -47.55
N GLU U 256 31.32 69.36 -47.20
CA GLU U 256 31.65 68.84 -45.88
C GLU U 256 31.63 69.90 -44.78
N ILE U 257 31.50 71.18 -45.13
CA ILE U 257 31.52 72.24 -44.13
C ILE U 257 30.30 72.09 -43.23
N SER U 258 30.53 72.16 -41.91
CA SER U 258 29.47 72.05 -40.93
C SER U 258 29.23 73.34 -40.16
N MET U 259 30.17 74.27 -40.18
CA MET U 259 30.00 75.55 -39.50
C MET U 259 30.87 76.59 -40.17
N VAL U 260 30.42 77.85 -40.12
CA VAL U 260 31.11 78.95 -40.77
C VAL U 260 31.29 80.08 -39.77
N ALA U 261 32.44 80.74 -39.83
CA ALA U 261 32.75 81.85 -38.93
C ALA U 261 33.48 82.94 -39.70
N VAL U 262 33.32 84.17 -39.22
CA VAL U 262 34.04 85.33 -39.77
C VAL U 262 34.76 85.99 -38.60
N PRO U 263 35.87 85.42 -38.13
CA PRO U 263 36.48 85.93 -36.89
C PRO U 263 36.94 87.37 -36.98
N ASP U 264 37.44 87.80 -38.14
CA ASP U 264 38.00 89.14 -38.27
C ASP U 264 36.96 89.97 -39.04
N LEU U 265 36.00 90.48 -38.29
CA LEU U 265 35.00 91.44 -38.76
C LEU U 265 34.94 92.67 -37.86
N MET U 266 35.12 92.50 -36.55
CA MET U 266 35.11 93.65 -35.63
C MET U 266 36.35 94.50 -35.78
N ALA U 267 37.42 93.97 -36.41
CA ALA U 267 38.62 94.76 -36.62
C ALA U 267 38.33 95.96 -37.52
N ALA U 268 37.61 95.74 -38.62
CA ALA U 268 37.24 96.85 -39.49
C ALA U 268 36.33 97.83 -38.77
N TYR U 269 35.47 97.33 -37.89
CA TYR U 269 34.61 98.22 -37.11
C TYR U 269 35.41 99.04 -36.11
N GLN U 270 36.49 98.49 -35.58
CA GLN U 270 37.25 99.19 -34.55
C GLN U 270 38.06 100.34 -35.13
N ARG U 271 38.74 100.11 -36.25
CA ARG U 271 39.62 101.12 -36.83
C ARG U 271 39.08 101.74 -38.11
N GLY U 272 38.48 100.95 -38.99
CA GLY U 272 38.00 101.47 -40.26
C GLY U 272 36.72 102.27 -40.18
N ALA U 273 36.00 102.19 -39.06
CA ALA U 273 34.74 102.90 -38.87
C ALA U 273 33.74 102.56 -39.98
N ILE U 274 33.39 101.28 -40.04
CA ILE U 274 32.49 100.77 -41.06
C ILE U 274 31.03 100.82 -40.59
N ASP U 275 30.77 101.51 -39.49
CA ASP U 275 29.42 101.68 -38.94
C ASP U 275 28.83 100.34 -38.51
N LEU U 276 27.58 100.36 -38.02
CA LEU U 276 26.92 99.14 -37.60
C LEU U 276 26.03 98.54 -38.68
N GLU U 277 25.58 99.35 -39.64
CA GLU U 277 24.70 98.85 -40.70
C GLU U 277 25.42 97.82 -41.56
N ALA U 278 26.69 98.06 -41.89
CA ALA U 278 27.44 97.11 -42.70
C ALA U 278 27.62 95.79 -41.97
N VAL U 279 27.94 95.84 -40.66
CA VAL U 279 28.11 94.63 -39.89
C VAL U 279 26.78 93.87 -39.80
N LYS U 280 25.68 94.58 -39.57
CA LYS U 280 24.38 93.93 -39.52
C LYS U 280 24.03 93.28 -40.84
N ALA U 281 24.30 93.97 -41.95
CA ALA U 281 24.01 93.40 -43.27
C ALA U 281 24.86 92.16 -43.53
N VAL U 282 26.14 92.19 -43.17
CA VAL U 282 27.01 91.03 -43.37
C VAL U 282 26.52 89.84 -42.55
N GLN U 283 26.17 90.09 -41.28
CA GLN U 283 25.69 89.00 -40.45
C GLN U 283 24.35 88.45 -40.95
N LEU U 284 23.46 89.33 -41.41
CA LEU U 284 22.20 88.87 -41.97
C LEU U 284 22.42 88.04 -43.24
N GLY U 285 23.37 88.45 -44.08
CA GLY U 285 23.68 87.66 -45.26
C GLY U 285 24.23 86.30 -44.92
N LEU U 286 25.11 86.24 -43.91
CA LEU U 286 25.61 84.94 -43.46
C LEU U 286 24.50 84.07 -42.91
N ILE U 287 23.58 84.66 -42.15
CA ILE U 287 22.43 83.91 -41.62
C ILE U 287 21.57 83.37 -42.76
N ALA U 288 21.32 84.20 -43.77
CA ALA U 288 20.51 83.78 -44.90
C ALA U 288 21.19 82.66 -45.67
N HIS U 289 22.52 82.74 -45.85
CA HIS U 289 23.24 81.67 -46.52
C HIS U 289 23.16 80.37 -45.74
N CYS U 290 23.31 80.45 -44.41
CA CYS U 290 23.19 79.25 -43.57
C CYS U 290 21.80 78.65 -43.67
N GLU U 291 20.76 79.49 -43.66
CA GLU U 291 19.40 78.99 -43.79
C GLU U 291 19.17 78.35 -45.15
N LEU U 292 19.68 78.96 -46.21
CA LEU U 292 19.51 78.40 -47.55
C LEU U 292 20.20 77.06 -47.68
N MET U 293 21.42 76.93 -47.16
CA MET U 293 22.14 75.66 -47.25
C MET U 293 21.41 74.56 -46.49
N GLY U 294 20.91 74.87 -45.29
CA GLY U 294 20.19 73.88 -44.52
C GLY U 294 21.05 72.82 -43.87
N ASP U 295 22.36 73.04 -43.80
CA ASP U 295 23.27 72.07 -43.23
C ASP U 295 24.26 72.66 -42.23
N ARG U 296 24.45 73.98 -42.21
CA ARG U 296 25.50 74.61 -41.42
C ARG U 296 24.88 75.47 -40.33
N VAL U 297 25.70 75.76 -39.31
CA VAL U 297 25.27 76.53 -38.15
C VAL U 297 26.24 77.70 -37.97
N ALA U 298 25.70 78.89 -37.70
CA ALA U 298 26.48 80.11 -37.62
C ALA U 298 26.81 80.44 -36.17
N ILE U 299 27.99 81.03 -35.96
CA ILE U 299 28.44 81.47 -34.66
C ILE U 299 28.60 82.99 -34.70
N ILE U 300 27.99 83.68 -33.74
CA ILE U 300 27.91 85.13 -33.73
C ILE U 300 28.52 85.66 -32.43
N ASP U 301 29.11 86.84 -32.53
CA ASP U 301 29.69 87.56 -31.42
C ASP U 301 29.18 89.01 -31.40
N PRO U 302 29.10 89.62 -30.23
CA PRO U 302 28.60 91.00 -30.15
C PRO U 302 29.73 92.01 -30.27
N PRO U 303 29.41 93.29 -30.37
CA PRO U 303 30.46 94.32 -30.36
C PRO U 303 31.23 94.29 -29.04
N PRO U 304 32.50 94.70 -29.07
CA PRO U 304 33.39 94.46 -27.91
C PRO U 304 32.93 95.09 -26.59
N ASN U 305 32.72 96.40 -26.57
CA ASN U 305 32.54 97.09 -25.30
C ASN U 305 31.07 97.26 -24.95
N GLN U 306 30.52 96.28 -24.24
CA GLN U 306 29.15 96.35 -23.74
C GLN U 306 29.09 95.64 -22.39
N ASN U 307 28.02 95.94 -21.64
CA ASN U 307 27.74 95.29 -20.37
C ASN U 307 26.26 94.95 -20.33
N ALA U 308 25.79 94.60 -19.13
CA ALA U 308 24.37 94.27 -18.95
C ALA U 308 23.51 95.50 -19.22
N ARG U 309 22.24 95.26 -19.59
CA ARG U 309 21.26 96.30 -19.90
C ARG U 309 21.59 96.98 -21.22
N GLN U 310 22.71 96.62 -21.85
CA GLN U 310 23.04 97.06 -23.19
C GLN U 310 22.91 95.94 -24.22
N ILE U 311 23.55 94.79 -23.96
CA ILE U 311 23.43 93.68 -24.88
C ILE U 311 21.98 93.22 -24.97
N ARG U 312 21.28 93.18 -23.83
CA ARG U 312 19.86 92.84 -23.83
C ARG U 312 19.05 93.81 -24.69
N VAL U 313 19.54 95.04 -24.87
CA VAL U 313 18.92 95.94 -25.84
C VAL U 313 19.40 95.62 -27.25
N TRP U 314 20.72 95.43 -27.41
CA TRP U 314 21.30 95.21 -28.74
C TRP U 314 20.73 93.96 -29.39
N ARG U 315 20.35 92.97 -28.59
CA ARG U 315 19.76 91.74 -29.11
C ARG U 315 18.31 91.92 -29.57
N GLN U 316 17.58 92.87 -28.98
CA GLN U 316 16.14 92.94 -29.22
C GLN U 316 15.71 94.09 -30.10
N GLU U 317 16.32 95.28 -29.96
CA GLU U 317 15.94 96.42 -30.77
C GLU U 317 16.78 96.59 -32.02
N THR U 318 17.88 95.87 -32.15
CA THR U 318 18.78 96.06 -33.29
C THR U 318 19.12 94.78 -34.02
N ALA U 319 19.25 93.66 -33.31
CA ALA U 319 19.79 92.42 -33.86
C ALA U 319 18.91 91.23 -33.49
N GLY U 320 17.61 91.34 -33.76
CA GLY U 320 16.69 90.28 -33.42
C GLY U 320 17.10 88.93 -34.01
N TYR U 321 17.48 88.92 -35.29
CA TYR U 321 18.14 87.79 -35.92
C TYR U 321 17.26 86.54 -35.96
N ASP U 322 17.01 85.94 -34.79
CA ASP U 322 16.37 84.63 -34.64
C ASP U 322 16.86 83.65 -35.70
N SER U 323 15.94 83.10 -36.50
CA SER U 323 16.17 82.22 -37.65
C SER U 323 16.58 80.81 -37.23
N LYS U 324 16.77 80.53 -35.94
CA LYS U 324 17.01 79.20 -35.38
C LYS U 324 18.30 78.56 -35.88
N TYR U 325 19.09 79.26 -36.69
CA TYR U 325 20.30 78.71 -37.29
C TYR U 325 21.54 79.48 -36.85
N ALA U 326 21.61 79.82 -35.57
CA ALA U 326 22.75 80.60 -35.08
C ALA U 326 22.93 80.36 -33.59
N ALA U 327 24.12 80.72 -33.10
CA ALA U 327 24.42 80.70 -31.68
C ALA U 327 25.32 81.88 -31.36
N LEU U 328 24.93 82.69 -30.39
CA LEU U 328 25.63 83.92 -30.05
C LEU U 328 26.37 83.73 -28.73
N TYR U 329 27.64 84.13 -28.70
CA TYR U 329 28.47 84.02 -27.51
C TYR U 329 28.91 85.41 -27.07
N TYR U 330 28.46 85.83 -25.89
CA TYR U 330 28.56 87.22 -25.44
C TYR U 330 29.99 87.66 -25.10
N PRO U 331 30.64 87.11 -24.08
CA PRO U 331 31.86 87.76 -23.57
C PRO U 331 33.08 87.44 -24.42
N TRP U 332 33.97 88.43 -24.52
CA TRP U 332 35.21 88.28 -25.27
C TRP U 332 36.27 87.62 -24.38
N ILE U 333 37.31 87.09 -25.03
CA ILE U 333 38.35 86.34 -24.34
C ILE U 333 39.69 87.05 -24.52
N LYS U 334 40.39 87.27 -23.42
CA LYS U 334 41.72 87.86 -23.46
C LYS U 334 42.75 86.74 -23.63
N SER U 335 43.58 86.85 -24.67
CA SER U 335 44.53 85.81 -25.02
C SER U 335 45.91 86.42 -25.26
N PHE U 336 46.92 85.55 -25.26
CA PHE U 336 48.30 85.94 -25.42
C PHE U 336 48.68 86.04 -26.89
N ASP U 337 49.64 86.91 -27.18
CA ASP U 337 50.18 87.08 -28.53
C ASP U 337 51.69 86.99 -28.44
N PRO U 338 52.32 86.01 -29.10
CA PRO U 338 53.78 85.89 -29.03
C PRO U 338 54.53 86.86 -29.92
N ALA U 339 53.87 87.45 -30.93
CA ALA U 339 54.53 88.42 -31.78
C ALA U 339 55.01 89.61 -30.97
N THR U 340 54.16 90.13 -30.09
CA THR U 340 54.56 91.12 -29.11
C THR U 340 54.65 90.57 -27.70
N GLY U 341 54.23 89.32 -27.48
CA GLY U 341 54.23 88.74 -26.15
C GLY U 341 53.33 89.48 -25.18
N GLN U 342 52.13 89.85 -25.62
CA GLN U 342 51.24 90.68 -24.81
C GLN U 342 49.83 90.13 -24.85
N SER U 343 49.04 90.46 -23.84
CA SER U 343 47.66 90.02 -23.75
C SER U 343 46.73 91.02 -24.42
N ARG U 344 45.78 90.52 -25.19
CA ARG U 344 44.82 91.38 -25.87
C ARG U 344 43.52 90.61 -26.07
N LEU U 345 42.45 91.37 -26.31
CA LEU U 345 41.10 90.80 -26.37
C LEU U 345 40.77 90.34 -27.78
N VAL U 346 40.17 89.16 -27.88
CA VAL U 346 39.69 88.63 -29.16
C VAL U 346 38.30 88.04 -28.96
N PRO U 347 37.50 88.04 -30.03
CA PRO U 347 36.16 87.45 -29.94
C PRO U 347 36.25 85.94 -29.80
N PRO U 348 35.25 85.31 -29.19
CA PRO U 348 35.23 83.84 -29.05
C PRO U 348 34.60 83.15 -30.26
N SER U 349 35.35 83.09 -31.36
CA SER U 349 34.85 82.52 -32.60
C SER U 349 35.41 81.13 -32.87
N GLY U 350 36.73 80.97 -32.84
CA GLY U 350 37.32 79.67 -33.10
C GLY U 350 37.29 78.74 -31.91
N HIS U 351 37.30 79.28 -30.69
CA HIS U 351 37.33 78.43 -29.51
C HIS U 351 36.05 77.62 -29.37
N VAL U 352 34.89 78.22 -29.67
CA VAL U 352 33.64 77.49 -29.57
C VAL U 352 33.55 76.42 -30.65
N ALA U 353 34.08 76.70 -31.85
CA ALA U 353 34.12 75.69 -32.89
C ALA U 353 35.00 74.52 -32.48
N GLY U 354 36.16 74.81 -31.88
CA GLY U 354 37.02 73.75 -31.39
C GLY U 354 36.36 72.93 -30.29
N ILE U 355 35.62 73.59 -29.41
CA ILE U 355 34.90 72.88 -28.36
C ILE U 355 33.84 71.98 -28.96
N TRP U 356 33.12 72.47 -29.99
CA TRP U 356 32.12 71.65 -30.67
C TRP U 356 32.77 70.43 -31.31
N ALA U 357 33.91 70.62 -31.98
CA ALA U 357 34.59 69.49 -32.59
C ALA U 357 35.07 68.48 -31.55
N ARG U 358 35.60 68.97 -30.42
CA ARG U 358 36.04 68.08 -29.36
C ARG U 358 34.87 67.29 -28.79
N ASN U 359 33.72 67.94 -28.58
CA ASN U 359 32.55 67.23 -28.07
C ASN U 359 32.05 66.20 -29.07
N ASP U 360 32.07 66.54 -30.37
CA ASP U 360 31.63 65.59 -31.38
C ASP U 360 32.59 64.43 -31.54
N SER U 361 33.87 64.63 -31.22
CA SER U 361 34.85 63.55 -31.34
C SER U 361 34.83 62.64 -30.12
N GLU U 362 34.95 63.20 -28.92
CA GLU U 362 35.00 62.39 -27.72
C GLU U 362 33.69 61.65 -27.49
N ARG U 363 32.57 62.38 -27.52
CA ARG U 363 31.25 61.82 -27.32
C ARG U 363 30.43 61.99 -28.60
N GLY U 364 29.18 61.53 -28.55
CA GLY U 364 28.30 61.67 -29.69
C GLY U 364 27.86 63.10 -29.89
N VAL U 365 27.30 63.35 -31.08
CA VAL U 365 26.81 64.68 -31.43
C VAL U 365 25.57 65.06 -30.62
N HIS U 366 24.94 64.11 -29.94
CA HIS U 366 23.75 64.39 -29.16
C HIS U 366 24.06 65.04 -27.82
N LYS U 367 25.33 65.11 -27.42
CA LYS U 367 25.72 65.72 -26.16
C LYS U 367 25.86 67.23 -26.36
N ALA U 368 25.17 68.00 -25.53
CA ALA U 368 25.20 69.45 -25.64
C ALA U 368 26.51 69.99 -25.08
N PRO U 369 27.25 70.79 -25.86
CA PRO U 369 28.49 71.37 -25.33
C PRO U 369 28.22 72.47 -24.31
N ALA U 370 27.73 72.08 -23.13
CA ALA U 370 27.33 73.04 -22.12
C ALA U 370 28.39 73.29 -21.06
N ASN U 371 29.20 72.27 -20.72
CA ASN U 371 30.22 72.39 -19.68
C ASN U 371 31.56 71.97 -20.27
N GLU U 372 32.25 72.92 -20.88
CA GLU U 372 33.57 72.68 -21.45
C GLU U 372 34.49 73.84 -21.09
N VAL U 373 35.77 73.54 -20.95
CA VAL U 373 36.77 74.50 -20.51
C VAL U 373 37.46 75.10 -21.74
N VAL U 374 37.61 76.41 -21.76
CA VAL U 374 38.21 77.10 -22.94
C VAL U 374 39.74 77.17 -22.75
N ARG U 375 40.47 76.13 -23.17
CA ARG U 375 41.95 76.17 -23.10
C ARG U 375 42.45 77.31 -23.98
N GLY U 376 43.47 78.04 -23.54
CA GLY U 376 44.06 79.13 -24.36
C GLY U 376 43.49 80.50 -23.99
N ALA U 377 42.89 80.64 -22.81
CA ALA U 377 42.35 81.94 -22.36
C ALA U 377 42.92 82.28 -20.99
N VAL U 378 43.11 83.57 -20.70
CA VAL U 378 43.70 84.00 -19.41
C VAL U 378 42.66 84.77 -18.57
N ASP U 379 41.83 85.63 -19.17
CA ASP U 379 40.90 86.48 -18.43
C ASP U 379 39.63 86.67 -19.25
N LEU U 380 38.72 87.49 -18.72
CA LEU U 380 37.48 87.80 -19.40
C LEU U 380 37.13 89.29 -19.41
N GLU U 381 37.70 90.09 -18.53
CA GLU U 381 37.45 91.53 -18.43
C GLU U 381 35.98 91.84 -18.12
N LEU U 382 35.27 90.88 -17.55
CA LEU U 382 33.88 91.06 -17.15
C LEU U 382 33.46 89.89 -16.28
N GLN U 383 32.58 90.16 -15.31
CA GLN U 383 32.08 89.15 -14.40
C GLN U 383 30.57 89.17 -14.37
N ILE U 384 29.97 87.98 -14.35
CA ILE U 384 28.52 87.82 -14.36
C ILE U 384 28.09 87.12 -13.08
N THR U 385 27.11 87.70 -12.40
CA THR U 385 26.54 87.10 -11.20
C THR U 385 25.41 86.16 -11.59
N ARG U 386 24.67 85.68 -10.59
CA ARG U 386 23.53 84.75 -10.85
C ARG U 386 22.37 85.54 -11.45
N GLY U 387 22.10 86.74 -10.91
CA GLY U 387 20.97 87.51 -11.40
C GLY U 387 21.12 87.95 -12.83
N GLU U 388 22.31 88.41 -13.21
CA GLU U 388 22.54 88.83 -14.59
C GLU U 388 22.40 87.65 -15.55
N GLN U 389 22.91 86.48 -15.17
CA GLN U 389 22.71 85.29 -15.98
C GLN U 389 21.23 84.92 -16.07
N ASP U 390 20.50 85.03 -14.96
CA ASP U 390 19.06 84.79 -14.98
C ASP U 390 18.31 85.79 -15.83
N LEU U 391 18.89 86.97 -16.09
CA LEU U 391 18.30 87.93 -17.01
C LEU U 391 18.65 87.64 -18.46
N LEU U 392 19.79 86.97 -18.71
CA LEU U 392 20.22 86.67 -20.07
C LEU U 392 19.82 85.27 -20.51
N ASN U 393 19.55 84.37 -19.57
CA ASN U 393 19.16 83.01 -19.94
C ASN U 393 17.85 82.93 -20.73
N PRO U 394 16.77 83.66 -20.38
CA PRO U 394 15.53 83.53 -21.17
C PRO U 394 15.70 83.88 -22.64
N ILE U 395 16.62 84.77 -22.97
CA ILE U 395 16.93 85.08 -24.37
C ILE U 395 18.10 84.21 -24.79
N GLY U 396 18.28 84.08 -26.11
CA GLY U 396 19.29 83.20 -26.64
C GLY U 396 20.71 83.70 -26.52
N VAL U 397 21.12 84.08 -25.32
CA VAL U 397 22.46 84.58 -25.06
C VAL U 397 23.14 83.59 -24.13
N ASN U 398 24.20 82.95 -24.61
CA ASN U 398 25.01 82.07 -23.79
C ASN U 398 26.01 82.88 -22.98
N CYS U 399 26.82 82.19 -22.19
CA CYS U 399 27.76 82.89 -21.32
C CYS U 399 29.04 82.07 -21.17
N ILE U 400 30.10 82.76 -20.80
CA ILE U 400 31.38 82.15 -20.43
C ILE U 400 31.68 82.59 -19.01
N ARG U 401 31.59 81.65 -18.07
CA ARG U 401 31.60 81.97 -16.64
C ARG U 401 32.87 81.47 -15.98
N SER U 402 33.35 82.23 -15.01
CA SER U 402 34.51 81.87 -14.21
C SER U 402 34.04 81.34 -12.86
N PHE U 403 34.45 80.12 -12.53
CA PHE U 403 34.06 79.45 -11.31
C PHE U 403 35.27 79.32 -10.39
N PRO U 404 35.12 79.63 -9.10
CA PRO U 404 36.27 79.61 -8.19
C PRO U 404 36.68 78.20 -7.80
N GLY U 405 37.50 77.58 -8.65
CA GLY U 405 37.96 76.22 -8.41
C GLY U 405 37.86 75.37 -9.65
N ARG U 406 37.17 75.89 -10.67
CA ARG U 406 37.03 75.21 -11.94
C ARG U 406 37.43 76.04 -13.14
N GLY U 407 37.64 77.35 -12.98
CA GLY U 407 38.16 78.16 -14.06
C GLY U 407 37.11 78.67 -15.03
N ILE U 408 37.50 78.87 -16.28
CA ILE U 408 36.62 79.45 -17.30
C ILE U 408 35.91 78.31 -18.02
N ARG U 409 34.57 78.37 -18.05
CA ARG U 409 33.77 77.32 -18.66
C ARG U 409 32.63 77.92 -19.46
N VAL U 410 32.19 77.19 -20.49
CA VAL U 410 30.99 77.60 -21.22
C VAL U 410 29.75 77.37 -20.34
N TRP U 411 28.67 78.08 -20.66
CA TRP U 411 27.47 77.99 -19.84
C TRP U 411 26.26 78.41 -20.66
N GLY U 412 25.28 77.52 -20.79
CA GLY U 412 23.97 77.86 -21.29
C GLY U 412 23.48 77.06 -22.49
N ALA U 413 24.36 76.85 -23.48
CA ALA U 413 24.10 75.99 -24.64
C ALA U 413 22.69 76.20 -25.22
N ARG U 414 22.46 77.41 -25.72
CA ARG U 414 21.18 77.75 -26.32
C ARG U 414 21.41 78.41 -27.68
N THR U 415 20.31 78.73 -28.36
CA THR U 415 20.35 79.29 -29.71
C THR U 415 19.36 80.45 -29.82
N LEU U 416 19.38 81.10 -30.98
CA LEU U 416 18.49 82.23 -31.27
C LEU U 416 17.27 81.71 -32.00
N SER U 417 16.20 81.43 -31.26
CA SER U 417 14.96 80.94 -31.87
C SER U 417 13.80 81.23 -30.94
N SER U 418 12.83 82.01 -31.43
CA SER U 418 11.64 82.28 -30.62
C SER U 418 10.76 81.03 -30.50
N ASP U 419 10.71 80.21 -31.55
CA ASP U 419 9.90 79.00 -31.53
C ASP U 419 10.43 78.03 -30.48
N PRO U 420 9.60 77.59 -29.54
CA PRO U 420 10.08 76.65 -28.51
C PRO U 420 10.44 75.27 -29.03
N ALA U 421 10.23 74.99 -30.31
CA ALA U 421 10.54 73.67 -30.86
C ALA U 421 12.05 73.44 -31.00
N TRP U 422 12.81 74.50 -31.28
CA TRP U 422 14.24 74.37 -31.52
C TRP U 422 15.03 75.21 -30.52
N ARG U 423 14.68 75.11 -29.23
CA ARG U 423 15.37 75.89 -28.22
C ARG U 423 16.83 75.48 -28.09
N TYR U 424 17.12 74.19 -28.16
CA TYR U 424 18.44 73.67 -27.85
C TYR U 424 19.24 73.39 -29.12
N LEU U 425 20.56 73.49 -28.99
CA LEU U 425 21.46 73.31 -30.13
C LEU U 425 21.60 71.84 -30.50
N ASN U 426 21.65 70.95 -29.50
CA ASN U 426 21.93 69.54 -29.78
C ASN U 426 20.82 68.90 -30.61
N ILE U 427 19.57 69.32 -30.39
CA ILE U 427 18.47 68.80 -31.19
C ILE U 427 18.67 69.17 -32.66
N ARG U 428 19.02 70.43 -32.91
CA ARG U 428 19.24 70.89 -34.28
C ARG U 428 20.41 70.14 -34.92
N ARG U 429 21.51 69.96 -34.18
CA ARG U 429 22.66 69.24 -34.74
C ARG U 429 22.31 67.80 -35.07
N TYR U 430 21.60 67.12 -34.16
CA TYR U 430 21.22 65.73 -34.41
C TYR U 430 20.26 65.62 -35.60
N PHE U 431 19.32 66.55 -35.70
CA PHE U 431 18.39 66.53 -36.84
C PHE U 431 19.13 66.77 -38.16
N ASN U 432 20.09 67.70 -38.16
CA ASN U 432 20.88 67.92 -39.36
C ASN U 432 21.66 66.67 -39.74
N TYR U 433 22.27 66.01 -38.75
CA TYR U 433 23.02 64.79 -39.02
C TYR U 433 22.12 63.70 -39.61
N LEU U 434 20.95 63.50 -39.01
CA LEU U 434 20.03 62.48 -39.51
C LEU U 434 19.55 62.81 -40.92
N GLU U 435 19.20 64.07 -41.18
CA GLU U 435 18.73 64.45 -42.50
C GLU U 435 19.82 64.26 -43.55
N GLU U 436 21.06 64.63 -43.24
CA GLU U 436 22.14 64.45 -44.19
C GLU U 436 22.38 62.97 -44.47
N SER U 437 22.39 62.14 -43.42
CA SER U 437 22.63 60.71 -43.61
C SER U 437 21.52 60.10 -44.47
N ILE U 438 20.26 60.44 -44.18
CA ILE U 438 19.14 59.89 -44.93
C ILE U 438 19.20 60.33 -46.39
N LEU U 439 19.49 61.61 -46.62
CA LEU U 439 19.55 62.11 -47.99
C LEU U 439 20.68 61.44 -48.78
N ILE U 440 21.83 61.25 -48.15
CA ILE U 440 22.96 60.64 -48.87
C ILE U 440 22.70 59.15 -49.14
N GLY U 441 22.19 58.41 -48.18
CA GLY U 441 22.11 56.96 -48.33
C GLY U 441 20.74 56.41 -48.70
N THR U 442 20.03 57.06 -49.62
CA THR U 442 18.70 56.60 -50.01
C THR U 442 18.46 56.70 -51.51
N GLN U 443 19.41 57.23 -52.29
CA GLN U 443 19.15 57.57 -53.68
C GLN U 443 18.79 56.37 -54.55
N TRP U 444 19.07 55.14 -54.10
CA TRP U 444 18.80 53.97 -54.91
C TRP U 444 17.32 53.65 -55.03
N VAL U 445 16.46 54.30 -54.24
CA VAL U 445 15.04 53.94 -54.21
C VAL U 445 14.24 54.52 -55.37
N VAL U 446 14.78 55.53 -56.05
CA VAL U 446 14.04 56.19 -57.12
C VAL U 446 13.93 55.26 -58.33
N PHE U 447 12.81 55.34 -59.02
CA PHE U 447 12.51 54.55 -60.23
C PHE U 447 12.55 53.05 -59.92
N GLU U 448 11.62 52.65 -59.08
CA GLU U 448 11.44 51.27 -58.66
C GLU U 448 10.02 50.81 -58.95
N PRO U 449 9.79 49.49 -59.03
CA PRO U 449 8.45 48.99 -59.38
C PRO U 449 7.35 49.43 -58.43
N ASN U 450 7.69 49.86 -57.21
CA ASN U 450 6.74 50.41 -56.25
C ASN U 450 5.67 49.37 -55.87
N ASP U 451 6.16 48.27 -55.30
CA ASP U 451 5.29 47.25 -54.73
C ASP U 451 5.57 47.13 -53.24
N HIS U 452 4.85 46.24 -52.55
CA HIS U 452 5.02 46.08 -51.12
C HIS U 452 6.40 45.55 -50.72
N ASN U 453 7.10 44.89 -51.64
CA ASN U 453 8.48 44.49 -51.35
C ASN U 453 9.37 45.71 -51.11
N LEU U 454 9.19 46.76 -51.91
CA LEU U 454 9.95 47.98 -51.70
C LEU U 454 9.65 48.60 -50.35
N TRP U 455 8.37 48.60 -49.96
CA TRP U 455 7.99 49.12 -48.65
C TRP U 455 8.65 48.32 -47.53
N ALA U 456 8.66 46.99 -47.66
CA ALA U 456 9.29 46.15 -46.64
C ALA U 456 10.79 46.44 -46.56
N ARG U 457 11.46 46.58 -47.71
CA ARG U 457 12.89 46.86 -47.70
C ARG U 457 13.19 48.20 -47.05
N ILE U 458 12.41 49.23 -47.39
CA ILE U 458 12.63 50.56 -46.82
C ILE U 458 12.41 50.53 -45.31
N ARG U 459 11.34 49.86 -44.87
CA ARG U 459 11.07 49.76 -43.44
C ARG U 459 12.20 49.03 -42.72
N ARG U 460 12.69 47.94 -43.30
CA ARG U 460 13.78 47.19 -42.67
C ARG U 460 15.03 48.06 -42.54
N ASN U 461 15.39 48.79 -43.60
CA ASN U 461 16.59 49.61 -43.56
C ASN U 461 16.48 50.72 -42.53
N VAL U 462 15.33 51.42 -42.52
CA VAL U 462 15.16 52.52 -41.57
C VAL U 462 15.12 51.99 -40.14
N SER U 463 14.48 50.84 -39.91
CA SER U 463 14.43 50.27 -38.57
C SER U 463 15.81 49.86 -38.10
N ALA U 464 16.62 49.27 -38.98
CA ALA U 464 17.98 48.90 -38.60
C ALA U 464 18.80 50.13 -38.24
N PHE U 465 18.71 51.19 -39.06
CA PHE U 465 19.45 52.41 -38.75
C PHE U 465 19.02 53.01 -37.42
N LEU U 466 17.71 53.05 -37.17
CA LEU U 466 17.22 53.63 -35.93
C LEU U 466 17.59 52.80 -34.71
N VAL U 467 17.58 51.47 -34.85
CA VAL U 467 18.01 50.61 -33.75
C VAL U 467 19.48 50.81 -33.45
N ASN U 468 20.31 50.91 -34.49
CA ASN U 468 21.74 51.15 -34.28
C ASN U 468 21.96 52.50 -33.59
N GLU U 469 21.19 53.52 -33.98
CA GLU U 469 21.32 54.83 -33.33
C GLU U 469 20.86 54.77 -31.88
N TRP U 470 19.78 54.03 -31.60
CA TRP U 470 19.23 53.99 -30.26
C TRP U 470 20.12 53.20 -29.29
N ARG U 471 20.78 52.15 -29.77
CA ARG U 471 21.59 51.33 -28.87
C ARG U 471 22.78 52.08 -28.27
N ASN U 472 23.12 53.24 -28.79
CA ASN U 472 24.18 54.07 -28.22
C ASN U 472 23.68 55.03 -27.15
N GLY U 473 22.38 55.00 -26.84
CA GLY U 473 21.83 55.88 -25.83
C GLY U 473 21.49 57.27 -26.29
N ALA U 474 21.28 57.48 -27.58
CA ALA U 474 20.95 58.78 -28.13
C ALA U 474 19.45 59.04 -28.22
N LEU U 475 18.62 58.09 -27.80
CA LEU U 475 17.17 58.24 -27.83
C LEU U 475 16.58 57.88 -26.47
N PHE U 476 15.51 58.57 -26.10
CA PHE U 476 14.90 58.42 -24.79
C PHE U 476 13.85 57.31 -24.85
N GLY U 477 14.14 56.19 -24.20
CA GLY U 477 13.20 55.09 -24.14
C GLY U 477 13.81 53.82 -23.58
N GLN U 478 13.05 53.10 -22.75
CA GLN U 478 13.57 51.83 -22.15
C GLN U 478 13.52 50.72 -23.20
N SER U 479 12.60 50.80 -24.16
CA SER U 479 12.43 49.79 -25.18
C SER U 479 12.43 50.44 -26.56
N PRO U 480 12.82 49.70 -27.60
CA PRO U 480 12.81 50.26 -28.96
C PRO U 480 11.42 50.71 -29.39
N ASP U 481 10.39 50.08 -28.84
CA ASP U 481 9.02 50.46 -29.20
C ASP U 481 8.67 51.86 -28.72
N GLN U 482 9.29 52.31 -27.63
CA GLN U 482 9.01 53.62 -27.07
C GLN U 482 9.98 54.69 -27.56
N ALA U 483 10.92 54.34 -28.44
CA ALA U 483 11.93 55.28 -28.90
C ALA U 483 11.68 55.82 -30.30
N TYR U 484 11.05 55.03 -31.18
CA TYR U 484 10.84 55.44 -32.56
C TYR U 484 9.66 54.68 -33.13
N TYR U 485 9.16 55.16 -34.26
CA TYR U 485 8.11 54.46 -34.99
C TYR U 485 8.21 54.80 -36.47
N VAL U 486 8.19 53.76 -37.31
CA VAL U 486 8.27 53.90 -38.76
C VAL U 486 7.05 53.23 -39.37
N LYS U 487 6.33 53.98 -40.21
CA LYS U 487 5.10 53.50 -40.83
C LYS U 487 5.22 53.59 -42.34
N CYS U 488 5.05 52.44 -43.01
CA CYS U 488 5.03 52.40 -44.47
C CYS U 488 4.23 51.15 -44.86
N ASP U 489 2.97 51.35 -45.21
CA ASP U 489 2.07 50.24 -45.52
C ASP U 489 0.93 50.77 -46.38
N GLU U 490 -0.11 49.96 -46.54
CA GLU U 490 -1.26 50.35 -47.35
C GLU U 490 -2.13 51.40 -46.66
N GLU U 491 -1.95 51.60 -45.35
CA GLU U 491 -2.75 52.62 -44.66
C GLU U 491 -2.30 54.02 -45.02
N THR U 492 -0.99 54.23 -45.16
CA THR U 492 -0.45 55.54 -45.53
C THR U 492 -0.15 55.67 -47.01
N ASN U 493 -0.44 54.64 -47.81
CA ASN U 493 -0.19 54.66 -49.25
C ASN U 493 -1.46 54.19 -49.96
N PRO U 494 -2.46 55.05 -50.07
CA PRO U 494 -3.70 54.68 -50.77
C PRO U 494 -3.45 54.53 -52.26
N PRO U 495 -4.32 53.80 -52.97
CA PRO U 495 -4.11 53.63 -54.41
C PRO U 495 -4.07 54.93 -55.19
N GLU U 496 -4.83 55.95 -54.76
CA GLU U 496 -4.77 57.25 -55.42
C GLU U 496 -3.38 57.86 -55.31
N SER U 497 -2.76 57.74 -54.14
CA SER U 497 -1.41 58.29 -53.96
C SER U 497 -0.39 57.50 -54.78
N VAL U 498 -0.51 56.16 -54.82
CA VAL U 498 0.47 55.36 -55.53
C VAL U 498 0.25 55.47 -57.04
N ASP U 499 -0.90 55.98 -57.47
CA ASP U 499 -1.13 56.21 -58.89
C ASP U 499 -0.13 57.22 -59.44
N LEU U 500 0.14 58.29 -58.69
CA LEU U 500 1.09 59.31 -59.12
C LEU U 500 2.54 58.91 -58.89
N GLY U 501 2.78 57.78 -58.24
CA GLY U 501 4.14 57.35 -57.97
C GLY U 501 4.77 58.08 -56.80
N ARG U 502 4.22 57.90 -55.61
CA ARG U 502 4.69 58.58 -54.42
C ARG U 502 4.91 57.58 -53.29
N VAL U 503 5.94 57.81 -52.48
CA VAL U 503 6.24 57.03 -51.29
C VAL U 503 6.39 57.99 -50.13
N VAL U 504 5.81 57.64 -48.98
CA VAL U 504 5.76 58.52 -47.82
C VAL U 504 6.74 58.09 -46.73
N CYS U 505 6.56 56.87 -46.18
CA CYS U 505 7.45 56.30 -45.16
C CYS U 505 7.57 57.24 -43.96
N GLU U 506 6.46 57.40 -43.25
CA GLU U 506 6.42 58.28 -42.10
C GLU U 506 7.38 57.79 -41.02
N ILE U 507 8.16 58.72 -40.45
CA ILE U 507 9.15 58.41 -39.44
C ILE U 507 8.97 59.35 -38.26
N GLY U 508 9.02 58.79 -37.06
CA GLY U 508 8.94 59.60 -35.85
C GLY U 508 9.92 59.13 -34.79
N ILE U 509 10.67 60.07 -34.19
CA ILE U 509 11.68 59.75 -33.21
C ILE U 509 11.46 60.60 -31.96
N ALA U 510 12.04 60.14 -30.85
CA ALA U 510 11.97 60.85 -29.58
C ALA U 510 13.37 61.23 -29.13
N PRO U 511 13.77 62.49 -29.24
CA PRO U 511 15.13 62.89 -28.89
C PRO U 511 15.30 63.02 -27.38
N VAL U 512 16.52 63.34 -26.97
CA VAL U 512 16.88 63.54 -25.57
C VAL U 512 17.28 65.00 -25.39
N LYS U 513 16.96 65.55 -24.23
CA LYS U 513 17.27 66.94 -23.94
C LYS U 513 18.20 67.04 -22.73
N PRO U 514 19.08 68.04 -22.71
CA PRO U 514 20.02 68.16 -21.59
C PRO U 514 19.32 68.57 -20.31
N ALA U 515 19.91 68.17 -19.18
CA ALA U 515 19.40 68.52 -17.86
C ALA U 515 20.08 69.81 -17.41
N GLU U 516 19.29 70.87 -17.25
CA GLU U 516 19.81 72.19 -16.91
C GLU U 516 19.69 72.51 -15.42
N PHE U 517 18.50 72.28 -14.85
CA PHE U 517 18.25 72.57 -13.44
C PHE U 517 18.16 71.26 -12.68
N VAL U 518 19.01 71.10 -11.67
CA VAL U 518 19.01 69.93 -10.79
C VAL U 518 18.51 70.37 -9.42
N ILE U 519 17.46 69.71 -8.94
CA ILE U 519 16.78 70.08 -7.71
C ILE U 519 16.79 68.90 -6.75
N PHE U 520 17.22 69.16 -5.51
CA PHE U 520 17.09 68.21 -4.41
C PHE U 520 16.04 68.71 -3.43
N ARG U 521 15.65 67.84 -2.50
CA ARG U 521 14.62 68.16 -1.53
C ARG U 521 15.14 68.24 -0.10
N LEU U 522 15.82 67.18 0.37
CA LEU U 522 16.36 67.11 1.72
C LEU U 522 15.28 67.34 2.77
N ALA U 523 14.30 66.44 2.76
CA ALA U 523 13.19 66.49 3.72
C ALA U 523 13.47 65.59 4.91
N GLN U 524 12.77 65.88 6.00
CA GLN U 524 12.90 65.12 7.25
C GLN U 524 11.62 64.33 7.47
N PHE U 525 11.75 63.03 7.66
CA PHE U 525 10.61 62.13 7.77
C PHE U 525 10.83 61.17 8.94
N SER U 526 9.72 60.64 9.44
CA SER U 526 9.76 59.69 10.55
C SER U 526 10.05 58.28 10.04
N PRO V 2 -21.09 -23.59 -71.26
CA PRO V 2 -20.92 -24.83 -72.03
C PRO V 2 -22.17 -25.70 -72.01
N SER V 3 -22.18 -26.75 -72.83
CA SER V 3 -23.30 -27.66 -72.93
C SER V 3 -22.97 -28.97 -72.24
N TYR V 4 -23.86 -29.41 -71.35
CA TYR V 4 -23.70 -30.66 -70.62
C TYR V 4 -24.84 -31.59 -71.01
N LEU V 5 -24.50 -32.71 -71.66
CA LEU V 5 -25.50 -33.65 -72.14
C LEU V 5 -25.23 -35.10 -71.78
N SER V 6 -23.99 -35.47 -71.45
CA SER V 6 -23.66 -36.84 -71.10
C SER V 6 -22.82 -36.86 -69.83
N PRO V 7 -22.96 -37.89 -69.01
CA PRO V 7 -22.16 -37.99 -67.80
C PRO V 7 -20.68 -38.12 -68.11
N GLY V 8 -19.85 -37.58 -67.23
CA GLY V 8 -18.42 -37.65 -67.41
C GLY V 8 -17.74 -36.54 -66.64
N VAL V 9 -16.45 -36.35 -66.96
CA VAL V 9 -15.62 -35.33 -66.34
C VAL V 9 -15.19 -34.35 -67.41
N TYR V 10 -15.44 -33.06 -67.17
CA TYR V 10 -15.13 -32.00 -68.11
C TYR V 10 -14.12 -31.04 -67.49
N VAL V 11 -13.08 -30.70 -68.24
CA VAL V 11 -12.04 -29.78 -67.80
C VAL V 11 -12.09 -28.56 -68.72
N GLU V 12 -12.30 -27.38 -68.12
CA GLU V 12 -12.36 -26.13 -68.85
C GLU V 12 -11.49 -25.10 -68.17
N GLU V 13 -11.00 -24.14 -68.94
CA GLU V 13 -10.10 -23.09 -68.46
C GLU V 13 -10.84 -21.75 -68.49
N VAL V 14 -10.88 -21.07 -67.35
CA VAL V 14 -11.50 -19.76 -67.31
C VAL V 14 -10.50 -18.70 -67.79
N ALA V 15 -10.98 -17.83 -68.68
CA ALA V 15 -10.14 -16.83 -69.33
C ALA V 15 -9.63 -15.77 -68.34
N SER V 16 -10.21 -15.72 -67.15
CA SER V 16 -9.79 -14.73 -66.15
C SER V 16 -8.33 -14.93 -65.75
N GLY V 17 -7.51 -13.94 -66.00
CA GLY V 17 -6.10 -14.01 -65.70
C GLY V 17 -5.40 -12.72 -66.04
N SER V 18 -4.14 -12.83 -66.45
CA SER V 18 -3.31 -11.68 -66.81
C SER V 18 -2.86 -11.82 -68.25
N ARG V 19 -2.93 -10.72 -69.00
CA ARG V 19 -2.50 -10.67 -70.40
C ARG V 19 -1.58 -9.46 -70.56
N PRO V 20 -0.29 -9.63 -70.27
CA PRO V 20 0.63 -8.48 -70.32
C PRO V 20 0.80 -7.93 -71.73
N ILE V 21 1.07 -6.64 -71.81
CA ILE V 21 1.29 -5.94 -73.07
C ILE V 21 2.75 -5.53 -73.14
N GLU V 22 3.41 -5.87 -74.24
CA GLU V 22 4.82 -5.59 -74.45
C GLU V 22 5.02 -4.39 -75.37
N GLY V 23 6.21 -3.80 -75.29
CA GLY V 23 6.56 -2.67 -76.12
C GLY V 23 7.02 -3.09 -77.50
N VAL V 24 7.46 -2.09 -78.27
CA VAL V 24 7.92 -2.30 -79.63
C VAL V 24 9.27 -1.63 -79.80
N GLY V 25 10.03 -2.10 -80.79
CA GLY V 25 11.35 -1.53 -81.06
C GLY V 25 11.24 -0.30 -81.94
N THR V 26 11.89 0.78 -81.51
CA THR V 26 11.84 2.04 -82.23
C THR V 26 13.23 2.48 -82.67
N SER V 27 14.02 1.56 -83.21
CA SER V 27 15.38 1.85 -83.63
C SER V 27 15.63 1.33 -85.04
N VAL V 28 14.69 1.57 -85.95
CA VAL V 28 14.81 1.18 -87.34
C VAL V 28 14.61 2.42 -88.21
N ALA V 29 15.51 2.63 -89.17
CA ALA V 29 15.44 3.77 -90.07
C ALA V 29 15.54 3.29 -91.51
N ALA V 30 14.88 4.02 -92.41
CA ALA V 30 14.85 3.67 -93.83
C ALA V 30 15.41 4.83 -94.64
N PHE V 31 16.47 4.55 -95.39
CA PHE V 31 17.16 5.55 -96.19
C PHE V 31 16.87 5.29 -97.67
N VAL V 32 16.47 6.34 -98.38
CA VAL V 32 16.20 6.29 -99.81
C VAL V 32 17.25 7.13 -100.52
N GLY V 33 17.93 6.53 -101.48
CA GLY V 33 18.99 7.25 -102.17
C GLY V 33 19.42 6.52 -103.43
N LEU V 34 20.51 7.01 -104.01
CA LEU V 34 21.08 6.43 -105.22
C LEU V 34 22.42 5.78 -104.90
N ALA V 35 22.67 4.63 -105.52
CA ALA V 35 23.86 3.84 -105.31
C ALA V 35 24.41 3.40 -106.66
N PRO V 36 25.71 3.15 -106.77
CA PRO V 36 26.27 2.73 -108.07
C PRO V 36 25.70 1.42 -108.59
N THR V 37 25.78 0.35 -107.81
CA THR V 37 25.26 -0.95 -108.23
C THR V 37 24.55 -1.62 -107.06
N GLY V 38 23.60 -2.49 -107.38
CA GLY V 38 22.84 -3.20 -106.38
C GLY V 38 21.41 -3.45 -106.81
N PRO V 39 20.61 -4.04 -105.92
CA PRO V 39 19.20 -4.27 -106.23
C PRO V 39 18.46 -2.96 -106.47
N LEU V 40 17.50 -3.00 -107.37
CA LEU V 40 16.76 -1.81 -107.79
C LEU V 40 15.33 -1.88 -107.28
N ASN V 41 14.88 -0.81 -106.62
CA ASN V 41 13.51 -0.68 -106.13
C ASN V 41 13.13 -1.83 -105.19
N GLU V 42 14.07 -2.23 -104.34
CA GLU V 42 13.84 -3.27 -103.36
C GLU V 42 14.32 -2.79 -102.00
N PRO V 43 13.46 -2.80 -100.97
CA PRO V 43 13.89 -2.34 -99.65
C PRO V 43 14.77 -3.34 -98.93
N THR V 44 16.07 -3.33 -99.24
CA THR V 44 16.99 -4.29 -98.64
C THR V 44 17.19 -3.98 -97.16
N LEU V 45 17.53 -5.01 -96.40
CA LEU V 45 17.78 -4.90 -94.96
C LEU V 45 19.26 -5.05 -94.69
N VAL V 46 19.84 -4.10 -93.96
CA VAL V 46 21.25 -4.10 -93.63
C VAL V 46 21.40 -3.96 -92.12
N THR V 47 22.39 -4.66 -91.55
CA THR V 47 22.64 -4.58 -90.12
C THR V 47 24.12 -4.42 -89.79
N ASN V 48 24.99 -4.30 -90.79
CA ASN V 48 26.42 -4.12 -90.58
C ASN V 48 27.01 -3.65 -91.90
N TRP V 49 28.10 -2.88 -91.82
CA TRP V 49 28.69 -2.28 -93.05
C TRP V 49 29.07 -3.38 -94.05
N THR V 50 29.58 -4.52 -93.57
CA THR V 50 30.04 -5.54 -94.51
C THR V 50 28.92 -5.91 -95.48
N GLN V 51 27.69 -6.04 -94.98
CA GLN V 51 26.56 -6.33 -95.86
C GLN V 51 26.35 -5.21 -96.88
N TYR V 52 26.44 -3.96 -96.43
CA TYR V 52 26.29 -2.83 -97.36
C TYR V 52 27.39 -2.83 -98.41
N VAL V 53 28.62 -3.12 -97.99
CA VAL V 53 29.74 -3.18 -98.94
C VAL V 53 29.50 -4.28 -99.97
N ALA V 54 29.07 -5.46 -99.51
CA ALA V 54 28.83 -6.57 -100.42
C ALA V 54 27.65 -6.33 -101.34
N ALA V 55 26.67 -5.53 -100.93
CA ALA V 55 25.45 -5.35 -101.72
C ALA V 55 25.54 -4.12 -102.64
N PHE V 56 25.71 -2.94 -102.06
CA PHE V 56 25.59 -1.69 -102.80
C PHE V 56 26.93 -1.00 -103.07
N GLY V 57 28.04 -1.68 -102.84
CA GLY V 57 29.34 -1.06 -103.03
C GLY V 57 29.69 -0.12 -101.90
N ASP V 58 30.77 0.63 -102.09
CA ASP V 58 31.26 1.54 -101.04
C ASP V 58 32.14 2.62 -101.68
N PHE V 59 31.69 3.86 -101.59
CA PHE V 59 32.50 5.04 -101.89
C PHE V 59 33.16 4.99 -103.28
N THR V 60 32.34 4.98 -104.34
CA THR V 60 32.88 5.00 -105.68
C THR V 60 32.19 5.99 -106.63
N GLY V 61 31.00 6.46 -106.30
CA GLY V 61 30.29 7.37 -107.20
C GLY V 61 30.13 8.77 -106.66
N GLY V 62 30.65 9.02 -105.47
CA GLY V 62 30.51 10.33 -104.85
C GLY V 62 29.09 10.69 -104.50
N TYR V 63 28.32 9.75 -103.95
CA TYR V 63 26.95 9.97 -103.55
C TYR V 63 26.85 10.11 -102.03
N TYR V 64 25.70 10.62 -101.58
CA TYR V 64 25.49 10.89 -100.16
C TYR V 64 24.87 9.72 -99.41
N LEU V 65 24.54 8.62 -100.09
CA LEU V 65 23.95 7.47 -99.41
C LEU V 65 24.99 6.75 -98.57
N ALA V 66 26.18 6.52 -99.14
CA ALA V 66 27.22 5.81 -98.41
C ALA V 66 27.67 6.58 -97.17
N HIS V 67 27.84 7.89 -97.30
CA HIS V 67 28.23 8.71 -96.15
C HIS V 67 27.17 8.66 -95.06
N SER V 68 25.89 8.76 -95.44
CA SER V 68 24.81 8.73 -94.45
C SER V 68 24.74 7.38 -93.76
N VAL V 69 24.90 6.30 -94.50
CA VAL V 69 24.86 4.97 -93.90
C VAL V 69 26.04 4.78 -92.94
N TYR V 70 27.23 5.22 -93.36
CA TYR V 70 28.40 5.10 -92.48
C TYR V 70 28.23 5.92 -91.21
N GLY V 71 27.68 7.13 -91.34
CA GLY V 71 27.41 7.93 -90.15
C GLY V 71 26.37 7.31 -89.24
N PHE V 72 25.33 6.71 -89.83
CA PHE V 72 24.30 6.05 -89.03
C PHE V 72 24.87 4.88 -88.25
N PHE V 73 25.72 4.07 -88.90
CA PHE V 73 26.34 2.95 -88.21
C PHE V 73 27.45 3.40 -87.26
N ASN V 74 27.97 4.62 -87.43
CA ASN V 74 29.00 5.13 -86.53
C ASN V 74 28.43 5.59 -85.20
N ASN V 75 27.16 6.01 -85.18
CA ASN V 75 26.53 6.55 -83.98
C ASN V 75 25.73 5.51 -83.21
N GLY V 76 25.96 4.23 -83.48
CA GLY V 76 25.30 3.18 -82.73
C GLY V 76 24.01 2.66 -83.34
N GLY V 77 23.89 2.66 -84.66
CA GLY V 77 22.70 2.11 -85.29
C GLY V 77 22.63 0.60 -85.13
N SER V 78 21.41 0.08 -85.25
CA SER V 78 21.14 -1.34 -85.07
C SER V 78 20.73 -2.02 -86.37
N ALA V 79 19.69 -1.53 -87.04
CA ALA V 79 19.22 -2.13 -88.28
C ALA V 79 18.66 -1.04 -89.17
N ALA V 80 18.87 -1.17 -90.47
CA ALA V 80 18.46 -0.15 -91.42
C ALA V 80 17.85 -0.80 -92.66
N TYR V 81 17.00 -0.03 -93.33
CA TYR V 81 16.45 -0.39 -94.63
C TYR V 81 17.00 0.55 -95.68
N VAL V 82 17.31 0.02 -96.85
CA VAL V 82 17.93 0.78 -97.94
C VAL V 82 17.07 0.64 -99.19
N VAL V 83 16.77 1.77 -99.81
CA VAL V 83 16.08 1.81 -101.09
C VAL V 83 16.96 2.55 -102.08
N ARG V 84 17.20 1.93 -103.24
CA ARG V 84 18.05 2.51 -104.28
C ARG V 84 17.18 2.88 -105.47
N VAL V 85 16.95 4.18 -105.65
CA VAL V 85 16.12 4.65 -106.76
C VAL V 85 16.85 4.47 -108.09
N GLY V 86 18.12 4.82 -108.13
CA GLY V 86 18.88 4.73 -109.34
C GLY V 86 20.36 4.84 -109.08
N GLY V 87 21.11 5.10 -110.15
CA GLY V 87 22.55 5.27 -110.04
C GLY V 87 23.22 5.03 -111.38
N SER V 88 24.55 4.96 -111.34
CA SER V 88 25.35 4.74 -112.53
C SER V 88 26.66 4.11 -112.11
N ALA V 89 27.35 3.51 -113.10
CA ALA V 89 28.64 2.86 -112.88
C ALA V 89 29.65 3.36 -113.91
N GLU V 90 29.58 4.63 -114.26
CA GLU V 90 30.47 5.21 -115.25
C GLU V 90 31.36 6.29 -114.63
N GLY V 249 9.74 4.75 -103.39
CA GLY V 249 9.93 3.41 -102.86
C GLY V 249 8.70 2.86 -102.17
N GLY V 250 8.64 1.53 -102.04
CA GLY V 250 7.51 0.89 -101.40
C GLY V 250 7.70 0.70 -99.91
N LEU V 251 7.80 1.80 -99.17
CA LEU V 251 7.99 1.73 -97.73
C LEU V 251 6.68 1.52 -96.97
N GLU V 252 5.54 1.54 -97.65
CA GLU V 252 4.26 1.35 -96.98
C GLU V 252 4.01 -0.10 -96.58
N ALA V 253 4.74 -1.05 -97.17
CA ALA V 253 4.56 -2.45 -96.83
C ALA V 253 5.34 -2.87 -95.60
N ILE V 254 6.22 -2.02 -95.08
CA ILE V 254 7.03 -2.33 -93.91
C ILE V 254 6.34 -1.76 -92.68
N ASP V 255 6.52 -2.44 -91.54
CA ASP V 255 5.86 -2.06 -90.30
C ASP V 255 6.84 -1.56 -89.24
N GLU V 256 8.04 -2.14 -89.16
CA GLU V 256 8.97 -1.82 -88.09
C GLU V 256 9.69 -0.49 -88.30
N ILE V 257 9.54 0.15 -89.46
CA ILE V 257 10.25 1.40 -89.72
C ILE V 257 9.73 2.48 -88.78
N SER V 258 10.65 3.20 -88.15
CA SER V 258 10.31 4.27 -87.23
C SER V 258 10.69 5.65 -87.74
N MET V 259 11.57 5.74 -88.73
CA MET V 259 11.96 7.03 -89.30
C MET V 259 12.44 6.81 -90.73
N VAL V 260 12.24 7.83 -91.56
CA VAL V 260 12.58 7.76 -92.98
C VAL V 260 13.42 8.97 -93.34
N ALA V 261 14.41 8.77 -94.20
CA ALA V 261 15.30 9.84 -94.63
C ALA V 261 15.62 9.67 -96.12
N VAL V 262 15.89 10.79 -96.77
CA VAL V 262 16.32 10.81 -98.17
C VAL V 262 17.65 11.57 -98.22
N PRO V 263 18.75 10.95 -97.79
CA PRO V 263 20.00 11.71 -97.66
C PRO V 263 20.50 12.31 -98.96
N ASP V 264 20.33 11.61 -100.08
CA ASP V 264 20.88 12.08 -101.35
C ASP V 264 19.69 12.63 -102.15
N LEU V 265 19.38 13.89 -101.88
CA LEU V 265 18.42 14.69 -102.63
C LEU V 265 19.01 16.02 -103.07
N MET V 266 19.87 16.62 -102.24
CA MET V 266 20.50 17.89 -102.61
C MET V 266 21.55 17.70 -103.70
N ALA V 267 22.01 16.46 -103.92
CA ALA V 267 22.99 16.21 -104.98
C ALA V 267 22.40 16.54 -106.35
N ALA V 268 21.16 16.09 -106.61
CA ALA V 268 20.51 16.43 -107.86
C ALA V 268 20.28 17.92 -107.98
N TYR V 269 19.99 18.59 -106.86
CA TYR V 269 19.82 20.04 -106.89
C TYR V 269 21.13 20.75 -107.18
N GLN V 270 22.26 20.19 -106.73
CA GLN V 270 23.54 20.88 -106.90
C GLN V 270 24.03 20.81 -108.35
N ARG V 271 23.94 19.65 -108.99
CA ARG V 271 24.46 19.47 -110.34
C ARG V 271 23.38 19.35 -111.39
N GLY V 272 22.30 18.61 -111.12
CA GLY V 272 21.27 18.40 -112.11
C GLY V 272 20.35 19.58 -112.36
N ALA V 273 20.37 20.58 -111.47
CA ALA V 273 19.53 21.77 -111.58
C ALA V 273 18.05 21.37 -111.68
N ILE V 274 17.57 20.73 -110.62
CA ILE V 274 16.20 20.24 -110.56
C ILE V 274 15.26 21.30 -109.94
N ASP V 275 15.75 22.53 -109.79
CA ASP V 275 14.96 23.64 -109.26
C ASP V 275 14.54 23.37 -107.82
N LEU V 276 13.80 24.31 -107.22
CA LEU V 276 13.33 24.16 -105.85
C LEU V 276 11.92 23.57 -105.76
N GLU V 277 11.12 23.71 -106.82
CA GLU V 277 9.75 23.19 -106.79
C GLU V 277 9.74 21.68 -106.65
N ALA V 278 10.63 20.99 -107.38
CA ALA V 278 10.69 19.53 -107.28
C ALA V 278 11.08 19.09 -105.88
N VAL V 279 12.07 19.75 -105.28
CA VAL V 279 12.50 19.41 -103.92
C VAL V 279 11.36 19.65 -102.94
N LYS V 280 10.66 20.78 -103.08
CA LYS V 280 9.55 21.08 -102.20
C LYS V 280 8.44 20.04 -102.34
N ALA V 281 8.14 19.64 -103.58
CA ALA V 281 7.10 18.63 -103.79
C ALA V 281 7.49 17.29 -103.20
N VAL V 282 8.77 16.89 -103.36
CA VAL V 282 9.22 15.62 -102.80
C VAL V 282 9.14 15.64 -101.28
N GLN V 283 9.58 16.73 -100.66
CA GLN V 283 9.52 16.83 -99.20
C GLN V 283 8.07 16.85 -98.71
N LEU V 284 7.19 17.56 -99.42
CA LEU V 284 5.77 17.57 -99.03
C LEU V 284 5.15 16.18 -99.17
N GLY V 285 5.52 15.44 -100.21
CA GLY V 285 5.03 14.07 -100.34
C GLY V 285 5.51 13.17 -99.23
N LEU V 286 6.78 13.31 -98.85
CA LEU V 286 7.29 12.54 -97.72
C LEU V 286 6.57 12.90 -96.43
N ILE V 287 6.30 14.19 -96.21
CA ILE V 287 5.57 14.63 -95.03
C ILE V 287 4.16 14.04 -95.03
N ALA V 288 3.49 14.05 -96.18
CA ALA V 288 2.15 13.49 -96.27
C ALA V 288 2.14 12.00 -96.01
N HIS V 289 3.15 11.29 -96.52
CA HIS V 289 3.25 9.85 -96.26
C HIS V 289 3.46 9.59 -94.77
N CYS V 290 4.32 10.37 -94.13
CA CYS V 290 4.55 10.21 -92.69
C CYS V 290 3.27 10.47 -91.91
N GLU V 291 2.52 11.51 -92.28
CA GLU V 291 1.27 11.82 -91.60
C GLU V 291 0.25 10.71 -91.80
N LEU V 292 0.15 10.17 -93.02
CA LEU V 292 -0.80 9.10 -93.30
C LEU V 292 -0.46 7.84 -92.50
N MET V 293 0.82 7.48 -92.43
CA MET V 293 1.21 6.29 -91.68
C MET V 293 0.89 6.44 -90.20
N GLY V 294 1.18 7.61 -89.64
CA GLY V 294 0.90 7.85 -88.23
C GLY V 294 1.84 7.16 -87.27
N ASP V 295 2.98 6.68 -87.75
CA ASP V 295 3.93 5.98 -86.89
C ASP V 295 5.37 6.46 -87.07
N ARG V 296 5.70 7.18 -88.13
CA ARG V 296 7.07 7.52 -88.45
C ARG V 296 7.27 9.03 -88.36
N VAL V 297 8.55 9.42 -88.22
CA VAL V 297 8.94 10.82 -88.06
C VAL V 297 9.97 11.16 -89.12
N ALA V 298 9.82 12.32 -89.75
CA ALA V 298 10.66 12.73 -90.87
C ALA V 298 11.77 13.65 -90.40
N ILE V 299 12.93 13.53 -91.05
CA ILE V 299 14.08 14.39 -90.79
C ILE V 299 14.36 15.20 -92.03
N ILE V 300 14.48 16.53 -91.86
CA ILE V 300 14.60 17.45 -92.98
C ILE V 300 15.87 18.26 -92.82
N ASP V 301 16.45 18.64 -93.95
CA ASP V 301 17.64 19.47 -94.05
C ASP V 301 17.40 20.62 -95.03
N PRO V 302 18.07 21.75 -94.83
CA PRO V 302 17.86 22.89 -95.72
C PRO V 302 18.85 22.87 -96.88
N PRO V 303 18.68 23.75 -97.86
CA PRO V 303 19.68 23.87 -98.93
C PRO V 303 21.03 24.26 -98.37
N PRO V 304 22.12 23.86 -99.05
CA PRO V 304 23.47 23.98 -98.44
C PRO V 304 23.89 25.39 -98.06
N ASN V 305 23.89 26.32 -99.02
CA ASN V 305 24.53 27.62 -98.80
C ASN V 305 23.53 28.66 -98.34
N GLN V 306 23.35 28.77 -97.02
CA GLN V 306 22.52 29.81 -96.43
C GLN V 306 23.13 30.23 -95.11
N ASN V 307 22.70 31.40 -94.64
CA ASN V 307 23.09 31.92 -93.33
C ASN V 307 21.85 32.49 -92.65
N ALA V 308 22.08 33.24 -91.57
CA ALA V 308 20.98 33.86 -90.84
C ALA V 308 20.26 34.87 -91.72
N ARG V 309 18.99 35.15 -91.41
CA ARG V 309 18.14 36.08 -92.14
C ARG V 309 17.76 35.53 -93.51
N GLN V 310 18.29 34.36 -93.87
CA GLN V 310 17.87 33.65 -95.06
C GLN V 310 17.06 32.40 -94.74
N ILE V 311 17.59 31.53 -93.87
CA ILE V 311 16.84 30.34 -93.47
C ILE V 311 15.55 30.74 -92.78
N ARG V 312 15.60 31.77 -91.92
CA ARG V 312 14.39 32.27 -91.29
C ARG V 312 13.36 32.74 -92.32
N VAL V 313 13.81 33.13 -93.51
CA VAL V 313 12.88 33.40 -94.60
C VAL V 313 12.45 32.10 -95.27
N TRP V 314 13.42 31.23 -95.56
CA TRP V 314 13.14 30.00 -96.29
C TRP V 314 12.15 29.11 -95.53
N ARG V 315 12.16 29.18 -94.20
CA ARG V 315 11.24 28.41 -93.38
C ARG V 315 9.82 28.97 -93.39
N GLN V 316 9.65 30.27 -93.61
CA GLN V 316 8.35 30.90 -93.42
C GLN V 316 7.65 31.28 -94.71
N GLU V 317 8.37 31.78 -95.70
CA GLU V 317 7.75 32.18 -96.97
C GLU V 317 7.76 31.09 -98.02
N THR V 318 8.51 30.01 -97.83
CA THR V 318 8.64 28.99 -98.86
C THR V 318 8.36 27.58 -98.35
N ALA V 319 8.73 27.28 -97.11
CA ALA V 319 8.72 25.91 -96.60
C ALA V 319 8.06 25.84 -95.23
N GLY V 320 6.85 26.40 -95.13
CA GLY V 320 6.15 26.42 -93.85
C GLY V 320 6.00 25.03 -93.25
N TYR V 321 5.60 24.06 -94.06
CA TYR V 321 5.65 22.64 -93.70
C TYR V 321 4.76 22.29 -92.52
N ASP V 322 5.13 22.77 -91.32
CA ASP V 322 4.53 22.38 -90.05
C ASP V 322 4.22 20.88 -90.00
N SER V 323 2.96 20.53 -89.79
CA SER V 323 2.41 19.17 -89.80
C SER V 323 2.81 18.35 -88.58
N LYS V 324 3.64 18.89 -87.68
CA LYS V 324 3.99 18.28 -86.39
C LYS V 324 4.70 16.94 -86.51
N TYR V 325 4.98 16.47 -87.73
CA TYR V 325 5.58 15.16 -87.95
C TYR V 325 6.93 15.29 -88.63
N ALA V 326 7.75 16.24 -88.19
CA ALA V 326 9.05 16.45 -88.83
C ALA V 326 10.00 17.12 -87.85
N ALA V 327 11.29 17.04 -88.17
CA ALA V 327 12.32 17.75 -87.43
C ALA V 327 13.38 18.21 -88.42
N LEU V 328 13.70 19.50 -88.40
CA LEU V 328 14.61 20.11 -89.35
C LEU V 328 15.94 20.43 -88.65
N TYR V 329 17.04 20.06 -89.29
CA TYR V 329 18.37 20.30 -88.74
C TYR V 329 19.15 21.20 -89.71
N TYR V 330 19.48 22.41 -89.25
CA TYR V 330 19.98 23.48 -90.11
C TYR V 330 21.40 23.24 -90.64
N PRO V 331 22.43 23.21 -89.80
CA PRO V 331 23.80 23.30 -90.35
C PRO V 331 24.30 21.97 -90.90
N TRP V 332 25.09 22.07 -91.97
CA TRP V 332 25.68 20.90 -92.60
C TRP V 332 26.96 20.50 -91.87
N ILE V 333 27.40 19.27 -92.09
CA ILE V 333 28.54 18.69 -91.39
C ILE V 333 29.63 18.36 -92.40
N LYS V 334 30.85 18.82 -92.14
CA LYS V 334 32.00 18.48 -92.97
C LYS V 334 32.61 17.18 -92.47
N SER V 335 32.74 16.20 -93.35
CA SER V 335 33.20 14.87 -92.99
C SER V 335 34.27 14.40 -93.97
N PHE V 336 34.99 13.36 -93.56
CA PHE V 336 36.09 12.81 -94.32
C PHE V 336 35.60 11.77 -95.33
N ASP V 337 36.34 11.66 -96.43
CA ASP V 337 36.06 10.66 -97.47
C ASP V 337 37.34 9.90 -97.76
N PRO V 338 37.37 8.58 -97.52
CA PRO V 338 38.60 7.82 -97.77
C PRO V 338 38.84 7.50 -99.23
N ALA V 339 37.81 7.57 -100.08
CA ALA V 339 38.00 7.30 -101.50
C ALA V 339 38.99 8.29 -102.11
N THR V 340 38.84 9.58 -101.78
CA THR V 340 39.83 10.59 -102.11
C THR V 340 40.62 11.07 -100.91
N GLY V 341 40.24 10.64 -99.70
CA GLY V 341 40.91 11.11 -98.50
C GLY V 341 40.80 12.60 -98.29
N GLN V 342 39.61 13.16 -98.51
CA GLN V 342 39.43 14.61 -98.46
C GLN V 342 38.17 14.94 -97.68
N SER V 343 38.13 16.17 -97.17
CA SER V 343 36.98 16.64 -96.40
C SER V 343 35.98 17.32 -97.32
N ARG V 344 34.70 17.02 -97.10
CA ARG V 344 33.63 17.60 -97.91
C ARG V 344 32.36 17.67 -97.08
N LEU V 345 31.44 18.52 -97.50
CA LEU V 345 30.23 18.81 -96.76
C LEU V 345 29.12 17.82 -97.11
N VAL V 346 28.42 17.36 -96.08
CA VAL V 346 27.25 16.48 -96.25
C VAL V 346 26.14 16.94 -95.31
N PRO V 347 24.89 16.69 -95.71
CA PRO V 347 23.77 17.05 -94.84
C PRO V 347 23.74 16.17 -93.61
N PRO V 348 23.17 16.66 -92.50
CA PRO V 348 23.06 15.86 -91.27
C PRO V 348 21.79 15.01 -91.24
N SER V 349 21.79 13.93 -92.02
CA SER V 349 20.62 13.06 -92.15
C SER V 349 20.76 11.78 -91.35
N GLY V 350 21.85 11.03 -91.57
CA GLY V 350 22.04 9.78 -90.85
C GLY V 350 22.55 9.94 -89.44
N HIS V 351 23.30 11.02 -89.18
CA HIS V 351 23.88 11.22 -87.85
C HIS V 351 22.80 11.44 -86.80
N VAL V 352 21.77 12.22 -87.14
CA VAL V 352 20.70 12.46 -86.18
C VAL V 352 19.90 11.18 -85.93
N ALA V 353 19.70 10.36 -86.96
CA ALA V 353 19.03 9.08 -86.77
C ALA V 353 19.85 8.16 -85.86
N GLY V 354 21.17 8.13 -86.06
CA GLY V 354 22.02 7.35 -85.18
C GLY V 354 21.98 7.85 -83.74
N ILE V 355 21.95 9.18 -83.56
CA ILE V 355 21.84 9.74 -82.22
C ILE V 355 20.53 9.35 -81.57
N TRP V 356 19.43 9.39 -82.35
CA TRP V 356 18.13 8.97 -81.83
C TRP V 356 18.16 7.50 -81.41
N ALA V 357 18.76 6.64 -82.23
CA ALA V 357 18.84 5.23 -81.89
C ALA V 357 19.68 5.01 -80.63
N ARG V 358 20.80 5.74 -80.52
CA ARG V 358 21.65 5.62 -79.34
C ARG V 358 20.90 6.07 -78.08
N ASN V 359 20.16 7.18 -78.18
CA ASN V 359 19.39 7.63 -77.03
C ASN V 359 18.29 6.64 -76.65
N ASP V 360 17.64 6.06 -77.66
CA ASP V 360 16.60 5.07 -77.36
C ASP V 360 17.16 3.78 -76.80
N SER V 361 18.42 3.46 -77.12
CA SER V 361 19.02 2.23 -76.61
C SER V 361 19.57 2.42 -75.19
N GLU V 362 20.41 3.44 -74.99
CA GLU V 362 21.02 3.67 -73.68
C GLU V 362 19.97 4.01 -72.64
N ARG V 363 19.13 5.00 -72.92
CA ARG V 363 18.08 5.44 -72.02
C ARG V 363 16.71 5.17 -72.66
N GLY V 364 15.66 5.55 -71.94
CA GLY V 364 14.32 5.38 -72.46
C GLY V 364 14.01 6.34 -73.58
N VAL V 365 12.93 6.05 -74.30
CA VAL V 365 12.49 6.90 -75.40
C VAL V 365 11.96 8.25 -74.93
N HIS V 366 11.71 8.40 -73.63
CA HIS V 366 11.19 9.65 -73.08
C HIS V 366 12.28 10.72 -72.91
N LYS V 367 13.55 10.36 -73.08
CA LYS V 367 14.64 11.31 -72.95
C LYS V 367 14.83 12.04 -74.28
N ALA V 368 14.81 13.37 -74.23
CA ALA V 368 14.95 14.17 -75.43
C ALA V 368 16.40 14.18 -75.89
N PRO V 369 16.68 13.83 -77.15
CA PRO V 369 18.06 13.88 -77.64
C PRO V 369 18.54 15.31 -77.85
N ALA V 370 18.74 16.04 -76.74
CA ALA V 370 19.09 17.45 -76.81
C ALA V 370 20.58 17.72 -76.70
N ASN V 371 21.31 16.90 -75.93
CA ASN V 371 22.75 17.10 -75.70
C ASN V 371 23.47 15.82 -76.05
N GLU V 372 23.81 15.66 -77.34
CA GLU V 372 24.56 14.52 -77.81
C GLU V 372 25.65 14.98 -78.76
N VAL V 373 26.75 14.24 -78.78
CA VAL V 373 27.93 14.59 -79.56
C VAL V 373 27.88 13.86 -80.89
N VAL V 374 28.10 14.60 -81.98
CA VAL V 374 28.05 14.00 -83.35
C VAL V 374 29.42 13.37 -83.65
N ARG V 375 29.64 12.14 -83.21
CA ARG V 375 30.90 11.44 -83.51
C ARG V 375 30.97 11.23 -85.01
N GLY V 376 32.08 11.59 -85.65
CA GLY V 376 32.24 11.40 -87.11
C GLY V 376 32.29 12.71 -87.89
N ALA V 377 32.28 13.86 -87.21
CA ALA V 377 32.37 15.17 -87.88
C ALA V 377 33.78 15.74 -87.74
N VAL V 378 34.01 16.93 -88.29
CA VAL V 378 35.34 17.61 -88.15
C VAL V 378 35.08 19.11 -88.03
N ASP V 379 34.19 19.69 -88.84
CA ASP V 379 33.94 21.13 -88.83
C ASP V 379 32.46 21.39 -89.11
N LEU V 380 32.10 22.66 -89.21
CA LEU V 380 30.74 23.06 -89.51
C LEU V 380 30.62 24.13 -90.59
N GLU V 381 31.68 24.88 -90.87
CA GLU V 381 31.70 25.94 -91.88
C GLU V 381 30.71 27.05 -91.55
N LEU V 382 30.31 27.18 -90.28
CA LEU V 382 29.41 28.23 -89.83
C LEU V 382 29.41 28.26 -88.32
N GLN V 383 29.26 29.46 -87.75
CA GLN V 383 29.23 29.65 -86.31
C GLN V 383 28.00 30.43 -85.92
N ILE V 384 27.38 30.03 -84.81
CA ILE V 384 26.15 30.64 -84.31
C ILE V 384 26.43 31.21 -82.93
N THR V 385 26.06 32.48 -82.73
CA THR V 385 26.19 33.13 -81.44
C THR V 385 24.93 32.89 -80.62
N ARG V 386 24.82 33.57 -79.48
CA ARG V 386 23.63 33.41 -78.61
C ARG V 386 22.43 34.12 -79.26
N GLY V 387 22.64 35.31 -79.81
CA GLY V 387 21.54 36.06 -80.39
C GLY V 387 20.92 35.37 -81.59
N GLU V 388 21.76 34.82 -82.47
CA GLU V 388 21.23 34.12 -83.64
C GLU V 388 20.44 32.88 -83.22
N GLN V 389 20.93 32.15 -82.22
CA GLN V 389 20.17 31.01 -81.69
C GLN V 389 18.85 31.47 -81.07
N ASP V 390 18.88 32.58 -80.34
CA ASP V 390 17.66 33.15 -79.78
C ASP V 390 16.68 33.62 -80.85
N LEU V 391 17.17 33.90 -82.06
CA LEU V 391 16.29 34.22 -83.18
C LEU V 391 15.74 32.98 -83.87
N LEU V 392 16.46 31.84 -83.79
CA LEU V 392 16.02 30.61 -84.43
C LEU V 392 15.27 29.68 -83.48
N ASN V 393 15.46 29.84 -82.17
CA ASN V 393 14.77 28.98 -81.22
C ASN V 393 13.25 29.11 -81.26
N PRO V 394 12.64 30.30 -81.34
CA PRO V 394 11.17 30.36 -81.35
C PRO V 394 10.53 29.59 -82.49
N ILE V 395 11.21 29.47 -83.63
CA ILE V 395 10.73 28.66 -84.73
C ILE V 395 11.35 27.27 -84.61
N GLY V 396 10.76 26.31 -85.31
CA GLY V 396 11.19 24.93 -85.18
C GLY V 396 12.49 24.60 -85.89
N VAL V 397 13.53 25.37 -85.61
CA VAL V 397 14.85 25.15 -86.21
C VAL V 397 15.81 24.78 -85.10
N ASN V 398 16.33 23.56 -85.15
CA ASN V 398 17.34 23.12 -84.20
C ASN V 398 18.71 23.61 -84.65
N CYS V 399 19.74 23.26 -83.88
CA CYS V 399 21.08 23.74 -84.18
C CYS V 399 22.12 22.69 -83.80
N ILE V 400 23.29 22.82 -84.41
CA ILE V 400 24.46 22.02 -84.06
C ILE V 400 25.55 23.02 -83.67
N ARG V 401 25.88 23.06 -82.39
CA ARG V 401 26.71 24.11 -81.83
C ARG V 401 28.07 23.58 -81.41
N SER V 402 29.10 24.41 -81.59
CA SER V 402 30.46 24.10 -81.16
C SER V 402 30.75 24.83 -79.86
N PHE V 403 31.13 24.07 -78.82
CA PHE V 403 31.41 24.61 -77.52
C PHE V 403 32.89 24.49 -77.21
N PRO V 404 33.52 25.55 -76.69
CA PRO V 404 34.97 25.51 -76.47
C PRO V 404 35.35 24.67 -75.25
N GLY V 405 35.48 23.36 -75.45
CA GLY V 405 35.82 22.45 -74.38
C GLY V 405 34.95 21.22 -74.39
N ARG V 406 33.88 21.26 -75.19
CA ARG V 406 32.98 20.13 -75.34
C ARG V 406 32.74 19.71 -76.78
N GLY V 407 33.17 20.51 -77.76
CA GLY V 407 33.09 20.08 -79.14
C GLY V 407 31.75 20.33 -79.81
N ILE V 408 31.40 19.49 -80.78
CA ILE V 408 30.19 19.66 -81.56
C ILE V 408 29.06 18.88 -80.90
N ARG V 409 27.95 19.57 -80.61
CA ARG V 409 26.82 18.95 -79.92
C ARG V 409 25.52 19.41 -80.53
N VAL V 410 24.50 18.55 -80.43
CA VAL V 410 23.15 18.96 -80.84
C VAL V 410 22.60 19.98 -79.85
N TRP V 411 21.61 20.76 -80.29
CA TRP V 411 21.07 21.81 -79.44
C TRP V 411 19.66 22.16 -79.92
N GLY V 412 18.68 22.03 -79.03
CA GLY V 412 17.36 22.59 -79.23
C GLY V 412 16.21 21.61 -79.16
N ALA V 413 16.35 20.44 -79.78
CA ALA V 413 15.39 19.34 -79.68
C ALA V 413 13.94 19.82 -79.81
N ARG V 414 13.61 20.36 -80.97
CA ARG V 414 12.27 20.85 -81.25
C ARG V 414 11.78 20.30 -82.59
N THR V 415 10.54 20.63 -82.93
CA THR V 415 9.89 20.13 -84.14
C THR V 415 9.16 21.27 -84.84
N LEU V 416 8.61 20.95 -86.02
CA LEU V 416 7.86 21.91 -86.83
C LEU V 416 6.37 21.76 -86.51
N SER V 417 5.87 22.58 -85.59
CA SER V 417 4.46 22.52 -85.22
C SER V 417 4.05 23.85 -84.62
N SER V 418 3.07 24.51 -85.24
CA SER V 418 2.57 25.77 -84.68
C SER V 418 1.77 25.52 -83.41
N ASP V 419 1.05 24.41 -83.35
CA ASP V 419 0.25 24.08 -82.18
C ASP V 419 1.14 23.86 -80.96
N PRO V 420 0.93 24.59 -79.86
CA PRO V 420 1.78 24.40 -78.68
C PRO V 420 1.62 23.06 -77.99
N ALA V 421 0.71 22.20 -78.44
CA ALA V 421 0.50 20.91 -77.79
C ALA V 421 1.63 19.94 -78.10
N TRP V 422 2.23 20.02 -79.28
CA TRP V 422 3.26 19.08 -79.69
C TRP V 422 4.57 19.80 -80.00
N ARG V 423 4.98 20.71 -79.10
CA ARG V 423 6.21 21.46 -79.32
C ARG V 423 7.43 20.57 -79.32
N TYR V 424 7.47 19.58 -78.42
CA TYR V 424 8.67 18.79 -78.19
C TYR V 424 8.59 17.45 -78.90
N LEU V 425 9.76 16.92 -79.26
CA LEU V 425 9.85 15.66 -79.99
C LEU V 425 9.59 14.46 -79.09
N ASN V 426 10.07 14.51 -77.85
CA ASN V 426 9.98 13.34 -76.98
C ASN V 426 8.53 12.99 -76.66
N ILE V 427 7.67 14.01 -76.52
CA ILE V 427 6.26 13.75 -76.28
C ILE V 427 5.64 12.98 -77.45
N ARG V 428 5.95 13.42 -78.68
CA ARG V 428 5.43 12.75 -79.86
C ARG V 428 5.94 11.32 -79.95
N ARG V 429 7.24 11.11 -79.67
CA ARG V 429 7.79 9.76 -79.73
C ARG V 429 7.15 8.84 -78.70
N TYR V 430 6.98 9.34 -77.47
CA TYR V 430 6.36 8.53 -76.43
C TYR V 430 4.90 8.21 -76.76
N PHE V 431 4.17 9.19 -77.29
CA PHE V 431 2.78 8.94 -77.67
C PHE V 431 2.68 7.92 -78.80
N ASN V 432 3.59 8.00 -79.78
CA ASN V 432 3.61 7.00 -80.84
C ASN V 432 3.89 5.61 -80.29
N TYR V 433 4.86 5.51 -79.37
CA TYR V 433 5.17 4.23 -78.77
C TYR V 433 3.98 3.65 -78.02
N LEU V 434 3.32 4.48 -77.21
CA LEU V 434 2.16 4.02 -76.44
C LEU V 434 1.02 3.59 -77.38
N GLU V 435 0.75 4.38 -78.41
CA GLU V 435 -0.33 4.03 -79.33
C GLU V 435 -0.04 2.73 -80.06
N GLU V 436 1.21 2.54 -80.51
CA GLU V 436 1.55 1.30 -81.19
C GLU V 436 1.41 0.10 -80.25
N SER V 437 1.90 0.22 -79.02
CA SER V 437 1.81 -0.88 -78.07
C SER V 437 0.35 -1.22 -77.78
N ILE V 438 -0.49 -0.21 -77.56
CA ILE V 438 -1.89 -0.45 -77.25
C ILE V 438 -2.59 -1.10 -78.43
N LEU V 439 -2.33 -0.60 -79.65
CA LEU V 439 -2.97 -1.16 -80.83
C LEU V 439 -2.57 -2.62 -81.04
N ILE V 440 -1.29 -2.94 -80.84
CA ILE V 440 -0.84 -4.30 -81.07
C ILE V 440 -1.37 -5.26 -80.01
N GLY V 441 -1.35 -4.86 -78.73
CA GLY V 441 -1.68 -5.79 -77.67
C GLY V 441 -3.08 -5.68 -77.08
N THR V 442 -4.09 -5.48 -77.92
CA THR V 442 -5.46 -5.33 -77.43
C THR V 442 -6.48 -6.08 -78.29
N GLN V 443 -6.06 -6.70 -79.40
CA GLN V 443 -7.01 -7.22 -80.37
C GLN V 443 -7.93 -8.30 -79.83
N TRP V 444 -7.60 -8.92 -78.69
CA TRP V 444 -8.42 -10.00 -78.16
C TRP V 444 -9.74 -9.52 -77.59
N VAL V 445 -9.93 -8.21 -77.43
CA VAL V 445 -11.13 -7.70 -76.74
C VAL V 445 -12.35 -7.65 -77.65
N VAL V 446 -12.17 -7.72 -78.96
CA VAL V 446 -13.29 -7.61 -79.90
C VAL V 446 -14.16 -8.86 -79.80
N PHE V 447 -15.47 -8.67 -79.98
CA PHE V 447 -16.46 -9.74 -79.96
C PHE V 447 -16.45 -10.49 -78.62
N GLU V 448 -16.80 -9.75 -77.58
CA GLU V 448 -16.88 -10.24 -76.21
C GLU V 448 -18.27 -10.00 -75.65
N PRO V 449 -18.66 -10.74 -74.60
CA PRO V 449 -20.02 -10.58 -74.06
C PRO V 449 -20.34 -9.18 -73.57
N ASN V 450 -19.34 -8.35 -73.30
CA ASN V 450 -19.52 -6.95 -72.94
C ASN V 450 -20.31 -6.81 -71.63
N ASP V 451 -19.72 -7.38 -70.58
CA ASP V 451 -20.25 -7.23 -69.23
C ASP V 451 -19.22 -6.53 -68.37
N HIS V 452 -19.54 -6.29 -67.10
CA HIS V 452 -18.62 -5.59 -66.20
C HIS V 452 -17.33 -6.36 -65.93
N ASN V 453 -17.33 -7.68 -66.13
CA ASN V 453 -16.09 -8.44 -66.01
C ASN V 453 -15.08 -8.00 -67.06
N LEU V 454 -15.54 -7.76 -68.29
CA LEU V 454 -14.65 -7.27 -69.33
C LEU V 454 -14.07 -5.90 -68.97
N TRP V 455 -14.91 -5.02 -68.41
CA TRP V 455 -14.43 -3.71 -67.97
C TRP V 455 -13.37 -3.86 -66.89
N ALA V 456 -13.60 -4.75 -65.92
CA ALA V 456 -12.61 -4.96 -64.87
C ALA V 456 -11.30 -5.48 -65.44
N ARG V 457 -11.36 -6.43 -66.38
CA ARG V 457 -10.15 -6.97 -66.97
C ARG V 457 -9.38 -5.90 -67.73
N ILE V 458 -10.08 -5.09 -68.53
CA ILE V 458 -9.42 -4.04 -69.29
C ILE V 458 -8.78 -3.03 -68.35
N ARG V 459 -9.50 -2.63 -67.31
CA ARG V 459 -8.93 -1.68 -66.35
C ARG V 459 -7.69 -2.25 -65.67
N ARG V 460 -7.75 -3.53 -65.28
CA ARG V 460 -6.58 -4.14 -64.62
C ARG V 460 -5.38 -4.16 -65.56
N ASN V 461 -5.59 -4.54 -66.83
CA ASN V 461 -4.48 -4.61 -67.77
C ASN V 461 -3.86 -3.24 -68.01
N VAL V 462 -4.71 -2.23 -68.25
CA VAL V 462 -4.20 -0.90 -68.53
C VAL V 462 -3.50 -0.33 -67.31
N SER V 463 -4.04 -0.56 -66.11
CA SER V 463 -3.41 -0.08 -64.88
C SER V 463 -2.06 -0.73 -64.67
N ALA V 464 -1.95 -2.04 -64.93
CA ALA V 464 -0.67 -2.71 -64.78
C ALA V 464 0.36 -2.16 -65.76
N PHE V 465 -0.04 -1.96 -67.01
CA PHE V 465 0.89 -1.40 -68.00
C PHE V 465 1.34 0.00 -67.59
N LEU V 466 0.41 0.84 -67.14
CA LEU V 466 0.76 2.20 -66.77
C LEU V 466 1.64 2.25 -65.53
N VAL V 467 1.39 1.36 -64.56
CA VAL V 467 2.25 1.28 -63.38
C VAL V 467 3.65 0.86 -63.77
N ASN V 468 3.77 -0.13 -64.65
CA ASN V 468 5.10 -0.57 -65.10
C ASN V 468 5.82 0.55 -65.82
N GLU V 469 5.10 1.33 -66.63
CA GLU V 469 5.72 2.46 -67.31
C GLU V 469 6.14 3.54 -66.33
N TRP V 470 5.32 3.81 -65.31
CA TRP V 470 5.60 4.88 -64.36
C TRP V 470 6.77 4.54 -63.45
N ARG V 471 6.93 3.28 -63.08
CA ARG V 471 7.99 2.92 -62.14
C ARG V 471 9.39 3.15 -62.69
N ASN V 472 9.53 3.37 -63.99
CA ASN V 472 10.82 3.69 -64.60
C ASN V 472 11.11 5.18 -64.62
N GLY V 473 10.21 6.01 -64.08
CA GLY V 473 10.43 7.45 -64.04
C GLY V 473 10.06 8.18 -65.31
N ALA V 474 9.19 7.62 -66.12
CA ALA V 474 8.78 8.25 -67.38
C ALA V 474 7.52 9.10 -67.23
N LEU V 475 6.96 9.20 -66.03
CA LEU V 475 5.76 10.00 -65.78
C LEU V 475 5.99 10.90 -64.58
N PHE V 476 5.40 12.09 -64.63
CA PHE V 476 5.60 13.11 -63.61
C PHE V 476 4.57 12.92 -62.49
N GLY V 477 5.04 12.49 -61.33
CA GLY V 477 4.16 12.32 -60.18
C GLY V 477 4.82 11.57 -59.04
N GLN V 478 4.57 12.02 -57.80
CA GLN V 478 5.17 11.36 -56.61
C GLN V 478 4.42 10.06 -56.32
N SER V 479 3.13 9.99 -56.68
CA SER V 479 2.31 8.83 -56.42
C SER V 479 1.63 8.38 -57.72
N PRO V 480 1.28 7.09 -57.82
CA PRO V 480 0.58 6.62 -59.03
C PRO V 480 -0.75 7.31 -59.26
N ASP V 481 -1.37 7.79 -58.18
CA ASP V 481 -2.65 8.49 -58.31
C ASP V 481 -2.50 9.81 -59.05
N GLN V 482 -1.33 10.45 -58.93
CA GLN V 482 -1.08 11.73 -59.58
C GLN V 482 -0.44 11.60 -60.95
N ALA V 483 -0.19 10.38 -61.42
CA ALA V 483 0.50 10.16 -62.69
C ALA V 483 -0.43 9.75 -63.83
N TYR V 484 -1.52 9.06 -63.54
CA TYR V 484 -2.40 8.56 -64.59
C TYR V 484 -3.79 8.34 -64.00
N TYR V 485 -4.77 8.20 -64.88
CA TYR V 485 -6.12 7.85 -64.46
C TYR V 485 -6.82 7.10 -65.59
N VAL V 486 -7.42 5.97 -65.25
CA VAL V 486 -8.14 5.12 -66.20
C VAL V 486 -9.57 4.96 -65.70
N LYS V 487 -10.54 5.24 -66.57
CA LYS V 487 -11.95 5.20 -66.22
C LYS V 487 -12.68 4.27 -67.17
N CYS V 488 -13.32 3.25 -66.61
CA CYS V 488 -14.16 2.33 -67.39
C CYS V 488 -15.18 1.73 -66.43
N ASP V 489 -16.40 2.27 -66.44
CA ASP V 489 -17.44 1.86 -65.51
C ASP V 489 -18.80 2.22 -66.12
N GLU V 490 -19.84 2.15 -65.29
CA GLU V 490 -21.19 2.48 -65.75
C GLU V 490 -21.40 3.98 -65.95
N GLU V 491 -20.49 4.81 -65.42
CA GLU V 491 -20.65 6.25 -65.60
C GLU V 491 -20.30 6.67 -67.04
N THR V 492 -19.28 6.05 -67.63
CA THR V 492 -18.88 6.35 -68.99
C THR V 492 -19.44 5.38 -70.01
N ASN V 493 -20.24 4.40 -69.58
CA ASN V 493 -20.84 3.41 -70.47
C ASN V 493 -22.33 3.32 -70.18
N PRO V 494 -23.12 4.29 -70.64
CA PRO V 494 -24.57 4.26 -70.42
C PRO V 494 -25.21 3.12 -71.21
N PRO V 495 -26.40 2.68 -70.81
CA PRO V 495 -27.05 1.59 -71.55
C PRO V 495 -27.29 1.89 -73.01
N GLU V 496 -27.55 3.16 -73.36
CA GLU V 496 -27.72 3.51 -74.76
C GLU V 496 -26.44 3.26 -75.56
N SER V 497 -25.28 3.59 -74.97
CA SER V 497 -24.02 3.35 -75.65
C SER V 497 -23.72 1.86 -75.77
N VAL V 498 -24.00 1.09 -74.71
CA VAL V 498 -23.69 -0.34 -74.75
C VAL V 498 -24.68 -1.08 -75.63
N ASP V 499 -25.82 -0.45 -75.96
CA ASP V 499 -26.76 -1.07 -76.89
C ASP V 499 -26.12 -1.29 -78.25
N LEU V 500 -25.35 -0.31 -78.73
CA LEU V 500 -24.69 -0.42 -80.02
C LEU V 500 -23.41 -1.25 -79.97
N GLY V 501 -22.99 -1.67 -78.78
CA GLY V 501 -21.77 -2.45 -78.66
C GLY V 501 -20.52 -1.60 -78.73
N ARG V 502 -20.34 -0.71 -77.77
CA ARG V 502 -19.20 0.20 -77.74
C ARG V 502 -18.52 0.17 -76.39
N VAL V 503 -17.20 0.29 -76.39
CA VAL V 503 -16.39 0.38 -75.18
C VAL V 503 -15.49 1.61 -75.32
N VAL V 504 -15.38 2.39 -74.24
CA VAL V 504 -14.67 3.67 -74.26
C VAL V 504 -13.32 3.57 -73.57
N CYS V 505 -13.30 3.26 -72.26
CA CYS V 505 -12.08 3.08 -71.48
C CYS V 505 -11.20 4.33 -71.56
N GLU V 506 -11.71 5.42 -70.99
CA GLU V 506 -10.98 6.69 -71.02
C GLU V 506 -9.66 6.57 -70.28
N ILE V 507 -8.60 7.08 -70.89
CA ILE V 507 -7.25 7.01 -70.35
C ILE V 507 -6.63 8.41 -70.36
N GLY V 508 -5.99 8.78 -69.26
CA GLY V 508 -5.29 10.05 -69.19
C GLY V 508 -3.96 9.92 -68.48
N ILE V 509 -2.90 10.48 -69.08
CA ILE V 509 -1.55 10.39 -68.54
C ILE V 509 -0.94 11.77 -68.44
N ALA V 510 0.09 11.88 -67.62
CA ALA V 510 0.83 13.13 -67.43
C ALA V 510 2.28 12.94 -67.84
N PRO V 511 2.69 13.43 -69.00
CA PRO V 511 4.06 13.22 -69.48
C PRO V 511 5.06 14.14 -68.77
N VAL V 512 6.32 13.96 -69.11
CA VAL V 512 7.41 14.76 -68.58
C VAL V 512 8.02 15.57 -69.72
N LYS V 513 8.47 16.78 -69.41
CA LYS V 513 9.06 17.65 -70.41
C LYS V 513 10.50 17.98 -70.06
N PRO V 514 11.36 18.16 -71.06
CA PRO V 514 12.78 18.46 -70.77
C PRO V 514 12.96 19.84 -70.18
N ALA V 515 14.01 19.99 -69.38
CA ALA V 515 14.37 21.26 -68.79
C ALA V 515 15.34 21.99 -69.71
N GLU V 516 14.90 23.13 -70.24
CA GLU V 516 15.68 23.89 -71.22
C GLU V 516 16.44 25.05 -70.60
N PHE V 517 15.76 25.86 -69.78
CA PHE V 517 16.36 27.02 -69.14
C PHE V 517 16.55 26.74 -67.66
N VAL V 518 17.79 26.83 -67.20
CA VAL V 518 18.14 26.65 -65.79
C VAL V 518 18.54 28.01 -65.23
N ILE V 519 17.85 28.42 -64.15
CA ILE V 519 18.03 29.75 -63.58
C ILE V 519 18.43 29.61 -62.12
N PHE V 520 19.50 30.31 -61.72
CA PHE V 520 19.88 30.46 -60.33
C PHE V 520 19.63 31.91 -59.89
N ARG V 521 19.71 32.13 -58.59
CA ARG V 521 19.44 33.44 -58.01
C ARG V 521 20.67 34.09 -57.40
N LEU V 522 21.36 33.40 -56.49
CA LEU V 522 22.55 33.91 -55.83
C LEU V 522 22.27 35.23 -55.11
N ALA V 523 21.35 35.17 -54.16
CA ALA V 523 20.97 36.34 -53.37
C ALA V 523 21.76 36.38 -52.07
N GLN V 524 21.81 37.58 -51.48
CA GLN V 524 22.52 37.81 -50.23
C GLN V 524 21.49 38.11 -49.15
N PHE V 525 21.54 37.35 -48.06
CA PHE V 525 20.57 37.45 -46.99
C PHE V 525 21.27 37.47 -45.63
N SER V 526 20.57 38.00 -44.64
CA SER V 526 21.10 38.07 -43.28
C SER V 526 20.90 36.76 -42.55
N PRO W 2 -59.72 -47.45 -16.20
CA PRO W 2 -60.15 -48.76 -15.70
C PRO W 2 -61.28 -48.65 -14.69
N SER W 3 -61.86 -49.79 -14.33
CA SER W 3 -62.96 -49.85 -13.37
C SER W 3 -62.45 -50.40 -12.05
N TYR W 4 -62.75 -49.68 -10.97
CA TYR W 4 -62.36 -50.07 -9.62
C TYR W 4 -63.64 -50.31 -8.81
N LEU W 5 -63.85 -51.56 -8.39
CA LEU W 5 -65.05 -51.93 -7.66
C LEU W 5 -64.80 -52.73 -6.40
N SER W 6 -63.65 -53.38 -6.26
CA SER W 6 -63.35 -54.17 -5.07
C SER W 6 -61.96 -53.83 -4.56
N PRO W 7 -61.74 -53.88 -3.24
CA PRO W 7 -60.42 -53.60 -2.70
C PRO W 7 -59.39 -54.62 -3.17
N GLY W 8 -58.15 -54.16 -3.31
CA GLY W 8 -57.08 -55.03 -3.73
C GLY W 8 -55.96 -54.22 -4.36
N VAL W 9 -55.06 -54.95 -5.02
CA VAL W 9 -53.90 -54.36 -5.69
C VAL W 9 -54.03 -54.63 -7.17
N TYR W 10 -53.94 -53.57 -7.98
CA TYR W 10 -54.08 -53.66 -9.43
C TYR W 10 -52.79 -53.20 -10.09
N VAL W 11 -52.31 -53.97 -11.06
CA VAL W 11 -51.10 -53.66 -11.81
C VAL W 11 -51.49 -53.44 -13.26
N GLU W 12 -51.20 -52.26 -13.78
CA GLU W 12 -51.50 -51.91 -15.17
C GLU W 12 -50.27 -51.29 -15.82
N GLU W 13 -50.19 -51.43 -17.14
CA GLU W 13 -49.05 -50.94 -17.93
C GLU W 13 -49.53 -49.78 -18.79
N VAL W 14 -48.84 -48.63 -18.66
CA VAL W 14 -49.16 -47.49 -19.51
C VAL W 14 -48.48 -47.64 -20.87
N ALA W 15 -49.26 -47.42 -21.93
CA ALA W 15 -48.80 -47.62 -23.30
C ALA W 15 -47.72 -46.63 -23.71
N SER W 16 -47.52 -45.57 -22.91
CA SER W 16 -46.51 -44.57 -23.23
C SER W 16 -45.11 -45.18 -23.24
N GLY W 17 -44.45 -45.13 -24.38
CA GLY W 17 -43.13 -45.70 -24.52
C GLY W 17 -42.59 -45.47 -25.91
N SER W 18 -41.79 -46.42 -26.38
CA SER W 18 -41.17 -46.36 -27.70
C SER W 18 -41.61 -47.56 -28.53
N ARG W 19 -41.95 -47.30 -29.80
CA ARG W 19 -42.36 -48.34 -30.74
C ARG W 19 -41.55 -48.16 -32.02
N PRO W 20 -40.35 -48.73 -32.07
CA PRO W 20 -39.48 -48.52 -33.23
C PRO W 20 -40.05 -49.13 -34.50
N ILE W 21 -39.71 -48.53 -35.64
CA ILE W 21 -40.15 -48.98 -36.95
C ILE W 21 -38.93 -49.50 -37.70
N GLU W 22 -39.05 -50.72 -38.23
CA GLU W 22 -37.96 -51.38 -38.94
C GLU W 22 -38.17 -51.30 -40.44
N GLY W 23 -37.07 -51.49 -41.17
CA GLY W 23 -37.10 -51.49 -42.62
C GLY W 23 -37.54 -52.82 -43.20
N VAL W 24 -37.49 -52.90 -44.53
CA VAL W 24 -37.89 -54.09 -45.26
C VAL W 24 -36.79 -54.46 -46.24
N GLY W 25 -36.76 -55.74 -46.63
CA GLY W 25 -35.77 -56.21 -47.57
C GLY W 25 -36.19 -55.94 -49.00
N THR W 26 -35.28 -55.35 -49.78
CA THR W 26 -35.57 -54.99 -51.16
C THR W 26 -34.62 -55.68 -52.12
N SER W 27 -34.37 -56.97 -51.91
CA SER W 27 -33.46 -57.74 -52.73
C SER W 27 -34.09 -59.04 -53.20
N VAL W 28 -35.34 -58.98 -53.64
CA VAL W 28 -36.06 -60.13 -54.16
C VAL W 28 -36.55 -59.80 -55.56
N ALA W 29 -36.32 -60.72 -56.51
CA ALA W 29 -36.74 -60.53 -57.88
C ALA W 29 -37.52 -61.76 -58.35
N ALA W 30 -38.47 -61.53 -59.25
CA ALA W 30 -39.32 -62.59 -59.77
C ALA W 30 -39.17 -62.67 -61.28
N PHE W 31 -38.74 -63.83 -61.78
CA PHE W 31 -38.51 -64.06 -63.19
C PHE W 31 -39.59 -64.96 -63.74
N VAL W 32 -40.18 -64.56 -64.86
CA VAL W 32 -41.21 -65.33 -65.55
C VAL W 32 -40.64 -65.77 -66.89
N GLY W 33 -40.68 -67.08 -67.15
CA GLY W 33 -40.10 -67.59 -68.38
C GLY W 33 -40.54 -69.02 -68.63
N LEU W 34 -39.90 -69.62 -69.63
CA LEU W 34 -40.17 -71.00 -70.01
C LEU W 34 -38.96 -71.88 -69.68
N ALA W 35 -39.24 -73.08 -69.19
CA ALA W 35 -38.24 -74.04 -68.78
C ALA W 35 -38.60 -75.41 -69.34
N PRO W 36 -37.61 -76.29 -69.54
CA PRO W 36 -37.92 -77.62 -70.11
C PRO W 36 -38.83 -78.44 -69.23
N THR W 37 -38.47 -78.66 -67.96
CA THR W 37 -39.28 -79.45 -67.05
C THR W 37 -39.30 -78.79 -65.68
N GLY W 38 -40.37 -79.04 -64.94
CA GLY W 38 -40.53 -78.49 -63.61
C GLY W 38 -41.98 -78.19 -63.27
N PRO W 39 -42.21 -77.60 -62.10
CA PRO W 39 -43.57 -77.22 -61.73
C PRO W 39 -44.15 -76.20 -62.70
N LEU W 40 -45.45 -76.29 -62.91
CA LEU W 40 -46.15 -75.45 -63.88
C LEU W 40 -47.06 -74.46 -63.15
N ASN W 41 -46.92 -73.18 -63.50
CA ASN W 41 -47.77 -72.11 -62.97
C ASN W 41 -47.69 -72.05 -61.44
N GLU W 42 -46.50 -72.25 -60.89
CA GLU W 42 -46.28 -72.17 -59.45
C GLU W 42 -45.06 -71.29 -59.19
N PRO W 43 -45.21 -70.24 -58.38
CA PRO W 43 -44.07 -69.35 -58.11
C PRO W 43 -43.07 -69.98 -57.15
N THR W 44 -42.16 -70.80 -57.68
CA THR W 44 -41.19 -71.49 -56.83
C THR W 44 -40.16 -70.49 -56.29
N LEU W 45 -39.59 -70.82 -55.15
CA LEU W 45 -38.58 -70.00 -54.49
C LEU W 45 -37.22 -70.67 -54.62
N VAL W 46 -36.23 -69.93 -55.10
CA VAL W 46 -34.88 -70.44 -55.29
C VAL W 46 -33.90 -69.51 -54.57
N THR W 47 -32.86 -70.09 -53.98
CA THR W 47 -31.85 -69.29 -53.29
C THR W 47 -30.43 -69.73 -53.63
N ASN W 48 -30.25 -70.71 -54.52
CA ASN W 48 -28.94 -71.18 -54.92
C ASN W 48 -29.12 -71.99 -56.19
N TRP W 49 -28.09 -72.02 -57.03
CA TRP W 49 -28.21 -72.70 -58.35
C TRP W 49 -28.58 -74.17 -58.16
N THR W 50 -28.04 -74.83 -57.13
CA THR W 50 -28.31 -76.27 -56.99
C THR W 50 -29.81 -76.53 -56.94
N GLN W 51 -30.56 -75.68 -56.24
CA GLN W 51 -32.01 -75.82 -56.21
C GLN W 51 -32.62 -75.66 -57.60
N TYR W 52 -32.14 -74.68 -58.36
CA TYR W 52 -32.65 -74.48 -59.71
C TYR W 52 -32.32 -75.66 -60.60
N VAL W 53 -31.11 -76.21 -60.46
CA VAL W 53 -30.72 -77.38 -61.26
C VAL W 53 -31.62 -78.56 -60.91
N ALA W 54 -31.86 -78.79 -59.61
CA ALA W 54 -32.69 -79.91 -59.19
C ALA W 54 -34.16 -79.74 -59.59
N ALA W 55 -34.64 -78.49 -59.72
CA ALA W 55 -36.05 -78.26 -60.00
C ALA W 55 -36.34 -78.12 -61.49
N PHE W 56 -35.74 -77.12 -62.13
CA PHE W 56 -36.10 -76.75 -63.49
C PHE W 56 -35.06 -77.16 -64.54
N GLY W 57 -34.09 -78.00 -64.18
CA GLY W 57 -33.06 -78.39 -65.11
C GLY W 57 -32.03 -77.29 -65.30
N ASP W 58 -31.15 -77.49 -66.29
CA ASP W 58 -30.06 -76.54 -66.53
C ASP W 58 -29.56 -76.72 -67.96
N PHE W 59 -29.73 -75.67 -68.77
CA PHE W 59 -29.08 -75.55 -70.08
C PHE W 59 -29.32 -76.75 -70.99
N THR W 60 -30.57 -76.99 -71.37
CA THR W 60 -30.88 -78.08 -72.29
C THR W 60 -31.85 -77.71 -73.41
N GLY W 61 -32.59 -76.62 -73.28
CA GLY W 61 -33.57 -76.26 -74.30
C GLY W 61 -33.23 -74.99 -75.05
N GLY W 62 -32.12 -74.37 -74.71
CA GLY W 62 -31.73 -73.13 -75.35
C GLY W 62 -32.66 -71.96 -75.06
N TYR W 63 -33.10 -71.83 -73.81
CA TYR W 63 -33.99 -70.75 -73.39
C TYR W 63 -33.21 -69.69 -72.62
N TYR W 64 -33.84 -68.53 -72.45
CA TYR W 64 -33.20 -67.39 -71.81
C TYR W 64 -33.43 -67.34 -70.31
N LEU W 65 -34.22 -68.26 -69.75
CA LEU W 65 -34.45 -68.24 -68.31
C LEU W 65 -33.22 -68.69 -67.54
N ALA W 66 -32.59 -69.78 -68.00
CA ALA W 66 -31.41 -70.29 -67.30
C ALA W 66 -30.26 -69.29 -67.32
N HIS W 67 -30.03 -68.65 -68.48
CA HIS W 67 -28.98 -67.64 -68.56
C HIS W 67 -29.25 -66.47 -67.63
N SER W 68 -30.50 -66.01 -67.60
CA SER W 68 -30.85 -64.88 -66.73
C SER W 68 -30.68 -65.24 -65.26
N VAL W 69 -31.11 -66.44 -64.87
CA VAL W 69 -30.96 -66.86 -63.47
C VAL W 69 -29.48 -66.99 -63.11
N TYR W 70 -28.68 -67.56 -63.99
CA TYR W 70 -27.24 -67.69 -63.73
C TYR W 70 -26.58 -66.33 -63.60
N GLY W 71 -26.96 -65.39 -64.46
CA GLY W 71 -26.42 -64.04 -64.36
C GLY W 71 -26.85 -63.34 -63.07
N PHE W 72 -28.11 -63.54 -62.67
CA PHE W 72 -28.59 -62.94 -61.44
C PHE W 72 -27.83 -63.47 -60.23
N PHE W 73 -27.59 -64.79 -60.18
CA PHE W 73 -26.82 -65.36 -59.09
C PHE W 73 -25.33 -65.06 -59.19
N ASN W 74 -24.85 -64.68 -60.38
CA ASN W 74 -23.45 -64.34 -60.54
C ASN W 74 -23.12 -62.95 -60.00
N ASN W 75 -24.11 -62.05 -59.98
CA ASN W 75 -23.89 -60.67 -59.57
C ASN W 75 -24.26 -60.44 -58.11
N GLY W 76 -24.37 -61.50 -57.31
CA GLY W 76 -24.63 -61.36 -55.90
C GLY W 76 -26.08 -61.39 -55.49
N GLY W 77 -26.92 -62.14 -56.20
CA GLY W 77 -28.31 -62.26 -55.81
C GLY W 77 -28.47 -63.06 -54.52
N SER W 78 -29.60 -62.84 -53.86
CA SER W 78 -29.90 -63.46 -52.57
C SER W 78 -31.03 -64.47 -52.67
N ALA W 79 -32.20 -64.05 -53.16
CA ALA W 79 -33.35 -64.94 -53.26
C ALA W 79 -34.17 -64.54 -54.47
N ALA W 80 -34.74 -65.52 -55.16
CA ALA W 80 -35.48 -65.27 -56.38
C ALA W 80 -36.74 -66.12 -56.41
N TYR W 81 -37.72 -65.63 -57.17
CA TYR W 81 -38.94 -66.36 -57.47
C TYR W 81 -38.95 -66.71 -58.96
N VAL W 82 -39.42 -67.91 -59.27
CA VAL W 82 -39.41 -68.42 -60.64
C VAL W 82 -40.83 -68.84 -61.01
N VAL W 83 -41.28 -68.38 -62.17
CA VAL W 83 -42.56 -68.79 -62.74
C VAL W 83 -42.30 -69.39 -64.12
N ARG W 84 -42.81 -70.59 -64.36
CA ARG W 84 -42.62 -71.31 -65.62
C ARG W 84 -43.95 -71.38 -66.35
N VAL W 85 -44.09 -70.57 -67.40
CA VAL W 85 -45.31 -70.54 -68.17
C VAL W 85 -45.48 -71.83 -68.97
N GLY W 86 -44.41 -72.28 -69.61
CA GLY W 86 -44.47 -73.47 -70.43
C GLY W 86 -43.09 -73.98 -70.77
N GLY W 87 -43.04 -74.85 -71.76
CA GLY W 87 -41.77 -75.40 -72.21
C GLY W 87 -41.99 -76.70 -72.97
N SER W 88 -40.89 -77.38 -73.23
CA SER W 88 -40.92 -78.66 -73.95
C SER W 88 -39.67 -79.45 -73.57
N ALA W 89 -39.72 -80.75 -73.83
CA ALA W 89 -38.62 -81.66 -73.56
C ALA W 89 -38.30 -82.50 -74.79
N GLU W 90 -38.40 -81.89 -75.97
CA GLU W 90 -38.14 -82.59 -77.22
C GLU W 90 -36.94 -82.00 -77.93
N GLY W 249 -48.69 -65.22 -64.66
CA GLY W 249 -48.41 -65.81 -63.37
C GLY W 249 -49.11 -65.11 -62.22
N GLY W 250 -49.24 -65.81 -61.10
CA GLY W 250 -49.90 -65.25 -59.93
C GLY W 250 -48.94 -64.54 -58.98
N LEU W 251 -48.31 -63.48 -59.45
CA LEU W 251 -47.36 -62.72 -58.64
C LEU W 251 -48.05 -61.74 -57.71
N GLU W 252 -49.36 -61.57 -57.80
CA GLU W 252 -50.07 -60.64 -56.93
C GLU W 252 -50.23 -61.15 -55.51
N ALA W 253 -50.07 -62.46 -55.30
CA ALA W 253 -50.21 -63.03 -53.96
C ALA W 253 -48.93 -62.92 -53.14
N ILE W 254 -47.81 -62.51 -53.74
CA ILE W 254 -46.54 -62.40 -53.05
C ILE W 254 -46.35 -60.95 -52.62
N ASP W 255 -45.66 -60.76 -51.50
CA ASP W 255 -45.46 -59.44 -50.93
C ASP W 255 -44.01 -58.98 -50.97
N GLU W 256 -43.05 -59.88 -50.78
CA GLU W 256 -41.64 -59.49 -50.69
C GLU W 256 -41.01 -59.18 -52.03
N ILE W 257 -41.70 -59.42 -53.15
CA ILE W 257 -41.11 -59.17 -54.46
C ILE W 257 -40.89 -57.67 -54.63
N SER W 258 -39.69 -57.31 -55.08
CA SER W 258 -39.33 -55.92 -55.31
C SER W 258 -39.13 -55.58 -56.78
N MET W 259 -38.94 -56.57 -57.65
CA MET W 259 -38.79 -56.33 -59.07
C MET W 259 -39.21 -57.57 -59.83
N VAL W 260 -39.72 -57.36 -61.05
CA VAL W 260 -40.22 -58.43 -61.89
C VAL W 260 -39.59 -58.34 -63.27
N ALA W 261 -39.27 -59.49 -63.85
CA ALA W 261 -38.65 -59.54 -65.17
C ALA W 261 -39.23 -60.71 -65.96
N VAL W 262 -39.23 -60.56 -67.27
CA VAL W 262 -39.65 -61.62 -68.20
C VAL W 262 -38.49 -61.85 -69.16
N PRO W 263 -37.43 -62.53 -68.74
CA PRO W 263 -36.23 -62.60 -69.58
C PRO W 263 -36.46 -63.29 -70.92
N ASP W 264 -37.31 -64.31 -70.96
CA ASP W 264 -37.52 -65.08 -72.18
C ASP W 264 -38.86 -64.63 -72.76
N LEU W 265 -38.82 -63.55 -73.50
CA LEU W 265 -39.93 -63.03 -74.31
C LEU W 265 -39.52 -62.78 -75.75
N MET W 266 -38.28 -62.34 -75.98
CA MET W 266 -37.81 -62.11 -77.35
C MET W 266 -37.58 -63.42 -78.09
N ALA W 267 -37.46 -64.53 -77.37
CA ALA W 267 -37.29 -65.83 -78.02
C ALA W 267 -38.49 -66.17 -78.90
N ALA W 268 -39.70 -65.97 -78.37
CA ALA W 268 -40.89 -66.22 -79.17
C ALA W 268 -40.97 -65.26 -80.35
N TYR W 269 -40.51 -64.02 -80.15
CA TYR W 269 -40.48 -63.07 -81.26
C TYR W 269 -39.48 -63.47 -82.33
N GLN W 270 -38.37 -64.10 -81.95
CA GLN W 270 -37.32 -64.43 -82.91
C GLN W 270 -37.73 -65.58 -83.80
N ARG W 271 -38.30 -66.64 -83.22
CA ARG W 271 -38.64 -67.84 -83.99
C ARG W 271 -40.13 -68.03 -84.20
N GLY W 272 -40.95 -67.77 -83.19
CA GLY W 272 -42.38 -67.99 -83.31
C GLY W 272 -43.13 -66.96 -84.13
N ALA W 273 -42.50 -65.81 -84.41
CA ALA W 273 -43.12 -64.73 -85.18
C ALA W 273 -44.43 -64.29 -84.54
N ILE W 274 -44.32 -63.79 -83.31
CA ILE W 274 -45.47 -63.37 -82.53
C ILE W 274 -45.78 -61.88 -82.76
N ASP W 275 -45.15 -61.28 -83.77
CA ASP W 275 -45.37 -59.87 -84.12
C ASP W 275 -44.95 -58.95 -82.99
N LEU W 276 -45.12 -57.64 -83.19
CA LEU W 276 -44.76 -56.66 -82.17
C LEU W 276 -45.93 -56.26 -81.30
N GLU W 277 -47.16 -56.42 -81.78
CA GLU W 277 -48.34 -56.02 -81.00
C GLU W 277 -48.46 -56.86 -79.73
N ALA W 278 -48.21 -58.17 -79.84
CA ALA W 278 -48.28 -59.03 -78.66
C ALA W 278 -47.24 -58.65 -77.63
N VAL W 279 -46.01 -58.38 -78.07
CA VAL W 279 -44.95 -57.97 -77.15
C VAL W 279 -45.32 -56.64 -76.48
N LYS W 280 -45.82 -55.69 -77.26
CA LYS W 280 -46.22 -54.41 -76.70
C LYS W 280 -47.33 -54.57 -75.67
N ALA W 281 -48.32 -55.42 -75.98
CA ALA W 281 -49.42 -55.65 -75.04
C ALA W 281 -48.92 -56.31 -73.76
N VAL W 282 -48.01 -57.29 -73.88
CA VAL W 282 -47.49 -57.96 -72.69
C VAL W 282 -46.71 -56.97 -71.82
N GLN W 283 -45.87 -56.14 -72.44
CA GLN W 283 -45.10 -55.16 -71.68
C GLN W 283 -46.01 -54.12 -71.04
N LEU W 284 -47.06 -53.68 -71.75
CA LEU W 284 -48.00 -52.73 -71.17
C LEU W 284 -48.75 -53.35 -70.00
N GLY W 285 -49.12 -54.63 -70.10
CA GLY W 285 -49.76 -55.30 -68.98
C GLY W 285 -48.86 -55.40 -67.78
N LEU W 286 -47.58 -55.72 -68.01
CA LEU W 286 -46.63 -55.76 -66.91
C LEU W 286 -46.47 -54.39 -66.26
N ILE W 287 -46.40 -53.34 -67.08
CA ILE W 287 -46.31 -51.97 -66.56
C ILE W 287 -47.53 -51.63 -65.72
N ALA W 288 -48.72 -51.98 -66.21
CA ALA W 288 -49.94 -51.70 -65.47
C ALA W 288 -49.98 -52.46 -64.15
N HIS W 289 -49.53 -53.72 -64.15
CA HIS W 289 -49.48 -54.49 -62.91
C HIS W 289 -48.51 -53.84 -61.91
N CYS W 290 -47.34 -53.40 -62.39
CA CYS W 290 -46.39 -52.74 -61.51
C CYS W 290 -46.97 -51.46 -60.94
N GLU W 291 -47.67 -50.67 -61.77
CA GLU W 291 -48.28 -49.44 -61.28
C GLU W 291 -49.37 -49.73 -60.26
N LEU W 292 -50.19 -50.76 -60.50
CA LEU W 292 -51.25 -51.10 -59.57
C LEU W 292 -50.70 -51.56 -58.22
N MET W 293 -49.64 -52.38 -58.24
CA MET W 293 -49.06 -52.84 -56.99
C MET W 293 -48.47 -51.68 -56.19
N GLY W 294 -47.78 -50.77 -56.86
CA GLY W 294 -47.21 -49.63 -56.17
C GLY W 294 -45.99 -49.93 -55.34
N ASP W 295 -45.36 -51.09 -55.54
CA ASP W 295 -44.20 -51.47 -54.77
C ASP W 295 -43.04 -52.00 -55.62
N ARG W 296 -43.28 -52.38 -56.87
CA ARG W 296 -42.28 -53.06 -57.68
C ARG W 296 -41.88 -52.17 -58.87
N VAL W 297 -40.71 -52.49 -59.43
CA VAL W 297 -40.13 -51.73 -60.53
C VAL W 297 -39.83 -52.69 -61.67
N ALA W 298 -40.17 -52.29 -62.89
CA ALA W 298 -40.04 -53.15 -64.07
C ALA W 298 -38.75 -52.85 -64.82
N ILE W 299 -38.17 -53.90 -65.41
CA ILE W 299 -36.98 -53.80 -66.22
C ILE W 299 -37.34 -54.20 -67.65
N ILE W 300 -36.99 -53.35 -68.61
CA ILE W 300 -37.39 -53.52 -70.00
C ILE W 300 -36.15 -53.57 -70.89
N ASP W 301 -36.26 -54.32 -71.98
CA ASP W 301 -35.23 -54.46 -72.98
C ASP W 301 -35.84 -54.25 -74.37
N PRO W 302 -35.04 -53.77 -75.32
CA PRO W 302 -35.57 -53.51 -76.66
C PRO W 302 -35.40 -54.72 -77.56
N PRO W 303 -35.97 -54.70 -78.76
CA PRO W 303 -35.73 -55.78 -79.72
C PRO W 303 -34.25 -55.89 -80.07
N PRO W 304 -33.78 -57.09 -80.43
CA PRO W 304 -32.33 -57.32 -80.53
C PRO W 304 -31.60 -56.43 -81.53
N ASN W 305 -32.01 -56.44 -82.80
CA ASN W 305 -31.21 -55.84 -83.86
C ASN W 305 -31.64 -54.41 -84.15
N GLN W 306 -31.06 -53.46 -83.45
CA GLN W 306 -31.29 -52.04 -83.71
C GLN W 306 -30.00 -51.28 -83.46
N ASN W 307 -29.95 -50.05 -83.98
CA ASN W 307 -28.84 -49.14 -83.76
C ASN W 307 -29.41 -47.75 -83.49
N ALA W 308 -28.53 -46.75 -83.53
CA ALA W 308 -28.97 -45.38 -83.31
C ALA W 308 -29.92 -44.93 -84.41
N ARG W 309 -30.76 -43.94 -84.11
CA ARG W 309 -31.75 -43.38 -85.03
C ARG W 309 -32.89 -44.37 -85.27
N GLN W 310 -32.80 -45.57 -84.70
CA GLN W 310 -33.89 -46.53 -84.70
C GLN W 310 -34.53 -46.69 -83.33
N ILE W 311 -33.71 -46.95 -82.30
CA ILE W 311 -34.26 -47.06 -80.95
C ILE W 311 -34.89 -45.74 -80.52
N ARG W 312 -34.25 -44.61 -80.85
CA ARG W 312 -34.84 -43.32 -80.57
C ARG W 312 -36.20 -43.14 -81.24
N VAL W 313 -36.43 -43.85 -82.35
CA VAL W 313 -37.77 -43.89 -82.93
C VAL W 313 -38.65 -44.87 -82.17
N TRP W 314 -38.12 -46.08 -81.92
CA TRP W 314 -38.91 -47.13 -81.28
C TRP W 314 -39.41 -46.72 -79.91
N ARG W 315 -38.65 -45.87 -79.22
CA ARG W 315 -39.05 -45.38 -77.90
C ARG W 315 -40.16 -44.33 -77.97
N GLN W 316 -40.26 -43.58 -79.07
CA GLN W 316 -41.15 -42.43 -79.10
C GLN W 316 -42.40 -42.63 -79.94
N GLU W 317 -42.30 -43.30 -81.09
CA GLU W 317 -43.46 -43.51 -81.95
C GLU W 317 -44.16 -44.83 -81.69
N THR W 318 -43.56 -45.74 -80.94
CA THR W 318 -44.15 -47.06 -80.76
C THR W 318 -44.27 -47.48 -79.31
N ALA W 319 -43.33 -47.10 -78.45
CA ALA W 319 -43.22 -47.61 -77.09
C ALA W 319 -43.01 -46.48 -76.10
N GLY W 320 -43.88 -45.47 -76.15
CA GLY W 320 -43.74 -44.33 -75.26
C GLY W 320 -43.70 -44.73 -73.79
N TYR W 321 -44.60 -45.63 -73.39
CA TYR W 321 -44.53 -46.30 -72.09
C TYR W 321 -44.65 -45.35 -70.92
N ASP W 322 -43.63 -44.51 -70.71
CA ASP W 322 -43.46 -43.66 -69.52
C ASP W 322 -43.87 -44.40 -68.25
N SER W 323 -44.83 -43.85 -67.52
CA SER W 323 -45.46 -44.41 -66.32
C SER W 323 -44.55 -44.36 -65.09
N LYS W 324 -43.31 -43.91 -65.23
CA LYS W 324 -42.38 -43.66 -64.12
C LYS W 324 -42.02 -44.91 -63.32
N TYR W 325 -42.52 -46.07 -63.72
CA TYR W 325 -42.31 -47.32 -62.99
C TYR W 325 -41.55 -48.34 -63.82
N ALA W 326 -40.52 -47.90 -64.54
CA ALA W 326 -39.78 -48.81 -65.40
C ALA W 326 -38.37 -48.27 -65.62
N ALA W 327 -37.50 -49.17 -66.08
CA ALA W 327 -36.15 -48.80 -66.50
C ALA W 327 -35.77 -49.65 -67.70
N LEU W 328 -35.34 -49.01 -68.78
CA LEU W 328 -35.04 -49.68 -70.03
C LEU W 328 -33.53 -49.73 -70.24
N TYR W 329 -33.01 -50.90 -70.61
CA TYR W 329 -31.59 -51.08 -70.84
C TYR W 329 -31.38 -51.51 -72.29
N TYR W 330 -30.71 -50.66 -73.06
CA TYR W 330 -30.63 -50.77 -74.52
C TYR W 330 -29.79 -51.95 -75.00
N PRO W 331 -28.48 -51.99 -74.78
CA PRO W 331 -27.65 -52.95 -75.52
C PRO W 331 -27.70 -54.34 -74.93
N TRP W 332 -27.63 -55.34 -75.82
CA TRP W 332 -27.64 -56.73 -75.41
C TRP W 332 -26.22 -57.17 -75.04
N ILE W 333 -26.13 -58.29 -74.31
CA ILE W 333 -24.87 -58.78 -73.77
C ILE W 333 -24.58 -60.15 -74.37
N LYS W 334 -23.37 -60.32 -74.90
CA LYS W 334 -22.93 -61.61 -75.41
C LYS W 334 -22.31 -62.41 -74.27
N SER W 335 -22.81 -63.61 -74.03
CA SER W 335 -22.39 -64.44 -72.92
C SER W 335 -22.11 -65.86 -73.38
N PHE W 336 -21.41 -66.61 -72.54
CA PHE W 336 -21.00 -67.96 -72.83
C PHE W 336 -22.09 -68.96 -72.46
N ASP W 337 -22.10 -70.08 -73.17
CA ASP W 337 -23.02 -71.18 -72.91
C ASP W 337 -22.22 -72.47 -72.82
N PRO W 338 -22.22 -73.14 -71.67
CA PRO W 338 -21.44 -74.38 -71.54
C PRO W 338 -22.10 -75.59 -72.17
N ALA W 339 -23.41 -75.55 -72.44
CA ALA W 339 -24.07 -76.68 -73.08
C ALA W 339 -23.47 -76.94 -74.47
N THR W 340 -23.26 -75.88 -75.24
CA THR W 340 -22.50 -75.96 -76.48
C THR W 340 -21.13 -75.32 -76.38
N GLY W 341 -20.82 -74.66 -75.27
CA GLY W 341 -19.55 -73.97 -75.13
C GLY W 341 -19.34 -72.88 -76.15
N GLN W 342 -20.37 -72.07 -76.40
CA GLN W 342 -20.32 -71.07 -77.46
C GLN W 342 -20.88 -69.75 -76.95
N SER W 343 -20.48 -68.66 -77.60
CA SER W 343 -20.95 -67.33 -77.23
C SER W 343 -22.21 -66.98 -78.01
N ARG W 344 -23.18 -66.39 -77.32
CA ARG W 344 -24.43 -65.99 -77.94
C ARG W 344 -25.02 -64.81 -77.18
N LEU W 345 -25.90 -64.08 -77.86
CA LEU W 345 -26.45 -62.84 -77.34
C LEU W 345 -27.67 -63.09 -76.47
N VAL W 346 -27.74 -62.40 -75.33
CA VAL W 346 -28.90 -62.45 -74.44
C VAL W 346 -29.24 -61.06 -73.98
N PRO W 347 -30.51 -60.82 -73.68
CA PRO W 347 -30.91 -59.50 -73.17
C PRO W 347 -30.36 -59.27 -71.78
N PRO W 348 -30.16 -58.01 -71.38
CA PRO W 348 -29.67 -57.69 -70.03
C PRO W 348 -30.80 -57.56 -69.02
N SER W 349 -31.36 -58.69 -68.61
CA SER W 349 -32.50 -58.72 -67.70
C SER W 349 -32.09 -59.09 -66.28
N GLY W 350 -31.41 -60.23 -66.11
CA GLY W 350 -31.01 -60.65 -64.78
C GLY W 350 -29.78 -59.93 -64.24
N HIS W 351 -28.89 -59.49 -65.13
CA HIS W 351 -27.66 -58.86 -64.69
C HIS W 351 -27.94 -57.53 -63.98
N VAL W 352 -28.88 -56.74 -64.50
CA VAL W 352 -29.21 -55.48 -63.87
C VAL W 352 -29.88 -55.70 -62.52
N ALA W 353 -30.71 -56.74 -62.41
CA ALA W 353 -31.31 -57.06 -61.12
C ALA W 353 -30.25 -57.48 -60.11
N GLY W 354 -29.27 -58.28 -60.55
CA GLY W 354 -28.18 -58.65 -59.66
C GLY W 354 -27.35 -57.44 -59.23
N ILE W 355 -27.12 -56.51 -60.16
CA ILE W 355 -26.40 -55.29 -59.82
C ILE W 355 -27.17 -54.47 -58.80
N TRP W 356 -28.50 -54.37 -58.98
CA TRP W 356 -29.33 -53.67 -58.01
C TRP W 356 -29.25 -54.31 -56.63
N ALA W 357 -29.32 -55.65 -56.58
CA ALA W 357 -29.23 -56.34 -55.30
C ALA W 357 -27.86 -56.13 -54.66
N ARG W 358 -26.80 -56.18 -55.45
CA ARG W 358 -25.46 -55.95 -54.92
C ARG W 358 -25.32 -54.54 -54.36
N ASN W 359 -25.85 -53.54 -55.08
CA ASN W 359 -25.79 -52.17 -54.59
C ASN W 359 -26.61 -52.00 -53.31
N ASP W 360 -27.77 -52.64 -53.24
CA ASP W 360 -28.58 -52.55 -52.04
C ASP W 360 -27.98 -53.28 -50.85
N SER W 361 -27.14 -54.29 -51.12
CA SER W 361 -26.52 -55.03 -50.03
C SER W 361 -25.26 -54.33 -49.53
N GLU W 362 -24.33 -54.00 -50.44
CA GLU W 362 -23.08 -53.37 -50.02
C GLU W 362 -23.31 -51.99 -49.44
N ARG W 363 -24.05 -51.14 -50.14
CA ARG W 363 -24.37 -49.80 -49.70
C ARG W 363 -25.88 -49.67 -49.48
N GLY W 364 -26.30 -48.47 -49.10
CA GLY W 364 -27.71 -48.21 -48.91
C GLY W 364 -28.47 -48.16 -50.22
N VAL W 365 -29.79 -48.23 -50.10
CA VAL W 365 -30.66 -48.16 -51.27
C VAL W 365 -30.67 -46.78 -51.91
N HIS W 366 -30.14 -45.77 -51.23
CA HIS W 366 -30.11 -44.41 -51.77
C HIS W 366 -29.00 -44.20 -52.78
N LYS W 367 -28.09 -45.17 -52.94
CA LYS W 367 -27.00 -45.05 -53.91
C LYS W 367 -27.49 -45.51 -55.28
N ALA W 368 -27.32 -44.65 -56.27
CA ALA W 368 -27.78 -44.97 -57.62
C ALA W 368 -26.83 -45.98 -58.27
N PRO W 369 -27.34 -47.10 -58.78
CA PRO W 369 -26.47 -48.05 -59.46
C PRO W 369 -26.02 -47.55 -60.83
N ALA W 370 -25.16 -46.52 -60.82
CA ALA W 370 -24.73 -45.88 -62.06
C ALA W 370 -23.41 -46.40 -62.59
N ASN W 371 -22.48 -46.79 -61.72
CA ASN W 371 -21.15 -47.25 -62.13
C ASN W 371 -20.91 -48.62 -61.51
N GLU W 372 -21.35 -49.66 -62.21
CA GLU W 372 -21.14 -51.03 -61.78
C GLU W 372 -20.71 -51.88 -62.97
N VAL W 373 -19.90 -52.90 -62.69
CA VAL W 373 -19.32 -53.75 -63.72
C VAL W 373 -20.19 -55.00 -63.89
N VAL W 374 -20.52 -55.34 -65.13
CA VAL W 374 -21.28 -56.60 -65.39
C VAL W 374 -20.28 -57.76 -65.29
N ARG W 375 -20.40 -58.63 -64.29
CA ARG W 375 -19.35 -59.66 -64.04
C ARG W 375 -19.48 -60.90 -64.93
N GLY W 376 -20.46 -60.97 -65.81
CA GLY W 376 -20.63 -62.22 -66.59
C GLY W 376 -20.77 -62.01 -68.09
N ALA W 377 -20.08 -61.01 -68.65
CA ALA W 377 -20.22 -60.70 -70.09
C ALA W 377 -18.92 -61.01 -70.82
N VAL W 378 -18.88 -60.74 -72.13
CA VAL W 378 -17.63 -60.92 -72.92
C VAL W 378 -17.57 -59.80 -73.96
N ASP W 379 -18.69 -59.45 -74.60
CA ASP W 379 -18.72 -58.44 -75.66
C ASP W 379 -20.06 -57.70 -75.62
N LEU W 380 -20.25 -56.80 -76.58
CA LEU W 380 -21.49 -56.06 -76.70
C LEU W 380 -22.06 -56.00 -78.12
N GLU W 381 -21.25 -56.26 -79.14
CA GLU W 381 -21.66 -56.22 -80.55
C GLU W 381 -22.17 -54.85 -80.97
N LEU W 382 -21.77 -53.80 -80.25
CA LEU W 382 -22.14 -52.43 -80.58
C LEU W 382 -21.30 -51.49 -79.74
N GLN W 383 -20.97 -50.32 -80.31
CA GLN W 383 -20.16 -49.32 -79.65
C GLN W 383 -20.86 -47.97 -79.71
N ILE W 384 -20.82 -47.24 -78.60
CA ILE W 384 -21.48 -45.94 -78.48
C ILE W 384 -20.41 -44.89 -78.22
N THR W 385 -20.45 -43.81 -78.99
CA THR W 385 -19.55 -42.68 -78.81
C THR W 385 -20.17 -41.70 -77.82
N ARG W 386 -19.54 -40.52 -77.69
CA ARG W 386 -20.06 -39.49 -76.75
C ARG W 386 -21.32 -38.85 -77.35
N GLY W 387 -21.30 -38.57 -78.66
CA GLY W 387 -22.44 -37.92 -79.28
C GLY W 387 -23.70 -38.76 -79.25
N GLU W 388 -23.57 -40.06 -79.55
CA GLU W 388 -24.74 -40.94 -79.51
C GLU W 388 -25.30 -41.04 -78.10
N GLN W 389 -24.44 -41.13 -77.09
CA GLN W 389 -24.91 -41.12 -75.71
C GLN W 389 -25.59 -39.80 -75.37
N ASP W 390 -25.03 -38.68 -75.83
CA ASP W 390 -25.66 -37.38 -75.63
C ASP W 390 -26.99 -37.25 -76.35
N LEU W 391 -27.24 -38.07 -77.37
CA LEU W 391 -28.54 -38.11 -78.02
C LEU W 391 -29.52 -39.03 -77.30
N LEU W 392 -29.02 -40.02 -76.56
CA LEU W 392 -29.89 -40.95 -75.84
C LEU W 392 -30.09 -40.56 -74.38
N ASN W 393 -29.19 -39.76 -73.81
CA ASN W 393 -29.33 -39.35 -72.42
C ASN W 393 -30.60 -38.54 -72.14
N PRO W 394 -31.00 -37.56 -72.96
CA PRO W 394 -32.21 -36.79 -72.62
C PRO W 394 -33.46 -37.64 -72.50
N ILE W 395 -33.55 -38.75 -73.22
CA ILE W 395 -34.65 -39.68 -73.08
C ILE W 395 -34.24 -40.76 -72.09
N GLY W 396 -35.23 -41.48 -71.57
CA GLY W 396 -34.97 -42.46 -70.54
C GLY W 396 -34.33 -43.75 -71.02
N VAL W 397 -33.22 -43.64 -71.75
CA VAL W 397 -32.50 -44.79 -72.26
C VAL W 397 -31.13 -44.82 -71.60
N ASN W 398 -30.89 -45.87 -70.81
CA ASN W 398 -29.59 -46.06 -70.19
C ASN W 398 -28.63 -46.71 -71.20
N CYS W 399 -27.41 -46.98 -70.76
CA CYS W 399 -26.41 -47.54 -71.67
C CYS W 399 -25.47 -48.47 -70.90
N ILE W 400 -24.84 -49.35 -71.66
CA ILE W 400 -23.76 -50.21 -71.16
C ILE W 400 -22.54 -49.91 -72.00
N ARG W 401 -21.55 -49.27 -71.40
CA ARG W 401 -20.43 -48.70 -72.13
C ARG W 401 -19.14 -49.45 -71.83
N SER W 402 -18.29 -49.57 -72.85
CA SER W 402 -16.97 -50.17 -72.73
C SER W 402 -15.92 -49.08 -72.64
N PHE W 403 -15.13 -49.10 -71.57
CA PHE W 403 -14.11 -48.11 -71.32
C PHE W 403 -12.74 -48.73 -71.44
N PRO W 404 -11.80 -48.09 -72.14
CA PRO W 404 -10.48 -48.69 -72.37
C PRO W 404 -9.60 -48.67 -71.13
N GLY W 405 -9.77 -49.66 -70.26
CA GLY W 405 -9.00 -49.73 -69.03
C GLY W 405 -9.88 -50.06 -67.84
N ARG W 406 -11.20 -49.98 -68.05
CA ARG W 406 -12.15 -50.31 -67.00
C ARG W 406 -13.19 -51.33 -67.43
N GLY W 407 -13.29 -51.65 -68.71
CA GLY W 407 -14.17 -52.72 -69.14
C GLY W 407 -15.61 -52.30 -69.36
N ILE W 408 -16.54 -53.24 -69.16
CA ILE W 408 -17.96 -53.01 -69.41
C ILE W 408 -18.61 -52.51 -68.13
N ARG W 409 -19.28 -51.36 -68.21
CA ARG W 409 -19.90 -50.74 -67.04
C ARG W 409 -21.26 -50.19 -67.40
N VAL W 410 -22.15 -50.14 -66.41
CA VAL W 410 -23.44 -49.46 -66.59
C VAL W 410 -23.22 -47.95 -66.67
N TRP W 411 -24.18 -47.26 -67.28
CA TRP W 411 -24.03 -45.82 -67.48
C TRP W 411 -25.41 -45.18 -67.65
N GLY W 412 -25.74 -44.23 -66.79
CA GLY W 412 -26.88 -43.36 -66.99
C GLY W 412 -27.90 -43.32 -65.88
N ALA W 413 -28.27 -44.50 -65.35
CA ALA W 413 -29.15 -44.63 -64.18
C ALA W 413 -30.35 -43.68 -64.25
N ARG W 414 -31.20 -43.90 -65.24
CA ARG W 414 -32.40 -43.10 -65.41
C ARG W 414 -33.61 -44.01 -65.61
N THR W 415 -34.78 -43.39 -65.73
CA THR W 415 -36.05 -44.12 -65.86
C THR W 415 -36.90 -43.47 -66.95
N LEU W 416 -38.04 -44.12 -67.22
CA LEU W 416 -38.99 -43.65 -68.23
C LEU W 416 -40.06 -42.80 -67.53
N SER W 417 -39.86 -41.49 -67.53
CA SER W 417 -40.83 -40.59 -66.89
C SER W 417 -40.67 -39.20 -67.49
N SER W 418 -41.74 -38.69 -68.10
CA SER W 418 -41.69 -37.33 -68.63
C SER W 418 -41.68 -36.29 -67.51
N ASP W 419 -42.37 -36.58 -66.41
CA ASP W 419 -42.43 -35.66 -65.27
C ASP W 419 -41.04 -35.50 -64.66
N PRO W 420 -40.51 -34.27 -64.55
CA PRO W 420 -39.18 -34.09 -63.97
C PRO W 420 -39.10 -34.41 -62.48
N ALA W 421 -40.20 -34.75 -61.82
CA ALA W 421 -40.17 -35.05 -60.40
C ALA W 421 -39.53 -36.40 -60.11
N TRP W 422 -39.68 -37.37 -61.00
CA TRP W 422 -39.17 -38.71 -60.77
C TRP W 422 -38.17 -39.11 -61.85
N ARG W 423 -37.23 -38.22 -62.15
CA ARG W 423 -36.25 -38.50 -63.19
C ARG W 423 -35.35 -39.67 -62.82
N TYR W 424 -34.93 -39.74 -61.56
CA TYR W 424 -33.91 -40.68 -61.13
C TYR W 424 -34.53 -41.90 -60.45
N LEU W 425 -33.83 -43.03 -60.56
CA LEU W 425 -34.32 -44.29 -60.01
C LEU W 425 -34.19 -44.34 -58.50
N ASN W 426 -33.09 -43.79 -57.95
CA ASN W 426 -32.82 -43.93 -56.52
C ASN W 426 -33.88 -43.22 -55.69
N ILE W 427 -34.39 -42.09 -56.18
CA ILE W 427 -35.46 -41.38 -55.46
C ILE W 427 -36.70 -42.26 -55.37
N ARG W 428 -37.07 -42.90 -56.48
CA ARG W 428 -38.24 -43.78 -56.49
C ARG W 428 -38.04 -44.96 -55.55
N ARG W 429 -36.84 -45.56 -55.57
CA ARG W 429 -36.59 -46.71 -54.70
C ARG W 429 -36.66 -46.32 -53.23
N TYR W 430 -36.05 -45.17 -52.88
CA TYR W 430 -36.08 -44.72 -51.49
C TYR W 430 -37.50 -44.39 -51.05
N PHE W 431 -38.28 -43.75 -51.92
CA PHE W 431 -39.67 -43.44 -51.58
C PHE W 431 -40.49 -44.70 -51.39
N ASN W 432 -40.29 -45.71 -52.24
CA ASN W 432 -40.98 -46.98 -52.07
C ASN W 432 -40.61 -47.63 -50.74
N TYR W 433 -39.32 -47.62 -50.40
CA TYR W 433 -38.88 -48.19 -49.14
C TYR W 433 -39.52 -47.49 -47.94
N LEU W 434 -39.51 -46.15 -47.97
CA LEU W 434 -40.10 -45.39 -46.87
C LEU W 434 -41.60 -45.65 -46.76
N GLU W 435 -42.31 -45.66 -47.89
CA GLU W 435 -43.75 -45.90 -47.85
C GLU W 435 -44.07 -47.29 -47.32
N GLU W 436 -43.31 -48.30 -47.76
CA GLU W 436 -43.56 -49.65 -47.26
C GLU W 436 -43.30 -49.74 -45.76
N SER W 437 -42.19 -49.15 -45.29
CA SER W 437 -41.88 -49.20 -43.86
C SER W 437 -42.97 -48.51 -43.04
N ILE W 438 -43.40 -47.33 -43.49
CA ILE W 438 -44.42 -46.58 -42.76
C ILE W 438 -45.73 -47.35 -42.74
N LEU W 439 -46.13 -47.92 -43.88
CA LEU W 439 -47.39 -48.66 -43.93
C LEU W 439 -47.34 -49.89 -43.02
N ILE W 440 -46.22 -50.60 -43.01
CA ILE W 440 -46.14 -51.81 -42.18
C ILE W 440 -46.10 -51.46 -40.69
N GLY W 441 -45.33 -50.45 -40.29
CA GLY W 441 -45.12 -50.21 -38.87
C GLY W 441 -45.94 -49.08 -38.26
N THR W 442 -47.22 -48.97 -38.62
CA THR W 442 -48.05 -47.89 -38.09
C THR W 442 -49.46 -48.36 -37.72
N GLN W 443 -49.80 -49.63 -37.98
CA GLN W 443 -51.19 -50.07 -37.88
C GLN W 443 -51.77 -49.93 -36.48
N TRP W 444 -50.94 -49.79 -35.44
CA TRP W 444 -51.46 -49.71 -34.08
C TRP W 444 -52.17 -48.40 -33.78
N VAL W 445 -52.08 -47.40 -34.66
CA VAL W 445 -52.63 -46.08 -34.36
C VAL W 445 -54.13 -45.98 -34.58
N VAL W 446 -54.71 -46.92 -35.31
CA VAL W 446 -56.14 -46.87 -35.63
C VAL W 446 -56.96 -47.14 -34.38
N PHE W 447 -58.11 -46.47 -34.27
CA PHE W 447 -59.05 -46.62 -33.16
C PHE W 447 -58.38 -46.27 -31.83
N GLU W 448 -58.01 -45.00 -31.72
CA GLU W 448 -57.38 -44.43 -30.54
C GLU W 448 -58.18 -43.23 -30.04
N PRO W 449 -58.01 -42.85 -28.78
CA PRO W 449 -58.81 -41.74 -28.23
C PRO W 449 -58.63 -40.42 -28.97
N ASN W 450 -57.56 -40.25 -29.73
CA ASN W 450 -57.34 -39.08 -30.57
C ASN W 450 -57.25 -37.80 -29.73
N ASP W 451 -56.25 -37.80 -28.85
CA ASP W 451 -55.92 -36.62 -28.06
C ASP W 451 -54.50 -36.18 -28.40
N HIS W 452 -54.03 -35.10 -27.78
CA HIS W 452 -52.70 -34.59 -28.07
C HIS W 452 -51.57 -35.53 -27.66
N ASN W 453 -51.85 -36.46 -26.74
CA ASN W 453 -50.85 -37.48 -26.40
C ASN W 453 -50.55 -38.36 -27.61
N LEU W 454 -51.58 -38.73 -28.37
CA LEU W 454 -51.36 -39.51 -29.58
C LEU W 454 -50.52 -38.74 -30.59
N TRP W 455 -50.80 -37.44 -30.74
CA TRP W 455 -50.01 -36.62 -31.64
C TRP W 455 -48.55 -36.57 -31.21
N ALA W 456 -48.30 -36.41 -29.90
CA ALA W 456 -46.93 -36.39 -29.40
C ALA W 456 -46.23 -37.72 -29.66
N ARG W 457 -46.92 -38.83 -29.42
CA ARG W 457 -46.31 -40.14 -29.66
C ARG W 457 -45.97 -40.34 -31.14
N ILE W 458 -46.90 -39.98 -32.03
CA ILE W 458 -46.65 -40.13 -33.46
C ILE W 458 -45.48 -39.27 -33.90
N ARG W 459 -45.44 -38.02 -33.42
CA ARG W 459 -44.33 -37.14 -33.77
C ARG W 459 -43.00 -37.69 -33.27
N ARG W 460 -42.98 -38.21 -32.04
CA ARG W 460 -41.74 -38.76 -31.50
C ARG W 460 -41.27 -39.95 -32.33
N ASN W 461 -42.18 -40.85 -32.69
CA ASN W 461 -41.80 -42.04 -33.46
C ASN W 461 -41.27 -41.66 -34.83
N VAL W 462 -41.98 -40.76 -35.53
CA VAL W 462 -41.54 -40.36 -36.88
C VAL W 462 -40.21 -39.62 -36.81
N SER W 463 -40.03 -38.76 -35.81
CA SER W 463 -38.77 -38.03 -35.67
C SER W 463 -37.63 -38.98 -35.39
N ALA W 464 -37.83 -39.98 -34.54
CA ALA W 464 -36.78 -40.95 -34.27
C ALA W 464 -36.40 -41.72 -35.54
N PHE W 465 -37.41 -42.17 -36.29
CA PHE W 465 -37.12 -42.89 -37.52
C PHE W 465 -36.35 -42.02 -38.51
N LEU W 466 -36.76 -40.76 -38.67
CA LEU W 466 -36.10 -39.88 -39.62
C LEU W 466 -34.69 -39.54 -39.19
N VAL W 467 -34.47 -39.37 -37.87
CA VAL W 467 -33.12 -39.11 -37.37
C VAL W 467 -32.23 -40.31 -37.64
N ASN W 468 -32.73 -41.52 -37.39
CA ASN W 468 -31.94 -42.72 -37.65
C ASN W 468 -31.61 -42.84 -39.13
N GLU W 469 -32.57 -42.51 -40.01
CA GLU W 469 -32.29 -42.54 -41.44
C GLU W 469 -31.27 -41.48 -41.84
N TRP W 470 -31.35 -40.29 -41.25
CA TRP W 470 -30.46 -39.20 -41.65
C TRP W 470 -29.03 -39.43 -41.16
N ARG W 471 -28.86 -40.06 -40.00
CA ARG W 471 -27.50 -40.23 -39.48
C ARG W 471 -26.63 -41.14 -40.34
N ASN W 472 -27.21 -41.87 -41.29
CA ASN W 472 -26.44 -42.69 -42.22
C ASN W 472 -26.03 -41.93 -43.47
N GLY W 473 -26.37 -40.64 -43.57
CA GLY W 473 -26.00 -39.85 -44.74
C GLY W 473 -26.91 -39.99 -45.93
N ALA W 474 -28.15 -40.40 -45.73
CA ALA W 474 -29.11 -40.57 -46.81
C ALA W 474 -29.96 -39.33 -47.06
N LEU W 475 -29.75 -38.25 -46.31
CA LEU W 475 -30.50 -37.01 -46.48
C LEU W 475 -29.53 -35.84 -46.56
N PHE W 476 -29.91 -34.85 -47.36
CA PHE W 476 -29.05 -33.70 -47.63
C PHE W 476 -29.31 -32.62 -46.59
N GLY W 477 -28.33 -32.40 -45.71
CA GLY W 477 -28.43 -31.37 -44.71
C GLY W 477 -27.35 -31.44 -43.65
N GLN W 478 -26.82 -30.30 -43.24
CA GLN W 478 -25.74 -30.28 -42.21
C GLN W 478 -26.36 -30.52 -40.82
N SER W 479 -27.62 -30.13 -40.63
CA SER W 479 -28.30 -30.27 -39.36
C SER W 479 -29.63 -30.99 -39.56
N PRO W 480 -30.13 -31.67 -38.52
CA PRO W 480 -31.43 -32.35 -38.65
C PRO W 480 -32.56 -31.39 -38.97
N ASP W 481 -32.43 -30.13 -38.56
CA ASP W 481 -33.47 -29.15 -38.85
C ASP W 481 -33.60 -28.86 -40.34
N GLN W 482 -32.49 -28.99 -41.08
CA GLN W 482 -32.49 -28.72 -42.52
C GLN W 482 -32.74 -29.97 -43.36
N ALA W 483 -32.94 -31.13 -42.73
CA ALA W 483 -33.10 -32.38 -43.46
C ALA W 483 -34.54 -32.86 -43.54
N TYR W 484 -35.37 -32.56 -42.55
CA TYR W 484 -36.74 -33.06 -42.51
C TYR W 484 -37.58 -32.14 -41.64
N TYR W 485 -38.89 -32.28 -41.77
CA TYR W 485 -39.82 -31.56 -40.90
C TYR W 485 -41.11 -32.37 -40.77
N VAL W 486 -41.55 -32.54 -39.53
CA VAL W 486 -42.77 -33.28 -39.22
C VAL W 486 -43.69 -32.36 -38.43
N LYS W 487 -44.94 -32.23 -38.89
CA LYS W 487 -45.91 -31.33 -38.28
C LYS W 487 -47.16 -32.12 -37.90
N CYS W 488 -47.50 -32.08 -36.61
CA CYS W 488 -48.73 -32.70 -36.12
C CYS W 488 -49.11 -31.96 -34.82
N ASP W 489 -50.05 -31.03 -34.94
CA ASP W 489 -50.45 -30.20 -33.82
C ASP W 489 -51.85 -29.66 -34.08
N GLU W 490 -52.26 -28.67 -33.29
CA GLU W 490 -53.59 -28.09 -33.44
C GLU W 490 -53.69 -27.18 -34.67
N GLU W 491 -52.55 -26.79 -35.25
CA GLU W 491 -52.61 -25.96 -36.45
C GLU W 491 -53.06 -26.75 -37.68
N THR W 492 -52.63 -28.00 -37.79
CA THR W 492 -53.01 -28.85 -38.91
C THR W 492 -54.16 -29.79 -38.58
N ASN W 493 -54.70 -29.72 -37.36
CA ASN W 493 -55.81 -30.58 -36.93
C ASN W 493 -56.88 -29.70 -36.29
N PRO W 494 -57.67 -29.00 -37.11
CA PRO W 494 -58.74 -28.16 -36.57
C PRO W 494 -59.84 -29.00 -35.96
N PRO W 495 -60.66 -28.44 -35.07
CA PRO W 495 -61.74 -29.24 -34.46
C PRO W 495 -62.71 -29.82 -35.46
N GLU W 496 -62.97 -29.13 -36.58
CA GLU W 496 -63.83 -29.69 -37.61
C GLU W 496 -63.25 -30.97 -38.20
N SER W 497 -61.94 -30.98 -38.43
CA SER W 497 -61.29 -32.17 -38.96
C SER W 497 -61.30 -33.31 -37.94
N VAL W 498 -61.04 -33.01 -36.67
CA VAL W 498 -60.98 -34.05 -35.66
C VAL W 498 -62.37 -34.54 -35.30
N ASP W 499 -63.41 -33.80 -35.69
CA ASP W 499 -64.77 -34.26 -35.48
C ASP W 499 -65.03 -35.56 -36.24
N LEU W 500 -64.55 -35.64 -37.48
CA LEU W 500 -64.73 -36.82 -38.31
C LEU W 500 -63.75 -37.94 -37.96
N GLY W 501 -62.79 -37.69 -37.07
CA GLY W 501 -61.82 -38.70 -36.72
C GLY W 501 -60.73 -38.86 -37.76
N ARG W 502 -59.93 -37.81 -37.96
CA ARG W 502 -58.87 -37.81 -38.97
C ARG W 502 -57.56 -37.33 -38.35
N VAL W 503 -56.47 -37.94 -38.79
CA VAL W 503 -55.12 -37.54 -38.40
C VAL W 503 -54.30 -37.31 -39.67
N VAL W 504 -53.52 -36.24 -39.70
CA VAL W 504 -52.79 -35.82 -40.90
C VAL W 504 -51.31 -36.14 -40.79
N CYS W 505 -50.61 -35.54 -39.81
CA CYS W 505 -49.18 -35.78 -39.57
C CYS W 505 -48.35 -35.51 -40.82
N GLU W 506 -48.33 -34.24 -41.20
CA GLU W 506 -47.60 -33.84 -42.41
C GLU W 506 -46.11 -34.13 -42.25
N ILE W 507 -45.51 -34.72 -43.28
CA ILE W 507 -44.11 -35.11 -43.28
C ILE W 507 -43.44 -34.57 -44.54
N GLY W 508 -42.25 -33.99 -44.37
CA GLY W 508 -41.49 -33.53 -45.51
C GLY W 508 -40.01 -33.85 -45.37
N ILE W 509 -39.40 -34.39 -46.42
CA ILE W 509 -38.01 -34.80 -46.40
C ILE W 509 -37.28 -34.19 -47.59
N ALA W 510 -35.95 -34.14 -47.48
CA ALA W 510 -35.09 -33.63 -48.55
C ALA W 510 -34.16 -34.74 -49.01
N PRO W 511 -34.39 -35.34 -50.17
CA PRO W 511 -33.56 -36.45 -50.63
C PRO W 511 -32.24 -35.95 -51.21
N VAL W 512 -31.40 -36.91 -51.61
CA VAL W 512 -30.11 -36.63 -52.22
C VAL W 512 -30.14 -37.14 -53.65
N LYS W 513 -29.45 -36.44 -54.55
CA LYS W 513 -29.42 -36.81 -55.94
C LYS W 513 -28.00 -37.12 -56.39
N PRO W 514 -27.82 -38.06 -57.33
CA PRO W 514 -26.46 -38.40 -57.76
C PRO W 514 -25.82 -37.28 -58.56
N ALA W 515 -24.49 -37.24 -58.51
CA ALA W 515 -23.71 -36.27 -59.26
C ALA W 515 -23.34 -36.89 -60.61
N GLU W 516 -23.86 -36.29 -61.68
CA GLU W 516 -23.66 -36.82 -63.03
C GLU W 516 -22.55 -36.10 -63.79
N PHE W 517 -22.57 -34.77 -63.79
CA PHE W 517 -21.57 -33.97 -64.49
C PHE W 517 -20.63 -33.34 -63.48
N VAL W 518 -19.33 -33.61 -63.62
CA VAL W 518 -18.30 -33.03 -62.77
C VAL W 518 -17.49 -32.06 -63.62
N ILE W 519 -17.40 -30.81 -63.17
CA ILE W 519 -16.78 -29.73 -63.92
C ILE W 519 -15.66 -29.12 -63.10
N PHE W 520 -14.49 -28.99 -63.70
CA PHE W 520 -13.37 -28.24 -63.14
C PHE W 520 -13.17 -26.96 -63.95
N ARG W 521 -12.35 -26.07 -63.41
CA ARG W 521 -12.09 -24.78 -64.04
C ARG W 521 -10.66 -24.62 -64.53
N LEU W 522 -9.68 -24.84 -63.65
CA LEU W 522 -8.26 -24.72 -63.99
C LEU W 522 -7.94 -23.32 -64.55
N ALA W 523 -8.18 -22.32 -63.72
CA ALA W 523 -7.91 -20.94 -64.09
C ALA W 523 -6.53 -20.50 -63.59
N GLN W 524 -6.02 -19.45 -64.22
CA GLN W 524 -4.71 -18.89 -63.88
C GLN W 524 -4.93 -17.53 -63.22
N PHE W 525 -4.37 -17.35 -62.03
CA PHE W 525 -4.57 -16.14 -61.25
C PHE W 525 -3.24 -15.67 -60.68
N SER W 526 -3.20 -14.37 -60.35
CA SER W 526 -2.00 -13.76 -59.79
C SER W 526 -1.92 -14.01 -58.29
N PRO X 2 -63.91 -8.99 43.77
CA PRO X 2 -64.14 -9.27 45.18
C PRO X 2 -64.50 -8.03 45.98
N SER X 3 -64.92 -8.21 47.23
CA SER X 3 -65.30 -7.12 48.11
C SER X 3 -64.21 -6.88 49.15
N TYR X 4 -63.77 -5.64 49.27
CA TYR X 4 -62.76 -5.24 50.24
C TYR X 4 -63.39 -4.27 51.22
N LEU X 5 -63.48 -4.66 52.49
CA LEU X 5 -64.11 -3.84 53.51
C LEU X 5 -63.30 -3.68 54.78
N SER X 6 -62.35 -4.57 55.07
CA SER X 6 -61.54 -4.47 56.27
C SER X 6 -60.07 -4.66 55.92
N PRO X 7 -59.18 -3.99 56.65
CA PRO X 7 -57.74 -4.15 56.38
C PRO X 7 -57.28 -5.57 56.65
N GLY X 8 -56.28 -6.00 55.89
CA GLY X 8 -55.75 -7.34 56.04
C GLY X 8 -55.07 -7.79 54.76
N VAL X 9 -54.77 -9.08 54.72
CA VAL X 9 -54.13 -9.71 53.57
C VAL X 9 -55.09 -10.73 52.98
N TYR X 10 -55.33 -10.61 51.66
CA TYR X 10 -56.26 -11.48 50.96
C TYR X 10 -55.51 -12.25 49.88
N VAL X 11 -55.75 -13.56 49.81
CA VAL X 11 -55.13 -14.43 48.83
C VAL X 11 -56.23 -14.99 47.94
N GLU X 12 -56.13 -14.74 46.63
CA GLU X 12 -57.10 -15.21 45.66
C GLU X 12 -56.38 -15.85 44.48
N GLU X 13 -57.06 -16.78 43.83
CA GLU X 13 -56.51 -17.53 42.71
C GLU X 13 -57.23 -17.11 41.43
N VAL X 14 -56.46 -16.69 40.43
CA VAL X 14 -57.05 -16.34 39.14
C VAL X 14 -57.26 -17.61 38.31
N ALA X 15 -58.47 -17.73 37.74
CA ALA X 15 -58.87 -18.91 37.00
C ALA X 15 -58.08 -19.10 35.71
N SER X 16 -57.36 -18.07 35.28
CA SER X 16 -56.57 -18.15 34.05
C SER X 16 -55.50 -19.23 34.16
N GLY X 17 -55.58 -20.23 33.29
CA GLY X 17 -54.64 -21.33 33.31
C GLY X 17 -54.94 -22.31 32.21
N SER X 18 -54.66 -23.59 32.46
CA SER X 18 -54.88 -24.67 31.51
C SER X 18 -55.84 -25.69 32.09
N ARG X 19 -56.79 -26.13 31.27
CA ARG X 19 -57.78 -27.14 31.66
C ARG X 19 -57.79 -28.21 30.59
N PRO X 20 -56.90 -29.20 30.68
CA PRO X 20 -56.80 -30.22 29.63
C PRO X 20 -58.06 -31.08 29.55
N ILE X 21 -58.33 -31.57 28.35
CA ILE X 21 -59.47 -32.43 28.07
C ILE X 21 -58.95 -33.83 27.74
N GLU X 22 -59.48 -34.84 28.41
CA GLU X 22 -59.06 -36.21 28.23
C GLU X 22 -60.06 -36.99 27.39
N GLY X 23 -59.58 -38.10 26.83
CA GLY X 23 -60.41 -38.96 26.02
C GLY X 23 -61.25 -39.91 26.85
N VAL X 24 -61.95 -40.80 26.15
CA VAL X 24 -62.83 -41.78 26.77
C VAL X 24 -62.51 -43.16 26.22
N GLY X 25 -62.86 -44.19 26.98
CA GLY X 25 -62.62 -45.56 26.56
C GLY X 25 -63.73 -46.05 25.66
N THR X 26 -63.34 -46.62 24.51
CA THR X 26 -64.31 -47.11 23.54
C THR X 26 -64.14 -48.60 23.28
N SER X 27 -63.98 -49.37 24.35
CA SER X 27 -63.77 -50.82 24.23
C SER X 27 -64.70 -51.57 25.17
N VAL X 28 -65.97 -51.18 25.19
CA VAL X 28 -66.99 -51.84 25.99
C VAL X 28 -68.14 -52.24 25.07
N ALA X 29 -68.58 -53.50 25.19
CA ALA X 29 -69.66 -54.02 24.38
C ALA X 29 -70.71 -54.66 25.28
N ALA X 30 -71.97 -54.60 24.85
CA ALA X 30 -73.09 -55.14 25.61
C ALA X 30 -73.80 -56.19 24.77
N PHE X 31 -73.87 -57.40 25.29
CA PHE X 31 -74.49 -58.53 24.60
C PHE X 31 -75.79 -58.89 25.28
N VAL X 32 -76.85 -59.03 24.49
CA VAL X 32 -78.17 -59.40 24.98
C VAL X 32 -78.50 -60.78 24.42
N GLY X 33 -78.83 -61.71 25.31
CA GLY X 33 -79.10 -63.06 24.86
C GLY X 33 -79.77 -63.88 25.95
N LEU X 34 -79.87 -65.18 25.69
CA LEU X 34 -80.47 -66.13 26.63
C LEU X 34 -79.41 -67.07 27.18
N ALA X 35 -79.51 -67.36 28.47
CA ALA X 35 -78.57 -68.19 29.18
C ALA X 35 -79.34 -69.20 30.03
N PRO X 36 -78.75 -70.35 30.34
CA PRO X 36 -79.47 -71.35 31.15
C PRO X 36 -79.84 -70.86 32.54
N THR X 37 -78.87 -70.41 33.31
CA THR X 37 -79.13 -69.93 34.66
C THR X 37 -78.30 -68.67 34.92
N GLY X 38 -78.80 -67.83 35.82
CA GLY X 38 -78.13 -66.61 36.18
C GLY X 38 -79.10 -65.49 36.52
N PRO X 39 -78.57 -64.30 36.79
CA PRO X 39 -79.44 -63.15 37.06
C PRO X 39 -80.33 -62.83 35.87
N LEU X 40 -81.53 -62.36 36.17
CA LEU X 40 -82.54 -62.09 35.15
C LEU X 40 -82.76 -60.59 35.02
N ASN X 41 -82.70 -60.09 33.80
CA ASN X 41 -82.96 -58.68 33.48
C ASN X 41 -82.05 -57.75 34.27
N GLU X 42 -80.79 -58.14 34.42
CA GLU X 42 -79.80 -57.32 35.11
C GLU X 42 -78.55 -57.22 34.25
N PRO X 43 -78.09 -56.01 33.92
CA PRO X 43 -76.89 -55.88 33.08
C PRO X 43 -75.61 -56.18 33.85
N THR X 44 -75.26 -57.46 33.96
CA THR X 44 -74.07 -57.85 34.71
C THR X 44 -72.81 -57.43 33.97
N LEU X 45 -71.74 -57.21 34.73
CA LEU X 45 -70.45 -56.82 34.18
C LEU X 45 -69.47 -57.98 34.28
N VAL X 46 -68.84 -58.32 33.16
CA VAL X 46 -67.89 -59.42 33.10
C VAL X 46 -66.58 -58.91 32.51
N THR X 47 -65.46 -59.42 33.03
CA THR X 47 -64.15 -59.02 32.52
C THR X 47 -63.22 -60.21 32.29
N ASN X 48 -63.69 -61.44 32.51
CA ASN X 48 -62.88 -62.63 32.31
C ASN X 48 -63.83 -63.81 32.27
N TRP X 49 -63.46 -64.87 31.54
CA TRP X 49 -64.37 -66.02 31.36
C TRP X 49 -64.75 -66.63 32.73
N THR X 50 -63.81 -66.67 33.68
CA THR X 50 -64.12 -67.32 34.95
C THR X 50 -65.37 -66.71 35.58
N GLN X 51 -65.49 -65.38 35.51
CA GLN X 51 -66.69 -64.72 36.02
C GLN X 51 -67.94 -65.17 35.28
N TYR X 52 -67.85 -65.27 33.95
CA TYR X 52 -68.99 -65.72 33.16
C TYR X 52 -69.36 -67.16 33.50
N VAL X 53 -68.36 -68.02 33.68
CA VAL X 53 -68.62 -69.41 34.06
C VAL X 53 -69.31 -69.47 35.41
N ALA X 54 -68.81 -68.69 36.38
CA ALA X 54 -69.40 -68.71 37.71
C ALA X 54 -70.80 -68.10 37.74
N ALA X 55 -71.12 -67.18 36.82
CA ALA X 55 -72.42 -66.50 36.87
C ALA X 55 -73.46 -67.18 35.98
N PHE X 56 -73.20 -67.27 34.68
CA PHE X 56 -74.21 -67.69 33.71
C PHE X 56 -73.98 -69.11 33.18
N GLY X 57 -73.09 -69.88 33.78
CA GLY X 57 -72.79 -71.21 33.28
C GLY X 57 -71.92 -71.16 32.04
N ASP X 58 -71.77 -72.34 31.41
CA ASP X 58 -70.89 -72.45 30.24
C ASP X 58 -71.29 -73.69 29.44
N PHE X 59 -71.76 -73.46 28.21
CA PHE X 59 -71.93 -74.50 27.20
C PHE X 59 -72.77 -75.68 27.68
N THR X 60 -74.05 -75.43 27.99
CA THR X 60 -74.95 -76.51 28.41
C THR X 60 -76.32 -76.48 27.73
N GLY X 61 -76.73 -75.36 27.16
CA GLY X 61 -78.05 -75.28 26.56
C GLY X 61 -78.04 -75.12 25.06
N GLY X 62 -76.85 -75.10 24.46
CA GLY X 62 -76.74 -74.92 23.03
C GLY X 62 -77.20 -73.57 22.54
N TYR X 63 -76.85 -72.49 23.25
CA TYR X 63 -77.22 -71.14 22.88
C TYR X 63 -76.03 -70.40 22.29
N TYR X 64 -76.32 -69.28 21.63
CA TYR X 64 -75.30 -68.51 20.94
C TYR X 64 -74.65 -67.45 21.81
N LEU X 65 -75.10 -67.27 23.05
CA LEU X 65 -74.50 -66.26 23.92
C LEU X 65 -73.11 -66.69 24.37
N ALA X 66 -72.97 -67.95 24.79
CA ALA X 66 -71.67 -68.43 25.27
C ALA X 66 -70.62 -68.39 24.18
N HIS X 67 -70.99 -68.83 22.97
CA HIS X 67 -70.05 -68.79 21.85
C HIS X 67 -69.62 -67.37 21.53
N SER X 68 -70.57 -66.43 21.53
CA SER X 68 -70.24 -65.04 21.22
C SER X 68 -69.33 -64.45 22.29
N VAL X 69 -69.61 -64.73 23.57
CA VAL X 69 -68.77 -64.22 24.64
C VAL X 69 -67.36 -64.80 24.55
N TYR X 70 -67.26 -66.11 24.29
CA TYR X 70 -65.95 -66.74 24.16
C TYR X 70 -65.17 -66.17 22.98
N GLY X 71 -65.84 -65.92 21.86
CA GLY X 71 -65.17 -65.30 20.73
C GLY X 71 -64.74 -63.87 21.02
N PHE X 72 -65.57 -63.12 21.74
CA PHE X 72 -65.21 -61.74 22.10
C PHE X 72 -63.98 -61.73 22.99
N PHE X 73 -63.92 -62.62 23.97
CA PHE X 73 -62.75 -62.68 24.84
C PHE X 73 -61.54 -63.31 24.16
N ASN X 74 -61.76 -64.04 23.07
CA ASN X 74 -60.65 -64.64 22.34
C ASN X 74 -59.92 -63.62 21.47
N ASN X 75 -60.61 -62.57 21.03
CA ASN X 75 -60.03 -61.58 20.14
C ASN X 75 -59.49 -60.35 20.87
N GLY X 76 -59.27 -60.47 22.18
CA GLY X 76 -58.69 -59.38 22.93
C GLY X 76 -59.66 -58.42 23.58
N GLY X 77 -60.84 -58.90 23.98
CA GLY X 77 -61.78 -58.04 24.67
C GLY X 77 -61.30 -57.66 26.06
N SER X 78 -61.83 -56.55 26.56
CA SER X 78 -61.44 -56.00 27.85
C SER X 78 -62.55 -56.11 28.89
N ALA X 79 -63.73 -55.56 28.60
CA ALA X 79 -64.84 -55.59 29.54
C ALA X 79 -66.14 -55.67 28.75
N ALA X 80 -67.11 -56.41 29.28
CA ALA X 80 -68.36 -56.63 28.59
C ALA X 80 -69.53 -56.54 29.58
N TYR X 81 -70.70 -56.21 29.03
CA TYR X 81 -71.95 -56.23 29.76
C TYR X 81 -72.82 -57.34 29.19
N VAL X 82 -73.53 -58.05 30.07
CA VAL X 82 -74.35 -59.19 29.70
C VAL X 82 -75.77 -58.97 30.19
N VAL X 83 -76.73 -59.17 29.30
CA VAL X 83 -78.15 -59.13 29.64
C VAL X 83 -78.77 -60.47 29.25
N ARG X 84 -79.47 -61.09 30.19
CA ARG X 84 -80.09 -62.39 29.99
C ARG X 84 -81.60 -62.22 29.99
N VAL X 85 -82.20 -62.30 28.79
CA VAL X 85 -83.64 -62.14 28.66
C VAL X 85 -84.37 -63.33 29.27
N GLY X 86 -83.90 -64.53 28.97
CA GLY X 86 -84.55 -65.73 29.45
C GLY X 86 -83.66 -66.94 29.30
N GLY X 87 -84.27 -68.11 29.40
CA GLY X 87 -83.55 -69.36 29.24
C GLY X 87 -84.31 -70.50 29.89
N SER X 88 -83.62 -71.64 29.98
CA SER X 88 -84.19 -72.84 30.58
C SER X 88 -83.06 -73.71 31.08
N ALA X 89 -83.41 -74.65 31.96
CA ALA X 89 -82.46 -75.59 32.55
C ALA X 89 -82.97 -77.01 32.41
N GLU X 90 -83.64 -77.31 31.31
CA GLU X 90 -84.20 -78.64 31.08
C GLU X 90 -83.54 -79.32 29.89
N GLY X 249 -83.83 -55.04 27.38
CA GLY X 249 -82.95 -54.75 28.50
C GLY X 249 -82.81 -53.27 28.79
N GLY X 250 -82.37 -52.94 30.00
CA GLY X 250 -82.21 -51.56 30.40
C GLY X 250 -80.81 -51.03 30.13
N LEU X 251 -80.42 -50.98 28.86
CA LEU X 251 -79.10 -50.50 28.48
C LEU X 251 -79.02 -48.98 28.41
N GLU X 252 -80.14 -48.28 28.58
CA GLU X 252 -80.12 -46.82 28.52
C GLU X 252 -79.53 -46.18 29.78
N ALA X 253 -79.44 -46.92 30.88
CA ALA X 253 -78.88 -46.39 32.11
C ALA X 253 -77.36 -46.46 32.15
N ILE X 254 -76.73 -47.15 31.19
CA ILE X 254 -75.28 -47.29 31.16
C ILE X 254 -74.72 -46.24 30.23
N ASP X 255 -73.50 -45.79 30.52
CA ASP X 255 -72.86 -44.72 29.76
C ASP X 255 -71.63 -45.19 28.99
N GLU X 256 -70.85 -46.12 29.55
CA GLU X 256 -69.59 -46.52 28.93
C GLU X 256 -69.77 -47.46 27.75
N ILE X 257 -70.99 -47.96 27.50
CA ILE X 257 -71.20 -48.90 26.41
C ILE X 257 -70.93 -48.20 25.07
N SER X 258 -70.15 -48.85 24.22
CA SER X 258 -69.82 -48.32 22.91
C SER X 258 -70.42 -49.11 21.76
N MET X 259 -70.87 -50.34 22.00
CA MET X 259 -71.50 -51.15 20.96
C MET X 259 -72.42 -52.15 21.62
N VAL X 260 -73.48 -52.52 20.90
CA VAL X 260 -74.50 -53.44 21.40
C VAL X 260 -74.72 -54.54 20.37
N ALA X 261 -74.92 -55.76 20.86
CA ALA X 261 -75.15 -56.91 20.00
C ALA X 261 -76.21 -57.82 20.62
N VAL X 262 -76.92 -58.54 19.75
CA VAL X 262 -77.90 -59.53 20.17
C VAL X 262 -77.52 -60.85 19.51
N PRO X 263 -76.49 -61.53 19.99
CA PRO X 263 -75.97 -62.70 19.26
C PRO X 263 -76.99 -63.82 19.10
N ASP X 264 -77.84 -64.04 20.10
CA ASP X 264 -78.78 -65.16 20.07
C ASP X 264 -80.15 -64.56 19.75
N LEU X 265 -80.40 -64.38 18.46
CA LEU X 265 -81.69 -63.99 17.90
C LEU X 265 -82.12 -64.92 16.78
N MET X 266 -81.18 -65.42 15.97
CA MET X 266 -81.52 -66.35 14.90
C MET X 266 -81.90 -67.72 15.44
N ALA X 267 -81.54 -68.03 16.70
CA ALA X 267 -81.91 -69.30 17.29
C ALA X 267 -83.43 -69.44 17.38
N ALA X 268 -84.11 -68.39 17.85
CA ALA X 268 -85.56 -68.43 17.91
C ALA X 268 -86.17 -68.53 16.51
N TYR X 269 -85.53 -67.89 15.52
CA TYR X 269 -86.01 -67.99 14.16
C TYR X 269 -85.82 -69.40 13.60
N GLN X 270 -84.77 -70.10 14.02
CA GLN X 270 -84.48 -71.42 13.45
C GLN X 270 -85.45 -72.47 13.95
N ARG X 271 -85.73 -72.48 15.27
CA ARG X 271 -86.58 -73.51 15.86
C ARG X 271 -87.95 -73.01 16.27
N GLY X 272 -88.03 -71.81 16.87
CA GLY X 272 -89.30 -71.30 17.35
C GLY X 272 -90.25 -70.80 16.27
N ALA X 273 -89.75 -70.59 15.05
CA ALA X 273 -90.55 -70.09 13.94
C ALA X 273 -91.22 -68.77 14.30
N ILE X 274 -90.39 -67.76 14.58
CA ILE X 274 -90.86 -66.45 15.00
C ILE X 274 -91.05 -65.53 13.79
N ASP X 275 -91.02 -66.09 12.57
CA ASP X 275 -91.23 -65.34 11.34
C ASP X 275 -90.13 -64.29 11.13
N LEU X 276 -90.23 -63.52 10.04
CA LEU X 276 -89.26 -62.49 9.76
C LEU X 276 -89.69 -61.11 10.25
N GLU X 277 -90.99 -60.89 10.43
CA GLU X 277 -91.48 -59.59 10.88
C GLU X 277 -90.98 -59.27 12.28
N ALA X 278 -90.99 -60.25 13.18
CA ALA X 278 -90.50 -60.03 14.54
C ALA X 278 -89.02 -59.68 14.54
N VAL X 279 -88.22 -60.40 13.75
CA VAL X 279 -86.79 -60.12 13.67
C VAL X 279 -86.56 -58.72 13.11
N LYS X 280 -87.29 -58.35 12.05
CA LYS X 280 -87.15 -57.03 11.47
C LYS X 280 -87.52 -55.94 12.49
N ALA X 281 -88.61 -56.16 13.24
CA ALA X 281 -89.02 -55.17 14.23
C ALA X 281 -87.98 -55.04 15.34
N VAL X 282 -87.42 -56.17 15.80
CA VAL X 282 -86.40 -56.11 16.85
C VAL X 282 -85.16 -55.36 16.36
N GLN X 283 -84.71 -55.66 15.14
CA GLN X 283 -83.54 -54.98 14.61
C GLN X 283 -83.81 -53.49 14.39
N LEU X 284 -85.01 -53.13 13.92
CA LEU X 284 -85.36 -51.73 13.76
C LEU X 284 -85.40 -51.01 15.10
N GLY X 285 -85.91 -51.67 16.14
CA GLY X 285 -85.90 -51.07 17.47
C GLY X 285 -84.51 -50.86 17.99
N LEU X 286 -83.62 -51.83 17.78
CA LEU X 286 -82.22 -51.66 18.17
C LEU X 286 -81.57 -50.51 17.42
N ILE X 287 -81.85 -50.39 16.13
CA ILE X 287 -81.31 -49.29 15.32
C ILE X 287 -81.82 -47.95 15.85
N ALA X 288 -83.11 -47.87 16.17
CA ALA X 288 -83.67 -46.64 16.70
C ALA X 288 -83.07 -46.27 18.04
N HIS X 289 -82.85 -47.27 18.90
CA HIS X 289 -82.20 -47.00 20.19
C HIS X 289 -80.78 -46.49 19.99
N CYS X 290 -80.03 -47.09 19.07
CA CYS X 290 -78.67 -46.63 18.79
C CYS X 290 -78.68 -45.20 18.27
N GLU X 291 -79.63 -44.88 17.37
CA GLU X 291 -79.71 -43.53 16.84
C GLU X 291 -80.08 -42.53 17.94
N LEU X 292 -81.01 -42.89 18.82
CA LEU X 292 -81.41 -42.00 19.90
C LEU X 292 -80.26 -41.74 20.86
N MET X 293 -79.50 -42.79 21.21
CA MET X 293 -78.38 -42.59 22.14
C MET X 293 -77.31 -41.69 21.52
N GLY X 294 -77.01 -41.88 20.24
CA GLY X 294 -76.01 -41.06 19.58
C GLY X 294 -74.59 -41.34 19.96
N ASP X 295 -74.33 -42.49 20.60
CA ASP X 295 -72.98 -42.83 21.03
C ASP X 295 -72.57 -44.25 20.66
N ARG X 296 -73.50 -45.13 20.31
CA ARG X 296 -73.21 -46.55 20.11
C ARG X 296 -73.43 -46.93 18.65
N VAL X 297 -72.82 -48.05 18.27
CA VAL X 297 -72.86 -48.56 16.89
C VAL X 297 -73.36 -49.99 16.93
N ALA X 298 -74.26 -50.33 16.01
CA ALA X 298 -74.91 -51.63 15.98
C ALA X 298 -74.23 -52.55 14.99
N ILE X 299 -74.21 -53.85 15.33
CA ILE X 299 -73.67 -54.89 14.46
C ILE X 299 -74.80 -55.82 14.07
N ILE X 300 -74.94 -56.06 12.77
CA ILE X 300 -76.06 -56.82 12.23
C ILE X 300 -75.54 -58.01 11.44
N ASP X 301 -76.32 -59.08 11.44
CA ASP X 301 -76.05 -60.31 10.70
C ASP X 301 -77.29 -60.71 9.91
N PRO X 302 -77.11 -61.39 8.79
CA PRO X 302 -78.26 -61.80 7.97
C PRO X 302 -78.75 -63.17 8.36
N PRO X 303 -79.89 -63.61 7.82
CA PRO X 303 -80.36 -64.98 8.07
C PRO X 303 -79.35 -65.99 7.56
N PRO X 304 -79.30 -67.18 8.16
CA PRO X 304 -78.19 -68.12 7.91
C PRO X 304 -78.04 -68.56 6.45
N ASN X 305 -79.08 -69.14 5.86
CA ASN X 305 -78.93 -69.81 4.58
C ASN X 305 -79.29 -68.91 3.42
N GLN X 306 -78.30 -68.18 2.91
CA GLN X 306 -78.46 -67.35 1.72
C GLN X 306 -77.16 -67.38 0.92
N ASN X 307 -77.27 -66.98 -0.35
CA ASN X 307 -76.12 -66.84 -1.23
C ASN X 307 -76.27 -65.54 -2.02
N ALA X 308 -75.45 -65.39 -3.05
CA ALA X 308 -75.52 -64.20 -3.89
C ALA X 308 -76.85 -64.13 -4.60
N ARG X 309 -77.26 -62.91 -4.99
CA ARG X 309 -78.52 -62.63 -5.67
C ARG X 309 -79.72 -62.81 -4.73
N GLN X 310 -79.46 -63.25 -3.51
CA GLN X 310 -80.49 -63.28 -2.46
C GLN X 310 -80.26 -62.22 -1.40
N ILE X 311 -79.06 -62.17 -0.82
CA ILE X 311 -78.77 -61.13 0.16
C ILE X 311 -78.90 -59.75 -0.45
N ARG X 312 -78.42 -59.58 -1.69
CA ARG X 312 -78.58 -58.32 -2.39
C ARG X 312 -80.05 -57.95 -2.56
N VAL X 313 -80.95 -58.94 -2.56
CA VAL X 313 -82.37 -58.64 -2.50
C VAL X 313 -82.80 -58.34 -1.07
N TRP X 314 -82.37 -59.18 -0.12
CA TRP X 314 -82.80 -59.05 1.27
C TRP X 314 -82.39 -57.70 1.86
N ARG X 315 -81.29 -57.14 1.38
CA ARG X 315 -80.82 -55.83 1.84
C ARG X 315 -81.65 -54.68 1.27
N GLN X 316 -82.25 -54.84 0.10
CA GLN X 316 -82.86 -53.71 -0.58
C GLN X 316 -84.37 -53.72 -0.57
N GLU X 317 -85.02 -54.88 -0.72
CA GLU X 317 -86.47 -54.95 -0.73
C GLU X 317 -87.07 -55.26 0.63
N THR X 318 -86.27 -55.65 1.61
CA THR X 318 -86.81 -56.05 2.90
C THR X 318 -86.16 -55.36 4.08
N ALA X 319 -84.86 -55.08 4.01
CA ALA X 319 -84.08 -54.62 5.15
C ALA X 319 -83.22 -53.42 4.78
N GLY X 320 -83.84 -52.40 4.18
CA GLY X 320 -83.10 -51.23 3.76
C GLY X 320 -82.30 -50.59 4.89
N TYR X 321 -82.92 -50.44 6.06
CA TYR X 321 -82.23 -50.10 7.29
C TYR X 321 -81.56 -48.72 7.24
N ASP X 322 -80.51 -48.60 6.44
CA ASP X 322 -79.61 -47.44 6.40
C ASP X 322 -79.33 -46.91 7.80
N SER X 323 -79.65 -45.64 8.05
CA SER X 323 -79.57 -44.94 9.32
C SER X 323 -78.14 -44.62 9.74
N LYS X 324 -77.13 -45.04 8.98
CA LYS X 324 -75.72 -44.68 9.17
C LYS X 324 -75.14 -45.14 10.50
N TYR X 325 -75.91 -45.85 11.31
CA TYR X 325 -75.48 -46.26 12.65
C TYR X 325 -75.45 -47.78 12.77
N ALA X 326 -74.94 -48.47 11.74
CA ALA X 326 -74.92 -49.92 11.78
C ALA X 326 -73.82 -50.43 10.86
N ALA X 327 -73.46 -51.71 11.07
CA ALA X 327 -72.54 -52.41 10.19
C ALA X 327 -72.99 -53.85 10.08
N LEU X 328 -73.16 -54.33 8.85
CA LEU X 328 -73.69 -55.67 8.58
C LEU X 328 -72.56 -56.57 8.10
N TYR X 329 -72.47 -57.77 8.68
CA TYR X 329 -71.46 -58.75 8.31
C TYR X 329 -72.13 -59.99 7.77
N TYR X 330 -71.91 -60.29 6.48
CA TYR X 330 -72.67 -61.28 5.74
C TYR X 330 -72.39 -62.72 6.17
N PRO X 331 -71.19 -63.26 5.97
CA PRO X 331 -71.03 -64.72 6.09
C PRO X 331 -70.92 -65.19 7.53
N TRP X 332 -71.47 -66.38 7.77
CA TRP X 332 -71.42 -66.99 9.09
C TRP X 332 -70.10 -67.73 9.28
N ILE X 333 -69.76 -68.02 10.54
CA ILE X 333 -68.48 -68.62 10.89
C ILE X 333 -68.74 -69.97 11.55
N LYS X 334 -68.06 -71.00 11.07
CA LYS X 334 -68.14 -72.32 11.67
C LYS X 334 -67.08 -72.43 12.77
N SER X 335 -67.52 -72.77 13.97
CA SER X 335 -66.65 -72.80 15.14
C SER X 335 -66.85 -74.10 15.92
N PHE X 336 -65.90 -74.39 16.79
CA PHE X 336 -65.88 -75.60 17.58
C PHE X 336 -66.69 -75.44 18.85
N ASP X 337 -67.24 -76.56 19.33
CA ASP X 337 -67.98 -76.60 20.59
C ASP X 337 -67.42 -77.73 21.42
N PRO X 338 -66.87 -77.44 22.61
CA PRO X 338 -66.31 -78.52 23.44
C PRO X 338 -67.34 -79.32 24.20
N ALA X 339 -68.57 -78.80 24.36
CA ALA X 339 -69.60 -79.55 25.06
C ALA X 339 -69.90 -80.85 24.33
N THR X 340 -70.03 -80.79 23.00
CA THR X 340 -70.11 -81.97 22.17
C THR X 340 -68.85 -82.22 21.36
N GLY X 341 -67.89 -81.27 21.39
CA GLY X 341 -66.69 -81.41 20.60
C GLY X 341 -66.95 -81.47 19.10
N GLN X 342 -67.84 -80.61 18.60
CA GLN X 342 -68.26 -80.67 17.21
C GLN X 342 -68.28 -79.27 16.62
N SER X 343 -68.19 -79.21 15.30
CA SER X 343 -68.20 -77.93 14.58
C SER X 343 -69.62 -77.56 14.20
N ARG X 344 -69.97 -76.29 14.39
CA ARG X 344 -71.30 -75.80 14.06
C ARG X 344 -71.22 -74.32 13.71
N LEU X 345 -72.24 -73.85 13.00
CA LEU X 345 -72.24 -72.49 12.47
C LEU X 345 -72.81 -71.51 13.49
N VAL X 346 -72.15 -70.35 13.61
CA VAL X 346 -72.62 -69.26 14.46
C VAL X 346 -72.47 -67.95 13.71
N PRO X 347 -73.32 -66.97 14.04
CA PRO X 347 -73.21 -65.66 13.40
C PRO X 347 -71.96 -64.94 13.85
N PRO X 348 -71.42 -64.04 13.04
CA PRO X 348 -70.23 -63.26 13.43
C PRO X 348 -70.58 -61.99 14.19
N SER X 349 -70.95 -62.15 15.46
CA SER X 349 -71.39 -61.04 16.29
C SER X 349 -70.31 -60.60 17.28
N GLY X 350 -69.79 -61.53 18.08
CA GLY X 350 -68.78 -61.18 19.06
C GLY X 350 -67.39 -61.03 18.48
N HIS X 351 -67.09 -61.75 17.40
CA HIS X 351 -65.75 -61.71 16.81
C HIS X 351 -65.43 -60.33 16.25
N VAL X 352 -66.41 -59.69 15.60
CA VAL X 352 -66.16 -58.36 15.05
C VAL X 352 -66.00 -57.34 16.16
N ALA X 353 -66.75 -57.49 17.26
CA ALA X 353 -66.57 -56.61 18.41
C ALA X 353 -65.19 -56.78 19.01
N GLY X 354 -64.71 -58.02 19.13
CA GLY X 354 -63.37 -58.25 19.63
C GLY X 354 -62.31 -57.67 18.71
N ILE X 355 -62.51 -57.77 17.39
CA ILE X 355 -61.58 -57.18 16.45
C ILE X 355 -61.56 -55.68 16.59
N TRP X 356 -62.73 -55.06 16.76
CA TRP X 356 -62.80 -53.62 16.97
C TRP X 356 -62.05 -53.21 18.24
N ALA X 357 -62.24 -53.96 19.32
CA ALA X 357 -61.54 -53.65 20.57
C ALA X 357 -60.04 -53.80 20.41
N ARG X 358 -59.59 -54.85 19.71
CA ARG X 358 -58.17 -55.06 19.48
C ARG X 358 -57.58 -53.93 18.66
N ASN X 359 -58.30 -53.49 17.61
CA ASN X 359 -57.81 -52.38 16.80
C ASN X 359 -57.75 -51.08 17.60
N ASP X 360 -58.75 -50.85 18.45
CA ASP X 360 -58.74 -49.65 19.27
C ASP X 360 -57.67 -49.68 20.35
N SER X 361 -57.26 -50.87 20.77
CA SER X 361 -56.22 -50.98 21.80
C SER X 361 -54.82 -50.87 21.20
N GLU X 362 -54.53 -51.69 20.19
CA GLU X 362 -53.19 -51.69 19.60
C GLU X 362 -52.89 -50.36 18.91
N ARG X 363 -53.79 -49.91 18.05
CA ARG X 363 -53.64 -48.65 17.33
C ARG X 363 -54.75 -47.68 17.75
N GLY X 364 -54.74 -46.50 17.14
CA GLY X 364 -55.76 -45.52 17.42
C GLY X 364 -57.11 -45.91 16.84
N VAL X 365 -58.14 -45.21 17.31
CA VAL X 365 -59.49 -45.45 16.83
C VAL X 365 -59.69 -45.00 15.39
N HIS X 366 -58.75 -44.22 14.84
CA HIS X 366 -58.87 -43.74 13.47
C HIS X 366 -58.49 -44.80 12.44
N LYS X 367 -57.94 -45.93 12.87
CA LYS X 367 -57.57 -47.00 11.94
C LYS X 367 -58.78 -47.87 11.65
N ALA X 368 -59.09 -48.04 10.38
CA ALA X 368 -60.25 -48.84 9.98
C ALA X 368 -59.95 -50.32 10.15
N PRO X 369 -60.79 -51.06 10.88
CA PRO X 369 -60.57 -52.51 11.01
C PRO X 369 -60.89 -53.25 9.72
N ALA X 370 -60.06 -53.06 8.70
CA ALA X 370 -60.32 -53.63 7.39
C ALA X 370 -59.58 -54.94 7.14
N ASN X 371 -58.38 -55.11 7.69
CA ASN X 371 -57.56 -56.31 7.46
C ASN X 371 -57.20 -56.90 8.82
N GLU X 372 -58.07 -57.73 9.36
CA GLU X 372 -57.83 -58.41 10.62
C GLU X 372 -58.23 -59.88 10.49
N VAL X 373 -57.54 -60.73 11.23
CA VAL X 373 -57.73 -62.17 11.16
C VAL X 373 -58.69 -62.61 12.27
N VAL X 374 -59.65 -63.45 11.92
CA VAL X 374 -60.68 -63.89 12.91
C VAL X 374 -60.19 -65.16 13.63
N ARG X 375 -59.42 -65.00 14.71
CA ARG X 375 -58.98 -66.18 15.50
C ARG X 375 -60.21 -66.88 16.06
N GLY X 376 -60.21 -68.21 16.08
CA GLY X 376 -61.35 -68.97 16.64
C GLY X 376 -62.33 -69.44 15.59
N ALA X 377 -61.93 -69.44 14.31
CA ALA X 377 -62.82 -69.90 13.22
C ALA X 377 -62.12 -70.99 12.41
N VAL X 378 -62.87 -71.95 11.87
CA VAL X 378 -62.28 -73.08 11.11
C VAL X 378 -62.69 -72.99 9.64
N ASP X 379 -63.93 -72.63 9.31
CA ASP X 379 -64.42 -72.65 7.93
C ASP X 379 -65.41 -71.51 7.73
N LEU X 380 -66.00 -71.44 6.54
CA LEU X 380 -66.99 -70.44 6.22
C LEU X 380 -68.24 -70.99 5.52
N GLU X 381 -68.17 -72.17 4.93
CA GLU X 381 -69.28 -72.81 4.22
C GLU X 381 -69.76 -71.97 3.04
N LEU X 382 -68.92 -71.09 2.52
CA LEU X 382 -69.23 -70.26 1.37
C LEU X 382 -67.96 -69.60 0.87
N GLN X 383 -67.87 -69.40 -0.44
CA GLN X 383 -66.71 -68.78 -1.07
C GLN X 383 -67.16 -67.64 -1.97
N ILE X 384 -66.42 -66.55 -1.93
CA ILE X 384 -66.74 -65.34 -2.70
C ILE X 384 -65.59 -65.07 -3.66
N THR X 385 -65.92 -64.87 -4.93
CA THR X 385 -64.94 -64.52 -5.94
C THR X 385 -64.79 -63.00 -5.99
N ARG X 386 -64.05 -62.52 -7.00
CA ARG X 386 -63.83 -61.05 -7.14
C ARG X 386 -65.13 -60.40 -7.64
N GLY X 387 -65.80 -61.03 -8.61
CA GLY X 387 -67.01 -60.44 -9.17
C GLY X 387 -68.12 -60.30 -8.16
N GLU X 388 -68.34 -61.34 -7.34
CA GLU X 388 -69.39 -61.28 -6.33
C GLU X 388 -69.08 -60.20 -5.31
N GLN X 389 -67.83 -60.07 -4.89
CA GLN X 389 -67.45 -58.98 -4.00
C GLN X 389 -67.66 -57.62 -4.66
N ASP X 390 -67.31 -57.50 -5.94
CA ASP X 390 -67.57 -56.27 -6.68
C ASP X 390 -69.05 -55.95 -6.82
N LEU X 391 -69.92 -56.96 -6.70
CA LEU X 391 -71.36 -56.74 -6.69
C LEU X 391 -71.87 -56.35 -5.31
N LEU X 392 -71.17 -56.76 -4.25
CA LEU X 392 -71.60 -56.45 -2.88
C LEU X 392 -70.91 -55.23 -2.31
N ASN X 393 -69.76 -54.84 -2.85
CA ASN X 393 -69.06 -53.67 -2.34
C ASN X 393 -69.84 -52.36 -2.49
N PRO X 394 -70.50 -52.06 -3.61
CA PRO X 394 -71.23 -50.78 -3.70
C PRO X 394 -72.29 -50.60 -2.63
N ILE X 395 -72.89 -51.68 -2.16
CA ILE X 395 -73.84 -51.61 -1.05
C ILE X 395 -73.08 -51.87 0.24
N GLY X 396 -73.70 -51.50 1.36
CA GLY X 396 -73.03 -51.59 2.64
C GLY X 396 -72.93 -52.99 3.20
N VAL X 397 -72.40 -53.92 2.41
CA VAL X 397 -72.24 -55.31 2.83
C VAL X 397 -70.75 -55.61 2.86
N ASN X 398 -70.23 -55.89 4.06
CA ASN X 398 -68.84 -56.29 4.22
C ASN X 398 -68.70 -57.78 3.91
N CYS X 399 -67.47 -58.28 4.04
CA CYS X 399 -67.22 -59.68 3.70
C CYS X 399 -66.14 -60.25 4.61
N ILE X 400 -66.14 -61.58 4.70
CA ILE X 400 -65.08 -62.33 5.38
C ILE X 400 -64.51 -63.28 4.34
N ARG X 401 -63.27 -63.01 3.91
CA ARG X 401 -62.69 -63.68 2.76
C ARG X 401 -61.55 -64.60 3.17
N SER X 402 -61.43 -65.71 2.47
CA SER X 402 -60.36 -66.67 2.66
C SER X 402 -59.31 -66.47 1.58
N PHE X 403 -58.07 -66.23 1.99
CA PHE X 403 -56.97 -65.98 1.08
C PHE X 403 -55.98 -67.13 1.14
N PRO X 404 -55.52 -67.64 -0.01
CA PRO X 404 -54.64 -68.80 0.00
C PRO X 404 -53.22 -68.47 0.43
N GLY X 405 -52.99 -68.46 1.74
CA GLY X 405 -51.69 -68.14 2.28
C GLY X 405 -51.79 -67.18 3.44
N ARG X 406 -52.98 -66.59 3.62
CA ARG X 406 -53.23 -65.67 4.72
C ARG X 406 -54.44 -66.03 5.55
N GLY X 407 -55.28 -66.97 5.11
CA GLY X 407 -56.37 -67.44 5.94
C GLY X 407 -57.63 -66.60 5.87
N ILE X 408 -58.39 -66.58 6.96
CA ILE X 408 -59.67 -65.89 7.01
C ILE X 408 -59.44 -64.47 7.51
N ARG X 409 -59.89 -63.47 6.75
CA ARG X 409 -59.68 -62.08 7.09
C ARG X 409 -60.94 -61.28 6.81
N VAL X 410 -61.11 -60.19 7.57
CA VAL X 410 -62.19 -59.25 7.28
C VAL X 410 -61.88 -58.49 6.00
N TRP X 411 -62.92 -57.94 5.37
CA TRP X 411 -62.73 -57.26 4.10
C TRP X 411 -63.89 -56.29 3.87
N GLY X 412 -63.57 -55.01 3.69
CA GLY X 412 -64.51 -54.02 3.19
C GLY X 412 -64.73 -52.81 4.07
N ALA X 413 -64.88 -53.03 5.38
CA ALA X 413 -64.97 -51.96 6.38
C ALA X 413 -65.88 -50.81 5.92
N ARG X 414 -67.16 -51.12 5.75
CA ARG X 414 -68.15 -50.14 5.34
C ARG X 414 -69.37 -50.21 6.27
N THR X 415 -70.33 -49.32 6.03
CA THR X 415 -71.52 -49.20 6.86
C THR X 415 -72.75 -49.05 5.97
N LEU X 416 -73.92 -49.04 6.62
CA LEU X 416 -75.20 -48.89 5.93
C LEU X 416 -75.60 -47.41 5.95
N SER X 417 -75.27 -46.70 4.87
CA SER X 417 -75.62 -45.28 4.79
C SER X 417 -75.64 -44.87 3.32
N SER X 418 -76.79 -44.39 2.86
CA SER X 418 -76.89 -43.91 1.48
C SER X 418 -76.13 -42.60 1.31
N ASP X 419 -76.12 -41.76 2.33
CA ASP X 419 -75.43 -40.47 2.27
C ASP X 419 -73.93 -40.70 2.12
N PRO X 420 -73.29 -40.14 1.09
CA PRO X 420 -71.84 -40.34 0.92
C PRO X 420 -70.99 -39.67 1.98
N ALA X 421 -71.57 -38.92 2.92
CA ALA X 421 -70.79 -38.24 3.94
C ALA X 421 -70.27 -39.21 5.00
N TRP X 422 -71.01 -40.28 5.29
CA TRP X 422 -70.62 -41.22 6.33
C TRP X 422 -70.45 -42.62 5.77
N ARG X 423 -69.73 -42.73 4.65
CA ARG X 423 -69.54 -44.04 4.03
C ARG X 423 -68.72 -44.97 4.91
N TYR X 424 -67.70 -44.45 5.57
CA TYR X 424 -66.73 -45.27 6.28
C TYR X 424 -67.01 -45.30 7.77
N LEU X 425 -66.64 -46.40 8.42
CA LEU X 425 -66.88 -46.59 9.84
C LEU X 425 -65.94 -45.76 10.70
N ASN X 426 -64.67 -45.66 10.29
CA ASN X 426 -63.67 -44.99 11.13
C ASN X 426 -64.00 -43.52 11.33
N ILE X 427 -64.55 -42.86 10.30
CA ILE X 427 -64.95 -41.47 10.43
C ILE X 427 -66.03 -41.33 11.50
N ARG X 428 -67.02 -42.21 11.47
CA ARG X 428 -68.09 -42.15 12.46
C ARG X 428 -67.56 -42.41 13.87
N ARG X 429 -66.66 -43.39 14.01
CA ARG X 429 -66.11 -43.70 15.33
C ARG X 429 -65.30 -42.52 15.87
N TYR X 430 -64.47 -41.90 15.02
CA TYR X 430 -63.67 -40.76 15.46
C TYR X 430 -64.55 -39.58 15.81
N PHE X 431 -65.60 -39.33 15.04
CA PHE X 431 -66.51 -38.23 15.35
C PHE X 431 -67.24 -38.48 16.66
N ASN X 432 -67.66 -39.72 16.91
CA ASN X 432 -68.29 -40.04 18.19
C ASN X 432 -67.33 -39.82 19.35
N TYR X 433 -66.08 -40.25 19.19
CA TYR X 433 -65.08 -40.05 20.23
C TYR X 433 -64.86 -38.56 20.52
N LEU X 434 -64.71 -37.77 19.47
CA LEU X 434 -64.49 -36.33 19.65
C LEU X 434 -65.70 -35.67 20.31
N GLU X 435 -66.92 -36.01 19.87
CA GLU X 435 -68.10 -35.42 20.46
C GLU X 435 -68.24 -35.78 21.93
N GLU X 436 -67.98 -37.04 22.27
CA GLU X 436 -68.07 -37.44 23.67
C GLU X 436 -67.04 -36.71 24.53
N SER X 437 -65.80 -36.61 24.04
CA SER X 437 -64.76 -35.94 24.80
C SER X 437 -65.11 -34.46 25.01
N ILE X 438 -65.58 -33.80 23.95
CA ILE X 438 -65.92 -32.38 24.04
C ILE X 438 -67.08 -32.18 25.01
N LEU X 439 -68.11 -33.03 24.92
CA LEU X 439 -69.26 -32.88 25.80
C LEU X 439 -68.87 -33.10 27.25
N ILE X 440 -68.02 -34.08 27.53
CA ILE X 440 -67.64 -34.36 28.91
C ILE X 440 -66.75 -33.26 29.48
N GLY X 441 -65.77 -32.78 28.72
CA GLY X 441 -64.78 -31.87 29.27
C GLY X 441 -64.98 -30.39 28.95
N THR X 442 -66.22 -29.91 28.99
CA THR X 442 -66.48 -28.51 28.66
C THR X 442 -67.49 -27.86 29.62
N GLN X 443 -68.07 -28.62 30.56
CA GLN X 443 -69.21 -28.13 31.32
C GLN X 443 -68.90 -26.90 32.17
N TRP X 444 -67.63 -26.60 32.41
CA TRP X 444 -67.29 -25.46 33.26
C TRP X 444 -67.54 -24.12 32.60
N VAL X 445 -67.84 -24.09 31.29
CA VAL X 445 -67.96 -22.82 30.57
C VAL X 445 -69.31 -22.14 30.77
N VAL X 446 -70.32 -22.88 31.25
CA VAL X 446 -71.65 -22.31 31.40
C VAL X 446 -71.67 -21.31 32.54
N PHE X 447 -72.47 -20.26 32.38
CA PHE X 447 -72.66 -19.20 33.37
C PHE X 447 -71.32 -18.49 33.67
N GLU X 448 -70.80 -17.85 32.64
CA GLU X 448 -69.56 -17.10 32.69
C GLU X 448 -69.80 -15.65 32.26
N PRO X 449 -68.91 -14.72 32.63
CA PRO X 449 -69.13 -13.31 32.28
C PRO X 449 -69.23 -13.04 30.79
N ASN X 450 -68.76 -13.95 29.94
CA ASN X 450 -68.90 -13.86 28.48
C ASN X 450 -68.20 -12.60 27.94
N ASP X 451 -66.89 -12.57 28.17
CA ASP X 451 -66.04 -11.52 27.60
C ASP X 451 -65.01 -12.17 26.70
N HIS X 452 -64.15 -11.37 26.07
CA HIS X 452 -63.14 -11.90 25.16
C HIS X 452 -62.11 -12.80 25.84
N ASN X 453 -61.93 -12.67 27.15
CA ASN X 453 -61.05 -13.57 27.87
C ASN X 453 -61.57 -15.01 27.80
N LEU X 454 -62.89 -15.18 27.93
CA LEU X 454 -63.48 -16.51 27.80
C LEU X 454 -63.25 -17.08 26.41
N TRP X 455 -63.40 -16.24 25.38
CA TRP X 455 -63.15 -16.68 24.01
C TRP X 455 -61.70 -17.12 23.84
N ALA X 456 -60.76 -16.35 24.39
CA ALA X 456 -59.36 -16.71 24.29
C ALA X 456 -59.08 -18.04 24.99
N ARG X 457 -59.66 -18.23 26.19
CA ARG X 457 -59.45 -19.48 26.91
C ARG X 457 -60.00 -20.68 26.14
N ILE X 458 -61.22 -20.53 25.60
CA ILE X 458 -61.82 -21.63 24.84
C ILE X 458 -61.00 -21.96 23.62
N ARG X 459 -60.55 -20.92 22.90
CA ARG X 459 -59.72 -21.15 21.71
C ARG X 459 -58.42 -21.85 22.07
N ARG X 460 -57.78 -21.42 23.17
CA ARG X 460 -56.52 -22.05 23.58
C ARG X 460 -56.74 -23.53 23.91
N ASN X 461 -57.81 -23.84 24.66
CA ASN X 461 -58.06 -25.22 25.05
C ASN X 461 -58.33 -26.11 23.83
N VAL X 462 -59.20 -25.62 22.93
CA VAL X 462 -59.53 -26.41 21.74
C VAL X 462 -58.32 -26.59 20.85
N SER X 463 -57.51 -25.54 20.69
CA SER X 463 -56.31 -25.64 19.88
C SER X 463 -55.32 -26.63 20.46
N ALA X 464 -55.14 -26.62 21.79
CA ALA X 464 -54.24 -27.58 22.41
C ALA X 464 -54.72 -29.01 22.20
N PHE X 465 -56.03 -29.25 22.39
CA PHE X 465 -56.56 -30.58 22.19
C PHE X 465 -56.37 -31.04 20.74
N LEU X 466 -56.64 -30.16 19.78
CA LEU X 466 -56.52 -30.53 18.37
C LEU X 466 -55.07 -30.76 17.98
N VAL X 467 -54.15 -29.97 18.53
CA VAL X 467 -52.72 -30.19 18.26
C VAL X 467 -52.27 -31.53 18.80
N ASN X 468 -52.71 -31.86 20.03
CA ASN X 468 -52.35 -33.16 20.60
C ASN X 468 -52.91 -34.29 19.78
N GLU X 469 -54.14 -34.15 19.28
CA GLU X 469 -54.71 -35.18 18.42
C GLU X 469 -53.96 -35.29 17.10
N TRP X 470 -53.56 -34.16 16.52
CA TRP X 470 -52.91 -34.18 15.21
C TRP X 470 -51.50 -34.75 15.28
N ARG X 471 -50.78 -34.51 16.37
CA ARG X 471 -49.40 -34.97 16.46
C ARG X 471 -49.27 -36.49 16.44
N ASN X 472 -50.35 -37.23 16.63
CA ASN X 472 -50.34 -38.69 16.54
C ASN X 472 -50.60 -39.19 15.13
N GLY X 473 -50.78 -38.30 14.16
CA GLY X 473 -51.03 -38.71 12.79
C GLY X 473 -52.46 -39.07 12.46
N ALA X 474 -53.42 -38.57 13.23
CA ALA X 474 -54.83 -38.86 13.00
C ALA X 474 -55.52 -37.83 12.12
N LEU X 475 -54.80 -36.81 11.65
CA LEU X 475 -55.36 -35.78 10.77
C LEU X 475 -54.47 -35.60 9.56
N PHE X 476 -55.10 -35.29 8.43
CA PHE X 476 -54.40 -35.19 7.15
C PHE X 476 -53.90 -33.76 6.96
N GLY X 477 -52.59 -33.58 7.03
CA GLY X 477 -51.99 -32.28 6.82
C GLY X 477 -50.52 -32.23 7.20
N GLN X 478 -49.71 -31.54 6.38
CA GLN X 478 -48.25 -31.43 6.66
C GLN X 478 -48.03 -30.43 7.80
N SER X 479 -48.92 -29.44 7.94
CA SER X 479 -48.79 -28.41 8.95
C SER X 479 -50.08 -28.31 9.74
N PRO X 480 -50.00 -27.83 11.00
CA PRO X 480 -51.22 -27.68 11.80
C PRO X 480 -52.22 -26.72 11.18
N ASP X 481 -51.73 -25.77 10.38
CA ASP X 481 -52.63 -24.81 9.73
C ASP X 481 -53.52 -25.48 8.70
N GLN X 482 -53.04 -26.57 8.09
CA GLN X 482 -53.80 -27.29 7.07
C GLN X 482 -54.62 -28.44 7.63
N ALA X 483 -54.58 -28.67 8.94
CA ALA X 483 -55.26 -29.80 9.54
C ALA X 483 -56.56 -29.42 10.26
N TYR X 484 -56.65 -28.22 10.81
CA TYR X 484 -57.82 -27.81 11.58
C TYR X 484 -57.92 -26.30 11.57
N TYR X 485 -59.09 -25.80 11.97
CA TYR X 485 -59.28 -24.37 12.13
C TYR X 485 -60.37 -24.13 13.18
N VAL X 486 -60.07 -23.25 14.14
CA VAL X 486 -60.99 -22.90 15.21
C VAL X 486 -61.20 -21.40 15.18
N LYS X 487 -62.46 -20.97 15.15
CA LYS X 487 -62.82 -19.57 15.05
C LYS X 487 -63.73 -19.18 16.21
N CYS X 488 -63.29 -18.20 17.00
CA CYS X 488 -64.10 -17.66 18.09
C CYS X 488 -63.61 -16.23 18.34
N ASP X 489 -64.34 -15.26 17.80
CA ASP X 489 -63.94 -13.86 17.89
C ASP X 489 -65.18 -12.99 17.69
N GLU X 490 -64.96 -11.70 17.47
CA GLU X 490 -66.06 -10.77 17.27
C GLU X 490 -66.72 -10.91 15.91
N GLU X 491 -66.06 -11.61 14.97
CA GLU X 491 -66.67 -11.80 13.65
C GLU X 491 -67.81 -12.80 13.70
N THR X 492 -67.67 -13.86 14.50
CA THR X 492 -68.72 -14.87 14.64
C THR X 492 -69.59 -14.66 15.86
N ASN X 493 -69.35 -13.61 16.64
CA ASN X 493 -70.13 -13.31 17.85
C ASN X 493 -70.55 -11.84 17.80
N PRO X 494 -71.57 -11.52 17.01
CA PRO X 494 -72.06 -10.14 16.93
C PRO X 494 -72.72 -9.73 18.24
N PRO X 495 -72.84 -8.43 18.51
CA PRO X 495 -73.48 -8.00 19.76
C PRO X 495 -74.91 -8.50 19.91
N GLU X 496 -75.66 -8.62 18.81
CA GLU X 496 -77.01 -9.16 18.89
C GLU X 496 -77.01 -10.59 19.40
N SER X 497 -76.06 -11.41 18.94
CA SER X 497 -75.97 -12.79 19.40
C SER X 497 -75.54 -12.85 20.87
N VAL X 498 -74.59 -12.01 21.28
CA VAL X 498 -74.10 -12.07 22.65
C VAL X 498 -75.11 -11.45 23.60
N ASP X 499 -76.09 -10.71 23.08
CA ASP X 499 -77.16 -10.18 23.93
C ASP X 499 -77.95 -11.31 24.57
N LEU X 500 -78.25 -12.36 23.80
CA LEU X 500 -79.00 -13.51 24.32
C LEU X 500 -78.13 -14.47 25.12
N GLY X 501 -76.82 -14.25 25.18
CA GLY X 501 -75.94 -15.14 25.90
C GLY X 501 -75.64 -16.42 25.14
N ARG X 502 -74.97 -16.29 24.01
CA ARG X 502 -74.66 -17.44 23.16
C ARG X 502 -73.18 -17.43 22.80
N VAL X 503 -72.59 -18.62 22.72
CA VAL X 503 -71.22 -18.82 22.28
C VAL X 503 -71.23 -19.86 21.17
N VAL X 504 -70.47 -19.62 20.10
CA VAL X 504 -70.48 -20.46 18.91
C VAL X 504 -69.24 -21.34 18.81
N CYS X 505 -68.05 -20.72 18.72
CA CYS X 505 -66.76 -21.42 18.67
C CYS X 505 -66.74 -22.45 17.53
N GLU X 506 -66.78 -21.92 16.31
CA GLU X 506 -66.80 -22.78 15.13
C GLU X 506 -65.52 -23.60 15.05
N ILE X 507 -65.67 -24.90 14.77
CA ILE X 507 -64.56 -25.84 14.71
C ILE X 507 -64.65 -26.61 13.40
N GLY X 508 -63.51 -26.75 12.71
CA GLY X 508 -63.45 -27.55 11.51
C GLY X 508 -62.19 -28.40 11.44
N ILE X 509 -62.34 -29.68 11.12
CA ILE X 509 -61.23 -30.62 11.08
C ILE X 509 -61.21 -31.33 9.74
N ALA X 510 -60.06 -31.90 9.41
CA ALA X 510 -59.88 -32.68 8.18
C ALA X 510 -59.50 -34.10 8.54
N PRO X 511 -60.40 -35.06 8.41
CA PRO X 511 -60.11 -36.45 8.80
C PRO X 511 -59.28 -37.15 7.74
N VAL X 512 -58.93 -38.40 8.04
CA VAL X 512 -58.17 -39.26 7.13
C VAL X 512 -59.05 -40.43 6.73
N LYS X 513 -58.90 -40.89 5.49
CA LYS X 513 -59.69 -41.99 4.99
C LYS X 513 -58.80 -43.17 4.60
N PRO X 514 -59.28 -44.39 4.76
CA PRO X 514 -58.45 -45.56 4.43
C PRO X 514 -58.23 -45.69 2.93
N ALA X 515 -57.10 -46.29 2.58
CA ALA X 515 -56.76 -46.55 1.19
C ALA X 515 -57.28 -47.94 0.81
N GLU X 516 -58.22 -47.98 -0.13
CA GLU X 516 -58.87 -49.21 -0.53
C GLU X 516 -58.29 -49.80 -1.81
N PHE X 517 -58.14 -48.98 -2.85
CA PHE X 517 -57.62 -49.42 -4.13
C PHE X 517 -56.20 -48.88 -4.31
N VAL X 518 -55.25 -49.79 -4.51
CA VAL X 518 -53.85 -49.44 -4.77
C VAL X 518 -53.54 -49.76 -6.22
N ILE X 519 -53.07 -48.76 -6.96
CA ILE X 519 -52.85 -48.88 -8.40
C ILE X 519 -51.39 -48.56 -8.70
N PHE X 520 -50.74 -49.43 -9.46
CA PHE X 520 -49.42 -49.20 -10.03
C PHE X 520 -49.54 -49.01 -11.53
N ARG X 521 -48.46 -48.54 -12.15
CA ARG X 521 -48.45 -48.27 -13.58
C ARG X 521 -47.53 -49.19 -14.35
N LEU X 522 -46.25 -49.28 -13.95
CA LEU X 522 -45.26 -50.13 -14.61
C LEU X 522 -45.14 -49.78 -16.10
N ALA X 523 -44.75 -48.53 -16.35
CA ALA X 523 -44.56 -48.04 -17.72
C ALA X 523 -43.11 -48.17 -18.14
N GLN X 524 -42.90 -48.16 -19.45
CA GLN X 524 -41.56 -48.26 -20.04
C GLN X 524 -41.21 -46.92 -20.68
N PHE X 525 -40.08 -46.37 -20.30
CA PHE X 525 -39.66 -45.04 -20.74
C PHE X 525 -38.19 -45.08 -21.16
N SER X 526 -37.82 -44.11 -21.99
CA SER X 526 -36.44 -43.99 -22.46
C SER X 526 -35.57 -43.27 -21.45
#